data_8W9Z
#
_entry.id   8W9Z
#
_cell.length_a   1.00
_cell.length_b   1.00
_cell.length_c   1.00
_cell.angle_alpha   90.00
_cell.angle_beta   90.00
_cell.angle_gamma   90.00
#
_symmetry.space_group_name_H-M   'P 1'
#
loop_
_entity.id
_entity.type
_entity.pdbx_description
1 polymer 'DNA-directed RNA polymerase subunit alpha'
2 polymer 'DNA-directed RNA polymerase subunit beta'
3 polymer 'DNA-directed RNA polymerase subunit gamma'
4 polymer "DNA-directed RNA polymerase subunit beta''"
5 polymer PAP1(pTAC3)
6 polymer 'Pentatricopeptide repeat-containing protein At1g74850, chloroplastic-like'
7 polymer 'Protein PLASTID TRANSCRIPTIONALLY ACTIVE 10-like'
8 polymer 'superoxide dismutase'
9 polymer 'Protein PLASTID TRANSCRIPTIONALLY ACTIVE 12-like'
10 polymer 'Fructokinase-like 1, chloroplastic'
11 polymer 'Fructokinase-like 2, chloroplastic'
12 polymer 'Protein PLASTID TRANSCRIPTIONALLY ACTIVE 14-like isoform X2'
13 polymer PAP8(pTAC6)
14 polymer 'superoxide dismutase'
15 polymer 'Thioredoxin-like protein CITRX1, chloroplastic'
16 polymer 'UDP-N-acetylmuramoyl-L-alanyl-D-glutamate--2, 6-diaminopimelate ligase-like'
17 polymer 'Protein PLASTID TRANSCRIPTIONALLY ACTIVE 7-like isoform X1'
18 polymer PAP13(pTAC18)
19 non-polymer 'ZINC ION'
20 non-polymer 'MAGNESIUM ION'
21 non-polymer 'FE (III) ION'
#
loop_
_entity_poly.entity_id
_entity_poly.type
_entity_poly.pdbx_seq_one_letter_code
_entity_poly.pdbx_strand_id
1 'polypeptide(L)'
;MVREKVTVSTRTLQWKCVESRTDSKRLYYGRFILSPLMKGQADTIGIAMRRALLGEIEGTCITRVKSEKVPHEYSTITGI
QESVHEILMNLKEIILRSNLYGTSDASICVKGPGSVTAQDIILPPYVEIVDNTQHIASLTEPIDFCIGLQIERNRGYLIK
TPHNFQDGSYPIDAVFMPVRNANHSIHSYGNGNEKQEILFLEIWTNGSLTPKEALHEASRNLIDLFIPFLHMEEDNLYLQ
DNQHTVPLSPFTFHDKLAKLIKNKKKIALKSIFIDQSELPSRIYNCLKMSNIYTLLDLLNNSQEDLMKIEHFRSEDVKRI
LGILEKYFVIDLAKNKF
;
A,a
2 'polypeptide(L)'
;MLGDGNEGISTIPGFNQIQFEGFCRFIDQGLTEELYKFPKIEDTDQEIEFQLFVETYQLVEPLIKERDAVYESLTYSSEL
YVSAGLIWKNSRDMQEQTIFIGNIPLMNSLGTSIVNGIYRIVINQILQSPGIYYRSELDHNGISVYTGTIISDWGGRSEL
EIDRKARIWARVSRKQKISILVLSSAMGLNLREILENVCYPEIFLSFLSDKERKKIGSKENAILEFYQQFACVGGDPVFS
ESLCKELQKKFFQQRCELGRIGRRNMNRRLNLDIPQNNTFLLPRDILAAADHLIGLKFGMGALDDMNHLKNKRIRSVADL
LQDQFGLALVRLENVVRGTICGAIRHKLIPTPQNLVTSTPLTTTYESFFGLHPLSQVLDRTNPLTQIVHGRKLSYLGPGG
LTGRTASFRIRDIHPSHYGRICPIDTSEGINVGLIGSLAIHARIGHWGSLESPFYEISERSTGVRMLYLSPGRDEYYMVA
AGNSLALNQDIQEEQVVPARYRQEFLTIAWEQVHLRSIFPFQYFSIGASLIPFIEHNDANRALMSSNMQRQAVPLSRSEK
CIVGTGLERQAALDSGALAIAEREGRVVYTNTDKILLAGNGDILSIPLVIYQRSNKNTCMHQKLQVPRGKCIKKGQILAD
GAATVGGELALGKNVLVAYMPWEGYNSEDAVLISERLVYEDIYTSFHIRKYEIQTHVTSQGPEKVTNEIPHLEAHLLRNL
DKNGIVMLGSWVETGDILVGKLTPQVVKESSYAPEDRLLRAILGIQVSTSKETCLKLPIGGRGRVIDVRWIQKRGGSSYN
PETIRVYILQKREIKVGDKVAGRHGNKGIISKILPRQDMPYLQDGRSVDMVFNPLGVPSRMNVGQIFECSLGLAGSLLDR
HYRIAPFDERYEQEASRKLVFSELYEASKQTANPWVFEPEYPGKSRIFDGRTGNPFEQPVIIGKPYILKLIHQVDDKIHG
RSSGHYALVTQQPLRGRAKQGGQRVGEMEVWALEGFGVAHILQEMLTYKSDHIRARQEVLGTTIIGGTIPNPEDAPESFR
LLVRELRSLALELNHFLVSEKNFQINRKEA
;
B
3 'polypeptide(L)'
;MNNNFSSMIDRYKHQQLRIGSVSPQQISAWATKILPNGEIVGEVTKPYTFHYKTNKPEKDGLFCERIFGPIKSGICACGN
YRVIGDEKEDPKFCEQCGVEFVDSRIRRYQMGYIKLACPVTHVWYLKRLPSYIANLLDKPLKELEGLVYCDFSFARPITK
KPTFLRLRGLFEYEIQSWKYSIPLFFTTQGFDTFRNREISTGAGAIREQLADLDLRIIIENSLVEWEELGEEGHTGNEWE
DRKVGRRKDFLVRRVELAKHFIRTNIEPEWMVLCLLPVLPPELRPIIQIDGGKLMSSDINELYRRVIYRNNTLTDLLTTS
RSTPGELVMCQEKLVQEAVDTLLDNGIRGQPMRDGHNKVYKSFSDVIEGKEGRFRETLLGKRVDYSGRSVIVVGPSLSLH
RCGLPREIAIELFQTFVIRGLIRQHLASNIGVAKSKIREKEPIVWEILQEVMQGHPVLLNRAPTLHRLGIQAFQPVLVEG
RAICLHPLVCKGFNADFDGDQMAVHVPLSLEAQVEARLLMFSHMNLLSPAIGDPISVPTQDMLIGLYVLTSGNHRGICVN
RYNPCNRRNYQNQKRSDNSHYKYTKEPFFSNSYDAIGAYRQKRINLDSPLWLRWRLDQRVIASRETPIEVHYESLGTFYE
IYGHYLIVRSLKKQILFIYIRTTVGHIALYREIEEAIQGFSRAYSSGT
;
C
4 'polypeptide(L)'
;MAERANLVFHNKAINGTAMKRLISRLIDHFGMAYTSHILDQVKTLGFQQATATSISLGIDDLLTIPSKGWLVQDAEQQSL
ILEKHHHYGNVHAVEKLRQSIEIWYATSEYLRQEMNPNFRMTDPFNPVHIMSFSGARGNASQVHQLVGMRGLMSDPQGQM
IDLPIQSNLREGLSLTEYIISCYGARKGVVDTAVRTSDAGYLTRRLVEVVQHIVVRRTDCGTARGISVSPRNGMMPERIF
IQTLIGRVLADDIYMGPRCIATRNQDIGIGLVNRFITFRAQPISIRTPFTCRSTSWICRLCYGRSPTHGDLVELGEAVGI
IAGQSIGEPGTQLTLRTFHTGGVFTGGTAEHVRAPSNGKIKFNEDLVHPTRTRHGHPAFLCSIDLYVTIESEDILHNVNI
PPKSLLLVQNDQYVESEQVIAEIRAGISTLNFKEKVRKHIYSDSDGEMHWSTDVYHAPEFTYGNVHLLPKTSHLWILLGR
PCRSSLVYLSIHKDQDQMNAHFLSGKRRYTSNLSVTNDQARQKLFSSDFSGKKEDRIPDYSDLNRIICAGQYNLVYSPIL
HENSDLLSKRRRNKFIIPLHSIQELENELMPCSGISIEIPVNGIFRRNSILAYFDDPRYRRKSSGIIKYGTVETHSVIKK
EDLLEYRGVKEFRPKYQMKVDRFFFIPEEVHILPGSSSIMVRNNSIVGVDTQITLNLRSRVGGLVRVERKKKRIELKIFS
GDIHFPGETDKISRHTGVLIPPGTGKRNSKESKKVKNWIYVQRITPSKKKFFVLVRPVVTYEITDGINLATLFPPDPLQE
RDNVQLRIVNYILYGNGKPIRGISDTSIQLVRTCLVLNWNQDKKSSSCEEARASFVEIRTNGLIRHFLRINLVKSPISYI
GKRNDPSGSGLLSDNGSDCTNINPFSSIYSYSKAKIQQSINQPQGTIHTLLNRNKECQSLIILSAANCSRMGPFKDVKYH
SVIKKSIKKDPLIPIRNSLGPLGTSLPIENFYSSYHLITHNQILVTNYLQLDNLKQTFQVIKFKYYLMDENGKIFNPDPC
RNIILNPFNLNWYFLHHNYCEETSKIISLGQFICENVCIAKNGPPLKSGQVILVQVDSIVIRSAKPYLATPGATVHGHYG
ETLYEGDTLVTFIYEKSRSGDITQGLPKVEQVLEVRSVDSISMNLEKRIEGWNKCITRILGIPWGFLIGAELTIAQSRIS
LVNKIQQVYRSQGVQIHNRHLEIIVRQITSKVLVSEDGMSNVFSPGELIGLLRAERMGRALEEAICYRVVLLGITRASLN
TQSFISEASFQETARVLAKAALRGRIDWLKGLKENVVLGGVIPVGTGFKGLVHPSKQHNNIPLETKKKNLFEGEMRDILF
HHKKLFDSCLSKNFHDIPEQSFIGFNDS
;
c
5 'polypeptide(L)'
;MAGISIHYLPFNSKFTLPIPRPSISRSIKASVSSQPRKTRRRKQTQQQQHQLKTAEDDGSMASGTEKVLRLVFMEELMER
ARNADSKGVSQVIYDMIAAGLSPGPRSFHGFVVSHVLNRDNDGAMHALRRELSEGLRPLHETFLALVRLFGAKGLATRGL
EILAAMEKLKYDIRQAWLVLVEELVRSNHLEDANKVFLKGAEGGLRATDEIYDLLIEQDCKVGDHSNALTIAYEMEAAGR
MATTFHFNCLLSVQATCGIPEIAFATFENMEYGEDHMKPDTETYNWVIQAYTRAESYDRVQDVAELLGMMVEDHKRVQPN
VRTYALLVECFTKYCVVREAIRHFRGLKNFEGGTQVLYNDGKYGDPLSLYLRALCREGRIVELLEALEAMAKDNQPIPPR
AMILSRKYRTLVSSWIEPLQEEAELGYEIDYIARYVAEGGLTGDRKRWVPRRGKTPLDPDAEGFIYSNPRETSFKQRCLE
EWRLHHRKLLKTLHNEGPSILGKISESDYIRLVERLRKIIKGPEQNALKPKAASKMIVSELKEELEAQGLPTDGTRNVLY
QRVQKARRINRSRGRPLWVPPVEEEEEEVDEELDELISRIKLHEGNTEFWKRRFLGEGLNENHVQQSEIIDLEPTDVVDD
TDDAVDDISKEAEDDEAEDDEAQDEEEEVEQAESQPEVGDRKDKEVEAAKPLQMIGVQLLKDSDQTASSSRKSRRRLSRV
AAVDDDDDDWFPLDIQEAFVEMRKRNIFDVSDMYTITDAWGWTWEKEIKNKAPQRWSQEWEVELGIKVMTKVIELGGTPT
IGDCAVILRAAVRAPMPSAFLNILQTTHSLGYVFGSPLYDEIITLCLDLGELDAAIAIVADLETSGIKVPDETLDRVISA
RQSSDTPVNGSQ
;
D
6 'polypeptide(L)'
;MSLSCNSFSPVFTPVPPSHRFLFPAKIPNYGKLSPVHRRLLLTVAVRAKPKELILGNPTVTVEKGKYSYDVETLINKLSS
LPPRGSIARCLDTFKNKLSLTDFSHVFKEFAARGDWQRSLRLFKYMQRQIWCKPNEHIYTLMIGILGREGLLDKAFEIFD
EMPSHSVARTVFSYTAIINAYGRNGQYGTSLQLLEKMKQEKIIPSILTYNTVINSCARGGHEWEGLLSLFAEMRHEGIQP
DLVTYNTLLSACSSRGLGDEAEMVFRTMNEAGILPDVTTYSYLVDTFGKLGKLEKVSELLMEMEAGGTSPEVTSYNVLLE
AYAHSGSMKEAMDVFRQMQTAGCVANAETYSVLLNLYGKNGRYDQVRDLFLEMKMSNTEPDADTYNILIQVFGEGGYFKE
VVTLFHDMVEEKVEPNMETYEGLIYACGKGGLHDDAKRILLHMNGQGLVPSSKVYTGVIEAYGQAALYEEAVVAFNTMNE
VGSRPMVETFNSLIHAFAKGGLYKESEAIWFRMGEVGVPRNRDSFNGMIEGYRQGGQFEEAIKAYVEMEKARCDPDERTL
EAVLSVYCFAGLVDESEEQFQEIKSLGIQPSIICCCMMLAIYAKSERWNMAHELLNDVMTNKTSDMHQVIGQMIHGDFDD
ENNWQMVEYVFDKLNSEGCGLSMRFYNTLIEALWWLGQKERAARVLNEATKRGLFPELFRRNKLVWSVDVHRMWPGGACT
AISVWLNDMEELFHKGEELPQLASVVVVRGQTEKSSITRDFPVAKAAYSFLKDTVSSSFCFPGWNKGRIVCQKTQLKRIF
SSAEPSSGSSKGDRLIPLSNSPISLLGTQTSVSDAKRSESANADSKRSTKSDSELMASSV
;
E
7 'polypeptide(L)'
;MQTLQSSSLFFTFPSSKTLLKPQSSKFSSFSLFPSSLSKPSRPLTLHCFSSDEFPVGDDDAFLEAFGPKEKESEEEARRK
NWVDRGWAPWEEILSPEANFARKSLNEGEEVALQSPEAIEAFKMLSPNYRKKKISDMGITEDEYYAKQFEIKGEIPEPLS
TMWAGPLVVRHVPPRDWPPRGWEVDKKELEFIRETHKLQSVRVDYDKVEEMVKMETDDMGLDRYKMFLKQYNEWVAANKD
RLEKESYKYDQDYYPGRRKRGKDYQDGMYELPFYYPGQICAGKVTAIHLYQGAFVDIGGVHDGWVPIKRNDWYWIRHHIK
VGMHVIVEILAKRDPYRFRFPIEMRFIDPNIDHLIFNRFDFAPIFHRDEDTNLDELRRDCGRQPLPRKDPGVKVEEEPLL
SNHPYVDKLWQIHNAEQMILDDMEANPVKYKGKNLTELTDDEDFDEENRIEYSKAYYKKALLPKMITKVSVKELDLEAAF
AERQHHNKLRMEAQERGEVYKIPKLRRNIEMDEYDFIHWRRSLEEREAMLRDISCRRALGLPLEEPGRYVDPSAFGKDQY
DPDSPLYRYDYWGEPKNSEKSKQERMTDVHNKSIVGKGTVWYEMAYEDAVKERMQMEAQGIVRELYDEDSDSDEVGTDDD
DDDEEDFDYSILGDPSANVSNQPYVNGTESRLSDEGMFEDKS
;
F
8 'polypeptide(L)'
;MSWSSCNSLCTSSSRQLLVTTDLSSQLNIPSRLSNVKRSLHGHHGVPKVFAYYGLKTPPYKLDALEPYMSQKMLEVHWGE
HHRSYVEALNKQLEKNDILYGCTMEELIKVTYNNGNPLPEFSDAAQVWNHDFFWESMQPGGGDMPKLGLLQQIEKDFGSF
TNFREKFTEAALALFGSGWIWLVLKREEKRLAIVKTSNAVNPLVWNDIPLIGLDLWEHAYYLDYKNDKAKYVNVFMNHLV
SWDAALGRMARAQAFVNLGEPKIPVA
;
G
9 'polypeptide(L)'
;MASVLSTSLYQDRGLRTMVSTDGFVPSFCCPYRKTLFTGTIPVSIWQFKLVSSSPFQKAPLAPCIKCENKEKDQASQGSF
EQVSVERYPYHSYMDSTSGQLEPASGARASIPGQEYWPEGTASRVRAARAPEPTGTSTGTPSYGKNPGSRRKKYKASAAA
SKPSEINIISDDSAESPDNLPEEPKDLSSEYVIYQPEQEEEELTGYELDKRLGRPHPFIDPKTKKKIEKPLTSEELWWNW
RKPEKEQWSRWQRRRPDVETVFLKAMAETGQVKLYGDHPTLTETALYRARRHLYKKERLQAEKEKLEKIGPIAYYSEWVQ
AWKKDTSREAIQKHFEETGEDENTQLIEMFCHQTDREYRIMMGTDIRIPRDPLAMRMREDQIKQIWGGDPVYPTINYIQD
PDEVIDYRGPDFHEPTPNMLAYLKEHGKIISREELEKILAKEKTEEIEVAEIDEAMARAVDIGENDDEEEGSDAEVEEGD
EKITRNWSVLKSNPELRKSKEKPKKKDMSLEEAVDDSENLTDFLMDFDEDE
;
H
10 'polypeptide(L)'
;MASIHFLPQSLPHHSHNSLTHFNFSSIFFSSKLPHRKNTLKCSSNDHSTTTQEPPKHSPRGPKKSSRTAKKTSKPQKDSN
FETNIEKSNTQMELSKNADDKIEKYDDGVDFPYPNPPLVICFGAAQKEFVPTVRVSHEQMHQDKYSEWKMLQWNPPEFVR
APGGPPSNVAISHVRLGGRAAFMGKVGNDEFGQEMVLLMNKEKVQTRAVKFDDSMRTGCTHMKIKFEDGKMKVEKVKEPA
EDSLSSSELNLDVLKEARIFHFNSEVLTSSSMRSTLFKAISLSKKFGGLVFFDLNLPLPLWRSRDETRNLIKEAWEQANI
IEVSRQELEFLLDEEHYERKRNYRPQYFAENFEQTKQRRDYYHYTPAEIAPLWHDGLKLLFVTDGTLRLHYYSPSFDGVV
VGTEDVLITPFTCDRTGSGDAVVAGIMRKLTTQPEMYHDQDVLERQLRFAIAAGIISQWTIGAVRGFPTESATQNLKEQV
YVPSMW
;
I
11 'polypeptide(L)'
;MAALSFSLLSTLPRQHLHWNFYPNMKVMQLQDLGLKNKWVLMAVSKEGTPEAIAKELSKTEVFGAGKKTVRISKRAPVMA
RRKKVVETSNDDPVNVEEAENTSGSTEEPKKTQRRTRKKKEIVESSFGDSISDAEGNVIDAEAVTEPESSAKPKKTRRTR
KKKETVVSTFEDSTLDVEGNVTDEEVLPTSGSSEGSVEIRKRTSKKAASSSSSLEKEPTQKVTRRRRKKVNNLEDEGSQT
ELSDIEEELHVANADADSEEELDFDGGEDISFSYGWPPLVCCFGAAQHAFVPSGRPSNRLVDHEWHERMKDAIWDPEKFT
RAPGGCSSNVAVALASLGGKVAFMGKLGDDDFGQSLVYFMNINKVQTRSVRLDSKKATAITHMKIGKRGGLRMTTTKPSA
EDSLLKSEINIDVLKEAKMFYFNTFSMLDPNMRLTTLRATKISKKLGGVVFYDVNLPFPLWESGDKAKTFIQQAWDLADI
IEVTKQELEFLCGIKPSERFDTKDNDRSKFTHYPPEVIAPLWHENLKVLFVTNGTSKIHYYTKEHNSAVLGLEDVPLTPY
TSDMSASGDGIIAGIIRMLTVQPHLMTDKGYLERTLKYAISCGVVDQWLQARRLGYPPKEGMEDDVVPDDHGIKSVTERE
YRILVPVS
;
i
12 'polypeptide(L)'
;MVSSTILIQQPTNLFHQPEFQHQLWRQGCAAPLQKQPIIICSSNKGRSRPLRVTASANGAATSSTLEGYDSSPTPSAFPL
FTPPSQPHDTPASQLELADPDFYKIGYVRSFRAYGIEFREGPDGYGVFASRDVEPLRRARVIMEIPLELMLTISKKLPWM
FFPDIIPVGHPIFDIINSTNPETDSDLRLACLLLYAFDCKDNFWQLYGDFLPSDDECTSFLLATEEDLLELQDEKLASTM
REQQQRALEFWEKNWHSAVPLKIKRLARDPERFIWAMCIAQSRSINLQMRIGALVQDANLLVPYADMMNHSFQPNCFFHW
RFKDRMLEVMINAGQRIRKGDEMTVDYMAGQKNNFFMQRYGFSSPVNPWDVIHFTGDAKIHLDTFLSVFNISGLPGEYYH
NSRLSNDGDSFVDGAIIAAARTLPTWSDGDLPPIPSLERKAVKELQEECHQMLAEFPTTSDEDQKILDSMPDCRRTLEAA
IKYRLHRKLLIEKVIQALDIYQDRILF
;
J
13 'polypeptide(L)'
;MSAAQLFFPLPPNLSTFSTTPSSQALFTISFAKTISSNPNSVKQSLTTKRRRDFRVFADDGDADGGGPDDYDMDEDEVEE
ADNKKDFDVDYDTLLGGASLTVAATGDDIAMVHSSSFVFTQGWDSEKIVDYRINEEEFHKISLLDCDFFIRKPPDPDNDV
YDFREMYVTPPDTDIYAIPRVLAPMPQKYIRCAMSDYGCYNVTEPPIDAPRDPMYKSEREVSKVFLTKHYRNRRAGDPEF
ALDFEEIYVIDSKTKSITRAKVVVTVPGGRNRDRKNDLLVIRDNGTSFKIIPSEERDDPTTVIEKEEWKKSRQDMERHLR
KLRDFSVSNWF
;
K
14 'polypeptide(L)'
;MMAATASTTLTSAFLPFQGFRESCRTLNWRTHKKQFARKAGPVKVTAKFELMPPPYPMNALEPHMSHTTFEYHWGKHHRA
YVDNLNKQIDGTELDGMTLEDIILITYNRGDLLPPFNNAAQAWNHQFFWESMKPSGGGKPSGELLQLINRDFGSFEAFVK
EFKAAAATQFGSGWAWLAYKANRLNVGNTSNPHPTDEDKKLVVVKTPNAVNPLVWDYSPLLTIDVWEHAYYLDFRNRRPD
YISIFMEKLVSWEAVSSRLEVAKAKAAEREEEEERKKREKEEEYKAGGEVREMYVESTDSDAE
;
L
15 'polypeptide(L)'
;MQAATLSFHPLAPPPQTSACHFSSNQRKYSLFSYTCPTPRPSLLSTQTLSRKSICKPPAVATGKYVREDYLVKKVSAKDI
QELIKGERNVPLIIDFYATWCGPCILMAQELEMLAVEYESNALIVKVDTDDEYEFARDMQVRGLPTLYFISPDPNKDAIR
TEGLIPIQMMRDIINNDL
;
M,m
16 'polypeptide(L)'
;MPFTLFSLPPFPSLLHHNPPPLQFKPFTSLHHLRLKYPTTLTTVSAIGADGKYYPNPSDDDPPEAPEDSMHGVNKFQQIQ
RQAAKAKKQQEELFKKEQSIFVNALADVEDAPDNPALNDNDNSGDDLFGEIDKAIALKRKEFVKQGLLKPNPPKNSTLVE
SEVENVDELEPEEVVDLEEIDGLSGLAEIEESDEEKSDFEVSDDMGKSEFSDLSSFDIDFDEFGKTKPRIVEPKFRMSLA
ELLDESRVVPLSVYGDLEVGISGVQHDSRLVESGDLFVCCVGRKTDGHLYLSEADKRGAVAVVASKEIDIEETLGCKALV
IVEDTNAVLAVLAASFYRHPSKSMTLIGITGTNGKTTTSYLIKAMYEAMGLRTGMLSTVGYYIYGDNKLESPHTTPDAVL
VQKLMAKMVHNGTEALVMEASSHGLALGRCDKVDFDIAVFTNLTRDHLDFHGTEEEYRDAKAKLFARMVDPARHRKIVNI
DDPNAAFFLAQGNPDVPIVTFAMENKSADVHPLKFQLSLFETQVLVNTPQGILEISSGLLGRHNIYNILAAVAVGIAVGA
PLEDIVKGIEEVDAVPGRCELIDEEQAFGVIVDYAHTPDALSRLLDYVRELGPRRVITVFGCAGESDRGKRPIMAKIATD
KSDVTILTSDNPKTEDPLDILDDMLAGVGWSMQDYLKHGENDYYPPLPNGHRLFLHDIRRVAVRCAVAMGEEGDIVVVAG
KGHETYQIEGDKKEFFDDREECREALQYVDELHQAGIDTSEFPWRLPESH
;
N
17 'polypeptide(L)'
;MAASTLTFSGFSTLQTFPKIAAVENTKRVNFSIRSQSASNSKNESRGGRRIWRRRKLTKKDETLDAKMERIPFLEEQVRK
IRDGGKLLTMDIHRLLLNEDNRFDFVNEIAAEAKQYVENNRDEYGAKKAILHVLSNRMNDAGVYRAEAYMESDPFKPGPG
YMKDELL
;
O
18 'polypeptide(L)'
;MASFITMPALSYLSTNTSSLERTNFRPSSRGYQGVRAMRTEKPLEELYNVRVERNVTKDRLMELGVPRWSMWKTGKCKLP
WDWHVDQLVYIEEGEVRVVPEGSQRFMQFVAGDLVRYPKWFEADLYFNDFYQERYSFRAYGDS
;
P
#
loop_
_chem_comp.id
_chem_comp.type
_chem_comp.name
_chem_comp.formula
FE non-polymer 'FE (III) ION' 'Fe 3'
MG non-polymer 'MAGNESIUM ION' 'Mg 2'
ZN non-polymer 'ZINC ION' 'Zn 2'
#
# COMPACT_ATOMS: atom_id res chain seq x y z
N THR A 10 45.24 -39.81 -19.11
CA THR A 10 44.52 -40.06 -17.86
C THR A 10 44.76 -38.93 -16.87
N ARG A 11 43.87 -37.94 -16.88
CA ARG A 11 43.96 -36.77 -15.99
C ARG A 11 45.30 -36.07 -16.14
N THR A 12 45.83 -36.04 -17.35
CA THR A 12 47.10 -35.41 -17.65
C THR A 12 46.85 -34.01 -18.22
N LEU A 13 47.53 -33.02 -17.66
CA LEU A 13 47.35 -31.63 -18.09
C LEU A 13 47.91 -31.46 -19.49
N GLN A 14 47.02 -31.28 -20.46
CA GLN A 14 47.41 -31.07 -21.85
C GLN A 14 47.03 -29.66 -22.28
N TRP A 15 47.81 -29.12 -23.21
CA TRP A 15 47.59 -27.78 -23.73
C TRP A 15 47.47 -27.83 -25.25
N LYS A 16 46.56 -27.01 -25.78
CA LYS A 16 46.32 -26.96 -27.22
C LYS A 16 46.22 -25.51 -27.67
N CYS A 17 46.58 -25.27 -28.93
CA CYS A 17 46.46 -23.96 -29.57
C CYS A 17 45.21 -23.99 -30.45
N VAL A 18 44.13 -23.40 -29.95
CA VAL A 18 42.85 -23.48 -30.65
C VAL A 18 42.78 -22.47 -31.78
N GLU A 19 43.22 -21.23 -31.54
CA GLU A 19 43.17 -20.18 -32.54
C GLU A 19 44.56 -19.62 -32.78
N SER A 20 44.86 -19.32 -34.04
CA SER A 20 46.14 -18.74 -34.43
C SER A 20 45.91 -17.87 -35.67
N ARG A 21 46.27 -16.60 -35.57
CA ARG A 21 46.05 -15.64 -36.65
C ARG A 21 47.30 -14.77 -36.82
N THR A 22 47.59 -14.43 -38.07
CA THR A 22 48.69 -13.52 -38.41
C THR A 22 48.07 -12.32 -39.12
N ASP A 23 47.73 -11.29 -38.35
CA ASP A 23 47.06 -10.12 -38.92
C ASP A 23 47.99 -9.36 -39.85
N SER A 24 49.28 -9.29 -39.50
CA SER A 24 50.26 -8.61 -40.33
C SER A 24 51.64 -9.11 -39.94
N LYS A 25 52.67 -8.57 -40.58
CA LYS A 25 54.04 -8.92 -40.24
C LYS A 25 54.48 -8.33 -38.90
N ARG A 26 53.68 -7.47 -38.30
CA ARG A 26 54.01 -6.83 -37.04
C ARG A 26 53.06 -7.22 -35.92
N LEU A 27 52.11 -8.12 -36.18
CA LEU A 27 51.10 -8.50 -35.20
C LEU A 27 50.75 -9.97 -35.35
N TYR A 28 50.59 -10.65 -34.22
CA TYR A 28 50.21 -12.05 -34.19
C TYR A 28 49.10 -12.26 -33.17
N TYR A 29 48.63 -13.50 -33.06
CA TYR A 29 47.57 -13.84 -32.12
C TYR A 29 47.65 -15.33 -31.79
N GLY A 30 47.27 -15.66 -30.57
CA GLY A 30 47.25 -17.04 -30.13
C GLY A 30 46.29 -17.28 -28.99
N ARG A 31 45.55 -18.39 -29.05
CA ARG A 31 44.61 -18.76 -28.01
C ARG A 31 44.91 -20.19 -27.57
N PHE A 32 45.03 -20.39 -26.25
CA PHE A 32 45.44 -21.67 -25.70
C PHE A 32 44.45 -22.13 -24.65
N ILE A 33 44.50 -23.43 -24.35
CA ILE A 33 43.53 -24.07 -23.45
C ILE A 33 44.27 -25.05 -22.55
N LEU A 34 44.03 -24.98 -21.25
CA LEU A 34 44.54 -25.94 -20.28
C LEU A 34 43.32 -26.51 -19.54
N SER A 35 42.88 -27.68 -19.96
CA SER A 35 41.56 -28.22 -19.61
C SER A 35 41.44 -28.75 -18.18
N PRO A 36 42.26 -29.74 -17.75
CA PRO A 36 41.90 -30.48 -16.54
C PRO A 36 42.30 -29.80 -15.23
N LEU A 37 42.54 -28.50 -15.26
CA LEU A 37 42.88 -27.78 -14.05
C LEU A 37 41.79 -27.91 -13.00
N MET A 38 42.21 -27.93 -11.73
CA MET A 38 41.29 -28.01 -10.61
C MET A 38 40.79 -26.61 -10.26
N LYS A 39 40.13 -26.47 -9.11
CA LYS A 39 39.59 -25.19 -8.70
C LYS A 39 40.65 -24.35 -7.99
N GLY A 40 40.65 -23.06 -8.28
CA GLY A 40 41.57 -22.13 -7.66
C GLY A 40 42.93 -22.02 -8.33
N GLN A 41 43.30 -22.97 -9.19
CA GLN A 41 44.61 -22.95 -9.84
C GLN A 41 44.63 -22.09 -11.10
N ALA A 42 43.50 -22.00 -11.80
CA ALA A 42 43.48 -21.32 -13.10
C ALA A 42 43.82 -19.84 -12.95
N ASP A 43 43.26 -19.18 -11.94
CA ASP A 43 43.53 -17.75 -11.75
C ASP A 43 44.99 -17.50 -11.42
N THR A 44 45.57 -18.32 -10.54
CA THR A 44 46.98 -18.16 -10.19
C THR A 44 47.87 -18.38 -11.40
N ILE A 45 47.61 -19.44 -12.16
CA ILE A 45 48.40 -19.72 -13.35
C ILE A 45 48.28 -18.57 -14.35
N GLY A 46 47.07 -18.05 -14.53
CA GLY A 46 46.89 -16.97 -15.47
C GLY A 46 47.61 -15.70 -15.07
N ILE A 47 47.51 -15.32 -13.80
CA ILE A 47 48.19 -14.11 -13.32
C ILE A 47 49.70 -14.27 -13.47
N ALA A 48 50.24 -15.42 -13.06
CA ALA A 48 51.68 -15.64 -13.17
C ALA A 48 52.14 -15.62 -14.61
N MET A 49 51.42 -16.29 -15.50
CA MET A 49 51.81 -16.32 -16.91
C MET A 49 51.71 -14.94 -17.54
N ARG A 50 50.70 -14.15 -17.16
CA ARG A 50 50.58 -12.82 -17.71
C ARG A 50 51.72 -11.92 -17.26
N ARG A 51 52.08 -11.99 -15.97
CA ARG A 51 53.22 -11.23 -15.49
C ARG A 51 54.51 -11.65 -16.18
N ALA A 52 54.69 -12.96 -16.39
CA ALA A 52 55.89 -13.45 -17.05
C ALA A 52 55.94 -13.00 -18.51
N LEU A 53 54.80 -13.00 -19.19
CA LEU A 53 54.77 -12.58 -20.59
C LEU A 53 55.00 -11.08 -20.72
N LEU A 54 54.53 -10.29 -19.76
CA LEU A 54 54.66 -8.84 -19.85
C LEU A 54 55.98 -8.32 -19.31
N GLY A 55 56.67 -9.08 -18.47
CA GLY A 55 57.88 -8.55 -17.87
C GLY A 55 59.13 -9.41 -17.98
N GLU A 56 58.98 -10.70 -18.29
CA GLU A 56 60.10 -11.63 -18.23
C GLU A 56 60.47 -12.20 -19.60
N ILE A 57 60.32 -11.42 -20.67
CA ILE A 57 60.70 -11.83 -22.01
C ILE A 57 61.69 -10.82 -22.56
N GLU A 58 62.83 -11.30 -23.04
CA GLU A 58 63.86 -10.42 -23.57
C GLU A 58 63.42 -9.81 -24.90
N GLY A 59 63.87 -8.59 -25.15
CA GLY A 59 63.60 -7.91 -26.39
C GLY A 59 64.81 -7.13 -26.85
N THR A 60 64.82 -6.81 -28.15
CA THR A 60 65.92 -6.07 -28.75
C THR A 60 65.37 -4.86 -29.47
N CYS A 61 65.97 -3.70 -29.22
CA CYS A 61 65.57 -2.46 -29.86
C CYS A 61 66.79 -1.55 -29.98
N ILE A 62 66.56 -0.34 -30.48
CA ILE A 62 67.62 0.63 -30.72
C ILE A 62 67.67 1.58 -29.53
N THR A 63 68.85 1.67 -28.90
CA THR A 63 69.02 2.51 -27.71
C THR A 63 69.55 3.89 -28.09
N ARG A 64 70.72 3.95 -28.71
CA ARG A 64 71.36 5.20 -29.08
C ARG A 64 71.37 5.36 -30.60
N VAL A 65 71.39 6.62 -31.04
CA VAL A 65 71.46 6.96 -32.46
C VAL A 65 72.48 8.06 -32.64
N LYS A 66 73.54 7.79 -33.41
CA LYS A 66 74.58 8.76 -33.70
C LYS A 66 74.26 9.41 -35.04
N SER A 67 73.59 10.55 -35.00
CA SER A 67 73.19 11.27 -36.20
C SER A 67 74.15 12.38 -36.57
N GLU A 68 75.30 12.48 -35.89
CA GLU A 68 76.28 13.51 -36.21
C GLU A 68 76.96 13.26 -37.55
N LYS A 69 76.97 12.02 -38.03
CA LYS A 69 77.59 11.73 -39.32
C LYS A 69 76.78 12.33 -40.46
N VAL A 70 75.46 12.26 -40.40
CA VAL A 70 74.59 12.82 -41.42
C VAL A 70 74.60 14.34 -41.29
N PRO A 71 74.43 15.09 -42.39
CA PRO A 71 74.44 16.55 -42.31
C PRO A 71 73.12 17.08 -41.75
N HIS A 72 73.18 17.68 -40.58
CA HIS A 72 72.00 18.24 -39.94
C HIS A 72 72.43 19.35 -38.99
N GLU A 73 71.50 20.28 -38.74
CA GLU A 73 71.73 21.39 -37.84
C GLU A 73 71.09 21.18 -36.47
N TYR A 74 70.88 19.92 -36.08
CA TYR A 74 70.30 19.50 -34.80
C TYR A 74 68.83 19.90 -34.65
N SER A 75 68.24 20.57 -35.65
CA SER A 75 66.84 20.96 -35.58
C SER A 75 66.11 20.52 -36.84
N THR A 76 66.83 20.48 -37.97
CA THR A 76 66.24 20.07 -39.23
C THR A 76 67.36 19.64 -40.17
N ILE A 77 67.03 18.72 -41.08
CA ILE A 77 67.96 18.20 -42.06
C ILE A 77 67.58 18.73 -43.43
N THR A 78 68.59 19.17 -44.20
CA THR A 78 68.32 19.72 -45.53
C THR A 78 67.93 18.61 -46.50
N GLY A 79 68.55 17.45 -46.41
CA GLY A 79 68.27 16.35 -47.31
C GLY A 79 67.05 15.55 -46.91
N ILE A 80 66.85 15.36 -45.61
CA ILE A 80 65.73 14.56 -45.11
C ILE A 80 64.50 15.45 -45.00
N GLN A 81 63.36 14.93 -45.47
CA GLN A 81 62.12 15.69 -45.42
C GLN A 81 61.64 15.85 -43.97
N GLU A 82 61.67 14.77 -43.20
CA GLU A 82 61.21 14.81 -41.82
C GLU A 82 62.28 15.38 -40.90
N SER A 83 61.85 15.81 -39.73
CA SER A 83 62.76 16.39 -38.75
C SER A 83 63.52 15.28 -38.01
N VAL A 84 64.39 15.69 -37.08
CA VAL A 84 65.16 14.71 -36.32
C VAL A 84 64.26 13.96 -35.34
N HIS A 85 63.27 14.65 -34.77
CA HIS A 85 62.33 13.99 -33.87
C HIS A 85 61.54 12.92 -34.61
N GLU A 86 61.14 13.20 -35.86
CA GLU A 86 60.36 12.24 -36.62
C GLU A 86 61.19 11.01 -36.99
N ILE A 87 62.45 11.21 -37.37
CA ILE A 87 63.27 10.05 -37.72
C ILE A 87 63.63 9.25 -36.48
N LEU A 88 63.75 9.91 -35.32
CA LEU A 88 63.95 9.17 -34.08
C LEU A 88 62.72 8.34 -33.72
N MET A 89 61.52 8.93 -33.88
CA MET A 89 60.30 8.17 -33.63
C MET A 89 60.12 7.03 -34.62
N ASN A 90 60.64 7.18 -35.83
CA ASN A 90 60.60 6.08 -36.79
C ASN A 90 61.61 5.01 -36.46
N LEU A 91 62.77 5.39 -35.93
CA LEU A 91 63.78 4.41 -35.56
C LEU A 91 63.36 3.61 -34.34
N LYS A 92 62.67 4.24 -33.39
CA LYS A 92 62.27 3.54 -32.17
C LYS A 92 61.19 2.49 -32.43
N GLU A 93 60.52 2.56 -33.58
CA GLU A 93 59.47 1.60 -33.91
C GLU A 93 59.98 0.40 -34.70
N ILE A 94 61.30 0.28 -34.88
CA ILE A 94 61.85 -0.84 -35.62
C ILE A 94 61.82 -2.09 -34.75
N ILE A 95 61.26 -3.18 -35.30
CA ILE A 95 61.20 -4.46 -34.61
C ILE A 95 62.40 -5.29 -35.01
N LEU A 96 63.07 -5.89 -34.03
CA LEU A 96 64.28 -6.66 -34.26
C LEU A 96 64.20 -7.99 -33.52
N ARG A 97 64.78 -9.03 -34.13
CA ARG A 97 64.85 -10.36 -33.55
C ARG A 97 66.32 -10.76 -33.44
N SER A 98 66.80 -10.91 -32.21
CA SER A 98 68.21 -11.21 -32.01
C SER A 98 68.41 -11.88 -30.67
N ASN A 99 69.57 -12.51 -30.51
CA ASN A 99 70.02 -13.10 -29.25
C ASN A 99 71.33 -12.46 -28.81
N LEU A 100 71.40 -11.14 -28.90
CA LEU A 100 72.63 -10.42 -28.60
C LEU A 100 72.94 -10.45 -27.12
N TYR A 101 74.23 -10.60 -26.80
CA TYR A 101 74.73 -10.50 -25.43
C TYR A 101 75.52 -9.21 -25.30
N GLY A 102 75.03 -8.29 -24.48
CA GLY A 102 75.69 -7.01 -24.33
C GLY A 102 75.15 -6.00 -25.32
N THR A 103 76.05 -5.34 -26.03
CA THR A 103 75.69 -4.29 -26.98
C THR A 103 76.32 -4.60 -28.34
N SER A 104 75.69 -4.05 -29.38
CA SER A 104 76.20 -4.16 -30.74
C SER A 104 75.94 -2.87 -31.47
N ASP A 105 76.78 -2.57 -32.46
CA ASP A 105 76.69 -1.34 -33.24
C ASP A 105 76.17 -1.65 -34.64
N ALA A 106 75.39 -0.73 -35.18
CA ALA A 106 74.84 -0.84 -36.52
C ALA A 106 75.02 0.48 -37.25
N SER A 107 75.04 0.40 -38.59
CA SER A 107 75.23 1.58 -39.42
C SER A 107 74.38 1.45 -40.68
N ILE A 108 73.80 2.56 -41.11
CA ILE A 108 73.00 2.63 -42.33
C ILE A 108 73.53 3.78 -43.18
N CYS A 109 73.96 3.46 -44.41
CA CYS A 109 74.45 4.46 -45.34
C CYS A 109 73.77 4.24 -46.68
N VAL A 110 73.19 5.31 -47.23
CA VAL A 110 72.47 5.24 -48.50
C VAL A 110 72.88 6.44 -49.35
N LYS A 111 73.07 6.19 -50.64
CA LYS A 111 73.46 7.24 -51.60
C LYS A 111 72.49 7.19 -52.77
N GLY A 112 71.82 8.32 -53.03
CA GLY A 112 70.88 8.43 -54.11
C GLY A 112 70.13 9.73 -54.10
N PRO A 113 69.72 10.20 -55.29
CA PRO A 113 68.96 11.47 -55.34
C PRO A 113 67.60 11.37 -54.66
N GLY A 114 66.79 10.39 -55.04
CA GLY A 114 65.53 10.14 -54.37
C GLY A 114 65.43 8.71 -53.85
N SER A 115 65.42 8.56 -52.53
CA SER A 115 65.39 7.23 -51.92
C SER A 115 64.61 7.27 -50.62
N VAL A 116 63.96 6.16 -50.31
CA VAL A 116 63.23 5.99 -49.06
C VAL A 116 64.02 5.00 -48.21
N THR A 117 64.59 5.48 -47.11
CA THR A 117 65.41 4.63 -46.25
C THR A 117 64.53 3.59 -45.56
N ALA A 118 64.64 2.34 -46.01
CA ALA A 118 63.87 1.24 -45.44
C ALA A 118 64.71 -0.03 -45.52
N GLN A 119 64.71 -0.79 -44.43
CA GLN A 119 65.42 -2.06 -44.28
C GLN A 119 66.84 -2.00 -44.84
N ASP A 120 67.48 -0.83 -44.73
CA ASP A 120 68.85 -0.64 -45.19
C ASP A 120 69.87 -0.74 -44.07
N ILE A 121 69.48 -1.29 -42.92
CA ILE A 121 70.38 -1.39 -41.78
C ILE A 121 71.36 -2.55 -42.01
N ILE A 122 72.64 -2.27 -41.82
CA ILE A 122 73.67 -3.29 -41.93
C ILE A 122 73.83 -3.93 -40.55
N LEU A 123 73.31 -5.14 -40.39
CA LEU A 123 73.28 -5.80 -39.10
C LEU A 123 74.17 -7.04 -39.10
N PRO A 124 74.77 -7.37 -37.97
CA PRO A 124 75.50 -8.63 -37.85
C PRO A 124 74.55 -9.80 -38.01
N PRO A 125 75.09 -11.02 -38.24
CA PRO A 125 74.19 -12.17 -38.45
C PRO A 125 73.30 -12.47 -37.26
N TYR A 126 73.67 -12.03 -36.05
CA TYR A 126 72.85 -12.31 -34.88
C TYR A 126 71.49 -11.63 -34.99
N VAL A 127 71.47 -10.37 -35.40
CA VAL A 127 70.25 -9.56 -35.42
C VAL A 127 69.57 -9.73 -36.78
N GLU A 128 68.24 -9.70 -36.76
CA GLU A 128 67.44 -9.77 -37.97
C GLU A 128 66.33 -8.74 -37.89
N ILE A 129 65.81 -8.37 -39.06
CA ILE A 129 64.71 -7.42 -39.18
C ILE A 129 63.44 -8.20 -39.53
N VAL A 130 62.38 -7.95 -38.76
CA VAL A 130 61.13 -8.68 -38.98
C VAL A 130 60.33 -8.08 -40.13
N ASP A 131 60.16 -6.76 -40.11
CA ASP A 131 59.39 -6.05 -41.13
C ASP A 131 60.34 -5.18 -41.94
N ASN A 132 60.42 -5.45 -43.25
CA ASN A 132 61.29 -4.71 -44.15
C ASN A 132 60.61 -3.51 -44.78
N THR A 133 59.32 -3.28 -44.51
CA THR A 133 58.58 -2.19 -45.10
C THR A 133 58.56 -0.94 -44.21
N GLN A 134 59.14 -1.01 -43.02
CA GLN A 134 59.16 0.15 -42.13
C GLN A 134 60.03 1.26 -42.72
N HIS A 135 59.55 2.49 -42.61
CA HIS A 135 60.22 3.66 -43.19
C HIS A 135 60.97 4.40 -42.09
N ILE A 136 62.28 4.56 -42.27
CA ILE A 136 63.07 5.39 -41.36
C ILE A 136 62.98 6.85 -41.75
N ALA A 137 63.18 7.14 -43.04
CA ALA A 137 63.07 8.49 -43.58
C ALA A 137 62.69 8.39 -45.05
N SER A 138 61.83 9.30 -45.48
CA SER A 138 61.33 9.31 -46.84
C SER A 138 61.54 10.68 -47.47
N LEU A 139 61.40 10.72 -48.80
CA LEU A 139 61.59 11.95 -49.58
C LEU A 139 62.97 12.56 -49.32
N THR A 140 63.99 11.71 -49.27
CA THR A 140 65.34 12.16 -48.97
C THR A 140 65.95 12.83 -50.19
N GLU A 141 66.36 14.09 -50.02
CA GLU A 141 67.07 14.80 -51.07
C GLU A 141 68.50 14.30 -51.18
N PRO A 142 69.20 14.61 -52.29
CA PRO A 142 70.58 14.14 -52.43
C PRO A 142 71.48 14.63 -51.30
N ILE A 143 71.96 13.68 -50.48
CA ILE A 143 72.79 14.00 -49.32
C ILE A 143 73.41 12.70 -48.84
N ASP A 144 74.52 12.81 -48.11
CA ASP A 144 75.15 11.65 -47.50
C ASP A 144 74.43 11.33 -46.19
N PHE A 145 73.65 10.25 -46.20
CA PHE A 145 72.85 9.84 -45.04
C PHE A 145 73.58 8.73 -44.32
N CYS A 146 74.18 9.06 -43.17
CA CYS A 146 74.92 8.10 -42.36
C CYS A 146 74.44 8.20 -40.92
N ILE A 147 74.00 7.07 -40.36
CA ILE A 147 73.48 7.01 -39.00
C ILE A 147 74.14 5.83 -38.28
N GLY A 148 74.63 6.09 -37.07
CA GLY A 148 75.20 5.06 -36.24
C GLY A 148 74.23 4.65 -35.14
N LEU A 149 73.96 3.34 -35.08
CA LEU A 149 72.96 2.80 -34.16
C LEU A 149 73.61 1.84 -33.18
N GLN A 150 72.98 1.70 -32.02
CA GLN A 150 73.41 0.76 -30.99
C GLN A 150 72.21 -0.04 -30.51
N ILE A 151 72.40 -1.36 -30.36
CA ILE A 151 71.34 -2.29 -30.04
C ILE A 151 71.66 -2.98 -28.72
N GLU A 152 70.64 -3.15 -27.88
CA GLU A 152 70.77 -3.85 -26.61
C GLU A 152 69.62 -4.84 -26.46
N ARG A 153 69.78 -5.75 -25.50
CA ARG A 153 68.79 -6.80 -25.23
C ARG A 153 68.56 -6.87 -23.73
N ASN A 154 67.48 -6.27 -23.26
CA ASN A 154 67.13 -6.28 -21.84
C ASN A 154 65.66 -6.68 -21.68
N ARG A 155 65.30 -7.04 -20.46
CA ARG A 155 63.95 -7.54 -20.17
C ARG A 155 62.96 -6.40 -20.01
N GLY A 156 63.19 -5.53 -19.03
CA GLY A 156 62.26 -4.44 -18.77
C GLY A 156 62.45 -3.24 -19.68
N TYR A 157 63.54 -2.51 -19.47
CA TYR A 157 63.83 -1.28 -20.22
C TYR A 157 65.25 -0.85 -19.85
N LEU A 158 65.68 0.27 -20.43
CA LEU A 158 66.99 0.85 -20.16
C LEU A 158 66.80 1.92 -19.08
N ILE A 159 67.05 1.54 -17.82
CA ILE A 159 66.85 2.46 -16.71
C ILE A 159 67.90 3.56 -16.73
N LYS A 160 69.16 3.19 -16.85
CA LYS A 160 70.26 4.14 -16.89
C LYS A 160 71.21 3.79 -18.02
N THR A 161 71.63 4.81 -18.77
CA THR A 161 72.54 4.58 -19.89
C THR A 161 73.95 4.31 -19.37
N PRO A 162 74.77 3.61 -20.16
CA PRO A 162 76.15 3.34 -19.68
C PRO A 162 77.03 4.58 -19.69
N HIS A 163 76.86 5.46 -20.68
CA HIS A 163 77.64 6.68 -20.79
C HIS A 163 76.71 7.87 -20.53
N ASN A 164 76.97 8.59 -19.44
CA ASN A 164 76.13 9.74 -19.11
C ASN A 164 76.38 10.92 -20.04
N PHE A 165 77.62 11.07 -20.51
CA PHE A 165 77.98 12.16 -21.42
C PHE A 165 78.20 11.60 -22.81
N GLN A 166 77.50 12.17 -23.80
CA GLN A 166 77.61 11.76 -25.18
C GLN A 166 77.97 12.95 -26.05
N ASP A 167 78.83 12.72 -27.04
CA ASP A 167 79.24 13.80 -27.93
C ASP A 167 78.10 14.18 -28.88
N GLY A 168 77.62 13.23 -29.67
CA GLY A 168 76.55 13.49 -30.60
C GLY A 168 75.47 12.42 -30.58
N SER A 169 75.65 11.42 -29.72
CA SER A 169 74.68 10.34 -29.63
C SER A 169 73.40 10.82 -28.97
N TYR A 170 72.26 10.52 -29.59
CA TYR A 170 70.95 10.92 -29.06
C TYR A 170 70.25 9.69 -28.51
N PRO A 171 70.21 9.51 -27.19
CA PRO A 171 69.55 8.32 -26.63
C PRO A 171 68.05 8.32 -26.90
N ILE A 172 67.53 7.13 -27.20
CA ILE A 172 66.11 6.93 -27.45
C ILE A 172 65.52 6.11 -26.31
N ASP A 173 64.52 6.68 -25.63
CA ASP A 173 63.84 6.00 -24.53
C ASP A 173 62.77 5.08 -25.14
N ALA A 174 63.22 3.93 -25.62
CA ALA A 174 62.36 2.96 -26.28
C ALA A 174 62.20 1.73 -25.40
N VAL A 175 60.95 1.35 -25.14
CA VAL A 175 60.66 0.14 -24.38
C VAL A 175 60.76 -1.07 -25.30
N PHE A 176 61.23 -2.18 -24.75
CA PHE A 176 61.41 -3.39 -25.56
C PHE A 176 60.06 -4.06 -25.82
N MET A 177 59.40 -4.53 -24.77
CA MET A 177 58.02 -5.04 -24.77
C MET A 177 57.75 -5.95 -25.96
N PRO A 178 58.29 -7.17 -25.98
CA PRO A 178 57.99 -8.06 -27.11
C PRO A 178 56.53 -8.45 -27.20
N VAL A 179 55.88 -8.72 -26.08
CA VAL A 179 54.46 -9.06 -26.06
C VAL A 179 53.66 -7.79 -25.88
N ARG A 180 52.67 -7.58 -26.76
CA ARG A 180 51.90 -6.35 -26.77
C ARG A 180 50.74 -6.38 -25.78
N ASN A 181 50.11 -7.53 -25.59
CA ASN A 181 49.02 -7.64 -24.64
C ASN A 181 48.79 -9.12 -24.31
N ALA A 182 48.27 -9.36 -23.11
CA ALA A 182 47.96 -10.71 -22.66
C ALA A 182 46.74 -10.66 -21.75
N ASN A 183 45.94 -11.73 -21.81
CA ASN A 183 44.72 -11.80 -21.03
C ASN A 183 44.37 -13.27 -20.81
N HIS A 184 43.65 -13.54 -19.73
CA HIS A 184 43.24 -14.90 -19.39
C HIS A 184 41.76 -14.91 -19.01
N SER A 185 41.14 -16.08 -19.17
CA SER A 185 39.75 -16.29 -18.83
C SER A 185 39.59 -17.69 -18.26
N ILE A 186 38.58 -17.86 -17.41
CA ILE A 186 38.31 -19.13 -16.74
C ILE A 186 36.88 -19.54 -17.04
N HIS A 187 36.70 -20.77 -17.49
CA HIS A 187 35.39 -21.36 -17.74
C HIS A 187 35.22 -22.58 -16.85
N SER A 188 34.24 -22.53 -15.96
CA SER A 188 34.02 -23.59 -14.98
C SER A 188 33.10 -24.66 -15.56
N TYR A 189 33.53 -25.92 -15.46
CA TYR A 189 32.75 -27.07 -15.92
C TYR A 189 32.71 -28.07 -14.78
N GLY A 190 31.65 -28.00 -13.96
CA GLY A 190 31.50 -28.90 -12.84
C GLY A 190 30.09 -29.45 -12.70
N ASN A 191 29.98 -30.76 -12.47
CA ASN A 191 28.69 -31.42 -12.28
C ASN A 191 28.77 -32.27 -11.02
N GLY A 192 28.16 -31.77 -9.94
CA GLY A 192 28.17 -32.47 -8.67
C GLY A 192 29.22 -31.90 -7.72
N ASN A 193 30.04 -32.79 -7.17
CA ASN A 193 31.07 -32.37 -6.23
C ASN A 193 32.34 -31.87 -6.93
N GLU A 194 32.63 -32.40 -8.11
CA GLU A 194 33.81 -31.99 -8.85
C GLU A 194 33.57 -30.66 -9.56
N LYS A 195 34.59 -29.81 -9.58
CA LYS A 195 34.53 -28.48 -10.21
C LYS A 195 35.84 -28.27 -10.96
N GLN A 196 35.83 -28.59 -12.25
CA GLN A 196 37.00 -28.40 -13.10
C GLN A 196 36.98 -27.02 -13.73
N GLU A 197 38.16 -26.51 -14.04
CA GLU A 197 38.32 -25.19 -14.63
C GLU A 197 39.25 -25.27 -15.84
N ILE A 198 38.94 -24.49 -16.86
CA ILE A 198 39.73 -24.43 -18.09
C ILE A 198 40.27 -23.02 -18.25
N LEU A 199 41.57 -22.91 -18.48
CA LEU A 199 42.23 -21.61 -18.65
C LEU A 199 42.34 -21.27 -20.13
N PHE A 200 42.12 -20.00 -20.45
CA PHE A 200 42.15 -19.51 -21.84
C PHE A 200 43.15 -18.36 -21.90
N LEU A 201 44.34 -18.62 -22.41
CA LEU A 201 45.39 -17.62 -22.53
C LEU A 201 45.38 -17.01 -23.93
N GLU A 202 45.42 -15.68 -23.99
CA GLU A 202 45.52 -14.94 -25.25
C GLU A 202 46.81 -14.14 -25.24
N ILE A 203 47.59 -14.25 -26.32
CA ILE A 203 48.89 -13.59 -26.43
C ILE A 203 48.92 -12.80 -27.74
N TRP A 204 49.42 -11.56 -27.65
CA TRP A 204 49.63 -10.71 -28.81
C TRP A 204 51.11 -10.32 -28.85
N THR A 205 51.83 -10.79 -29.85
CA THR A 205 53.23 -10.48 -30.02
C THR A 205 53.43 -9.48 -31.16
N ASN A 206 54.54 -8.76 -31.10
CA ASN A 206 54.86 -7.75 -32.10
C ASN A 206 55.51 -8.32 -33.34
N GLY A 207 55.59 -9.64 -33.46
CA GLY A 207 56.18 -10.30 -34.61
C GLY A 207 57.59 -10.81 -34.40
N SER A 208 58.27 -10.34 -33.34
CA SER A 208 59.63 -10.80 -33.10
C SER A 208 59.67 -12.27 -32.69
N LEU A 209 58.59 -12.78 -32.14
CA LEU A 209 58.52 -14.19 -31.77
C LEU A 209 57.07 -14.65 -31.84
N THR A 210 56.88 -15.91 -32.19
CA THR A 210 55.55 -16.46 -32.32
C THR A 210 54.88 -16.58 -30.95
N PRO A 211 53.55 -16.50 -30.89
CA PRO A 211 52.86 -16.66 -29.60
C PRO A 211 53.09 -18.01 -28.95
N LYS A 212 53.42 -19.04 -29.72
CA LYS A 212 53.68 -20.35 -29.12
C LYS A 212 55.00 -20.37 -28.36
N GLU A 213 56.01 -19.67 -28.88
CA GLU A 213 57.30 -19.62 -28.18
C GLU A 213 57.23 -18.75 -26.94
N ALA A 214 56.32 -17.78 -26.92
CA ALA A 214 56.19 -16.92 -25.75
C ALA A 214 55.75 -17.71 -24.52
N LEU A 215 54.86 -18.69 -24.71
CA LEU A 215 54.45 -19.53 -23.58
C LEU A 215 55.64 -20.28 -23.00
N HIS A 216 56.46 -20.89 -23.87
CA HIS A 216 57.61 -21.65 -23.39
C HIS A 216 58.60 -20.74 -22.69
N GLU A 217 58.85 -19.55 -23.25
CA GLU A 217 59.78 -18.62 -22.61
C GLU A 217 59.28 -18.19 -21.25
N ALA A 218 57.99 -17.85 -21.15
CA ALA A 218 57.43 -17.42 -19.87
C ALA A 218 57.47 -18.54 -18.84
N SER A 219 57.15 -19.77 -19.26
CA SER A 219 57.17 -20.90 -18.33
C SER A 219 58.59 -21.17 -17.84
N ARG A 220 59.58 -21.13 -18.73
CA ARG A 220 60.95 -21.35 -18.31
C ARG A 220 61.44 -20.23 -17.40
N ASN A 221 61.04 -18.99 -17.67
CA ASN A 221 61.42 -17.89 -16.79
C ASN A 221 60.80 -18.05 -15.40
N LEU A 222 59.53 -18.46 -15.34
CA LEU A 222 58.90 -18.68 -14.05
C LEU A 222 59.59 -19.82 -13.28
N ILE A 223 59.92 -20.90 -13.98
CA ILE A 223 60.61 -22.01 -13.32
C ILE A 223 61.97 -21.56 -12.80
N ASP A 224 62.69 -20.75 -13.60
CA ASP A 224 63.99 -20.25 -13.17
C ASP A 224 63.87 -19.30 -11.99
N LEU A 225 62.76 -18.57 -11.90
CA LEU A 225 62.54 -17.67 -10.77
C LEU A 225 62.16 -18.42 -9.50
N PHE A 226 61.44 -19.53 -9.62
CA PHE A 226 61.01 -20.26 -8.44
C PHE A 226 61.97 -21.36 -8.01
N ILE A 227 62.96 -21.69 -8.85
CA ILE A 227 63.97 -22.68 -8.44
C ILE A 227 64.78 -22.24 -7.23
N PRO A 228 65.26 -20.97 -7.12
CA PRO A 228 66.14 -20.61 -6.00
C PRO A 228 65.63 -20.97 -4.61
N PHE A 229 64.31 -21.13 -4.45
CA PHE A 229 63.78 -21.55 -3.16
C PHE A 229 64.13 -23.00 -2.82
N LEU A 230 64.64 -23.76 -3.77
CA LEU A 230 65.04 -25.14 -3.53
C LEU A 230 66.55 -25.35 -3.51
N HIS A 231 67.33 -24.33 -3.88
CA HIS A 231 68.78 -24.47 -3.89
C HIS A 231 69.32 -24.74 -2.49
N MET A 232 70.32 -25.61 -2.41
CA MET A 232 70.90 -26.04 -1.15
C MET A 232 72.41 -25.95 -1.26
N GLU A 233 73.03 -25.20 -0.34
CA GLU A 233 74.48 -25.02 -0.36
C GLU A 233 75.18 -26.20 0.31
N GLU A 234 76.39 -26.48 -0.14
CA GLU A 234 77.17 -27.57 0.42
C GLU A 234 77.59 -27.23 1.86
N ASP A 235 77.54 -28.24 2.72
CA ASP A 235 77.87 -28.05 4.12
C ASP A 235 79.32 -28.40 4.39
N ASN A 236 79.86 -27.81 5.45
CA ASN A 236 81.25 -28.05 5.84
C ASN A 236 81.35 -29.25 6.76
N LYS A 262 60.87 -17.91 50.81
CA LYS A 262 61.25 -16.53 50.58
C LYS A 262 60.58 -15.98 49.32
N ASN A 263 61.40 -15.59 48.34
CA ASN A 263 60.92 -15.03 47.07
C ASN A 263 61.63 -15.78 45.94
N LYS A 264 61.02 -16.86 45.47
CA LYS A 264 61.59 -17.66 44.40
C LYS A 264 60.62 -17.90 43.25
N LYS A 265 59.47 -17.22 43.24
CA LYS A 265 58.49 -17.39 42.19
C LYS A 265 58.93 -16.64 40.91
N LYS A 266 58.05 -16.62 39.92
CA LYS A 266 58.36 -15.93 38.67
C LYS A 266 58.46 -14.43 38.88
N ILE A 267 57.38 -13.81 39.35
CA ILE A 267 57.39 -12.36 39.61
C ILE A 267 58.15 -12.00 40.86
N ALA A 268 58.59 -12.98 41.65
CA ALA A 268 59.36 -12.70 42.85
C ALA A 268 60.79 -12.27 42.55
N LEU A 269 61.25 -12.45 41.31
CA LEU A 269 62.57 -12.00 40.90
C LEU A 269 62.48 -11.14 39.65
N LYS A 270 61.52 -11.47 38.77
CA LYS A 270 61.36 -10.71 37.54
C LYS A 270 60.82 -9.31 37.81
N SER A 271 59.73 -9.22 38.58
CA SER A 271 59.09 -7.95 38.89
C SER A 271 59.85 -7.16 39.96
N ILE A 272 61.01 -7.64 40.35
CA ILE A 272 61.78 -6.93 41.33
C ILE A 272 62.28 -5.68 40.68
N PHE A 273 61.76 -4.55 41.13
CA PHE A 273 62.21 -3.30 40.61
C PHE A 273 63.54 -2.98 41.24
N ILE A 274 64.34 -2.16 40.60
CA ILE A 274 65.68 -1.88 41.10
C ILE A 274 65.67 -1.29 42.48
N ASP A 275 64.58 -0.66 42.87
CA ASP A 275 64.59 0.01 44.15
C ASP A 275 64.77 -0.93 45.31
N GLN A 276 64.11 -2.08 45.24
CA GLN A 276 64.21 -3.02 46.31
C GLN A 276 65.62 -3.52 46.50
N SER A 277 66.34 -3.78 45.42
CA SER A 277 67.73 -4.16 45.55
C SER A 277 68.53 -2.94 45.94
N GLU A 278 69.11 -2.91 47.13
CA GLU A 278 69.77 -1.69 47.61
C GLU A 278 70.90 -1.23 46.72
N LEU A 279 70.97 0.07 46.44
CA LEU A 279 71.97 0.56 45.54
C LEU A 279 72.40 1.91 46.04
N PRO A 280 73.64 2.34 45.71
CA PRO A 280 73.94 3.72 46.10
C PRO A 280 73.04 4.70 45.39
N SER A 281 72.93 5.89 45.93
CA SER A 281 72.03 6.86 45.34
C SER A 281 72.44 7.22 43.96
N ARG A 282 73.74 7.43 43.76
CA ARG A 282 74.21 7.88 42.47
C ARG A 282 73.76 6.92 41.44
N ILE A 283 74.03 5.65 41.68
CA ILE A 283 73.70 4.67 40.69
C ILE A 283 72.19 4.61 40.46
N TYR A 284 71.39 4.73 41.52
CA TYR A 284 69.96 4.61 41.37
C TYR A 284 69.48 5.69 40.48
N ASN A 285 69.93 6.91 40.73
CA ASN A 285 69.42 8.00 39.96
C ASN A 285 69.81 7.83 38.51
N CYS A 286 71.03 7.40 38.27
CA CYS A 286 71.50 7.28 36.90
C CYS A 286 70.73 6.27 36.12
N LEU A 287 70.47 5.13 36.73
CA LEU A 287 69.77 4.07 36.04
C LEU A 287 68.37 4.54 35.70
N LYS A 288 67.75 5.26 36.62
CA LYS A 288 66.43 5.77 36.38
C LYS A 288 66.41 6.71 35.19
N MET A 289 67.30 7.70 35.14
CA MET A 289 67.32 8.54 33.94
C MET A 289 67.55 7.73 32.68
N SER A 290 68.11 6.53 32.79
CA SER A 290 68.35 5.67 31.63
C SER A 290 67.19 4.73 31.34
N ASN A 291 66.02 4.96 31.95
CA ASN A 291 64.83 4.16 31.71
C ASN A 291 65.06 2.69 32.07
N ILE A 292 65.79 2.46 33.16
CA ILE A 292 66.05 1.13 33.67
C ILE A 292 65.37 1.01 35.03
N TYR A 293 64.28 0.25 35.09
CA TYR A 293 63.47 0.13 36.30
C TYR A 293 63.55 -1.25 36.96
N THR A 294 63.39 -2.31 36.19
CA THR A 294 63.38 -3.66 36.72
C THR A 294 64.75 -4.30 36.56
N LEU A 295 64.87 -5.56 36.98
CA LEU A 295 66.11 -6.30 36.82
C LEU A 295 66.29 -6.82 35.40
N LEU A 296 65.19 -7.06 34.69
CA LEU A 296 65.30 -7.53 33.32
C LEU A 296 65.86 -6.45 32.39
N ASP A 297 65.47 -5.19 32.63
CA ASP A 297 66.05 -4.10 31.86
C ASP A 297 67.53 -3.94 32.15
N LEU A 298 67.96 -4.24 33.37
CA LEU A 298 69.39 -4.16 33.69
C LEU A 298 70.15 -5.33 33.07
N LEU A 299 69.55 -6.51 33.04
CA LEU A 299 70.21 -7.67 32.44
C LEU A 299 70.29 -7.55 30.93
N ASN A 300 69.27 -6.96 30.30
CA ASN A 300 69.28 -6.80 28.85
C ASN A 300 70.35 -5.83 28.42
N ASN A 301 70.54 -4.75 29.16
CA ASN A 301 71.57 -3.77 28.84
C ASN A 301 72.95 -4.33 29.17
N SER A 302 73.89 -4.15 28.24
CA SER A 302 75.24 -4.66 28.41
C SER A 302 76.11 -3.66 29.16
N GLN A 303 77.40 -3.98 29.30
CA GLN A 303 78.31 -3.09 30.01
C GLN A 303 78.70 -1.89 29.16
N GLU A 304 78.82 -2.07 27.85
CA GLU A 304 79.23 -0.96 26.98
C GLU A 304 78.18 0.14 26.96
N ASP A 305 76.93 -0.21 26.75
CA ASP A 305 75.90 0.80 26.74
C ASP A 305 75.70 1.34 28.15
N LEU A 306 75.97 0.51 29.14
CA LEU A 306 75.87 0.97 30.52
C LEU A 306 76.90 2.06 30.72
N MET A 307 78.06 1.88 30.12
CA MET A 307 79.09 2.90 30.20
C MET A 307 78.61 4.18 29.56
N LYS A 308 77.84 4.07 28.49
CA LYS A 308 77.38 5.26 27.78
C LYS A 308 76.53 6.13 28.70
N ILE A 309 75.87 5.52 29.67
CA ILE A 309 75.02 6.28 30.57
C ILE A 309 75.83 7.37 31.25
N GLU A 310 75.25 8.56 31.34
CA GLU A 310 75.98 9.68 31.91
C GLU A 310 76.32 9.49 33.36
N HIS A 311 77.52 9.93 33.76
CA HIS A 311 77.95 9.83 35.15
C HIS A 311 77.88 8.41 35.64
N PHE A 312 78.22 7.47 34.77
CA PHE A 312 78.25 6.08 35.18
C PHE A 312 79.70 5.68 35.09
N ARG A 313 80.21 5.01 36.10
CA ARG A 313 81.64 4.70 36.12
C ARG A 313 81.94 3.24 36.34
N SER A 314 83.19 2.86 36.12
CA SER A 314 83.60 1.48 36.28
C SER A 314 83.42 0.97 37.69
N GLU A 315 83.64 1.83 38.68
CA GLU A 315 83.40 1.40 40.04
C GLU A 315 81.93 1.04 40.17
N ASP A 316 81.07 1.78 39.51
CA ASP A 316 79.67 1.45 39.56
C ASP A 316 79.40 0.10 38.93
N VAL A 317 80.02 -0.20 37.79
CA VAL A 317 79.70 -1.45 37.11
C VAL A 317 80.10 -2.65 37.96
N LYS A 318 81.17 -2.50 38.70
CA LYS A 318 81.57 -3.60 39.59
C LYS A 318 80.65 -3.69 40.80
N ARG A 319 80.17 -2.55 41.30
CA ARG A 319 79.26 -2.59 42.45
C ARG A 319 77.89 -3.13 42.05
N ILE A 320 77.40 -2.78 40.86
CA ILE A 320 76.11 -3.31 40.45
C ILE A 320 76.20 -4.80 40.16
N LEU A 321 77.34 -5.25 39.61
CA LEU A 321 77.54 -6.69 39.42
C LEU A 321 77.60 -7.42 40.75
N GLY A 322 78.30 -6.84 41.73
CA GLY A 322 78.34 -7.45 43.05
C GLY A 322 76.96 -7.53 43.69
N ILE A 323 76.21 -6.43 43.66
CA ILE A 323 74.88 -6.40 44.25
C ILE A 323 73.97 -7.42 43.56
N LEU A 324 74.08 -7.54 42.23
CA LEU A 324 73.32 -8.55 41.52
C LEU A 324 73.80 -9.96 41.83
N GLU A 325 75.03 -10.12 42.31
CA GLU A 325 75.57 -11.43 42.67
C GLU A 325 75.57 -11.68 44.17
N LYS A 326 75.39 -10.65 45.00
CA LYS A 326 75.45 -10.82 46.45
C LYS A 326 74.27 -11.59 47.02
N TYR A 327 73.20 -11.77 46.25
CA TYR A 327 72.02 -12.47 46.76
C TYR A 327 72.32 -13.94 47.00
N ARG B 11 75.39 -18.17 -8.79
CA ARG B 11 74.88 -18.38 -7.44
C ARG B 11 74.97 -17.09 -6.63
N THR B 12 74.26 -16.07 -7.08
CA THR B 12 74.25 -14.79 -6.37
C THR B 12 73.03 -14.63 -5.48
N LEU B 13 71.89 -15.22 -5.85
CA LEU B 13 70.69 -15.14 -5.02
C LEU B 13 70.85 -16.04 -3.81
N GLN B 14 70.67 -15.47 -2.62
CA GLN B 14 70.82 -16.19 -1.36
C GLN B 14 69.58 -15.98 -0.51
N TRP B 15 69.04 -17.08 0.02
CA TRP B 15 67.91 -17.04 0.92
C TRP B 15 68.26 -17.74 2.22
N LYS B 16 67.80 -17.19 3.33
CA LYS B 16 68.08 -17.76 4.64
C LYS B 16 66.89 -17.51 5.57
N CYS B 17 66.68 -18.43 6.50
CA CYS B 17 65.62 -18.29 7.50
C CYS B 17 66.07 -17.28 8.55
N VAL B 18 65.48 -16.10 8.52
CA VAL B 18 65.89 -15.04 9.45
C VAL B 18 65.41 -15.35 10.87
N GLU B 19 64.13 -15.66 11.02
CA GLU B 19 63.58 -15.96 12.33
C GLU B 19 62.81 -17.22 12.34
N SER B 20 62.79 -17.89 13.46
CA SER B 20 62.05 -19.14 13.63
C SER B 20 61.63 -19.25 15.09
N ARG B 21 60.32 -19.19 15.33
CA ARG B 21 59.78 -19.25 16.68
C ARG B 21 58.66 -20.29 16.73
N THR B 22 58.34 -20.71 17.96
CA THR B 22 57.27 -21.66 18.22
C THR B 22 56.40 -21.06 19.33
N ASP B 23 55.38 -20.30 18.92
CA ASP B 23 54.49 -19.68 19.90
C ASP B 23 53.71 -20.72 20.69
N SER B 24 53.25 -21.77 20.01
CA SER B 24 52.57 -22.88 20.66
C SER B 24 52.87 -24.14 19.86
N LYS B 25 52.43 -25.28 20.40
CA LYS B 25 52.66 -26.54 19.71
C LYS B 25 51.87 -26.63 18.40
N ARG B 26 50.88 -25.76 18.21
CA ARG B 26 50.10 -25.71 16.98
C ARG B 26 50.19 -24.33 16.32
N LEU B 27 51.32 -23.65 16.48
CA LEU B 27 51.53 -22.35 15.85
C LEU B 27 53.03 -22.15 15.66
N TYR B 28 53.47 -22.08 14.41
CA TYR B 28 54.86 -21.85 14.06
C TYR B 28 54.97 -20.58 13.22
N TYR B 29 56.13 -19.93 13.30
CA TYR B 29 56.38 -18.70 12.55
C TYR B 29 57.80 -18.72 12.01
N GLY B 30 57.94 -18.41 10.73
CA GLY B 30 59.25 -18.33 10.11
C GLY B 30 59.32 -17.16 9.16
N ARG B 31 60.48 -16.51 9.12
CA ARG B 31 60.73 -15.38 8.25
C ARG B 31 61.92 -15.69 7.35
N PHE B 32 61.87 -15.19 6.11
CA PHE B 32 62.88 -15.47 5.11
C PHE B 32 63.24 -14.19 4.37
N ILE B 33 64.30 -14.27 3.56
CA ILE B 33 64.80 -13.11 2.84
C ILE B 33 65.36 -13.59 1.50
N LEU B 34 65.16 -12.78 0.46
CA LEU B 34 65.73 -13.04 -0.87
C LEU B 34 66.19 -11.68 -1.40
N SER B 35 67.44 -11.33 -1.08
CA SER B 35 67.96 -9.97 -1.22
C SER B 35 68.34 -9.57 -2.64
N PRO B 36 69.10 -10.39 -3.40
CA PRO B 36 69.64 -9.90 -4.68
C PRO B 36 68.61 -9.88 -5.81
N LEU B 37 67.32 -9.99 -5.48
CA LEU B 37 66.27 -10.06 -6.47
C LEU B 37 66.27 -8.80 -7.35
N MET B 38 65.58 -8.89 -8.48
CA MET B 38 65.59 -7.87 -9.51
C MET B 38 64.33 -7.02 -9.44
N LYS B 39 64.11 -6.19 -10.47
CA LYS B 39 63.08 -5.16 -10.41
C LYS B 39 61.68 -5.76 -10.31
N GLY B 40 61.25 -6.45 -11.36
CA GLY B 40 59.86 -6.89 -11.44
C GLY B 40 59.62 -8.30 -10.95
N GLN B 41 60.70 -9.01 -10.59
CA GLN B 41 60.57 -10.40 -10.17
C GLN B 41 59.97 -10.51 -8.77
N ALA B 42 60.20 -9.51 -7.92
CA ALA B 42 59.79 -9.61 -6.52
C ALA B 42 58.28 -9.66 -6.39
N ASP B 43 57.56 -8.80 -7.12
CA ASP B 43 56.10 -8.79 -7.04
C ASP B 43 55.52 -10.14 -7.49
N THR B 44 56.01 -10.66 -8.62
CA THR B 44 55.51 -11.92 -9.13
C THR B 44 55.77 -13.06 -8.16
N ILE B 45 57.02 -13.16 -7.68
CA ILE B 45 57.35 -14.22 -6.72
C ILE B 45 56.47 -14.11 -5.48
N GLY B 46 56.30 -12.90 -4.96
CA GLY B 46 55.51 -12.74 -3.75
C GLY B 46 54.06 -13.14 -3.93
N ILE B 47 53.43 -12.66 -5.01
CA ILE B 47 52.01 -12.96 -5.20
C ILE B 47 51.81 -14.45 -5.48
N ALA B 48 52.71 -15.06 -6.25
CA ALA B 48 52.55 -16.48 -6.56
C ALA B 48 52.78 -17.33 -5.33
N MET B 49 53.80 -17.01 -4.52
CA MET B 49 54.02 -17.76 -3.29
C MET B 49 52.87 -17.58 -2.31
N ARG B 50 52.27 -16.39 -2.27
CA ARG B 50 51.12 -16.20 -1.39
C ARG B 50 49.92 -17.02 -1.84
N ARG B 51 49.63 -17.00 -3.15
CA ARG B 51 48.51 -17.79 -3.65
C ARG B 51 48.77 -19.29 -3.58
N ALA B 52 50.04 -19.70 -3.51
CA ALA B 52 50.36 -21.11 -3.35
C ALA B 52 50.35 -21.57 -1.90
N LEU B 53 50.73 -20.69 -0.97
CA LEU B 53 50.72 -21.07 0.44
C LEU B 53 49.31 -21.09 1.00
N LEU B 54 48.38 -20.35 0.39
CA LEU B 54 46.99 -20.26 0.82
C LEU B 54 46.12 -20.87 -0.28
N GLY B 55 45.90 -22.18 -0.22
CA GLY B 55 45.03 -22.86 -1.14
C GLY B 55 45.68 -23.82 -2.10
N GLU B 56 46.92 -24.23 -1.86
CA GLU B 56 47.58 -25.20 -2.74
C GLU B 56 48.36 -26.26 -1.97
N ILE B 57 48.41 -26.15 -0.66
CA ILE B 57 49.13 -27.12 0.15
C ILE B 57 48.03 -27.96 0.72
N GLU B 58 48.28 -29.22 0.99
CA GLU B 58 47.24 -30.12 1.44
C GLU B 58 47.43 -30.67 2.82
N GLY B 59 46.35 -31.09 3.46
CA GLY B 59 46.44 -31.55 4.84
C GLY B 59 45.56 -32.72 5.19
N THR B 60 45.79 -33.35 6.33
CA THR B 60 45.03 -34.49 6.74
C THR B 60 44.17 -34.17 7.93
N CYS B 61 42.88 -34.45 7.86
CA CYS B 61 41.98 -34.16 8.95
C CYS B 61 40.93 -35.24 9.14
N ILE B 62 40.31 -35.32 10.32
CA ILE B 62 39.26 -36.30 10.56
C ILE B 62 38.05 -35.99 9.74
N THR B 63 37.56 -36.95 8.98
CA THR B 63 36.44 -36.77 8.06
C THR B 63 35.13 -37.32 8.59
N ARG B 64 35.13 -38.50 9.22
CA ARG B 64 33.91 -39.13 9.68
C ARG B 64 34.13 -39.70 11.07
N VAL B 65 33.10 -39.58 11.92
CA VAL B 65 33.14 -40.04 13.30
C VAL B 65 31.95 -40.96 13.53
N LYS B 66 32.20 -42.11 14.16
CA LYS B 66 31.16 -43.09 14.44
C LYS B 66 31.10 -43.33 15.94
N SER B 67 29.95 -43.03 16.54
CA SER B 67 29.75 -43.23 17.96
C SER B 67 29.17 -44.63 18.22
N GLU B 68 29.08 -44.98 19.51
CA GLU B 68 28.60 -46.31 19.87
C GLU B 68 27.09 -46.43 19.67
N LYS B 69 26.32 -45.65 20.41
CA LYS B 69 24.85 -45.73 20.31
C LYS B 69 24.29 -44.38 20.75
N VAL B 70 23.90 -43.56 19.78
CA VAL B 70 23.30 -42.25 20.04
C VAL B 70 22.10 -42.07 19.10
N PRO B 71 21.01 -41.47 19.56
CA PRO B 71 19.87 -41.26 18.66
C PRO B 71 20.14 -40.26 17.56
N HIS B 72 20.75 -39.12 17.90
CA HIS B 72 21.10 -38.11 16.92
C HIS B 72 22.27 -37.31 17.45
N GLU B 73 22.86 -36.50 16.56
CA GLU B 73 24.07 -35.75 16.90
C GLU B 73 23.80 -34.61 17.88
N TYR B 74 22.54 -34.19 18.03
CA TYR B 74 22.20 -33.09 18.92
C TYR B 74 21.79 -33.55 20.31
N SER B 75 21.69 -34.86 20.54
CA SER B 75 21.33 -35.38 21.85
C SER B 75 22.55 -35.42 22.76
N THR B 76 22.29 -35.40 24.06
CA THR B 76 23.34 -35.46 25.06
C THR B 76 23.64 -36.92 25.43
N ILE B 77 24.65 -37.09 26.27
CA ILE B 77 25.07 -38.41 26.75
C ILE B 77 25.44 -38.29 28.22
N THR B 78 25.04 -39.27 29.01
CA THR B 78 25.29 -39.24 30.44
C THR B 78 26.77 -39.42 30.74
N GLY B 79 27.24 -38.74 31.79
CA GLY B 79 28.62 -38.79 32.19
C GLY B 79 29.52 -37.77 31.51
N ILE B 80 29.11 -37.24 30.37
CA ILE B 80 29.89 -36.28 29.60
C ILE B 80 29.19 -34.94 29.64
N GLN B 81 29.93 -33.88 29.95
CA GLN B 81 29.33 -32.55 30.02
C GLN B 81 28.89 -32.08 28.63
N GLU B 82 29.79 -32.13 27.66
CA GLU B 82 29.48 -31.66 26.32
C GLU B 82 28.59 -32.66 25.59
N SER B 83 27.80 -32.14 24.65
CA SER B 83 26.94 -32.99 23.82
C SER B 83 27.76 -33.62 22.70
N VAL B 84 27.08 -34.39 21.84
CA VAL B 84 27.76 -34.99 20.71
C VAL B 84 28.22 -33.94 19.71
N HIS B 85 27.45 -32.85 19.57
CA HIS B 85 27.82 -31.79 18.65
C HIS B 85 29.13 -31.12 19.08
N GLU B 86 29.28 -30.86 20.38
CA GLU B 86 30.51 -30.26 20.86
C GLU B 86 31.69 -31.22 20.74
N ILE B 87 31.45 -32.52 20.89
CA ILE B 87 32.52 -33.50 20.69
C ILE B 87 32.96 -33.51 19.23
N LEU B 88 32.00 -33.41 18.31
CA LEU B 88 32.34 -33.35 16.89
C LEU B 88 33.12 -32.07 16.58
N MET B 89 32.70 -30.95 17.16
CA MET B 89 33.42 -29.69 16.95
C MET B 89 34.82 -29.73 17.52
N ASN B 90 35.02 -30.44 18.64
CA ASN B 90 36.35 -30.56 19.20
C ASN B 90 37.23 -31.48 18.35
N LEU B 91 36.66 -32.57 17.84
CA LEU B 91 37.41 -33.47 16.96
C LEU B 91 37.74 -32.77 15.64
N LYS B 92 36.93 -31.80 15.23
CA LYS B 92 37.23 -31.05 14.01
C LYS B 92 38.53 -30.28 14.13
N GLU B 93 38.87 -29.80 15.33
CA GLU B 93 40.06 -29.00 15.55
C GLU B 93 41.32 -29.82 15.77
N ILE B 94 41.23 -31.15 15.72
CA ILE B 94 42.41 -31.99 15.93
C ILE B 94 43.32 -31.88 14.72
N ILE B 95 44.61 -31.63 14.96
CA ILE B 95 45.59 -31.45 13.90
C ILE B 95 46.40 -32.73 13.76
N LEU B 96 46.46 -33.25 12.54
CA LEU B 96 47.18 -34.49 12.25
C LEU B 96 48.17 -34.26 11.11
N ARG B 97 49.06 -35.23 10.93
CA ARG B 97 50.13 -35.14 9.94
C ARG B 97 50.26 -36.46 9.22
N SER B 98 50.26 -36.41 7.88
CA SER B 98 50.36 -37.61 7.06
C SER B 98 50.94 -37.22 5.71
N ASN B 99 51.32 -38.25 4.95
CA ASN B 99 51.90 -38.04 3.63
C ASN B 99 51.33 -38.95 2.55
N LEU B 100 50.39 -39.85 2.90
CA LEU B 100 49.85 -40.81 1.96
C LEU B 100 48.35 -40.57 1.80
N TYR B 101 47.91 -40.52 0.54
CA TYR B 101 46.50 -40.33 0.26
C TYR B 101 45.71 -41.61 0.53
N GLY B 102 44.41 -41.45 0.80
CA GLY B 102 43.53 -42.56 1.05
C GLY B 102 42.71 -42.32 2.30
N THR B 103 42.27 -43.41 2.91
CA THR B 103 41.43 -43.37 4.10
C THR B 103 42.00 -44.31 5.15
N SER B 104 42.16 -43.81 6.37
CA SER B 104 42.64 -44.59 7.49
C SER B 104 41.64 -44.50 8.64
N ASP B 105 41.72 -45.47 9.54
CA ASP B 105 40.78 -45.59 10.65
C ASP B 105 41.49 -45.40 11.98
N ALA B 106 40.79 -44.82 12.93
CA ALA B 106 41.36 -44.64 14.24
C ALA B 106 40.28 -44.79 15.26
N SER B 107 40.63 -44.86 16.53
CA SER B 107 39.64 -45.07 17.55
C SER B 107 40.05 -44.52 18.88
N ILE B 108 39.09 -44.18 19.70
CA ILE B 108 39.40 -43.70 21.02
C ILE B 108 38.66 -44.65 21.90
N CYS B 109 39.28 -45.14 22.98
CA CYS B 109 38.62 -46.13 23.83
C CYS B 109 38.92 -45.88 25.29
N VAL B 110 38.75 -44.65 25.74
CA VAL B 110 39.07 -44.31 27.11
C VAL B 110 37.93 -44.65 28.04
N LYS B 111 38.23 -45.15 29.24
CA LYS B 111 37.19 -45.42 30.22
C LYS B 111 37.52 -44.69 31.48
N GLY B 112 36.55 -44.49 32.34
CA GLY B 112 36.84 -43.90 33.63
C GLY B 112 36.72 -42.38 33.78
N PRO B 113 36.70 -41.85 35.04
CA PRO B 113 36.58 -40.38 35.06
C PRO B 113 37.89 -39.71 34.68
N GLY B 114 37.76 -38.58 34.00
CA GLY B 114 38.91 -37.82 33.55
C GLY B 114 38.57 -37.01 32.32
N SER B 115 39.60 -36.65 31.58
CA SER B 115 39.47 -35.86 30.37
C SER B 115 40.11 -36.61 29.21
N VAL B 116 39.33 -36.87 28.16
CA VAL B 116 39.86 -37.52 26.96
C VAL B 116 40.57 -36.49 26.10
N THR B 117 41.81 -36.79 25.72
CA THR B 117 42.61 -35.86 24.94
C THR B 117 43.12 -36.53 23.66
N ALA B 118 44.01 -35.84 22.94
CA ALA B 118 44.57 -36.41 21.72
C ALA B 118 45.49 -37.58 22.00
N GLN B 119 46.01 -37.70 23.21
CA GLN B 119 46.96 -38.76 23.46
C GLN B 119 46.21 -40.03 23.46
N ASP B 120 44.91 -39.92 23.41
CA ASP B 120 44.12 -41.11 23.53
C ASP B 120 43.69 -41.63 22.20
N ILE B 121 44.06 -40.94 21.14
CA ILE B 121 43.73 -41.45 19.84
C ILE B 121 44.82 -42.39 19.37
N ILE B 122 44.47 -43.59 18.95
CA ILE B 122 45.43 -44.53 18.39
C ILE B 122 45.34 -44.43 16.87
N LEU B 123 46.50 -44.30 16.22
CA LEU B 123 46.58 -44.03 14.79
C LEU B 123 47.36 -45.13 14.08
N PRO B 124 47.16 -45.26 12.77
CA PRO B 124 48.02 -46.13 11.97
C PRO B 124 49.46 -45.64 12.01
N PRO B 125 50.43 -46.50 11.64
CA PRO B 125 51.84 -46.08 11.72
C PRO B 125 52.20 -44.94 10.77
N TYR B 126 51.29 -44.53 9.88
CA TYR B 126 51.58 -43.45 8.94
C TYR B 126 51.20 -42.08 9.50
N VAL B 127 50.08 -41.99 10.20
CA VAL B 127 49.57 -40.73 10.71
C VAL B 127 50.11 -40.50 12.11
N GLU B 128 50.44 -39.25 12.42
CA GLU B 128 50.91 -38.86 13.74
C GLU B 128 50.13 -37.63 14.21
N ILE B 129 50.27 -37.31 15.49
CA ILE B 129 49.62 -36.15 16.08
C ILE B 129 50.68 -35.11 16.40
N VAL B 130 50.25 -33.85 16.47
CA VAL B 130 51.14 -32.72 16.68
C VAL B 130 50.92 -32.09 18.05
N ASP B 131 49.67 -31.74 18.37
CA ASP B 131 49.41 -31.01 19.61
C ASP B 131 49.50 -31.93 20.83
N ASN B 132 48.85 -33.10 20.77
CA ASN B 132 48.94 -34.12 21.80
C ASN B 132 48.38 -33.65 23.14
N THR B 133 47.72 -32.48 23.15
CA THR B 133 47.15 -31.97 24.39
C THR B 133 45.79 -31.31 24.17
N GLN B 134 45.17 -31.52 23.03
CA GLN B 134 43.88 -30.88 22.74
C GLN B 134 42.76 -31.56 23.51
N HIS B 135 41.71 -30.79 23.79
CA HIS B 135 40.58 -31.25 24.58
C HIS B 135 39.49 -31.76 23.65
N ILE B 136 39.06 -33.00 23.86
CA ILE B 136 37.98 -33.59 23.07
C ILE B 136 36.68 -33.51 23.86
N ALA B 137 36.69 -34.08 25.07
CA ALA B 137 35.51 -34.09 25.93
C ALA B 137 35.96 -34.31 27.36
N SER B 138 34.99 -34.23 28.28
CA SER B 138 35.23 -34.44 29.70
C SER B 138 34.35 -35.56 30.22
N LEU B 139 34.91 -36.40 31.08
CA LEU B 139 34.21 -37.53 31.66
C LEU B 139 34.08 -37.35 33.16
N THR B 140 32.90 -37.66 33.69
CA THR B 140 32.63 -37.53 35.12
C THR B 140 32.26 -38.84 35.80
N GLU B 141 31.86 -39.85 35.06
CA GLU B 141 31.47 -41.14 35.62
C GLU B 141 32.26 -42.25 34.97
N PRO B 142 32.49 -43.36 35.69
CA PRO B 142 33.26 -44.47 35.10
C PRO B 142 32.49 -45.18 34.00
N ILE B 143 32.40 -44.54 32.83
CA ILE B 143 31.68 -45.08 31.68
C ILE B 143 32.67 -45.28 30.55
N ASP B 144 32.67 -46.41 29.87
CA ASP B 144 33.54 -46.56 28.70
C ASP B 144 33.13 -45.59 27.58
N PHE B 145 34.10 -44.88 27.01
CA PHE B 145 33.82 -43.99 25.90
C PHE B 145 34.51 -44.59 24.70
N CYS B 146 33.76 -44.97 23.70
CA CYS B 146 34.35 -45.61 22.56
C CYS B 146 33.92 -44.93 21.30
N ILE B 147 34.85 -44.31 20.60
CA ILE B 147 34.50 -43.56 19.41
C ILE B 147 35.33 -43.97 18.22
N GLY B 148 34.70 -44.09 17.08
CA GLY B 148 35.37 -44.40 15.84
C GLY B 148 35.75 -43.14 15.08
N LEU B 149 36.86 -43.21 14.35
CA LEU B 149 37.37 -42.07 13.59
C LEU B 149 37.73 -42.51 12.18
N GLN B 150 37.80 -41.52 11.29
CA GLN B 150 38.20 -41.74 9.90
C GLN B 150 39.01 -40.55 9.43
N ILE B 151 40.22 -40.82 8.94
CA ILE B 151 41.17 -39.79 8.53
C ILE B 151 41.33 -39.82 7.03
N GLU B 152 41.51 -38.64 6.42
CA GLU B 152 41.64 -38.53 4.98
C GLU B 152 42.49 -37.30 4.66
N ARG B 153 43.34 -37.42 3.64
CA ARG B 153 44.17 -36.32 3.18
C ARG B 153 43.60 -35.74 1.89
N ASN B 154 43.46 -34.43 1.84
CA ASN B 154 42.87 -33.74 0.70
C ASN B 154 43.29 -32.28 0.75
N ARG B 155 42.67 -31.46 -0.10
CA ARG B 155 42.95 -30.02 -0.13
C ARG B 155 41.64 -29.26 -0.06
N GLY B 156 41.71 -28.03 0.45
CA GLY B 156 40.53 -27.21 0.61
C GLY B 156 39.72 -27.61 1.83
N TYR B 157 38.44 -27.28 1.78
CA TYR B 157 37.49 -27.67 2.82
C TYR B 157 36.40 -28.55 2.20
N LEU B 158 36.00 -29.57 2.95
CA LEU B 158 35.07 -30.58 2.46
C LEU B 158 33.68 -30.34 3.02
N ILE B 159 32.68 -30.38 2.15
CA ILE B 159 31.27 -30.27 2.56
C ILE B 159 30.72 -31.68 2.74
N LYS B 160 30.09 -31.91 3.90
CA LYS B 160 29.55 -33.23 4.23
C LYS B 160 28.22 -33.47 3.51
N THR B 161 28.30 -33.49 2.19
CA THR B 161 27.13 -33.75 1.35
C THR B 161 26.80 -35.24 1.24
N PRO B 162 27.77 -36.13 0.98
CA PRO B 162 27.42 -37.55 0.90
C PRO B 162 27.28 -38.18 2.27
N HIS B 163 26.35 -39.14 2.37
CA HIS B 163 26.10 -39.86 3.61
C HIS B 163 25.88 -41.35 3.38
N ASN B 164 26.26 -41.85 2.21
CA ASN B 164 26.07 -43.26 1.87
C ASN B 164 27.28 -44.08 2.32
N PHE B 165 27.24 -45.38 2.00
CA PHE B 165 28.28 -46.36 2.26
C PHE B 165 28.51 -46.62 3.75
N GLN B 166 27.74 -45.99 4.64
CA GLN B 166 27.89 -46.20 6.07
C GLN B 166 26.65 -45.69 6.78
N ASP B 167 26.24 -46.40 7.82
CA ASP B 167 25.07 -46.04 8.61
C ASP B 167 25.46 -45.92 10.07
N GLY B 168 24.94 -44.89 10.74
CA GLY B 168 25.27 -44.66 12.13
C GLY B 168 26.53 -43.85 12.36
N SER B 169 27.00 -43.12 11.36
CA SER B 169 28.19 -42.30 11.47
C SER B 169 27.86 -40.87 11.07
N TYR B 170 28.40 -39.91 11.81
CA TYR B 170 28.14 -38.50 11.56
C TYR B 170 29.34 -37.87 10.88
N PRO B 171 29.19 -37.28 9.69
CA PRO B 171 30.31 -36.63 9.04
C PRO B 171 30.57 -35.24 9.59
N ILE B 172 31.83 -34.84 9.54
CA ILE B 172 32.26 -33.52 9.98
C ILE B 172 32.95 -32.82 8.82
N ASP B 173 32.69 -31.52 8.67
CA ASP B 173 33.26 -30.73 7.58
C ASP B 173 34.68 -30.35 7.95
N ALA B 174 35.65 -31.08 7.41
CA ALA B 174 37.04 -30.83 7.72
C ALA B 174 37.60 -29.70 6.86
N VAL B 175 38.73 -29.15 7.30
CA VAL B 175 39.41 -28.07 6.61
C VAL B 175 40.87 -28.47 6.44
N PHE B 176 41.29 -28.70 5.20
CA PHE B 176 42.66 -29.14 4.91
C PHE B 176 43.51 -27.93 4.51
N MET B 177 43.79 -27.09 5.50
CA MET B 177 44.56 -25.87 5.31
C MET B 177 45.66 -25.80 6.37
N PRO B 178 46.87 -26.22 6.05
CA PRO B 178 47.94 -26.17 7.06
C PRO B 178 48.42 -24.77 7.38
N VAL B 179 48.51 -23.90 6.38
CA VAL B 179 49.02 -22.55 6.58
C VAL B 179 47.91 -21.65 7.06
N ARG B 180 48.16 -20.92 8.14
CA ARG B 180 47.17 -20.02 8.70
C ARG B 180 47.15 -18.68 7.96
N ASN B 181 48.28 -17.98 7.95
CA ASN B 181 48.39 -16.70 7.27
C ASN B 181 49.76 -16.58 6.63
N ALA B 182 49.87 -15.64 5.68
CA ALA B 182 51.12 -15.39 4.99
C ALA B 182 51.21 -13.91 4.66
N ASN B 183 52.44 -13.41 4.51
CA ASN B 183 52.67 -12.02 4.21
C ASN B 183 54.05 -11.86 3.60
N HIS B 184 54.18 -10.89 2.69
CA HIS B 184 55.45 -10.61 2.04
C HIS B 184 55.66 -9.11 1.97
N SER B 185 56.92 -8.70 2.05
CA SER B 185 57.31 -7.30 1.98
C SER B 185 58.50 -7.14 1.03
N ILE B 186 58.51 -6.05 0.29
CA ILE B 186 59.54 -5.78 -0.71
C ILE B 186 60.22 -4.45 -0.37
N HIS B 187 61.54 -4.47 -0.31
CA HIS B 187 62.33 -3.29 0.02
C HIS B 187 63.42 -3.08 -1.02
N SER B 188 63.87 -1.85 -1.16
CA SER B 188 64.87 -1.50 -2.15
C SER B 188 66.26 -1.88 -1.67
N TYR B 189 67.15 -2.14 -2.63
CA TYR B 189 68.52 -2.52 -2.33
C TYR B 189 69.50 -1.36 -2.40
N GLY B 190 69.18 -0.31 -3.15
CA GLY B 190 70.04 0.85 -3.25
C GLY B 190 71.32 0.56 -4.03
N ASN B 191 71.18 0.25 -5.31
CA ASN B 191 72.32 -0.08 -6.16
C ASN B 191 72.57 0.99 -7.22
N GLY B 192 71.92 2.15 -7.12
CA GLY B 192 72.14 3.22 -8.07
C GLY B 192 71.42 3.04 -9.39
N ASN B 193 72.18 2.72 -10.44
CA ASN B 193 71.61 2.58 -11.77
C ASN B 193 70.66 1.37 -11.82
N GLU B 194 71.19 0.19 -11.54
CA GLU B 194 70.36 -1.02 -11.56
C GLU B 194 69.43 -1.04 -10.36
N LYS B 195 68.17 -1.42 -10.60
CA LYS B 195 67.15 -1.46 -9.56
C LYS B 195 67.04 -2.89 -9.04
N GLN B 196 67.48 -3.10 -7.81
CA GLN B 196 67.39 -4.39 -7.14
C GLN B 196 66.51 -4.27 -5.91
N GLU B 197 65.84 -5.37 -5.55
CA GLU B 197 64.86 -5.36 -4.47
C GLU B 197 65.07 -6.55 -3.56
N ILE B 198 64.74 -6.36 -2.28
CA ILE B 198 64.81 -7.40 -1.27
C ILE B 198 63.40 -7.90 -0.98
N LEU B 199 63.24 -9.21 -0.83
CA LEU B 199 61.95 -9.83 -0.59
C LEU B 199 61.95 -10.56 0.74
N PHE B 200 60.90 -10.35 1.52
CA PHE B 200 60.70 -11.05 2.79
C PHE B 200 59.44 -11.90 2.69
N LEU B 201 59.36 -12.91 3.55
CA LEU B 201 58.23 -13.82 3.58
C LEU B 201 57.93 -14.23 5.01
N GLU B 202 56.66 -14.14 5.41
CA GLU B 202 56.20 -14.59 6.71
C GLU B 202 55.22 -15.73 6.51
N ILE B 203 55.42 -16.81 7.28
CA ILE B 203 54.59 -18.02 7.15
C ILE B 203 54.16 -18.45 8.54
N TRP B 204 52.85 -18.61 8.73
CA TRP B 204 52.27 -19.14 9.96
C TRP B 204 51.64 -20.49 9.65
N THR B 205 52.14 -21.54 10.29
CA THR B 205 51.64 -22.90 10.09
C THR B 205 51.01 -23.42 11.38
N ASN B 206 50.13 -24.41 11.22
CA ASN B 206 49.39 -24.97 12.34
C ASN B 206 50.14 -26.10 13.04
N GLY B 207 51.43 -26.28 12.75
CA GLY B 207 52.24 -27.28 13.40
C GLY B 207 52.43 -28.56 12.61
N SER B 208 51.59 -28.80 11.61
CA SER B 208 51.72 -30.03 10.83
C SER B 208 53.01 -30.04 10.00
N LEU B 209 53.52 -28.87 9.64
CA LEU B 209 54.75 -28.78 8.88
C LEU B 209 55.39 -27.43 9.12
N THR B 210 56.72 -27.41 9.14
CA THR B 210 57.47 -26.19 9.40
C THR B 210 57.32 -25.23 8.22
N PRO B 211 57.52 -23.92 8.45
CA PRO B 211 57.41 -22.96 7.34
C PRO B 211 58.37 -23.22 6.20
N LYS B 212 59.55 -23.78 6.49
CA LYS B 212 60.49 -24.09 5.41
C LYS B 212 59.94 -25.19 4.50
N GLU B 213 59.36 -26.24 5.10
CA GLU B 213 58.75 -27.30 4.30
C GLU B 213 57.56 -26.78 3.52
N ALA B 214 56.77 -25.88 4.11
CA ALA B 214 55.65 -25.29 3.38
C ALA B 214 56.15 -24.47 2.20
N LEU B 215 57.24 -23.73 2.38
CA LEU B 215 57.82 -22.95 1.29
C LEU B 215 58.28 -23.87 0.16
N HIS B 216 59.02 -24.93 0.50
CA HIS B 216 59.49 -25.86 -0.51
C HIS B 216 58.32 -26.52 -1.24
N GLU B 217 57.27 -26.89 -0.49
CA GLU B 217 56.13 -27.56 -1.11
C GLU B 217 55.37 -26.61 -2.03
N ALA B 218 55.22 -25.34 -1.64
CA ALA B 218 54.57 -24.38 -2.51
C ALA B 218 55.37 -24.15 -3.78
N SER B 219 56.70 -24.09 -3.66
CA SER B 219 57.54 -23.95 -4.84
C SER B 219 57.38 -25.14 -5.77
N ARG B 220 57.36 -26.36 -5.20
CA ARG B 220 57.21 -27.56 -6.03
C ARG B 220 55.83 -27.58 -6.70
N ASN B 221 54.79 -27.14 -6.00
CA ASN B 221 53.46 -27.09 -6.59
C ASN B 221 53.39 -26.09 -7.73
N LEU B 222 54.01 -24.92 -7.55
CA LEU B 222 54.05 -23.93 -8.63
C LEU B 222 54.80 -24.47 -9.84
N ILE B 223 55.91 -25.17 -9.61
CA ILE B 223 56.67 -25.76 -10.72
C ILE B 223 55.83 -26.82 -11.42
N ASP B 224 55.10 -27.63 -10.66
CA ASP B 224 54.24 -28.64 -11.27
C ASP B 224 53.10 -28.00 -12.07
N LEU B 225 52.61 -26.84 -11.64
CA LEU B 225 51.57 -26.17 -12.39
C LEU B 225 52.11 -25.53 -13.66
N PHE B 226 53.36 -25.06 -13.64
CA PHE B 226 53.94 -24.42 -14.82
C PHE B 226 54.60 -25.41 -15.77
N ILE B 227 54.82 -26.65 -15.35
CA ILE B 227 55.46 -27.64 -16.22
C ILE B 227 54.64 -27.97 -17.46
N PRO B 228 53.34 -28.24 -17.38
CA PRO B 228 52.63 -28.80 -18.56
C PRO B 228 52.68 -27.92 -19.80
N PHE B 229 52.99 -26.63 -19.67
CA PHE B 229 53.10 -25.78 -20.86
C PHE B 229 54.30 -26.14 -21.72
N LEU B 230 55.26 -26.89 -21.17
CA LEU B 230 56.46 -27.28 -21.92
C LEU B 230 56.34 -28.68 -22.53
N HIS B 231 55.24 -29.38 -22.31
CA HIS B 231 55.05 -30.68 -22.92
C HIS B 231 54.74 -30.53 -24.41
N MET B 232 54.64 -31.67 -25.08
CA MET B 232 54.29 -31.68 -26.50
C MET B 232 52.82 -31.31 -26.69
N GLU B 233 52.56 -30.48 -27.69
CA GLU B 233 51.20 -30.02 -27.95
C GLU B 233 50.31 -31.19 -28.36
N GLU B 234 49.17 -31.31 -27.69
CA GLU B 234 48.25 -32.42 -27.92
C GLU B 234 47.28 -32.10 -29.05
N ASP B 235 46.92 -33.13 -29.80
CA ASP B 235 45.97 -32.99 -30.90
C ASP B 235 44.91 -34.08 -30.85
N THR B 245 48.47 -44.73 -27.82
CA THR B 245 47.72 -43.50 -27.55
C THR B 245 47.47 -43.34 -26.06
N VAL B 246 47.70 -44.39 -25.30
CA VAL B 246 47.51 -44.36 -23.85
C VAL B 246 48.66 -43.58 -23.22
N PRO B 247 48.39 -42.62 -22.35
CA PRO B 247 49.47 -41.85 -21.72
C PRO B 247 50.30 -42.71 -20.79
N LEU B 248 51.41 -42.14 -20.32
CA LEU B 248 52.34 -42.79 -19.41
C LEU B 248 52.89 -44.08 -20.01
N SER B 249 53.19 -44.05 -21.31
CA SER B 249 53.75 -45.19 -22.02
C SER B 249 54.89 -44.71 -22.91
N PRO B 250 56.06 -45.33 -22.83
CA PRO B 250 57.19 -44.90 -23.69
C PRO B 250 56.98 -45.21 -25.16
N PHE B 251 56.07 -46.13 -25.50
CA PHE B 251 55.79 -46.49 -26.89
C PHE B 251 54.52 -45.82 -27.40
N THR B 252 54.26 -44.58 -26.97
CA THR B 252 53.06 -43.88 -27.41
C THR B 252 53.14 -43.44 -28.86
N PHE B 253 54.33 -43.51 -29.48
CA PHE B 253 54.49 -43.12 -30.87
C PHE B 253 54.51 -44.30 -31.83
N HIS B 254 54.90 -45.49 -31.36
CA HIS B 254 54.97 -46.65 -32.24
C HIS B 254 53.57 -47.09 -32.66
N ASP B 255 52.73 -47.45 -31.69
CA ASP B 255 51.38 -47.91 -32.01
C ASP B 255 50.55 -46.81 -32.65
N LYS B 256 50.78 -45.56 -32.25
CA LYS B 256 50.04 -44.45 -32.84
C LYS B 256 50.32 -44.34 -34.34
N LEU B 257 51.60 -44.40 -34.72
CA LEU B 257 51.94 -44.35 -36.13
C LEU B 257 51.46 -45.61 -36.85
N ALA B 258 51.55 -46.76 -36.19
CA ALA B 258 51.12 -48.02 -36.81
C ALA B 258 49.63 -48.01 -37.13
N LYS B 259 48.82 -47.37 -36.27
CA LYS B 259 47.38 -47.33 -36.48
C LYS B 259 46.91 -46.12 -37.26
N LEU B 260 47.72 -45.06 -37.35
CA LEU B 260 47.28 -43.86 -38.07
C LEU B 260 47.06 -44.15 -39.55
N ILE B 261 48.03 -44.81 -40.19
CA ILE B 261 47.90 -45.14 -41.61
C ILE B 261 47.00 -46.33 -41.86
N LYS B 262 46.61 -47.07 -40.82
CA LYS B 262 45.79 -48.26 -40.99
C LYS B 262 44.31 -48.02 -40.73
N ASN B 263 43.97 -47.08 -39.84
CA ASN B 263 42.57 -46.87 -39.48
C ASN B 263 41.84 -46.03 -40.52
N LYS B 264 42.30 -44.81 -40.76
CA LYS B 264 41.61 -43.87 -41.62
C LYS B 264 42.44 -43.54 -42.84
N LYS B 265 41.76 -43.02 -43.87
CA LYS B 265 42.38 -42.62 -45.12
C LYS B 265 42.69 -41.12 -45.10
N LYS B 266 43.55 -40.71 -46.04
CA LYS B 266 43.94 -39.32 -46.24
C LYS B 266 44.81 -38.82 -45.08
N ILE B 267 45.07 -39.67 -44.10
CA ILE B 267 45.96 -39.30 -43.01
C ILE B 267 47.38 -39.81 -43.23
N ALA B 268 47.58 -40.78 -44.13
CA ALA B 268 48.93 -41.27 -44.42
C ALA B 268 49.79 -40.18 -45.02
N LEU B 269 49.19 -39.22 -45.73
CA LEU B 269 49.96 -38.10 -46.27
C LEU B 269 50.51 -37.21 -45.17
N LYS B 270 49.87 -37.19 -44.01
CA LYS B 270 50.37 -36.37 -42.91
C LYS B 270 51.65 -36.96 -42.33
N SER B 271 51.75 -38.29 -42.30
CA SER B 271 52.96 -38.93 -41.78
C SER B 271 54.16 -38.74 -42.68
N ILE B 272 53.95 -38.47 -43.96
CA ILE B 272 55.05 -38.26 -44.90
C ILE B 272 55.51 -36.81 -44.81
N PHE B 273 56.81 -36.61 -44.64
CA PHE B 273 57.39 -35.29 -44.53
C PHE B 273 58.25 -34.99 -45.74
N ILE B 274 58.62 -33.74 -45.87
CA ILE B 274 59.36 -33.32 -47.03
C ILE B 274 60.69 -33.99 -47.04
N ASP B 275 61.24 -34.24 -45.88
CA ASP B 275 62.59 -34.77 -45.87
C ASP B 275 62.74 -36.11 -46.55
N GLN B 276 61.78 -36.98 -46.35
CA GLN B 276 61.88 -38.29 -46.94
C GLN B 276 61.86 -38.21 -48.46
N SER B 277 61.04 -37.33 -49.01
CA SER B 277 60.97 -37.14 -50.45
C SER B 277 62.26 -36.49 -50.94
N GLU B 278 63.07 -37.23 -51.67
CA GLU B 278 64.36 -36.70 -52.10
C GLU B 278 64.18 -35.34 -52.79
N LEU B 279 64.89 -34.35 -52.28
CA LEU B 279 64.82 -32.99 -52.79
C LEU B 279 66.17 -32.33 -52.63
N PRO B 280 66.54 -31.42 -53.54
CA PRO B 280 67.76 -30.63 -53.33
C PRO B 280 67.67 -29.79 -52.07
N SER B 281 68.84 -29.40 -51.56
CA SER B 281 68.88 -28.67 -50.30
C SER B 281 68.21 -27.31 -50.42
N ARG B 282 68.31 -26.66 -51.59
CA ARG B 282 67.75 -25.33 -51.77
C ARG B 282 66.23 -25.36 -51.61
N ILE B 283 65.56 -26.21 -52.38
CA ILE B 283 64.10 -26.30 -52.30
C ILE B 283 63.68 -26.74 -50.90
N TYR B 284 64.43 -27.66 -50.29
CA TYR B 284 64.08 -28.15 -48.97
C TYR B 284 64.10 -27.03 -47.94
N ASN B 285 65.21 -26.30 -47.85
CA ASN B 285 65.30 -25.24 -46.86
C ASN B 285 64.38 -24.06 -47.18
N CYS B 286 64.09 -23.84 -48.47
CA CYS B 286 63.12 -22.78 -48.80
C CYS B 286 61.72 -23.15 -48.35
N LEU B 287 61.32 -24.41 -48.56
CA LEU B 287 60.02 -24.85 -48.06
C LEU B 287 59.98 -24.88 -46.54
N LYS B 288 61.12 -25.15 -45.90
CA LYS B 288 61.16 -25.13 -44.45
C LYS B 288 61.01 -23.71 -43.92
N MET B 289 61.64 -22.73 -44.58
CA MET B 289 61.47 -21.34 -44.18
C MET B 289 60.07 -20.81 -44.48
N SER B 290 59.32 -21.48 -45.35
CA SER B 290 57.96 -21.09 -45.70
C SER B 290 56.90 -21.78 -44.85
N ASN B 291 57.30 -22.34 -43.70
CA ASN B 291 56.39 -23.02 -42.77
C ASN B 291 55.68 -24.20 -43.43
N ILE B 292 56.36 -24.88 -44.34
CA ILE B 292 55.85 -26.08 -44.98
C ILE B 292 56.69 -27.25 -44.49
N TYR B 293 56.07 -28.16 -43.73
CA TYR B 293 56.79 -29.26 -43.11
C TYR B 293 56.35 -30.64 -43.58
N THR B 294 55.11 -30.81 -44.03
CA THR B 294 54.59 -32.11 -44.39
C THR B 294 54.17 -32.11 -45.85
N LEU B 295 53.96 -33.32 -46.39
CA LEU B 295 53.56 -33.45 -47.79
C LEU B 295 52.13 -32.94 -48.01
N LEU B 296 51.25 -33.10 -47.02
CA LEU B 296 49.90 -32.60 -47.16
C LEU B 296 49.88 -31.08 -47.25
N ASP B 297 50.76 -30.40 -46.52
CA ASP B 297 50.86 -28.96 -46.62
C ASP B 297 51.39 -28.54 -47.99
N LEU B 298 52.29 -29.33 -48.57
CA LEU B 298 52.78 -29.03 -49.91
C LEU B 298 51.71 -29.29 -50.97
N LEU B 299 50.79 -30.22 -50.69
CA LEU B 299 49.69 -30.47 -51.60
C LEU B 299 48.55 -29.46 -51.44
N ASN B 300 48.44 -28.82 -50.27
CA ASN B 300 47.34 -27.90 -50.03
C ASN B 300 47.49 -26.62 -50.86
N ASN B 301 48.68 -26.04 -50.90
CA ASN B 301 48.89 -24.81 -51.65
C ASN B 301 49.09 -25.12 -53.12
N SER B 302 48.48 -24.31 -53.97
CA SER B 302 48.53 -24.52 -55.41
C SER B 302 49.90 -24.10 -55.95
N GLN B 303 50.09 -24.29 -57.26
CA GLN B 303 51.35 -23.95 -57.89
C GLN B 303 51.62 -22.45 -57.90
N GLU B 304 50.56 -21.63 -57.78
CA GLU B 304 50.76 -20.18 -57.76
C GLU B 304 51.39 -19.72 -56.46
N ASP B 305 51.11 -20.42 -55.35
CA ASP B 305 51.66 -20.01 -54.06
C ASP B 305 53.17 -20.25 -53.98
N LEU B 306 53.68 -21.21 -54.75
CA LEU B 306 55.10 -21.50 -54.74
C LEU B 306 55.95 -20.42 -55.41
N MET B 307 55.32 -19.38 -55.96
CA MET B 307 56.05 -18.31 -56.60
C MET B 307 56.23 -17.09 -55.71
N LYS B 308 55.33 -16.86 -54.76
CA LYS B 308 55.45 -15.71 -53.87
C LYS B 308 56.65 -15.83 -52.95
N ILE B 309 57.06 -17.05 -52.62
CA ILE B 309 58.23 -17.24 -51.77
C ILE B 309 59.48 -16.82 -52.52
N GLU B 310 60.35 -16.06 -51.85
CA GLU B 310 61.54 -15.54 -52.48
C GLU B 310 62.55 -16.66 -52.74
N HIS B 311 63.55 -16.35 -53.57
CA HIS B 311 64.64 -17.26 -53.89
C HIS B 311 64.12 -18.56 -54.53
N PHE B 312 63.12 -18.42 -55.39
CA PHE B 312 62.56 -19.55 -56.11
C PHE B 312 62.52 -19.25 -57.61
N ARG B 313 62.42 -20.32 -58.39
CA ARG B 313 62.41 -20.21 -59.86
C ARG B 313 61.23 -20.98 -60.44
N SER B 314 61.23 -21.16 -61.76
CA SER B 314 60.19 -21.94 -62.43
C SER B 314 60.58 -23.38 -62.68
N GLU B 315 61.87 -23.71 -62.64
CA GLU B 315 62.31 -25.07 -62.92
C GLU B 315 62.13 -25.98 -61.70
N ASP B 316 62.36 -25.45 -60.49
CA ASP B 316 62.18 -26.26 -59.29
C ASP B 316 60.72 -26.66 -59.10
N VAL B 317 59.79 -25.86 -59.62
CA VAL B 317 58.38 -26.26 -59.61
C VAL B 317 58.19 -27.50 -60.46
N LYS B 318 58.80 -27.53 -61.65
CA LYS B 318 58.74 -28.73 -62.48
C LYS B 318 59.40 -29.92 -61.79
N ARG B 319 60.51 -29.66 -61.07
CA ARG B 319 61.20 -30.74 -60.36
C ARG B 319 60.31 -31.35 -59.27
N ILE B 320 59.71 -30.50 -58.45
CA ILE B 320 58.87 -31.00 -57.36
C ILE B 320 57.63 -31.68 -57.93
N LEU B 321 57.07 -31.15 -59.02
CA LEU B 321 55.92 -31.80 -59.64
C LEU B 321 56.29 -33.17 -60.19
N GLY B 322 57.46 -33.29 -60.81
CA GLY B 322 57.89 -34.57 -61.34
C GLY B 322 58.15 -35.59 -60.25
N ILE B 323 58.81 -35.18 -59.17
CA ILE B 323 59.08 -36.14 -58.11
C ILE B 323 57.79 -36.49 -57.36
N LEU B 324 56.81 -35.58 -57.34
CA LEU B 324 55.51 -35.90 -56.76
C LEU B 324 54.76 -36.90 -57.62
N GLU B 325 54.79 -36.72 -58.94
CA GLU B 325 54.17 -37.71 -59.83
C GLU B 325 54.88 -39.05 -59.76
N LYS B 326 56.19 -39.04 -59.47
CA LYS B 326 56.91 -40.30 -59.32
C LYS B 326 56.55 -40.97 -58.00
N TYR B 327 56.39 -40.18 -56.93
CA TYR B 327 56.08 -40.76 -55.63
C TYR B 327 54.59 -41.04 -55.47
N PHE B 328 53.75 -40.06 -55.78
CA PHE B 328 52.31 -40.17 -55.63
C PHE B 328 51.64 -40.25 -56.99
N VAL B 329 50.37 -40.66 -56.98
CA VAL B 329 49.62 -40.79 -58.23
C VAL B 329 49.25 -39.41 -58.79
N ILE B 330 48.52 -38.62 -58.00
CA ILE B 330 48.07 -37.30 -58.42
C ILE B 330 48.22 -36.34 -57.23
N ASP B 331 47.83 -35.09 -57.45
CA ASP B 331 47.92 -34.06 -56.44
C ASP B 331 46.54 -33.57 -56.06
N LEU B 332 46.39 -33.14 -54.80
CA LEU B 332 45.09 -32.68 -54.32
C LEU B 332 44.75 -31.31 -54.88
N ALA B 333 45.58 -30.31 -54.59
CA ALA B 333 45.33 -28.94 -55.04
C ALA B 333 46.45 -28.38 -55.90
N LYS B 334 47.46 -29.18 -56.25
CA LYS B 334 48.55 -28.72 -57.08
C LYS B 334 48.29 -28.92 -58.57
N ASN B 335 47.06 -29.27 -58.95
CA ASN B 335 46.73 -29.45 -60.34
C ASN B 335 46.59 -28.10 -61.05
N LYS B 336 46.54 -28.16 -62.38
CA LYS B 336 46.41 -26.94 -63.17
C LYS B 336 45.00 -26.38 -63.04
N PHE B 337 44.91 -25.07 -62.81
CA PHE B 337 43.62 -24.41 -62.67
C PHE B 337 43.62 -23.04 -63.34
N ASN C 6 9.81 2.56 45.62
CA ASN C 6 10.95 3.44 45.88
C ASN C 6 12.13 3.10 44.97
N GLU C 7 12.07 1.92 44.35
CA GLU C 7 13.13 1.49 43.46
C GLU C 7 13.09 2.27 42.15
N GLY C 8 14.24 2.32 41.48
CA GLY C 8 14.37 3.01 40.21
C GLY C 8 14.92 4.42 40.31
N ILE C 9 15.09 4.95 41.52
CA ILE C 9 15.63 6.30 41.68
C ILE C 9 17.15 6.33 41.67
N SER C 10 17.81 5.22 41.99
CA SER C 10 19.26 5.14 42.00
C SER C 10 19.82 4.26 40.90
N THR C 11 19.01 3.38 40.30
CA THR C 11 19.47 2.49 39.25
C THR C 11 18.35 2.32 38.23
N ILE C 12 18.67 1.63 37.14
CA ILE C 12 17.70 1.40 36.08
C ILE C 12 16.68 0.36 36.54
N PRO C 13 15.39 0.62 36.44
CA PRO C 13 14.39 -0.35 36.90
C PRO C 13 14.38 -1.59 36.01
N GLY C 14 13.70 -2.62 36.51
CA GLY C 14 13.53 -3.83 35.73
C GLY C 14 12.63 -3.61 34.52
N PHE C 15 12.89 -4.37 33.46
CA PHE C 15 12.13 -4.23 32.24
C PHE C 15 10.73 -4.84 32.34
N ASN C 16 10.46 -5.63 33.37
CA ASN C 16 9.17 -6.27 33.55
C ASN C 16 8.45 -5.77 34.81
N GLN C 17 8.83 -4.60 35.33
CA GLN C 17 8.22 -4.10 36.55
C GLN C 17 6.81 -3.58 36.31
N ILE C 18 6.53 -3.06 35.11
CA ILE C 18 5.22 -2.50 34.81
C ILE C 18 4.14 -3.57 34.93
N GLN C 19 4.29 -4.65 34.16
CA GLN C 19 3.30 -5.72 34.20
C GLN C 19 3.28 -6.42 35.56
N PHE C 20 4.44 -6.51 36.23
CA PHE C 20 4.49 -7.09 37.56
C PHE C 20 3.60 -6.32 38.53
N GLU C 21 3.81 -5.00 38.63
CA GLU C 21 3.02 -4.20 39.55
C GLU C 21 1.56 -4.13 39.10
N GLY C 22 1.30 -4.19 37.79
CA GLY C 22 -0.08 -4.20 37.33
C GLY C 22 -0.83 -5.45 37.78
N PHE C 23 -0.20 -6.62 37.60
CA PHE C 23 -0.83 -7.86 38.04
C PHE C 23 -0.97 -7.90 39.56
N CYS C 24 0.01 -7.35 40.28
CA CYS C 24 -0.10 -7.31 41.73
C CYS C 24 -1.27 -6.43 42.17
N ARG C 25 -1.38 -5.24 41.58
CA ARG C 25 -2.50 -4.35 41.89
C ARG C 25 -3.84 -5.02 41.56
N PHE C 26 -3.90 -5.71 40.42
CA PHE C 26 -5.12 -6.44 40.05
C PHE C 26 -5.48 -7.46 41.13
N ILE C 27 -4.61 -8.44 41.34
CA ILE C 27 -4.90 -9.51 42.30
C ILE C 27 -5.02 -8.99 43.73
N ASP C 28 -4.65 -7.74 43.98
CA ASP C 28 -4.80 -7.16 45.31
C ASP C 28 -6.16 -6.49 45.49
N GLN C 29 -6.59 -5.68 44.53
CA GLN C 29 -7.79 -4.87 44.74
C GLN C 29 -8.91 -5.12 43.74
N GLY C 30 -8.61 -5.47 42.49
CA GLY C 30 -9.65 -5.53 41.48
C GLY C 30 -10.63 -6.66 41.70
N LEU C 31 -10.14 -7.81 42.16
CA LEU C 31 -11.03 -8.94 42.44
C LEU C 31 -12.05 -8.58 43.52
N THR C 32 -11.59 -7.93 44.60
CA THR C 32 -12.51 -7.52 45.64
C THR C 32 -13.46 -6.43 45.16
N GLU C 33 -12.94 -5.49 44.36
CA GLU C 33 -13.79 -4.42 43.84
C GLU C 33 -14.90 -4.98 42.95
N GLU C 34 -14.59 -6.03 42.19
CA GLU C 34 -15.61 -6.65 41.33
C GLU C 34 -16.55 -7.54 42.11
N LEU C 35 -16.06 -8.22 43.14
CA LEU C 35 -16.94 -9.06 43.96
C LEU C 35 -17.88 -8.21 44.81
N TYR C 36 -17.49 -6.97 45.13
CA TYR C 36 -18.37 -6.11 45.92
C TYR C 36 -19.58 -5.67 45.11
N LYS C 37 -19.41 -5.40 43.82
CA LYS C 37 -20.51 -4.96 42.98
C LYS C 37 -21.34 -6.13 42.43
N PHE C 38 -21.11 -7.35 42.91
CA PHE C 38 -21.90 -8.49 42.46
C PHE C 38 -23.30 -8.40 43.06
N PRO C 39 -24.35 -8.61 42.27
CA PRO C 39 -25.71 -8.50 42.81
C PRO C 39 -26.06 -9.71 43.67
N LYS C 40 -27.14 -9.56 44.43
CA LYS C 40 -27.64 -10.59 45.32
C LYS C 40 -28.92 -11.19 44.76
N ILE C 41 -28.95 -12.51 44.64
CA ILE C 41 -30.10 -13.24 44.14
C ILE C 41 -30.83 -13.86 45.32
N GLU C 42 -32.08 -13.46 45.52
CA GLU C 42 -32.90 -13.94 46.64
C GLU C 42 -34.11 -14.67 46.08
N ASP C 43 -34.12 -15.99 46.25
CA ASP C 43 -35.21 -16.84 45.78
C ASP C 43 -35.13 -18.18 46.50
N THR C 44 -35.90 -19.15 46.04
CA THR C 44 -35.92 -20.51 46.58
C THR C 44 -36.24 -20.48 48.08
N ASP C 45 -37.46 -20.03 48.38
CA ASP C 45 -37.89 -19.87 49.77
C ASP C 45 -37.83 -21.21 50.52
N GLN C 46 -38.52 -22.22 50.00
CA GLN C 46 -38.52 -23.53 50.64
C GLN C 46 -37.15 -24.20 50.62
N GLU C 47 -36.26 -23.77 49.73
CA GLU C 47 -34.94 -24.36 49.59
C GLU C 47 -33.91 -23.59 50.41
N ILE C 48 -32.76 -24.23 50.59
CA ILE C 48 -31.64 -23.63 51.32
C ILE C 48 -30.62 -23.12 50.31
N GLU C 49 -30.31 -21.82 50.39
CA GLU C 49 -29.36 -21.19 49.48
C GLU C 49 -28.58 -20.14 50.26
N PHE C 50 -27.88 -19.28 49.54
CA PHE C 50 -27.11 -18.20 50.15
C PHE C 50 -26.85 -17.14 49.09
N GLN C 51 -26.15 -16.07 49.49
CA GLN C 51 -25.77 -14.99 48.61
C GLN C 51 -24.25 -14.95 48.47
N LEU C 52 -23.77 -13.92 47.78
CA LEU C 52 -22.34 -13.76 47.53
C LEU C 52 -21.75 -12.84 48.60
N PHE C 53 -21.08 -13.45 49.58
CA PHE C 53 -20.42 -12.71 50.65
C PHE C 53 -18.93 -12.69 50.37
N VAL C 54 -18.37 -11.48 50.23
CA VAL C 54 -16.93 -11.33 49.93
C VAL C 54 -16.22 -11.29 51.28
N GLU C 55 -16.09 -12.46 51.89
CA GLU C 55 -15.41 -12.58 53.17
C GLU C 55 -14.28 -13.60 53.12
N THR C 56 -14.44 -14.69 52.37
CA THR C 56 -13.40 -15.70 52.29
C THR C 56 -12.27 -15.25 51.36
N TYR C 57 -12.57 -15.13 50.07
CA TYR C 57 -11.64 -14.60 49.08
C TYR C 57 -10.30 -15.34 49.13
N GLN C 58 -10.34 -16.63 48.81
CA GLN C 58 -9.16 -17.48 48.85
C GLN C 58 -8.80 -17.95 47.45
N LEU C 59 -7.53 -17.79 47.10
CA LEU C 59 -6.99 -18.29 45.83
C LEU C 59 -5.96 -19.37 46.14
N VAL C 60 -6.12 -20.53 45.51
CA VAL C 60 -5.27 -21.69 45.76
C VAL C 60 -4.19 -21.78 44.68
N GLU C 61 -3.02 -22.27 45.07
CA GLU C 61 -1.92 -22.41 44.14
C GLU C 61 -2.25 -23.46 43.07
N PRO C 62 -1.68 -23.33 41.87
CA PRO C 62 -1.95 -24.32 40.81
C PRO C 62 -1.37 -25.68 41.17
N LEU C 63 -2.09 -26.73 40.82
CA LEU C 63 -1.55 -28.07 41.03
C LEU C 63 -0.51 -28.42 39.98
N ILE C 64 -0.76 -28.09 38.71
CA ILE C 64 0.19 -28.33 37.66
C ILE C 64 1.36 -27.37 37.70
N LYS C 65 2.49 -27.75 37.14
CA LYS C 65 3.60 -26.83 37.07
C LYS C 65 3.69 -26.17 35.71
N GLU C 66 4.53 -25.17 35.57
CA GLU C 66 4.64 -24.42 34.31
C GLU C 66 5.15 -25.31 33.19
N ARG C 67 6.16 -26.11 33.47
CA ARG C 67 6.72 -26.96 32.44
C ARG C 67 5.66 -27.90 31.99
N ASP C 68 4.92 -28.46 32.92
CA ASP C 68 3.92 -29.43 32.56
C ASP C 68 2.88 -28.80 31.72
N ALA C 69 2.47 -27.59 32.07
CA ALA C 69 1.38 -27.01 31.36
C ALA C 69 1.70 -26.83 29.92
N VAL C 70 2.89 -26.33 29.64
CA VAL C 70 3.21 -26.07 28.26
C VAL C 70 3.33 -27.37 27.51
N TYR C 71 3.88 -28.38 28.16
CA TYR C 71 4.08 -29.67 27.51
C TYR C 71 2.76 -30.28 27.14
N GLU C 72 1.78 -30.17 28.02
CA GLU C 72 0.50 -30.81 27.79
C GLU C 72 -0.55 -29.84 27.31
N SER C 73 -0.15 -28.64 26.94
CA SER C 73 -1.06 -27.63 26.43
C SER C 73 -2.25 -27.27 27.30
N LEU C 74 -2.02 -27.12 28.59
CA LEU C 74 -3.08 -26.74 29.49
C LEU C 74 -2.74 -25.36 29.96
N THR C 75 -3.73 -24.54 30.26
CA THR C 75 -3.45 -23.23 30.82
C THR C 75 -2.98 -23.31 32.27
N TYR C 76 -2.08 -22.41 32.67
CA TYR C 76 -1.54 -22.42 34.01
C TYR C 76 -2.39 -21.42 34.67
N SER C 77 -3.06 -21.81 35.73
CA SER C 77 -3.98 -20.89 36.32
C SER C 77 -4.18 -21.27 37.73
N SER C 78 -4.87 -20.41 38.44
CA SER C 78 -5.03 -20.61 39.88
C SER C 78 -6.51 -20.74 40.22
N GLU C 79 -6.82 -21.60 41.18
CA GLU C 79 -8.19 -21.84 41.58
C GLU C 79 -8.71 -20.72 42.48
N LEU C 80 -10.03 -20.59 42.52
CA LEU C 80 -10.71 -19.58 43.33
C LEU C 80 -11.81 -20.26 44.14
N TYR C 81 -11.63 -20.31 45.46
CA TYR C 81 -12.59 -20.92 46.37
C TYR C 81 -13.08 -19.83 47.33
N VAL C 82 -14.35 -19.47 47.22
CA VAL C 82 -14.98 -18.50 48.11
C VAL C 82 -16.10 -19.20 48.86
N SER C 83 -16.14 -19.00 50.18
CA SER C 83 -17.23 -19.54 51.00
C SER C 83 -18.28 -18.45 51.21
N ALA C 84 -19.03 -18.21 50.13
CA ALA C 84 -20.03 -17.15 50.11
C ALA C 84 -21.33 -17.69 50.70
N GLY C 85 -21.44 -17.62 52.02
CA GLY C 85 -22.66 -18.01 52.70
C GLY C 85 -23.07 -17.01 53.75
N LEU C 86 -24.26 -16.42 53.59
CA LEU C 86 -24.79 -15.46 54.55
C LEU C 86 -25.98 -16.00 55.31
N ILE C 87 -27.06 -16.34 54.61
CA ILE C 87 -28.29 -16.84 55.24
C ILE C 87 -29.15 -17.45 54.16
N TRP C 88 -30.02 -18.39 54.56
CA TRP C 88 -30.92 -19.03 53.63
C TRP C 88 -32.07 -18.09 53.28
N LYS C 89 -32.98 -18.56 52.42
CA LYS C 89 -34.12 -17.76 52.01
C LYS C 89 -35.19 -17.72 53.09
N ASN C 90 -35.70 -18.90 53.49
CA ASN C 90 -36.72 -18.99 54.53
C ASN C 90 -36.40 -20.02 55.61
N SER C 91 -35.37 -20.84 55.43
CA SER C 91 -35.03 -21.85 56.42
C SER C 91 -34.47 -21.26 57.71
N ARG C 92 -34.12 -19.97 57.71
CA ARG C 92 -33.58 -19.27 58.89
C ARG C 92 -32.30 -19.92 59.41
N ASP C 93 -31.60 -20.68 58.57
CA ASP C 93 -30.35 -21.33 58.95
C ASP C 93 -29.30 -21.01 57.90
N MET C 94 -28.16 -20.50 58.34
CA MET C 94 -27.08 -20.15 57.42
C MET C 94 -26.42 -21.41 56.91
N GLN C 95 -26.43 -21.59 55.59
CA GLN C 95 -25.80 -22.73 54.93
C GLN C 95 -24.64 -22.19 54.09
N GLU C 96 -23.46 -22.14 54.70
CA GLU C 96 -22.26 -21.59 54.07
C GLU C 96 -21.42 -22.74 53.53
N GLN C 97 -21.17 -22.72 52.22
CA GLN C 97 -20.37 -23.74 51.57
C GLN C 97 -19.36 -23.07 50.65
N THR C 98 -18.11 -23.52 50.72
CA THR C 98 -17.03 -22.96 49.89
C THR C 98 -17.24 -23.42 48.45
N ILE C 99 -17.77 -22.53 47.62
CA ILE C 99 -18.05 -22.85 46.22
C ILE C 99 -16.85 -22.48 45.37
N PHE C 100 -16.62 -23.28 44.32
CA PHE C 100 -15.53 -23.07 43.38
C PHE C 100 -16.06 -22.29 42.18
N ILE C 101 -15.71 -21.01 42.11
CA ILE C 101 -16.25 -20.15 41.07
C ILE C 101 -15.56 -20.42 39.74
N GLY C 102 -14.25 -20.54 39.74
CA GLY C 102 -13.53 -20.77 38.50
C GLY C 102 -12.03 -20.66 38.70
N ASN C 103 -11.32 -20.42 37.60
CA ASN C 103 -9.88 -20.32 37.58
C ASN C 103 -9.44 -18.96 37.06
N ILE C 104 -8.44 -18.39 37.68
CA ILE C 104 -7.89 -17.08 37.33
C ILE C 104 -6.47 -17.28 36.82
N PRO C 105 -6.13 -16.78 35.63
CA PRO C 105 -4.79 -17.00 35.10
C PRO C 105 -3.74 -16.26 35.92
N LEU C 106 -2.57 -16.89 36.04
CA LEU C 106 -1.45 -16.32 36.78
C LEU C 106 -0.40 -15.79 35.81
N MET C 107 0.27 -14.71 36.21
CA MET C 107 1.32 -14.10 35.42
C MET C 107 2.68 -14.52 35.95
N ASN C 108 3.62 -14.76 35.04
CA ASN C 108 4.98 -15.06 35.43
C ASN C 108 5.68 -13.80 35.91
N SER C 109 6.90 -13.97 36.40
CA SER C 109 7.70 -12.83 36.83
C SER C 109 8.09 -11.95 35.64
N LEU C 110 8.13 -12.53 34.44
CA LEU C 110 8.48 -11.77 33.25
C LEU C 110 7.29 -11.07 32.62
N GLY C 111 6.06 -11.51 32.94
CA GLY C 111 4.86 -10.88 32.44
C GLY C 111 4.03 -11.71 31.48
N THR C 112 4.49 -12.91 31.14
CA THR C 112 3.79 -13.75 30.17
C THR C 112 2.85 -14.71 30.87
N SER C 113 1.66 -14.90 30.32
CA SER C 113 0.72 -15.83 30.90
C SER C 113 0.63 -16.95 29.91
N ILE C 114 0.62 -18.19 30.38
CA ILE C 114 0.50 -19.34 29.49
C ILE C 114 -0.93 -19.81 29.42
N VAL C 115 -1.60 -19.58 28.29
CA VAL C 115 -2.97 -20.02 28.13
C VAL C 115 -3.02 -21.04 27.03
N ASN C 116 -3.49 -22.25 27.33
CA ASN C 116 -3.55 -23.33 26.37
C ASN C 116 -2.22 -23.65 25.76
N GLY C 117 -1.16 -23.56 26.55
CA GLY C 117 0.16 -23.88 26.06
C GLY C 117 0.87 -22.81 25.26
N ILE C 118 0.28 -21.64 25.12
CA ILE C 118 0.87 -20.61 24.32
C ILE C 118 1.24 -19.40 25.14
N TYR C 119 2.50 -19.01 25.13
CA TYR C 119 2.93 -17.82 25.85
C TYR C 119 2.28 -16.59 25.23
N ARG C 120 1.53 -15.84 26.04
CA ARG C 120 0.85 -14.65 25.57
C ARG C 120 1.18 -13.46 26.47
N ILE C 121 1.15 -12.28 25.86
CA ILE C 121 1.47 -11.03 26.54
C ILE C 121 0.27 -10.10 26.40
N VAL C 122 0.23 -9.09 27.28
CA VAL C 122 -0.82 -8.08 27.26
C VAL C 122 -0.16 -6.73 27.04
N ILE C 123 -0.47 -6.09 25.91
CA ILE C 123 0.10 -4.82 25.54
C ILE C 123 -0.76 -3.69 26.08
N ASN C 124 -0.12 -2.66 26.63
CA ASN C 124 -0.82 -1.52 27.20
C ASN C 124 -1.51 -0.72 26.10
N GLN C 125 -2.36 0.21 26.52
CA GLN C 125 -3.16 1.02 25.61
C GLN C 125 -3.22 2.45 26.10
N ILE C 126 -3.26 3.39 25.16
CA ILE C 126 -3.33 4.82 25.44
C ILE C 126 -4.67 5.34 24.96
N LEU C 127 -5.33 6.15 25.79
CA LEU C 127 -6.60 6.77 25.41
C LEU C 127 -6.82 8.01 26.25
N GLN C 128 -7.75 8.85 25.80
CA GLN C 128 -8.01 10.10 26.49
C GLN C 128 -8.70 9.86 27.83
N SER C 129 -8.57 10.85 28.73
CA SER C 129 -9.10 10.83 30.08
C SER C 129 -10.39 11.64 30.16
N PRO C 130 -11.33 11.23 31.01
CA PRO C 130 -12.58 11.98 31.15
C PRO C 130 -12.34 13.37 31.71
N GLY C 131 -13.05 14.34 31.16
CA GLY C 131 -12.93 15.71 31.61
C GLY C 131 -13.39 16.68 30.54
N ILE C 132 -13.18 17.96 30.81
CA ILE C 132 -13.55 19.05 29.92
C ILE C 132 -12.28 19.57 29.25
N TYR C 133 -12.39 19.96 27.97
CA TYR C 133 -11.22 20.30 27.19
C TYR C 133 -11.24 21.69 26.57
N TYR C 134 -12.41 22.24 26.24
CA TYR C 134 -12.54 23.60 25.74
C TYR C 134 -11.72 23.81 24.46
N ARG C 135 -12.11 23.10 23.40
CA ARG C 135 -11.49 23.26 22.10
C ARG C 135 -12.15 24.42 21.36
N SER C 136 -11.32 25.28 20.77
CA SER C 136 -11.81 26.46 20.04
C SER C 136 -11.88 26.12 18.56
N GLU C 137 -13.05 25.66 18.13
CA GLU C 137 -13.25 25.32 16.72
C GLU C 137 -13.33 26.60 15.89
N LEU C 138 -12.57 26.65 14.80
CA LEU C 138 -12.53 27.83 13.96
C LEU C 138 -13.85 28.03 13.23
N ASP C 139 -14.38 29.24 13.28
CA ASP C 139 -15.66 29.57 12.65
C ASP C 139 -15.40 30.49 11.45
N HIS C 140 -16.13 30.22 10.35
CA HIS C 140 -15.96 31.02 9.14
C HIS C 140 -16.60 32.38 9.30
N ASN C 141 -17.75 32.46 9.95
CA ASN C 141 -18.48 33.71 10.15
C ASN C 141 -18.51 34.05 11.62
N GLY C 142 -18.24 35.31 11.95
CA GLY C 142 -18.26 35.76 13.33
C GLY C 142 -17.01 35.31 14.09
N ILE C 143 -17.11 35.40 15.41
CA ILE C 143 -15.99 35.00 16.26
C ILE C 143 -15.86 33.48 16.25
N SER C 144 -14.69 33.01 16.70
CA SER C 144 -14.44 31.58 16.75
C SER C 144 -15.34 30.91 17.78
N VAL C 145 -16.03 29.85 17.34
CA VAL C 145 -16.93 29.14 18.23
C VAL C 145 -16.12 28.30 19.22
N TYR C 146 -16.39 28.49 20.51
CA TYR C 146 -15.71 27.77 21.58
C TYR C 146 -16.61 26.62 22.04
N THR C 147 -16.21 25.39 21.72
CA THR C 147 -16.97 24.20 22.06
C THR C 147 -16.23 23.41 23.13
N GLY C 148 -16.91 23.14 24.25
CA GLY C 148 -16.33 22.37 25.33
C GLY C 148 -16.92 20.99 25.45
N THR C 149 -16.08 19.97 25.27
CA THR C 149 -16.53 18.58 25.27
C THR C 149 -16.23 17.95 26.62
N ILE C 150 -17.25 17.35 27.23
CA ILE C 150 -17.12 16.65 28.50
C ILE C 150 -17.10 15.16 28.20
N ILE C 151 -15.96 14.52 28.43
CA ILE C 151 -15.81 13.09 28.21
C ILE C 151 -16.11 12.36 29.51
N SER C 152 -16.82 11.23 29.41
CA SER C 152 -17.16 10.43 30.56
C SER C 152 -16.28 9.18 30.62
N ASP C 153 -16.53 8.34 31.63
CA ASP C 153 -15.74 7.12 31.78
C ASP C 153 -16.04 6.13 30.68
N TRP C 154 -17.29 6.07 30.21
CA TRP C 154 -17.66 5.15 29.15
C TRP C 154 -17.24 5.64 27.77
N GLY C 155 -17.27 6.95 27.55
CA GLY C 155 -16.87 7.51 26.28
C GLY C 155 -17.87 8.48 25.70
N GLY C 156 -18.85 8.91 26.51
CA GLY C 156 -19.84 9.84 26.04
C GLY C 156 -19.27 11.22 25.77
N ARG C 157 -19.98 11.97 24.92
CA ARG C 157 -19.56 13.31 24.54
C ARG C 157 -20.74 14.26 24.67
N SER C 158 -20.55 15.35 25.40
CA SER C 158 -21.55 16.40 25.56
C SER C 158 -20.87 17.74 25.36
N GLU C 159 -21.23 18.43 24.28
CA GLU C 159 -20.58 19.67 23.89
C GLU C 159 -21.46 20.87 24.24
N LEU C 160 -20.83 22.04 24.29
CA LEU C 160 -21.51 23.31 24.55
C LEU C 160 -20.95 24.35 23.60
N GLU C 161 -21.81 24.94 22.77
CA GLU C 161 -21.39 25.87 21.74
C GLU C 161 -21.62 27.31 22.17
N ILE C 162 -20.91 28.22 21.50
CA ILE C 162 -21.01 29.65 21.75
C ILE C 162 -20.94 30.37 20.41
N ASP C 163 -22.00 31.10 20.06
CA ASP C 163 -22.04 31.88 18.84
C ASP C 163 -21.62 33.32 19.13
N ARG C 164 -21.92 34.24 18.20
CA ARG C 164 -21.63 35.65 18.44
C ARG C 164 -22.39 36.16 19.66
N LYS C 165 -23.66 35.79 19.79
CA LYS C 165 -24.42 36.07 20.99
C LYS C 165 -24.07 35.04 22.05
N ALA C 166 -24.85 35.00 23.14
CA ALA C 166 -24.65 33.97 24.14
C ALA C 166 -24.87 32.59 23.53
N ARG C 167 -26.09 32.32 23.07
CA ARG C 167 -26.43 31.12 22.30
C ARG C 167 -25.85 29.85 22.93
N ILE C 168 -26.01 29.74 24.26
CA ILE C 168 -25.47 28.60 24.99
C ILE C 168 -26.38 27.41 24.70
N TRP C 169 -25.95 26.54 23.78
CA TRP C 169 -26.68 25.34 23.43
C TRP C 169 -25.78 24.12 23.60
N ALA C 170 -26.42 22.95 23.71
CA ALA C 170 -25.71 21.69 23.85
C ALA C 170 -25.86 20.86 22.58
N ARG C 171 -24.92 19.95 22.38
CA ARG C 171 -24.93 19.05 21.24
C ARG C 171 -25.37 17.64 21.60
N VAL C 172 -25.93 17.44 22.79
CA VAL C 172 -26.37 16.12 23.21
C VAL C 172 -27.58 15.68 22.39
N SER C 173 -28.50 16.60 22.11
CA SER C 173 -29.68 16.27 21.33
C SER C 173 -29.35 16.25 19.84
N ARG C 174 -30.31 15.75 19.06
CA ARG C 174 -30.11 15.69 17.61
C ARG C 174 -30.08 17.08 17.00
N LYS C 175 -30.91 18.00 17.52
CA LYS C 175 -30.94 19.35 17.00
C LYS C 175 -29.70 20.14 17.44
N GLN C 176 -29.47 21.26 16.76
CA GLN C 176 -28.31 22.09 17.09
C GLN C 176 -28.49 22.76 18.45
N LYS C 177 -29.70 23.21 18.76
CA LYS C 177 -30.00 23.87 20.02
C LYS C 177 -30.72 22.89 20.94
N ILE C 178 -30.07 22.52 22.05
CA ILE C 178 -30.63 21.58 22.99
C ILE C 178 -31.21 22.26 24.23
N SER C 179 -31.32 23.60 24.20
CA SER C 179 -31.90 24.37 25.30
C SER C 179 -31.14 24.12 26.61
N ILE C 180 -29.89 24.58 26.63
CA ILE C 180 -29.04 24.39 27.80
C ILE C 180 -29.66 25.01 29.04
N LEU C 181 -30.43 26.10 28.88
CA LEU C 181 -31.13 26.68 30.01
C LEU C 181 -32.20 25.72 30.54
N VAL C 182 -32.97 25.12 29.64
CA VAL C 182 -33.98 24.15 30.06
C VAL C 182 -33.31 22.90 30.63
N LEU C 183 -32.14 22.53 30.11
CA LEU C 183 -31.42 21.38 30.64
C LEU C 183 -30.94 21.64 32.06
N SER C 184 -30.46 22.86 32.32
CA SER C 184 -30.04 23.20 33.68
C SER C 184 -31.23 23.33 34.62
N SER C 185 -32.36 23.83 34.12
CA SER C 185 -33.55 23.94 34.96
C SER C 185 -34.11 22.56 35.31
N ALA C 186 -34.07 21.62 34.37
CA ALA C 186 -34.58 20.29 34.61
C ALA C 186 -33.68 19.49 35.55
N MET C 187 -32.44 19.94 35.76
CA MET C 187 -31.53 19.22 36.65
C MET C 187 -31.97 19.27 38.11
N GLY C 188 -32.81 20.24 38.48
CA GLY C 188 -33.29 20.38 39.83
C GLY C 188 -32.81 21.61 40.57
N LEU C 189 -32.04 22.47 39.92
CA LEU C 189 -31.56 23.69 40.55
C LEU C 189 -32.54 24.83 40.34
N ASN C 190 -32.69 25.67 41.36
CA ASN C 190 -33.59 26.81 41.26
C ASN C 190 -33.03 27.84 40.29
N LEU C 191 -33.93 28.55 39.61
CA LEU C 191 -33.50 29.55 38.63
C LEU C 191 -32.77 30.70 39.30
N ARG C 192 -33.26 31.14 40.46
CA ARG C 192 -32.60 32.22 41.18
C ARG C 192 -31.20 31.80 41.62
N GLU C 193 -31.07 30.61 42.20
CA GLU C 193 -29.75 30.12 42.57
C GLU C 193 -28.88 29.87 41.36
N ILE C 194 -29.48 29.50 40.22
CA ILE C 194 -28.72 29.29 39.00
C ILE C 194 -28.11 30.60 38.51
N LEU C 195 -28.89 31.68 38.51
CA LEU C 195 -28.37 32.97 38.07
C LEU C 195 -27.49 33.63 39.12
N GLU C 196 -27.60 33.24 40.39
CA GLU C 196 -26.78 33.82 41.44
C GLU C 196 -25.44 33.12 41.61
N ASN C 197 -25.37 31.82 41.28
CA ASN C 197 -24.13 31.08 41.49
C ASN C 197 -23.11 31.40 40.40
N VAL C 198 -23.55 31.42 39.14
CA VAL C 198 -22.64 31.65 38.03
C VAL C 198 -22.14 33.08 38.05
N CYS C 199 -20.86 33.27 37.74
CA CYS C 199 -20.29 34.60 37.65
C CYS C 199 -20.83 35.32 36.41
N TYR C 200 -20.77 36.66 36.46
CA TYR C 200 -21.29 37.52 35.41
C TYR C 200 -22.76 37.19 35.14
N PRO C 201 -23.66 37.48 36.09
CA PRO C 201 -25.06 37.09 35.91
C PRO C 201 -25.81 37.92 34.88
N GLU C 202 -25.20 38.99 34.35
CA GLU C 202 -25.88 39.81 33.36
C GLU C 202 -26.15 39.03 32.08
N ILE C 203 -25.11 38.43 31.50
CA ILE C 203 -25.27 37.66 30.28
C ILE C 203 -26.03 36.36 30.53
N PHE C 204 -26.01 35.86 31.77
CA PHE C 204 -26.79 34.66 32.09
C PHE C 204 -28.28 34.98 32.12
N LEU C 205 -28.66 36.11 32.73
CA LEU C 205 -30.07 36.50 32.75
C LEU C 205 -30.54 36.97 31.37
N SER C 206 -29.64 37.57 30.59
CA SER C 206 -30.01 37.99 29.24
C SER C 206 -30.27 36.80 28.34
N PHE C 207 -29.63 35.66 28.61
CA PHE C 207 -29.84 34.47 27.81
C PHE C 207 -31.17 33.83 28.18
N LEU C 208 -32.09 33.77 27.22
CA LEU C 208 -33.40 33.18 27.45
C LEU C 208 -33.70 32.10 26.42
N PHE C 251 -29.42 9.85 30.03
CA PHE C 251 -28.34 10.77 30.34
C PHE C 251 -27.55 10.30 31.57
N PHE C 252 -28.27 9.86 32.59
CA PHE C 252 -27.64 9.44 33.84
C PHE C 252 -26.98 8.07 33.74
N GLN C 253 -27.04 7.41 32.59
CA GLN C 253 -26.48 6.06 32.48
C GLN C 253 -24.97 6.08 32.31
N GLN C 254 -24.44 6.94 31.45
CA GLN C 254 -23.00 6.96 31.21
C GLN C 254 -22.43 8.37 31.30
N ARG C 255 -23.24 9.38 30.98
CA ARG C 255 -22.75 10.76 31.00
C ARG C 255 -22.46 11.21 32.43
N CYS C 256 -23.42 11.01 33.33
CA CYS C 256 -23.22 11.43 34.72
C CYS C 256 -22.24 10.52 35.45
N GLU C 257 -22.11 9.27 35.00
CA GLU C 257 -21.22 8.30 35.66
C GLU C 257 -19.78 8.58 35.25
N LEU C 258 -19.22 9.62 35.85
CA LEU C 258 -17.82 9.95 35.63
C LEU C 258 -16.92 9.04 36.46
N GLY C 259 -15.73 8.77 35.94
CA GLY C 259 -14.78 7.91 36.61
C GLY C 259 -14.09 8.61 37.76
N ARG C 260 -13.18 7.87 38.39
CA ARG C 260 -12.39 8.44 39.48
C ARG C 260 -11.41 9.48 38.95
N ILE C 261 -10.80 9.23 37.79
CA ILE C 261 -9.87 10.20 37.22
C ILE C 261 -10.61 11.37 36.59
N GLY C 262 -11.86 11.16 36.16
CA GLY C 262 -12.63 12.25 35.57
C GLY C 262 -12.93 13.33 36.58
N ARG C 263 -13.28 12.96 37.80
CA ARG C 263 -13.54 13.95 38.84
C ARG C 263 -12.29 14.76 39.14
N ARG C 264 -11.13 14.08 39.22
CA ARG C 264 -9.88 14.80 39.46
C ARG C 264 -9.56 15.76 38.33
N ASN C 265 -9.73 15.32 37.09
CA ASN C 265 -9.44 16.19 35.95
C ASN C 265 -10.39 17.37 35.90
N MET C 266 -11.66 17.16 36.27
CA MET C 266 -12.62 18.26 36.25
C MET C 266 -12.37 19.24 37.39
N ASN C 267 -11.93 18.75 38.55
CA ASN C 267 -11.59 19.65 39.64
C ASN C 267 -10.30 20.40 39.37
N ARG C 268 -9.39 19.82 38.58
CA ARG C 268 -8.14 20.49 38.26
C ARG C 268 -8.34 21.54 37.18
N ARG C 269 -9.04 21.19 36.10
CA ARG C 269 -9.29 22.15 35.03
C ARG C 269 -10.18 23.30 35.51
N LEU C 270 -11.24 22.98 36.24
CA LEU C 270 -12.10 24.00 36.80
C LEU C 270 -11.60 24.37 38.20
N ASN C 271 -12.41 25.13 38.95
CA ASN C 271 -12.02 25.58 40.27
C ASN C 271 -12.89 24.98 41.38
N LEU C 272 -13.52 23.84 41.12
CA LEU C 272 -14.37 23.21 42.11
C LEU C 272 -13.54 22.46 43.16
N ASP C 273 -14.14 22.27 44.33
CA ASP C 273 -13.52 21.55 45.43
C ASP C 273 -14.39 20.37 45.85
N ILE C 274 -15.01 19.71 44.88
CA ILE C 274 -15.85 18.54 45.16
C ILE C 274 -14.98 17.40 45.66
N PRO C 275 -15.36 16.70 46.73
CA PRO C 275 -14.54 15.61 47.24
C PRO C 275 -14.34 14.51 46.20
N GLN C 276 -13.26 13.75 46.38
CA GLN C 276 -12.92 12.69 45.43
C GLN C 276 -13.91 11.53 45.47
N ASN C 277 -14.63 11.35 46.58
CA ASN C 277 -15.58 10.24 46.68
C ASN C 277 -16.72 10.40 45.68
N ASN C 278 -17.15 11.64 45.45
CA ASN C 278 -18.23 11.89 44.49
C ASN C 278 -17.74 11.62 43.07
N THR C 279 -18.47 10.78 42.35
CA THR C 279 -18.13 10.42 40.98
C THR C 279 -19.30 10.65 40.03
N PHE C 280 -20.20 11.56 40.39
CA PHE C 280 -21.37 11.86 39.59
C PHE C 280 -21.30 13.30 39.08
N LEU C 281 -21.81 13.50 37.86
CA LEU C 281 -21.81 14.83 37.24
C LEU C 281 -22.86 15.69 37.91
N LEU C 282 -22.41 16.62 38.75
CA LEU C 282 -23.31 17.51 39.44
C LEU C 282 -23.72 18.68 38.55
N PRO C 283 -24.88 19.28 38.81
CA PRO C 283 -25.26 20.47 38.02
C PRO C 283 -24.29 21.63 38.17
N ARG C 284 -23.60 21.71 39.32
CA ARG C 284 -22.59 22.74 39.49
C ARG C 284 -21.45 22.56 38.48
N ASP C 285 -21.19 21.33 38.05
CA ASP C 285 -20.18 21.10 37.02
C ASP C 285 -20.58 21.77 35.71
N ILE C 286 -21.83 21.58 35.29
CA ILE C 286 -22.30 22.21 34.06
C ILE C 286 -22.34 23.72 34.21
N LEU C 287 -22.72 24.20 35.40
CA LEU C 287 -22.74 25.64 35.65
C LEU C 287 -21.33 26.24 35.49
N ALA C 288 -20.33 25.61 36.12
CA ALA C 288 -18.97 26.09 36.00
C ALA C 288 -18.43 25.94 34.59
N ALA C 289 -18.86 24.91 33.86
CA ALA C 289 -18.45 24.76 32.47
C ALA C 289 -18.97 25.90 31.62
N ALA C 290 -20.26 26.23 31.78
CA ALA C 290 -20.82 27.36 31.05
C ALA C 290 -20.16 28.66 31.44
N ASP C 291 -19.83 28.81 32.73
CA ASP C 291 -19.16 30.03 33.19
C ASP C 291 -17.79 30.18 32.55
N HIS C 292 -17.00 29.09 32.55
CA HIS C 292 -15.68 29.15 31.94
C HIS C 292 -15.77 29.36 30.44
N LEU C 293 -16.80 28.82 29.79
CA LEU C 293 -16.96 29.02 28.35
C LEU C 293 -17.29 30.47 28.03
N ILE C 294 -18.24 31.06 28.77
CA ILE C 294 -18.59 32.45 28.54
C ILE C 294 -17.46 33.39 28.96
N GLY C 295 -16.58 32.94 29.85
CA GLY C 295 -15.41 33.74 30.20
C GLY C 295 -14.34 33.67 29.12
N LEU C 296 -14.12 32.48 28.57
CA LEU C 296 -13.21 32.33 27.45
C LEU C 296 -13.69 33.10 26.24
N LYS C 297 -15.00 33.25 26.08
CA LYS C 297 -15.54 34.06 24.99
C LYS C 297 -15.06 35.51 25.09
N PHE C 298 -14.83 36.01 26.31
CA PHE C 298 -14.36 37.36 26.51
C PHE C 298 -12.84 37.47 26.58
N GLY C 299 -12.12 36.36 26.46
CA GLY C 299 -10.67 36.36 26.53
C GLY C 299 -10.08 35.84 27.81
N MET C 300 -10.89 35.51 28.80
CA MET C 300 -10.41 34.98 30.08
C MET C 300 -10.52 33.46 30.04
N GLY C 301 -9.48 32.81 29.54
CA GLY C 301 -9.47 31.36 29.46
C GLY C 301 -8.22 30.88 28.76
N ALA C 302 -8.08 29.55 28.74
CA ALA C 302 -6.94 28.91 28.11
C ALA C 302 -7.39 27.60 27.47
N LEU C 303 -7.06 27.41 26.20
CA LEU C 303 -7.42 26.19 25.50
C LEU C 303 -6.56 25.02 25.99
N ASP C 304 -6.98 23.81 25.62
CA ASP C 304 -6.27 22.60 26.00
C ASP C 304 -5.88 21.81 24.76
N ASP C 305 -4.84 21.00 24.91
CA ASP C 305 -4.31 20.16 23.84
C ASP C 305 -4.56 18.70 24.19
N MET C 306 -5.26 17.98 23.31
CA MET C 306 -5.56 16.58 23.55
C MET C 306 -4.36 15.67 23.34
N ASN C 307 -3.30 16.15 22.70
CA ASN C 307 -2.09 15.36 22.52
C ASN C 307 -1.21 15.35 23.77
N HIS C 308 -1.51 16.18 24.76
CA HIS C 308 -0.71 16.21 25.99
C HIS C 308 -0.94 14.94 26.79
N LEU C 309 0.16 14.39 27.32
CA LEU C 309 0.07 13.15 28.09
C LEU C 309 -0.74 13.29 29.36
N LYS C 310 -0.87 14.52 29.90
CA LYS C 310 -1.71 14.71 31.06
C LYS C 310 -3.19 14.57 30.73
N ASN C 311 -3.56 14.70 29.47
CA ASN C 311 -4.93 14.51 29.02
C ASN C 311 -5.23 13.08 28.59
N LYS C 312 -4.23 12.20 28.61
CA LYS C 312 -4.39 10.82 28.19
C LYS C 312 -4.08 9.88 29.35
N ARG C 313 -4.73 8.72 29.34
CA ARG C 313 -4.60 7.73 30.40
C ARG C 313 -4.05 6.43 29.81
N ILE C 314 -3.21 5.75 30.59
CA ILE C 314 -2.54 4.53 30.15
C ILE C 314 -3.22 3.34 30.84
N ARG C 315 -3.84 2.48 30.05
CA ARG C 315 -4.41 1.25 30.58
C ARG C 315 -3.34 0.16 30.66
N SER C 316 -3.55 -0.79 31.56
CA SER C 316 -2.58 -1.85 31.81
C SER C 316 -3.34 -3.17 31.86
N VAL C 317 -2.62 -4.25 32.20
CA VAL C 317 -3.22 -5.56 32.29
C VAL C 317 -4.25 -5.62 33.42
N ALA C 318 -4.06 -4.81 34.46
CA ALA C 318 -4.95 -4.83 35.60
C ALA C 318 -6.37 -4.42 35.21
N ASP C 319 -6.50 -3.33 34.44
CA ASP C 319 -7.82 -2.85 34.05
C ASP C 319 -8.53 -3.85 33.14
N LEU C 320 -7.80 -4.42 32.17
CA LEU C 320 -8.40 -5.39 31.27
C LEU C 320 -8.86 -6.63 32.03
N LEU C 321 -8.01 -7.15 32.93
CA LEU C 321 -8.40 -8.32 33.69
C LEU C 321 -9.57 -8.02 34.63
N GLN C 322 -9.63 -6.80 35.19
CA GLN C 322 -10.75 -6.44 36.04
C GLN C 322 -12.05 -6.37 35.25
N ASP C 323 -12.00 -5.80 34.03
CA ASP C 323 -13.20 -5.76 33.20
C ASP C 323 -13.65 -7.16 32.81
N GLN C 324 -12.69 -8.04 32.48
CA GLN C 324 -13.05 -9.41 32.14
C GLN C 324 -13.65 -10.13 33.35
N PHE C 325 -13.11 -9.89 34.54
CA PHE C 325 -13.68 -10.50 35.74
C PHE C 325 -15.09 -9.98 36.01
N GLY C 326 -15.33 -8.70 35.75
CA GLY C 326 -16.68 -8.17 35.90
C GLY C 326 -17.66 -8.80 34.94
N LEU C 327 -17.26 -8.96 33.68
CA LEU C 327 -18.13 -9.62 32.71
C LEU C 327 -18.38 -11.08 33.10
N ALA C 328 -17.35 -11.76 33.61
CA ALA C 328 -17.53 -13.14 34.06
C ALA C 328 -18.48 -13.21 35.25
N LEU C 329 -18.41 -12.24 36.15
CA LEU C 329 -19.34 -12.22 37.29
C LEU C 329 -20.76 -11.96 36.82
N VAL C 330 -20.94 -11.09 35.82
CA VAL C 330 -22.27 -10.87 35.26
C VAL C 330 -22.82 -12.17 34.67
N ARG C 331 -21.98 -12.87 33.89
CA ARG C 331 -22.41 -14.15 33.33
C ARG C 331 -22.73 -15.16 34.43
N LEU C 332 -21.96 -15.14 35.52
CA LEU C 332 -22.21 -16.07 36.61
C LEU C 332 -23.53 -15.76 37.31
N GLU C 333 -23.84 -14.48 37.48
CA GLU C 333 -25.13 -14.11 38.06
C GLU C 333 -26.27 -14.57 37.17
N ASN C 334 -26.14 -14.38 35.85
CA ASN C 334 -27.17 -14.86 34.93
C ASN C 334 -27.32 -16.39 35.03
N VAL C 335 -26.21 -17.11 35.10
CA VAL C 335 -26.26 -18.57 35.16
C VAL C 335 -26.92 -19.03 36.46
N VAL C 336 -26.57 -18.39 37.59
CA VAL C 336 -27.15 -18.83 38.85
C VAL C 336 -28.63 -18.46 38.92
N ARG C 337 -29.03 -17.35 38.30
CA ARG C 337 -30.46 -17.04 38.23
C ARG C 337 -31.21 -18.06 37.40
N GLY C 338 -30.65 -18.44 36.24
CA GLY C 338 -31.28 -19.46 35.42
C GLY C 338 -31.40 -20.80 36.13
N THR C 339 -30.34 -21.20 36.83
CA THR C 339 -30.39 -22.50 37.51
C THR C 339 -31.30 -22.45 38.74
N ILE C 340 -31.47 -21.28 39.35
CA ILE C 340 -32.46 -21.15 40.42
C ILE C 340 -33.87 -21.28 39.85
N CYS C 341 -34.14 -20.62 38.72
CA CYS C 341 -35.44 -20.74 38.08
C CYS C 341 -35.71 -22.16 37.62
N GLY C 342 -34.65 -22.91 37.29
CA GLY C 342 -34.83 -24.31 36.94
C GLY C 342 -35.02 -25.22 38.14
N ALA C 343 -34.33 -24.93 39.24
CA ALA C 343 -34.44 -25.76 40.44
C ALA C 343 -35.81 -25.58 41.10
N ILE C 344 -36.33 -24.36 41.10
CA ILE C 344 -37.67 -24.17 41.65
C ILE C 344 -38.71 -24.86 40.77
N ARG C 345 -38.42 -25.02 39.48
CA ARG C 345 -39.32 -25.77 38.59
C ARG C 345 -39.24 -27.26 38.87
N HIS C 346 -38.04 -27.80 38.99
CA HIS C 346 -37.85 -29.23 39.23
C HIS C 346 -38.24 -29.65 40.63
N LYS C 347 -38.50 -28.69 41.53
CA LYS C 347 -38.93 -28.97 42.90
C LYS C 347 -37.93 -29.85 43.65
N LEU C 348 -36.73 -29.30 43.82
CA LEU C 348 -35.67 -29.99 44.55
C LEU C 348 -34.77 -28.94 45.19
N ILE C 349 -34.44 -29.15 46.46
CA ILE C 349 -33.59 -28.22 47.20
C ILE C 349 -32.16 -28.33 46.66
N PRO C 350 -31.62 -27.27 46.06
CA PRO C 350 -30.29 -27.37 45.46
C PRO C 350 -29.19 -27.18 46.48
N THR C 351 -27.96 -27.35 46.00
CA THR C 351 -26.74 -27.16 46.77
C THR C 351 -25.89 -26.07 46.13
N PRO C 352 -25.35 -25.14 46.93
CA PRO C 352 -24.52 -24.08 46.35
C PRO C 352 -23.38 -24.58 45.47
N GLN C 353 -22.85 -25.78 45.74
CA GLN C 353 -21.86 -26.37 44.85
C GLN C 353 -22.48 -26.73 43.51
N ASN C 354 -23.65 -27.37 43.54
CA ASN C 354 -24.37 -27.72 42.31
C ASN C 354 -25.08 -26.53 41.69
N LEU C 355 -25.24 -25.44 42.43
CA LEU C 355 -25.93 -24.27 41.90
C LEU C 355 -25.00 -23.41 41.04
N VAL C 356 -23.70 -23.41 41.34
CA VAL C 356 -22.73 -22.61 40.61
C VAL C 356 -22.01 -23.48 39.61
N THR C 357 -21.49 -22.85 38.56
CA THR C 357 -20.75 -23.54 37.51
C THR C 357 -19.46 -22.78 37.23
N SER C 358 -18.37 -23.52 37.01
CA SER C 358 -17.06 -22.94 36.76
C SER C 358 -16.83 -22.61 35.28
N THR C 359 -17.89 -22.55 34.48
CA THR C 359 -17.77 -22.30 33.05
C THR C 359 -17.56 -20.83 32.71
N PRO C 360 -18.33 -19.88 33.28
CA PRO C 360 -18.23 -18.50 32.79
C PRO C 360 -16.84 -17.89 32.92
N LEU C 361 -16.20 -18.00 34.08
CA LEU C 361 -14.88 -17.41 34.27
C LEU C 361 -13.88 -17.98 33.27
N THR C 362 -13.82 -19.31 33.16
CA THR C 362 -12.85 -19.95 32.28
C THR C 362 -13.09 -19.55 30.83
N THR C 363 -14.34 -19.64 30.36
CA THR C 363 -14.61 -19.32 28.97
C THR C 363 -14.38 -17.84 28.68
N THR C 364 -14.65 -16.95 29.64
CA THR C 364 -14.42 -15.54 29.43
C THR C 364 -12.94 -15.22 29.31
N TYR C 365 -12.13 -15.79 30.21
CA TYR C 365 -10.69 -15.54 30.14
C TYR C 365 -10.09 -16.17 28.89
N GLU C 366 -10.58 -17.34 28.48
CA GLU C 366 -10.09 -17.96 27.25
C GLU C 366 -10.43 -17.10 26.04
N SER C 367 -11.68 -16.62 25.96
CA SER C 367 -12.07 -15.77 24.84
C SER C 367 -11.27 -14.47 24.83
N PHE C 368 -10.98 -13.92 26.01
CA PHE C 368 -10.18 -12.70 26.06
C PHE C 368 -8.77 -12.95 25.57
N PHE C 369 -8.10 -13.98 26.10
CA PHE C 369 -6.73 -14.26 25.67
C PHE C 369 -6.65 -14.74 24.23
N GLY C 370 -7.77 -15.17 23.64
CA GLY C 370 -7.73 -15.64 22.27
C GLY C 370 -8.11 -14.63 21.21
N LEU C 371 -9.08 -13.76 21.50
CA LEU C 371 -9.65 -12.89 20.47
C LEU C 371 -9.44 -11.41 20.73
N HIS C 372 -8.79 -11.02 21.82
CA HIS C 372 -8.63 -9.60 22.05
C HIS C 372 -7.45 -9.05 21.26
N PRO C 373 -7.57 -7.84 20.70
CA PRO C 373 -6.45 -7.27 19.94
C PRO C 373 -5.21 -7.01 20.77
N LEU C 374 -5.37 -6.73 22.07
CA LEU C 374 -4.23 -6.43 22.91
C LEU C 374 -3.47 -7.69 23.29
N SER C 375 -4.19 -8.79 23.54
CA SER C 375 -3.53 -10.04 23.88
C SER C 375 -2.82 -10.62 22.66
N GLN C 376 -1.49 -10.69 22.74
CA GLN C 376 -0.68 -11.17 21.63
C GLN C 376 0.29 -12.23 22.13
N VAL C 377 0.74 -13.08 21.20
CA VAL C 377 1.68 -14.13 21.52
C VAL C 377 3.08 -13.55 21.68
N LEU C 378 3.88 -14.20 22.53
CA LEU C 378 5.22 -13.73 22.81
C LEU C 378 6.15 -14.06 21.64
N ASP C 379 7.01 -13.10 21.29
CA ASP C 379 8.00 -13.28 20.24
C ASP C 379 9.29 -13.80 20.86
N ARG C 380 9.57 -15.08 20.67
CA ARG C 380 10.75 -15.73 21.25
C ARG C 380 11.85 -15.95 20.23
N THR C 381 12.04 -15.00 19.31
CA THR C 381 13.13 -15.10 18.35
C THR C 381 14.49 -14.96 19.04
N ASN C 382 14.68 -13.86 19.76
CA ASN C 382 15.91 -13.60 20.50
C ASN C 382 15.53 -13.01 21.85
N PRO C 383 16.45 -13.02 22.82
CA PRO C 383 16.14 -12.44 24.14
C PRO C 383 15.77 -10.97 24.10
N LEU C 384 15.98 -10.27 22.98
CA LEU C 384 15.61 -8.86 22.91
C LEU C 384 14.11 -8.69 22.66
N THR C 385 13.52 -9.52 21.79
CA THR C 385 12.10 -9.41 21.51
C THR C 385 11.26 -9.79 22.73
N GLN C 386 11.82 -10.61 23.62
CA GLN C 386 11.09 -10.97 24.83
C GLN C 386 10.96 -9.79 25.78
N ILE C 387 11.92 -8.87 25.77
CA ILE C 387 11.87 -7.73 26.69
C ILE C 387 11.31 -6.48 26.04
N VAL C 388 11.37 -6.36 24.71
CA VAL C 388 10.81 -5.17 24.04
C VAL C 388 9.36 -5.35 23.62
N HIS C 389 8.76 -6.52 23.86
CA HIS C 389 7.39 -6.73 23.46
C HIS C 389 6.40 -6.26 24.51
N GLY C 390 6.75 -6.36 25.80
CA GLY C 390 5.88 -5.88 26.86
C GLY C 390 5.90 -4.38 27.05
N ARG C 391 6.92 -3.71 26.54
CA ARG C 391 7.05 -2.25 26.67
C ARG C 391 6.32 -1.49 25.57
N LYS C 392 5.44 -2.15 24.81
CA LYS C 392 4.77 -1.49 23.70
C LYS C 392 3.51 -0.78 24.15
N LEU C 393 3.20 0.33 23.49
CA LEU C 393 1.98 1.10 23.71
C LEU C 393 1.22 1.17 22.40
N SER C 394 -0.08 0.89 22.46
CA SER C 394 -0.93 0.83 21.28
C SER C 394 -2.04 1.86 21.40
N TYR C 395 -2.12 2.76 20.41
CA TYR C 395 -3.21 3.73 20.37
C TYR C 395 -4.50 3.09 19.87
N LEU C 396 -4.39 2.09 18.99
CA LEU C 396 -5.56 1.42 18.45
C LEU C 396 -6.04 0.32 19.40
N GLY C 397 -7.26 -0.15 19.16
CA GLY C 397 -7.84 -1.18 19.97
C GLY C 397 -9.28 -0.87 20.35
N PRO C 398 -9.83 -1.61 21.30
CA PRO C 398 -11.19 -1.34 21.77
C PRO C 398 -11.29 0.03 22.40
N GLY C 399 -12.17 0.87 21.86
CA GLY C 399 -12.31 2.23 22.33
C GLY C 399 -11.14 3.12 22.02
N GLY C 400 -10.45 2.87 20.90
CA GLY C 400 -9.31 3.66 20.52
C GLY C 400 -9.41 4.12 19.07
N LEU C 401 -8.50 5.02 18.71
CA LEU C 401 -8.48 5.56 17.36
C LEU C 401 -8.04 4.49 16.36
N THR C 402 -8.71 4.46 15.21
CA THR C 402 -8.39 3.51 14.16
C THR C 402 -7.15 3.96 13.39
N GLY C 403 -6.84 3.24 12.32
CA GLY C 403 -5.67 3.56 11.51
C GLY C 403 -5.87 4.77 10.63
N ARG C 404 -6.89 4.72 9.76
CA ARG C 404 -7.14 5.84 8.85
C ARG C 404 -7.95 6.93 9.52
N THR C 405 -8.74 6.60 10.54
CA THR C 405 -9.54 7.61 11.22
C THR C 405 -8.67 8.57 12.02
N ALA C 406 -7.52 8.10 12.52
CA ALA C 406 -6.64 8.94 13.31
C ALA C 406 -6.06 10.06 12.46
N SER C 407 -6.09 11.28 12.99
CA SER C 407 -5.57 12.44 12.28
C SER C 407 -4.05 12.40 12.24
N PHE C 408 -3.48 13.30 11.43
CA PHE C 408 -2.03 13.38 11.30
C PHE C 408 -1.37 14.02 12.52
N ARG C 409 -2.15 14.72 13.36
CA ARG C 409 -1.58 15.37 14.53
C ARG C 409 -1.28 14.38 15.65
N ILE C 410 -1.87 13.18 15.61
CA ILE C 410 -1.65 12.20 16.66
C ILE C 410 -0.30 11.49 16.49
N ARG C 411 0.18 11.35 15.25
CA ARG C 411 1.37 10.56 15.00
C ARG C 411 2.65 11.31 15.33
N ASP C 412 2.66 12.63 15.19
CA ASP C 412 3.89 13.39 15.42
C ASP C 412 4.26 13.40 16.90
N ILE C 413 5.53 13.71 17.16
CA ILE C 413 6.05 13.73 18.52
C ILE C 413 5.60 14.99 19.23
N HIS C 414 5.32 14.86 20.53
CA HIS C 414 4.88 15.96 21.36
C HIS C 414 5.92 16.25 22.44
N PRO C 415 6.11 17.51 22.82
CA PRO C 415 7.10 17.84 23.86
C PRO C 415 6.87 17.13 25.19
N SER C 416 5.65 16.66 25.46
CA SER C 416 5.39 15.93 26.69
C SER C 416 5.89 14.50 26.67
N HIS C 417 6.26 13.98 25.51
CA HIS C 417 6.74 12.60 25.37
C HIS C 417 8.19 12.43 25.81
N TYR C 418 8.83 13.48 26.32
CA TYR C 418 10.24 13.39 26.66
C TYR C 418 10.44 12.56 27.92
N GLY C 419 11.31 11.55 27.82
CA GLY C 419 11.59 10.68 28.94
C GLY C 419 10.49 9.70 29.28
N ARG C 420 9.39 9.69 28.54
CA ARG C 420 8.26 8.80 28.81
C ARG C 420 7.91 7.89 27.64
N ILE C 421 7.97 8.40 26.41
CA ILE C 421 7.73 7.62 25.21
C ILE C 421 8.91 7.81 24.28
N CYS C 422 9.41 6.70 23.72
CA CYS C 422 10.58 6.77 22.86
C CYS C 422 10.26 7.51 21.57
N PRO C 423 11.03 8.55 21.21
CA PRO C 423 10.79 9.25 19.95
C PRO C 423 11.28 8.49 18.73
N ILE C 424 12.07 7.45 18.91
CA ILE C 424 12.66 6.73 17.78
C ILE C 424 11.82 5.52 17.37
N ASP C 425 11.42 4.70 18.34
CA ASP C 425 10.72 3.46 18.04
C ASP C 425 9.32 3.76 17.50
N THR C 426 9.04 3.24 16.30
CA THR C 426 7.75 3.43 15.65
C THR C 426 7.53 2.31 14.67
N SER C 427 6.34 1.70 14.70
CA SER C 427 6.02 0.61 13.80
C SER C 427 5.76 1.15 12.40
N GLU C 428 6.60 0.74 11.45
CA GLU C 428 6.44 1.20 10.08
C GLU C 428 5.22 0.58 9.43
N GLY C 429 4.66 1.29 8.45
CA GLY C 429 3.48 0.82 7.75
C GLY C 429 2.30 1.77 7.86
N ILE C 430 1.09 1.22 7.73
CA ILE C 430 -0.10 2.06 7.86
C ILE C 430 -0.31 2.47 9.31
N ASN C 431 0.10 1.64 10.26
CA ASN C 431 -0.03 1.94 11.68
C ASN C 431 1.20 2.65 12.21
N VAL C 432 1.57 3.75 11.56
CA VAL C 432 2.75 4.54 11.94
C VAL C 432 2.33 5.57 12.98
N GLY C 433 3.14 5.72 14.02
CA GLY C 433 2.87 6.66 15.08
C GLY C 433 1.87 6.18 16.12
N LEU C 434 1.14 5.10 15.83
CA LEU C 434 0.14 4.58 16.77
C LEU C 434 0.70 3.50 17.70
N ILE C 435 1.82 2.90 17.35
CA ILE C 435 2.47 1.89 18.18
C ILE C 435 3.81 2.45 18.63
N GLY C 436 3.94 2.68 19.95
CA GLY C 436 5.16 3.23 20.50
C GLY C 436 5.66 2.37 21.65
N SER C 437 6.91 2.62 22.02
CA SER C 437 7.58 1.88 23.09
C SER C 437 7.71 2.76 24.33
N LEU C 438 7.54 2.15 25.49
CA LEU C 438 7.67 2.88 26.75
C LEU C 438 9.14 3.12 27.07
N ALA C 439 9.43 4.28 27.64
CA ALA C 439 10.80 4.63 27.99
C ALA C 439 11.32 3.75 29.11
N ILE C 440 12.63 3.83 29.35
CA ILE C 440 13.27 3.00 30.35
C ILE C 440 12.87 3.45 31.76
N HIS C 441 13.07 4.74 32.06
CA HIS C 441 12.74 5.28 33.37
C HIS C 441 11.32 5.85 33.31
N ALA C 442 10.34 4.94 33.37
CA ALA C 442 8.94 5.33 33.30
C ALA C 442 8.11 4.34 34.10
N ARG C 443 7.05 4.84 34.72
CA ARG C 443 6.14 4.01 35.51
C ARG C 443 4.77 4.66 35.52
N ILE C 444 3.78 3.86 35.92
CA ILE C 444 2.41 4.36 36.05
C ILE C 444 2.26 5.06 37.39
N GLY C 445 1.60 6.22 37.38
CA GLY C 445 1.54 7.08 38.54
C GLY C 445 0.23 7.10 39.28
N HIS C 446 -0.39 5.93 39.46
CA HIS C 446 -1.57 5.74 40.31
C HIS C 446 -2.81 6.41 39.72
N TRP C 447 -2.65 7.09 38.58
CA TRP C 447 -3.77 7.74 37.89
C TRP C 447 -3.77 7.41 36.41
N GLY C 448 -3.16 6.30 36.01
CA GLY C 448 -3.04 5.99 34.61
C GLY C 448 -2.14 6.92 33.83
N SER C 449 -1.28 7.65 34.51
CA SER C 449 -0.36 8.60 33.89
C SER C 449 1.07 8.10 34.05
N LEU C 450 1.84 8.18 32.98
CA LEU C 450 3.23 7.74 32.98
C LEU C 450 4.14 8.90 33.37
N GLU C 451 5.04 8.64 34.32
CA GLU C 451 5.88 9.68 34.89
C GLU C 451 7.35 9.35 34.70
N SER C 452 8.20 10.36 34.86
CA SER C 452 9.62 10.27 34.63
C SER C 452 10.39 10.86 35.80
N PRO C 453 11.57 10.32 36.11
CA PRO C 453 12.35 10.84 37.24
C PRO C 453 13.04 12.16 36.91
N PHE C 454 13.21 12.97 37.95
CA PHE C 454 13.93 14.24 37.83
C PHE C 454 14.63 14.53 39.15
N TYR C 455 15.68 15.32 39.08
CA TYR C 455 16.54 15.62 40.22
C TYR C 455 16.42 17.09 40.59
N GLU C 456 16.13 17.36 41.86
CA GLU C 456 16.01 18.72 42.35
C GLU C 456 17.38 19.32 42.59
N ILE C 457 17.60 20.54 42.11
CA ILE C 457 18.86 21.24 42.30
C ILE C 457 18.61 22.57 43.01
N SER C 458 17.58 22.60 43.86
CA SER C 458 17.23 23.78 44.62
C SER C 458 17.80 23.68 46.03
N GLU C 459 18.10 24.84 46.62
CA GLU C 459 18.65 24.91 47.97
C GLU C 459 17.54 24.66 48.96
N ARG C 460 17.35 23.39 49.30
CA ARG C 460 16.31 22.96 50.24
C ARG C 460 16.96 22.28 51.44
N SER C 461 16.12 21.71 52.30
CA SER C 461 16.62 21.01 53.48
C SER C 461 17.45 19.80 53.10
N THR C 462 16.95 18.99 52.16
CA THR C 462 17.66 17.82 51.69
C THR C 462 18.59 18.16 50.52
N GLY C 463 18.08 18.88 49.54
CA GLY C 463 18.88 19.29 48.38
C GLY C 463 18.96 18.28 47.27
N VAL C 464 18.60 17.02 47.52
CA VAL C 464 18.66 15.97 46.51
C VAL C 464 17.49 15.02 46.73
N ARG C 465 16.60 14.93 45.74
CA ARG C 465 15.48 14.01 45.83
C ARG C 465 15.01 13.70 44.42
N MET C 466 15.12 12.43 44.02
CA MET C 466 14.65 12.00 42.71
C MET C 466 13.13 11.94 42.73
N LEU C 467 12.49 12.94 42.13
CA LEU C 467 11.04 13.03 42.09
C LEU C 467 10.52 12.48 40.77
N TYR C 468 9.43 11.71 40.85
CA TYR C 468 8.68 11.30 39.67
C TYR C 468 7.63 12.37 39.37
N LEU C 469 7.67 12.92 38.17
CA LEU C 469 6.81 14.05 37.80
C LEU C 469 5.79 13.60 36.76
N SER C 470 4.52 13.87 37.03
CA SER C 470 3.48 13.66 36.05
C SER C 470 3.70 14.59 34.87
N PRO C 471 3.27 14.20 33.66
CA PRO C 471 3.47 15.07 32.49
C PRO C 471 2.88 16.45 32.63
N GLY C 472 1.87 16.63 33.48
CA GLY C 472 1.30 17.95 33.67
C GLY C 472 2.02 18.78 34.70
N ARG C 473 2.61 18.13 35.71
CA ARG C 473 3.29 18.87 36.76
C ARG C 473 4.72 19.23 36.39
N ASP C 474 5.34 18.46 35.50
CA ASP C 474 6.72 18.76 35.08
C ASP C 474 6.81 19.99 34.21
N GLU C 475 5.72 20.39 33.55
CA GLU C 475 5.75 21.52 32.64
C GLU C 475 6.03 22.83 33.36
N TYR C 476 5.66 22.92 34.63
CA TYR C 476 5.79 24.17 35.38
C TYR C 476 7.19 24.39 35.95
N TYR C 477 8.06 23.41 35.88
CA TYR C 477 9.41 23.52 36.41
C TYR C 477 10.41 23.77 35.30
N MET C 478 11.54 24.36 35.67
CA MET C 478 12.65 24.58 34.74
C MET C 478 13.52 23.33 34.69
N VAL C 479 13.49 22.63 33.57
CA VAL C 479 14.24 21.38 33.39
C VAL C 479 15.37 21.66 32.42
N ALA C 480 16.60 21.45 32.87
CA ALA C 480 17.78 21.70 32.06
C ALA C 480 18.67 20.47 32.02
N ALA C 481 19.16 20.14 30.82
CA ALA C 481 20.07 19.02 30.61
C ALA C 481 21.38 19.60 30.09
N GLY C 482 22.26 19.97 31.01
CA GLY C 482 23.53 20.55 30.64
C GLY C 482 24.54 20.42 31.77
N ASN C 483 25.82 20.41 31.41
CA ASN C 483 26.88 20.27 32.39
C ASN C 483 27.18 21.60 33.06
N SER C 484 27.85 21.52 34.21
CA SER C 484 28.24 22.69 34.98
C SER C 484 29.71 23.04 34.81
N LEU C 485 30.34 22.59 33.73
CA LEU C 485 31.76 22.85 33.47
C LEU C 485 31.88 24.16 32.69
N ALA C 486 31.71 25.26 33.41
CA ALA C 486 31.81 26.59 32.82
C ALA C 486 32.15 27.58 33.92
N LEU C 487 33.11 28.46 33.64
CA LEU C 487 33.52 29.50 34.58
C LEU C 487 34.00 30.71 33.79
N ASN C 488 33.32 31.83 33.98
CA ASN C 488 33.59 33.06 33.22
C ASN C 488 33.73 34.24 34.16
N GLN C 489 34.52 34.07 35.21
CA GLN C 489 34.80 35.12 36.20
C GLN C 489 33.50 35.59 36.87
N ASP C 490 32.73 34.63 37.35
CA ASP C 490 31.46 34.91 38.01
C ASP C 490 31.27 33.89 39.13
N ILE C 491 30.07 33.89 39.72
CA ILE C 491 29.77 33.00 40.84
C ILE C 491 29.39 31.60 40.39
N GLN C 492 29.48 31.32 39.09
CA GLN C 492 29.12 30.06 38.43
C GLN C 492 27.62 29.85 38.35
N GLU C 493 26.82 30.71 38.98
CA GLU C 493 25.36 30.61 38.89
C GLU C 493 24.76 31.56 37.87
N GLU C 494 25.54 32.53 37.37
CA GLU C 494 25.08 33.45 36.35
C GLU C 494 25.27 32.90 34.93
N GLN C 495 25.71 31.65 34.79
CA GLN C 495 25.99 31.08 33.49
C GLN C 495 24.72 30.53 32.86
N VAL C 496 24.68 30.58 31.52
CA VAL C 496 23.51 30.16 30.78
C VAL C 496 23.54 28.65 30.57
N VAL C 497 22.37 28.08 30.32
CA VAL C 497 22.22 26.64 30.12
C VAL C 497 20.91 26.39 29.37
N PRO C 498 20.89 25.55 28.35
CA PRO C 498 19.63 25.25 27.65
C PRO C 498 18.65 24.53 28.57
N ALA C 499 17.45 25.08 28.67
CA ALA C 499 16.42 24.55 29.56
C ALA C 499 15.11 24.41 28.79
N ARG C 500 14.16 23.70 29.40
CA ARG C 500 12.86 23.45 28.81
C ARG C 500 11.79 23.92 29.79
N TYR C 501 10.91 24.81 29.33
CA TYR C 501 9.90 25.40 30.20
C TYR C 501 8.67 25.72 29.37
N ARG C 502 7.51 25.26 29.84
CA ARG C 502 6.23 25.47 29.16
C ARG C 502 6.27 24.95 27.72
N GLN C 503 6.83 23.75 27.56
CA GLN C 503 6.93 23.09 26.26
C GLN C 503 7.72 23.94 25.26
N GLU C 504 8.64 24.75 25.76
CA GLU C 504 9.45 25.62 24.91
C GLU C 504 10.89 25.57 25.39
N PHE C 505 11.83 25.66 24.45
CA PHE C 505 13.26 25.63 24.77
C PHE C 505 13.77 27.06 24.90
N LEU C 506 14.56 27.29 25.95
CA LEU C 506 15.13 28.62 26.19
C LEU C 506 16.37 28.47 27.04
N THR C 507 17.27 29.43 26.93
CA THR C 507 18.52 29.46 27.69
C THR C 507 18.37 30.41 28.86
N ILE C 508 18.54 29.88 30.08
CA ILE C 508 18.39 30.65 31.31
C ILE C 508 19.65 30.47 32.15
N ALA C 509 19.76 31.30 33.18
CA ALA C 509 20.86 31.19 34.12
C ALA C 509 20.70 29.95 34.99
N TRP C 510 21.78 29.60 35.71
CA TRP C 510 21.77 28.43 36.57
C TRP C 510 21.04 28.66 37.88
N GLU C 511 20.58 29.89 38.15
CA GLU C 511 19.82 30.14 39.37
C GLU C 511 18.35 29.81 39.21
N GLN C 512 17.84 29.83 37.98
CA GLN C 512 16.41 29.65 37.73
C GLN C 512 16.02 28.19 37.53
N VAL C 513 16.98 27.29 37.34
CA VAL C 513 16.66 25.89 37.09
C VAL C 513 16.18 25.23 38.38
N HIS C 514 15.10 24.47 38.28
CA HIS C 514 14.55 23.73 39.41
C HIS C 514 14.88 22.24 39.36
N LEU C 515 14.59 21.58 38.25
CA LEU C 515 14.85 20.16 38.07
C LEU C 515 16.02 19.96 37.11
N ARG C 516 16.47 18.72 37.01
CA ARG C 516 17.61 18.38 36.17
C ARG C 516 17.56 16.90 35.84
N SER C 517 17.68 16.57 34.55
CA SER C 517 17.70 15.20 34.08
C SER C 517 19.15 14.72 33.98
N ILE C 518 19.46 13.63 34.68
CA ILE C 518 20.83 13.15 34.78
C ILE C 518 21.00 11.74 34.23
N PHE C 519 19.93 11.10 33.77
CA PHE C 519 20.19 9.73 33.31
C PHE C 519 20.42 9.72 31.80
N PRO C 520 21.38 8.91 31.34
CA PRO C 520 21.64 8.87 29.89
C PRO C 520 20.55 8.15 29.11
N PHE C 521 20.06 7.01 29.61
CA PHE C 521 19.03 6.24 28.93
C PHE C 521 17.62 6.67 29.30
N GLN C 522 17.45 7.90 29.76
CA GLN C 522 16.14 8.34 30.24
C GLN C 522 15.16 8.56 29.10
N TYR C 523 15.65 8.98 27.94
CA TYR C 523 14.77 9.38 26.83
C TYR C 523 14.57 8.27 25.80
N PHE C 524 15.37 7.20 25.85
CA PHE C 524 15.32 6.17 24.82
C PHE C 524 14.84 4.85 25.40
N SER C 525 14.41 3.96 24.50
CA SER C 525 13.94 2.64 24.87
C SER C 525 15.09 1.64 24.81
N ILE C 526 14.76 0.35 24.90
CA ILE C 526 15.78 -0.69 24.88
C ILE C 526 16.48 -0.75 23.52
N GLY C 527 15.69 -0.66 22.44
CA GLY C 527 16.27 -0.78 21.11
C GLY C 527 17.17 0.39 20.75
N ALA C 528 16.72 1.61 21.04
CA ALA C 528 17.51 2.79 20.71
C ALA C 528 18.76 2.89 21.58
N SER C 529 18.73 2.31 22.78
CA SER C 529 19.88 2.40 23.68
C SER C 529 21.00 1.44 23.26
N LEU C 530 20.66 0.28 22.71
CA LEU C 530 21.67 -0.70 22.30
C LEU C 530 22.49 -0.24 21.10
N ILE C 531 22.21 0.93 20.54
CA ILE C 531 22.98 1.48 19.43
C ILE C 531 24.13 2.31 19.98
N PRO C 532 25.38 1.87 19.80
CA PRO C 532 26.51 2.70 20.25
C PRO C 532 26.76 3.86 19.32
N PHE C 533 27.25 4.95 19.90
CA PHE C 533 27.51 6.19 19.17
C PHE C 533 26.27 6.68 18.44
N ILE C 534 25.17 6.79 19.19
CA ILE C 534 23.91 7.21 18.60
C ILE C 534 23.89 8.71 18.30
N GLU C 535 24.79 9.48 18.91
CA GLU C 535 24.82 10.93 18.66
C GLU C 535 25.30 11.25 17.25
N HIS C 536 25.92 10.30 16.57
CA HIS C 536 26.51 10.53 15.25
C HIS C 536 25.67 9.93 14.13
N ASN C 537 24.46 9.48 14.42
CA ASN C 537 23.55 8.93 13.42
C ASN C 537 22.24 9.70 13.44
N ASP C 538 21.49 9.58 12.35
CA ASP C 538 20.16 10.18 12.29
C ASP C 538 19.15 9.30 13.01
N ALA C 539 17.98 9.89 13.29
CA ALA C 539 16.94 9.15 13.99
C ALA C 539 16.29 8.10 13.11
N ASN C 540 16.26 8.34 11.79
CA ASN C 540 15.69 7.35 10.87
C ASN C 540 16.51 6.06 10.89
N ARG C 541 17.83 6.18 10.84
CA ARG C 541 18.67 4.99 10.92
C ARG C 541 18.63 4.36 12.30
N ALA C 542 18.41 5.16 13.34
CA ALA C 542 18.20 4.60 14.67
C ALA C 542 16.95 3.74 14.71
N LEU C 543 15.87 4.20 14.08
CA LEU C 543 14.65 3.41 14.00
C LEU C 543 14.89 2.14 13.19
N MET C 544 15.60 2.26 12.06
CA MET C 544 15.90 1.09 11.24
C MET C 544 16.71 0.06 12.02
N SER C 545 17.70 0.52 12.80
CA SER C 545 18.51 -0.40 13.60
C SER C 545 17.70 -1.03 14.71
N SER C 546 16.83 -0.25 15.36
CA SER C 546 15.96 -0.80 16.39
C SER C 546 15.02 -1.86 15.82
N ASN C 547 14.60 -1.69 14.58
CA ASN C 547 13.76 -2.70 13.94
C ASN C 547 14.56 -3.93 13.54
N MET C 548 15.79 -3.75 13.06
CA MET C 548 16.59 -4.88 12.59
C MET C 548 17.15 -5.70 13.75
N GLN C 549 17.36 -5.09 14.91
CA GLN C 549 17.87 -5.84 16.05
C GLN C 549 16.88 -6.88 16.54
N ARG C 550 15.58 -6.65 16.32
CA ARG C 550 14.58 -7.65 16.68
C ARG C 550 14.67 -8.87 15.79
N GLN C 551 15.08 -8.70 14.53
CA GLN C 551 15.17 -9.80 13.57
C GLN C 551 16.57 -10.40 13.55
N ALA C 552 17.01 -10.84 14.73
CA ALA C 552 18.32 -11.46 14.89
C ALA C 552 18.15 -12.92 15.27
N VAL C 553 19.08 -13.75 14.80
CA VAL C 553 19.02 -15.20 14.98
C VAL C 553 20.10 -15.59 15.99
N PRO C 554 19.73 -16.25 17.10
CA PRO C 554 20.76 -16.76 18.03
C PRO C 554 21.60 -17.83 17.36
N LEU C 555 22.89 -17.55 17.24
CA LEU C 555 23.81 -18.45 16.56
C LEU C 555 24.23 -19.59 17.48
N SER C 556 25.03 -20.50 16.95
CA SER C 556 25.48 -21.66 17.72
C SER C 556 26.39 -21.22 18.87
N ARG C 557 27.53 -20.60 18.54
CA ARG C 557 28.44 -20.05 19.53
C ARG C 557 28.32 -18.54 19.52
N SER C 558 28.17 -17.95 20.71
CA SER C 558 27.96 -16.52 20.84
C SER C 558 29.23 -15.84 21.35
N GLU C 559 29.41 -14.58 20.94
CA GLU C 559 30.56 -13.78 21.35
C GLU C 559 30.09 -12.38 21.70
N LYS C 560 30.66 -11.82 22.76
CA LYS C 560 30.31 -10.47 23.19
C LYS C 560 30.91 -9.44 22.24
N CYS C 561 30.25 -8.29 22.15
CA CYS C 561 30.69 -7.21 21.30
C CYS C 561 31.85 -6.47 21.94
N ILE C 562 32.83 -6.08 21.11
CA ILE C 562 33.97 -5.32 21.63
C ILE C 562 33.53 -3.93 22.05
N VAL C 563 32.70 -3.27 21.23
CA VAL C 563 32.17 -1.95 21.53
C VAL C 563 30.68 -2.10 21.79
N GLY C 564 30.25 -1.74 23.00
CA GLY C 564 28.86 -1.83 23.38
C GLY C 564 28.40 -0.59 24.12
N THR C 565 27.12 -0.59 24.47
CA THR C 565 26.53 0.56 25.14
C THR C 565 26.45 0.40 26.66
N GLY C 566 26.55 -0.82 27.16
CA GLY C 566 26.49 -1.08 28.59
C GLY C 566 25.14 -1.52 29.11
N LEU C 567 24.13 -1.65 28.25
CA LEU C 567 22.80 -2.10 28.65
C LEU C 567 22.54 -3.55 28.32
N GLU C 568 23.48 -4.23 27.65
CA GLU C 568 23.28 -5.64 27.33
C GLU C 568 23.24 -6.50 28.59
N ARG C 569 23.88 -6.06 29.66
CA ARG C 569 23.88 -6.82 30.91
C ARG C 569 22.48 -6.91 31.49
N GLN C 570 21.82 -5.77 31.67
CA GLN C 570 20.46 -5.78 32.19
C GLN C 570 19.48 -6.41 31.21
N ALA C 571 19.76 -6.31 29.90
CA ALA C 571 18.92 -6.97 28.92
C ALA C 571 18.97 -8.48 29.07
N ALA C 572 20.18 -9.03 29.23
CA ALA C 572 20.31 -10.47 29.46
C ALA C 572 19.76 -10.87 30.82
N LEU C 573 19.79 -9.96 31.80
CA LEU C 573 19.23 -10.26 33.11
C LEU C 573 17.71 -10.36 33.06
N ASP C 574 17.06 -9.41 32.40
CA ASP C 574 15.61 -9.36 32.29
C ASP C 574 15.07 -10.17 31.13
N SER C 575 15.93 -10.82 30.34
CA SER C 575 15.45 -11.61 29.23
C SER C 575 14.67 -12.83 29.70
N GLY C 576 15.22 -13.56 30.67
CA GLY C 576 14.59 -14.76 31.17
C GLY C 576 15.22 -16.06 30.68
N ALA C 577 16.19 -15.98 29.79
CA ALA C 577 16.88 -17.16 29.28
C ALA C 577 18.12 -17.51 30.08
N LEU C 578 18.39 -16.81 31.17
CA LEU C 578 19.56 -17.03 32.00
C LEU C 578 19.12 -17.60 33.35
N ALA C 579 19.77 -18.68 33.78
CA ALA C 579 19.45 -19.31 35.05
C ALA C 579 20.06 -18.51 36.19
N ILE C 580 19.21 -17.83 36.96
CA ILE C 580 19.63 -17.04 38.10
C ILE C 580 19.37 -17.83 39.37
N ALA C 581 20.25 -17.68 40.35
CA ALA C 581 20.17 -18.43 41.59
C ALA C 581 19.08 -17.83 42.50
N GLU C 582 18.21 -18.69 43.00
CA GLU C 582 17.17 -18.29 43.94
C GLU C 582 17.58 -18.55 45.39
N ARG C 583 18.82 -18.99 45.62
CA ARG C 583 19.30 -19.27 46.96
C ARG C 583 20.82 -19.18 46.94
N GLU C 584 21.41 -19.06 48.12
CA GLU C 584 22.85 -18.98 48.28
C GLU C 584 23.41 -20.32 48.75
N GLY C 585 24.54 -20.70 48.19
CA GLY C 585 25.17 -21.95 48.56
C GLY C 585 26.20 -22.37 47.53
N ARG C 586 26.82 -23.51 47.81
CA ARG C 586 27.82 -24.09 46.93
C ARG C 586 27.16 -25.02 45.91
N VAL C 587 27.79 -25.11 44.74
CA VAL C 587 27.33 -25.98 43.67
C VAL C 587 28.01 -27.34 43.86
N VAL C 588 27.23 -28.32 44.32
CA VAL C 588 27.81 -29.63 44.65
C VAL C 588 27.77 -30.62 43.50
N TYR C 589 26.94 -30.40 42.49
CA TYR C 589 26.83 -31.33 41.38
C TYR C 589 26.48 -30.56 40.11
N THR C 590 27.36 -30.64 39.12
CA THR C 590 27.16 -29.99 37.82
C THR C 590 26.95 -31.04 36.75
N ASN C 591 25.87 -30.92 36.01
CA ASN C 591 25.56 -31.86 34.94
C ASN C 591 24.88 -31.10 33.81
N THR C 592 24.85 -31.73 32.63
CA THR C 592 24.27 -31.09 31.46
C THR C 592 22.76 -30.94 31.58
N ASP C 593 22.11 -31.82 32.34
CA ASP C 593 20.66 -31.79 32.45
C ASP C 593 20.16 -30.93 33.60
N LYS C 594 20.87 -30.90 34.72
CA LYS C 594 20.42 -30.16 35.88
C LYS C 594 21.62 -29.69 36.70
N ILE C 595 21.35 -28.73 37.59
CA ILE C 595 22.36 -28.20 38.50
C ILE C 595 21.80 -28.28 39.92
N LEU C 596 22.62 -28.79 40.84
CA LEU C 596 22.23 -28.95 42.24
C LEU C 596 22.93 -27.88 43.08
N LEU C 597 22.15 -27.10 43.80
CA LEU C 597 22.65 -26.04 44.66
C LEU C 597 22.32 -26.39 46.11
N ALA C 598 23.35 -26.51 46.94
CA ALA C 598 23.20 -26.92 48.34
C ALA C 598 23.35 -25.69 49.23
N GLY C 599 22.27 -25.32 49.90
CA GLY C 599 22.29 -24.20 50.82
C GLY C 599 21.67 -24.53 52.16
N ASN C 600 22.40 -24.24 53.24
CA ASN C 600 21.98 -24.48 54.62
C ASN C 600 21.29 -25.83 54.81
N GLY C 601 21.78 -26.86 54.13
CA GLY C 601 21.21 -28.19 54.25
C GLY C 601 20.26 -28.55 53.13
N ASP C 602 19.48 -27.57 52.67
CA ASP C 602 18.52 -27.82 51.60
C ASP C 602 19.21 -27.83 50.24
N ILE C 603 18.76 -28.74 49.38
CA ILE C 603 19.31 -28.90 48.04
C ILE C 603 18.23 -28.49 47.04
N LEU C 604 18.58 -27.58 46.14
CA LEU C 604 17.66 -27.07 45.12
C LEU C 604 18.11 -27.56 43.75
N SER C 605 17.19 -28.18 43.01
CA SER C 605 17.46 -28.68 41.68
C SER C 605 16.96 -27.67 40.65
N ILE C 606 17.82 -27.35 39.68
CA ILE C 606 17.51 -26.38 38.64
C ILE C 606 17.64 -27.07 37.29
N PRO C 607 16.58 -27.15 36.49
CA PRO C 607 16.69 -27.78 35.17
C PRO C 607 17.39 -26.87 34.18
N LEU C 608 17.68 -27.43 33.01
CA LEU C 608 18.38 -26.70 31.95
C LEU C 608 17.70 -26.99 30.62
N VAL C 609 17.47 -25.94 29.84
CA VAL C 609 16.87 -26.07 28.52
C VAL C 609 17.93 -26.62 27.56
N ILE C 610 17.62 -27.73 26.90
CA ILE C 610 18.55 -28.42 26.02
C ILE C 610 17.87 -28.61 24.66
N TYR C 611 18.16 -27.72 23.72
CA TYR C 611 17.67 -27.81 22.34
C TYR C 611 16.14 -27.87 22.29
N GLN C 612 15.52 -26.78 22.74
CA GLN C 612 14.08 -26.61 22.65
C GLN C 612 13.74 -25.68 21.49
N ARG C 613 12.47 -25.70 21.11
CA ARG C 613 11.97 -24.89 19.99
C ARG C 613 11.22 -23.68 20.53
N SER C 614 11.46 -22.54 19.88
CA SER C 614 10.77 -21.30 20.24
C SER C 614 9.46 -21.21 19.46
N ASN C 615 8.83 -20.04 19.50
CA ASN C 615 7.59 -19.82 18.76
C ASN C 615 7.85 -19.46 17.30
N LYS C 616 9.05 -18.99 16.97
CA LYS C 616 9.41 -18.59 15.62
C LYS C 616 10.61 -19.37 15.11
N ASN C 617 10.65 -20.66 15.40
CA ASN C 617 11.64 -21.59 14.85
C ASN C 617 13.07 -21.15 15.20
N THR C 618 13.36 -21.13 16.50
CA THR C 618 14.67 -20.79 17.00
C THR C 618 15.05 -21.71 18.14
N CYS C 619 16.25 -22.29 18.06
CA CYS C 619 16.71 -23.22 19.09
C CYS C 619 17.06 -22.47 20.37
N MET C 620 16.73 -23.08 21.51
CA MET C 620 17.05 -22.55 22.83
C MET C 620 17.91 -23.54 23.57
N HIS C 621 19.05 -23.08 24.08
CA HIS C 621 19.98 -23.93 24.80
C HIS C 621 20.64 -23.13 25.90
N GLN C 622 21.01 -23.82 26.98
CA GLN C 622 21.66 -23.19 28.12
C GLN C 622 22.95 -23.94 28.45
N LYS C 623 24.02 -23.18 28.69
CA LYS C 623 25.32 -23.73 29.04
C LYS C 623 25.69 -23.31 30.46
N LEU C 624 26.54 -24.11 31.09
CA LEU C 624 26.97 -23.81 32.45
C LEU C 624 28.15 -22.84 32.43
N GLN C 625 28.19 -21.98 33.45
CA GLN C 625 29.26 -21.00 33.58
C GLN C 625 29.89 -20.96 34.97
N VAL C 626 29.49 -21.85 35.89
CA VAL C 626 30.06 -21.91 37.23
C VAL C 626 30.62 -23.31 37.43
N PRO C 627 31.87 -23.44 37.88
CA PRO C 627 32.41 -24.78 38.16
C PRO C 627 31.76 -25.37 39.41
N ARG C 628 32.10 -26.63 39.66
CA ARG C 628 31.56 -27.36 40.80
C ARG C 628 32.36 -27.02 42.06
N GLY C 629 31.65 -26.62 43.12
CA GLY C 629 32.29 -26.34 44.38
C GLY C 629 32.57 -24.88 44.68
N LYS C 630 31.88 -23.96 44.00
CA LYS C 630 32.05 -22.54 44.25
C LYS C 630 30.78 -21.97 44.89
N CYS C 631 30.95 -20.87 45.61
CA CYS C 631 29.86 -20.22 46.30
C CYS C 631 29.13 -19.26 45.37
N ILE C 632 27.82 -19.11 45.61
CA ILE C 632 26.96 -18.25 44.80
C ILE C 632 26.01 -17.50 45.71
N LYS C 633 25.49 -16.40 45.21
CA LYS C 633 24.50 -15.59 45.91
C LYS C 633 23.23 -15.50 45.07
N LYS C 634 22.14 -15.06 45.71
CA LYS C 634 20.89 -14.89 45.00
C LYS C 634 20.99 -13.78 43.97
N GLY C 635 20.69 -14.10 42.72
CA GLY C 635 20.76 -13.13 41.64
C GLY C 635 21.96 -13.26 40.74
N GLN C 636 22.87 -14.19 41.02
CA GLN C 636 24.04 -14.40 40.19
C GLN C 636 23.81 -15.57 39.23
N ILE C 637 24.52 -15.54 38.11
CA ILE C 637 24.29 -16.48 37.02
C ILE C 637 24.86 -17.84 37.39
N LEU C 638 24.03 -18.88 37.25
CA LEU C 638 24.48 -20.26 37.35
C LEU C 638 24.66 -20.92 35.99
N ALA C 639 23.78 -20.60 35.03
CA ALA C 639 23.86 -21.16 33.69
C ALA C 639 23.61 -20.07 32.66
N ASP C 640 24.23 -20.22 31.50
CA ASP C 640 24.12 -19.26 30.42
C ASP C 640 22.81 -19.50 29.66
N GLY C 641 22.67 -18.86 28.50
CA GLY C 641 21.47 -19.03 27.69
C GLY C 641 21.79 -18.82 26.22
N ALA C 642 20.74 -18.89 25.41
CA ALA C 642 20.88 -18.67 23.98
C ALA C 642 21.04 -17.18 23.68
N ALA C 643 21.92 -16.87 22.73
CA ALA C 643 22.24 -15.49 22.36
C ALA C 643 22.72 -14.67 23.55
N THR C 644 23.43 -15.32 24.46
CA THR C 644 23.97 -14.66 25.65
C THR C 644 25.25 -15.37 26.05
N VAL C 645 26.29 -14.59 26.34
CA VAL C 645 27.56 -15.12 26.83
C VAL C 645 28.09 -14.19 27.92
N GLY C 646 28.31 -14.74 29.11
CA GLY C 646 28.79 -13.95 30.22
C GLY C 646 27.80 -12.95 30.76
N GLY C 647 26.50 -13.22 30.60
CA GLY C 647 25.48 -12.32 31.11
C GLY C 647 25.22 -11.10 30.25
N GLU C 648 25.61 -11.14 28.98
CA GLU C 648 25.40 -10.02 28.06
C GLU C 648 24.80 -10.53 26.76
N LEU C 649 23.97 -9.70 26.15
CA LEU C 649 23.33 -10.07 24.88
C LEU C 649 24.38 -10.20 23.79
N ALA C 650 24.34 -11.32 23.07
CA ALA C 650 25.27 -11.61 21.98
C ALA C 650 24.46 -12.08 20.78
N LEU C 651 24.19 -11.18 19.84
CA LEU C 651 23.38 -11.48 18.67
C LEU C 651 24.21 -11.58 17.39
N GLY C 652 25.53 -11.48 17.48
CA GLY C 652 26.36 -11.53 16.30
C GLY C 652 27.79 -11.84 16.64
N LYS C 653 28.65 -11.70 15.64
CA LYS C 653 30.07 -11.98 15.76
C LYS C 653 30.88 -10.77 15.30
N ASN C 654 32.15 -10.76 15.66
CA ASN C 654 33.08 -9.72 15.23
C ASN C 654 33.84 -10.19 14.00
N VAL C 655 33.78 -9.40 12.93
CA VAL C 655 34.43 -9.75 11.67
C VAL C 655 35.21 -8.55 11.16
N LEU C 656 36.31 -8.83 10.46
CA LEU C 656 37.14 -7.79 9.88
C LEU C 656 36.50 -7.30 8.58
N VAL C 657 36.26 -5.99 8.49
CA VAL C 657 35.47 -5.41 7.42
C VAL C 657 36.23 -4.25 6.80
N ALA C 658 36.20 -4.17 5.47
CA ALA C 658 36.76 -3.07 4.71
C ALA C 658 35.66 -2.42 3.88
N TYR C 659 35.74 -1.10 3.74
CA TYR C 659 34.75 -0.32 2.99
C TYR C 659 35.37 0.13 1.67
N MET C 660 34.99 -0.52 0.57
CA MET C 660 35.51 -0.19 -0.75
C MET C 660 34.65 -0.82 -1.83
N PRO C 661 34.58 -0.20 -3.02
CA PRO C 661 33.90 -0.86 -4.14
C PRO C 661 34.72 -2.01 -4.67
N TRP C 662 34.04 -3.12 -5.00
CA TRP C 662 34.70 -4.35 -5.44
C TRP C 662 33.94 -4.93 -6.62
N GLU C 663 34.36 -4.57 -7.83
CA GLU C 663 33.87 -5.18 -9.08
C GLU C 663 32.36 -5.08 -9.22
N GLY C 664 31.76 -4.06 -8.63
CA GLY C 664 30.33 -3.85 -8.74
C GLY C 664 29.46 -4.81 -7.97
N TYR C 665 30.04 -5.78 -7.27
CA TYR C 665 29.23 -6.69 -6.47
C TYR C 665 28.53 -5.99 -5.32
N ASN C 666 28.94 -4.78 -4.97
CA ASN C 666 28.31 -3.99 -3.93
C ASN C 666 27.94 -2.61 -4.46
N SER C 667 27.47 -2.56 -5.72
CA SER C 667 26.97 -1.30 -6.26
C SER C 667 25.77 -0.80 -5.47
N GLU C 668 24.77 -1.67 -5.30
CA GLU C 668 23.68 -1.41 -4.37
C GLU C 668 24.13 -1.79 -2.95
N ASP C 669 23.17 -1.85 -2.04
CA ASP C 669 23.47 -2.33 -0.69
C ASP C 669 23.70 -3.84 -0.74
N ALA C 670 24.97 -4.25 -0.77
CA ALA C 670 25.32 -5.65 -0.90
C ALA C 670 26.68 -5.87 -0.28
N VAL C 671 26.92 -7.10 0.19
CA VAL C 671 28.15 -7.46 0.90
C VAL C 671 28.81 -8.62 0.19
N LEU C 672 30.12 -8.53 0.01
CA LEU C 672 30.94 -9.61 -0.54
C LEU C 672 31.75 -10.19 0.61
N ILE C 673 31.33 -11.36 1.10
CA ILE C 673 31.92 -11.96 2.28
C ILE C 673 33.00 -12.95 1.87
N SER C 674 33.85 -13.31 2.83
CA SER C 674 34.88 -14.30 2.61
C SER C 674 34.35 -15.70 2.90
N GLU C 675 35.07 -16.69 2.37
CA GLU C 675 34.67 -18.08 2.56
C GLU C 675 35.02 -18.62 3.94
N ARG C 676 35.78 -17.87 4.74
CA ARG C 676 36.14 -18.32 6.07
C ARG C 676 34.91 -18.44 6.97
N LEU C 677 33.90 -17.60 6.75
CA LEU C 677 32.69 -17.64 7.55
C LEU C 677 31.85 -18.89 7.31
N VAL C 678 32.21 -19.72 6.33
CA VAL C 678 31.44 -20.91 6.00
C VAL C 678 32.03 -22.15 6.65
N TYR C 679 33.35 -22.31 6.60
CA TYR C 679 33.97 -23.51 7.15
C TYR C 679 34.49 -23.35 8.57
N GLU C 680 34.39 -22.15 9.15
CA GLU C 680 34.80 -21.93 10.53
C GLU C 680 33.62 -21.88 11.50
N ASP C 681 32.40 -22.10 11.02
CA ASP C 681 31.21 -22.13 11.86
C ASP C 681 31.03 -20.81 12.61
N ILE C 682 31.07 -19.71 11.86
CA ILE C 682 30.92 -18.39 12.45
C ILE C 682 29.46 -17.96 12.48
N TYR C 683 28.80 -17.98 11.34
CA TYR C 683 27.40 -17.55 11.22
C TYR C 683 26.47 -18.75 11.04
N THR C 684 26.77 -19.86 11.70
CA THR C 684 25.92 -21.04 11.65
C THR C 684 24.85 -20.95 12.73
N SER C 685 23.61 -21.31 12.36
CA SER C 685 22.48 -21.24 13.27
C SER C 685 21.65 -22.50 13.13
N PHE C 686 20.82 -22.75 14.15
CA PHE C 686 19.91 -23.88 14.18
C PHE C 686 18.47 -23.39 14.05
N HIS C 687 17.64 -24.19 13.39
CA HIS C 687 16.22 -23.87 13.24
C HIS C 687 15.41 -25.15 13.41
N ILE C 688 14.35 -25.07 14.21
CA ILE C 688 13.51 -26.23 14.51
C ILE C 688 12.08 -25.90 14.08
N ARG C 689 11.53 -26.70 13.18
CA ARG C 689 10.16 -26.56 12.72
C ARG C 689 9.36 -27.80 13.13
N LYS C 690 8.08 -27.59 13.39
CA LYS C 690 7.18 -28.67 13.79
C LYS C 690 6.12 -28.89 12.73
N TYR C 691 5.62 -30.12 12.65
CA TYR C 691 4.59 -30.48 11.69
C TYR C 691 3.51 -31.33 12.35
N ARG C 718 10.92 -46.05 3.96
CA ARG C 718 11.98 -46.78 4.65
C ARG C 718 12.16 -46.26 6.07
N ASN C 719 12.02 -44.95 6.25
CA ASN C 719 12.17 -44.34 7.56
C ASN C 719 10.95 -44.54 8.46
N LEU C 720 9.79 -44.85 7.87
CA LEU C 720 8.58 -45.05 8.66
C LEU C 720 8.69 -46.33 9.47
N ASP C 721 8.26 -46.26 10.73
CA ASP C 721 8.32 -47.40 11.63
C ASP C 721 7.10 -48.30 11.42
N LYS C 722 6.89 -49.25 12.32
CA LYS C 722 5.75 -50.16 12.21
C LYS C 722 4.43 -49.40 12.38
N ASN C 723 4.35 -48.51 13.37
CA ASN C 723 3.13 -47.73 13.55
C ASN C 723 2.96 -46.69 12.45
N GLY C 724 4.06 -46.24 11.86
CA GLY C 724 4.03 -45.25 10.79
C GLY C 724 4.77 -43.97 11.11
N ILE C 725 5.12 -43.73 12.37
CA ILE C 725 5.82 -42.52 12.76
C ILE C 725 7.29 -42.65 12.39
N VAL C 726 7.91 -41.54 12.00
CA VAL C 726 9.32 -41.55 11.65
C VAL C 726 10.16 -41.67 12.92
N MET C 727 11.10 -42.59 12.91
CA MET C 727 11.93 -42.85 14.09
C MET C 727 12.90 -41.70 14.33
N LEU C 728 13.44 -41.66 15.54
CA LEU C 728 14.44 -40.66 15.89
C LEU C 728 15.73 -40.90 15.11
N GLY C 729 16.40 -39.81 14.76
CA GLY C 729 17.62 -39.88 14.00
C GLY C 729 17.44 -40.02 12.50
N SER C 730 16.20 -39.96 12.00
CA SER C 730 15.96 -40.08 10.57
C SER C 730 16.27 -38.76 9.86
N TRP C 731 16.86 -38.87 8.67
CA TRP C 731 17.22 -37.70 7.87
C TRP C 731 16.21 -37.61 6.72
N VAL C 732 15.15 -36.84 6.95
CA VAL C 732 14.09 -36.68 5.97
C VAL C 732 14.56 -35.75 4.85
N GLU C 733 13.97 -35.92 3.67
CA GLU C 733 14.28 -35.11 2.52
C GLU C 733 12.98 -34.56 1.93
N THR C 734 13.11 -33.56 1.07
CA THR C 734 11.95 -32.96 0.43
C THR C 734 11.21 -34.00 -0.40
N GLY C 735 9.98 -34.32 0.03
CA GLY C 735 9.17 -35.34 -0.59
C GLY C 735 8.98 -36.59 0.25
N ASP C 736 9.80 -36.78 1.27
CA ASP C 736 9.66 -37.93 2.15
C ASP C 736 8.44 -37.75 3.05
N ILE C 737 7.72 -38.85 3.27
CA ILE C 737 6.49 -38.83 4.05
C ILE C 737 6.77 -39.38 5.44
N LEU C 738 6.11 -38.80 6.45
CA LEU C 738 6.24 -39.25 7.83
C LEU C 738 4.91 -39.01 8.55
N VAL C 739 4.45 -40.03 9.27
CA VAL C 739 3.18 -39.94 9.97
C VAL C 739 3.15 -40.93 11.14
N GLU C 772 -2.82 -34.95 3.28
CA GLU C 772 -3.30 -36.25 2.80
C GLU C 772 -3.28 -37.28 3.93
N THR C 773 -3.11 -38.55 3.56
CA THR C 773 -3.08 -39.61 4.56
C THR C 773 -1.79 -39.56 5.37
N CYS C 774 -0.66 -39.30 4.73
CA CYS C 774 0.64 -39.24 5.39
C CYS C 774 1.24 -37.85 5.16
N LEU C 775 1.68 -37.22 6.25
CA LEU C 775 2.30 -35.90 6.15
C LEU C 775 3.65 -36.00 5.47
N LYS C 776 3.91 -35.10 4.53
CA LYS C 776 5.16 -35.06 3.80
C LYS C 776 5.88 -33.74 4.07
N LEU C 777 7.20 -33.80 4.12
CA LEU C 777 7.99 -32.60 4.34
C LEU C 777 7.91 -31.69 3.12
N PRO C 778 7.65 -30.40 3.29
CA PRO C 778 7.53 -29.51 2.12
C PRO C 778 8.86 -29.22 1.46
N ILE C 779 8.85 -28.42 0.40
CA ILE C 779 10.08 -28.06 -0.30
C ILE C 779 10.90 -27.13 0.57
N GLY C 780 12.21 -27.37 0.62
CA GLY C 780 13.12 -26.56 1.40
C GLY C 780 13.28 -26.99 2.84
N GLY C 781 12.60 -28.07 3.26
CA GLY C 781 12.72 -28.53 4.62
C GLY C 781 13.37 -29.91 4.73
N ARG C 782 14.56 -29.96 5.30
CA ARG C 782 15.29 -31.22 5.44
C ARG C 782 16.19 -31.13 6.66
N GLY C 783 16.15 -32.16 7.50
CA GLY C 783 16.97 -32.15 8.70
C GLY C 783 16.74 -33.39 9.52
N ARG C 784 17.43 -33.45 10.66
CA ARG C 784 17.36 -34.58 11.55
C ARG C 784 16.12 -34.47 12.44
N VAL C 785 15.35 -35.55 12.53
CA VAL C 785 14.19 -35.61 13.40
C VAL C 785 14.68 -35.85 14.82
N ILE C 786 14.62 -34.82 15.66
CA ILE C 786 15.19 -34.91 16.99
C ILE C 786 14.27 -35.66 17.94
N ASP C 787 12.98 -35.37 17.90
CA ASP C 787 12.04 -36.05 18.79
C ASP C 787 10.65 -36.02 18.19
N VAL C 788 9.85 -37.01 18.55
CA VAL C 788 8.47 -37.14 18.09
C VAL C 788 7.58 -37.40 19.30
N ARG C 789 6.45 -36.70 19.36
CA ARG C 789 5.54 -36.85 20.48
C ARG C 789 4.18 -37.14 19.90
N TRP C 790 3.50 -38.14 20.47
CA TRP C 790 2.19 -38.51 19.96
C TRP C 790 1.15 -37.77 20.76
N ILE C 791 0.40 -36.91 20.10
CA ILE C 791 -0.63 -36.17 20.77
C ILE C 791 -1.89 -37.00 20.76
N GLN C 792 -1.89 -38.11 21.48
CA GLN C 792 -3.10 -38.92 21.56
C GLN C 792 -4.18 -38.15 22.25
N LYS C 793 -3.83 -37.43 23.32
CA LYS C 793 -4.82 -36.62 24.02
C LYS C 793 -4.56 -35.15 23.75
N ARG C 794 -5.51 -34.49 23.09
CA ARG C 794 -5.34 -33.07 22.73
C ARG C 794 -5.30 -32.04 23.86
N GLY C 795 -6.12 -32.18 24.88
CA GLY C 795 -6.19 -31.17 25.93
C GLY C 795 -7.24 -30.17 25.47
N GLY C 796 -7.70 -30.32 24.24
CA GLY C 796 -8.74 -29.46 23.68
C GLY C 796 -10.02 -30.00 24.26
N SER C 797 -9.93 -30.69 25.39
CA SER C 797 -11.08 -31.31 26.07
C SER C 797 -11.43 -32.66 25.48
N SER C 798 -10.59 -33.12 24.56
CA SER C 798 -10.82 -34.42 23.94
C SER C 798 -9.47 -35.03 23.68
N TYR C 799 -9.45 -36.34 23.50
CA TYR C 799 -8.20 -36.98 23.14
C TYR C 799 -8.18 -37.00 21.63
N ASN C 800 -7.47 -36.06 21.03
CA ASN C 800 -7.49 -36.00 19.59
C ASN C 800 -6.15 -36.39 19.01
N PRO C 801 -6.09 -37.60 18.44
CA PRO C 801 -4.83 -37.90 17.77
C PRO C 801 -4.98 -37.42 16.34
N GLU C 802 -5.16 -36.10 16.17
CA GLU C 802 -5.31 -35.55 14.85
C GLU C 802 -4.01 -35.80 14.17
N THR C 803 -2.91 -35.71 14.93
CA THR C 803 -1.60 -35.92 14.36
C THR C 803 -0.57 -35.97 15.49
N ILE C 804 0.62 -36.46 15.16
CA ILE C 804 1.73 -36.56 16.10
C ILE C 804 2.75 -35.49 15.76
N ARG C 805 3.13 -34.70 16.75
CA ARG C 805 4.07 -33.61 16.54
C ARG C 805 5.48 -34.15 16.29
N VAL C 806 6.11 -33.67 15.23
CA VAL C 806 7.47 -34.04 14.89
C VAL C 806 8.32 -32.79 14.78
N TYR C 807 9.59 -32.90 15.13
CA TYR C 807 10.52 -31.78 15.13
C TYR C 807 11.74 -32.13 14.29
N ILE C 808 12.12 -31.22 13.38
CA ILE C 808 13.31 -31.39 12.57
C ILE C 808 14.25 -30.22 12.85
N LEU C 809 15.55 -30.51 12.81
CA LEU C 809 16.58 -29.52 13.06
C LEU C 809 17.36 -29.26 11.77
N GLN C 810 17.47 -27.99 11.39
CA GLN C 810 18.16 -27.58 10.17
C GLN C 810 19.26 -26.59 10.55
N LYS C 811 20.52 -27.01 10.39
CA LYS C 811 21.65 -26.13 10.61
C LYS C 811 21.92 -25.37 9.32
N ARG C 812 21.49 -24.11 9.28
CA ARG C 812 21.59 -23.29 8.07
C ARG C 812 22.90 -22.52 8.09
N GLU C 813 23.83 -22.90 7.23
CA GLU C 813 25.09 -22.17 7.09
C GLU C 813 24.86 -20.89 6.31
N ILE C 814 25.72 -19.91 6.54
CA ILE C 814 25.61 -18.63 5.85
C ILE C 814 25.88 -18.83 4.37
N LYS C 815 24.94 -18.40 3.53
CA LYS C 815 25.01 -18.61 2.09
C LYS C 815 24.67 -17.32 1.37
N VAL C 816 24.67 -17.38 0.04
CA VAL C 816 24.32 -16.22 -0.77
C VAL C 816 22.83 -15.95 -0.66
N GLY C 817 22.47 -14.67 -0.58
CA GLY C 817 21.10 -14.25 -0.41
C GLY C 817 20.71 -13.90 1.01
N ASP C 818 21.52 -14.31 2.00
CA ASP C 818 21.23 -13.98 3.38
C ASP C 818 21.46 -12.50 3.63
N LYS C 819 20.73 -11.95 4.60
CA LYS C 819 20.78 -10.54 4.93
C LYS C 819 21.58 -10.36 6.23
N VAL C 820 22.65 -9.58 6.16
CA VAL C 820 23.45 -9.24 7.34
C VAL C 820 23.29 -7.75 7.60
N ALA C 821 23.13 -7.39 8.87
CA ALA C 821 22.86 -6.01 9.25
C ALA C 821 23.65 -5.66 10.50
N GLY C 822 24.01 -4.38 10.61
CA GLY C 822 24.70 -3.86 11.76
C GLY C 822 23.75 -3.13 12.71
N ARG C 823 24.36 -2.57 13.76
CA ARG C 823 23.61 -1.87 14.79
C ARG C 823 23.43 -0.39 14.49
N HIS C 824 23.77 0.06 13.29
CA HIS C 824 23.68 1.48 12.93
C HIS C 824 22.75 1.72 11.74
N GLY C 825 22.02 0.72 11.30
CA GLY C 825 21.14 0.86 10.15
C GLY C 825 21.70 0.34 8.85
N ASN C 826 22.93 -0.15 8.85
CA ASN C 826 23.53 -0.68 7.63
C ASN C 826 22.98 -2.08 7.34
N LYS C 827 22.45 -2.26 6.13
CA LYS C 827 21.86 -3.53 5.72
C LYS C 827 22.49 -3.95 4.39
N GLY C 828 22.79 -5.24 4.28
CA GLY C 828 23.40 -5.77 3.07
C GLY C 828 23.02 -7.19 2.76
N ILE C 829 22.85 -7.49 1.47
CA ILE C 829 22.53 -8.83 1.01
C ILE C 829 23.79 -9.44 0.41
N ILE C 830 24.10 -10.66 0.82
CA ILE C 830 25.32 -11.32 0.36
C ILE C 830 25.21 -11.61 -1.13
N SER C 831 26.24 -11.21 -1.87
CA SER C 831 26.27 -11.36 -3.32
C SER C 831 27.24 -12.43 -3.80
N LYS C 832 28.39 -12.59 -3.15
CA LYS C 832 29.37 -13.57 -3.62
C LYS C 832 30.25 -13.98 -2.46
N ILE C 833 30.67 -15.24 -2.47
CA ILE C 833 31.63 -15.78 -1.52
C ILE C 833 32.93 -16.05 -2.26
N LEU C 834 34.03 -15.53 -1.71
CA LEU C 834 35.33 -15.67 -2.33
C LEU C 834 36.29 -16.41 -1.40
N PRO C 835 37.25 -17.14 -1.95
CA PRO C 835 38.22 -17.85 -1.10
C PRO C 835 39.08 -16.87 -0.30
N ARG C 836 39.83 -17.44 0.65
CA ARG C 836 40.72 -16.64 1.47
C ARG C 836 41.82 -15.98 0.64
N GLN C 837 42.26 -16.64 -0.42
CA GLN C 837 43.35 -16.12 -1.23
C GLN C 837 42.91 -15.00 -2.17
N ASP C 838 41.61 -14.90 -2.46
CA ASP C 838 41.10 -13.89 -3.37
C ASP C 838 40.61 -12.63 -2.68
N MET C 839 40.50 -12.65 -1.35
CA MET C 839 40.04 -11.47 -0.62
C MET C 839 41.19 -10.49 -0.43
N PRO C 840 40.89 -9.19 -0.31
CA PRO C 840 41.94 -8.21 -0.03
C PRO C 840 42.58 -8.48 1.32
N TYR C 841 43.89 -8.24 1.42
CA TYR C 841 44.64 -8.51 2.63
C TYR C 841 45.34 -7.24 3.10
N LEU C 842 45.46 -7.11 4.42
CA LEU C 842 46.06 -5.94 5.03
C LEU C 842 47.59 -6.02 4.93
N GLN C 843 48.27 -5.06 5.55
CA GLN C 843 49.73 -5.09 5.57
C GLN C 843 50.28 -6.16 6.52
N ASP C 844 49.48 -6.57 7.51
CA ASP C 844 49.91 -7.65 8.39
C ASP C 844 49.84 -9.01 7.70
N GLY C 845 48.99 -9.14 6.67
CA GLY C 845 48.85 -10.38 5.95
C GLY C 845 47.55 -11.14 6.20
N ARG C 846 46.56 -10.50 6.81
CA ARG C 846 45.28 -11.14 7.10
C ARG C 846 44.24 -10.71 6.09
N SER C 847 43.46 -11.67 5.59
CA SER C 847 42.43 -11.37 4.61
C SER C 847 41.17 -10.86 5.31
N VAL C 848 40.55 -9.84 4.72
CA VAL C 848 39.33 -9.29 5.28
C VAL C 848 38.20 -10.30 5.12
N ASP C 849 37.21 -10.21 6.02
CA ASP C 849 36.08 -11.12 6.00
C ASP C 849 34.92 -10.60 5.17
N MET C 850 34.57 -9.32 5.32
CA MET C 850 33.47 -8.73 4.57
C MET C 850 33.95 -7.44 3.91
N VAL C 851 33.30 -7.10 2.80
CA VAL C 851 33.58 -5.87 2.06
C VAL C 851 32.26 -5.13 1.87
N PHE C 852 32.18 -3.90 2.38
CA PHE C 852 30.99 -3.08 2.31
C PHE C 852 31.19 -1.93 1.33
N ASN C 853 30.07 -1.42 0.83
CA ASN C 853 30.11 -0.30 -0.10
C ASN C 853 30.25 1.01 0.66
N PRO C 854 31.15 1.91 0.25
CA PRO C 854 31.35 3.15 1.01
C PRO C 854 30.32 4.22 0.71
N LEU C 855 29.71 4.16 -0.47
CA LEU C 855 28.79 5.21 -0.89
C LEU C 855 27.50 5.23 -0.09
N GLY C 856 27.19 4.16 0.66
CA GLY C 856 26.02 4.17 1.50
C GLY C 856 26.16 5.05 2.74
N VAL C 857 27.39 5.25 3.21
CA VAL C 857 27.66 6.02 4.41
C VAL C 857 27.15 7.46 4.28
N PRO C 858 27.46 8.20 3.21
CA PRO C 858 26.88 9.54 3.08
C PRO C 858 25.42 9.53 2.66
N SER C 859 24.91 8.41 2.13
CA SER C 859 23.51 8.36 1.71
C SER C 859 22.58 8.23 2.91
N ARG C 860 22.84 7.25 3.78
CA ARG C 860 21.98 7.03 4.94
C ARG C 860 22.40 7.82 6.17
N MET C 861 23.51 8.57 6.10
CA MET C 861 23.94 9.47 7.16
C MET C 861 24.23 8.71 8.46
N ASN C 862 25.21 7.81 8.38
CA ASN C 862 25.69 7.06 9.53
C ASN C 862 27.18 7.30 9.69
N VAL C 863 27.58 7.81 10.86
CA VAL C 863 28.97 8.13 11.14
C VAL C 863 29.49 7.25 12.27
N GLY C 864 28.58 6.80 13.14
CA GLY C 864 28.98 5.99 14.26
C GLY C 864 29.57 4.65 13.90
N GLN C 865 29.29 4.15 12.69
CA GLN C 865 29.82 2.85 12.29
C GLN C 865 31.33 2.91 12.14
N ILE C 866 31.88 4.03 11.67
CA ILE C 866 33.32 4.15 11.52
C ILE C 866 33.99 4.16 12.90
N PHE C 867 33.42 4.91 13.85
CA PHE C 867 33.92 4.89 15.21
C PHE C 867 33.89 3.47 15.78
N GLU C 868 32.77 2.76 15.57
CA GLU C 868 32.65 1.40 16.09
C GLU C 868 33.70 0.49 15.48
N CYS C 869 33.92 0.58 14.17
CA CYS C 869 34.91 -0.26 13.51
C CYS C 869 36.31 0.00 14.05
N SER C 870 36.69 1.28 14.13
CA SER C 870 38.04 1.62 14.58
C SER C 870 38.25 1.19 16.04
N LEU C 871 37.26 1.47 16.89
CA LEU C 871 37.41 1.10 18.30
C LEU C 871 37.39 -0.41 18.51
N GLY C 872 36.62 -1.14 17.68
CA GLY C 872 36.64 -2.58 17.77
C GLY C 872 37.96 -3.17 17.34
N LEU C 873 38.56 -2.62 16.29
CA LEU C 873 39.89 -3.05 15.89
C LEU C 873 40.91 -2.77 16.99
N ALA C 874 40.86 -1.58 17.58
CA ALA C 874 41.77 -1.25 18.67
C ALA C 874 41.59 -2.19 19.86
N GLY C 875 40.35 -2.52 20.19
CA GLY C 875 40.10 -3.41 21.31
C GLY C 875 40.52 -4.84 21.02
N SER C 876 40.34 -5.29 19.78
CA SER C 876 40.79 -6.62 19.41
C SER C 876 42.31 -6.73 19.44
N LEU C 877 43.01 -5.66 19.09
CA LEU C 877 44.46 -5.68 19.19
C LEU C 877 44.94 -5.54 20.64
N LEU C 878 44.19 -4.83 21.47
CA LEU C 878 44.56 -4.63 22.87
C LEU C 878 43.92 -5.62 23.82
N ASP C 879 43.05 -6.50 23.32
CA ASP C 879 42.34 -7.48 24.14
C ASP C 879 41.50 -6.78 25.21
N ARG C 880 40.64 -5.87 24.75
CA ARG C 880 39.79 -5.08 25.63
C ARG C 880 38.38 -5.03 25.05
N HIS C 881 37.42 -4.77 25.93
CA HIS C 881 36.03 -4.52 25.55
C HIS C 881 35.60 -3.16 26.08
N TYR C 882 34.81 -2.45 25.28
CA TYR C 882 34.41 -1.09 25.60
C TYR C 882 32.90 -1.02 25.77
N ARG C 883 32.46 -0.37 26.84
CA ARG C 883 31.03 -0.14 27.10
C ARG C 883 30.86 1.36 27.34
N ILE C 884 30.34 2.07 26.34
CA ILE C 884 30.27 3.53 26.34
C ILE C 884 28.82 3.95 26.51
N ALA C 885 28.58 4.91 27.40
CA ALA C 885 27.26 5.48 27.57
C ALA C 885 27.00 6.53 26.48
N PRO C 886 25.75 6.69 26.06
CA PRO C 886 25.44 7.63 24.98
C PRO C 886 25.72 9.07 25.39
N PHE C 887 25.91 9.91 24.37
CA PHE C 887 26.12 11.34 24.53
C PHE C 887 27.33 11.63 25.41
N ASP C 888 28.50 11.22 24.92
CA ASP C 888 29.76 11.46 25.62
C ASP C 888 30.35 12.83 25.30
N GLU C 889 29.72 13.61 24.42
CA GLU C 889 30.20 14.96 24.12
C GLU C 889 29.84 15.95 25.20
N ARG C 890 29.01 15.58 26.18
CA ARG C 890 28.71 16.47 27.28
C ARG C 890 29.93 16.71 28.16
N TYR C 891 30.87 15.76 28.18
CA TYR C 891 32.10 15.96 28.95
C TYR C 891 32.99 16.99 28.27
N GLU C 892 33.22 16.83 26.97
CA GLU C 892 34.07 17.75 26.22
C GLU C 892 33.73 17.63 24.75
N GLN C 893 34.09 18.67 24.00
CA GLN C 893 33.88 18.64 22.56
C GLN C 893 34.85 17.68 21.89
N GLU C 894 34.34 16.91 20.92
CA GLU C 894 35.12 15.91 20.20
C GLU C 894 35.67 14.85 21.17
N ALA C 895 34.79 14.31 22.00
CA ALA C 895 35.20 13.28 22.96
C ALA C 895 35.35 11.92 22.29
N SER C 896 34.46 11.59 21.35
CA SER C 896 34.54 10.29 20.69
C SER C 896 35.78 10.18 19.82
N ARG C 897 36.15 11.26 19.13
CA ARG C 897 37.39 11.26 18.35
C ARG C 897 38.59 10.92 19.22
N LYS C 898 38.70 11.56 20.38
CA LYS C 898 39.81 11.30 21.28
C LYS C 898 39.76 9.87 21.80
N LEU C 899 38.57 9.40 22.20
CA LEU C 899 38.43 8.05 22.72
C LEU C 899 38.87 7.01 21.70
N VAL C 900 38.55 7.24 20.42
CA VAL C 900 38.91 6.27 19.39
C VAL C 900 40.40 6.36 19.05
N PHE C 901 40.91 7.58 18.84
CA PHE C 901 42.28 7.74 18.40
C PHE C 901 43.28 7.35 19.46
N SER C 902 42.98 7.61 20.74
CA SER C 902 43.89 7.22 21.81
C SER C 902 44.06 5.70 21.85
N GLU C 903 42.95 4.98 21.75
CA GLU C 903 43.03 3.52 21.76
C GLU C 903 43.70 2.99 20.51
N LEU C 904 43.46 3.63 19.36
CA LEU C 904 44.14 3.21 18.13
C LEU C 904 45.65 3.37 18.26
N TYR C 905 46.09 4.53 18.77
CA TYR C 905 47.53 4.76 18.93
C TYR C 905 48.13 3.84 19.99
N GLU C 906 47.38 3.54 21.05
CA GLU C 906 47.88 2.61 22.05
C GLU C 906 48.05 1.21 21.47
N ALA C 907 47.10 0.77 20.66
CA ALA C 907 47.24 -0.52 19.99
C ALA C 907 48.37 -0.51 18.98
N SER C 908 48.63 0.63 18.35
CA SER C 908 49.71 0.72 17.38
C SER C 908 51.08 0.77 18.05
N LYS C 909 51.16 1.28 19.28
CA LYS C 909 52.46 1.40 19.94
C LYS C 909 52.78 0.20 20.82
N GLN C 910 51.78 -0.42 21.47
CA GLN C 910 52.05 -1.60 22.28
C GLN C 910 52.39 -2.79 21.39
N THR C 911 51.49 -3.11 20.46
CA THR C 911 51.78 -4.09 19.41
C THR C 911 52.33 -3.35 18.20
N ALA C 912 53.46 -3.79 17.69
CA ALA C 912 54.14 -3.07 16.63
C ALA C 912 53.40 -3.19 15.30
N ASN C 913 52.26 -2.52 15.18
CA ASN C 913 51.45 -2.50 13.97
C ASN C 913 51.22 -1.05 13.57
N PRO C 914 52.18 -0.42 12.89
CA PRO C 914 52.02 0.99 12.52
C PRO C 914 50.91 1.21 11.51
N TRP C 915 50.46 0.18 10.78
CA TRP C 915 49.39 0.36 9.81
C TRP C 915 48.05 0.60 10.47
N VAL C 916 47.92 0.31 11.77
CA VAL C 916 46.65 0.53 12.46
C VAL C 916 46.34 2.01 12.56
N PHE C 917 47.28 2.79 13.11
CA PHE C 917 47.13 4.23 13.23
C PHE C 917 48.21 4.90 12.40
N GLU C 918 47.83 5.46 11.26
CA GLU C 918 48.75 6.21 10.42
C GLU C 918 48.47 7.69 10.54
N PRO C 919 49.47 8.51 10.87
CA PRO C 919 49.21 9.93 11.09
C PRO C 919 48.65 10.67 9.88
N GLU C 920 49.07 10.29 8.67
CA GLU C 920 48.59 10.98 7.47
C GLU C 920 47.08 10.86 7.33
N TYR C 921 46.52 9.72 7.70
CA TYR C 921 45.07 9.50 7.63
C TYR C 921 44.67 8.58 8.76
N PRO C 922 44.41 9.14 9.95
CA PRO C 922 44.02 8.31 11.08
C PRO C 922 42.69 7.61 10.83
N GLY C 923 42.64 6.32 11.14
CA GLY C 923 41.48 5.50 10.91
C GLY C 923 41.43 4.81 9.57
N LYS C 924 42.33 5.14 8.65
CA LYS C 924 42.39 4.53 7.34
C LYS C 924 43.75 3.87 7.15
N SER C 925 43.75 2.78 6.38
CA SER C 925 44.97 2.04 6.10
C SER C 925 44.97 1.60 4.65
N ARG C 926 46.16 1.34 4.12
CA ARG C 926 46.33 0.89 2.76
C ARG C 926 46.28 -0.63 2.69
N ILE C 927 45.45 -1.15 1.79
CA ILE C 927 45.31 -2.59 1.61
C ILE C 927 45.73 -2.95 0.19
N PHE C 928 45.80 -4.25 -0.06
CA PHE C 928 46.24 -4.79 -1.34
C PHE C 928 45.13 -5.57 -2.01
N ASP C 929 45.32 -5.85 -3.29
CA ASP C 929 44.40 -6.69 -4.04
C ASP C 929 44.80 -8.15 -3.89
N GLY C 930 43.79 -9.03 -3.87
CA GLY C 930 44.06 -10.44 -3.70
C GLY C 930 44.42 -11.16 -4.98
N ARG C 931 43.99 -10.65 -6.13
CA ARG C 931 44.25 -11.32 -7.39
C ARG C 931 45.63 -10.96 -7.93
N THR C 932 45.92 -9.67 -8.05
CA THR C 932 47.18 -9.21 -8.63
C THR C 932 48.23 -8.84 -7.60
N GLY C 933 47.84 -8.67 -6.33
CA GLY C 933 48.79 -8.29 -5.31
C GLY C 933 49.32 -6.87 -5.44
N ASN C 934 48.49 -5.95 -5.93
CA ASN C 934 48.88 -4.56 -6.10
C ASN C 934 48.08 -3.66 -5.17
N PRO C 935 48.71 -2.64 -4.58
CA PRO C 935 47.99 -1.76 -3.66
C PRO C 935 47.02 -0.85 -4.40
N PHE C 936 45.87 -0.61 -3.79
CA PHE C 936 44.94 0.37 -4.32
C PHE C 936 45.49 1.78 -4.07
N GLU C 937 45.09 2.71 -4.93
CA GLU C 937 45.65 4.06 -4.87
C GLU C 937 45.05 4.91 -3.76
N GLN C 938 44.07 4.40 -3.01
CA GLN C 938 43.49 5.16 -1.92
C GLN C 938 43.31 4.28 -0.69
N PRO C 939 43.54 4.82 0.50
CA PRO C 939 43.32 4.05 1.72
C PRO C 939 41.84 3.76 1.94
N VAL C 940 41.58 2.71 2.72
CA VAL C 940 40.23 2.28 3.03
C VAL C 940 40.06 2.17 4.54
N ILE C 941 38.79 2.18 4.97
CA ILE C 941 38.47 2.05 6.38
C ILE C 941 38.57 0.58 6.78
N ILE C 942 39.32 0.31 7.85
CA ILE C 942 39.53 -1.04 8.36
C ILE C 942 39.04 -1.08 9.80
N GLY C 943 38.26 -2.10 10.14
CA GLY C 943 37.77 -2.25 11.49
C GLY C 943 37.09 -3.58 11.68
N LYS C 944 36.66 -3.83 12.92
CA LYS C 944 35.97 -5.06 13.30
C LYS C 944 34.62 -4.68 13.91
N PRO C 945 33.62 -4.41 13.07
CA PRO C 945 32.28 -4.11 13.59
C PRO C 945 31.56 -5.37 14.04
N TYR C 946 30.39 -5.16 14.65
CA TYR C 946 29.56 -6.23 15.17
C TYR C 946 28.41 -6.45 14.19
N ILE C 947 28.52 -7.49 13.37
CA ILE C 947 27.57 -7.76 12.31
C ILE C 947 26.58 -8.82 12.79
N LEU C 948 25.30 -8.59 12.53
CA LEU C 948 24.23 -9.49 12.93
C LEU C 948 23.65 -10.20 11.72
N LYS C 949 23.12 -11.39 11.93
CA LYS C 949 22.47 -12.18 10.90
C LYS C 949 20.96 -12.08 11.04
N LEU C 950 20.29 -11.74 9.96
CA LEU C 950 18.85 -11.52 9.98
C LEU C 950 18.09 -12.81 9.70
N ILE C 951 16.85 -12.88 10.17
CA ILE C 951 16.05 -14.08 10.00
C ILE C 951 15.42 -14.13 8.61
N HIS C 952 14.97 -12.98 8.11
CA HIS C 952 14.34 -12.92 6.79
C HIS C 952 15.42 -13.00 5.72
N GLN C 953 15.35 -14.03 4.88
CA GLN C 953 16.32 -14.22 3.81
C GLN C 953 15.72 -13.84 2.46
N GLY C 986 -1.89 -7.99 -9.81
CA GLY C 986 -2.79 -6.92 -9.44
C GLY C 986 -3.22 -6.06 -10.61
N GLU C 987 -3.82 -4.91 -10.31
CA GLU C 987 -4.28 -4.01 -11.37
C GLU C 987 -3.13 -3.26 -12.02
N MET C 988 -2.06 -2.96 -11.26
CA MET C 988 -0.94 -2.22 -11.83
C MET C 988 -0.20 -3.06 -12.87
N GLU C 989 -0.08 -4.37 -12.62
CA GLU C 989 0.57 -5.24 -13.60
C GLU C 989 -0.25 -5.33 -14.88
N VAL C 990 -1.57 -5.38 -14.76
CA VAL C 990 -2.43 -5.40 -15.93
C VAL C 990 -2.32 -4.09 -16.70
N TRP C 991 -2.27 -2.97 -15.98
CA TRP C 991 -2.09 -1.68 -16.64
C TRP C 991 -0.76 -1.62 -17.38
N ALA C 992 0.31 -2.14 -16.78
CA ALA C 992 1.61 -2.13 -17.43
C ALA C 992 1.61 -3.02 -18.67
N LEU C 993 0.99 -4.20 -18.58
CA LEU C 993 0.94 -5.10 -19.72
C LEU C 993 0.10 -4.50 -20.85
N GLU C 994 -0.96 -3.78 -20.52
CA GLU C 994 -1.75 -3.09 -21.54
C GLU C 994 -0.96 -1.92 -22.14
N GLY C 995 -0.11 -1.28 -21.34
CA GLY C 995 0.73 -0.22 -21.88
C GLY C 995 1.78 -0.75 -22.84
N PHE C 996 2.37 -1.90 -22.54
CA PHE C 996 3.34 -2.50 -23.45
C PHE C 996 2.66 -2.96 -24.73
N GLY C 997 1.44 -3.47 -24.63
CA GLY C 997 0.72 -3.98 -25.78
C GLY C 997 0.69 -5.48 -25.92
N VAL C 998 0.96 -6.22 -24.84
CA VAL C 998 0.98 -7.68 -24.89
C VAL C 998 -0.39 -8.16 -24.45
N ALA C 999 -1.29 -8.35 -25.42
CA ALA C 999 -2.64 -8.79 -25.11
C ALA C 999 -2.70 -10.29 -24.87
N HIS C 1000 -1.95 -11.08 -25.64
CA HIS C 1000 -1.96 -12.52 -25.48
C HIS C 1000 -1.35 -12.94 -24.14
N ILE C 1001 -0.28 -12.27 -23.72
CA ILE C 1001 0.33 -12.58 -22.43
C ILE C 1001 -0.64 -12.24 -21.30
N LEU C 1002 -1.33 -11.11 -21.41
CA LEU C 1002 -2.31 -10.74 -20.40
C LEU C 1002 -3.46 -11.74 -20.34
N GLN C 1003 -3.93 -12.19 -21.51
CA GLN C 1003 -4.99 -13.19 -21.54
C GLN C 1003 -4.53 -14.50 -20.90
N GLU C 1004 -3.32 -14.95 -21.23
CA GLU C 1004 -2.81 -16.18 -20.63
C GLU C 1004 -2.66 -16.04 -19.12
N MET C 1005 -2.17 -14.90 -18.65
CA MET C 1005 -2.02 -14.69 -17.21
C MET C 1005 -3.37 -14.68 -16.50
N LEU C 1006 -4.37 -14.04 -17.11
CA LEU C 1006 -5.69 -14.01 -16.50
C LEU C 1006 -6.33 -15.39 -16.48
N THR C 1007 -6.15 -16.16 -17.56
CA THR C 1007 -6.71 -17.51 -17.57
C THR C 1007 -5.99 -18.43 -16.59
N TYR C 1008 -4.69 -18.21 -16.37
CA TYR C 1008 -3.97 -19.01 -15.37
C TYR C 1008 -4.38 -18.62 -13.96
N LYS C 1009 -4.63 -17.33 -13.72
CA LYS C 1009 -5.05 -16.89 -12.40
C LYS C 1009 -6.47 -17.32 -12.09
N SER C 1010 -7.35 -17.35 -13.10
CA SER C 1010 -8.73 -17.74 -12.88
C SER C 1010 -8.87 -19.26 -12.76
N ASP C 1011 -8.29 -19.99 -13.71
CA ASP C 1011 -8.36 -21.45 -13.71
C ASP C 1011 -7.24 -22.03 -12.85
N ALA C 1035 -16.67 -20.12 -22.96
CA ALA C 1035 -16.78 -19.00 -22.04
C ALA C 1035 -15.81 -19.17 -20.88
N PRO C 1036 -15.18 -18.06 -20.47
CA PRO C 1036 -14.23 -18.12 -19.35
C PRO C 1036 -14.94 -18.44 -18.05
N GLU C 1037 -14.13 -18.81 -17.04
CA GLU C 1037 -14.69 -19.13 -15.73
C GLU C 1037 -15.14 -17.88 -15.00
N SER C 1038 -14.39 -16.78 -15.14
CA SER C 1038 -14.76 -15.54 -14.47
C SER C 1038 -16.09 -15.00 -14.97
N PHE C 1039 -16.33 -15.11 -16.28
CA PHE C 1039 -17.59 -14.64 -16.84
C PHE C 1039 -18.76 -15.46 -16.32
N ARG C 1040 -18.60 -16.79 -16.24
CA ARG C 1040 -19.67 -17.62 -15.70
C ARG C 1040 -19.91 -17.30 -14.23
N LEU C 1041 -18.85 -17.13 -13.45
CA LEU C 1041 -19.01 -16.77 -12.04
C LEU C 1041 -19.77 -15.46 -11.90
N LEU C 1042 -19.41 -14.46 -12.71
CA LEU C 1042 -20.04 -13.15 -12.61
C LEU C 1042 -21.51 -13.22 -13.03
N VAL C 1043 -21.81 -13.95 -14.11
CA VAL C 1043 -23.19 -14.01 -14.56
C VAL C 1043 -24.05 -14.78 -13.58
N ARG C 1044 -23.49 -15.81 -12.93
CA ARG C 1044 -24.25 -16.52 -11.90
C ARG C 1044 -24.51 -15.63 -10.70
N GLU C 1045 -23.48 -14.91 -10.24
CA GLU C 1045 -23.64 -14.03 -9.09
C GLU C 1045 -24.62 -12.90 -9.39
N LEU C 1046 -24.70 -12.46 -10.64
CA LEU C 1046 -25.63 -11.39 -10.98
C LEU C 1046 -27.06 -11.90 -11.18
N ARG C 1047 -27.22 -13.09 -11.77
CA ARG C 1047 -28.54 -13.65 -11.93
C ARG C 1047 -29.11 -14.21 -10.64
N SER C 1048 -28.27 -14.41 -9.62
CA SER C 1048 -28.80 -14.70 -8.29
C SER C 1048 -29.56 -13.53 -7.70
N LEU C 1049 -29.47 -12.34 -8.30
CA LEU C 1049 -30.17 -11.15 -7.83
C LEU C 1049 -31.13 -10.62 -8.90
N ALA C 1050 -31.64 -11.51 -9.75
CA ALA C 1050 -32.60 -11.16 -10.79
C ALA C 1050 -32.03 -10.16 -11.78
N LEU C 1051 -30.89 -10.51 -12.38
CA LEU C 1051 -30.23 -9.70 -13.40
C LEU C 1051 -29.75 -10.62 -14.51
N GLU C 1052 -30.17 -10.34 -15.74
CA GLU C 1052 -29.85 -11.20 -16.88
C GLU C 1052 -28.70 -10.61 -17.68
N LEU C 1053 -27.79 -11.48 -18.11
CA LEU C 1053 -26.66 -11.08 -18.95
C LEU C 1053 -26.55 -12.02 -20.14
N ASN C 1054 -26.17 -11.46 -21.28
CA ASN C 1054 -25.96 -12.24 -22.50
C ASN C 1054 -24.75 -11.68 -23.24
N HIS C 1055 -24.03 -12.59 -23.91
CA HIS C 1055 -22.85 -12.17 -24.65
C HIS C 1055 -23.21 -11.63 -26.04
N PHE C 1056 -24.03 -12.38 -26.79
CA PHE C 1056 -24.59 -11.94 -28.06
C PHE C 1056 -23.49 -11.51 -29.05
N LEU C 1057 -22.66 -12.49 -29.42
CA LEU C 1057 -21.65 -12.25 -30.44
C LEU C 1057 -22.32 -12.17 -31.81
N VAL C 1058 -22.26 -10.99 -32.43
CA VAL C 1058 -22.91 -10.75 -33.72
C VAL C 1058 -21.91 -11.02 -34.83
N SER C 1059 -22.36 -11.75 -35.85
CA SER C 1059 -21.51 -12.05 -37.00
C SER C 1059 -21.71 -11.00 -38.08
N GLU C 1060 -20.60 -10.48 -38.60
CA GLU C 1060 -20.65 -9.40 -39.59
C GLU C 1060 -20.87 -9.90 -41.01
N LYS C 1061 -20.84 -11.21 -41.24
CA LYS C 1061 -21.01 -11.72 -42.60
C LYS C 1061 -22.48 -11.99 -42.92
N ASN C 1062 -23.14 -12.82 -42.11
CA ASN C 1062 -24.52 -13.21 -42.37
C ASN C 1062 -25.53 -12.46 -41.52
N PHE C 1063 -25.08 -11.59 -40.61
CA PHE C 1063 -25.97 -10.75 -39.81
C PHE C 1063 -26.93 -11.58 -38.96
N GLN C 1064 -26.36 -12.47 -38.15
CA GLN C 1064 -27.15 -13.27 -37.22
C GLN C 1064 -26.56 -13.14 -35.83
N ILE C 1065 -27.44 -13.23 -34.83
CA ILE C 1065 -27.05 -13.09 -33.43
C ILE C 1065 -26.93 -14.48 -32.81
N ASN C 1066 -25.79 -14.75 -32.17
CA ASN C 1066 -25.52 -16.03 -31.55
C ASN C 1066 -25.21 -15.82 -30.07
N ARG C 1067 -26.08 -16.34 -29.21
CA ARG C 1067 -25.87 -16.25 -27.77
C ARG C 1067 -24.87 -17.31 -27.32
N LYS C 1068 -23.87 -16.89 -26.55
CA LYS C 1068 -22.83 -17.78 -26.06
C LYS C 1068 -22.98 -17.94 -24.55
N GLU C 1069 -23.12 -19.18 -24.10
CA GLU C 1069 -23.28 -19.47 -22.68
C GLU C 1069 -22.21 -20.43 -22.18
N MET D 8 -8.82 0.61 -46.41
CA MET D 8 -8.59 -0.51 -45.51
C MET D 8 -9.83 -0.83 -44.68
N ILE D 9 -10.50 -1.93 -45.02
CA ILE D 9 -11.69 -2.34 -44.29
C ILE D 9 -11.27 -3.00 -42.98
N ASP D 10 -11.91 -2.60 -41.88
CA ASP D 10 -11.62 -3.19 -40.59
C ASP D 10 -12.22 -4.60 -40.50
N ARG D 11 -11.84 -5.31 -39.45
CA ARG D 11 -12.35 -6.67 -39.26
C ARG D 11 -13.82 -6.68 -38.84
N TYR D 12 -14.31 -5.60 -38.27
CA TYR D 12 -15.73 -5.45 -37.92
C TYR D 12 -16.19 -6.55 -36.96
N LYS D 13 -15.57 -6.57 -35.78
CA LYS D 13 -16.01 -7.46 -34.70
C LYS D 13 -17.10 -6.76 -33.89
N HIS D 14 -18.16 -7.51 -33.58
CA HIS D 14 -19.34 -6.94 -32.93
C HIS D 14 -19.74 -7.83 -31.76
N GLN D 15 -19.66 -7.28 -30.55
CA GLN D 15 -20.05 -7.97 -29.33
C GLN D 15 -20.90 -7.02 -28.50
N GLN D 16 -22.09 -7.47 -28.12
CA GLN D 16 -23.04 -6.62 -27.39
C GLN D 16 -23.49 -7.35 -26.13
N LEU D 17 -22.99 -6.90 -24.98
CA LEU D 17 -23.39 -7.46 -23.70
C LEU D 17 -24.61 -6.69 -23.19
N ARG D 18 -25.73 -7.38 -23.04
CA ARG D 18 -27.00 -6.77 -22.68
C ARG D 18 -27.39 -7.17 -21.26
N ILE D 19 -27.93 -6.20 -20.51
CA ILE D 19 -28.38 -6.42 -19.15
C ILE D 19 -29.86 -6.09 -19.07
N GLY D 20 -30.57 -6.78 -18.18
CA GLY D 20 -31.99 -6.53 -18.01
C GLY D 20 -32.52 -7.24 -16.78
N SER D 21 -33.74 -6.88 -16.40
CA SER D 21 -34.41 -7.48 -15.26
C SER D 21 -35.19 -8.70 -15.72
N VAL D 22 -35.02 -9.82 -15.02
CA VAL D 22 -35.65 -11.06 -15.44
C VAL D 22 -37.16 -11.01 -15.17
N SER D 23 -37.88 -11.86 -15.88
CA SER D 23 -39.32 -12.02 -15.81
C SER D 23 -39.69 -13.25 -14.99
N PRO D 24 -40.85 -13.24 -14.33
CA PRO D 24 -41.27 -14.42 -13.57
C PRO D 24 -41.44 -15.68 -14.42
N GLN D 25 -41.43 -15.56 -15.75
CA GLN D 25 -41.49 -16.72 -16.62
C GLN D 25 -40.10 -17.22 -17.02
N GLN D 26 -39.16 -16.30 -17.24
CA GLN D 26 -37.82 -16.69 -17.65
C GLN D 26 -37.02 -17.29 -16.50
N ILE D 27 -37.38 -16.99 -15.25
CA ILE D 27 -36.65 -17.53 -14.11
C ILE D 27 -36.77 -19.04 -14.05
N SER D 28 -37.88 -19.60 -14.56
CA SER D 28 -38.07 -21.03 -14.56
C SER D 28 -37.16 -21.76 -15.55
N ALA D 29 -36.65 -21.04 -16.55
CA ALA D 29 -35.82 -21.68 -17.57
C ALA D 29 -34.42 -22.03 -17.06
N TRP D 30 -34.06 -21.61 -15.86
CA TRP D 30 -32.73 -21.88 -15.32
C TRP D 30 -32.69 -23.14 -14.46
N ALA D 31 -33.62 -23.26 -13.51
CA ALA D 31 -33.57 -24.33 -12.52
C ALA D 31 -34.41 -25.55 -12.89
N THR D 32 -35.52 -25.36 -13.62
CA THR D 32 -36.38 -26.48 -13.97
C THR D 32 -35.67 -27.39 -14.97
N LYS D 33 -35.48 -28.65 -14.59
CA LYS D 33 -34.82 -29.64 -15.44
C LYS D 33 -35.71 -30.86 -15.60
N ILE D 34 -35.38 -31.68 -16.60
CA ILE D 34 -36.17 -32.87 -16.87
C ILE D 34 -35.70 -34.01 -15.97
N LEU D 35 -36.56 -35.02 -15.83
CA LEU D 35 -36.28 -36.18 -15.01
C LEU D 35 -36.75 -37.42 -15.75
N PRO D 36 -36.32 -38.61 -15.31
CA PRO D 36 -36.76 -39.83 -16.01
C PRO D 36 -38.23 -40.14 -15.79
N ASN D 37 -38.72 -40.00 -14.55
CA ASN D 37 -40.13 -40.28 -14.29
C ASN D 37 -41.04 -39.19 -14.84
N GLY D 38 -40.52 -37.97 -14.98
CA GLY D 38 -41.29 -36.85 -15.50
C GLY D 38 -41.78 -35.86 -14.46
N GLU D 39 -41.45 -36.08 -13.19
CA GLU D 39 -41.88 -35.16 -12.15
C GLU D 39 -41.08 -33.86 -12.20
N ILE D 40 -41.77 -32.74 -12.04
CA ILE D 40 -41.11 -31.43 -12.06
C ILE D 40 -40.29 -31.27 -10.79
N VAL D 41 -39.02 -30.88 -10.96
CA VAL D 41 -38.10 -30.71 -9.85
C VAL D 41 -37.39 -29.37 -10.00
N GLY D 42 -36.88 -28.88 -8.88
CA GLY D 42 -36.15 -27.63 -8.86
C GLY D 42 -36.47 -26.75 -7.66
N GLU D 43 -37.43 -27.19 -6.85
CA GLU D 43 -37.90 -26.42 -5.71
C GLU D 43 -37.27 -26.94 -4.43
N VAL D 44 -36.89 -26.01 -3.55
CA VAL D 44 -36.38 -26.36 -2.23
C VAL D 44 -37.54 -26.29 -1.23
N THR D 45 -37.84 -27.42 -0.58
CA THR D 45 -38.95 -27.50 0.35
C THR D 45 -38.55 -27.90 1.75
N LYS D 46 -37.27 -28.20 1.99
CA LYS D 46 -36.82 -28.59 3.31
C LYS D 46 -35.82 -27.56 3.86
N PRO D 47 -35.95 -27.17 5.12
CA PRO D 47 -35.01 -26.17 5.66
C PRO D 47 -33.61 -26.71 5.87
N TYR D 48 -33.48 -27.92 6.39
CA TYR D 48 -32.17 -28.50 6.65
C TYR D 48 -31.57 -29.07 5.36
N THR D 49 -30.32 -28.73 5.09
CA THR D 49 -29.66 -29.15 3.85
C THR D 49 -28.84 -30.42 4.01
N PHE D 50 -28.32 -30.68 5.22
CA PHE D 50 -27.53 -31.88 5.48
C PHE D 50 -28.13 -32.64 6.66
N HIS D 51 -27.80 -33.93 6.72
CA HIS D 51 -28.27 -34.79 7.80
C HIS D 51 -27.26 -34.79 8.95
N TYR D 52 -27.76 -34.72 10.17
CA TYR D 52 -26.89 -34.68 11.33
C TYR D 52 -26.17 -36.02 11.50
N LYS D 53 -24.87 -35.95 11.77
CA LYS D 53 -23.99 -37.10 11.99
C LYS D 53 -23.93 -38.04 10.80
N THR D 54 -24.38 -37.60 9.62
CA THR D 54 -24.35 -38.43 8.42
C THR D 54 -23.49 -37.85 7.30
N ASN D 55 -23.29 -36.53 7.28
CA ASN D 55 -22.50 -35.86 6.25
C ASN D 55 -23.06 -36.14 4.85
N LYS D 56 -24.38 -36.23 4.75
CA LYS D 56 -25.04 -36.48 3.49
C LYS D 56 -26.00 -35.35 3.14
N PRO D 57 -26.08 -34.94 1.88
CA PRO D 57 -27.00 -33.87 1.49
C PRO D 57 -28.45 -34.30 1.65
N GLU D 58 -29.18 -33.58 2.51
CA GLU D 58 -30.59 -33.88 2.71
C GLU D 58 -31.40 -33.49 1.48
N LYS D 59 -32.47 -34.25 1.25
CA LYS D 59 -33.29 -34.03 0.05
C LYS D 59 -34.05 -32.71 0.15
N ASP D 60 -34.16 -32.02 -0.99
CA ASP D 60 -34.91 -30.78 -1.10
C ASP D 60 -34.39 -29.70 -0.13
N GLY D 61 -33.07 -29.68 0.05
CA GLY D 61 -32.42 -28.71 0.91
C GLY D 61 -31.74 -27.61 0.13
N LEU D 62 -30.65 -27.09 0.69
CA LEU D 62 -29.86 -26.07 0.03
C LEU D 62 -28.75 -26.67 -0.83
N PHE D 63 -28.05 -27.67 -0.30
CA PHE D 63 -26.98 -28.36 -1.02
C PHE D 63 -27.44 -29.77 -1.44
N CYS D 64 -28.71 -29.89 -1.79
CA CYS D 64 -29.29 -31.19 -2.13
C CYS D 64 -28.84 -31.63 -3.52
N GLU D 65 -29.39 -32.76 -3.97
CA GLU D 65 -29.00 -33.37 -5.23
C GLU D 65 -30.17 -33.34 -6.21
N ARG D 66 -29.84 -33.56 -7.49
CA ARG D 66 -30.79 -33.71 -8.59
C ARG D 66 -31.43 -32.38 -8.98
N ILE D 67 -31.21 -31.34 -8.19
CA ILE D 67 -31.67 -29.99 -8.54
C ILE D 67 -30.53 -29.01 -8.31
N PHE D 68 -29.48 -29.46 -7.61
CA PHE D 68 -28.29 -28.66 -7.39
C PHE D 68 -26.99 -29.38 -7.72
N GLY D 69 -26.98 -30.71 -7.78
CA GLY D 69 -25.79 -31.46 -8.09
C GLY D 69 -25.97 -32.50 -9.17
N SER D 104 -17.56 -32.19 -11.46
CA SER D 104 -18.65 -31.70 -10.61
C SER D 104 -18.99 -30.26 -10.93
N ARG D 105 -18.60 -29.80 -12.12
CA ARG D 105 -18.88 -28.43 -12.53
C ARG D 105 -20.35 -28.22 -12.85
N ILE D 106 -21.09 -29.29 -13.18
CA ILE D 106 -22.52 -29.17 -13.39
C ILE D 106 -23.21 -28.74 -12.11
N ARG D 107 -22.70 -29.19 -10.96
CA ARG D 107 -23.24 -28.75 -9.68
C ARG D 107 -22.91 -27.28 -9.43
N ARG D 108 -21.73 -26.84 -9.84
CA ARG D 108 -21.36 -25.44 -9.69
C ARG D 108 -22.15 -24.53 -10.62
N TYR D 109 -22.65 -25.06 -11.74
CA TYR D 109 -23.40 -24.26 -12.70
C TYR D 109 -24.91 -24.36 -12.53
N GLN D 110 -25.40 -25.42 -11.88
CA GLN D 110 -26.84 -25.59 -11.70
C GLN D 110 -27.33 -24.71 -10.55
N MET D 111 -28.56 -24.22 -10.69
CA MET D 111 -29.17 -23.33 -9.71
C MET D 111 -30.56 -23.85 -9.35
N GLY D 112 -31.15 -23.20 -8.35
CA GLY D 112 -32.47 -23.57 -7.89
C GLY D 112 -33.41 -22.38 -7.88
N TYR D 113 -34.68 -22.66 -7.62
CA TYR D 113 -35.72 -21.63 -7.57
C TYR D 113 -36.72 -21.96 -6.49
N ILE D 114 -37.19 -20.93 -5.80
CA ILE D 114 -38.15 -21.07 -4.71
C ILE D 114 -39.38 -20.23 -5.03
N LYS D 115 -40.55 -20.85 -4.95
CA LYS D 115 -41.81 -20.15 -5.15
C LYS D 115 -42.23 -19.48 -3.86
N LEU D 116 -42.69 -18.24 -3.97
CA LEU D 116 -43.14 -17.45 -2.83
C LEU D 116 -44.66 -17.31 -2.87
N ALA D 117 -45.30 -17.55 -1.73
CA ALA D 117 -46.76 -17.44 -1.67
C ALA D 117 -47.21 -16.00 -1.80
N CYS D 118 -46.48 -15.07 -1.19
CA CYS D 118 -46.80 -13.65 -1.27
C CYS D 118 -45.71 -12.90 -2.03
N PRO D 119 -46.08 -12.00 -2.93
CA PRO D 119 -45.07 -11.25 -3.67
C PRO D 119 -44.25 -10.35 -2.76
N VAL D 120 -43.01 -10.09 -3.13
CA VAL D 120 -42.16 -9.18 -2.36
C VAL D 120 -41.55 -8.17 -3.33
N THR D 121 -40.88 -7.13 -2.84
CA THR D 121 -40.35 -6.09 -3.73
C THR D 121 -38.84 -5.94 -3.63
N HIS D 122 -38.16 -5.66 -4.75
CA HIS D 122 -36.71 -5.52 -4.74
C HIS D 122 -36.18 -4.52 -3.73
N VAL D 123 -34.98 -4.75 -3.25
CA VAL D 123 -34.41 -3.90 -2.21
C VAL D 123 -34.11 -2.50 -2.74
N TRP D 124 -33.36 -2.41 -3.84
CA TRP D 124 -32.93 -1.12 -4.38
C TRP D 124 -33.92 -0.53 -5.37
N TYR D 125 -35.16 -1.00 -5.38
CA TYR D 125 -36.07 -0.40 -6.34
C TYR D 125 -36.92 0.54 -5.56
N LEU D 126 -36.96 0.35 -4.24
CA LEU D 126 -37.81 1.18 -3.43
C LEU D 126 -37.13 2.03 -2.36
N LYS D 127 -36.47 1.40 -1.41
CA LYS D 127 -35.90 2.14 -0.28
C LYS D 127 -34.90 3.22 -0.65
N ARG D 128 -34.14 3.00 -1.71
CA ARG D 128 -33.09 3.93 -2.12
C ARG D 128 -33.67 5.29 -2.46
N LEU D 129 -32.80 6.29 -2.47
CA LEU D 129 -33.23 7.65 -2.80
C LEU D 129 -33.85 7.75 -4.19
N PRO D 130 -33.27 7.17 -5.26
CA PRO D 130 -34.00 7.10 -6.52
C PRO D 130 -35.04 6.00 -6.48
N SER D 131 -36.30 6.39 -6.35
CA SER D 131 -37.41 5.46 -6.22
C SER D 131 -38.15 5.41 -7.55
N TYR D 132 -37.78 4.44 -8.39
CA TYR D 132 -38.39 4.34 -9.71
C TYR D 132 -39.87 4.01 -9.62
N ILE D 133 -40.26 3.18 -8.65
CA ILE D 133 -41.68 2.85 -8.49
C ILE D 133 -42.48 4.08 -8.09
N ALA D 134 -41.94 4.89 -7.17
CA ALA D 134 -42.62 6.11 -6.77
C ALA D 134 -42.69 7.11 -7.93
N ASN D 135 -41.66 7.14 -8.77
CA ASN D 135 -41.69 8.01 -9.94
C ASN D 135 -42.67 7.51 -11.00
N LEU D 136 -42.95 6.21 -11.03
CA LEU D 136 -43.91 5.67 -11.98
C LEU D 136 -45.34 5.68 -11.47
N LEU D 137 -45.55 5.82 -10.16
CA LEU D 137 -46.88 5.76 -9.58
C LEU D 137 -47.42 7.11 -9.14
N ASP D 138 -46.66 8.20 -9.33
CA ASP D 138 -47.10 9.55 -9.01
C ASP D 138 -47.52 9.70 -7.55
N LYS D 139 -46.95 8.90 -6.66
CA LYS D 139 -47.30 8.99 -5.25
C LYS D 139 -46.04 9.10 -4.41
N PRO D 140 -46.06 9.93 -3.36
CA PRO D 140 -44.91 10.03 -2.46
C PRO D 140 -44.57 8.69 -1.83
N LEU D 141 -43.35 8.62 -1.30
CA LEU D 141 -42.82 7.37 -0.76
C LEU D 141 -43.53 6.94 0.51
N LYS D 142 -44.21 7.86 1.21
CA LYS D 142 -44.74 7.56 2.52
C LYS D 142 -45.83 6.49 2.47
N GLU D 143 -46.77 6.65 1.55
CA GLU D 143 -47.88 5.70 1.45
C GLU D 143 -47.46 4.34 0.97
N LEU D 144 -46.63 4.30 -0.05
CA LEU D 144 -46.17 3.04 -0.59
C LEU D 144 -45.34 2.29 0.44
N GLU D 145 -44.53 3.02 1.20
CA GLU D 145 -43.74 2.37 2.22
C GLU D 145 -44.72 1.75 3.15
N GLY D 146 -45.79 2.48 3.42
CA GLY D 146 -46.81 1.97 4.30
C GLY D 146 -47.45 0.73 3.72
N LEU D 147 -47.76 0.71 2.42
CA LEU D 147 -48.45 -0.46 1.91
C LEU D 147 -47.54 -1.65 2.06
N VAL D 148 -46.28 -1.44 1.70
CA VAL D 148 -45.32 -2.53 1.79
C VAL D 148 -45.00 -2.99 3.21
N TYR D 149 -44.85 -2.05 4.15
CA TYR D 149 -44.45 -2.45 5.49
C TYR D 149 -45.57 -2.48 6.52
N CYS D 150 -46.36 -1.41 6.57
CA CYS D 150 -47.45 -1.32 7.53
C CYS D 150 -48.69 -1.83 6.86
N ASP D 151 -49.86 -1.59 7.44
CA ASP D 151 -51.08 -1.97 6.75
C ASP D 151 -51.84 -0.73 6.35
N PHE D 152 -51.84 -0.43 5.06
CA PHE D 152 -52.57 0.70 4.54
C PHE D 152 -53.36 0.18 3.36
N SER D 153 -54.36 0.91 2.91
CA SER D 153 -55.19 0.40 1.84
C SER D 153 -55.39 1.39 0.71
N PHE D 154 -55.37 0.89 -0.52
CA PHE D 154 -55.67 1.77 -1.65
C PHE D 154 -57.14 1.67 -2.01
N ALA D 155 -57.65 2.73 -2.64
CA ALA D 155 -59.05 2.74 -3.06
C ALA D 155 -59.31 1.71 -4.15
N ARG D 156 -58.51 1.75 -5.21
CA ARG D 156 -58.63 0.79 -6.31
C ARG D 156 -57.31 0.71 -7.07
N PRO D 157 -56.40 -0.17 -6.66
CA PRO D 157 -55.09 -0.24 -7.32
C PRO D 157 -55.17 -0.61 -8.79
N ILE D 158 -55.92 -1.66 -9.13
CA ILE D 158 -56.06 -2.10 -10.51
C ILE D 158 -57.34 -1.49 -11.07
N THR D 159 -57.21 -0.77 -12.18
CA THR D 159 -58.35 -0.14 -12.86
C THR D 159 -58.45 -0.73 -14.26
N LYS D 160 -59.13 -1.87 -14.37
CA LYS D 160 -59.40 -2.50 -15.65
C LYS D 160 -60.81 -3.05 -15.77
N LYS D 161 -61.55 -3.15 -14.65
CA LYS D 161 -62.90 -3.67 -14.61
C LYS D 161 -63.79 -2.66 -13.91
N PRO D 162 -65.09 -2.63 -14.24
CA PRO D 162 -65.98 -1.65 -13.62
C PRO D 162 -66.09 -1.88 -12.12
N THR D 163 -65.89 -0.80 -11.36
CA THR D 163 -65.92 -0.84 -9.90
C THR D 163 -67.12 -0.07 -9.38
N PHE D 164 -67.68 -0.54 -8.27
CA PHE D 164 -68.86 0.07 -7.68
C PHE D 164 -68.63 0.59 -6.27
N LEU D 165 -67.44 0.37 -5.70
CA LEU D 165 -67.11 0.82 -4.36
C LEU D 165 -66.41 2.17 -4.47
N ARG D 166 -67.16 3.24 -4.21
CA ARG D 166 -66.63 4.60 -4.28
C ARG D 166 -65.95 4.90 -2.95
N LEU D 167 -64.62 4.79 -2.92
CA LEU D 167 -63.83 5.06 -1.73
C LEU D 167 -63.07 6.38 -1.82
N ARG D 168 -62.35 6.60 -2.93
CA ARG D 168 -61.57 7.82 -3.14
C ARG D 168 -60.57 8.04 -2.01
N GLY D 169 -59.90 6.96 -1.60
CA GLY D 169 -58.93 7.05 -0.52
C GLY D 169 -57.54 6.61 -0.93
N LEU D 170 -56.58 7.53 -0.86
CA LEU D 170 -55.21 7.20 -1.24
C LEU D 170 -54.57 6.25 -0.24
N PHE D 171 -54.70 6.54 1.06
CA PHE D 171 -54.15 5.69 2.10
C PHE D 171 -55.00 5.82 3.36
N GLU D 172 -55.45 4.69 3.88
CA GLU D 172 -56.27 4.64 5.08
C GLU D 172 -55.42 4.14 6.24
N TYR D 173 -55.23 4.98 7.25
CA TYR D 173 -54.44 4.58 8.41
C TYR D 173 -55.14 3.46 9.18
N GLU D 174 -56.46 3.51 9.28
CA GLU D 174 -57.23 2.48 9.96
C GLU D 174 -58.42 2.09 9.09
N ILE D 175 -59.03 0.95 9.44
CA ILE D 175 -60.17 0.42 8.71
C ILE D 175 -61.43 0.80 9.47
N GLN D 176 -62.25 1.66 8.86
CA GLN D 176 -63.51 2.11 9.45
C GLN D 176 -64.73 1.64 8.67
N SER D 177 -64.53 0.80 7.65
CA SER D 177 -65.63 0.32 6.83
C SER D 177 -66.27 -0.92 7.44
N TRP D 178 -67.45 -1.26 6.93
CA TRP D 178 -68.18 -2.44 7.39
C TRP D 178 -67.67 -3.67 6.63
N LYS D 179 -66.49 -4.12 7.03
CA LYS D 179 -65.88 -5.28 6.37
C LYS D 179 -66.66 -6.56 6.63
N TYR D 180 -67.37 -6.64 7.76
CA TYR D 180 -68.13 -7.84 8.07
C TYR D 180 -69.49 -7.84 7.37
N SER D 181 -70.12 -6.67 7.25
CA SER D 181 -71.43 -6.60 6.63
C SER D 181 -71.33 -6.72 5.12
N ILE D 182 -70.35 -6.08 4.50
CA ILE D 182 -70.20 -6.07 3.06
C ILE D 182 -69.79 -7.46 2.58
N PRO D 183 -68.84 -8.12 3.25
CA PRO D 183 -68.42 -9.44 2.77
C PRO D 183 -69.50 -10.50 2.94
N LEU D 184 -70.24 -10.45 4.05
CA LEU D 184 -71.29 -11.43 4.30
C LEU D 184 -72.58 -11.13 3.55
N PHE D 185 -72.67 -9.99 2.87
CA PHE D 185 -73.91 -9.62 2.19
C PHE D 185 -74.12 -10.47 0.93
N PHE D 186 -73.21 -10.34 -0.04
CA PHE D 186 -73.41 -10.97 -1.34
C PHE D 186 -73.47 -12.49 -1.24
N THR D 187 -72.35 -13.11 -0.83
CA THR D 187 -72.21 -14.56 -0.72
C THR D 187 -70.81 -14.84 -0.22
N THR D 188 -70.65 -15.97 0.46
CA THR D 188 -69.31 -16.48 0.74
C THR D 188 -68.65 -16.88 -0.56
N GLN D 189 -67.36 -16.53 -0.70
CA GLN D 189 -66.56 -16.75 -1.90
C GLN D 189 -67.00 -15.80 -3.01
N GLY D 190 -68.09 -15.06 -2.77
CA GLY D 190 -68.52 -14.04 -3.70
C GLY D 190 -67.82 -12.72 -3.44
N PHE D 191 -67.34 -12.55 -2.21
CA PHE D 191 -66.57 -11.36 -1.86
C PHE D 191 -65.12 -11.47 -2.32
N ASP D 192 -64.57 -12.69 -2.37
CA ASP D 192 -63.18 -12.85 -2.74
C ASP D 192 -62.94 -12.54 -4.22
N THR D 193 -63.92 -12.88 -5.07
CA THR D 193 -63.73 -12.72 -6.51
C THR D 193 -63.68 -11.26 -6.95
N PHE D 194 -64.14 -10.33 -6.11
CA PHE D 194 -64.11 -8.91 -6.47
C PHE D 194 -63.38 -8.03 -5.48
N ARG D 195 -62.93 -8.56 -4.34
CA ARG D 195 -62.25 -7.73 -3.35
C ARG D 195 -60.90 -7.25 -3.86
N ASN D 196 -60.22 -8.04 -4.70
CA ASN D 196 -58.90 -7.68 -5.19
C ASN D 196 -58.92 -6.48 -6.13
N ARG D 197 -60.08 -6.09 -6.63
CA ARG D 197 -60.15 -4.95 -7.54
C ARG D 197 -60.09 -3.63 -6.78
N GLU D 198 -60.67 -3.58 -5.59
CA GLU D 198 -60.67 -2.37 -4.77
C GLU D 198 -59.81 -2.49 -3.52
N ILE D 199 -60.00 -3.56 -2.74
CA ILE D 199 -59.27 -3.74 -1.48
C ILE D 199 -58.09 -4.66 -1.77
N SER D 200 -56.91 -4.07 -1.90
CA SER D 200 -55.68 -4.82 -2.15
C SER D 200 -54.60 -4.30 -1.21
N THR D 201 -54.01 -5.19 -0.42
CA THR D 201 -52.99 -4.84 0.54
C THR D 201 -51.77 -5.73 0.34
N GLY D 202 -50.59 -5.14 0.45
CA GLY D 202 -49.34 -5.85 0.30
C GLY D 202 -48.66 -5.53 -1.03
N ALA D 203 -47.56 -6.24 -1.27
CA ALA D 203 -46.81 -6.05 -2.51
C ALA D 203 -47.61 -6.48 -3.74
N GLY D 204 -48.61 -7.34 -3.57
CA GLY D 204 -49.47 -7.68 -4.68
C GLY D 204 -50.24 -6.49 -5.21
N ALA D 205 -50.61 -5.56 -4.33
CA ALA D 205 -51.27 -4.34 -4.77
C ALA D 205 -50.34 -3.50 -5.64
N ILE D 206 -49.08 -3.37 -5.23
CA ILE D 206 -48.11 -2.62 -6.03
C ILE D 206 -47.88 -3.31 -7.37
N ARG D 207 -47.83 -4.65 -7.36
CA ARG D 207 -47.65 -5.39 -8.60
C ARG D 207 -48.81 -5.16 -9.56
N GLU D 208 -50.04 -5.26 -9.05
CA GLU D 208 -51.21 -5.04 -9.89
C GLU D 208 -51.30 -3.60 -10.36
N GLN D 209 -50.84 -2.65 -9.55
CA GLN D 209 -50.83 -1.25 -9.98
C GLN D 209 -49.81 -1.02 -11.09
N LEU D 210 -48.63 -1.62 -10.97
CA LEU D 210 -47.61 -1.47 -12.00
C LEU D 210 -47.96 -2.23 -13.27
N ALA D 211 -48.80 -3.27 -13.15
CA ALA D 211 -49.13 -4.09 -14.31
C ALA D 211 -49.95 -3.30 -15.33
N ASP D 212 -51.12 -2.81 -14.92
CA ASP D 212 -52.03 -2.12 -15.83
C ASP D 212 -51.80 -0.61 -15.80
N LEU D 213 -50.60 -0.21 -16.18
CA LEU D 213 -50.21 1.19 -16.25
C LEU D 213 -50.09 1.58 -17.71
N ASP D 214 -50.97 2.48 -18.16
CA ASP D 214 -50.95 2.97 -19.53
C ASP D 214 -49.77 3.92 -19.70
N LEU D 215 -48.69 3.43 -20.30
CA LEU D 215 -47.46 4.18 -20.42
C LEU D 215 -47.49 5.22 -21.53
N ARG D 216 -48.59 5.32 -22.29
CA ARG D 216 -48.69 6.30 -23.35
C ARG D 216 -49.50 7.53 -22.96
N ILE D 217 -50.43 7.40 -22.01
CA ILE D 217 -51.14 8.56 -21.49
C ILE D 217 -50.42 9.19 -20.31
N ILE D 218 -49.56 8.44 -19.61
CA ILE D 218 -48.80 9.00 -18.50
C ILE D 218 -47.86 10.10 -19.00
N ILE D 219 -47.18 9.86 -20.12
CA ILE D 219 -46.27 10.87 -20.66
C ILE D 219 -47.07 12.10 -21.11
N GLU D 220 -48.27 11.88 -21.66
CA GLU D 220 -49.09 13.00 -22.10
C GLU D 220 -49.51 13.88 -20.92
N ASN D 221 -50.02 13.25 -19.86
CA ASN D 221 -50.38 14.01 -18.66
C ASN D 221 -49.19 14.68 -18.01
N SER D 222 -48.03 14.01 -18.00
CA SER D 222 -46.84 14.62 -17.41
C SER D 222 -46.37 15.82 -18.22
N LEU D 223 -46.43 15.73 -19.55
CA LEU D 223 -46.02 16.85 -20.39
C LEU D 223 -47.00 18.02 -20.26
N VAL D 224 -48.30 17.73 -20.18
CA VAL D 224 -49.25 18.84 -20.05
C VAL D 224 -49.13 19.47 -18.66
N GLU D 225 -48.76 18.68 -17.64
CA GLU D 225 -48.55 19.26 -16.32
C GLU D 225 -47.27 20.10 -16.29
N TRP D 226 -46.23 19.64 -16.99
CA TRP D 226 -45.00 20.42 -17.09
C TRP D 226 -45.24 21.73 -17.84
N GLU D 227 -46.11 21.70 -18.85
CA GLU D 227 -46.42 22.92 -19.59
C GLU D 227 -47.26 23.87 -18.75
N GLU D 228 -48.22 23.33 -17.99
CA GLU D 228 -49.04 24.19 -17.13
C GLU D 228 -48.22 24.77 -15.98
N LEU D 229 -47.37 23.94 -15.36
CA LEU D 229 -46.53 24.41 -14.27
C LEU D 229 -45.41 25.30 -14.80
N GLY D 230 -45.00 26.26 -13.98
CA GLY D 230 -43.95 27.17 -14.35
C GLY D 230 -44.36 28.32 -15.24
N GLU D 231 -45.63 28.36 -15.66
CA GLU D 231 -46.13 29.43 -16.53
C GLU D 231 -47.01 30.44 -15.82
N GLU D 232 -47.52 30.11 -14.63
CA GLU D 232 -48.37 31.05 -13.90
C GLU D 232 -47.57 32.25 -13.39
N GLY D 233 -46.33 32.02 -12.98
CA GLY D 233 -45.49 33.10 -12.50
C GLY D 233 -45.82 33.54 -11.08
N HIS D 234 -45.83 32.59 -10.16
CA HIS D 234 -46.10 32.87 -8.74
C HIS D 234 -44.77 32.84 -7.99
N THR D 235 -44.22 34.03 -7.73
CA THR D 235 -42.94 34.13 -7.06
C THR D 235 -43.11 33.93 -5.56
N GLY D 236 -42.01 34.08 -4.83
CA GLY D 236 -42.03 33.91 -3.39
C GLY D 236 -40.61 33.74 -2.84
N ASN D 237 -40.51 32.96 -1.77
CA ASN D 237 -39.23 32.71 -1.12
C ASN D 237 -38.49 31.57 -1.83
N GLU D 238 -37.35 31.18 -1.25
CA GLU D 238 -36.59 30.08 -1.83
C GLU D 238 -37.31 28.75 -1.71
N TRP D 239 -38.11 28.58 -0.66
CA TRP D 239 -38.87 27.34 -0.51
C TRP D 239 -39.92 27.18 -1.60
N GLU D 240 -40.27 28.25 -2.31
CA GLU D 240 -41.24 28.16 -3.40
C GLU D 240 -40.58 27.68 -4.68
N ASP D 241 -39.59 28.42 -5.18
CA ASP D 241 -38.97 28.07 -6.46
C ASP D 241 -38.12 26.81 -6.33
N ARG D 242 -37.55 26.54 -5.15
CA ARG D 242 -36.82 25.29 -4.95
C ARG D 242 -37.78 24.10 -5.07
N LYS D 243 -38.96 24.20 -4.45
CA LYS D 243 -39.93 23.12 -4.56
C LYS D 243 -40.46 22.99 -5.99
N VAL D 244 -40.63 24.12 -6.69
CA VAL D 244 -41.07 24.07 -8.08
C VAL D 244 -40.03 23.36 -8.95
N GLY D 245 -38.75 23.68 -8.72
CA GLY D 245 -37.70 23.01 -9.48
C GLY D 245 -37.61 21.53 -9.16
N ARG D 246 -37.77 21.17 -7.89
CA ARG D 246 -37.78 19.75 -7.53
C ARG D 246 -38.94 19.02 -8.19
N ARG D 247 -40.12 19.66 -8.22
CA ARG D 247 -41.28 19.04 -8.85
C ARG D 247 -41.07 18.85 -10.34
N LYS D 248 -40.55 19.88 -11.03
CA LYS D 248 -40.34 19.74 -12.47
C LYS D 248 -39.22 18.74 -12.77
N ASP D 249 -38.22 18.64 -11.89
CA ASP D 249 -37.19 17.63 -12.09
C ASP D 249 -37.75 16.23 -11.93
N PHE D 250 -38.59 16.02 -10.91
CA PHE D 250 -39.27 14.74 -10.76
C PHE D 250 -40.12 14.43 -11.98
N LEU D 251 -40.81 15.44 -12.52
CA LEU D 251 -41.65 15.22 -13.69
C LEU D 251 -40.82 14.83 -14.91
N VAL D 252 -39.69 15.51 -15.13
CA VAL D 252 -38.83 15.18 -16.27
C VAL D 252 -38.25 13.78 -16.11
N ARG D 253 -37.84 13.42 -14.89
CA ARG D 253 -37.33 12.08 -14.65
C ARG D 253 -38.42 11.04 -14.90
N ARG D 254 -39.66 11.35 -14.53
CA ARG D 254 -40.77 10.44 -14.80
C ARG D 254 -40.99 10.25 -16.29
N VAL D 255 -40.93 11.35 -17.06
CA VAL D 255 -41.08 11.25 -18.51
C VAL D 255 -39.97 10.40 -19.10
N GLU D 256 -38.74 10.61 -18.64
CA GLU D 256 -37.60 9.86 -19.17
C GLU D 256 -37.72 8.38 -18.83
N LEU D 257 -38.22 8.07 -17.63
CA LEU D 257 -38.39 6.67 -17.24
C LEU D 257 -39.52 6.01 -18.03
N ALA D 258 -40.58 6.76 -18.30
CA ALA D 258 -41.73 6.19 -19.01
C ALA D 258 -41.46 6.01 -20.49
N LYS D 259 -40.62 6.87 -21.09
CA LYS D 259 -40.35 6.73 -22.51
C LYS D 259 -39.53 5.47 -22.81
N HIS D 260 -38.74 4.99 -21.85
CA HIS D 260 -37.91 3.82 -22.07
C HIS D 260 -38.74 2.54 -22.15
N PHE D 261 -39.68 2.38 -21.22
CA PHE D 261 -40.45 1.14 -21.16
C PHE D 261 -41.30 0.90 -22.40
N ILE D 262 -41.52 1.92 -23.21
CA ILE D 262 -42.35 1.74 -24.41
C ILE D 262 -41.57 1.00 -25.48
N ARG D 263 -40.24 1.10 -25.48
CA ARG D 263 -39.42 0.56 -26.56
C ARG D 263 -38.21 -0.18 -25.99
N THR D 264 -38.42 -0.99 -24.94
CA THR D 264 -37.33 -1.74 -24.36
C THR D 264 -37.69 -3.19 -24.02
N ASN D 265 -38.93 -3.62 -24.28
CA ASN D 265 -39.38 -4.99 -24.07
C ASN D 265 -39.32 -5.42 -22.61
N ILE D 266 -38.96 -4.50 -21.71
CA ILE D 266 -38.91 -4.77 -20.28
C ILE D 266 -40.18 -4.25 -19.64
N GLU D 267 -40.97 -5.15 -19.06
CA GLU D 267 -42.23 -4.77 -18.43
C GLU D 267 -41.98 -4.22 -17.03
N PRO D 268 -42.76 -3.23 -16.60
CA PRO D 268 -42.50 -2.61 -15.28
C PRO D 268 -42.95 -3.44 -14.10
N GLU D 269 -43.82 -4.44 -14.31
CA GLU D 269 -44.30 -5.26 -13.21
C GLU D 269 -43.33 -6.35 -12.79
N TRP D 270 -42.11 -6.35 -13.34
CA TRP D 270 -41.09 -7.32 -12.98
C TRP D 270 -40.22 -6.85 -11.83
N MET D 271 -40.46 -5.64 -11.30
CA MET D 271 -39.63 -5.13 -10.21
C MET D 271 -39.90 -5.87 -8.90
N VAL D 272 -41.05 -6.52 -8.76
CA VAL D 272 -41.35 -7.33 -7.58
C VAL D 272 -40.94 -8.76 -7.87
N LEU D 273 -40.58 -9.49 -6.81
CA LEU D 273 -40.07 -10.84 -6.94
C LEU D 273 -41.18 -11.83 -6.60
N CYS D 274 -41.90 -12.27 -7.63
CA CYS D 274 -42.85 -13.36 -7.46
C CYS D 274 -42.13 -14.69 -7.30
N LEU D 275 -40.86 -14.77 -7.69
CA LEU D 275 -40.06 -15.97 -7.55
C LEU D 275 -38.62 -15.55 -7.32
N LEU D 276 -37.94 -16.24 -6.39
CA LEU D 276 -36.60 -15.87 -5.98
C LEU D 276 -35.58 -16.85 -6.52
N PRO D 277 -34.50 -16.39 -7.14
CA PRO D 277 -33.44 -17.31 -7.57
C PRO D 277 -32.61 -17.80 -6.39
N VAL D 278 -31.87 -18.86 -6.63
CA VAL D 278 -31.02 -19.49 -5.61
C VAL D 278 -29.60 -19.58 -6.16
N LEU D 279 -28.63 -19.13 -5.35
CA LEU D 279 -27.24 -19.18 -5.76
C LEU D 279 -26.76 -20.64 -5.83
N PRO D 280 -25.93 -20.98 -6.81
CA PRO D 280 -25.42 -22.35 -6.91
C PRO D 280 -24.61 -22.73 -5.68
N PRO D 281 -24.47 -24.04 -5.40
CA PRO D 281 -23.79 -24.44 -4.16
C PRO D 281 -22.32 -24.09 -4.12
N GLU D 282 -21.58 -24.33 -5.21
CA GLU D 282 -20.14 -24.10 -5.19
C GLU D 282 -19.81 -22.61 -5.10
N LEU D 283 -20.67 -21.75 -5.65
CA LEU D 283 -20.47 -20.32 -5.48
C LEU D 283 -20.58 -19.93 -4.01
N ARG D 284 -21.50 -20.56 -3.29
CA ARG D 284 -21.56 -20.41 -1.85
C ARG D 284 -20.37 -21.13 -1.21
N PRO D 285 -19.95 -20.69 -0.02
CA PRO D 285 -18.80 -21.34 0.62
C PRO D 285 -19.15 -22.73 1.13
N ILE D 286 -18.65 -23.76 0.44
CA ILE D 286 -18.88 -25.15 0.81
C ILE D 286 -17.63 -25.93 0.45
N ILE D 287 -16.90 -26.39 1.45
CA ILE D 287 -15.68 -27.16 1.23
C ILE D 287 -16.01 -28.63 1.16
N GLN D 288 -16.56 -29.17 2.24
CA GLN D 288 -16.91 -30.59 2.33
C GLN D 288 -17.79 -30.79 3.55
N ILE D 289 -18.42 -31.97 3.61
CA ILE D 289 -19.27 -32.36 4.73
C ILE D 289 -18.70 -33.64 5.32
N ASP D 290 -18.29 -33.59 6.58
CA ASP D 290 -17.71 -34.74 7.26
C ASP D 290 -18.20 -34.76 8.70
N GLY D 291 -18.94 -35.82 9.06
CA GLY D 291 -19.44 -35.96 10.41
C GLY D 291 -20.46 -34.90 10.79
N GLY D 292 -21.40 -34.63 9.90
CA GLY D 292 -22.42 -33.63 10.18
C GLY D 292 -21.95 -32.20 10.14
N LYS D 293 -20.74 -31.94 9.64
CA LYS D 293 -20.23 -30.59 9.58
C LYS D 293 -20.91 -29.80 8.46
N LEU D 294 -21.27 -28.56 8.77
CA LEU D 294 -21.96 -27.67 7.84
C LEU D 294 -21.14 -26.39 7.68
N MET D 295 -20.71 -26.12 6.44
CA MET D 295 -19.94 -24.93 6.13
C MET D 295 -20.83 -23.77 5.68
N SER D 296 -22.08 -23.72 6.15
CA SER D 296 -22.99 -22.68 5.73
C SER D 296 -22.50 -21.30 6.18
N SER D 297 -22.68 -20.31 5.31
CA SER D 297 -22.27 -18.94 5.58
C SER D 297 -23.49 -18.10 5.96
N ASP D 298 -23.29 -16.79 6.05
CA ASP D 298 -24.38 -15.90 6.44
C ASP D 298 -25.49 -15.89 5.40
N ILE D 299 -25.13 -15.89 4.12
CA ILE D 299 -26.15 -15.94 3.07
C ILE D 299 -26.89 -17.26 3.12
N ASN D 300 -26.20 -18.34 3.50
CA ASN D 300 -26.86 -19.64 3.62
C ASN D 300 -27.90 -19.63 4.74
N GLU D 301 -27.56 -19.05 5.89
CA GLU D 301 -28.52 -19.00 6.98
C GLU D 301 -29.65 -18.03 6.66
N LEU D 302 -29.38 -16.97 5.88
CA LEU D 302 -30.46 -16.10 5.42
C LEU D 302 -31.42 -16.84 4.51
N TYR D 303 -30.88 -17.65 3.58
CA TYR D 303 -31.73 -18.47 2.73
C TYR D 303 -32.53 -19.47 3.54
N ARG D 304 -31.92 -20.08 4.55
CA ARG D 304 -32.65 -21.00 5.41
C ARG D 304 -33.79 -20.30 6.13
N ARG D 305 -33.53 -19.10 6.65
CA ARG D 305 -34.56 -18.34 7.33
C ARG D 305 -35.72 -17.99 6.39
N VAL D 306 -35.39 -17.54 5.17
CA VAL D 306 -36.46 -17.12 4.26
C VAL D 306 -37.27 -18.31 3.79
N ILE D 307 -36.62 -19.47 3.55
CA ILE D 307 -37.39 -20.62 3.11
C ILE D 307 -38.23 -21.18 4.26
N TYR D 308 -37.71 -21.10 5.50
CA TYR D 308 -38.50 -21.52 6.64
C TYR D 308 -39.75 -20.65 6.79
N ARG D 309 -39.57 -19.33 6.76
CA ARG D 309 -40.72 -18.44 6.84
C ARG D 309 -41.68 -18.61 5.67
N ASN D 310 -41.19 -18.90 4.48
CA ASN D 310 -42.06 -19.10 3.33
C ASN D 310 -42.88 -20.37 3.44
N ASN D 311 -42.27 -21.48 3.86
CA ASN D 311 -43.05 -22.70 3.99
C ASN D 311 -44.02 -22.60 5.17
N THR D 312 -43.64 -21.91 6.25
CA THR D 312 -44.60 -21.68 7.32
C THR D 312 -45.77 -20.83 6.85
N LEU D 313 -45.48 -19.82 6.01
CA LEU D 313 -46.55 -18.96 5.49
C LEU D 313 -47.50 -19.75 4.59
N THR D 314 -46.95 -20.57 3.69
CA THR D 314 -47.83 -21.33 2.81
C THR D 314 -48.59 -22.41 3.58
N ASP D 315 -48.00 -22.96 4.65
CA ASP D 315 -48.74 -23.91 5.47
C ASP D 315 -49.87 -23.22 6.22
N LEU D 316 -49.63 -22.01 6.72
CA LEU D 316 -50.68 -21.25 7.39
C LEU D 316 -51.79 -20.89 6.41
N LEU D 317 -51.44 -20.59 5.17
CA LEU D 317 -52.45 -20.27 4.17
C LEU D 317 -53.24 -21.50 3.75
N THR D 318 -52.59 -22.67 3.69
CA THR D 318 -53.29 -23.88 3.29
C THR D 318 -54.13 -24.47 4.41
N THR D 319 -53.75 -24.25 5.67
CA THR D 319 -54.46 -24.85 6.79
C THR D 319 -55.88 -24.28 6.92
N SER D 320 -55.98 -22.97 7.14
CA SER D 320 -57.27 -22.32 7.33
C SER D 320 -57.24 -20.93 6.74
N ARG D 321 -58.29 -20.58 6.01
CA ARG D 321 -58.41 -19.25 5.41
C ARG D 321 -59.17 -18.27 6.28
N SER D 322 -59.83 -18.73 7.34
CA SER D 322 -60.58 -17.87 8.24
C SER D 322 -59.76 -17.39 9.43
N THR D 323 -58.43 -17.48 9.35
CA THR D 323 -57.57 -17.04 10.44
C THR D 323 -57.53 -15.51 10.50
N PRO D 324 -56.97 -14.96 11.57
CA PRO D 324 -56.90 -13.50 11.69
C PRO D 324 -55.94 -12.91 10.67
N GLY D 325 -56.32 -11.75 10.12
CA GLY D 325 -55.46 -11.10 9.14
C GLY D 325 -54.19 -10.52 9.74
N GLU D 326 -54.21 -10.22 11.04
CA GLU D 326 -53.06 -9.59 11.68
C GLU D 326 -51.85 -10.52 11.65
N LEU D 327 -52.03 -11.78 12.04
CA LEU D 327 -50.89 -12.70 12.10
C LEU D 327 -50.33 -13.00 10.72
N VAL D 328 -51.21 -13.18 9.72
CA VAL D 328 -50.72 -13.50 8.38
C VAL D 328 -50.05 -12.30 7.74
N MET D 329 -50.58 -11.09 7.96
CA MET D 329 -49.91 -9.92 7.42
C MET D 329 -48.58 -9.66 8.14
N CYS D 330 -48.50 -9.95 9.43
CA CYS D 330 -47.23 -9.82 10.13
C CYS D 330 -46.21 -10.81 9.59
N GLN D 331 -46.63 -12.06 9.35
CA GLN D 331 -45.70 -13.05 8.82
C GLN D 331 -45.24 -12.71 7.41
N GLU D 332 -46.16 -12.17 6.60
CA GLU D 332 -45.80 -11.77 5.25
C GLU D 332 -44.79 -10.64 5.31
N LYS D 333 -44.96 -9.71 6.23
CA LYS D 333 -43.99 -8.67 6.38
C LYS D 333 -42.69 -9.33 6.78
N LEU D 334 -42.76 -10.31 7.66
CA LEU D 334 -41.55 -10.93 8.15
C LEU D 334 -40.76 -11.58 7.03
N VAL D 335 -41.43 -12.31 6.15
CA VAL D 335 -40.72 -12.88 5.01
C VAL D 335 -40.18 -11.81 4.08
N GLN D 336 -40.95 -10.76 3.85
CA GLN D 336 -40.52 -9.69 2.97
C GLN D 336 -39.28 -9.01 3.48
N GLU D 337 -39.23 -8.74 4.78
CA GLU D 337 -38.09 -8.02 5.29
C GLU D 337 -36.91 -8.95 5.21
N ALA D 338 -37.18 -10.24 5.40
CA ALA D 338 -36.12 -11.23 5.33
C ALA D 338 -35.53 -11.33 3.92
N VAL D 339 -36.40 -11.41 2.90
CA VAL D 339 -35.90 -11.49 1.54
C VAL D 339 -35.24 -10.17 1.13
N ASP D 340 -35.70 -9.04 1.69
CA ASP D 340 -35.05 -7.76 1.42
C ASP D 340 -33.64 -7.73 2.00
N THR D 341 -33.47 -8.21 3.23
CA THR D 341 -32.15 -8.29 3.82
C THR D 341 -31.26 -9.26 3.04
N LEU D 342 -31.84 -10.36 2.54
CA LEU D 342 -31.06 -11.30 1.74
C LEU D 342 -30.58 -10.67 0.44
N LEU D 343 -31.47 -9.93 -0.24
CA LEU D 343 -31.07 -9.26 -1.48
C LEU D 343 -30.04 -8.18 -1.21
N ASP D 344 -30.17 -7.45 -0.10
CA ASP D 344 -29.17 -6.44 0.24
C ASP D 344 -27.82 -7.07 0.55
N ASN D 345 -27.82 -8.23 1.23
CA ASN D 345 -26.56 -8.92 1.50
C ASN D 345 -25.94 -9.44 0.21
N GLY D 346 -26.76 -9.94 -0.71
CA GLY D 346 -26.24 -10.35 -2.00
C GLY D 346 -25.69 -9.20 -2.81
N ILE D 347 -26.28 -8.01 -2.68
CA ILE D 347 -25.76 -6.83 -3.37
C ILE D 347 -24.42 -6.43 -2.77
N ARG D 348 -24.37 -6.28 -1.43
CA ARG D 348 -23.12 -5.87 -0.79
C ARG D 348 -22.07 -6.97 -0.81
N GLY D 349 -22.46 -8.22 -1.02
CA GLY D 349 -21.53 -9.32 -1.05
C GLY D 349 -21.79 -10.30 -2.19
N SER D 386 5.23 -19.18 -9.44
CA SER D 386 5.90 -17.93 -9.12
C SER D 386 6.52 -17.99 -7.73
N GLY D 387 7.86 -18.06 -7.68
CA GLY D 387 8.56 -18.12 -6.41
C GLY D 387 9.18 -16.80 -6.02
N ARG D 388 8.62 -16.17 -4.99
CA ARG D 388 9.14 -14.89 -4.52
C ARG D 388 10.46 -15.11 -3.78
N SER D 389 11.54 -14.57 -4.34
CA SER D 389 12.86 -14.70 -3.75
C SER D 389 13.58 -13.36 -3.82
N VAL D 390 14.59 -13.20 -2.96
CA VAL D 390 15.37 -11.97 -2.95
C VAL D 390 16.19 -11.86 -4.23
N ILE D 391 16.55 -10.62 -4.57
CA ILE D 391 17.28 -10.32 -5.79
C ILE D 391 18.64 -9.73 -5.41
N VAL D 392 19.69 -10.26 -6.02
CA VAL D 392 21.04 -9.76 -5.81
C VAL D 392 21.54 -9.14 -7.12
N VAL D 393 22.69 -8.49 -7.03
CA VAL D 393 23.29 -7.80 -8.18
C VAL D 393 24.37 -8.69 -8.77
N GLY D 394 24.25 -9.00 -10.06
CA GLY D 394 25.25 -9.75 -10.77
C GLY D 394 25.94 -8.91 -11.82
N PRO D 395 27.20 -8.54 -11.58
CA PRO D 395 27.91 -7.70 -12.56
C PRO D 395 28.29 -8.44 -13.82
N SER D 396 28.47 -9.77 -13.76
CA SER D 396 28.87 -10.52 -14.94
C SER D 396 27.74 -10.76 -15.91
N LEU D 397 26.48 -10.62 -15.47
CA LEU D 397 25.34 -10.86 -16.34
C LEU D 397 25.20 -9.74 -17.37
N SER D 398 24.65 -10.10 -18.53
CA SER D 398 24.38 -9.13 -19.58
C SER D 398 23.07 -8.42 -19.30
N LEU D 399 22.64 -7.60 -20.27
CA LEU D 399 21.41 -6.83 -20.09
C LEU D 399 20.17 -7.71 -20.21
N HIS D 400 20.23 -8.77 -21.01
CA HIS D 400 19.06 -9.61 -21.27
C HIS D 400 19.03 -10.88 -20.43
N ARG D 401 20.18 -11.37 -19.98
CA ARG D 401 20.21 -12.59 -19.20
C ARG D 401 19.95 -12.30 -17.73
N CYS D 402 19.37 -13.28 -17.04
CA CYS D 402 19.10 -13.20 -15.61
C CYS D 402 19.49 -14.52 -14.96
N GLY D 403 19.94 -14.43 -13.71
CA GLY D 403 20.33 -15.61 -12.97
C GLY D 403 19.16 -16.26 -12.26
N LEU D 404 18.83 -17.48 -12.64
CA LEU D 404 17.71 -18.19 -12.07
C LEU D 404 18.19 -19.32 -11.18
N PRO D 405 17.75 -19.38 -9.93
CA PRO D 405 18.18 -20.47 -9.04
C PRO D 405 17.75 -21.83 -9.57
N ARG D 406 18.43 -22.87 -9.07
CA ARG D 406 18.19 -24.21 -9.58
C ARG D 406 16.81 -24.72 -9.19
N GLU D 407 16.43 -24.57 -7.92
CA GLU D 407 15.15 -25.08 -7.46
C GLU D 407 13.99 -24.34 -8.12
N ILE D 408 14.10 -23.01 -8.25
CA ILE D 408 13.06 -22.25 -8.94
C ILE D 408 12.98 -22.66 -10.40
N ALA D 409 14.15 -22.87 -11.03
CA ALA D 409 14.16 -23.25 -12.43
C ALA D 409 13.48 -24.60 -12.66
N ILE D 410 13.77 -25.58 -11.81
CA ILE D 410 13.15 -26.88 -11.98
C ILE D 410 11.67 -26.83 -11.64
N GLU D 411 11.29 -26.06 -10.61
CA GLU D 411 9.89 -25.91 -10.28
C GLU D 411 9.11 -25.26 -11.41
N LEU D 412 9.76 -24.36 -12.17
CA LEU D 412 9.07 -23.71 -13.28
C LEU D 412 9.00 -24.60 -14.51
N PHE D 413 10.11 -25.25 -14.86
CA PHE D 413 10.19 -26.04 -16.09
C PHE D 413 10.02 -27.53 -15.85
N GLN D 414 9.37 -27.92 -14.75
CA GLN D 414 9.07 -29.33 -14.53
C GLN D 414 8.28 -29.93 -15.70
N THR D 415 7.26 -29.21 -16.18
CA THR D 415 6.46 -29.74 -17.29
C THR D 415 7.32 -29.96 -18.53
N PHE D 416 8.15 -28.98 -18.88
CA PHE D 416 8.97 -29.10 -20.07
C PHE D 416 10.02 -30.20 -19.92
N VAL D 417 10.60 -30.35 -18.74
CA VAL D 417 11.63 -31.38 -18.57
C VAL D 417 11.01 -32.76 -18.55
N ILE D 418 9.79 -32.90 -18.01
CA ILE D 418 9.11 -34.19 -18.09
C ILE D 418 8.74 -34.52 -19.52
N ARG D 419 8.29 -33.52 -20.28
CA ARG D 419 8.02 -33.74 -21.70
C ARG D 419 9.28 -34.17 -22.45
N GLY D 420 10.41 -33.54 -22.13
CA GLY D 420 11.66 -33.91 -22.79
C GLY D 420 12.11 -35.30 -22.41
N LEU D 421 11.90 -35.70 -21.15
CA LEU D 421 12.25 -37.05 -20.73
C LEU D 421 11.38 -38.09 -21.43
N ILE D 422 10.07 -37.86 -21.49
CA ILE D 422 9.17 -38.84 -22.11
C ILE D 422 9.34 -38.82 -23.62
N ARG D 423 9.86 -37.73 -24.20
CA ARG D 423 9.93 -37.61 -25.65
C ARG D 423 11.00 -38.53 -26.23
N GLN D 424 12.26 -38.30 -25.88
CA GLN D 424 13.35 -38.98 -26.58
C GLN D 424 13.58 -40.39 -26.04
N HIS D 425 13.94 -40.51 -24.76
CA HIS D 425 14.29 -41.80 -24.16
C HIS D 425 14.46 -41.60 -22.66
N LEU D 426 14.86 -42.67 -21.99
CA LEU D 426 15.14 -42.70 -20.56
C LEU D 426 13.91 -42.44 -19.70
N ALA D 427 12.71 -42.58 -20.27
CA ALA D 427 11.49 -42.39 -19.51
C ALA D 427 10.35 -43.10 -20.24
N SER D 428 9.56 -43.87 -19.48
CA SER D 428 8.43 -44.59 -20.05
C SER D 428 7.08 -44.16 -19.48
N ASN D 429 7.05 -43.56 -18.30
CA ASN D 429 5.80 -43.10 -17.70
C ASN D 429 6.06 -41.82 -16.93
N ILE D 430 4.97 -41.19 -16.46
CA ILE D 430 5.10 -39.95 -15.70
C ILE D 430 5.72 -40.23 -14.34
N GLY D 431 5.41 -41.37 -13.73
CA GLY D 431 5.97 -41.69 -12.43
C GLY D 431 7.47 -41.91 -12.47
N VAL D 432 7.94 -42.63 -13.50
CA VAL D 432 9.38 -42.87 -13.63
C VAL D 432 10.11 -41.56 -13.88
N ALA D 433 9.50 -40.68 -14.70
CA ALA D 433 10.12 -39.38 -14.97
C ALA D 433 10.17 -38.53 -13.70
N LYS D 434 9.11 -38.54 -12.90
CA LYS D 434 9.10 -37.79 -11.66
C LYS D 434 10.13 -38.33 -10.68
N SER D 435 10.28 -39.66 -10.62
CA SER D 435 11.28 -40.25 -9.74
C SER D 435 12.69 -39.91 -10.21
N LYS D 436 12.91 -39.87 -11.51
CA LYS D 436 14.22 -39.49 -12.03
C LYS D 436 14.51 -38.02 -11.76
N ILE D 437 13.50 -37.16 -11.85
CA ILE D 437 13.69 -35.75 -11.56
C ILE D 437 13.96 -35.53 -10.08
N ARG D 438 13.32 -36.32 -9.22
CA ARG D 438 13.55 -36.20 -7.78
C ARG D 438 14.90 -36.80 -7.38
N GLU D 439 15.45 -37.71 -8.20
CA GLU D 439 16.72 -38.33 -7.89
C GLU D 439 17.90 -37.40 -8.07
N LYS D 440 17.70 -36.22 -8.67
CA LYS D 440 18.76 -35.24 -8.88
C LYS D 440 19.90 -35.82 -9.72
N GLU D 441 19.54 -36.38 -10.87
CA GLU D 441 20.52 -36.93 -11.79
C GLU D 441 21.08 -35.84 -12.69
N PRO D 442 22.30 -36.01 -13.21
CA PRO D 442 22.85 -35.01 -14.14
C PRO D 442 22.07 -34.89 -15.43
N ILE D 443 21.39 -35.96 -15.86
CA ILE D 443 20.67 -35.93 -17.13
C ILE D 443 19.49 -34.98 -17.04
N VAL D 444 18.80 -34.94 -15.90
CA VAL D 444 17.65 -34.04 -15.78
C VAL D 444 18.12 -32.58 -15.78
N TRP D 445 19.28 -32.30 -15.19
CA TRP D 445 19.79 -30.93 -15.24
C TRP D 445 20.25 -30.56 -16.64
N GLU D 446 20.84 -31.51 -17.37
CA GLU D 446 21.22 -31.24 -18.75
C GLU D 446 20.00 -30.95 -19.61
N ILE D 447 18.94 -31.73 -19.43
CA ILE D 447 17.71 -31.49 -20.20
C ILE D 447 17.06 -30.17 -19.78
N LEU D 448 17.14 -29.83 -18.49
CA LEU D 448 16.62 -28.55 -18.04
C LEU D 448 17.37 -27.39 -18.70
N GLN D 449 18.69 -27.49 -18.79
CA GLN D 449 19.48 -26.46 -19.45
C GLN D 449 19.14 -26.38 -20.94
N GLU D 450 19.01 -27.54 -21.60
CA GLU D 450 18.66 -27.54 -23.01
C GLU D 450 17.28 -26.93 -23.26
N VAL D 451 16.36 -27.11 -22.30
CA VAL D 451 15.02 -26.52 -22.45
C VAL D 451 15.09 -25.01 -22.23
N MET D 452 15.70 -24.57 -21.14
CA MET D 452 15.77 -23.15 -20.80
C MET D 452 16.86 -22.41 -21.57
N GLN D 453 17.47 -23.04 -22.58
CA GLN D 453 18.49 -22.38 -23.37
C GLN D 453 17.95 -21.12 -24.03
N GLY D 454 16.82 -21.22 -24.71
CA GLY D 454 16.27 -20.07 -25.42
C GLY D 454 14.81 -19.79 -25.14
N HIS D 455 14.36 -20.10 -23.93
CA HIS D 455 12.96 -19.88 -23.57
C HIS D 455 12.87 -18.62 -22.72
N PRO D 456 12.16 -17.59 -23.18
CA PRO D 456 12.11 -16.34 -22.40
C PRO D 456 11.28 -16.50 -21.14
N VAL D 457 11.66 -15.74 -20.11
CA VAL D 457 10.99 -15.74 -18.83
C VAL D 457 10.69 -14.31 -18.44
N LEU D 458 9.61 -14.12 -17.69
CA LEU D 458 9.15 -12.80 -17.29
C LEU D 458 9.38 -12.61 -15.79
N LEU D 459 9.94 -11.45 -15.43
CA LEU D 459 10.17 -11.07 -14.04
C LEU D 459 9.37 -9.82 -13.72
N ASN D 460 8.64 -9.85 -12.61
CA ASN D 460 7.83 -8.71 -12.21
C ASN D 460 7.93 -8.53 -10.70
N ARG D 461 8.23 -7.30 -10.28
CA ARG D 461 8.26 -6.99 -8.86
C ARG D 461 6.86 -7.01 -8.28
N ALA D 462 6.77 -7.23 -6.97
CA ALA D 462 5.47 -7.21 -6.30
C ALA D 462 4.83 -5.83 -6.34
N PRO D 463 5.53 -4.72 -5.97
CA PRO D 463 4.95 -3.39 -6.20
C PRO D 463 5.22 -2.93 -7.63
N THR D 464 4.17 -2.82 -8.42
CA THR D 464 4.28 -2.38 -9.81
C THR D 464 3.96 -0.89 -9.92
N LEU D 465 4.81 -0.08 -9.29
CA LEU D 465 4.60 1.36 -9.29
C LEU D 465 4.88 1.96 -10.66
N HIS D 466 6.05 1.67 -11.22
CA HIS D 466 6.42 2.21 -12.52
C HIS D 466 5.86 1.33 -13.65
N ARG D 467 5.92 1.87 -14.87
CA ARG D 467 5.44 1.13 -16.03
C ARG D 467 6.44 0.08 -16.52
N LEU D 468 7.72 0.23 -16.17
CA LEU D 468 8.76 -0.71 -16.57
C LEU D 468 9.01 -1.76 -15.49
N GLY D 469 8.05 -1.97 -14.58
CA GLY D 469 8.21 -2.95 -13.52
C GLY D 469 8.14 -4.38 -13.98
N ILE D 470 7.59 -4.64 -15.17
CA ILE D 470 7.44 -5.98 -15.71
C ILE D 470 8.30 -6.06 -16.96
N GLN D 471 9.38 -6.83 -16.90
CA GLN D 471 10.30 -7.00 -18.01
C GLN D 471 10.53 -8.49 -18.27
N ALA D 472 11.09 -8.79 -19.43
CA ALA D 472 11.39 -10.15 -19.85
C ALA D 472 12.89 -10.36 -19.90
N PHE D 473 13.33 -11.55 -19.50
CA PHE D 473 14.74 -11.91 -19.48
C PHE D 473 14.90 -13.33 -19.98
N GLN D 474 16.16 -13.72 -20.18
CA GLN D 474 16.50 -15.10 -20.55
C GLN D 474 17.15 -15.78 -19.35
N PRO D 475 16.56 -16.84 -18.83
CA PRO D 475 17.05 -17.42 -17.57
C PRO D 475 18.35 -18.18 -17.77
N VAL D 476 19.26 -18.03 -16.80
CA VAL D 476 20.53 -18.75 -16.77
C VAL D 476 20.57 -19.54 -15.47
N LEU D 477 20.90 -20.82 -15.57
CA LEU D 477 20.91 -21.70 -14.40
C LEU D 477 22.08 -21.31 -13.49
N VAL D 478 21.75 -20.84 -12.29
CA VAL D 478 22.75 -20.42 -11.31
C VAL D 478 22.45 -21.11 -9.99
N GLU D 479 23.50 -21.33 -9.20
CA GLU D 479 23.37 -21.98 -7.90
C GLU D 479 23.20 -20.94 -6.81
N GLY D 480 22.21 -21.15 -5.96
CA GLY D 480 21.93 -20.26 -4.85
C GLY D 480 20.44 -20.15 -4.63
N ARG D 481 20.05 -19.26 -3.71
CA ARG D 481 18.65 -19.03 -3.39
C ARG D 481 18.24 -17.59 -3.66
N ALA D 482 18.95 -16.90 -4.55
CA ALA D 482 18.64 -15.51 -4.88
C ALA D 482 18.74 -15.31 -6.38
N ILE D 483 17.80 -14.55 -6.93
CA ILE D 483 17.78 -14.26 -8.36
C ILE D 483 18.81 -13.18 -8.66
N CYS D 484 19.69 -13.45 -9.63
CA CYS D 484 20.72 -12.50 -10.02
C CYS D 484 20.22 -11.66 -11.19
N LEU D 485 20.29 -10.34 -11.05
CA LEU D 485 19.84 -9.42 -12.08
C LEU D 485 20.96 -8.43 -12.41
N HIS D 486 20.77 -7.71 -13.50
CA HIS D 486 21.74 -6.71 -13.94
C HIS D 486 21.66 -5.46 -13.05
N PRO D 487 22.79 -4.83 -12.75
CA PRO D 487 22.74 -3.62 -11.91
C PRO D 487 21.93 -2.49 -12.50
N LEU D 488 22.00 -2.29 -13.82
CA LEU D 488 21.25 -1.21 -14.45
C LEU D 488 19.75 -1.46 -14.36
N VAL D 489 19.31 -2.69 -14.65
CA VAL D 489 17.89 -3.01 -14.56
C VAL D 489 17.43 -2.93 -13.10
N CYS D 490 18.29 -3.35 -12.17
CA CYS D 490 17.94 -3.25 -10.76
C CYS D 490 17.75 -1.80 -10.33
N LYS D 491 18.64 -0.91 -10.78
CA LYS D 491 18.47 0.50 -10.49
C LYS D 491 17.24 1.08 -11.16
N GLY D 492 16.90 0.59 -12.35
CA GLY D 492 15.70 1.05 -13.03
C GLY D 492 14.41 0.46 -12.50
N PHE D 493 14.49 -0.59 -11.67
CA PHE D 493 13.31 -1.23 -11.09
C PHE D 493 13.10 -0.83 -9.64
N ASN D 494 13.69 0.27 -9.20
CA ASN D 494 13.56 0.78 -7.84
C ASN D 494 14.01 -0.27 -6.81
N ALA D 495 15.30 -0.61 -6.89
CA ALA D 495 15.88 -1.55 -5.95
C ALA D 495 15.95 -0.96 -4.55
N ASP D 496 15.73 -1.80 -3.55
CA ASP D 496 15.73 -1.37 -2.16
C ASP D 496 16.83 -2.11 -1.39
N PHE D 497 17.15 -1.57 -0.21
CA PHE D 497 18.10 -2.24 0.67
C PHE D 497 17.54 -3.57 1.18
N ASP D 498 16.25 -3.58 1.53
CA ASP D 498 15.60 -4.81 1.97
C ASP D 498 15.44 -5.78 0.80
N GLY D 499 15.19 -7.05 1.14
CA GLY D 499 14.97 -8.06 0.14
C GLY D 499 13.68 -7.86 -0.63
N ASP D 500 13.80 -7.48 -1.90
CA ASP D 500 12.63 -7.23 -2.75
C ASP D 500 12.21 -8.53 -3.40
N GLN D 501 10.98 -8.96 -3.13
CA GLN D 501 10.48 -10.21 -3.68
C GLN D 501 10.23 -10.07 -5.19
N MET D 502 10.58 -11.10 -5.94
CA MET D 502 10.45 -11.12 -7.38
C MET D 502 9.60 -12.30 -7.81
N ALA D 503 8.54 -12.03 -8.56
CA ALA D 503 7.68 -13.08 -9.09
C ALA D 503 8.18 -13.48 -10.47
N VAL D 504 8.23 -14.79 -10.73
CA VAL D 504 8.75 -15.34 -11.97
C VAL D 504 7.61 -16.03 -12.70
N HIS D 505 7.34 -15.62 -13.93
CA HIS D 505 6.30 -16.19 -14.76
C HIS D 505 6.89 -16.69 -16.07
N VAL D 506 6.36 -17.80 -16.57
CA VAL D 506 6.86 -18.46 -17.76
C VAL D 506 5.73 -18.51 -18.80
N PRO D 507 5.89 -17.89 -19.96
CA PRO D 507 4.86 -18.00 -21.00
C PRO D 507 4.81 -19.40 -21.61
N LEU D 508 3.63 -19.76 -22.12
CA LEU D 508 3.40 -21.08 -22.69
C LEU D 508 3.14 -21.05 -24.19
N SER D 509 2.17 -20.25 -24.64
CA SER D 509 1.79 -20.24 -26.04
C SER D 509 2.88 -19.60 -26.90
N LEU D 510 2.80 -19.85 -28.20
CA LEU D 510 3.77 -19.28 -29.13
C LEU D 510 3.62 -17.76 -29.22
N GLU D 511 2.38 -17.27 -29.21
CA GLU D 511 2.15 -15.83 -29.30
C GLU D 511 2.76 -15.10 -28.10
N ALA D 512 2.60 -15.67 -26.90
CA ALA D 512 3.19 -15.05 -25.72
C ALA D 512 4.71 -15.02 -25.81
N GLN D 513 5.31 -16.10 -26.31
CA GLN D 513 6.76 -16.14 -26.45
C GLN D 513 7.25 -15.11 -27.47
N VAL D 514 6.55 -14.98 -28.60
CA VAL D 514 6.96 -14.00 -29.60
C VAL D 514 6.82 -12.59 -29.05
N GLU D 515 5.73 -12.31 -28.33
CA GLU D 515 5.54 -10.99 -27.76
C GLU D 515 6.59 -10.68 -26.71
N ALA D 516 6.97 -11.67 -25.90
CA ALA D 516 7.98 -11.44 -24.87
C ALA D 516 9.37 -11.27 -25.48
N ARG D 517 9.65 -11.95 -26.59
CA ARG D 517 10.98 -11.85 -27.20
C ARG D 517 11.12 -10.61 -28.07
N LEU D 518 10.03 -10.11 -28.64
CA LEU D 518 10.11 -8.99 -29.57
C LEU D 518 9.69 -7.65 -28.97
N LEU D 519 8.95 -7.64 -27.87
CA LEU D 519 8.45 -6.39 -27.31
C LEU D 519 8.92 -6.11 -25.89
N MET D 520 8.92 -7.12 -25.02
CA MET D 520 9.12 -6.91 -23.59
C MET D 520 10.58 -6.99 -23.16
N PHE D 521 11.52 -7.13 -24.09
CA PHE D 521 12.93 -7.18 -23.71
C PHE D 521 13.40 -5.80 -23.24
N SER D 522 14.52 -5.80 -22.52
CA SER D 522 15.03 -4.56 -21.94
C SER D 522 15.73 -3.68 -22.97
N HIS D 523 16.32 -4.28 -24.01
CA HIS D 523 17.02 -3.49 -25.02
C HIS D 523 16.08 -2.75 -25.96
N MET D 524 14.77 -2.99 -25.85
CA MET D 524 13.79 -2.28 -26.66
C MET D 524 13.07 -1.17 -25.89
N ASN D 525 13.25 -1.09 -24.58
CA ASN D 525 12.62 -0.08 -23.74
C ASN D 525 13.70 0.57 -22.87
N LEU D 526 14.31 1.63 -23.38
CA LEU D 526 15.32 2.36 -22.64
C LEU D 526 14.97 3.82 -22.37
N LEU D 527 13.89 4.34 -22.96
CA LEU D 527 13.47 5.71 -22.78
C LEU D 527 12.16 5.74 -22.00
N SER D 528 12.13 6.55 -20.94
CA SER D 528 10.92 6.66 -20.13
C SER D 528 9.82 7.36 -20.92
N PRO D 529 8.56 6.91 -20.79
CA PRO D 529 7.47 7.54 -21.56
C PRO D 529 7.05 8.91 -21.05
N ALA D 530 7.60 9.38 -19.94
CA ALA D 530 7.25 10.71 -19.43
C ALA D 530 7.67 11.80 -20.40
N ILE D 531 8.96 11.95 -20.64
CA ILE D 531 9.46 12.94 -21.57
C ILE D 531 10.46 12.39 -22.58
N GLY D 532 11.02 11.21 -22.36
CA GLY D 532 11.99 10.63 -23.25
C GLY D 532 13.41 10.55 -22.72
N ASP D 533 13.61 10.63 -21.41
CA ASP D 533 14.95 10.55 -20.84
C ASP D 533 15.35 9.09 -20.64
N PRO D 534 16.65 8.79 -20.75
CA PRO D 534 17.11 7.40 -20.57
C PRO D 534 16.85 6.92 -19.15
N ILE D 535 16.12 5.82 -19.03
CA ILE D 535 15.83 5.26 -17.72
C ILE D 535 16.99 4.40 -17.23
N SER D 536 17.78 3.85 -18.14
CA SER D 536 18.94 3.03 -17.79
C SER D 536 20.18 3.91 -17.84
N VAL D 537 20.59 4.43 -16.70
CA VAL D 537 21.76 5.29 -16.60
C VAL D 537 22.74 4.61 -15.65
N PRO D 538 24.03 4.91 -15.78
CA PRO D 538 25.01 4.31 -14.87
C PRO D 538 24.70 4.63 -13.41
N THR D 539 24.92 3.63 -12.55
CA THR D 539 24.57 3.74 -11.14
C THR D 539 25.64 4.53 -10.39
N GLN D 540 25.60 4.46 -9.06
CA GLN D 540 26.52 5.23 -8.23
C GLN D 540 27.96 4.83 -8.47
N ASP D 541 28.26 3.53 -8.42
CA ASP D 541 29.63 3.07 -8.56
C ASP D 541 30.18 3.36 -9.95
N MET D 542 29.35 3.17 -10.98
CA MET D 542 29.79 3.45 -12.35
C MET D 542 30.07 4.94 -12.53
N LEU D 543 29.22 5.80 -11.98
CA LEU D 543 29.46 7.23 -12.07
C LEU D 543 30.72 7.63 -11.33
N ILE D 544 30.99 7.00 -10.17
CA ILE D 544 32.21 7.29 -9.43
C ILE D 544 33.43 6.88 -10.24
N GLY D 545 33.38 5.69 -10.86
CA GLY D 545 34.48 5.25 -11.69
C GLY D 545 34.74 6.18 -12.86
N LEU D 546 33.67 6.58 -13.55
CA LEU D 546 33.80 7.48 -14.69
C LEU D 546 34.35 8.84 -14.25
N TYR D 547 33.92 9.32 -13.09
CA TYR D 547 34.39 10.62 -12.59
C TYR D 547 35.86 10.55 -12.22
N VAL D 548 36.30 9.45 -11.60
CA VAL D 548 37.71 9.29 -11.27
C VAL D 548 38.54 9.18 -12.55
N LEU D 549 38.00 8.53 -13.58
CA LEU D 549 38.70 8.42 -14.85
C LEU D 549 38.86 9.79 -15.51
N THR D 550 37.76 10.53 -15.65
CA THR D 550 37.76 11.78 -16.41
C THR D 550 38.00 13.01 -15.55
N SER D 551 38.41 12.83 -14.30
CA SER D 551 38.66 13.98 -13.43
C SER D 551 40.02 14.61 -13.69
N GLY D 552 41.03 13.78 -13.96
CA GLY D 552 42.37 14.28 -14.18
C GLY D 552 43.16 14.37 -12.89
N ASN D 553 43.88 15.48 -12.69
CA ASN D 553 44.68 15.68 -11.49
C ASN D 553 44.92 17.18 -11.33
N HIS D 554 45.77 17.53 -10.38
CA HIS D 554 46.11 18.93 -10.15
C HIS D 554 46.90 19.49 -11.33
N ARG D 555 46.83 20.80 -11.50
CA ARG D 555 47.46 21.46 -12.65
C ARG D 555 48.33 22.65 -12.29
N GLY D 556 48.15 23.29 -11.15
CA GLY D 556 48.87 24.50 -10.84
C GLY D 556 49.80 24.40 -9.64
N ILE D 557 49.48 25.17 -8.59
CA ILE D 557 50.34 25.18 -7.40
C ILE D 557 50.31 23.85 -6.67
N CYS D 558 49.34 22.98 -6.96
CA CYS D 558 49.23 21.71 -6.26
C CYS D 558 50.10 20.63 -6.87
N VAL D 559 50.66 20.85 -8.06
CA VAL D 559 51.54 19.88 -8.68
C VAL D 559 53.00 20.35 -8.70
N ASN D 560 53.25 21.65 -8.71
CA ASN D 560 54.60 22.21 -8.64
C ASN D 560 54.70 23.11 -7.43
N ARG D 561 55.84 23.04 -6.74
CA ARG D 561 56.03 23.86 -5.55
C ARG D 561 56.45 25.28 -5.91
N TYR D 562 57.52 25.42 -6.68
CA TYR D 562 58.03 26.72 -7.09
C TYR D 562 57.56 27.05 -8.50
N ASN D 563 57.75 28.31 -8.88
CA ASN D 563 57.29 28.78 -10.18
C ASN D 563 58.12 28.12 -11.28
N PRO D 564 57.49 27.48 -12.28
CA PRO D 564 58.25 26.83 -13.36
C PRO D 564 59.01 27.79 -14.26
N CYS D 565 59.00 29.10 -13.97
CA CYS D 565 59.71 30.06 -14.80
C CYS D 565 61.22 29.92 -14.71
N ASN D 566 61.73 29.11 -13.79
CA ASN D 566 63.17 28.97 -13.61
C ASN D 566 63.74 27.76 -14.34
N ARG D 567 62.95 26.72 -14.57
CA ARG D 567 63.45 25.53 -15.24
C ARG D 567 62.37 24.87 -16.08
N THR D 584 61.11 17.39 -18.32
CA THR D 584 60.26 17.03 -19.45
C THR D 584 59.14 16.08 -19.02
N LYS D 585 58.07 16.04 -19.80
CA LYS D 585 56.94 15.16 -19.51
C LYS D 585 57.23 13.77 -20.05
N GLU D 586 56.20 12.91 -20.03
CA GLU D 586 56.36 11.56 -20.55
C GLU D 586 56.62 11.59 -22.05
N PRO D 587 57.34 10.60 -22.57
CA PRO D 587 57.66 10.60 -24.02
C PRO D 587 56.38 10.58 -24.87
N PHE D 588 56.53 11.08 -26.10
CA PHE D 588 55.41 11.19 -27.01
C PHE D 588 54.95 9.80 -27.42
N PHE D 589 53.81 9.37 -26.86
CA PHE D 589 53.25 8.06 -27.18
C PHE D 589 52.57 8.11 -28.55
N SER D 590 53.07 7.30 -29.48
CA SER D 590 52.52 7.32 -30.84
C SER D 590 51.11 6.73 -30.89
N ASN D 591 50.80 5.79 -30.00
CA ASN D 591 49.50 5.15 -29.97
C ASN D 591 49.00 5.05 -28.53
N SER D 592 47.68 5.01 -28.38
CA SER D 592 47.10 4.84 -27.05
C SER D 592 47.37 3.45 -26.50
N TYR D 593 47.57 2.47 -27.38
CA TYR D 593 47.93 1.13 -26.93
C TYR D 593 49.22 1.14 -26.16
N ASP D 594 50.22 1.89 -26.64
CA ASP D 594 51.48 2.00 -25.93
C ASP D 594 51.31 2.69 -24.58
N ALA D 595 50.41 3.68 -24.51
CA ALA D 595 50.17 4.36 -23.24
C ALA D 595 49.53 3.42 -22.23
N ILE D 596 48.54 2.63 -22.66
CA ILE D 596 47.90 1.68 -21.75
C ILE D 596 48.88 0.59 -21.35
N GLY D 597 49.76 0.18 -22.27
CA GLY D 597 50.76 -0.81 -21.92
C GLY D 597 51.76 -0.30 -20.92
N ALA D 598 52.17 0.97 -21.05
CA ALA D 598 53.07 1.57 -20.07
C ALA D 598 52.38 1.76 -18.72
N TYR D 599 51.07 2.04 -18.73
CA TYR D 599 50.35 2.15 -17.48
C TYR D 599 50.22 0.80 -16.78
N ARG D 600 49.98 -0.27 -17.55
CA ARG D 600 49.89 -1.60 -16.96
C ARG D 600 51.24 -2.09 -16.46
N GLN D 601 52.33 -1.66 -17.10
CA GLN D 601 53.67 -1.99 -16.65
C GLN D 601 54.10 -1.18 -15.44
N LYS D 602 53.24 -0.27 -14.96
CA LYS D 602 53.52 0.56 -13.79
C LYS D 602 54.78 1.42 -14.00
N ARG D 603 54.84 2.08 -15.16
CA ARG D 603 55.87 3.06 -15.43
C ARG D 603 55.35 4.49 -15.43
N ILE D 604 54.05 4.69 -15.63
CA ILE D 604 53.41 6.00 -15.51
C ILE D 604 52.17 5.85 -14.64
N ASN D 605 51.84 6.90 -13.90
CA ASN D 605 50.68 6.88 -13.04
C ASN D 605 49.42 7.19 -13.85
N LEU D 606 48.26 6.94 -13.23
CA LEU D 606 47.00 7.21 -13.90
C LEU D 606 46.78 8.70 -14.09
N ASP D 607 47.34 9.52 -13.21
CA ASP D 607 47.18 10.97 -13.27
C ASP D 607 48.38 11.67 -13.90
N SER D 608 49.40 10.93 -14.30
CA SER D 608 50.58 11.54 -14.91
C SER D 608 50.27 12.03 -16.31
N PRO D 609 50.51 13.29 -16.63
CA PRO D 609 50.22 13.78 -17.98
C PRO D 609 51.18 13.18 -19.01
N LEU D 610 50.70 13.10 -20.24
CA LEU D 610 51.50 12.57 -21.34
C LEU D 610 51.05 13.21 -22.64
N TRP D 611 51.87 13.03 -23.68
CA TRP D 611 51.59 13.54 -25.00
C TRP D 611 51.24 12.38 -25.93
N LEU D 612 50.06 12.44 -26.52
CA LEU D 612 49.57 11.40 -27.42
C LEU D 612 49.48 11.97 -28.83
N ARG D 613 50.18 11.34 -29.77
CA ARG D 613 50.16 11.78 -31.16
C ARG D 613 48.79 11.51 -31.76
N TRP D 614 48.11 12.58 -32.18
CA TRP D 614 46.79 12.49 -32.77
C TRP D 614 46.93 12.47 -34.29
N ARG D 615 46.21 11.55 -34.93
CA ARG D 615 46.36 11.31 -36.37
C ARG D 615 45.56 12.31 -37.20
N LEU D 616 45.79 13.59 -36.91
CA LEU D 616 45.20 14.73 -37.63
C LEU D 616 43.73 14.50 -37.97
N ASP D 617 42.96 14.07 -36.96
CA ASP D 617 41.54 13.86 -37.16
C ASP D 617 40.76 15.16 -37.26
N GLN D 618 41.38 16.30 -36.95
CA GLN D 618 40.82 17.65 -37.08
C GLN D 618 39.62 17.87 -36.16
N ARG D 619 39.27 16.91 -35.33
CA ARG D 619 38.19 17.08 -34.35
C ARG D 619 38.77 17.51 -33.00
N VAL D 620 39.51 18.61 -33.04
CA VAL D 620 40.22 19.11 -31.86
C VAL D 620 39.23 19.73 -30.89
N ILE D 621 38.93 19.01 -29.81
CA ILE D 621 37.95 19.46 -28.82
C ILE D 621 38.64 20.42 -27.86
N ALA D 622 38.16 21.65 -27.80
CA ALA D 622 38.72 22.67 -26.92
C ALA D 622 37.67 23.77 -26.74
N SER D 623 38.10 24.87 -26.13
CA SER D 623 37.25 26.03 -25.93
C SER D 623 37.73 27.19 -26.79
N ARG D 624 36.93 28.26 -26.82
CA ARG D 624 37.26 29.45 -27.60
C ARG D 624 38.35 30.25 -26.88
N GLU D 625 39.56 29.72 -26.95
CA GLU D 625 40.72 30.31 -26.30
C GLU D 625 41.89 30.32 -27.27
N THR D 626 42.40 31.51 -27.56
CA THR D 626 43.56 31.63 -28.44
C THR D 626 44.77 30.96 -27.81
N PRO D 627 45.73 30.51 -28.62
CA PRO D 627 46.91 29.83 -28.06
C PRO D 627 47.72 30.74 -27.15
N ILE D 628 48.41 30.11 -26.20
CA ILE D 628 49.21 30.88 -25.25
C ILE D 628 50.46 31.45 -25.91
N GLU D 629 51.09 30.67 -26.80
CA GLU D 629 52.28 31.11 -27.49
C GLU D 629 52.31 30.50 -28.89
N VAL D 630 52.88 31.25 -29.84
CA VAL D 630 53.06 30.78 -31.21
C VAL D 630 54.52 31.03 -31.56
N HIS D 631 55.32 29.95 -31.61
CA HIS D 631 56.74 30.05 -31.91
C HIS D 631 56.91 30.00 -33.42
N TYR D 632 56.97 31.18 -34.03
CA TYR D 632 57.09 31.31 -35.48
C TYR D 632 58.55 31.42 -35.84
N GLU D 633 59.13 30.32 -36.35
CA GLU D 633 60.54 30.28 -36.65
C GLU D 633 60.85 31.00 -37.96
N SER D 634 62.12 30.99 -38.35
CA SER D 634 62.54 31.69 -39.56
C SER D 634 62.35 30.85 -40.81
N LEU D 635 62.37 29.52 -40.68
CA LEU D 635 62.19 28.67 -41.86
C LEU D 635 60.73 28.67 -42.32
N GLY D 636 59.79 28.86 -41.40
CA GLY D 636 58.38 28.94 -41.75
C GLY D 636 57.47 27.93 -41.08
N THR D 637 57.97 27.10 -40.17
CA THR D 637 57.16 26.12 -39.46
C THR D 637 56.95 26.60 -38.03
N PHE D 638 55.72 26.99 -37.72
CA PHE D 638 55.39 27.57 -36.42
C PHE D 638 54.59 26.61 -35.57
N TYR D 639 54.88 26.60 -34.27
CA TYR D 639 54.22 25.73 -33.32
C TYR D 639 53.18 26.54 -32.55
N GLU D 640 51.91 26.12 -32.65
CA GLU D 640 50.82 26.76 -31.91
C GLU D 640 50.59 25.98 -30.63
N ILE D 641 51.00 26.56 -29.51
CA ILE D 641 50.89 25.91 -28.21
C ILE D 641 49.60 26.35 -27.53
N TYR D 642 48.70 25.41 -27.30
CA TYR D 642 47.43 25.66 -26.63
C TYR D 642 47.49 25.13 -25.21
N GLY D 643 46.35 25.21 -24.51
CA GLY D 643 46.29 24.72 -23.15
C GLY D 643 46.22 23.21 -23.04
N HIS D 644 45.75 22.54 -24.10
CA HIS D 644 45.56 21.09 -24.06
C HIS D 644 46.17 20.36 -25.24
N TYR D 645 46.65 21.05 -26.27
CA TYR D 645 47.17 20.38 -27.45
C TYR D 645 48.20 21.26 -28.13
N LEU D 646 48.91 20.67 -29.08
CA LEU D 646 49.97 21.34 -29.84
C LEU D 646 49.80 21.05 -31.32
N ILE D 647 49.76 22.10 -32.12
CA ILE D 647 49.59 21.99 -33.58
C ILE D 647 50.86 22.51 -34.23
N VAL D 648 51.54 21.65 -34.97
CA VAL D 648 52.75 22.00 -35.70
C VAL D 648 52.36 22.23 -37.16
N ARG D 649 52.46 23.47 -37.61
CA ARG D 649 52.01 23.86 -38.94
C ARG D 649 53.19 24.37 -39.75
N SER D 650 53.30 23.91 -40.98
CA SER D 650 54.38 24.31 -41.87
C SER D 650 54.02 25.65 -42.52
N LEU D 651 54.80 26.04 -43.54
CA LEU D 651 54.61 27.36 -44.14
C LEU D 651 53.37 27.40 -45.02
N LYS D 652 53.19 26.41 -45.89
CA LYS D 652 52.10 26.43 -46.87
C LYS D 652 50.82 25.83 -46.30
N LYS D 653 50.42 26.30 -45.11
CA LYS D 653 49.15 25.95 -44.48
C LYS D 653 48.92 24.44 -44.47
N GLN D 654 49.81 23.73 -43.78
CA GLN D 654 49.74 22.28 -43.68
C GLN D 654 49.90 21.86 -42.22
N ILE D 655 48.94 21.10 -41.72
CA ILE D 655 48.98 20.59 -40.35
C ILE D 655 49.90 19.37 -40.35
N LEU D 656 51.15 19.56 -39.92
CA LEU D 656 52.11 18.47 -39.93
C LEU D 656 51.81 17.47 -38.82
N PHE D 657 51.87 17.92 -37.56
CA PHE D 657 51.68 17.05 -36.41
C PHE D 657 50.65 17.67 -35.47
N ILE D 658 49.95 16.80 -34.74
CA ILE D 658 49.04 17.22 -33.68
C ILE D 658 49.28 16.32 -32.48
N TYR D 659 49.57 16.93 -31.33
CA TYR D 659 49.79 16.21 -30.08
C TYR D 659 48.79 16.68 -29.05
N ILE D 660 48.26 15.74 -28.27
CA ILE D 660 47.26 16.01 -27.26
C ILE D 660 47.87 15.72 -25.89
N ARG D 661 47.66 16.62 -24.94
CA ARG D 661 48.18 16.46 -23.58
C ARG D 661 47.02 16.02 -22.71
N THR D 662 46.99 14.73 -22.38
CA THR D 662 45.92 14.16 -21.56
C THR D 662 46.51 13.04 -20.71
N THR D 663 45.64 12.39 -19.94
CA THR D 663 46.00 11.28 -19.07
C THR D 663 45.54 9.96 -19.70
N VAL D 664 45.73 8.88 -18.94
CA VAL D 664 45.36 7.56 -19.45
C VAL D 664 43.86 7.29 -19.34
N GLY D 665 43.16 7.98 -18.44
CA GLY D 665 41.74 7.70 -18.26
C GLY D 665 40.90 8.13 -19.44
N HIS D 666 41.14 9.34 -19.94
CA HIS D 666 40.38 9.85 -21.07
C HIS D 666 40.59 8.98 -22.31
N ILE D 667 41.85 8.65 -22.60
CA ILE D 667 42.13 7.82 -23.78
C ILE D 667 41.61 6.41 -23.58
N ALA D 668 41.61 5.91 -22.33
CA ALA D 668 41.06 4.58 -22.07
C ALA D 668 39.57 4.56 -22.34
N LEU D 669 38.84 5.57 -21.87
CA LEU D 669 37.40 5.64 -22.11
C LEU D 669 37.10 5.78 -23.60
N TYR D 670 37.82 6.67 -24.28
CA TYR D 670 37.61 6.86 -25.71
C TYR D 670 37.87 5.57 -26.47
N ARG D 671 38.98 4.89 -26.14
CA ARG D 671 39.32 3.65 -26.83
C ARG D 671 38.29 2.57 -26.56
N GLU D 672 37.80 2.46 -25.33
CA GLU D 672 36.84 1.40 -25.03
C GLU D 672 35.51 1.66 -25.74
N ILE D 673 35.06 2.92 -25.81
CA ILE D 673 33.83 3.21 -26.51
C ILE D 673 33.99 2.95 -28.02
N GLU D 674 35.11 3.40 -28.60
CA GLU D 674 35.32 3.19 -30.02
C GLU D 674 35.43 1.70 -30.35
N GLU D 675 36.11 0.93 -29.51
CA GLU D 675 36.27 -0.49 -29.78
C GLU D 675 34.96 -1.24 -29.57
N ALA D 676 34.12 -0.79 -28.63
CA ALA D 676 32.80 -1.38 -28.48
C ALA D 676 31.96 -1.14 -29.74
N ILE D 677 31.99 0.09 -30.25
CA ILE D 677 31.24 0.41 -31.47
C ILE D 677 31.74 -0.46 -32.64
N GLN D 678 33.06 -0.55 -32.79
CA GLN D 678 33.61 -1.30 -33.92
C GLN D 678 33.33 -2.79 -33.79
N GLY D 679 33.43 -3.34 -32.57
CA GLY D 679 33.12 -4.74 -32.39
C GLY D 679 31.66 -5.06 -32.63
N PHE D 680 30.76 -4.15 -32.23
CA PHE D 680 29.35 -4.33 -32.53
C PHE D 680 29.12 -4.32 -34.05
N SER D 681 29.73 -3.35 -34.74
CA SER D 681 29.57 -3.27 -36.19
C SER D 681 30.13 -4.50 -36.89
N ARG D 682 31.22 -5.07 -36.38
CA ARG D 682 31.81 -6.24 -37.01
C ARG D 682 31.01 -7.51 -36.71
N ALA D 683 30.56 -7.69 -35.46
CA ALA D 683 29.74 -8.84 -35.12
C ALA D 683 28.37 -8.78 -35.78
N TYR D 684 27.92 -7.59 -36.18
CA TYR D 684 26.67 -7.50 -36.94
C TYR D 684 26.79 -8.21 -38.28
N SER D 685 27.99 -8.19 -38.86
CA SER D 685 28.23 -8.86 -40.15
C SER D 685 28.65 -10.31 -39.94
N ASN E 6 33.86 8.04 -33.89
CA ASN E 6 33.73 9.45 -34.20
C ASN E 6 33.12 10.21 -33.02
N LEU E 7 33.28 9.66 -31.82
CA LEU E 7 32.74 10.29 -30.62
C LEU E 7 33.59 11.49 -30.21
N VAL E 8 32.97 12.42 -29.51
CA VAL E 8 33.66 13.62 -29.05
C VAL E 8 34.67 13.25 -27.97
N PHE E 9 35.90 13.72 -28.13
CA PHE E 9 36.94 13.49 -27.14
C PHE E 9 36.72 14.41 -25.94
N HIS E 10 36.68 13.84 -24.75
CA HIS E 10 36.39 14.58 -23.53
C HIS E 10 37.66 14.72 -22.70
N ASN E 11 37.88 15.93 -22.18
CA ASN E 11 39.02 16.20 -21.31
C ASN E 11 38.60 16.78 -19.97
N LYS E 12 37.30 16.79 -19.66
CA LYS E 12 36.78 17.33 -18.41
C LYS E 12 36.06 16.23 -17.63
N ALA E 13 35.60 16.58 -16.44
CA ALA E 13 34.89 15.64 -15.59
C ALA E 13 33.54 15.29 -16.18
N ILE E 14 33.13 14.04 -15.99
CA ILE E 14 31.87 13.53 -16.51
C ILE E 14 31.00 13.14 -15.32
N ASN E 15 29.99 13.97 -15.02
CA ASN E 15 29.08 13.70 -13.93
C ASN E 15 27.88 12.92 -14.45
N GLY E 16 26.83 12.80 -13.63
CA GLY E 16 25.66 12.04 -14.02
C GLY E 16 24.89 12.67 -15.15
N THR E 17 24.75 14.00 -15.12
CA THR E 17 24.04 14.70 -16.19
C THR E 17 24.77 14.56 -17.52
N ALA E 18 26.10 14.59 -17.50
CA ALA E 18 26.87 14.41 -18.72
C ALA E 18 26.65 13.02 -19.31
N MET E 19 26.64 11.98 -18.46
CA MET E 19 26.37 10.63 -18.94
C MET E 19 24.95 10.51 -19.47
N LYS E 20 23.99 11.15 -18.81
CA LYS E 20 22.61 11.11 -19.29
C LYS E 20 22.48 11.75 -20.66
N ARG E 21 23.10 12.91 -20.85
CA ARG E 21 23.05 13.57 -22.15
C ARG E 21 23.77 12.76 -23.20
N LEU E 22 24.91 12.16 -22.85
CA LEU E 22 25.65 11.34 -23.81
C LEU E 22 24.82 10.12 -24.25
N ILE E 23 24.13 9.48 -23.31
CA ILE E 23 23.30 8.34 -23.65
C ILE E 23 22.11 8.78 -24.51
N SER E 24 21.50 9.92 -24.16
CA SER E 24 20.38 10.43 -24.95
C SER E 24 20.80 10.77 -26.38
N ARG E 25 22.04 11.22 -26.57
CA ARG E 25 22.51 11.53 -27.91
C ARG E 25 22.92 10.27 -28.66
N LEU E 26 23.51 9.28 -27.97
CA LEU E 26 23.90 8.05 -28.62
C LEU E 26 22.69 7.23 -29.04
N ILE E 27 21.59 7.32 -28.29
CA ILE E 27 20.37 6.61 -28.68
C ILE E 27 19.83 7.18 -29.99
N ASP E 28 19.94 8.50 -30.17
CA ASP E 28 19.43 9.12 -31.38
C ASP E 28 20.41 8.98 -32.55
N HIS E 29 21.71 8.86 -32.28
CA HIS E 29 22.69 8.75 -33.35
C HIS E 29 22.96 7.32 -33.76
N PHE E 30 23.01 6.39 -32.82
CA PHE E 30 23.30 5.00 -33.13
C PHE E 30 22.10 4.06 -33.00
N GLY E 31 21.24 4.29 -32.02
CA GLY E 31 20.13 3.41 -31.75
C GLY E 31 20.32 2.65 -30.44
N MET E 32 19.25 1.95 -30.05
CA MET E 32 19.27 1.24 -28.78
C MET E 32 20.19 0.03 -28.82
N ALA E 33 20.35 -0.59 -29.98
CA ALA E 33 21.20 -1.78 -30.10
C ALA E 33 22.65 -1.45 -29.76
N TYR E 34 23.21 -0.41 -30.40
CA TYR E 34 24.57 -0.01 -30.11
C TYR E 34 24.68 0.56 -28.69
N THR E 35 23.67 1.32 -28.26
CA THR E 35 23.73 1.97 -26.97
C THR E 35 23.75 0.96 -25.82
N SER E 36 23.05 -0.17 -25.98
CA SER E 36 23.06 -1.19 -24.94
C SER E 36 24.48 -1.72 -24.70
N HIS E 37 25.18 -2.09 -25.78
CA HIS E 37 26.53 -2.60 -25.65
C HIS E 37 27.49 -1.52 -25.15
N ILE E 38 27.31 -0.29 -25.63
CA ILE E 38 28.17 0.82 -25.16
C ILE E 38 27.99 1.02 -23.66
N LEU E 39 26.74 0.98 -23.19
CA LEU E 39 26.49 1.18 -21.77
C LEU E 39 27.02 0.01 -20.95
N ASP E 40 26.93 -1.20 -21.48
CA ASP E 40 27.50 -2.36 -20.79
C ASP E 40 29.01 -2.22 -20.64
N GLN E 41 29.70 -1.81 -21.70
CA GLN E 41 31.14 -1.64 -21.63
C GLN E 41 31.51 -0.49 -20.69
N VAL E 42 30.74 0.59 -20.70
CA VAL E 42 30.98 1.70 -19.78
C VAL E 42 30.81 1.23 -18.34
N LYS E 43 29.78 0.42 -18.07
CA LYS E 43 29.58 -0.13 -16.74
C LYS E 43 30.77 -0.98 -16.31
N THR E 44 31.26 -1.84 -17.22
CA THR E 44 32.39 -2.69 -16.89
C THR E 44 33.63 -1.86 -16.56
N LEU E 45 33.92 -0.85 -17.39
CA LEU E 45 35.09 -0.01 -17.15
C LEU E 45 34.95 0.78 -15.86
N GLY E 46 33.75 1.29 -15.58
CA GLY E 46 33.54 2.04 -14.35
C GLY E 46 33.70 1.17 -13.11
N PHE E 47 33.16 -0.06 -13.15
CA PHE E 47 33.36 -0.97 -12.03
C PHE E 47 34.83 -1.29 -11.84
N GLN E 48 35.56 -1.54 -12.93
CA GLN E 48 36.99 -1.85 -12.82
C GLN E 48 37.74 -0.67 -12.21
N GLN E 49 37.47 0.55 -12.67
CA GLN E 49 38.17 1.71 -12.15
C GLN E 49 37.83 1.97 -10.68
N ALA E 50 36.55 1.84 -10.32
CA ALA E 50 36.15 2.06 -8.94
C ALA E 50 36.74 1.00 -8.01
N THR E 51 36.91 -0.23 -8.50
CA THR E 51 37.58 -1.24 -7.69
C THR E 51 39.07 -0.95 -7.56
N ALA E 52 39.69 -0.45 -8.63
CA ALA E 52 41.12 -0.15 -8.58
C ALA E 52 41.40 1.02 -7.65
N THR E 53 40.50 2.00 -7.59
CA THR E 53 40.75 3.18 -6.76
C THR E 53 40.40 2.93 -5.29
N SER E 54 39.29 2.24 -5.03
CA SER E 54 38.85 1.92 -3.68
C SER E 54 38.65 3.18 -2.83
N ILE E 55 37.67 3.98 -3.26
CA ILE E 55 37.31 5.19 -2.51
C ILE E 55 36.66 4.78 -1.18
N SER E 56 36.88 5.60 -0.15
CA SER E 56 36.33 5.33 1.17
C SER E 56 36.19 6.62 1.93
N LEU E 57 35.24 6.65 2.86
CA LEU E 57 34.97 7.82 3.69
C LEU E 57 35.39 7.53 5.12
N GLY E 58 36.11 8.47 5.73
CA GLY E 58 36.61 8.32 7.07
C GLY E 58 36.15 9.44 8.00
N ILE E 59 36.58 9.33 9.25
CA ILE E 59 36.21 10.33 10.26
C ILE E 59 36.91 11.65 9.97
N ASP E 60 38.23 11.63 9.89
CA ASP E 60 38.98 12.84 9.57
C ASP E 60 38.75 13.30 8.14
N ASP E 61 38.25 12.43 7.26
CA ASP E 61 38.02 12.81 5.88
C ASP E 61 36.89 13.83 5.77
N LEU E 62 36.00 13.86 6.75
CA LEU E 62 34.91 14.82 6.74
C LEU E 62 35.48 16.16 7.14
N LEU E 63 35.42 17.14 6.25
CA LEU E 63 36.06 18.42 6.52
C LEU E 63 35.09 19.54 6.70
N THR E 64 35.30 20.36 7.72
CA THR E 64 34.44 21.51 7.95
C THR E 64 35.07 22.79 7.45
N ILE E 65 34.27 23.78 7.10
CA ILE E 65 34.79 25.01 6.57
C ILE E 65 35.70 25.59 7.61
N PRO E 66 36.88 26.05 7.20
CA PRO E 66 37.85 26.60 8.14
C PRO E 66 37.21 27.48 9.19
N SER E 67 36.36 28.41 8.80
CA SER E 67 35.77 29.31 9.75
C SER E 67 34.41 28.90 10.21
N LYS E 68 34.31 28.17 11.30
CA LYS E 68 33.03 27.84 11.85
C LYS E 68 33.05 28.29 13.27
N GLY E 69 34.22 28.32 13.87
CA GLY E 69 34.31 28.64 15.28
C GLY E 69 34.06 30.09 15.47
N TRP E 70 34.26 30.86 14.45
CA TRP E 70 34.05 32.31 14.46
C TRP E 70 32.58 32.66 14.28
N LEU E 71 31.93 32.04 13.29
CA LEU E 71 30.53 32.34 13.01
C LEU E 71 29.64 31.94 14.18
N VAL E 72 29.80 30.72 14.68
CA VAL E 72 29.00 30.27 15.81
C VAL E 72 29.27 31.12 17.04
N GLN E 73 30.53 31.53 17.23
CA GLN E 73 30.88 32.31 18.40
C GLN E 73 30.24 33.70 18.36
N ASP E 74 30.30 34.37 17.20
CA ASP E 74 29.68 35.68 17.12
C ASP E 74 28.15 35.57 17.18
N ALA E 75 27.58 34.49 16.63
CA ALA E 75 26.14 34.30 16.71
C ALA E 75 25.70 34.14 18.16
N GLU E 76 26.39 33.29 18.92
CA GLU E 76 26.01 33.10 20.32
C GLU E 76 26.30 34.34 21.16
N GLN E 77 27.33 35.12 20.78
CA GLN E 77 27.58 36.37 21.49
C GLN E 77 26.44 37.36 21.27
N GLN E 78 25.98 37.50 20.03
CA GLN E 78 24.85 38.37 19.74
C GLN E 78 23.60 37.87 20.46
N SER E 79 23.41 36.55 20.51
CA SER E 79 22.26 36.00 21.22
C SER E 79 22.32 36.32 22.72
N LEU E 80 23.50 36.32 23.30
CA LEU E 80 23.61 36.71 24.70
C LEU E 80 23.30 38.16 24.92
N ILE E 81 23.81 39.02 24.07
CA ILE E 81 23.58 40.43 24.23
C ILE E 81 22.10 40.71 24.14
N LEU E 82 21.43 40.07 23.19
CA LEU E 82 20.01 40.24 23.09
C LEU E 82 19.37 39.79 24.37
N GLU E 83 19.63 38.57 24.79
CA GLU E 83 18.95 38.06 25.97
C GLU E 83 19.21 38.94 27.19
N LYS E 84 20.32 39.63 27.28
CA LYS E 84 20.50 40.51 28.40
C LYS E 84 19.55 41.65 28.25
N HIS E 85 19.54 42.26 27.10
CA HIS E 85 18.72 43.44 26.91
C HIS E 85 17.26 43.15 27.04
N HIS E 86 16.81 42.02 26.57
CA HIS E 86 15.42 41.68 26.78
C HIS E 86 15.06 41.89 28.23
N HIS E 87 15.89 41.46 29.17
CA HIS E 87 15.49 41.58 30.56
C HIS E 87 15.47 43.04 31.02
N TYR E 88 16.15 43.94 30.31
CA TYR E 88 16.19 45.34 30.70
C TYR E 88 15.04 46.15 30.11
N GLY E 89 14.35 45.61 29.12
CA GLY E 89 13.25 46.31 28.47
C GLY E 89 13.59 47.02 27.20
N ASN E 90 14.70 46.67 26.57
CA ASN E 90 15.11 47.37 25.40
C ASN E 90 14.52 46.77 24.16
N VAL E 91 14.04 45.54 24.25
CA VAL E 91 13.46 44.85 23.11
C VAL E 91 12.25 44.04 23.57
N HIS E 92 11.37 43.65 22.66
CA HIS E 92 10.25 42.80 23.05
C HIS E 92 10.33 41.38 22.54
N ALA E 93 9.59 40.46 23.12
CA ALA E 93 9.69 39.07 22.77
C ALA E 93 9.57 38.80 21.32
N VAL E 94 8.71 39.49 20.59
CA VAL E 94 8.59 39.11 19.21
C VAL E 94 9.91 39.35 18.52
N GLU E 95 10.58 40.43 18.86
CA GLU E 95 11.87 40.69 18.29
C GLU E 95 12.87 39.65 18.70
N LYS E 96 12.84 39.23 19.94
CA LYS E 96 13.76 38.20 20.35
C LYS E 96 13.48 36.95 19.56
N LEU E 97 12.23 36.60 19.39
CA LEU E 97 11.94 35.38 18.70
C LEU E 97 12.45 35.48 17.30
N ARG E 98 12.18 36.60 16.65
CA ARG E 98 12.60 36.73 15.28
C ARG E 98 14.08 36.72 15.12
N GLN E 99 14.79 37.45 15.96
CA GLN E 99 16.21 37.54 15.77
C GLN E 99 16.79 36.20 15.93
N SER E 100 16.30 35.45 16.89
CA SER E 100 16.95 34.19 17.11
C SER E 100 16.83 33.35 15.88
N ILE E 101 15.68 33.28 15.27
CA ILE E 101 15.59 32.39 14.14
C ILE E 101 16.50 32.87 13.02
N GLU E 102 16.46 34.14 12.72
CA GLU E 102 17.27 34.67 11.63
C GLU E 102 18.77 34.67 11.83
N ILE E 103 19.25 35.02 13.01
CA ILE E 103 20.68 35.15 13.22
C ILE E 103 21.26 33.79 13.11
N TRP E 104 20.40 32.82 13.13
CA TRP E 104 20.84 31.44 13.00
C TRP E 104 20.73 30.95 11.55
N TYR E 105 19.62 31.28 10.89
CA TYR E 105 19.46 30.80 9.52
C TYR E 105 20.55 31.38 8.60
N ALA E 106 20.83 32.67 8.77
CA ALA E 106 21.82 33.30 7.90
C ALA E 106 23.15 32.64 8.14
N THR E 107 23.46 32.38 9.41
CA THR E 107 24.75 31.82 9.72
C THR E 107 24.85 30.47 9.06
N SER E 108 23.80 29.65 9.17
CA SER E 108 23.90 28.32 8.62
C SER E 108 24.11 28.41 7.12
N GLU E 109 23.36 29.26 6.43
CA GLU E 109 23.49 29.28 4.97
C GLU E 109 24.90 29.71 4.56
N TYR E 110 25.48 30.68 5.23
CA TYR E 110 26.84 31.00 4.85
C TYR E 110 27.60 29.72 4.85
N LEU E 111 27.41 28.87 5.84
CA LEU E 111 28.19 27.66 5.88
C LEU E 111 27.89 26.75 4.71
N ARG E 112 26.63 26.56 4.37
CA ARG E 112 26.31 25.63 3.30
C ARG E 112 26.82 26.09 1.96
N GLN E 113 26.63 27.35 1.67
CA GLN E 113 27.06 27.86 0.39
C GLN E 113 28.58 27.79 0.30
N GLU E 114 29.26 28.06 1.39
CA GLU E 114 30.71 28.04 1.39
C GLU E 114 31.31 26.66 1.33
N MET E 115 30.52 25.63 1.57
CA MET E 115 31.07 24.28 1.62
C MET E 115 31.66 23.82 0.30
N ASN E 116 30.97 24.08 -0.80
CA ASN E 116 31.47 23.69 -2.11
C ASN E 116 32.73 24.39 -2.56
N PRO E 117 32.84 25.69 -2.34
CA PRO E 117 34.11 26.29 -2.74
C PRO E 117 35.26 25.70 -1.97
N ASN E 118 35.10 25.40 -0.70
CA ASN E 118 36.21 24.90 0.08
C ASN E 118 36.65 23.60 -0.51
N PHE E 119 35.71 22.74 -0.83
CA PHE E 119 36.08 21.46 -1.34
C PHE E 119 36.79 21.57 -2.66
N ARG E 120 36.33 22.44 -3.55
CA ARG E 120 36.94 22.47 -4.86
C ARG E 120 38.29 23.15 -4.86
N MET E 121 38.44 24.17 -4.03
CA MET E 121 39.70 24.87 -3.93
C MET E 121 40.75 24.18 -3.11
N THR E 122 40.38 23.66 -1.95
CA THR E 122 41.38 23.08 -1.05
C THR E 122 41.58 21.60 -1.23
N ASP E 123 40.60 20.78 -0.91
CA ASP E 123 40.74 19.35 -1.18
C ASP E 123 39.87 18.90 -2.32
N PRO E 124 40.38 18.99 -3.54
CA PRO E 124 39.57 18.66 -4.69
C PRO E 124 39.12 17.23 -4.66
N PHE E 125 40.02 16.31 -4.43
CA PHE E 125 39.68 14.91 -4.47
C PHE E 125 39.33 14.39 -3.10
N ASN E 126 38.35 15.02 -2.45
CA ASN E 126 37.89 14.55 -1.17
C ASN E 126 36.79 13.49 -1.41
N PRO E 127 36.85 12.28 -0.83
CA PRO E 127 35.86 11.25 -1.14
C PRO E 127 34.41 11.70 -1.00
N VAL E 128 34.07 12.43 0.06
CA VAL E 128 32.71 12.93 0.20
C VAL E 128 32.40 13.91 -0.92
N HIS E 129 33.37 14.75 -1.28
CA HIS E 129 33.16 15.68 -2.40
C HIS E 129 33.00 14.93 -3.71
N ILE E 130 33.74 13.84 -3.89
CA ILE E 130 33.61 13.04 -5.11
C ILE E 130 32.22 12.40 -5.18
N MET E 131 31.75 11.87 -4.06
CA MET E 131 30.43 11.23 -4.04
C MET E 131 29.31 12.26 -4.22
N SER E 132 29.50 13.48 -3.73
CA SER E 132 28.45 14.50 -3.84
C SER E 132 28.42 15.13 -5.22
N PHE E 133 29.58 15.58 -5.71
CA PHE E 133 29.61 16.31 -6.98
C PHE E 133 29.28 15.42 -8.17
N SER E 134 29.71 14.15 -8.13
CA SER E 134 29.44 13.25 -9.24
C SER E 134 27.97 12.89 -9.35
N GLY E 135 27.17 13.13 -8.32
CA GLY E 135 25.78 12.75 -8.34
C GLY E 135 25.51 11.30 -8.01
N ALA E 136 26.51 10.57 -7.51
CA ALA E 136 26.33 9.16 -7.22
C ALA E 136 25.46 8.95 -5.99
N ARG E 137 25.92 9.42 -4.83
CA ARG E 137 25.21 9.25 -3.58
C ARG E 137 25.29 10.54 -2.77
N GLY E 138 24.21 10.84 -2.06
CA GLY E 138 24.16 12.03 -1.25
C GLY E 138 23.61 13.24 -1.98
N ASN E 139 23.49 14.34 -1.26
CA ASN E 139 22.96 15.56 -1.87
C ASN E 139 23.61 16.63 -1.06
N ALA E 140 23.56 17.87 -1.50
CA ALA E 140 24.26 18.92 -0.79
C ALA E 140 23.69 19.02 0.59
N SER E 141 22.38 18.88 0.70
CA SER E 141 21.75 18.97 2.00
C SER E 141 22.22 17.88 2.94
N GLN E 142 22.33 16.67 2.43
CA GLN E 142 22.84 15.60 3.26
C GLN E 142 24.28 15.85 3.67
N VAL E 143 25.10 16.30 2.73
CA VAL E 143 26.49 16.52 3.05
C VAL E 143 26.59 17.59 4.11
N HIS E 144 25.76 18.61 4.02
CA HIS E 144 25.87 19.72 4.96
C HIS E 144 25.63 19.24 6.38
N GLN E 145 24.67 18.36 6.54
CA GLN E 145 24.41 17.86 7.87
C GLN E 145 25.57 17.07 8.43
N LEU E 146 26.22 16.26 7.61
CA LEU E 146 27.42 15.56 8.07
C LEU E 146 28.62 16.42 8.39
N VAL E 147 28.92 17.41 7.55
CA VAL E 147 30.13 18.19 7.76
C VAL E 147 29.98 19.65 8.19
N GLY E 148 28.76 20.17 8.27
CA GLY E 148 28.57 21.57 8.62
C GLY E 148 27.69 21.71 9.84
N MET E 149 26.46 22.16 9.69
CA MET E 149 25.53 22.20 10.80
C MET E 149 24.14 21.89 10.29
N ARG E 150 23.34 21.20 11.11
CA ARG E 150 22.00 20.82 10.68
C ARG E 150 21.04 22.01 10.65
N GLY E 151 21.35 23.07 11.39
CA GLY E 151 20.53 24.26 11.34
C GLY E 151 19.21 24.12 12.07
N LEU E 152 18.41 25.17 11.97
CA LEU E 152 17.10 25.19 12.61
C LEU E 152 16.11 24.30 11.88
N MET E 153 15.25 23.63 12.64
CA MET E 153 14.19 22.81 12.09
C MET E 153 12.99 22.86 13.03
N SER E 154 11.80 22.80 12.44
CA SER E 154 10.56 22.95 13.18
C SER E 154 9.62 21.80 12.86
N ASP E 155 8.55 21.70 13.64
CA ASP E 155 7.52 20.70 13.44
C ASP E 155 6.62 21.13 12.28
N PRO E 156 5.61 20.33 11.95
CA PRO E 156 4.71 20.70 10.85
C PRO E 156 3.88 21.92 11.20
N GLN E 157 3.72 22.80 10.21
CA GLN E 157 2.93 24.03 10.34
C GLN E 157 3.47 24.92 11.46
N GLY E 158 4.73 25.32 11.31
CA GLY E 158 5.35 26.22 12.26
C GLY E 158 5.94 25.50 13.46
N GLN E 159 5.71 26.07 14.65
CA GLN E 159 6.19 25.50 15.92
C GLN E 159 7.71 25.33 15.91
N MET E 160 8.38 26.48 15.79
CA MET E 160 9.84 26.48 15.79
C MET E 160 10.38 26.00 17.12
N ILE E 161 11.51 25.27 17.06
CA ILE E 161 12.09 24.71 18.27
C ILE E 161 12.77 25.78 19.13
N ASP E 162 13.13 26.93 18.53
CA ASP E 162 13.74 28.09 19.18
C ASP E 162 15.16 27.82 19.66
N LEU E 163 15.68 26.60 19.51
CA LEU E 163 17.04 26.28 19.89
C LEU E 163 17.75 25.67 18.68
N PRO E 164 18.84 26.25 18.21
CA PRO E 164 19.47 25.76 16.97
C PRO E 164 20.32 24.52 17.22
N ILE E 165 20.63 23.84 16.11
CA ILE E 165 21.51 22.68 16.12
C ILE E 165 22.86 23.15 15.59
N GLN E 166 23.80 23.42 16.49
CA GLN E 166 25.11 23.93 16.13
C GLN E 166 26.12 22.82 15.83
N SER E 167 25.74 21.56 15.99
CA SER E 167 26.65 20.43 15.84
C SER E 167 26.16 19.50 14.73
N ASN E 168 27.09 19.05 13.90
CA ASN E 168 26.79 18.09 12.84
C ASN E 168 26.92 16.68 13.38
N LEU E 169 26.83 15.69 12.49
CA LEU E 169 26.90 14.30 12.92
C LEU E 169 28.32 13.89 13.32
N ARG E 170 29.34 14.53 12.74
CA ARG E 170 30.71 14.18 13.08
C ARG E 170 31.05 14.65 14.49
N GLU E 171 30.76 15.91 14.80
CA GLU E 171 31.02 16.42 16.15
C GLU E 171 30.10 15.76 17.17
N GLY E 172 28.89 15.40 16.78
CA GLY E 172 27.96 14.75 17.68
C GLY E 172 26.87 15.69 18.18
N LEU E 173 25.62 15.38 17.87
CA LEU E 173 24.51 16.18 18.33
C LEU E 173 24.31 16.02 19.83
N SER E 174 23.88 17.11 20.47
CA SER E 174 23.53 17.05 21.88
C SER E 174 22.20 16.30 22.06
N LEU E 175 21.84 16.08 23.32
CA LEU E 175 20.58 15.41 23.61
C LEU E 175 19.40 16.25 23.13
N THR E 176 19.44 17.55 23.37
CA THR E 176 18.36 18.42 22.91
C THR E 176 18.30 18.47 21.39
N GLU E 177 19.46 18.54 20.74
CA GLU E 177 19.48 18.56 19.28
C GLU E 177 18.97 17.25 18.69
N TYR E 178 19.28 16.13 19.34
CA TYR E 178 18.77 14.85 18.88
C TYR E 178 17.25 14.78 19.05
N ILE E 179 16.75 15.25 20.19
CA ILE E 179 15.30 15.31 20.40
C ILE E 179 14.64 16.18 19.33
N ILE E 180 15.28 17.28 18.96
CA ILE E 180 14.71 18.17 17.95
C ILE E 180 14.71 17.49 16.59
N SER E 181 15.80 16.81 16.24
CA SER E 181 15.88 16.13 14.94
C SER E 181 14.87 14.98 14.85
N CYS E 182 14.52 14.38 15.99
CA CYS E 182 13.49 13.34 15.98
C CYS E 182 12.16 13.85 15.43
N TYR E 183 11.87 15.14 15.63
CA TYR E 183 10.65 15.72 15.07
C TYR E 183 10.65 15.61 13.55
N GLY E 184 11.71 16.08 12.91
CA GLY E 184 11.79 16.00 11.46
C GLY E 184 11.82 14.57 10.96
N ALA E 185 12.48 13.68 11.71
CA ALA E 185 12.51 12.27 11.33
C ALA E 185 11.11 11.70 11.31
N ARG E 186 10.33 11.95 12.36
CA ARG E 186 8.95 11.46 12.41
C ARG E 186 8.11 12.07 11.30
N LYS E 187 8.26 13.38 11.07
CA LYS E 187 7.53 14.02 9.98
C LYS E 187 7.83 13.36 8.65
N GLY E 188 9.10 13.07 8.38
CA GLY E 188 9.44 12.42 7.12
C GLY E 188 8.87 11.02 7.01
N VAL E 189 9.02 10.22 8.06
CA VAL E 189 8.56 8.84 7.98
C VAL E 189 7.04 8.75 7.94
N VAL E 190 6.32 9.79 8.34
CA VAL E 190 4.87 9.75 8.19
C VAL E 190 4.43 10.34 6.85
N ASP E 191 5.09 11.39 6.37
CA ASP E 191 4.69 11.96 5.09
C ASP E 191 5.02 11.02 3.94
N THR E 192 6.05 10.18 4.08
CA THR E 192 6.32 9.17 3.07
C THR E 192 5.09 8.28 2.85
N ALA E 193 4.58 7.68 3.94
CA ALA E 193 3.43 6.81 3.83
C ALA E 193 2.19 7.57 3.36
N VAL E 194 2.00 8.79 3.85
CA VAL E 194 0.84 9.57 3.43
C VAL E 194 0.88 9.83 1.94
N ARG E 195 2.03 10.26 1.42
CA ARG E 195 2.15 10.56 0.00
C ARG E 195 2.00 9.31 -0.85
N THR E 196 2.53 8.18 -0.40
CA THR E 196 2.38 6.94 -1.16
C THR E 196 0.91 6.53 -1.22
N SER E 197 0.21 6.59 -0.09
CA SER E 197 -1.20 6.20 -0.06
C SER E 197 -2.06 7.15 -0.89
N ASP E 198 -1.68 8.43 -0.95
CA ASP E 198 -2.44 9.36 -1.78
C ASP E 198 -2.17 9.14 -3.26
N ALA E 199 -0.90 8.92 -3.63
CA ALA E 199 -0.54 8.76 -5.02
C ALA E 199 -1.12 7.46 -5.60
N GLY E 200 -1.20 6.41 -4.79
CA GLY E 200 -1.82 5.18 -5.27
C GLY E 200 -3.26 5.39 -5.70
N TYR E 201 -4.05 6.04 -4.83
CA TYR E 201 -5.44 6.31 -5.15
C TYR E 201 -5.58 7.27 -6.33
N LEU E 202 -4.70 8.27 -6.39
CA LEU E 202 -4.74 9.21 -7.51
C LEU E 202 -4.48 8.51 -8.83
N THR E 203 -3.49 7.62 -8.86
CA THR E 203 -3.20 6.87 -10.07
C THR E 203 -4.35 5.93 -10.44
N ARG E 204 -4.92 5.26 -9.43
CA ARG E 204 -6.05 4.37 -9.70
C ARG E 204 -7.22 5.12 -10.30
N ARG E 205 -7.47 6.35 -9.83
CA ARG E 205 -8.56 7.14 -10.39
C ARG E 205 -8.22 7.64 -11.79
N LEU E 206 -7.00 8.14 -12.00
CA LEU E 206 -6.63 8.69 -13.29
C LEU E 206 -6.63 7.62 -14.38
N VAL E 207 -6.21 6.40 -14.06
CA VAL E 207 -6.27 5.33 -15.05
C VAL E 207 -7.72 5.02 -15.42
N GLU E 208 -8.59 4.92 -14.40
CA GLU E 208 -9.99 4.61 -14.65
C GLU E 208 -10.71 5.73 -15.38
N VAL E 209 -10.18 6.96 -15.34
CA VAL E 209 -10.80 8.05 -16.09
C VAL E 209 -10.67 7.83 -17.58
N VAL E 210 -9.47 7.49 -18.05
CA VAL E 210 -9.17 7.36 -19.48
C VAL E 210 -8.58 5.97 -19.71
N GLN E 211 -9.38 5.08 -20.28
CA GLN E 211 -8.94 3.76 -20.71
C GLN E 211 -9.30 3.46 -22.16
N HIS E 212 -10.46 3.92 -22.62
CA HIS E 212 -10.91 3.64 -23.97
C HIS E 212 -10.16 4.42 -25.04
N ILE E 213 -9.32 5.38 -24.65
CA ILE E 213 -8.58 6.19 -25.62
C ILE E 213 -7.47 5.34 -26.19
N VAL E 214 -7.69 4.81 -27.39
CA VAL E 214 -6.71 4.01 -28.12
C VAL E 214 -6.59 4.57 -29.52
N VAL E 215 -5.36 4.73 -30.00
CA VAL E 215 -5.14 5.26 -31.34
C VAL E 215 -5.72 4.29 -32.35
N ARG E 216 -6.66 4.76 -33.16
CA ARG E 216 -7.35 3.92 -34.13
C ARG E 216 -7.18 4.39 -35.57
N ARG E 217 -7.20 5.68 -35.82
CA ARG E 217 -7.12 6.22 -37.17
C ARG E 217 -5.79 6.92 -37.37
N THR E 218 -5.46 7.16 -38.64
CA THR E 218 -4.21 7.82 -38.99
C THR E 218 -4.36 9.33 -39.15
N ASP E 219 -5.55 9.81 -39.52
CA ASP E 219 -5.78 11.24 -39.67
C ASP E 219 -7.28 11.48 -39.56
N CYS E 220 -7.70 12.16 -38.48
CA CYS E 220 -9.11 12.43 -38.28
C CYS E 220 -9.68 13.41 -39.30
N GLY E 221 -8.82 14.18 -39.96
CA GLY E 221 -9.27 15.12 -40.97
C GLY E 221 -9.54 16.52 -40.48
N THR E 222 -9.13 16.86 -39.25
CA THR E 222 -9.39 18.18 -38.72
C THR E 222 -8.55 19.24 -39.42
N ALA E 223 -9.03 20.47 -39.38
CA ALA E 223 -8.32 21.61 -39.97
C ALA E 223 -8.10 22.72 -38.96
N ARG E 224 -8.21 22.42 -37.67
CA ARG E 224 -8.04 23.40 -36.61
C ARG E 224 -6.85 23.05 -35.75
N GLY E 225 -6.17 24.08 -35.24
CA GLY E 225 -5.02 23.88 -34.40
C GLY E 225 -4.89 25.00 -33.39
N ILE E 226 -4.31 24.68 -32.24
CA ILE E 226 -4.08 25.68 -31.20
C ILE E 226 -2.90 26.57 -31.59
N SER E 227 -2.97 27.82 -31.17
CA SER E 227 -1.94 28.80 -31.44
C SER E 227 -1.07 28.98 -30.20
N VAL E 228 0.21 28.65 -30.32
CA VAL E 228 1.16 28.76 -29.22
C VAL E 228 2.14 29.87 -29.56
N SER E 229 2.13 30.93 -28.75
CA SER E 229 3.00 32.08 -28.95
C SER E 229 3.84 32.33 -27.70
N PRO E 230 5.10 32.70 -27.85
CA PRO E 230 5.95 32.95 -26.68
C PRO E 230 5.63 34.28 -26.00
N ARG E 231 5.21 35.27 -26.78
CA ARG E 231 4.93 36.59 -26.22
C ARG E 231 3.69 36.57 -25.32
N ASN E 232 2.76 35.67 -25.57
CA ASN E 232 1.51 35.60 -24.81
C ASN E 232 1.36 34.33 -24.00
N GLY E 233 1.74 33.18 -24.54
CA GLY E 233 1.48 31.91 -23.88
C GLY E 233 2.57 31.42 -22.95
N MET E 234 3.80 31.33 -23.45
CA MET E 234 4.92 30.80 -22.68
C MET E 234 5.96 31.90 -22.51
N MET E 235 6.00 32.50 -21.31
CA MET E 235 6.97 33.57 -21.05
C MET E 235 8.41 33.11 -21.18
N PRO E 236 8.85 32.00 -20.61
CA PRO E 236 10.23 31.55 -20.82
C PRO E 236 10.37 30.74 -22.11
N GLU E 237 11.62 30.49 -22.48
CA GLU E 237 11.91 29.75 -23.70
C GLU E 237 11.85 28.25 -23.48
N ARG E 238 12.19 27.78 -22.28
CA ARG E 238 12.19 26.33 -22.03
C ARG E 238 10.79 25.75 -22.16
N ILE E 239 9.78 26.44 -21.65
CA ILE E 239 8.41 25.95 -21.75
C ILE E 239 7.94 25.95 -23.21
N PHE E 240 8.31 27.00 -23.95
CA PHE E 240 7.94 27.06 -25.37
C PHE E 240 8.62 25.95 -26.17
N ILE E 241 9.82 25.54 -25.75
CA ILE E 241 10.49 24.43 -26.42
C ILE E 241 9.81 23.11 -26.06
N GLN E 242 9.54 22.89 -24.77
CA GLN E 242 8.95 21.64 -24.32
C GLN E 242 7.53 21.46 -24.82
N THR E 243 6.82 22.55 -25.14
CA THR E 243 5.45 22.41 -25.64
C THR E 243 5.43 21.89 -27.07
N LEU E 244 6.42 22.25 -27.88
CA LEU E 244 6.40 21.95 -29.31
C LEU E 244 7.12 20.66 -29.68
N ILE E 245 7.89 20.07 -28.76
CA ILE E 245 8.63 18.86 -29.08
C ILE E 245 7.68 17.70 -29.25
N GLY E 246 7.69 17.08 -30.43
CA GLY E 246 6.84 15.94 -30.70
C GLY E 246 5.43 16.28 -31.13
N ARG E 247 5.21 17.49 -31.64
CA ARG E 247 3.90 17.94 -32.08
C ARG E 247 3.87 18.07 -33.60
N VAL E 248 2.75 17.73 -34.20
CA VAL E 248 2.55 17.84 -35.64
C VAL E 248 1.99 19.22 -35.95
N LEU E 249 2.53 19.85 -36.99
CA LEU E 249 2.09 21.18 -37.38
C LEU E 249 0.72 21.13 -38.04
N ALA E 250 -0.05 22.19 -37.86
CA ALA E 250 -1.37 22.31 -38.46
C ALA E 250 -1.42 23.27 -39.65
N ASP E 251 -0.43 24.15 -39.78
CA ASP E 251 -0.39 25.09 -40.88
C ASP E 251 1.07 25.38 -41.24
N ASP E 252 1.28 25.77 -42.49
CA ASP E 252 2.63 26.02 -42.98
C ASP E 252 3.20 27.28 -42.33
N ILE E 253 4.47 27.20 -41.93
CA ILE E 253 5.18 28.31 -41.33
C ILE E 253 6.03 28.96 -42.41
N TYR E 254 5.64 30.15 -42.85
CA TYR E 254 6.33 30.86 -43.92
C TYR E 254 7.26 31.92 -43.32
N MET E 255 8.39 32.13 -44.00
CA MET E 255 9.33 33.21 -43.67
C MET E 255 9.72 33.86 -44.99
N GLY E 256 9.07 34.96 -45.33
CA GLY E 256 9.22 35.57 -46.63
C GLY E 256 8.57 34.72 -47.69
N PRO E 257 9.32 34.38 -48.74
CA PRO E 257 8.80 33.46 -49.76
C PRO E 257 9.18 32.00 -49.55
N ARG E 258 9.97 31.69 -48.53
CA ARG E 258 10.41 30.33 -48.26
C ARG E 258 9.69 29.78 -47.03
N CYS E 259 9.37 28.49 -47.08
CA CYS E 259 8.64 27.82 -46.00
C CYS E 259 9.60 27.02 -45.15
N ILE E 260 9.52 27.20 -43.83
CA ILE E 260 10.36 26.44 -42.91
C ILE E 260 9.87 25.01 -42.82
N ALA E 261 8.59 24.82 -42.52
CA ALA E 261 8.00 23.50 -42.38
C ALA E 261 6.54 23.56 -42.78
N THR E 262 6.06 22.53 -43.46
CA THR E 262 4.70 22.47 -43.96
C THR E 262 3.80 21.68 -43.01
N ARG E 263 2.55 21.50 -43.43
CA ARG E 263 1.57 20.80 -42.62
C ARG E 263 1.92 19.31 -42.51
N ASN E 264 1.42 18.68 -41.45
CA ASN E 264 1.61 17.25 -41.20
C ASN E 264 3.10 16.90 -41.12
N GLN E 265 3.84 17.69 -40.35
CA GLN E 265 5.28 17.50 -40.18
C GLN E 265 5.63 17.54 -38.70
N ASP E 266 6.35 16.52 -38.25
CA ASP E 266 6.76 16.48 -36.85
C ASP E 266 7.76 17.60 -36.56
N ILE E 267 7.83 17.96 -35.27
CA ILE E 267 8.69 19.04 -34.81
C ILE E 267 9.74 18.47 -33.87
N GLY E 268 11.00 18.68 -34.21
CA GLY E 268 12.12 18.33 -33.35
C GLY E 268 12.74 19.56 -32.72
N ILE E 269 13.79 19.30 -31.94
CA ILE E 269 14.51 20.40 -31.28
C ILE E 269 15.13 21.33 -32.31
N GLY E 270 15.54 20.78 -33.46
CA GLY E 270 16.09 21.63 -34.51
C GLY E 270 15.06 22.60 -35.07
N LEU E 271 13.83 22.13 -35.27
CA LEU E 271 12.78 23.02 -35.76
C LEU E 271 12.44 24.10 -34.74
N VAL E 272 12.45 23.74 -33.45
CA VAL E 272 12.18 24.73 -32.42
C VAL E 272 13.29 25.77 -32.38
N ASN E 273 14.54 25.34 -32.55
CA ASN E 273 15.65 26.27 -32.59
C ASN E 273 15.54 27.20 -33.79
N ARG E 274 15.18 26.65 -34.95
CA ARG E 274 14.97 27.50 -36.13
C ARG E 274 13.84 28.49 -35.91
N PHE E 275 12.77 28.06 -35.24
CA PHE E 275 11.65 28.96 -34.97
C PHE E 275 12.06 30.09 -34.04
N ILE E 276 12.78 29.77 -32.97
CA ILE E 276 13.18 30.82 -32.02
C ILE E 276 14.29 31.70 -32.59
N THR E 277 15.03 31.21 -33.59
CA THR E 277 16.03 32.06 -34.24
C THR E 277 15.41 32.99 -35.27
N PHE E 278 14.46 32.48 -36.05
CA PHE E 278 13.80 33.25 -37.08
C PHE E 278 12.65 34.08 -36.54
N ARG E 279 12.32 33.96 -35.26
CA ARG E 279 11.29 34.76 -34.60
C ARG E 279 9.93 34.56 -35.26
N ALA E 280 9.47 33.31 -35.23
CA ALA E 280 8.16 32.94 -35.76
C ALA E 280 7.22 32.77 -34.57
N GLN E 281 6.46 33.81 -34.24
CA GLN E 281 5.60 33.81 -33.07
C GLN E 281 4.34 32.98 -33.29
N PRO E 282 3.55 33.19 -34.34
CA PRO E 282 2.33 32.37 -34.50
C PRO E 282 2.68 30.99 -35.02
N ILE E 283 2.40 29.96 -34.20
CA ILE E 283 2.66 28.58 -34.55
C ILE E 283 1.40 27.77 -34.26
N SER E 284 0.91 27.05 -35.27
CA SER E 284 -0.29 26.24 -35.15
C SER E 284 0.11 24.77 -35.13
N ILE E 285 -0.18 24.09 -34.02
CA ILE E 285 0.16 22.69 -33.87
C ILE E 285 -1.12 21.89 -33.60
N ARG E 286 -1.05 20.59 -33.87
CA ARG E 286 -2.16 19.69 -33.66
C ARG E 286 -2.05 19.06 -32.28
N THR E 287 -3.16 19.06 -31.54
CA THR E 287 -3.18 18.66 -30.14
C THR E 287 -4.40 17.78 -29.92
N PRO E 288 -4.40 16.98 -28.84
CA PRO E 288 -5.62 16.22 -28.50
C PRO E 288 -6.85 17.08 -28.31
N PHE E 289 -6.69 18.39 -28.07
CA PHE E 289 -7.86 19.25 -27.91
C PHE E 289 -8.56 19.52 -29.23
N THR E 290 -7.83 19.54 -30.33
CA THR E 290 -8.41 19.84 -31.64
C THR E 290 -8.76 18.59 -32.44
N CYS E 291 -8.82 17.43 -31.79
CA CYS E 291 -9.23 16.22 -32.48
C CYS E 291 -10.75 16.20 -32.64
N ARG E 292 -11.23 15.25 -33.45
CA ARG E 292 -12.64 15.16 -33.81
C ARG E 292 -13.33 13.97 -33.16
N SER E 293 -12.86 13.55 -31.99
CA SER E 293 -13.48 12.42 -31.30
C SER E 293 -13.08 12.46 -29.83
N THR E 294 -13.99 11.98 -28.98
CA THR E 294 -13.73 11.85 -27.55
C THR E 294 -13.48 10.41 -27.12
N SER E 295 -13.75 9.43 -27.99
CA SER E 295 -13.52 8.03 -27.66
C SER E 295 -12.18 7.52 -28.17
N TRP E 296 -11.56 8.20 -29.12
CA TRP E 296 -10.27 7.80 -29.66
C TRP E 296 -9.55 9.04 -30.17
N ILE E 297 -8.27 8.86 -30.50
CA ILE E 297 -7.46 9.91 -31.09
C ILE E 297 -6.65 9.30 -32.24
N CYS E 298 -6.29 10.15 -33.20
CA CYS E 298 -5.52 9.70 -34.34
C CYS E 298 -4.02 9.89 -34.09
N ARG E 299 -3.21 9.39 -35.02
CA ARG E 299 -1.77 9.45 -34.87
C ARG E 299 -1.27 10.89 -34.93
N LEU E 300 -1.83 11.70 -35.82
CA LEU E 300 -1.33 13.05 -36.02
C LEU E 300 -1.74 13.99 -34.90
N CYS E 301 -2.87 13.74 -34.24
CA CYS E 301 -3.27 14.58 -33.12
C CYS E 301 -2.42 14.31 -31.89
N TYR E 302 -2.03 13.05 -31.67
CA TYR E 302 -1.18 12.73 -30.53
C TYR E 302 0.25 13.21 -30.77
N GLY E 303 0.86 12.73 -31.86
CA GLY E 303 2.21 13.15 -32.19
C GLY E 303 3.23 12.03 -32.12
N ARG E 304 4.41 12.33 -31.60
CA ARG E 304 5.52 11.40 -31.56
C ARG E 304 5.60 10.72 -30.20
N SER E 305 5.80 9.42 -30.20
CA SER E 305 5.91 8.68 -28.96
C SER E 305 7.34 8.77 -28.43
N PRO E 306 7.53 9.10 -27.15
CA PRO E 306 8.90 9.17 -26.60
C PRO E 306 9.52 7.81 -26.35
N THR E 307 8.77 6.72 -26.54
CA THR E 307 9.32 5.38 -26.30
C THR E 307 10.29 4.99 -27.41
N HIS E 308 9.87 5.14 -28.66
CA HIS E 308 10.68 4.75 -29.81
C HIS E 308 11.16 5.94 -30.65
N GLY E 309 10.43 7.05 -30.66
CA GLY E 309 10.86 8.23 -31.36
C GLY E 309 10.24 8.46 -32.73
N ASP E 310 9.04 7.97 -32.96
CA ASP E 310 8.34 8.20 -34.22
C ASP E 310 6.85 8.36 -33.90
N LEU E 311 6.02 8.37 -34.94
CA LEU E 311 4.58 8.46 -34.74
C LEU E 311 4.08 7.25 -33.93
N VAL E 312 2.99 7.47 -33.20
CA VAL E 312 2.42 6.40 -32.39
C VAL E 312 1.83 5.33 -33.30
N GLU E 313 2.18 4.08 -33.03
CA GLU E 313 1.64 2.98 -33.81
C GLU E 313 0.18 2.75 -33.45
N LEU E 314 -0.60 2.31 -34.45
CA LEU E 314 -2.02 2.06 -34.24
C LEU E 314 -2.21 0.94 -33.22
N GLY E 315 -3.10 1.18 -32.26
CA GLY E 315 -3.39 0.21 -31.23
C GLY E 315 -2.62 0.39 -29.94
N GLU E 316 -1.92 1.50 -29.77
CA GLU E 316 -1.15 1.76 -28.56
C GLU E 316 -2.03 2.45 -27.53
N ALA E 317 -2.09 1.89 -26.32
CA ALA E 317 -2.93 2.43 -25.25
C ALA E 317 -2.27 3.68 -24.71
N VAL E 318 -2.59 4.82 -25.33
CA VAL E 318 -2.02 6.08 -24.89
C VAL E 318 -2.64 6.53 -23.57
N GLY E 319 -3.87 6.10 -23.28
CA GLY E 319 -4.53 6.53 -22.06
C GLY E 319 -3.88 5.94 -20.82
N ILE E 320 -3.59 4.64 -20.84
CA ILE E 320 -2.93 4.01 -19.70
C ILE E 320 -1.53 4.59 -19.50
N ILE E 321 -0.82 4.84 -20.60
CA ILE E 321 0.52 5.42 -20.51
C ILE E 321 0.45 6.82 -19.90
N ALA E 322 -0.53 7.62 -20.32
CA ALA E 322 -0.68 8.96 -19.77
C ALA E 322 -1.04 8.91 -18.29
N GLY E 323 -1.96 8.03 -17.91
CA GLY E 323 -2.31 7.89 -16.51
C GLY E 323 -1.13 7.49 -15.65
N GLN E 324 -0.34 6.53 -16.11
CA GLN E 324 0.83 6.10 -15.34
C GLN E 324 1.87 7.20 -15.26
N SER E 325 2.13 7.89 -16.38
CA SER E 325 3.14 8.94 -16.39
C SER E 325 2.73 10.16 -15.59
N ILE E 326 1.42 10.34 -15.34
CA ILE E 326 0.99 11.41 -14.45
C ILE E 326 0.95 10.96 -12.99
N GLY E 327 0.64 9.68 -12.75
CA GLY E 327 0.53 9.19 -11.39
C GLY E 327 1.84 8.88 -10.70
N GLU E 328 2.80 8.29 -11.43
CA GLU E 328 4.04 7.86 -10.80
C GLU E 328 4.93 9.00 -10.28
N PRO E 329 4.89 10.23 -10.84
CA PRO E 329 5.67 11.31 -10.22
C PRO E 329 5.03 11.86 -8.95
N GLY E 330 3.76 11.55 -8.68
CA GLY E 330 3.12 12.03 -7.47
C GLY E 330 3.67 11.44 -6.20
N THR E 331 4.29 10.25 -6.27
CA THR E 331 4.88 9.65 -5.10
C THR E 331 6.06 10.47 -4.59
N GLN E 332 6.90 10.94 -5.50
CA GLN E 332 8.05 11.76 -5.13
C GLN E 332 7.79 13.23 -5.46
N ALA E 349 16.66 38.37 2.56
CA ALA E 349 17.12 37.04 2.19
C ALA E 349 18.62 37.04 1.92
N GLU E 350 19.08 37.99 1.12
CA GLU E 350 20.50 38.12 0.78
C GLU E 350 21.16 39.09 1.75
N HIS E 351 22.26 38.65 2.37
CA HIS E 351 22.93 39.42 3.41
C HIS E 351 24.31 39.82 2.91
N VAL E 352 24.52 41.13 2.74
CA VAL E 352 25.81 41.64 2.32
C VAL E 352 26.81 41.48 3.46
N ARG E 353 27.94 40.84 3.16
CA ARG E 353 28.97 40.57 4.15
C ARG E 353 30.24 41.34 3.83
N ALA E 354 31.08 41.50 4.84
CA ALA E 354 32.30 42.29 4.70
C ALA E 354 33.35 41.49 3.94
N PRO E 355 33.98 42.08 2.91
CA PRO E 355 35.03 41.34 2.19
C PRO E 355 36.29 41.11 3.02
N SER E 356 36.72 42.12 3.77
CA SER E 356 37.93 42.01 4.57
C SER E 356 37.80 42.89 5.80
N ASN E 357 38.76 42.74 6.70
CA ASN E 357 38.77 43.52 7.94
C ASN E 357 39.18 44.96 7.67
N GLY E 358 38.55 45.89 8.37
CA GLY E 358 38.90 47.29 8.22
C GLY E 358 37.78 48.19 8.73
N LYS E 359 37.84 49.44 8.30
CA LYS E 359 36.91 50.47 8.73
C LYS E 359 35.85 50.71 7.65
N ILE E 360 34.61 50.89 8.08
CA ILE E 360 33.50 51.18 7.19
C ILE E 360 33.30 52.69 7.16
N LYS E 361 33.43 53.28 5.97
CA LYS E 361 33.29 54.72 5.79
C LYS E 361 32.19 54.99 4.79
N PHE E 362 31.15 55.69 5.23
CA PHE E 362 30.05 56.08 4.36
C PHE E 362 29.47 57.40 4.85
N ASN E 363 28.86 58.14 3.94
CA ASN E 363 28.29 59.44 4.25
C ASN E 363 26.91 59.25 4.87
N GLU E 364 26.75 59.69 6.11
CA GLU E 364 25.50 59.49 6.85
C GLU E 364 24.43 60.52 6.49
N ASP E 365 24.70 61.43 5.56
CA ASP E 365 23.70 62.43 5.19
C ASP E 365 22.63 61.87 4.28
N LEU E 366 22.96 60.89 3.45
CA LEU E 366 22.02 60.30 2.51
C LEU E 366 21.21 59.17 3.10
N VAL E 367 21.58 58.70 4.27
CA VAL E 367 20.87 57.61 4.89
C VAL E 367 19.96 58.07 6.02
N HIS E 368 18.76 57.52 6.11
CA HIS E 368 17.82 57.98 7.09
C HIS E 368 17.63 57.00 8.20
N PRO E 369 17.69 57.43 9.47
CA PRO E 369 17.54 56.60 10.64
C PRO E 369 16.35 55.63 10.72
N THR E 370 16.44 54.42 11.28
CA THR E 370 15.33 53.46 11.31
C THR E 370 15.57 52.47 12.44
N ARG E 371 14.62 51.55 12.59
CA ARG E 371 14.69 50.51 13.62
C ARG E 371 14.44 49.16 12.96
N THR E 372 15.36 48.23 13.13
CA THR E 372 15.24 46.95 12.47
C THR E 372 14.14 46.15 13.09
N ARG E 373 13.68 45.13 12.40
CA ARG E 373 12.68 44.26 12.96
C ARG E 373 13.24 43.59 14.19
N HIS E 374 14.53 43.31 14.18
CA HIS E 374 15.15 42.62 15.28
C HIS E 374 15.43 43.56 16.41
N GLY E 375 15.04 44.80 16.28
CA GLY E 375 15.19 45.75 17.37
C GLY E 375 16.47 46.54 17.46
N HIS E 376 17.40 46.30 16.57
CA HIS E 376 18.64 46.99 16.60
C HIS E 376 18.55 48.32 15.93
N PRO E 377 19.43 49.25 16.26
CA PRO E 377 19.44 50.51 15.55
C PRO E 377 19.99 50.32 14.14
N ALA E 378 19.59 51.11 13.15
CA ALA E 378 20.02 50.88 11.76
C ALA E 378 19.88 52.10 10.84
N PHE E 379 20.12 51.96 9.54
CA PHE E 379 20.09 53.09 8.67
C PHE E 379 19.43 52.49 7.46
N LEU E 380 18.59 53.20 6.74
CA LEU E 380 17.90 52.73 5.56
C LEU E 380 18.31 53.56 4.39
N CYS E 381 18.64 52.91 3.29
CA CYS E 381 19.07 53.62 2.14
C CYS E 381 17.98 53.56 1.11
N SER E 382 17.51 54.72 0.67
CA SER E 382 16.53 54.74 -0.38
C SER E 382 17.17 55.04 -1.72
N ILE E 383 18.49 55.23 -1.72
CA ILE E 383 19.21 55.56 -2.93
C ILE E 383 20.49 54.77 -2.95
N ASP E 384 21.16 54.72 -4.06
CA ASP E 384 22.45 54.07 -4.13
C ASP E 384 23.58 54.76 -3.40
N LEU E 385 24.29 54.03 -2.58
CA LEU E 385 25.42 54.50 -1.79
C LEU E 385 26.63 53.60 -2.07
N TYR E 386 27.81 54.11 -1.76
CA TYR E 386 29.06 53.37 -1.96
C TYR E 386 29.86 53.39 -0.67
N VAL E 387 29.91 52.24 0.00
CA VAL E 387 30.66 52.11 1.25
C VAL E 387 32.08 51.66 0.94
N THR E 388 33.03 52.14 1.73
CA THR E 388 34.44 51.82 1.55
C THR E 388 34.93 51.05 2.78
N ILE E 389 35.69 49.99 2.54
CA ILE E 389 36.27 49.18 3.60
C ILE E 389 37.77 49.45 3.60
N GLU E 390 38.21 50.35 4.48
CA GLU E 390 39.62 50.71 4.57
C GLU E 390 40.37 49.54 5.20
N SER E 391 40.92 48.67 4.36
CA SER E 391 41.65 47.50 4.81
C SER E 391 43.14 47.80 4.79
N GLU E 392 43.96 46.77 5.06
CA GLU E 392 45.40 46.97 5.14
C GLU E 392 45.99 47.38 3.80
N ASP E 393 45.51 46.78 2.71
CA ASP E 393 46.08 47.05 1.38
C ASP E 393 45.06 47.64 0.42
N ILE E 394 43.87 47.07 0.30
CA ILE E 394 42.93 47.48 -0.74
C ILE E 394 41.64 48.00 -0.13
N LEU E 395 40.72 48.43 -0.99
CA LEU E 395 39.40 48.90 -0.59
C LEU E 395 38.33 48.06 -1.28
N HIS E 396 37.07 48.23 -0.86
CA HIS E 396 35.94 47.47 -1.43
C HIS E 396 34.64 48.28 -1.40
N ASN E 397 33.83 48.26 -2.47
CA ASN E 397 32.54 48.98 -2.48
C ASN E 397 31.29 48.17 -2.87
N VAL E 398 30.25 48.12 -2.02
CA VAL E 398 28.97 47.44 -2.38
C VAL E 398 27.68 47.99 -1.74
N ASN E 399 26.58 48.11 -2.51
CA ASN E 399 25.27 48.51 -1.91
C ASN E 399 24.09 48.39 -2.88
N ILE E 400 22.88 48.26 -2.35
CA ILE E 400 21.68 48.12 -3.20
C ILE E 400 20.75 49.31 -3.04
N PRO E 401 20.44 49.99 -4.15
CA PRO E 401 19.61 51.20 -4.07
C PRO E 401 18.14 51.19 -3.60
N PRO E 402 17.30 50.26 -4.12
CA PRO E 402 15.89 50.38 -3.68
C PRO E 402 15.64 50.12 -2.21
N LYS E 403 16.21 49.05 -1.66
CA LYS E 403 16.04 48.76 -0.25
C LYS E 403 17.32 48.25 0.37
N SER E 404 17.98 49.08 1.16
CA SER E 404 19.16 48.61 1.85
C SER E 404 19.01 48.93 3.31
N LEU E 405 19.18 47.95 4.17
CA LEU E 405 19.14 48.23 5.58
C LEU E 405 20.57 48.11 6.03
N LEU E 406 21.18 49.22 6.44
CA LEU E 406 22.59 49.19 6.81
C LEU E 406 22.65 49.03 8.30
N LEU E 407 23.30 47.97 8.77
CA LEU E 407 23.34 47.68 10.19
C LEU E 407 24.60 48.21 10.85
N VAL E 408 25.42 48.94 10.12
CA VAL E 408 26.68 49.40 10.67
C VAL E 408 26.83 50.91 10.68
N GLN E 409 27.69 51.41 11.54
CA GLN E 409 27.90 52.84 11.66
C GLN E 409 29.16 53.30 10.95
N ASN E 410 29.35 54.60 10.82
CA ASN E 410 30.53 55.16 10.17
C ASN E 410 31.75 55.03 11.07
N ASP E 411 32.89 54.76 10.45
CA ASP E 411 34.17 54.59 11.17
C ASP E 411 34.07 53.47 12.20
N GLN E 412 33.53 52.33 11.76
CA GLN E 412 33.37 51.16 12.60
C GLN E 412 34.26 50.04 12.09
N TYR E 413 35.07 49.47 12.98
CA TYR E 413 35.97 48.38 12.63
C TYR E 413 35.19 47.07 12.61
N VAL E 414 35.16 46.40 11.47
CA VAL E 414 34.45 45.15 11.30
C VAL E 414 35.43 44.08 10.82
N GLU E 415 35.10 42.83 11.13
CA GLU E 415 35.89 41.69 10.67
C GLU E 415 35.25 41.09 9.44
N SER E 416 35.91 40.07 8.88
CA SER E 416 35.39 39.41 7.69
C SER E 416 34.11 38.64 8.02
N GLU E 417 33.43 38.21 6.96
CA GLU E 417 32.19 37.42 6.99
C GLU E 417 31.22 37.88 8.07
N GLN E 418 31.05 39.19 8.20
CA GLN E 418 30.06 39.77 9.10
C GLN E 418 28.95 40.43 8.29
N VAL E 419 27.71 40.25 8.74
CA VAL E 419 26.55 40.81 8.04
C VAL E 419 26.59 42.33 8.18
N ILE E 420 26.65 43.02 7.04
CA ILE E 420 26.71 44.48 7.04
C ILE E 420 25.36 45.10 6.70
N ALA E 421 24.71 44.61 5.65
CA ALA E 421 23.44 45.17 5.21
C ALA E 421 22.46 44.04 4.87
N GLU E 422 21.24 44.39 4.60
CA GLU E 422 20.32 43.38 4.18
C GLU E 422 19.70 43.95 2.96
N ILE E 423 19.64 43.16 1.89
CA ILE E 423 19.04 43.60 0.66
C ILE E 423 17.58 43.82 0.98
N ARG E 424 17.07 43.12 1.98
CA ARG E 424 15.70 43.30 2.45
C ARG E 424 14.75 42.56 1.56
N ALA E 425 15.32 41.83 0.61
CA ALA E 425 14.48 41.05 -0.28
C ALA E 425 13.43 42.01 -0.76
N GLY E 426 13.87 43.09 -1.41
CA GLY E 426 12.94 44.13 -1.81
C GLY E 426 11.83 43.59 -2.67
N ILE E 427 12.10 42.54 -3.43
CA ILE E 427 11.02 41.93 -4.20
C ILE E 427 9.94 41.51 -3.23
N SER E 428 8.69 41.83 -3.55
CA SER E 428 7.61 41.55 -2.60
C SER E 428 7.36 40.09 -2.30
N THR E 429 7.15 39.78 -1.03
CA THR E 429 6.83 38.42 -0.63
C THR E 429 5.39 38.12 -1.01
N LEU E 430 5.05 36.84 -1.15
CA LEU E 430 3.68 36.49 -1.43
C LEU E 430 2.84 37.00 -0.29
N ASN E 431 1.70 37.62 -0.58
CA ASN E 431 0.89 38.22 0.46
C ASN E 431 -0.04 37.21 1.11
N PHE E 432 0.51 36.31 1.92
CA PHE E 432 -0.32 35.37 2.64
C PHE E 432 -0.09 35.70 4.11
N LYS E 433 -0.71 36.78 4.59
CA LYS E 433 -0.41 37.19 5.94
C LYS E 433 -1.09 36.28 6.95
N GLU E 434 -0.32 35.72 7.87
CA GLU E 434 -0.91 34.91 8.91
C GLU E 434 -0.58 35.59 10.23
N LYS E 435 -1.59 35.85 11.04
CA LYS E 435 -1.36 36.55 12.29
C LYS E 435 -1.38 35.56 13.42
N VAL E 436 -0.32 35.51 14.21
CA VAL E 436 -0.24 34.52 15.28
C VAL E 436 -0.10 35.15 16.65
N ARG E 437 -0.70 34.53 17.65
CA ARG E 437 -0.69 35.12 18.99
C ARG E 437 0.24 34.44 19.97
N LYS E 438 1.38 35.04 20.23
CA LYS E 438 2.32 34.53 21.22
C LYS E 438 2.00 35.15 22.58
N HIS E 439 2.16 34.35 23.63
CA HIS E 439 1.83 34.76 24.99
C HIS E 439 3.09 34.87 25.82
N ILE E 440 3.23 35.99 26.53
CA ILE E 440 4.34 36.20 27.44
C ILE E 440 3.98 35.64 28.81
N TYR E 441 4.86 34.82 29.36
CA TYR E 441 4.63 34.17 30.65
C TYR E 441 5.50 34.83 31.71
N SER E 442 4.90 35.14 32.85
CA SER E 442 5.64 35.77 33.95
C SER E 442 6.61 34.77 34.56
N ASP E 443 7.85 35.22 34.77
CA ASP E 443 8.86 34.35 35.35
C ASP E 443 8.78 34.27 36.86
N SER E 444 8.38 35.37 37.52
CA SER E 444 8.27 35.42 38.97
C SER E 444 6.91 35.98 39.36
N ASP E 445 6.58 35.84 40.64
CA ASP E 445 5.31 36.29 41.17
C ASP E 445 5.39 37.74 41.60
N GLY E 446 4.25 38.43 41.57
CA GLY E 446 4.20 39.80 42.03
C GLY E 446 2.96 40.51 41.52
N GLU E 447 2.98 41.83 41.64
CA GLU E 447 1.88 42.70 41.26
C GLU E 447 2.19 43.42 39.96
N MET E 448 1.15 43.68 39.18
CA MET E 448 1.29 44.41 37.93
C MET E 448 1.34 45.91 38.19
N HIS E 449 1.88 46.65 37.22
CA HIS E 449 1.93 48.10 37.31
C HIS E 449 2.20 48.70 35.94
N TRP E 450 1.52 49.79 35.63
CA TRP E 450 1.80 50.59 34.46
C TRP E 450 1.67 52.06 34.81
N SER E 451 2.58 52.88 34.30
CA SER E 451 2.53 54.31 34.60
C SER E 451 1.57 55.04 33.67
N THR E 452 1.84 55.01 32.36
CA THR E 452 1.03 55.71 31.38
C THR E 452 0.87 54.84 30.15
N ASP E 453 0.22 55.39 29.13
CA ASP E 453 0.06 54.76 27.81
C ASP E 453 -0.68 53.42 27.90
N VAL E 454 -1.60 53.31 28.86
CA VAL E 454 -2.46 52.13 28.99
C VAL E 454 -3.88 52.60 29.26
N TYR E 455 -4.84 52.07 28.51
CA TYR E 455 -6.24 52.43 28.70
C TYR E 455 -6.73 51.92 30.05
N HIS E 456 -7.24 52.85 30.87
CA HIS E 456 -7.76 52.45 32.17
C HIS E 456 -9.07 51.69 32.05
N ALA E 457 -9.92 52.08 31.11
CA ALA E 457 -11.18 51.39 30.89
C ALA E 457 -10.95 50.12 30.09
N PRO E 458 -11.40 48.96 30.58
CA PRO E 458 -11.17 47.71 29.84
C PRO E 458 -12.00 47.66 28.57
N GLU E 459 -11.55 46.84 27.62
CA GLU E 459 -12.26 46.70 26.36
C GLU E 459 -13.61 46.01 26.55
N PHE E 460 -13.65 45.01 27.42
CA PHE E 460 -14.88 44.28 27.72
C PHE E 460 -15.40 44.66 29.09
N THR E 461 -16.71 44.53 29.27
CA THR E 461 -17.33 44.90 30.54
C THR E 461 -16.96 43.92 31.65
N TYR E 462 -16.84 42.64 31.31
CA TYR E 462 -16.57 41.58 32.28
C TYR E 462 -15.27 40.85 31.95
N GLY E 463 -14.21 41.60 31.63
CA GLY E 463 -12.94 41.02 31.30
C GLY E 463 -11.79 41.74 31.98
N ASN E 464 -10.60 41.15 31.82
CA ASN E 464 -9.36 41.73 32.34
C ASN E 464 -8.45 42.23 31.23
N VAL E 465 -8.96 42.39 30.02
CA VAL E 465 -8.15 42.80 28.87
C VAL E 465 -8.09 44.31 28.80
N HIS E 466 -6.89 44.84 28.65
CA HIS E 466 -6.66 46.29 28.54
C HIS E 466 -5.79 46.55 27.33
N LEU E 467 -6.31 47.31 26.37
CA LEU E 467 -5.54 47.65 25.19
C LEU E 467 -4.60 48.82 25.48
N LEU E 468 -3.58 48.96 24.63
CA LEU E 468 -2.57 50.00 24.81
C LEU E 468 -2.63 50.99 23.66
N PRO E 469 -2.78 52.29 23.93
CA PRO E 469 -2.72 53.26 22.83
C PRO E 469 -1.31 53.48 22.30
N LYS E 470 -0.31 53.47 23.16
CA LYS E 470 1.07 53.71 22.79
C LYS E 470 1.95 52.65 23.43
N THR E 471 3.25 52.73 23.15
CA THR E 471 4.21 51.80 23.74
C THR E 471 4.48 52.17 25.19
N SER E 472 4.49 51.17 26.08
CA SER E 472 4.73 51.41 27.49
C SER E 472 5.36 50.17 28.10
N HIS E 473 5.93 50.34 29.29
CA HIS E 473 6.54 49.26 30.05
C HIS E 473 5.57 48.76 31.10
N LEU E 474 5.43 47.45 31.20
CA LEU E 474 4.65 46.81 32.26
C LEU E 474 5.60 46.23 33.30
N TRP E 475 5.36 46.57 34.56
CA TRP E 475 6.25 46.19 35.66
C TRP E 475 5.60 45.13 36.52
N ILE E 476 6.43 44.24 37.06
CA ILE E 476 6.00 43.21 38.00
C ILE E 476 6.78 43.42 39.28
N LEU E 477 6.13 43.98 40.30
CA LEU E 477 6.76 44.21 41.59
C LEU E 477 6.82 42.89 42.35
N LEU E 478 8.04 42.38 42.57
CA LEU E 478 8.21 41.05 43.13
C LEU E 478 7.60 40.95 44.52
N GLY E 479 7.00 39.80 44.79
CA GLY E 479 6.39 39.53 46.09
C GLY E 479 5.93 38.10 46.15
N ARG E 480 5.65 37.65 47.38
CA ARG E 480 5.20 36.29 47.59
C ARG E 480 3.70 36.29 47.84
N PRO E 481 2.88 35.84 46.90
CA PRO E 481 1.43 35.85 47.11
C PRO E 481 1.01 34.77 48.10
N CYS E 482 -0.10 35.05 48.78
CA CYS E 482 -0.67 34.13 49.76
C CYS E 482 -2.18 34.17 49.65
N ARG E 483 -2.81 33.05 50.02
CA ARG E 483 -4.27 32.92 50.00
C ARG E 483 -4.74 32.77 51.44
N SER E 484 -5.40 33.80 51.96
CA SER E 484 -5.88 33.82 53.33
C SER E 484 -7.40 33.79 53.35
N SER E 485 -7.95 33.02 54.29
CA SER E 485 -9.40 32.90 54.43
C SER E 485 -9.92 34.07 55.26
N LEU E 486 -11.22 34.05 55.59
CA LEU E 486 -11.80 35.13 56.37
C LEU E 486 -11.31 35.12 57.80
N VAL E 487 -10.93 33.96 58.33
CA VAL E 487 -10.44 33.89 59.70
C VAL E 487 -9.04 34.48 59.81
N TYR E 488 -8.20 34.25 58.81
CA TYR E 488 -6.83 34.76 58.85
C TYR E 488 -6.79 36.27 58.71
N LEU E 489 -7.75 36.86 57.97
CA LEU E 489 -7.75 38.30 57.76
C LEU E 489 -8.16 39.10 58.99
N SER E 490 -8.60 38.42 60.06
CA SER E 490 -8.98 39.15 61.27
C SER E 490 -7.78 39.64 62.05
N ILE E 491 -6.67 38.91 61.98
CA ILE E 491 -5.44 39.27 62.69
C ILE E 491 -4.33 39.69 61.73
N HIS E 492 -4.24 39.04 60.57
CA HIS E 492 -3.21 39.37 59.59
C HIS E 492 -3.68 40.58 58.80
N LYS E 493 -3.13 41.75 59.12
CA LYS E 493 -3.51 43.00 58.47
C LYS E 493 -2.27 43.67 57.88
N ASP E 494 -2.46 44.91 57.43
CA ASP E 494 -1.42 45.60 56.66
C ASP E 494 -0.23 45.95 57.53
N GLN E 495 0.97 45.81 56.96
CA GLN E 495 2.22 46.20 57.60
C GLN E 495 2.45 45.44 58.91
N ASP E 496 2.11 44.15 58.91
CA ASP E 496 2.36 43.28 60.05
C ASP E 496 3.58 42.41 59.76
N GLN E 497 4.51 42.37 60.71
CA GLN E 497 5.75 41.62 60.54
C GLN E 497 5.58 40.24 61.16
N MET E 498 5.55 39.22 60.31
CA MET E 498 5.47 37.85 60.80
C MET E 498 6.86 37.36 61.19
N ASN E 499 6.99 36.84 62.41
CA ASN E 499 8.27 36.38 62.94
C ASN E 499 9.33 37.48 62.91
N SER E 557 -14.76 -12.94 89.69
CA SER E 557 -15.73 -13.61 88.83
C SER E 557 -17.15 -13.16 89.13
N PRO E 558 -18.11 -14.01 88.85
CA PRO E 558 -19.52 -13.65 89.09
C PRO E 558 -19.88 -13.71 90.56
N ILE E 559 -21.12 -13.33 90.85
CA ILE E 559 -21.66 -13.33 92.20
C ILE E 559 -23.04 -13.99 92.19
N LEU E 560 -23.53 -14.31 93.38
CA LEU E 560 -24.87 -14.88 93.49
C LEU E 560 -25.93 -13.84 93.17
N HIS E 561 -25.74 -12.60 93.61
CA HIS E 561 -26.67 -11.51 93.34
C HIS E 561 -26.19 -10.77 92.11
N GLU E 562 -26.67 -11.19 90.94
CA GLU E 562 -26.29 -10.60 89.66
C GLU E 562 -27.35 -9.60 89.25
N ASN E 563 -27.10 -8.32 89.51
CA ASN E 563 -27.98 -7.22 89.11
C ASN E 563 -27.14 -6.24 88.31
N SER E 564 -27.08 -6.46 86.99
CA SER E 564 -26.25 -5.63 86.12
C SER E 564 -26.77 -4.20 85.99
N ASP E 565 -28.03 -3.94 86.37
CA ASP E 565 -28.54 -2.58 86.33
C ASP E 565 -27.80 -1.69 87.31
N LEU E 566 -27.47 -2.22 88.49
CA LEU E 566 -26.75 -1.46 89.51
C LEU E 566 -25.28 -1.26 89.13
N LEU E 567 -24.84 -1.90 88.04
CA LEU E 567 -23.46 -1.80 87.60
C LEU E 567 -23.34 -1.15 86.22
N SER E 568 -24.42 -0.58 85.71
CA SER E 568 -24.43 0.10 84.42
C SER E 568 -25.05 1.48 84.57
N LYS E 569 -24.41 2.48 83.96
CA LYS E 569 -24.86 3.86 84.01
C LYS E 569 -25.00 4.39 82.60
N ARG E 570 -26.01 5.23 82.38
CA ARG E 570 -26.27 5.84 81.09
C ARG E 570 -26.03 7.35 81.18
N ARG E 571 -25.26 7.87 80.24
CA ARG E 571 -24.97 9.30 80.16
C ARG E 571 -25.37 9.83 78.80
N ARG E 572 -25.26 11.14 78.64
CA ARG E 572 -25.61 11.78 77.37
C ARG E 572 -24.73 11.27 76.24
N ASN E 573 -25.36 10.69 75.23
CA ASN E 573 -24.67 10.16 74.05
C ASN E 573 -23.61 9.14 74.44
N LYS E 574 -23.89 8.36 75.49
CA LYS E 574 -22.96 7.34 75.95
C LYS E 574 -23.69 6.29 76.78
N PHE E 575 -23.71 5.05 76.30
CA PHE E 575 -24.36 3.94 77.00
C PHE E 575 -23.29 2.91 77.35
N ILE E 576 -23.12 2.66 78.65
CA ILE E 576 -22.14 1.70 79.15
C ILE E 576 -22.90 0.51 79.71
N ILE E 577 -22.73 -0.65 79.08
CA ILE E 577 -23.39 -1.88 79.51
C ILE E 577 -22.35 -2.89 79.94
N PRO E 578 -22.51 -3.54 81.09
CA PRO E 578 -21.52 -4.51 81.54
C PRO E 578 -21.73 -5.88 80.91
N LEU E 579 -20.75 -6.36 80.14
CA LEU E 579 -20.86 -7.65 79.50
C LEU E 579 -20.77 -8.77 80.53
N HIS E 580 -21.69 -9.73 80.44
CA HIS E 580 -21.72 -10.86 81.37
C HIS E 580 -22.12 -12.14 80.65
N ILE E 595 -30.73 -11.31 78.04
CA ILE E 595 -30.66 -11.10 76.60
C ILE E 595 -29.20 -10.95 76.17
N SER E 596 -28.96 -11.07 74.87
CA SER E 596 -27.62 -10.96 74.31
C SER E 596 -27.63 -9.95 73.17
N ILE E 597 -26.46 -9.39 72.90
CA ILE E 597 -26.29 -8.38 71.86
C ILE E 597 -25.06 -8.71 71.03
N GLU E 598 -25.08 -8.31 69.77
CA GLU E 598 -23.97 -8.53 68.85
C GLU E 598 -23.59 -7.23 68.17
N ILE E 599 -22.30 -7.11 67.84
CA ILE E 599 -21.77 -5.90 67.22
C ILE E 599 -21.23 -6.24 65.83
N PRO E 600 -21.44 -5.38 64.84
CA PRO E 600 -20.90 -5.66 63.50
C PRO E 600 -19.37 -5.62 63.52
N VAL E 601 -18.78 -6.28 62.52
CA VAL E 601 -17.32 -6.36 62.45
C VAL E 601 -16.70 -4.99 62.27
N ASN E 602 -17.36 -4.12 61.49
CA ASN E 602 -16.85 -2.77 61.28
C ASN E 602 -16.86 -1.97 62.58
N GLY E 603 -17.88 -2.17 63.41
CA GLY E 603 -18.00 -1.45 64.65
C GLY E 603 -18.87 -0.20 64.60
N ILE E 604 -19.44 0.11 63.45
CA ILE E 604 -20.28 1.29 63.28
C ILE E 604 -21.70 0.83 62.94
N PHE E 605 -22.68 1.36 63.65
CA PHE E 605 -24.07 1.00 63.42
C PHE E 605 -24.67 1.95 62.38
N ARG E 606 -26.00 1.92 62.26
CA ARG E 606 -26.69 2.77 61.30
C ARG E 606 -28.11 3.02 61.81
N ARG E 607 -28.89 3.74 61.01
CA ARG E 607 -30.27 4.02 61.37
C ARG E 607 -31.07 2.73 61.47
N ASN E 608 -31.86 2.62 62.54
CA ASN E 608 -32.74 1.49 62.83
C ASN E 608 -32.00 0.17 62.98
N SER E 609 -30.69 0.19 63.21
CA SER E 609 -29.94 -1.03 63.40
C SER E 609 -30.29 -1.68 64.74
N ILE E 610 -30.40 -3.01 64.72
CA ILE E 610 -30.80 -3.78 65.89
C ILE E 610 -29.55 -4.39 66.52
N LEU E 611 -29.34 -4.13 67.81
CA LEU E 611 -28.18 -4.63 68.53
C LEU E 611 -28.51 -5.80 69.45
N ALA E 612 -29.53 -5.66 70.30
CA ALA E 612 -29.86 -6.69 71.27
C ALA E 612 -31.04 -7.52 70.78
N TYR E 613 -31.02 -8.81 71.12
CA TYR E 613 -32.11 -9.73 70.85
C TYR E 613 -32.63 -10.27 72.18
N PHE E 614 -33.94 -10.23 72.35
CA PHE E 614 -34.56 -10.57 73.63
C PHE E 614 -35.67 -11.60 73.41
N ASP E 615 -35.37 -12.64 72.64
CA ASP E 615 -36.31 -13.74 72.46
C ASP E 615 -36.59 -14.41 73.80
N ASP E 616 -37.86 -14.43 74.19
CA ASP E 616 -38.26 -14.90 75.50
C ASP E 616 -38.84 -16.30 75.41
N PRO E 617 -38.37 -17.25 76.23
CA PRO E 617 -38.96 -18.59 76.21
C PRO E 617 -40.36 -18.64 76.80
N ARG E 618 -40.78 -17.61 77.54
CA ARG E 618 -42.12 -17.59 78.11
C ARG E 618 -43.19 -17.66 77.02
N TYR E 619 -42.95 -16.99 75.90
CA TYR E 619 -43.87 -17.01 74.77
C TYR E 619 -43.63 -18.19 73.84
N ARG E 620 -42.59 -19.00 74.09
CA ARG E 620 -42.30 -20.14 73.24
C ARG E 620 -43.31 -21.27 73.50
N ARG E 621 -43.51 -22.09 72.47
CA ARG E 621 -44.47 -23.18 72.53
C ARG E 621 -43.86 -24.43 71.92
N LYS E 622 -44.06 -25.57 72.57
CA LYS E 622 -43.51 -26.82 72.06
C LYS E 622 -44.38 -27.38 70.93
N SER E 623 -45.70 -27.21 71.03
CA SER E 623 -46.60 -27.77 70.03
C SER E 623 -46.30 -27.23 68.64
N SER E 624 -46.47 -28.09 67.63
CA SER E 624 -46.20 -27.70 66.25
C SER E 624 -47.16 -26.64 65.74
N GLY E 625 -48.39 -26.60 66.26
CA GLY E 625 -49.31 -25.56 65.86
C GLY E 625 -48.85 -24.20 66.34
N ILE E 626 -48.92 -23.22 65.44
CA ILE E 626 -48.42 -21.87 65.71
C ILE E 626 -49.58 -20.90 65.69
N ILE E 627 -49.41 -19.80 66.43
CA ILE E 627 -50.44 -18.77 66.49
C ILE E 627 -50.46 -18.00 65.17
N LYS E 628 -51.67 -17.71 64.69
CA LYS E 628 -51.83 -16.99 63.44
C LYS E 628 -53.08 -16.10 63.46
N ASP E 661 -54.30 -7.76 68.35
CA ASP E 661 -54.40 -7.68 69.80
C ASP E 661 -54.10 -9.03 70.44
N ARG E 662 -54.60 -10.10 69.82
CA ARG E 662 -54.41 -11.45 70.34
C ARG E 662 -54.34 -12.42 69.17
N PHE E 663 -53.60 -13.50 69.37
CA PHE E 663 -53.42 -14.53 68.36
C PHE E 663 -53.95 -15.86 68.89
N PHE E 664 -54.39 -16.72 67.97
CA PHE E 664 -54.96 -18.02 68.29
C PHE E 664 -54.04 -19.12 67.74
N PHE E 665 -53.63 -20.03 68.61
CA PHE E 665 -52.74 -21.13 68.25
C PHE E 665 -53.49 -22.45 68.41
N ILE E 666 -53.65 -23.18 67.32
CA ILE E 666 -54.34 -24.47 67.30
C ILE E 666 -53.26 -25.56 67.19
N PRO E 667 -52.99 -26.30 68.26
CA PRO E 667 -51.97 -27.35 68.18
C PRO E 667 -52.45 -28.52 67.32
N GLU E 668 -51.58 -29.02 66.46
CA GLU E 668 -51.89 -30.14 65.58
C GLU E 668 -50.71 -31.10 65.55
N GLU E 669 -50.98 -32.38 65.67
CA GLU E 669 -49.93 -33.41 65.65
C GLU E 669 -49.57 -33.71 64.21
N VAL E 670 -48.37 -33.32 63.80
CA VAL E 670 -47.87 -33.55 62.45
C VAL E 670 -46.64 -34.45 62.53
N HIS E 671 -46.64 -35.51 61.73
CA HIS E 671 -45.55 -36.48 61.69
C HIS E 671 -45.01 -36.55 60.27
N ILE E 672 -43.73 -36.25 60.11
CA ILE E 672 -43.05 -36.28 58.82
C ILE E 672 -42.31 -37.60 58.71
N LEU E 673 -42.85 -38.52 57.90
CA LEU E 673 -42.25 -39.83 57.71
C LEU E 673 -41.72 -39.98 56.28
N PRO E 674 -40.78 -40.88 56.06
CA PRO E 674 -40.24 -41.07 54.70
C PRO E 674 -41.27 -41.70 53.78
N GLY E 675 -40.97 -41.63 52.48
CA GLY E 675 -41.86 -42.21 51.49
C GLY E 675 -41.95 -43.71 51.58
N SER E 676 -40.87 -44.38 51.97
CA SER E 676 -40.84 -45.83 52.09
C SER E 676 -41.29 -46.32 53.46
N SER E 677 -41.91 -45.47 54.27
CA SER E 677 -42.38 -45.84 55.59
C SER E 677 -43.79 -46.41 55.51
N SER E 678 -44.01 -47.53 56.16
CA SER E 678 -45.32 -48.18 56.16
C SER E 678 -46.22 -47.50 57.20
N ILE E 679 -47.34 -46.97 56.74
CA ILE E 679 -48.29 -46.29 57.60
C ILE E 679 -49.37 -47.28 58.04
N MET E 680 -49.64 -47.33 59.34
CA MET E 680 -50.64 -48.22 59.89
C MET E 680 -52.00 -47.55 60.06
N VAL E 681 -52.17 -46.34 59.53
CA VAL E 681 -53.42 -45.59 59.64
C VAL E 681 -53.89 -45.21 58.24
N ARG E 682 -55.20 -45.12 58.08
CA ARG E 682 -55.82 -44.78 56.81
C ARG E 682 -56.11 -43.28 56.75
N ASN E 683 -56.18 -42.77 55.53
CA ASN E 683 -56.47 -41.35 55.32
C ASN E 683 -57.90 -41.03 55.72
N ASN E 684 -58.08 -39.85 56.30
CA ASN E 684 -59.40 -39.35 56.73
C ASN E 684 -60.05 -40.26 57.76
N SER E 685 -59.26 -41.05 58.47
CA SER E 685 -59.78 -41.95 59.50
C SER E 685 -59.63 -41.33 60.88
N ILE E 686 -60.57 -41.64 61.77
CA ILE E 686 -60.57 -41.13 63.13
C ILE E 686 -59.82 -42.12 64.01
N VAL E 687 -58.69 -41.69 64.55
CA VAL E 687 -57.87 -42.52 65.43
C VAL E 687 -57.90 -41.93 66.83
N GLY E 688 -57.96 -42.82 67.83
CA GLY E 688 -58.01 -42.40 69.21
C GLY E 688 -56.62 -42.16 69.80
N VAL E 689 -56.59 -42.05 71.12
CA VAL E 689 -55.32 -41.85 71.82
C VAL E 689 -54.49 -43.13 71.77
N ASP E 690 -53.17 -42.95 71.76
CA ASP E 690 -52.21 -44.06 71.73
C ASP E 690 -52.39 -44.95 70.51
N THR E 691 -52.88 -44.37 69.41
CA THR E 691 -53.08 -45.12 68.17
C THR E 691 -51.74 -45.34 67.48
N GLN E 692 -51.45 -46.60 67.13
CA GLN E 692 -50.20 -46.93 66.46
C GLN E 692 -50.26 -46.49 65.01
N ILE E 693 -49.59 -45.39 64.69
CA ILE E 693 -49.55 -44.89 63.32
C ILE E 693 -48.45 -45.57 62.52
N THR E 694 -47.31 -45.85 63.16
CA THR E 694 -46.20 -46.52 62.50
C THR E 694 -45.73 -47.71 63.32
N LEU E 695 -44.61 -48.33 62.93
CA LEU E 695 -44.09 -49.47 63.67
C LEU E 695 -43.59 -49.06 65.06
N ASN E 696 -43.02 -47.85 65.16
CA ASN E 696 -42.49 -47.36 66.43
C ASN E 696 -43.00 -45.96 66.76
N LEU E 697 -44.07 -45.52 66.11
CA LEU E 697 -44.64 -44.20 66.34
C LEU E 697 -46.11 -44.36 66.73
N ARG E 698 -46.48 -43.78 67.88
CA ARG E 698 -47.84 -43.84 68.39
C ARG E 698 -48.43 -42.43 68.41
N SER E 699 -49.73 -42.34 68.16
CA SER E 699 -50.41 -41.04 68.16
C SER E 699 -50.53 -40.52 69.58
N ARG E 700 -50.18 -39.24 69.77
CA ARG E 700 -50.25 -38.61 71.09
C ARG E 700 -51.62 -38.02 71.38
N VAL E 701 -52.34 -37.58 70.36
CA VAL E 701 -53.67 -36.99 70.52
C VAL E 701 -54.63 -37.68 69.57
N GLY E 702 -55.90 -37.76 69.98
CA GLY E 702 -56.93 -38.38 69.18
C GLY E 702 -57.66 -37.37 68.33
N GLY E 703 -57.88 -37.73 67.07
CA GLY E 703 -58.59 -36.85 66.15
C GLY E 703 -58.59 -37.42 64.76
N LEU E 704 -58.84 -36.54 63.79
CA LEU E 704 -58.87 -36.94 62.39
C LEU E 704 -57.45 -37.00 61.84
N VAL E 705 -57.10 -38.13 61.21
CA VAL E 705 -55.78 -38.33 60.65
C VAL E 705 -55.79 -37.97 59.18
N ARG E 706 -54.90 -37.07 58.78
CA ARG E 706 -54.75 -36.64 57.39
C ARG E 706 -53.37 -37.04 56.90
N VAL E 707 -53.32 -37.81 55.83
CA VAL E 707 -52.08 -38.33 55.27
C VAL E 707 -51.85 -37.64 53.94
N GLU E 708 -50.83 -36.79 53.88
CA GLU E 708 -50.45 -36.09 52.66
C GLU E 708 -49.19 -36.74 52.11
N ARG E 709 -49.34 -37.46 50.99
CA ARG E 709 -48.24 -38.17 50.35
C ARG E 709 -47.58 -37.26 49.32
N LYS E 710 -46.39 -36.78 49.64
CA LYS E 710 -45.64 -35.93 48.72
C LYS E 710 -44.74 -36.80 47.84
N LYS E 711 -43.82 -36.17 47.12
CA LYS E 711 -42.94 -36.91 46.22
C LYS E 711 -41.98 -37.81 47.00
N LYS E 712 -41.23 -37.23 47.92
CA LYS E 712 -40.22 -37.97 48.68
C LYS E 712 -40.47 -37.92 50.19
N ARG E 713 -41.66 -37.53 50.63
CA ARG E 713 -41.95 -37.46 52.05
C ARG E 713 -43.43 -37.74 52.28
N ILE E 714 -43.73 -38.43 53.39
CA ILE E 714 -45.10 -38.73 53.78
C ILE E 714 -45.46 -37.83 54.96
N GLU E 715 -46.45 -36.96 54.76
CA GLU E 715 -46.88 -36.01 55.78
C GLU E 715 -48.17 -36.52 56.42
N LEU E 716 -48.09 -36.89 57.68
CA LEU E 716 -49.24 -37.37 58.44
C LEU E 716 -49.62 -36.30 59.48
N LYS E 717 -50.85 -35.80 59.40
CA LYS E 717 -51.35 -34.77 60.29
C LYS E 717 -52.53 -35.30 61.08
N ILE E 718 -52.52 -35.08 62.38
CA ILE E 718 -53.60 -35.52 63.27
C ILE E 718 -54.25 -34.27 63.85
N PHE E 719 -55.44 -33.94 63.35
CA PHE E 719 -56.19 -32.77 63.80
C PHE E 719 -57.05 -33.19 64.98
N SER E 720 -56.60 -32.86 66.19
CA SER E 720 -57.34 -33.21 67.39
C SER E 720 -58.54 -32.30 67.58
N GLY E 721 -59.67 -32.89 67.96
CA GLY E 721 -60.87 -32.11 68.17
C GLY E 721 -62.08 -33.02 68.22
N ASP E 722 -63.20 -32.44 68.66
CA ASP E 722 -64.46 -33.16 68.76
C ASP E 722 -65.20 -33.11 67.43
N ILE E 723 -65.59 -34.28 66.94
CA ILE E 723 -66.31 -34.38 65.68
C ILE E 723 -67.79 -34.14 65.93
N HIS E 724 -68.35 -33.11 65.29
CA HIS E 724 -69.75 -32.75 65.43
C HIS E 724 -70.43 -32.76 64.07
N PHE E 725 -71.67 -33.26 64.04
CA PHE E 725 -72.43 -33.34 62.81
C PHE E 725 -73.33 -32.11 62.67
N PRO E 726 -72.99 -31.17 61.79
CA PRO E 726 -73.83 -29.98 61.63
C PRO E 726 -75.15 -30.32 60.95
N GLY E 727 -76.20 -29.63 61.37
CA GLY E 727 -77.52 -29.83 60.85
C GLY E 727 -77.72 -29.15 59.50
N GLU E 728 -78.97 -29.19 59.04
CA GLU E 728 -79.31 -28.56 57.77
C GLU E 728 -79.23 -27.04 57.86
N THR E 729 -79.77 -26.46 58.93
CA THR E 729 -79.74 -25.01 59.11
C THR E 729 -78.34 -24.50 59.42
N ASP E 730 -77.41 -25.39 59.80
CA ASP E 730 -76.04 -24.98 60.14
C ASP E 730 -75.28 -24.76 58.83
N LYS E 731 -75.47 -23.56 58.27
CA LYS E 731 -74.80 -23.18 57.02
C LYS E 731 -73.45 -22.56 57.30
N ILE E 732 -72.57 -23.36 57.91
CA ILE E 732 -71.23 -22.90 58.25
C ILE E 732 -70.36 -22.87 56.99
N SER E 733 -69.42 -21.93 56.96
CA SER E 733 -68.50 -21.83 55.84
C SER E 733 -67.68 -23.09 55.68
N ARG E 734 -67.71 -23.69 54.49
CA ARG E 734 -67.02 -24.94 54.25
C ARG E 734 -65.51 -24.77 54.33
N HIS E 735 -64.96 -23.89 53.49
CA HIS E 735 -63.51 -23.73 53.40
C HIS E 735 -62.97 -22.70 54.39
N THR E 736 -63.81 -21.78 54.87
CA THR E 736 -63.37 -20.71 55.76
C THR E 736 -63.68 -21.11 57.20
N GLY E 737 -62.63 -21.48 57.95
CA GLY E 737 -62.82 -21.81 59.34
C GLY E 737 -63.05 -20.56 60.18
N VAL E 738 -63.94 -20.68 61.16
CA VAL E 738 -64.33 -19.59 62.03
C VAL E 738 -63.99 -19.95 63.46
N LEU E 739 -63.39 -19.01 64.19
CA LEU E 739 -63.06 -19.21 65.60
C LEU E 739 -64.14 -18.58 66.47
N ILE E 740 -64.59 -19.33 67.46
CA ILE E 740 -65.66 -18.90 68.35
C ILE E 740 -65.04 -18.50 69.69
N PRO E 741 -65.31 -17.30 70.20
CA PRO E 741 -64.76 -16.90 71.49
C PRO E 741 -65.63 -17.40 72.64
N PRO E 742 -65.28 -17.07 73.88
CA PRO E 742 -66.10 -17.52 75.02
C PRO E 742 -67.43 -16.78 75.10
N GLY E 743 -68.53 -17.50 74.83
CA GLY E 743 -69.83 -16.88 74.87
C GLY E 743 -70.26 -16.59 76.31
N THR E 744 -70.80 -15.41 76.54
CA THR E 744 -71.26 -14.99 77.87
C THR E 744 -72.61 -15.66 78.14
N GLY E 745 -72.54 -16.90 78.63
CA GLY E 745 -73.72 -17.67 78.95
C GLY E 745 -74.54 -17.07 80.07
N LYS E 746 -75.87 -17.08 79.91
CA LYS E 746 -76.75 -16.53 80.93
C LYS E 746 -76.69 -17.38 82.20
N ARG E 747 -76.57 -16.70 83.34
CA ARG E 747 -76.50 -17.39 84.62
C ARG E 747 -77.82 -18.06 84.99
N ASN E 748 -78.92 -17.74 84.29
CA ASN E 748 -80.21 -18.35 84.59
C ASN E 748 -80.16 -19.86 84.39
N SER E 749 -79.65 -20.30 83.24
CA SER E 749 -79.54 -21.73 82.96
C SER E 749 -78.51 -22.37 83.87
N LYS E 750 -78.95 -23.38 84.63
CA LYS E 750 -78.05 -24.04 85.57
C LYS E 750 -77.12 -25.01 84.85
N GLU E 751 -77.69 -25.91 84.04
CA GLU E 751 -76.92 -26.95 83.36
C GLU E 751 -76.13 -26.43 82.17
N SER E 752 -76.08 -25.10 81.97
CA SER E 752 -75.35 -24.51 80.85
C SER E 752 -73.87 -24.44 81.21
N LYS E 753 -73.10 -25.42 80.72
CA LYS E 753 -71.66 -25.45 80.96
C LYS E 753 -70.97 -24.30 80.24
N LYS E 754 -70.42 -23.36 81.01
CA LYS E 754 -69.75 -22.20 80.41
C LYS E 754 -68.43 -22.62 79.77
N VAL E 755 -68.29 -22.31 78.48
CA VAL E 755 -67.06 -22.61 77.74
C VAL E 755 -66.10 -21.44 77.98
N LYS E 756 -65.14 -21.64 78.88
CA LYS E 756 -64.19 -20.58 79.20
C LYS E 756 -63.04 -20.47 78.20
N ASN E 757 -62.84 -21.50 77.38
CA ASN E 757 -61.75 -21.53 76.41
C ASN E 757 -62.30 -21.37 74.99
N TRP E 758 -61.59 -20.60 74.17
CA TRP E 758 -61.99 -20.40 72.79
C TRP E 758 -61.74 -21.66 71.98
N ILE E 759 -62.65 -21.97 71.06
CA ILE E 759 -62.57 -23.15 70.23
C ILE E 759 -62.53 -22.73 68.77
N TYR E 760 -61.80 -23.49 67.97
CA TYR E 760 -61.67 -23.26 66.53
C TYR E 760 -62.44 -24.33 65.80
N VAL E 761 -63.50 -23.93 65.09
CA VAL E 761 -64.37 -24.85 64.37
C VAL E 761 -63.92 -24.89 62.92
N GLN E 762 -63.52 -26.08 62.46
CA GLN E 762 -63.08 -26.29 61.09
C GLN E 762 -63.98 -27.33 60.43
N ARG E 763 -64.44 -27.02 59.21
CA ARG E 763 -65.32 -27.91 58.47
C ARG E 763 -64.48 -28.87 57.63
N ILE E 764 -64.61 -30.16 57.91
CA ILE E 764 -63.87 -31.21 57.20
C ILE E 764 -64.83 -31.90 56.24
N THR E 765 -64.54 -31.83 54.95
CA THR E 765 -65.39 -32.44 53.94
C THR E 765 -64.68 -33.61 53.28
N PRO E 766 -64.66 -34.78 53.93
CA PRO E 766 -64.01 -35.93 53.28
C PRO E 766 -64.77 -36.45 52.07
N SER E 767 -66.10 -36.35 52.09
CA SER E 767 -66.94 -36.77 50.98
C SER E 767 -67.66 -35.57 50.38
N LYS E 768 -68.04 -35.70 49.11
CA LYS E 768 -68.74 -34.61 48.43
C LYS E 768 -70.13 -34.40 49.01
N LYS E 769 -70.75 -35.46 49.55
CA LYS E 769 -72.10 -35.37 50.08
C LYS E 769 -72.14 -35.29 51.60
N LYS E 770 -71.12 -35.77 52.29
CA LYS E 770 -71.08 -35.78 53.75
C LYS E 770 -69.94 -34.89 54.23
N PHE E 771 -70.25 -33.96 55.13
CA PHE E 771 -69.26 -33.06 55.70
C PHE E 771 -69.42 -33.02 57.22
N PHE E 772 -68.30 -32.89 57.91
CA PHE E 772 -68.27 -32.86 59.37
C PHE E 772 -67.59 -31.58 59.84
N VAL E 773 -67.86 -31.22 61.09
CA VAL E 773 -67.29 -30.03 61.72
C VAL E 773 -66.43 -30.49 62.88
N LEU E 774 -65.17 -30.05 62.88
CA LEU E 774 -64.21 -30.39 63.93
C LEU E 774 -63.91 -29.15 64.77
N VAL E 775 -64.07 -29.28 66.08
CA VAL E 775 -63.82 -28.17 67.00
C VAL E 775 -62.43 -28.38 67.58
N ARG E 776 -61.44 -27.76 66.93
CA ARG E 776 -60.07 -27.88 67.38
C ARG E 776 -59.79 -26.93 68.54
N PRO E 777 -58.77 -27.21 69.34
CA PRO E 777 -58.45 -26.34 70.47
C PRO E 777 -57.70 -25.09 70.01
N VAL E 778 -57.60 -24.13 70.92
CA VAL E 778 -56.96 -22.85 70.65
C VAL E 778 -56.10 -22.45 71.84
N VAL E 779 -55.10 -21.61 71.57
CA VAL E 779 -54.22 -21.06 72.60
C VAL E 779 -54.22 -19.54 72.47
N THR E 780 -53.76 -18.89 73.52
CA THR E 780 -53.79 -17.43 73.61
C THR E 780 -52.38 -16.87 73.53
N TYR E 781 -52.16 -15.99 72.55
CA TYR E 781 -50.92 -15.23 72.42
C TYR E 781 -51.28 -13.77 72.24
N GLU E 782 -51.00 -12.96 73.26
CA GLU E 782 -51.43 -11.57 73.30
C GLU E 782 -50.25 -10.65 73.06
N ILE E 783 -50.39 -9.75 72.08
CA ILE E 783 -49.33 -8.79 71.78
C ILE E 783 -49.25 -7.74 72.88
N THR E 784 -50.39 -7.13 73.22
CA THR E 784 -50.40 -6.07 74.22
C THR E 784 -50.03 -6.60 75.60
N ASP E 785 -50.55 -7.77 75.97
CA ASP E 785 -50.27 -8.35 77.28
C ASP E 785 -48.91 -9.05 77.24
N GLY E 786 -48.04 -8.70 78.19
CA GLY E 786 -46.75 -9.33 78.29
C GLY E 786 -45.62 -8.44 77.80
N ILE E 787 -44.89 -7.82 78.73
CA ILE E 787 -43.72 -7.01 78.44
C ILE E 787 -42.68 -7.31 79.50
N ASN E 788 -41.63 -8.04 79.12
CA ASN E 788 -40.60 -8.47 80.03
C ASN E 788 -39.23 -8.16 79.43
N LEU E 789 -38.46 -7.33 80.12
CA LEU E 789 -37.12 -6.98 79.69
C LEU E 789 -36.27 -6.68 80.92
N ALA E 790 -35.07 -7.23 80.96
CA ALA E 790 -34.18 -7.01 82.09
C ALA E 790 -33.67 -5.58 82.09
N THR E 791 -33.61 -4.98 83.28
CA THR E 791 -33.13 -3.62 83.41
C THR E 791 -31.67 -3.54 82.99
N LEU E 792 -31.39 -2.72 81.98
CA LEU E 792 -30.05 -2.56 81.44
C LEU E 792 -29.32 -1.36 82.02
N PHE E 793 -29.99 -0.22 82.14
CA PHE E 793 -29.40 0.97 82.71
C PHE E 793 -30.09 1.32 84.02
N PRO E 794 -29.36 1.81 85.01
CA PRO E 794 -29.97 2.12 86.31
C PRO E 794 -30.95 3.28 86.20
N PRO E 795 -31.80 3.48 87.20
CA PRO E 795 -32.76 4.59 87.16
C PRO E 795 -32.12 5.88 87.65
N ASP E 796 -32.43 6.98 86.97
CA ASP E 796 -31.89 8.29 87.31
C ASP E 796 -33.03 9.29 87.37
N PRO E 797 -33.10 10.13 88.41
CA PRO E 797 -34.18 11.12 88.46
C PRO E 797 -34.08 12.19 87.38
N LEU E 798 -32.88 12.68 87.11
CA LEU E 798 -32.65 13.69 86.08
C LEU E 798 -32.05 13.03 84.85
N GLN E 799 -32.77 13.08 83.73
CA GLN E 799 -32.35 12.44 82.49
C GLN E 799 -31.95 13.51 81.48
N GLU E 800 -30.78 13.32 80.86
CA GLU E 800 -30.32 14.26 79.85
C GLU E 800 -31.08 14.09 78.55
N ARG E 801 -31.13 15.16 77.77
CA ARG E 801 -31.82 15.16 76.48
C ARG E 801 -30.87 14.67 75.39
N ASP E 802 -30.54 13.38 75.46
CA ASP E 802 -29.64 12.77 74.50
C ASP E 802 -30.35 12.56 73.17
N ASN E 803 -29.53 12.41 72.12
CA ASN E 803 -30.04 12.20 70.77
C ASN E 803 -30.22 10.73 70.42
N VAL E 804 -29.87 9.82 71.33
CA VAL E 804 -30.00 8.39 71.09
C VAL E 804 -31.37 7.94 71.57
N GLN E 805 -32.18 7.42 70.64
CA GLN E 805 -33.51 6.92 70.94
C GLN E 805 -33.49 5.41 70.76
N LEU E 806 -33.43 4.68 71.88
CA LEU E 806 -33.41 3.22 71.85
C LEU E 806 -34.83 2.69 71.92
N ARG E 807 -35.20 1.87 70.94
CA ARG E 807 -36.54 1.31 70.84
C ARG E 807 -36.47 -0.21 70.82
N ILE E 808 -37.51 -0.84 71.37
CA ILE E 808 -37.62 -2.30 71.41
C ILE E 808 -38.68 -2.71 70.40
N VAL E 809 -38.30 -3.62 69.49
CA VAL E 809 -39.18 -4.08 68.43
C VAL E 809 -39.38 -5.59 68.60
N ASN E 810 -40.63 -6.01 68.70
CA ASN E 810 -40.99 -7.42 68.81
C ASN E 810 -41.88 -7.80 67.64
N TYR E 811 -41.40 -8.71 66.80
CA TYR E 811 -42.11 -9.15 65.61
C TYR E 811 -42.31 -10.66 65.62
N ILE E 812 -43.36 -11.12 64.95
CA ILE E 812 -43.64 -12.55 64.89
C ILE E 812 -42.53 -13.25 64.12
N LEU E 813 -42.18 -14.46 64.57
CA LEU E 813 -41.13 -15.24 63.93
C LEU E 813 -41.47 -15.61 62.50
N TYR E 814 -42.54 -16.37 62.31
CA TYR E 814 -42.93 -16.83 60.98
C TYR E 814 -44.04 -15.97 60.40
N GLY E 815 -44.28 -16.14 59.11
CA GLY E 815 -45.34 -15.40 58.45
C GLY E 815 -46.71 -15.98 58.80
N ASN E 816 -47.72 -15.12 58.76
CA ASN E 816 -49.08 -15.56 59.08
C ASN E 816 -49.63 -16.48 57.99
N GLY E 817 -50.29 -17.55 58.41
CA GLY E 817 -50.91 -18.48 57.50
C GLY E 817 -50.03 -19.61 57.03
N LYS E 818 -48.74 -19.57 57.30
CA LYS E 818 -47.82 -20.61 56.89
C LYS E 818 -47.11 -21.20 58.10
N PRO E 819 -47.45 -22.43 58.51
CA PRO E 819 -46.77 -23.03 59.66
C PRO E 819 -45.52 -23.81 59.25
N ILE E 820 -44.39 -23.51 59.88
CA ILE E 820 -43.16 -24.23 59.57
C ILE E 820 -43.07 -25.51 60.39
N ARG E 821 -42.24 -26.43 59.92
CA ARG E 821 -42.05 -27.69 60.63
C ARG E 821 -41.36 -27.46 61.96
N GLY E 822 -41.82 -28.16 62.99
CA GLY E 822 -41.30 -28.01 64.34
C GLY E 822 -40.40 -29.19 64.70
N ILE E 823 -39.17 -28.86 65.11
CA ILE E 823 -38.22 -29.90 65.49
C ILE E 823 -38.64 -30.52 66.81
N SER E 824 -38.42 -31.84 66.93
CA SER E 824 -38.77 -32.53 68.17
C SER E 824 -37.86 -32.12 69.31
N ASP E 825 -36.58 -31.86 69.02
CA ASP E 825 -35.63 -31.54 70.08
C ASP E 825 -35.82 -30.11 70.58
N THR E 826 -36.03 -29.16 69.67
CA THR E 826 -36.09 -27.75 70.00
C THR E 826 -37.49 -27.22 69.76
N SER E 827 -38.06 -26.55 70.76
CA SER E 827 -39.38 -25.97 70.64
C SER E 827 -39.34 -24.68 69.82
N ILE E 828 -40.46 -24.39 69.15
CA ILE E 828 -40.54 -23.19 68.32
C ILE E 828 -40.74 -21.97 69.21
N GLN E 829 -40.27 -20.82 68.71
CA GLN E 829 -40.39 -19.54 69.42
C GLN E 829 -41.51 -18.75 68.74
N LEU E 830 -42.70 -18.76 69.34
CA LEU E 830 -43.85 -18.08 68.77
C LEU E 830 -43.61 -16.58 68.67
N VAL E 831 -43.27 -15.94 69.78
CA VAL E 831 -43.06 -14.49 69.84
C VAL E 831 -41.63 -14.23 70.27
N ARG E 832 -40.97 -13.27 69.61
CA ARG E 832 -39.62 -12.88 69.94
C ARG E 832 -39.55 -11.36 70.06
N THR E 833 -38.48 -10.89 70.69
CA THR E 833 -38.29 -9.46 70.93
C THR E 833 -36.84 -9.08 70.65
N CYS E 834 -36.64 -7.82 70.28
CA CYS E 834 -35.31 -7.30 69.97
C CYS E 834 -35.27 -5.82 70.32
N LEU E 835 -34.05 -5.33 70.54
CA LEU E 835 -33.81 -3.92 70.84
C LEU E 835 -32.94 -3.30 69.75
N VAL E 836 -33.30 -2.08 69.35
CA VAL E 836 -32.59 -1.38 68.28
C VAL E 836 -32.19 0.01 68.79
N LEU E 837 -31.08 0.50 68.26
CA LEU E 837 -30.55 1.81 68.61
C LEU E 837 -30.56 2.69 67.36
N ASN E 838 -31.40 3.73 67.36
CA ASN E 838 -31.52 4.65 66.25
C ASN E 838 -31.40 6.08 66.78
N TRP E 839 -30.51 6.85 66.17
CA TRP E 839 -30.32 8.24 66.58
C TRP E 839 -31.42 9.12 66.02
N ASN E 840 -31.47 10.36 66.52
CA ASN E 840 -32.47 11.32 66.05
C ASN E 840 -32.25 11.64 64.58
N GLN E 841 -33.35 11.76 63.85
CA GLN E 841 -33.32 12.04 62.42
C GLN E 841 -33.87 13.44 62.17
N ASP E 842 -33.10 14.26 61.46
CA ASP E 842 -33.52 15.62 61.16
C ASP E 842 -34.61 15.62 60.10
N LYS E 843 -35.44 16.66 60.14
CA LYS E 843 -36.52 16.78 59.15
C LYS E 843 -35.97 17.09 57.77
N LYS E 844 -34.92 17.92 57.70
CA LYS E 844 -34.37 18.29 56.41
C LYS E 844 -33.70 17.11 55.73
N SER E 845 -32.87 16.37 56.45
CA SER E 845 -32.17 15.22 55.89
C SER E 845 -32.17 14.08 56.89
N SER E 846 -32.30 12.86 56.39
CA SER E 846 -32.31 11.69 57.25
C SER E 846 -30.94 11.49 57.88
N SER E 847 -30.93 11.30 59.20
CA SER E 847 -29.72 11.12 59.98
C SER E 847 -29.66 9.68 60.48
N CYS E 848 -28.45 9.10 60.47
CA CYS E 848 -28.24 7.74 60.91
C CYS E 848 -27.38 7.75 62.18
N GLU E 849 -27.48 6.66 62.94
CA GLU E 849 -26.73 6.51 64.19
C GLU E 849 -25.31 6.09 63.86
N GLU E 850 -24.44 7.07 63.63
CA GLU E 850 -23.03 6.80 63.36
C GLU E 850 -22.30 6.56 64.68
N ALA E 851 -22.66 5.50 65.38
CA ALA E 851 -22.10 5.21 66.68
C ALA E 851 -20.80 4.43 66.54
N ARG E 852 -20.04 4.39 67.64
CA ARG E 852 -18.79 3.65 67.71
C ARG E 852 -18.81 2.75 68.92
N ALA E 853 -18.38 1.51 68.75
CA ALA E 853 -18.42 0.50 69.80
C ALA E 853 -17.00 0.25 70.30
N SER E 854 -16.82 0.38 71.62
CA SER E 854 -15.53 0.11 72.24
C SER E 854 -15.78 -0.44 73.64
N PHE E 855 -14.84 -1.24 74.11
CA PHE E 855 -14.93 -1.88 75.42
C PHE E 855 -13.79 -1.40 76.31
N VAL E 856 -14.13 -1.15 77.58
CA VAL E 856 -13.16 -0.69 78.57
C VAL E 856 -13.13 -1.69 79.72
N GLU E 857 -11.94 -1.89 80.28
CA GLU E 857 -11.74 -2.83 81.36
C GLU E 857 -11.07 -2.13 82.54
N ILE E 858 -11.57 -2.39 83.74
CA ILE E 858 -11.01 -1.83 84.96
C ILE E 858 -9.97 -2.80 85.48
N ARG E 859 -8.70 -2.43 85.36
CA ARG E 859 -7.57 -3.27 85.77
C ARG E 859 -7.13 -2.82 87.16
N THR E 860 -7.55 -3.58 88.18
CA THR E 860 -7.19 -3.28 89.56
C THR E 860 -7.06 -4.60 90.33
N ASN E 861 -6.01 -4.67 91.15
CA ASN E 861 -5.73 -5.86 91.97
C ASN E 861 -5.64 -7.12 91.10
N GLY E 862 -5.03 -6.98 89.92
CA GLY E 862 -4.90 -8.10 89.02
C GLY E 862 -6.21 -8.70 88.55
N LEU E 863 -7.20 -7.84 88.30
CA LEU E 863 -8.52 -8.29 87.86
C LEU E 863 -8.93 -7.51 86.62
N ILE E 864 -9.93 -8.05 85.91
CA ILE E 864 -10.43 -7.44 84.70
C ILE E 864 -11.95 -7.38 84.76
N ARG E 865 -12.52 -6.48 83.97
CA ARG E 865 -13.96 -6.30 83.89
C ARG E 865 -14.38 -6.30 82.42
N HIS E 866 -15.66 -6.63 82.20
CA HIS E 866 -16.23 -6.69 80.86
C HIS E 866 -17.32 -5.63 80.77
N PHE E 867 -17.00 -4.47 80.19
CA PHE E 867 -17.94 -3.38 80.02
C PHE E 867 -17.81 -2.83 78.61
N LEU E 868 -18.94 -2.71 77.91
CA LEU E 868 -18.97 -2.19 76.56
C LEU E 868 -19.62 -0.81 76.55
N ARG E 869 -19.01 0.12 75.84
CA ARG E 869 -19.49 1.49 75.74
C ARG E 869 -19.80 1.83 74.29
N ILE E 870 -20.88 2.58 74.08
CA ILE E 870 -21.29 3.04 72.77
C ILE E 870 -21.45 4.55 72.80
N ASN E 871 -20.85 5.24 71.84
CA ASN E 871 -20.91 6.69 71.76
C ASN E 871 -21.39 7.09 70.38
N LEU E 872 -22.45 7.89 70.33
CA LEU E 872 -23.02 8.37 69.07
C LEU E 872 -22.28 9.64 68.66
N VAL E 873 -21.11 9.44 68.05
CA VAL E 873 -20.27 10.55 67.63
C VAL E 873 -20.86 11.18 66.37
N LYS E 874 -21.03 12.50 66.41
CA LYS E 874 -21.59 13.22 65.27
C LYS E 874 -20.54 13.34 64.16
N SER E 875 -21.02 13.58 62.94
CA SER E 875 -20.12 13.73 61.81
C SER E 875 -19.19 14.93 61.96
N PRO E 876 -19.66 16.12 62.36
CA PRO E 876 -18.75 17.25 62.52
C PRO E 876 -18.09 17.25 63.90
N ILE E 877 -16.76 17.27 63.93
CA ILE E 877 -16.04 17.28 65.20
C ILE E 877 -16.28 18.59 65.94
N SER E 878 -16.51 19.67 65.21
CA SER E 878 -16.76 20.95 65.83
C SER E 878 -18.07 20.93 66.62
N TYR E 879 -18.03 21.48 67.83
CA TYR E 879 -19.20 21.54 68.71
C TYR E 879 -19.78 22.95 68.70
N ILE E 880 -21.11 23.03 68.79
CA ILE E 880 -21.77 24.32 68.79
C ILE E 880 -21.34 25.17 69.99
N GLY E 881 -21.23 24.54 71.16
CA GLY E 881 -20.77 25.23 72.34
C GLY E 881 -19.73 24.41 73.08
N LYS E 882 -18.96 25.10 73.91
CA LYS E 882 -17.89 24.43 74.65
C LYS E 882 -18.40 23.57 75.79
N ARG E 883 -19.56 23.89 76.35
CA ARG E 883 -20.12 23.06 77.41
C ARG E 883 -20.55 21.70 76.88
N ASN E 884 -20.83 21.62 75.57
CA ASN E 884 -21.20 20.37 74.93
C ASN E 884 -20.04 19.75 74.14
N ASP E 885 -18.82 19.90 74.64
CA ASP E 885 -17.65 19.40 73.93
C ASP E 885 -17.47 17.91 74.20
N PRO E 886 -16.92 17.17 73.24
CA PRO E 886 -16.65 15.75 73.45
C PRO E 886 -15.24 15.51 73.96
N SER E 887 -14.58 16.59 74.38
CA SER E 887 -13.19 16.50 74.84
C SER E 887 -13.04 15.57 76.04
N GLY E 888 -14.09 15.44 76.84
CA GLY E 888 -14.02 14.60 78.02
C GLY E 888 -14.10 13.12 77.72
N SER E 889 -13.19 12.62 76.89
CA SER E 889 -13.16 11.21 76.52
C SER E 889 -11.85 10.91 75.80
N GLY E 890 -11.48 9.64 75.82
CA GLY E 890 -10.29 9.19 75.11
C GLY E 890 -10.56 7.86 74.45
N LEU E 891 -10.26 7.81 73.15
CA LEU E 891 -10.56 6.61 72.36
C LEU E 891 -9.31 5.92 71.86
N LEU E 892 -8.43 6.66 71.19
CA LEU E 892 -7.24 6.09 70.55
C LEU E 892 -6.01 6.88 70.94
N SER E 893 -4.92 6.15 71.21
CA SER E 893 -3.63 6.76 71.53
C SER E 893 -2.73 6.89 70.30
N ASP E 894 -3.21 6.51 69.13
CA ASP E 894 -2.39 6.59 67.92
C ASP E 894 -2.03 8.04 67.59
N ASN E 895 -2.97 8.95 67.80
CA ASN E 895 -2.71 10.36 67.52
C ASN E 895 -1.67 10.92 68.50
N GLY E 896 -0.57 11.40 67.95
CA GLY E 896 0.51 11.95 68.75
C GLY E 896 0.81 13.39 68.43
N SER E 897 0.28 13.88 67.31
CA SER E 897 0.54 15.26 66.88
C SER E 897 -0.07 16.28 67.84
N ASP E 898 -0.93 15.86 68.76
CA ASP E 898 -1.57 16.79 69.67
C ASP E 898 -0.63 17.17 70.81
N CYS E 899 0.47 17.85 70.48
CA CYS E 899 1.44 18.30 71.46
C CYS E 899 0.80 19.19 72.53
N THR E 900 -0.26 19.92 72.15
CA THR E 900 -0.91 20.84 73.08
C THR E 900 -1.58 20.11 74.25
N ASN E 901 -1.69 18.79 74.20
CA ASN E 901 -2.28 18.02 75.29
C ASN E 901 -1.26 17.61 76.35
N ILE E 902 -0.15 18.33 76.46
CA ILE E 902 0.89 18.01 77.43
C ILE E 902 0.54 18.66 78.76
N ASN E 903 0.56 17.86 79.83
CA ASN E 903 0.26 18.35 81.18
C ASN E 903 1.27 19.40 81.60
N PRO E 904 0.84 20.59 82.00
CA PRO E 904 1.80 21.63 82.41
C PRO E 904 2.58 21.29 83.67
N PHE E 905 2.12 20.33 84.47
CA PHE E 905 2.81 19.97 85.70
C PHE E 905 3.99 19.03 85.46
N SER E 906 4.07 18.38 84.30
CA SER E 906 5.16 17.47 84.02
C SER E 906 6.37 18.23 83.47
N SER E 907 7.56 17.66 83.68
CA SER E 907 8.78 18.27 83.18
C SER E 907 8.82 18.32 81.65
N ILE E 908 8.04 17.48 80.98
CA ILE E 908 8.02 17.51 79.52
C ILE E 908 7.46 18.82 79.00
N TYR E 909 6.48 19.40 79.70
CA TYR E 909 5.94 20.70 79.29
C TYR E 909 7.00 21.79 79.37
N SER E 910 7.83 21.75 80.43
CA SER E 910 8.89 22.74 80.56
C SER E 910 10.01 22.50 79.55
N TYR E 911 10.27 21.23 79.21
CA TYR E 911 11.33 20.92 78.25
C TYR E 911 10.92 21.22 76.82
N SER E 912 9.62 21.17 76.52
CA SER E 912 9.16 21.46 75.17
C SER E 912 9.36 22.92 74.78
N LYS E 913 9.50 23.81 75.76
CA LYS E 913 9.76 25.22 75.45
C LYS E 913 11.11 25.38 74.76
N ALA E 914 12.10 24.60 75.17
CA ALA E 914 13.42 24.65 74.55
C ALA E 914 13.58 23.63 73.42
N LYS E 915 12.82 22.53 73.47
CA LYS E 915 12.90 21.54 72.40
C LYS E 915 12.34 22.10 71.10
N ILE E 916 11.26 22.87 71.18
CA ILE E 916 10.67 23.51 70.01
C ILE E 916 11.31 24.88 69.85
N GLN E 917 12.24 24.99 68.91
CA GLN E 917 12.95 26.25 68.68
C GLN E 917 12.01 27.29 68.05
N GLN E 918 12.55 28.49 67.87
CA GLN E 918 11.79 29.57 67.25
C GLN E 918 11.33 29.17 65.86
N SER E 919 10.04 29.35 65.60
CA SER E 919 9.47 28.93 64.32
C SER E 919 9.90 29.87 63.21
N ILE E 920 10.61 29.34 62.21
CA ILE E 920 11.03 30.10 61.05
C ILE E 920 10.33 29.65 59.78
N ASN E 921 9.37 28.73 59.87
CA ASN E 921 8.66 28.26 58.70
C ASN E 921 7.84 29.37 58.06
N GLN E 922 7.45 30.37 58.86
CA GLN E 922 6.72 31.52 58.34
C GLN E 922 7.57 32.24 57.29
N PRO E 923 6.93 32.92 56.34
CA PRO E 923 7.69 33.62 55.29
C PRO E 923 8.57 34.74 55.80
N GLN E 924 8.35 35.22 57.03
CA GLN E 924 9.17 36.26 57.65
C GLN E 924 9.23 37.51 56.77
N GLY E 925 8.08 38.15 56.58
CA GLY E 925 8.01 39.35 55.78
C GLY E 925 6.85 40.23 56.21
N THR E 926 6.88 41.46 55.71
CA THR E 926 5.82 42.43 56.00
C THR E 926 4.58 42.08 55.17
N ILE E 927 3.45 41.93 55.85
CA ILE E 927 2.20 41.62 55.18
C ILE E 927 1.71 42.87 54.44
N HIS E 928 1.64 42.78 53.12
CA HIS E 928 1.24 43.89 52.26
C HIS E 928 -0.12 43.55 51.66
N THR E 929 -1.16 44.20 52.14
CA THR E 929 -2.50 43.96 51.66
C THR E 929 -2.68 44.57 50.26
N LEU E 930 -3.79 44.21 49.61
CA LEU E 930 -4.10 44.67 48.27
C LEU E 930 -5.36 45.52 48.32
N LEU E 931 -5.23 46.78 47.90
CA LEU E 931 -6.39 47.65 47.82
C LEU E 931 -7.24 47.32 46.59
N ASN E 932 -6.62 46.86 45.51
CA ASN E 932 -7.38 46.50 44.31
C ASN E 932 -8.21 45.25 44.55
N ARG E 933 -7.69 44.31 45.34
CA ARG E 933 -8.38 43.06 45.63
C ARG E 933 -9.31 43.19 46.84
N ASN E 934 -9.68 44.42 47.23
CA ASN E 934 -10.59 44.58 48.36
C ASN E 934 -12.01 44.19 48.02
N LYS E 935 -12.44 44.42 46.77
CA LYS E 935 -13.79 44.04 46.37
C LYS E 935 -13.92 42.52 46.26
N GLU E 936 -12.94 41.88 45.65
CA GLU E 936 -12.93 40.43 45.51
C GLU E 936 -12.24 39.81 46.73
N CYS E 937 -11.92 38.52 46.66
CA CYS E 937 -11.21 37.86 47.75
C CYS E 937 -9.87 38.54 47.99
N GLN E 938 -9.70 39.08 49.19
CA GLN E 938 -8.49 39.82 49.52
C GLN E 938 -7.29 38.89 49.58
N SER E 939 -6.25 39.22 48.82
CA SER E 939 -5.01 38.48 48.80
C SER E 939 -3.92 39.26 49.54
N LEU E 940 -2.82 38.58 49.83
CA LEU E 940 -1.72 39.16 50.58
C LEU E 940 -0.41 38.95 49.84
N ILE E 941 0.46 39.95 49.90
CA ILE E 941 1.81 39.88 49.36
C ILE E 941 2.79 40.00 50.51
N ILE E 942 3.67 39.01 50.64
CA ILE E 942 4.67 38.98 51.71
C ILE E 942 5.96 39.57 51.14
N LEU E 943 6.26 40.80 51.53
CA LEU E 943 7.50 41.46 51.11
C LEU E 943 8.60 41.12 52.11
N SER E 944 9.69 40.53 51.61
CA SER E 944 10.78 40.10 52.47
C SER E 944 12.12 40.63 51.97
N ALA E 945 13.22 40.15 52.55
CA ALA E 945 14.54 40.60 52.13
C ALA E 945 14.90 40.15 50.72
N ALA E 946 14.24 39.10 50.21
CA ALA E 946 14.52 38.64 48.85
C ALA E 946 13.95 39.56 47.79
N ASN E 947 13.02 40.44 48.15
CA ASN E 947 12.39 41.34 47.20
C ASN E 947 12.87 42.78 47.33
N CYS E 948 13.53 43.14 48.43
CA CYS E 948 13.98 44.49 48.67
C CYS E 948 15.48 44.52 48.86
N SER E 949 16.12 45.58 48.36
CA SER E 949 17.56 45.77 48.45
C SER E 949 17.83 47.16 49.03
N ARG E 950 19.10 47.43 49.30
CA ARG E 950 19.51 48.69 49.90
C ARG E 950 20.70 49.26 49.14
N MET E 951 20.63 50.55 48.82
CA MET E 951 21.70 51.27 48.15
C MET E 951 22.53 51.99 49.21
N GLY E 952 23.76 51.52 49.43
CA GLY E 952 24.59 52.01 50.50
C GLY E 952 25.10 53.42 50.32
N PRO E 953 26.00 53.63 49.33
CA PRO E 953 26.65 54.93 49.19
C PRO E 953 25.70 56.08 48.94
N PHE E 954 24.93 56.02 47.84
CA PHE E 954 23.97 57.04 47.45
C PHE E 954 24.65 58.38 47.19
N LYS E 955 25.99 58.41 47.22
CA LYS E 955 26.73 59.64 47.00
C LYS E 955 28.13 59.35 46.46
N SER E 978 15.43 72.63 71.39
CA SER E 978 15.90 71.51 70.58
C SER E 978 14.76 70.53 70.30
N LEU E 979 15.12 69.30 69.94
CA LEU E 979 14.13 68.28 69.61
C LEU E 979 13.57 67.67 70.89
N GLY E 980 12.24 67.66 71.01
CA GLY E 980 11.59 67.10 72.16
C GLY E 980 10.21 67.70 72.40
N PRO E 981 9.50 67.19 73.40
CA PRO E 981 8.16 67.71 73.70
C PRO E 981 8.22 69.14 74.18
N LEU E 982 7.31 69.96 73.67
CA LEU E 982 7.21 71.36 74.07
C LEU E 982 6.23 71.55 75.23
N GLY E 983 5.04 70.97 75.12
CA GLY E 983 4.05 71.09 76.16
C GLY E 983 2.73 70.47 75.74
N THR E 984 1.70 70.76 76.51
CA THR E 984 0.35 70.25 76.26
C THR E 984 -0.61 71.43 76.22
N SER E 985 -1.41 71.54 75.17
CA SER E 985 -2.27 72.70 75.05
C SER E 985 -3.32 72.77 76.14
N LEU E 986 -3.43 73.92 76.79
CA LEU E 986 -4.43 74.09 77.84
C LEU E 986 -5.81 74.37 77.29
N PRO E 987 -6.86 74.06 78.05
CA PRO E 987 -8.24 74.31 77.61
C PRO E 987 -8.50 75.77 77.39
N ILE E 988 -9.30 76.12 76.39
CA ILE E 988 -9.50 77.52 76.05
C ILE E 988 -10.85 78.07 76.48
N GLU E 989 -10.83 79.20 77.17
CA GLU E 989 -12.07 79.77 77.66
C GLU E 989 -13.03 80.19 76.58
N ASN E 990 -12.53 80.86 75.55
CA ASN E 990 -13.40 81.28 74.46
C ASN E 990 -13.51 80.22 73.39
N PHE E 991 -14.18 79.13 73.73
CA PHE E 991 -14.28 78.01 72.82
C PHE E 991 -14.83 78.42 71.48
N TYR E 992 -15.50 79.55 71.44
CA TYR E 992 -16.10 79.97 70.20
C TYR E 992 -15.02 80.20 69.17
N SER E 993 -13.89 80.76 69.59
CA SER E 993 -12.77 80.94 68.67
C SER E 993 -12.23 79.60 68.24
N SER E 994 -11.80 79.50 67.00
CA SER E 994 -11.23 78.27 66.51
C SER E 994 -9.77 78.20 66.87
N TYR E 995 -9.47 78.19 68.16
CA TYR E 995 -8.10 78.05 68.57
C TYR E 995 -7.78 76.61 68.84
N HIS E 996 -8.79 75.77 68.84
CA HIS E 996 -8.55 74.38 69.19
C HIS E 996 -7.62 73.67 68.22
N LEU E 997 -7.76 73.94 66.93
CA LEU E 997 -6.86 73.36 65.98
C LEU E 997 -5.69 74.28 66.04
N ILE E 998 -4.51 73.76 66.32
CA ILE E 998 -3.37 74.63 66.49
C ILE E 998 -3.00 75.38 65.21
N THR E 999 -3.06 74.71 64.07
CA THR E 999 -2.77 75.38 62.81
C THR E 999 -3.81 75.09 61.76
N HIS E 1000 -4.19 76.10 60.99
CA HIS E 1000 -5.16 75.91 59.93
C HIS E 1000 -4.58 75.28 58.70
N ASN E 1001 -5.42 74.74 57.83
CA ASN E 1001 -4.95 74.20 56.58
C ASN E 1001 -5.30 75.15 55.47
N GLN E 1002 -4.35 75.50 54.63
CA GLN E 1002 -4.55 76.51 53.60
C GLN E 1002 -5.65 76.13 52.62
N ILE E 1003 -5.89 74.83 52.44
CA ILE E 1003 -6.88 74.37 51.47
C ILE E 1003 -8.28 74.29 52.09
N LEU E 1004 -8.38 73.86 53.34
CA LEU E 1004 -9.68 73.65 53.98
C LEU E 1004 -10.12 74.82 54.84
N VAL E 1005 -9.33 75.90 54.94
CA VAL E 1005 -9.71 77.02 55.78
C VAL E 1005 -10.91 77.77 55.22
N THR E 1006 -11.19 77.63 53.92
CA THR E 1006 -12.33 78.29 53.30
C THR E 1006 -13.64 77.59 53.58
N ASN E 1007 -13.64 76.51 54.38
CA ASN E 1007 -14.84 75.76 54.69
C ASN E 1007 -15.33 75.98 56.11
N TYR E 1008 -14.45 75.87 57.10
CA TYR E 1008 -14.84 75.99 58.50
C TYR E 1008 -14.59 77.36 59.09
N LEU E 1009 -13.89 78.24 58.37
CA LEU E 1009 -13.55 79.56 58.89
C LEU E 1009 -13.94 80.62 57.87
N GLN E 1010 -14.71 81.60 58.32
CA GLN E 1010 -15.08 82.72 57.46
C GLN E 1010 -13.85 83.55 57.11
N LEU E 1011 -13.91 84.23 55.96
CA LEU E 1011 -12.78 85.01 55.47
C LEU E 1011 -12.62 86.32 56.25
N ASP E 1012 -12.38 86.16 57.56
CA ASP E 1012 -12.15 87.32 58.41
C ASP E 1012 -10.71 87.79 58.34
N ASN E 1013 -9.76 86.85 58.28
CA ASN E 1013 -8.35 87.23 58.16
C ASN E 1013 -8.03 87.86 56.82
N LEU E 1014 -8.83 87.59 55.78
CA LEU E 1014 -8.61 88.20 54.48
C LEU E 1014 -9.11 89.64 54.44
N LYS E 1015 -10.27 89.89 55.05
CA LYS E 1015 -10.78 91.26 55.11
C LYS E 1015 -9.96 92.12 56.06
N GLN E 1016 -9.57 91.55 57.21
CA GLN E 1016 -8.74 92.26 58.17
C GLN E 1016 -7.27 92.03 57.84
N THR E 1017 -6.38 92.44 58.74
CA THR E 1017 -4.95 92.30 58.57
C THR E 1017 -4.42 91.29 59.59
N PHE E 1018 -3.83 90.20 59.09
CA PHE E 1018 -3.27 89.19 59.99
C PHE E 1018 -1.98 89.69 60.63
N GLN E 1019 -1.73 89.21 61.84
CA GLN E 1019 -0.52 89.62 62.56
C GLN E 1019 0.72 89.05 61.87
N VAL E 1020 1.80 89.83 61.92
CA VAL E 1020 3.05 89.40 61.28
C VAL E 1020 3.73 88.29 62.07
N ILE E 1021 3.40 88.13 63.34
CA ILE E 1021 3.98 87.08 64.16
C ILE E 1021 3.32 85.74 63.82
N LYS E 1022 4.12 84.69 63.77
CA LYS E 1022 3.66 83.36 63.42
C LYS E 1022 3.54 82.43 64.61
N PHE E 1023 4.61 82.27 65.38
CA PHE E 1023 4.65 81.34 66.50
C PHE E 1023 4.78 82.11 67.81
N LYS E 1024 3.81 81.90 68.71
CA LYS E 1024 3.80 82.53 70.01
C LYS E 1024 3.77 81.44 71.07
N TYR E 1025 4.79 81.42 71.94
CA TYR E 1025 4.94 80.39 72.96
C TYR E 1025 4.76 81.03 74.33
N TYR E 1026 3.72 80.62 75.04
CA TYR E 1026 3.46 81.08 76.40
C TYR E 1026 3.42 79.86 77.32
N LEU E 1027 4.32 79.85 78.31
CA LEU E 1027 4.42 78.74 79.25
C LEU E 1027 3.78 79.14 80.57
N MET E 1028 2.81 78.35 81.03
CA MET E 1028 2.13 78.59 82.29
C MET E 1028 2.63 77.60 83.33
N ASP E 1029 2.86 78.09 84.54
CA ASP E 1029 3.34 77.26 85.64
C ASP E 1029 2.16 76.57 86.33
N GLU E 1030 2.46 75.85 87.41
CA GLU E 1030 1.41 75.16 88.16
C GLU E 1030 0.53 76.13 88.94
N ASN E 1031 0.98 77.37 89.14
CA ASN E 1031 0.21 78.35 89.88
C ASN E 1031 -0.67 79.22 88.99
N GLY E 1032 -0.52 79.13 87.67
CA GLY E 1032 -1.34 79.88 86.76
C GLY E 1032 -0.77 81.20 86.29
N LYS E 1033 0.55 81.31 86.16
CA LYS E 1033 1.20 82.53 85.71
C LYS E 1033 1.91 82.28 84.39
N ILE E 1034 1.72 83.18 83.44
CA ILE E 1034 2.35 83.06 82.13
C ILE E 1034 3.75 83.66 82.20
N PHE E 1035 4.75 82.86 81.80
CA PHE E 1035 6.14 83.27 81.88
C PHE E 1035 6.83 83.00 80.55
N ASN E 1036 7.57 83.99 80.06
CA ASN E 1036 8.33 83.90 78.83
C ASN E 1036 9.34 85.03 78.77
N PRO E 1037 10.62 84.74 78.53
CA PRO E 1037 11.62 85.82 78.45
C PRO E 1037 11.27 86.89 77.43
N ASP E 1038 10.99 86.50 76.20
CA ASP E 1038 10.47 87.51 75.27
C ASP E 1038 8.95 87.54 75.35
N PRO E 1039 8.33 88.71 75.16
CA PRO E 1039 6.86 88.78 75.29
C PRO E 1039 6.12 87.88 74.31
N CYS E 1040 6.48 87.92 73.02
CA CYS E 1040 5.76 87.13 72.03
C CYS E 1040 6.68 86.50 70.98
N ARG E 1041 7.96 86.32 71.30
CA ARG E 1041 8.90 85.76 70.34
C ARG E 1041 8.95 84.24 70.50
N ASN E 1042 9.81 83.61 69.68
CA ASN E 1042 9.90 82.15 69.63
C ASN E 1042 11.03 81.68 70.54
N ILE E 1043 10.70 81.39 71.79
CA ILE E 1043 11.63 80.82 72.74
C ILE E 1043 10.96 79.62 73.41
N ILE E 1044 11.63 78.47 73.38
CA ILE E 1044 11.07 77.21 73.83
C ILE E 1044 11.83 76.74 75.06
N LEU E 1045 11.11 76.28 76.07
CA LEU E 1045 11.69 75.73 77.29
C LEU E 1045 11.75 74.21 77.16
N ASN E 1046 12.95 73.66 77.25
CA ASN E 1046 13.10 72.22 77.08
C ASN E 1046 12.79 71.52 78.35
N PRO E 1047 12.13 70.38 78.26
CA PRO E 1047 11.71 69.74 79.49
C PRO E 1047 12.80 69.26 80.41
N PHE E 1048 13.83 68.61 79.90
CA PHE E 1048 14.81 68.04 80.80
C PHE E 1048 15.60 69.07 81.56
N ASN E 1049 16.02 70.12 80.89
CA ASN E 1049 16.89 71.09 81.55
C ASN E 1049 16.19 72.32 82.01
N LEU E 1050 14.95 72.51 81.57
CA LEU E 1050 14.23 73.72 81.91
C LEU E 1050 15.00 74.97 81.54
N ASN E 1051 15.64 74.95 80.38
CA ASN E 1051 16.40 76.09 79.94
C ASN E 1051 15.81 76.63 78.66
N TRP E 1052 15.53 77.91 78.59
CA TRP E 1052 14.90 78.49 77.42
C TRP E 1052 15.86 78.47 76.23
N TYR E 1053 15.54 77.67 75.21
CA TYR E 1053 16.36 77.53 74.03
C TYR E 1053 15.54 77.82 72.78
N PHE E 1054 16.14 78.54 71.84
CA PHE E 1054 15.49 78.82 70.57
C PHE E 1054 15.38 77.55 69.75
N LEU E 1055 14.30 77.44 68.98
CA LEU E 1055 14.11 76.27 68.12
C LEU E 1055 15.03 76.32 66.92
N HIS E 1056 14.97 77.40 66.14
CA HIS E 1056 15.74 77.55 64.91
C HIS E 1056 15.47 76.38 63.97
N HIS E 1057 14.18 76.07 63.78
CA HIS E 1057 13.79 74.96 62.92
C HIS E 1057 14.12 75.24 61.46
N ASN E 1058 14.01 76.51 61.05
CA ASN E 1058 14.33 76.86 59.67
C ASN E 1058 15.82 76.70 59.39
N TYR E 1059 16.65 77.35 60.21
CA TYR E 1059 18.11 77.29 60.14
C TYR E 1059 18.67 77.78 58.81
N CYS E 1060 17.84 78.41 57.98
CA CYS E 1060 18.26 78.94 56.67
C CYS E 1060 18.90 77.85 55.82
N GLU E 1061 18.26 76.68 55.79
CA GLU E 1061 18.76 75.55 55.02
C GLU E 1061 17.60 74.79 54.42
N GLU E 1062 17.84 74.19 53.25
CA GLU E 1062 16.84 73.40 52.55
C GLU E 1062 17.43 72.04 52.22
N THR E 1063 16.68 70.98 52.48
CA THR E 1063 17.12 69.61 52.25
C THR E 1063 16.33 69.01 51.10
N SER E 1064 17.04 68.48 50.11
CA SER E 1064 16.43 67.86 48.95
C SER E 1064 17.25 66.65 48.52
N LYS E 1065 16.58 65.68 47.91
CA LYS E 1065 17.21 64.46 47.44
C LYS E 1065 16.99 64.30 45.95
N ILE E 1066 18.02 63.83 45.25
CA ILE E 1066 17.90 63.61 43.81
C ILE E 1066 16.93 62.46 43.54
N ILE E 1067 17.07 61.36 44.27
CA ILE E 1067 16.18 60.21 44.13
C ILE E 1067 14.93 60.45 44.97
N SER E 1068 13.80 60.58 44.31
CA SER E 1068 12.53 60.80 44.99
C SER E 1068 11.82 59.47 45.26
N LEU E 1069 10.77 59.54 46.06
CA LEU E 1069 10.02 58.35 46.44
C LEU E 1069 9.07 57.94 45.31
N GLY E 1070 8.99 56.64 45.06
CA GLY E 1070 8.09 56.09 44.09
C GLY E 1070 8.61 56.01 42.67
N GLN E 1071 9.81 56.53 42.41
CA GLN E 1071 10.34 56.54 41.06
C GLN E 1071 10.85 55.16 40.67
N PHE E 1072 10.47 54.71 39.48
CA PHE E 1072 10.95 53.44 38.94
C PHE E 1072 12.29 53.67 38.25
N ILE E 1073 13.32 52.94 38.68
CA ILE E 1073 14.68 53.10 38.17
C ILE E 1073 15.06 51.83 37.42
N CYS E 1074 15.36 51.97 36.13
CA CYS E 1074 15.85 50.86 35.35
C CYS E 1074 17.34 50.67 35.57
N GLU E 1075 17.89 49.60 34.99
CA GLU E 1075 19.32 49.38 35.08
C GLU E 1075 20.05 50.18 33.99
N ASN E 1076 21.36 50.27 34.16
CA ASN E 1076 22.24 51.00 33.24
C ASN E 1076 21.87 52.47 33.13
N VAL E 1077 21.27 53.02 34.20
CA VAL E 1077 20.98 54.45 34.20
C VAL E 1077 22.20 55.25 34.61
N CYS E 1078 23.09 54.66 35.40
CA CYS E 1078 24.36 55.26 35.79
C CYS E 1078 24.16 56.60 36.49
N ILE E 1079 23.49 56.54 37.65
CA ILE E 1079 23.37 57.72 38.49
C ILE E 1079 24.73 58.08 39.10
N ALA E 1080 25.53 57.06 39.42
CA ALA E 1080 26.87 57.26 39.95
C ALA E 1080 27.79 56.20 39.36
N LYS E 1081 29.06 56.58 39.16
CA LYS E 1081 30.02 55.67 38.56
C LYS E 1081 30.40 54.53 39.50
N ASN E 1082 30.04 54.62 40.78
CA ASN E 1082 30.40 53.59 41.75
C ASN E 1082 29.33 52.50 41.86
N GLY E 1083 28.12 52.89 42.22
CA GLY E 1083 27.05 51.93 42.44
C GLY E 1083 25.91 52.07 41.46
N PRO E 1084 25.53 50.97 40.81
CA PRO E 1084 24.40 51.00 39.88
C PRO E 1084 23.12 50.62 40.58
N PRO E 1085 21.99 51.23 40.21
CA PRO E 1085 20.71 50.88 40.84
C PRO E 1085 20.18 49.55 40.34
N LEU E 1086 20.66 48.46 40.92
CA LEU E 1086 20.28 47.13 40.48
C LEU E 1086 18.81 46.84 40.81
N LYS E 1087 18.37 45.64 40.38
CA LYS E 1087 17.06 45.09 40.68
C LYS E 1087 15.95 45.76 39.89
N SER E 1088 16.27 46.84 39.17
CA SER E 1088 15.34 47.52 38.26
C SER E 1088 13.99 47.78 38.93
N GLY E 1089 14.03 48.38 40.10
CA GLY E 1089 12.81 48.49 40.88
C GLY E 1089 12.40 49.88 41.33
N GLN E 1090 11.46 49.94 42.26
CA GLN E 1090 10.88 51.17 42.77
C GLN E 1090 11.45 51.50 44.14
N VAL E 1091 11.68 52.79 44.39
CA VAL E 1091 12.19 53.26 45.66
C VAL E 1091 11.03 53.33 46.65
N ILE E 1092 11.08 52.52 47.70
CA ILE E 1092 10.00 52.43 48.67
C ILE E 1092 10.36 53.15 49.96
N LEU E 1093 11.66 53.23 50.25
CA LEU E 1093 12.13 53.86 51.49
C LEU E 1093 13.28 54.79 51.16
N VAL E 1094 13.24 56.00 51.73
CA VAL E 1094 14.27 57.02 51.54
C VAL E 1094 14.77 57.43 52.92
N GLN E 1095 16.07 57.27 53.15
CA GLN E 1095 16.70 57.64 54.40
C GLN E 1095 17.71 58.77 54.14
N VAL E 1096 18.44 59.14 55.19
CA VAL E 1096 19.43 60.20 55.06
C VAL E 1096 20.70 59.73 54.36
N ASP E 1097 21.00 58.43 54.40
CA ASP E 1097 22.22 57.91 53.82
C ASP E 1097 22.03 56.66 52.97
N SER E 1098 20.79 56.21 52.75
CA SER E 1098 20.55 54.99 52.00
C SER E 1098 19.24 55.09 51.25
N ILE E 1099 19.03 54.13 50.35
CA ILE E 1099 17.82 54.05 49.53
C ILE E 1099 17.45 52.58 49.40
N VAL E 1100 16.19 52.25 49.71
CA VAL E 1100 15.67 50.90 49.61
C VAL E 1100 14.84 50.78 48.34
N ILE E 1101 15.13 49.77 47.53
CA ILE E 1101 14.49 49.58 46.24
C ILE E 1101 13.81 48.20 46.22
N ARG E 1102 12.53 48.18 45.90
CA ARG E 1102 11.78 46.94 45.75
C ARG E 1102 11.96 46.41 44.34
N SER E 1103 12.37 45.15 44.23
CA SER E 1103 12.73 44.57 42.95
C SER E 1103 11.53 44.55 42.00
N ALA E 1104 11.80 44.85 40.72
CA ALA E 1104 10.78 44.84 39.69
C ALA E 1104 11.44 44.52 38.36
N LYS E 1105 10.61 44.13 37.38
CA LYS E 1105 11.11 43.79 36.06
C LYS E 1105 10.17 44.36 35.00
N PRO E 1106 10.68 45.16 34.07
CA PRO E 1106 9.82 45.77 33.06
C PRO E 1106 9.61 44.86 31.85
N TYR E 1107 8.44 45.03 31.24
CA TYR E 1107 8.06 44.30 30.03
C TYR E 1107 7.63 45.31 28.98
N LEU E 1108 8.26 45.27 27.80
CA LEU E 1108 7.95 46.19 26.73
C LEU E 1108 6.79 45.65 25.91
N ALA E 1109 5.76 46.48 25.71
CA ALA E 1109 4.55 46.08 25.00
C ALA E 1109 4.33 47.00 23.82
N THR E 1110 4.06 46.42 22.66
CA THR E 1110 3.83 47.17 21.45
C THR E 1110 2.40 47.70 21.39
N PRO E 1111 2.16 48.77 20.63
CA PRO E 1111 0.79 49.26 20.48
C PRO E 1111 -0.09 48.21 19.83
N GLY E 1112 -1.30 48.07 20.37
CA GLY E 1112 -2.24 47.07 19.91
C GLY E 1112 -2.24 45.79 20.72
N ALA E 1113 -1.33 45.64 21.67
CA ALA E 1113 -1.28 44.46 22.50
C ALA E 1113 -2.36 44.54 23.60
N THR E 1114 -2.53 43.43 24.31
CA THR E 1114 -3.53 43.33 25.36
C THR E 1114 -2.88 42.85 26.64
N VAL E 1115 -3.08 43.59 27.73
CA VAL E 1115 -2.57 43.22 29.04
C VAL E 1115 -3.68 42.49 29.78
N HIS E 1116 -3.41 41.25 30.17
CA HIS E 1116 -4.40 40.41 30.86
C HIS E 1116 -4.32 40.70 32.35
N GLY E 1117 -5.20 41.56 32.83
CA GLY E 1117 -5.27 41.85 34.26
C GLY E 1117 -5.54 43.31 34.57
N HIS E 1118 -5.91 43.58 35.82
CA HIS E 1118 -6.14 44.93 36.29
C HIS E 1118 -4.83 45.53 36.79
N TYR E 1119 -4.92 46.65 37.51
CA TYR E 1119 -3.71 47.36 37.94
C TYR E 1119 -2.88 46.51 38.89
N GLY E 1120 -3.43 46.20 40.07
CA GLY E 1120 -2.64 45.59 41.12
C GLY E 1120 -2.99 44.15 41.43
N GLU E 1121 -3.22 43.34 40.41
CA GLU E 1121 -3.53 41.94 40.64
C GLU E 1121 -2.25 41.14 40.86
N THR E 1122 -2.41 39.97 41.46
CA THR E 1122 -1.30 39.06 41.72
C THR E 1122 -1.08 38.16 40.50
N LEU E 1123 0.13 38.20 39.95
CA LEU E 1123 0.49 37.38 38.80
C LEU E 1123 1.39 36.25 39.28
N TYR E 1124 0.82 35.04 39.35
CA TYR E 1124 1.61 33.88 39.70
C TYR E 1124 2.56 33.52 38.56
N GLU E 1125 3.54 32.67 38.87
CA GLU E 1125 4.51 32.26 37.86
C GLU E 1125 3.83 31.45 36.77
N GLY E 1126 4.19 31.73 35.53
CA GLY E 1126 3.60 31.04 34.39
C GLY E 1126 2.20 31.50 34.08
N ASP E 1127 1.98 32.81 34.06
CA ASP E 1127 0.68 33.39 33.73
C ASP E 1127 0.83 34.32 32.55
N THR E 1128 -0.21 34.39 31.72
CA THR E 1128 -0.18 35.22 30.52
C THR E 1128 -0.34 36.68 30.90
N LEU E 1129 0.65 37.49 30.53
CA LEU E 1129 0.63 38.93 30.78
C LEU E 1129 0.23 39.72 29.54
N VAL E 1130 0.97 39.55 28.45
CA VAL E 1130 0.77 40.31 27.22
C VAL E 1130 0.63 39.32 26.07
N THR E 1131 -0.30 39.60 25.16
CA THR E 1131 -0.50 38.81 23.95
C THR E 1131 -0.14 39.66 22.74
N PHE E 1132 0.83 39.20 21.97
CA PHE E 1132 1.30 39.90 20.78
C PHE E 1132 0.77 39.19 19.53
N ILE E 1133 0.18 39.96 18.63
CA ILE E 1133 -0.27 39.35 17.38
C ILE E 1133 0.71 39.76 16.32
N TYR E 1134 1.52 38.82 15.83
CA TYR E 1134 2.55 39.15 14.87
C TYR E 1134 2.45 38.25 13.66
N GLU E 1135 3.02 38.65 12.53
CA GLU E 1135 2.97 37.84 11.32
C GLU E 1135 4.07 36.79 11.28
N LEU E 1146 0.16 17.23 -3.83
CA LEU E 1146 -0.82 16.21 -4.19
C LEU E 1146 -2.28 16.63 -3.96
N PRO E 1147 -2.60 17.25 -2.80
CA PRO E 1147 -3.97 17.76 -2.63
C PRO E 1147 -4.35 18.80 -3.67
N LYS E 1148 -3.40 19.65 -4.06
CA LYS E 1148 -3.69 20.64 -5.10
C LYS E 1148 -4.04 19.98 -6.42
N VAL E 1149 -3.30 18.94 -6.80
CA VAL E 1149 -3.60 18.21 -8.03
C VAL E 1149 -4.95 17.52 -7.93
N GLU E 1150 -5.25 16.92 -6.78
CA GLU E 1150 -6.51 16.22 -6.61
C GLU E 1150 -7.70 17.18 -6.65
N GLN E 1151 -7.54 18.39 -6.14
CA GLN E 1151 -8.63 19.35 -6.13
C GLN E 1151 -8.75 20.13 -7.44
N VAL E 1152 -7.68 20.23 -8.22
CA VAL E 1152 -7.78 20.85 -9.53
C VAL E 1152 -8.24 19.85 -10.59
N LEU E 1153 -8.03 18.56 -10.37
CA LEU E 1153 -8.53 17.54 -11.29
C LEU E 1153 -10.01 17.29 -11.08
N GLU E 1154 -10.38 16.85 -9.87
CA GLU E 1154 -11.79 16.70 -9.49
C GLU E 1154 -12.24 18.04 -8.95
N VAL E 1155 -12.82 18.86 -9.82
CA VAL E 1155 -13.18 20.23 -9.48
C VAL E 1155 -14.42 20.20 -8.59
N ARG E 1156 -14.26 20.57 -7.32
CA ARG E 1156 -15.42 20.72 -6.45
C ARG E 1156 -16.30 21.88 -6.92
N SER E 1157 -15.68 23.01 -7.25
CA SER E 1157 -16.38 24.15 -7.80
C SER E 1157 -15.41 24.95 -8.66
N VAL E 1158 -15.94 25.62 -9.68
CA VAL E 1158 -15.09 26.34 -10.62
C VAL E 1158 -14.37 27.51 -9.96
N ASP E 1159 -14.93 28.08 -8.90
CA ASP E 1159 -14.26 29.16 -8.19
C ASP E 1159 -13.23 28.67 -7.19
N SER E 1160 -13.15 27.37 -6.94
CA SER E 1160 -12.16 26.85 -6.00
C SER E 1160 -10.76 26.93 -6.59
N ILE E 1161 -10.61 26.59 -7.87
CA ILE E 1161 -9.29 26.65 -8.50
C ILE E 1161 -8.88 28.10 -8.75
N SER E 1162 -9.83 28.95 -9.13
CA SER E 1162 -9.57 30.37 -9.36
C SER E 1162 -10.88 31.15 -9.44
N MET E 1163 -10.97 32.25 -8.69
CA MET E 1163 -12.15 33.09 -8.77
C MET E 1163 -12.21 33.85 -10.09
N ASN E 1164 -11.06 34.08 -10.72
CA ASN E 1164 -11.04 34.76 -12.01
C ASN E 1164 -11.79 33.95 -13.07
N LEU E 1165 -11.61 32.63 -13.06
CA LEU E 1165 -12.31 31.79 -14.02
C LEU E 1165 -13.81 31.82 -13.79
N GLU E 1166 -14.24 31.78 -12.52
CA GLU E 1166 -15.67 31.86 -12.23
C GLU E 1166 -16.25 33.19 -12.67
N LYS E 1167 -15.56 34.29 -12.39
CA LYS E 1167 -16.04 35.59 -12.82
C LYS E 1167 -16.11 35.68 -14.33
N ARG E 1168 -15.10 35.15 -15.02
CA ARG E 1168 -15.09 35.20 -16.48
C ARG E 1168 -16.23 34.37 -17.07
N ILE E 1169 -16.50 33.20 -16.49
CA ILE E 1169 -17.58 32.36 -17.01
C ILE E 1169 -18.94 33.00 -16.75
N GLU E 1170 -19.14 33.55 -15.55
CA GLU E 1170 -20.41 34.20 -15.22
C GLU E 1170 -20.57 35.53 -15.96
N GLY E 1171 -19.51 36.07 -16.53
CA GLY E 1171 -19.65 37.20 -17.43
C GLY E 1171 -19.95 36.75 -18.85
N TRP E 1172 -19.25 35.69 -19.29
CA TRP E 1172 -19.43 35.17 -20.64
C TRP E 1172 -20.87 34.74 -20.88
N ASN E 1173 -21.41 33.93 -19.97
CA ASN E 1173 -22.75 33.39 -20.20
C ASN E 1173 -23.79 34.51 -20.26
N LYS E 1174 -23.69 35.50 -19.37
CA LYS E 1174 -24.66 36.58 -19.35
C LYS E 1174 -24.54 37.45 -20.59
N CYS E 1175 -23.31 37.85 -20.94
CA CYS E 1175 -23.13 38.72 -22.10
C CYS E 1175 -23.40 37.99 -23.42
N ILE E 1176 -23.33 36.66 -23.43
CA ILE E 1176 -23.64 35.92 -24.64
C ILE E 1176 -25.12 35.51 -24.70
N THR E 1177 -25.83 35.59 -23.58
CA THR E 1177 -27.29 35.53 -23.65
C THR E 1177 -27.88 36.88 -24.02
N ARG E 1178 -27.24 37.97 -23.62
CA ARG E 1178 -27.69 39.31 -24.02
C ARG E 1178 -27.61 39.48 -25.53
N ILE E 1179 -26.40 39.43 -26.08
CA ILE E 1179 -26.20 39.57 -27.51
C ILE E 1179 -25.99 38.18 -28.10
N LEU E 1180 -26.23 38.05 -29.41
CA LEU E 1180 -26.13 36.78 -30.13
C LEU E 1180 -27.07 35.74 -29.54
N GLY E 1181 -28.37 36.07 -29.56
CA GLY E 1181 -29.37 35.14 -29.06
C GLY E 1181 -29.56 33.92 -29.94
N ILE E 1182 -29.10 33.98 -31.18
CA ILE E 1182 -29.19 32.87 -32.13
C ILE E 1182 -28.33 31.73 -31.60
N PRO E 1183 -28.62 30.47 -31.94
CA PRO E 1183 -27.76 29.36 -31.53
C PRO E 1183 -26.27 29.58 -31.74
N TRP E 1184 -25.89 30.44 -32.70
CA TRP E 1184 -24.48 30.77 -32.86
C TRP E 1184 -23.92 31.40 -31.59
N GLY E 1185 -24.75 32.13 -30.84
CA GLY E 1185 -24.29 32.69 -29.58
C GLY E 1185 -23.96 31.62 -28.55
N PHE E 1186 -24.86 30.65 -28.38
CA PHE E 1186 -24.57 29.52 -27.51
C PHE E 1186 -23.31 28.79 -27.96
N LEU E 1187 -23.14 28.62 -29.27
CA LEU E 1187 -21.98 27.91 -29.79
C LEU E 1187 -20.69 28.64 -29.45
N ILE E 1188 -20.64 29.95 -29.72
CA ILE E 1188 -19.41 30.70 -29.50
C ILE E 1188 -19.13 30.83 -28.00
N GLY E 1189 -20.18 30.96 -27.18
CA GLY E 1189 -19.97 30.99 -25.75
C GLY E 1189 -19.42 29.68 -25.21
N ALA E 1190 -19.98 28.55 -25.68
CA ALA E 1190 -19.46 27.25 -25.28
C ALA E 1190 -18.00 27.08 -25.70
N GLU E 1191 -17.66 27.49 -26.93
CA GLU E 1191 -16.29 27.36 -27.39
C GLU E 1191 -15.34 28.21 -26.55
N LEU E 1192 -15.74 29.45 -26.24
CA LEU E 1192 -14.89 30.32 -25.45
C LEU E 1192 -14.67 29.77 -24.05
N THR E 1193 -15.75 29.30 -23.42
CA THR E 1193 -15.62 28.72 -22.08
C THR E 1193 -14.75 27.48 -22.11
N ILE E 1194 -14.91 26.63 -23.12
CA ILE E 1194 -14.10 25.42 -23.24
C ILE E 1194 -12.62 25.79 -23.36
N ALA E 1195 -12.30 26.72 -24.25
CA ALA E 1195 -10.92 27.11 -24.46
C ALA E 1195 -10.30 27.66 -23.19
N GLN E 1196 -11.01 28.60 -22.55
CA GLN E 1196 -10.47 29.21 -21.33
C GLN E 1196 -10.29 28.18 -20.22
N SER E 1197 -11.26 27.29 -20.04
CA SER E 1197 -11.17 26.28 -19.00
C SER E 1197 -10.00 25.35 -19.24
N ARG E 1198 -9.84 24.87 -20.49
CA ARG E 1198 -8.73 23.98 -20.81
C ARG E 1198 -7.39 24.66 -20.56
N ILE E 1199 -7.24 25.89 -21.05
CA ILE E 1199 -5.97 26.60 -20.88
C ILE E 1199 -5.66 26.79 -19.39
N SER E 1200 -6.66 27.22 -18.62
CA SER E 1200 -6.44 27.47 -17.20
C SER E 1200 -6.07 26.18 -16.45
N LEU E 1201 -6.80 25.09 -16.73
CA LEU E 1201 -6.51 23.84 -16.05
C LEU E 1201 -5.10 23.33 -16.38
N VAL E 1202 -4.75 23.35 -17.68
CA VAL E 1202 -3.42 22.89 -18.08
C VAL E 1202 -2.34 23.74 -17.42
N ASN E 1203 -2.54 25.07 -17.40
CA ASN E 1203 -1.54 25.95 -16.79
C ASN E 1203 -1.39 25.67 -15.30
N LYS E 1204 -2.51 25.50 -14.59
CA LYS E 1204 -2.44 25.26 -13.15
C LYS E 1204 -1.75 23.93 -12.85
N ILE E 1205 -2.08 22.89 -13.61
CA ILE E 1205 -1.47 21.59 -13.36
C ILE E 1205 0.03 21.63 -13.67
N GLN E 1206 0.41 22.28 -14.77
CA GLN E 1206 1.83 22.37 -15.11
C GLN E 1206 2.59 23.21 -14.09
N GLN E 1207 1.95 24.25 -13.53
CA GLN E 1207 2.62 25.06 -12.52
C GLN E 1207 2.79 24.28 -11.22
N VAL E 1208 1.78 23.53 -10.81
CA VAL E 1208 1.91 22.75 -9.58
C VAL E 1208 2.87 21.57 -9.78
N TYR E 1209 3.10 21.15 -11.02
CA TYR E 1209 4.08 20.10 -11.27
C TYR E 1209 5.51 20.65 -11.34
N ARG E 1210 5.70 21.82 -11.95
CA ARG E 1210 7.03 22.38 -12.07
C ARG E 1210 7.57 22.90 -10.74
N SER E 1211 6.69 23.22 -9.79
CA SER E 1211 7.14 23.77 -8.51
C SER E 1211 7.96 22.76 -7.72
N GLN E 1212 7.68 21.46 -7.88
CA GLN E 1212 8.39 20.43 -7.14
C GLN E 1212 9.66 19.99 -7.85
N GLY E 1213 9.72 20.09 -9.17
CA GLY E 1213 10.89 19.71 -9.94
C GLY E 1213 10.66 18.62 -10.95
N VAL E 1214 9.49 17.98 -10.97
CA VAL E 1214 9.20 16.93 -11.95
C VAL E 1214 8.80 17.56 -13.27
N GLN E 1215 9.07 16.85 -14.36
CA GLN E 1215 8.76 17.32 -15.71
C GLN E 1215 7.87 16.30 -16.40
N ILE E 1216 6.67 16.73 -16.78
CA ILE E 1216 5.70 15.87 -17.45
C ILE E 1216 5.24 16.58 -18.70
N HIS E 1217 5.20 15.85 -19.82
CA HIS E 1217 4.79 16.43 -21.09
C HIS E 1217 3.31 16.82 -21.04
N ASN E 1218 2.94 17.76 -21.91
CA ASN E 1218 1.59 18.32 -21.88
C ASN E 1218 0.54 17.41 -22.49
N ARG E 1219 0.94 16.44 -23.32
CA ARG E 1219 -0.05 15.59 -23.97
C ARG E 1219 -0.78 14.70 -22.95
N HIS E 1220 -0.04 14.17 -21.98
CA HIS E 1220 -0.67 13.36 -20.94
C HIS E 1220 -1.68 14.17 -20.16
N LEU E 1221 -1.37 15.44 -19.88
CA LEU E 1221 -2.30 16.29 -19.17
C LEU E 1221 -3.51 16.62 -20.03
N GLU E 1222 -3.30 16.88 -21.32
CA GLU E 1222 -4.39 17.27 -22.20
C GLU E 1222 -5.37 16.11 -22.42
N ILE E 1223 -4.86 14.87 -22.47
CA ILE E 1223 -5.74 13.72 -22.64
C ILE E 1223 -6.76 13.65 -21.52
N ILE E 1224 -6.35 13.94 -20.29
CA ILE E 1224 -7.27 13.91 -19.16
C ILE E 1224 -8.13 15.18 -19.12
N VAL E 1225 -7.52 16.33 -19.44
CA VAL E 1225 -8.25 17.60 -19.35
C VAL E 1225 -9.42 17.61 -20.33
N ARG E 1226 -9.22 17.04 -21.54
CA ARG E 1226 -10.31 17.00 -22.50
C ARG E 1226 -11.46 16.14 -21.97
N GLN E 1227 -11.14 14.96 -21.42
CA GLN E 1227 -12.17 14.11 -20.85
C GLN E 1227 -12.88 14.78 -19.68
N ILE E 1228 -12.19 15.71 -19.00
CA ILE E 1228 -12.81 16.43 -17.91
C ILE E 1228 -13.90 17.37 -18.42
N THR E 1229 -13.64 18.07 -19.51
CA THR E 1229 -14.56 19.10 -19.98
C THR E 1229 -15.02 18.86 -21.42
N SER E 1230 -15.41 17.63 -21.74
CA SER E 1230 -15.90 17.29 -23.06
C SER E 1230 -17.42 17.22 -23.16
N LYS E 1231 -18.13 17.32 -22.04
CA LYS E 1231 -19.57 17.19 -22.01
C LYS E 1231 -20.22 18.52 -21.66
N VAL E 1232 -21.42 18.73 -22.20
CA VAL E 1232 -22.20 19.94 -21.96
C VAL E 1232 -23.50 19.53 -21.29
N LEU E 1233 -24.11 20.50 -20.59
CA LEU E 1233 -25.33 20.26 -19.83
C LEU E 1233 -26.43 21.16 -20.36
N VAL E 1234 -27.56 20.57 -20.72
CA VAL E 1234 -28.70 21.30 -21.25
C VAL E 1234 -29.46 21.96 -20.11
N SER E 1235 -29.90 23.19 -20.33
CA SER E 1235 -30.60 23.94 -19.30
C SER E 1235 -31.98 23.32 -19.03
N GLU E 1236 -32.58 23.75 -17.91
CA GLU E 1236 -33.82 23.16 -17.43
C GLU E 1236 -35.05 23.95 -17.86
N ASP E 1237 -34.95 24.73 -18.93
CA ASP E 1237 -36.08 25.50 -19.42
C ASP E 1237 -36.53 25.12 -20.82
N GLY E 1238 -35.75 24.34 -21.56
CA GLY E 1238 -36.14 23.93 -22.89
C GLY E 1238 -36.34 22.43 -23.00
N MET E 1239 -37.55 22.01 -23.35
CA MET E 1239 -37.89 20.59 -23.48
C MET E 1239 -38.53 20.34 -24.82
N SER E 1240 -38.10 19.27 -25.49
CA SER E 1240 -38.68 18.86 -26.76
C SER E 1240 -38.64 17.34 -26.84
N ASN E 1241 -39.08 16.81 -27.98
CA ASN E 1241 -39.06 15.37 -28.19
C ASN E 1241 -37.68 14.83 -28.50
N VAL E 1242 -36.69 15.70 -28.68
CA VAL E 1242 -35.33 15.27 -28.97
C VAL E 1242 -34.50 15.10 -27.69
N PHE E 1243 -34.51 16.11 -26.82
CA PHE E 1243 -33.73 16.08 -25.60
C PHE E 1243 -34.58 16.51 -24.41
N SER E 1244 -34.18 16.06 -23.23
CA SER E 1244 -34.84 16.39 -21.98
C SER E 1244 -34.13 17.56 -21.30
N PRO E 1245 -34.83 18.28 -20.42
CA PRO E 1245 -34.18 19.42 -19.76
C PRO E 1245 -32.95 19.04 -18.95
N GLY E 1246 -32.95 17.87 -18.31
CA GLY E 1246 -31.78 17.42 -17.59
C GLY E 1246 -31.05 16.30 -18.30
N GLU E 1247 -29.96 16.64 -18.98
CA GLU E 1247 -29.18 15.66 -19.74
C GLU E 1247 -27.72 16.10 -19.78
N LEU E 1248 -26.84 15.13 -19.99
CA LEU E 1248 -25.42 15.37 -20.19
C LEU E 1248 -25.05 14.82 -21.57
N ILE E 1249 -25.01 15.70 -22.56
CA ILE E 1249 -24.70 15.31 -23.92
C ILE E 1249 -23.30 15.82 -24.28
N GLY E 1250 -22.71 15.18 -25.29
CA GLY E 1250 -21.39 15.57 -25.73
C GLY E 1250 -21.38 16.96 -26.35
N LEU E 1251 -20.20 17.56 -26.34
CA LEU E 1251 -20.05 18.92 -26.88
C LEU E 1251 -20.21 18.94 -28.39
N LEU E 1252 -19.52 18.03 -29.09
CA LEU E 1252 -19.60 17.99 -30.55
C LEU E 1252 -21.01 17.62 -31.00
N ARG E 1253 -21.64 16.66 -30.33
CA ARG E 1253 -23.02 16.30 -30.66
C ARG E 1253 -23.95 17.48 -30.47
N ALA E 1254 -23.77 18.24 -29.37
CA ALA E 1254 -24.62 19.40 -29.12
C ALA E 1254 -24.43 20.46 -30.18
N GLU E 1255 -23.18 20.73 -30.56
CA GLU E 1255 -22.91 21.73 -31.58
C GLU E 1255 -23.50 21.33 -32.93
N ARG E 1256 -23.36 20.04 -33.29
CA ARG E 1256 -23.90 19.60 -34.57
C ARG E 1256 -25.43 19.61 -34.56
N MET E 1257 -26.05 19.29 -33.43
CA MET E 1257 -27.50 19.39 -33.34
C MET E 1257 -27.97 20.83 -33.42
N GLY E 1258 -27.21 21.75 -32.83
CA GLY E 1258 -27.54 23.16 -32.96
C GLY E 1258 -27.41 23.66 -34.38
N ARG E 1259 -26.40 23.19 -35.10
CA ARG E 1259 -26.27 23.54 -36.51
C ARG E 1259 -27.33 22.87 -37.36
N ALA E 1260 -27.89 21.76 -36.89
CA ALA E 1260 -28.88 21.02 -37.65
C ALA E 1260 -30.31 21.42 -37.28
N LEU E 1261 -30.68 21.24 -36.01
CA LEU E 1261 -32.04 21.50 -35.56
C LEU E 1261 -32.24 22.99 -35.29
N GLU E 1262 -33.44 23.48 -35.62
CA GLU E 1262 -33.80 24.86 -35.35
C GLU E 1262 -34.49 25.04 -34.01
N GLU E 1263 -35.04 23.97 -33.44
CA GLU E 1263 -35.70 24.05 -32.14
C GLU E 1263 -34.74 24.60 -31.10
N ALA E 1264 -35.27 25.41 -30.18
CA ALA E 1264 -34.46 26.08 -29.18
C ALA E 1264 -33.74 25.08 -28.28
N ILE E 1265 -32.42 24.99 -28.42
CA ILE E 1265 -31.59 24.11 -27.61
C ILE E 1265 -30.57 24.97 -26.88
N CYS E 1266 -30.62 24.93 -25.55
CA CYS E 1266 -29.74 25.74 -24.70
C CYS E 1266 -28.91 24.81 -23.84
N TYR E 1267 -27.59 24.98 -23.90
CA TYR E 1267 -26.66 24.14 -23.17
C TYR E 1267 -25.53 24.99 -22.60
N ARG E 1268 -25.07 24.63 -21.41
CA ARG E 1268 -23.99 25.33 -20.73
C ARG E 1268 -22.89 24.35 -20.39
N VAL E 1269 -21.64 24.77 -20.58
CA VAL E 1269 -20.50 23.90 -20.38
C VAL E 1269 -20.40 23.54 -18.90
N VAL E 1270 -20.39 22.24 -18.61
CA VAL E 1270 -20.24 21.73 -17.26
C VAL E 1270 -18.87 21.09 -17.13
N LEU E 1271 -18.14 21.47 -16.08
CA LEU E 1271 -16.81 20.91 -15.82
C LEU E 1271 -16.97 19.69 -14.93
N LEU E 1272 -16.88 18.51 -15.54
CA LEU E 1272 -16.99 17.27 -14.78
C LEU E 1272 -15.75 17.07 -13.92
N GLY E 1273 -15.74 15.98 -13.16
CA GLY E 1273 -14.64 15.66 -12.27
C GLY E 1273 -14.03 14.30 -12.61
N ILE E 1274 -12.98 13.97 -11.86
CA ILE E 1274 -12.31 12.69 -12.04
C ILE E 1274 -13.27 11.54 -11.78
N THR E 1275 -14.10 11.68 -10.74
CA THR E 1275 -15.06 10.62 -10.39
C THR E 1275 -16.37 10.77 -11.13
N ARG E 1276 -16.84 11.99 -11.34
CA ARG E 1276 -18.15 12.19 -11.95
C ARG E 1276 -18.14 11.85 -13.43
N ALA E 1277 -17.04 12.16 -14.13
CA ALA E 1277 -16.98 11.86 -15.56
C ALA E 1277 -16.87 10.36 -15.83
N SER E 1278 -16.30 9.61 -14.89
CA SER E 1278 -16.19 8.16 -15.06
C SER E 1278 -17.51 7.45 -14.81
N LEU E 1279 -18.40 8.06 -14.01
CA LEU E 1279 -19.70 7.45 -13.73
C LEU E 1279 -20.69 7.62 -14.86
N ASN E 1280 -20.35 8.39 -15.90
CA ASN E 1280 -21.22 8.61 -17.05
C ASN E 1280 -20.45 8.22 -18.30
N THR E 1281 -20.50 6.93 -18.66
CA THR E 1281 -19.78 6.40 -19.80
C THR E 1281 -20.74 5.51 -20.61
N GLN E 1282 -20.26 5.09 -21.78
CA GLN E 1282 -21.05 4.25 -22.67
C GLN E 1282 -21.03 2.77 -22.27
N SER E 1283 -20.35 2.42 -21.19
CA SER E 1283 -20.28 1.05 -20.72
C SER E 1283 -20.61 1.00 -19.23
N PHE E 1284 -21.24 -0.09 -18.81
CA PHE E 1284 -21.64 -0.28 -17.42
C PHE E 1284 -20.90 -1.42 -16.74
N ILE E 1285 -20.14 -2.23 -17.48
CA ILE E 1285 -19.52 -3.41 -16.90
C ILE E 1285 -18.35 -3.01 -16.00
N SER E 1286 -17.42 -2.23 -16.54
CA SER E 1286 -16.17 -1.92 -15.85
C SER E 1286 -16.03 -0.45 -15.50
N GLU E 1287 -16.17 0.44 -16.48
CA GLU E 1287 -15.92 1.86 -16.24
C GLU E 1287 -17.01 2.51 -15.40
N ALA E 1288 -18.19 1.89 -15.30
CA ALA E 1288 -19.25 2.42 -14.46
C ALA E 1288 -19.44 1.63 -13.16
N SER E 1289 -19.20 0.33 -13.19
CA SER E 1289 -19.36 -0.51 -12.00
C SER E 1289 -18.01 -0.70 -11.30
N PHE E 1290 -17.50 0.40 -10.76
CA PHE E 1290 -16.24 0.35 -10.01
C PHE E 1290 -16.37 1.07 -8.68
N GLN E 1291 -17.28 2.04 -8.59
CA GLN E 1291 -17.44 2.86 -7.41
C GLN E 1291 -18.75 2.61 -6.68
N GLU E 1292 -19.88 2.65 -7.38
CA GLU E 1292 -21.17 2.46 -6.76
C GLU E 1292 -21.60 0.99 -6.77
N THR E 1293 -21.58 0.36 -7.95
CA THR E 1293 -21.87 -1.07 -8.17
C THR E 1293 -23.29 -1.43 -7.75
N ALA E 1294 -24.06 -0.45 -7.29
CA ALA E 1294 -25.44 -0.67 -6.84
C ALA E 1294 -26.46 -0.03 -7.76
N ARG E 1295 -26.34 1.27 -8.00
CA ARG E 1295 -27.28 1.97 -8.88
C ARG E 1295 -26.85 1.94 -10.34
N VAL E 1296 -25.55 1.82 -10.60
CA VAL E 1296 -25.09 1.74 -11.98
C VAL E 1296 -25.56 0.46 -12.64
N LEU E 1297 -25.80 -0.59 -11.85
CA LEU E 1297 -26.42 -1.80 -12.36
C LEU E 1297 -27.93 -1.73 -12.37
N ALA E 1298 -28.53 -1.06 -11.37
CA ALA E 1298 -29.98 -0.94 -11.32
C ALA E 1298 -30.52 -0.16 -12.51
N LYS E 1299 -29.97 1.03 -12.77
CA LYS E 1299 -30.42 1.84 -13.89
C LYS E 1299 -30.13 1.15 -15.22
N ALA E 1300 -29.02 0.44 -15.32
CA ALA E 1300 -28.69 -0.26 -16.56
C ALA E 1300 -29.68 -1.39 -16.82
N ALA E 1301 -30.03 -2.16 -15.80
CA ALA E 1301 -31.01 -3.23 -15.97
C ALA E 1301 -32.40 -2.67 -16.22
N LEU E 1302 -32.70 -1.47 -15.69
CA LEU E 1302 -34.00 -0.88 -15.93
C LEU E 1302 -34.12 -0.36 -17.36
N ARG E 1303 -33.05 0.24 -17.89
CA ARG E 1303 -33.06 0.73 -19.26
C ARG E 1303 -32.83 -0.38 -20.28
N GLY E 1304 -32.26 -1.51 -19.87
CA GLY E 1304 -31.91 -2.56 -20.80
C GLY E 1304 -30.77 -2.15 -21.70
N ARG E 1305 -29.72 -1.60 -21.11
CA ARG E 1305 -28.61 -1.05 -21.88
C ARG E 1305 -27.85 -2.16 -22.61
N ILE E 1306 -27.54 -1.91 -23.87
CA ILE E 1306 -26.70 -2.80 -24.68
C ILE E 1306 -25.31 -2.19 -24.71
N ASP E 1307 -24.33 -2.91 -24.17
CA ASP E 1307 -22.97 -2.43 -24.06
C ASP E 1307 -22.11 -3.13 -25.11
N TRP E 1308 -21.46 -2.33 -25.95
CA TRP E 1308 -20.52 -2.85 -26.94
C TRP E 1308 -19.13 -2.82 -26.35
N LEU E 1309 -18.45 -3.98 -26.36
CA LEU E 1309 -17.16 -4.14 -25.70
C LEU E 1309 -16.09 -3.44 -26.52
N LYS E 1310 -16.04 -2.11 -26.39
CA LYS E 1310 -15.05 -1.28 -27.05
C LYS E 1310 -14.00 -0.74 -26.08
N GLY E 1311 -13.98 -1.25 -24.85
CA GLY E 1311 -13.02 -0.82 -23.86
C GLY E 1311 -12.00 -1.91 -23.54
N LEU E 1312 -11.15 -1.58 -22.55
CA LEU E 1312 -10.10 -2.49 -22.12
C LEU E 1312 -10.54 -3.32 -20.91
N LYS E 1313 -10.90 -2.63 -19.82
CA LYS E 1313 -11.30 -3.34 -18.61
C LYS E 1313 -12.59 -4.15 -18.81
N GLU E 1314 -13.43 -3.75 -19.76
CA GLU E 1314 -14.61 -4.57 -20.09
C GLU E 1314 -14.18 -5.97 -20.55
N ASN E 1315 -13.26 -6.03 -21.50
CA ASN E 1315 -12.78 -7.33 -21.97
C ASN E 1315 -11.90 -8.01 -20.94
N VAL E 1316 -11.26 -7.25 -20.05
CA VAL E 1316 -10.50 -7.85 -18.95
C VAL E 1316 -11.43 -8.60 -18.02
N VAL E 1317 -12.55 -7.97 -17.65
CA VAL E 1317 -13.52 -8.62 -16.78
C VAL E 1317 -14.20 -9.78 -17.52
N LEU E 1318 -14.46 -9.61 -18.81
CA LEU E 1318 -15.04 -10.69 -19.60
C LEU E 1318 -14.08 -11.87 -19.70
N GLY E 1319 -12.84 -11.61 -20.10
CA GLY E 1319 -11.84 -12.65 -20.25
C GLY E 1319 -11.30 -12.81 -21.66
N GLY E 1320 -11.78 -12.05 -22.64
CA GLY E 1320 -11.31 -12.17 -24.00
C GLY E 1320 -10.04 -11.37 -24.24
N VAL E 1321 -9.66 -11.28 -25.51
CA VAL E 1321 -8.47 -10.56 -25.90
C VAL E 1321 -8.74 -9.06 -25.88
N ILE E 1322 -7.83 -8.30 -25.31
CA ILE E 1322 -8.00 -6.85 -25.20
C ILE E 1322 -7.65 -6.22 -26.54
N PRO E 1323 -8.50 -5.33 -27.07
CA PRO E 1323 -8.23 -4.70 -28.39
C PRO E 1323 -7.17 -3.60 -28.31
N VAL E 1324 -6.01 -3.95 -27.78
CA VAL E 1324 -4.89 -3.03 -27.66
C VAL E 1324 -3.60 -3.77 -28.01
N GLY E 1325 -2.85 -3.21 -28.96
CA GLY E 1325 -1.59 -3.82 -29.36
C GLY E 1325 -1.77 -4.99 -30.30
N THR E 1326 -1.32 -6.17 -29.87
CA THR E 1326 -1.44 -7.35 -30.72
C THR E 1326 -2.88 -7.76 -30.92
N GLY E 1327 -3.77 -7.43 -29.98
CA GLY E 1327 -5.17 -7.76 -30.13
C GLY E 1327 -5.91 -6.85 -31.08
N PHE E 1328 -5.44 -5.61 -31.23
CA PHE E 1328 -6.07 -4.65 -32.14
C PHE E 1328 -5.89 -5.12 -33.58
N LYS E 1329 -6.96 -5.60 -34.20
CA LYS E 1329 -6.92 -6.08 -35.57
C LYS E 1329 -7.37 -4.99 -36.52
N GLY E 1330 -7.30 -5.28 -37.82
CA GLY E 1330 -7.70 -4.34 -38.84
C GLY E 1330 -6.56 -3.90 -39.74
N GLY F 64 6.57 -27.56 -100.70
CA GLY F 64 6.13 -27.06 -101.98
C GLY F 64 4.61 -27.00 -102.11
N THR F 65 4.02 -28.08 -102.62
CA THR F 65 2.58 -28.16 -102.80
C THR F 65 1.84 -28.52 -101.52
N GLU F 66 2.56 -28.90 -100.46
CA GLU F 66 1.91 -29.27 -99.21
C GLU F 66 1.09 -28.11 -98.64
N LYS F 67 1.72 -26.93 -98.49
CA LYS F 67 0.99 -25.76 -98.04
C LYS F 67 -0.07 -25.34 -99.05
N VAL F 68 0.20 -25.55 -100.34
CA VAL F 68 -0.75 -25.18 -101.38
C VAL F 68 -2.06 -25.95 -101.21
N LEU F 69 -1.96 -27.24 -100.88
CA LEU F 69 -3.18 -28.03 -100.69
C LEU F 69 -3.76 -27.84 -99.29
N ARG F 70 -2.92 -27.58 -98.28
CA ARG F 70 -3.45 -27.30 -96.96
C ARG F 70 -4.26 -26.01 -96.94
N LEU F 71 -3.90 -25.05 -97.80
CA LEU F 71 -4.67 -23.81 -97.89
C LEU F 71 -6.12 -24.09 -98.27
N VAL F 72 -6.33 -24.86 -99.34
CA VAL F 72 -7.69 -25.17 -99.76
C VAL F 72 -8.34 -26.20 -98.84
N PHE F 73 -7.55 -26.98 -98.11
CA PHE F 73 -8.13 -27.88 -97.12
C PHE F 73 -8.72 -27.11 -95.94
N MET F 74 -8.05 -26.05 -95.52
CA MET F 74 -8.49 -25.29 -94.35
C MET F 74 -9.46 -24.17 -94.68
N GLU F 75 -9.39 -23.60 -95.89
CA GLU F 75 -10.24 -22.46 -96.23
C GLU F 75 -11.71 -22.84 -96.21
N GLU F 76 -12.08 -23.89 -96.95
CA GLU F 76 -13.47 -24.32 -96.98
C GLU F 76 -13.90 -24.89 -95.64
N LEU F 77 -12.98 -25.49 -94.88
CA LEU F 77 -13.30 -25.96 -93.53
C LEU F 77 -13.74 -24.79 -92.65
N MET F 78 -12.95 -23.72 -92.63
CA MET F 78 -13.32 -22.54 -91.85
C MET F 78 -14.58 -21.89 -92.38
N GLU F 79 -14.77 -21.89 -93.70
CA GLU F 79 -15.97 -21.28 -94.27
C GLU F 79 -17.23 -22.06 -93.86
N ARG F 80 -17.13 -23.39 -93.79
CA ARG F 80 -18.24 -24.20 -93.33
C ARG F 80 -18.45 -24.07 -91.83
N ALA F 81 -17.37 -23.88 -91.07
CA ALA F 81 -17.49 -23.69 -89.63
C ALA F 81 -18.03 -22.30 -89.28
N ARG F 82 -17.95 -21.35 -90.21
CA ARG F 82 -18.42 -20.00 -89.93
C ARG F 82 -19.94 -19.97 -89.74
N ASN F 83 -20.68 -20.63 -90.62
CA ASN F 83 -22.13 -20.64 -90.58
C ASN F 83 -22.70 -21.72 -89.66
N ALA F 84 -21.90 -22.23 -88.73
CA ALA F 84 -22.33 -23.21 -87.73
C ALA F 84 -22.87 -24.47 -88.40
N ASP F 85 -21.98 -25.16 -89.11
CA ASP F 85 -22.29 -26.43 -89.77
C ASP F 85 -21.25 -27.45 -89.33
N SER F 86 -21.69 -28.46 -88.57
CA SER F 86 -20.77 -29.46 -88.03
C SER F 86 -20.54 -30.62 -88.98
N LYS F 87 -21.57 -31.02 -89.73
CA LYS F 87 -21.43 -32.16 -90.64
C LYS F 87 -20.43 -31.86 -91.74
N GLY F 88 -20.44 -30.63 -92.25
CA GLY F 88 -19.48 -30.26 -93.27
C GLY F 88 -18.05 -30.30 -92.77
N VAL F 89 -17.81 -29.79 -91.57
CA VAL F 89 -16.46 -29.83 -91.01
C VAL F 89 -16.05 -31.27 -90.74
N SER F 90 -16.98 -32.11 -90.30
CA SER F 90 -16.65 -33.51 -90.07
C SER F 90 -16.27 -34.23 -91.36
N GLN F 91 -17.03 -34.01 -92.43
CA GLN F 91 -16.70 -34.66 -93.69
C GLN F 91 -15.41 -34.10 -94.29
N VAL F 92 -15.13 -32.81 -94.07
CA VAL F 92 -13.86 -32.26 -94.54
C VAL F 92 -12.70 -32.86 -93.77
N ILE F 93 -12.86 -33.07 -92.46
CA ILE F 93 -11.82 -33.72 -91.66
C ILE F 93 -11.59 -35.14 -92.15
N TYR F 94 -12.67 -35.87 -92.44
CA TYR F 94 -12.52 -37.23 -92.95
C TYR F 94 -11.82 -37.23 -94.30
N ASP F 95 -12.16 -36.29 -95.18
CA ASP F 95 -11.52 -36.23 -96.48
C ASP F 95 -10.04 -35.90 -96.36
N MET F 96 -9.69 -34.98 -95.46
CA MET F 96 -8.29 -34.60 -95.33
C MET F 96 -7.45 -35.65 -94.63
N ILE F 97 -8.05 -36.44 -93.72
CA ILE F 97 -7.30 -37.54 -93.13
C ILE F 97 -7.22 -38.73 -94.07
N ALA F 98 -8.15 -38.83 -95.02
CA ALA F 98 -8.03 -39.85 -96.06
C ALA F 98 -6.97 -39.49 -97.09
N ALA F 99 -6.64 -38.20 -97.24
CA ALA F 99 -5.65 -37.76 -98.20
C ALA F 99 -4.22 -37.95 -97.72
N GLY F 100 -4.01 -38.45 -96.51
CA GLY F 100 -2.70 -38.73 -95.99
C GLY F 100 -2.19 -37.75 -94.95
N LEU F 101 -2.69 -36.52 -94.96
CA LEU F 101 -2.21 -35.51 -94.03
C LEU F 101 -2.88 -35.68 -92.68
N SER F 102 -2.08 -35.76 -91.62
CA SER F 102 -2.64 -35.87 -90.28
C SER F 102 -3.30 -34.56 -89.89
N PRO F 103 -4.42 -34.61 -89.15
CA PRO F 103 -5.08 -33.37 -88.75
C PRO F 103 -4.29 -32.61 -87.72
N GLY F 104 -4.40 -31.28 -87.77
CA GLY F 104 -3.70 -30.42 -86.86
C GLY F 104 -4.63 -29.73 -85.89
N PRO F 105 -4.07 -28.93 -84.98
CA PRO F 105 -4.93 -28.24 -84.00
C PRO F 105 -5.78 -27.14 -84.64
N ARG F 106 -5.24 -26.45 -85.65
CA ARG F 106 -6.01 -25.42 -86.33
C ARG F 106 -7.26 -26.01 -87.01
N SER F 107 -7.14 -27.23 -87.54
CA SER F 107 -8.28 -27.86 -88.19
C SER F 107 -9.33 -28.28 -87.17
N PHE F 108 -8.90 -28.87 -86.05
CA PHE F 108 -9.84 -29.27 -85.01
C PHE F 108 -10.47 -28.07 -84.31
N HIS F 109 -9.83 -26.91 -84.37
CA HIS F 109 -10.43 -25.71 -83.81
C HIS F 109 -11.77 -25.40 -84.48
N GLY F 110 -11.84 -25.57 -85.80
CA GLY F 110 -13.09 -25.35 -86.49
C GLY F 110 -14.15 -26.36 -86.11
N PHE F 111 -13.75 -27.63 -85.97
CA PHE F 111 -14.70 -28.66 -85.57
C PHE F 111 -15.22 -28.43 -84.16
N VAL F 112 -14.40 -27.84 -83.29
CA VAL F 112 -14.86 -27.53 -81.94
C VAL F 112 -15.80 -26.32 -81.96
N VAL F 113 -15.42 -25.27 -82.70
CA VAL F 113 -16.22 -24.06 -82.72
C VAL F 113 -17.55 -24.29 -83.45
N SER F 114 -17.62 -25.28 -84.34
CA SER F 114 -18.90 -25.60 -84.98
C SER F 114 -19.92 -26.07 -83.94
N HIS F 115 -19.49 -26.89 -82.98
CA HIS F 115 -20.37 -27.30 -81.90
C HIS F 115 -20.56 -26.19 -80.87
N VAL F 116 -19.54 -25.35 -80.68
CA VAL F 116 -19.65 -24.27 -79.70
C VAL F 116 -20.70 -23.25 -80.15
N LEU F 117 -20.72 -22.92 -81.43
CA LEU F 117 -21.68 -21.93 -81.92
C LEU F 117 -23.11 -22.45 -81.86
N ASN F 118 -23.30 -23.77 -81.89
CA ASN F 118 -24.61 -24.40 -81.83
C ASN F 118 -24.92 -24.93 -80.44
N ARG F 119 -24.41 -24.27 -79.39
CA ARG F 119 -24.60 -24.62 -77.98
C ARG F 119 -24.57 -26.13 -77.74
N ASP F 120 -23.62 -26.82 -78.38
CA ASP F 120 -23.47 -28.27 -78.25
C ASP F 120 -22.31 -28.56 -77.32
N ASN F 121 -22.61 -29.02 -76.10
CA ASN F 121 -21.58 -29.32 -75.13
C ASN F 121 -21.04 -30.73 -75.27
N ASP F 122 -21.93 -31.71 -75.50
CA ASP F 122 -21.47 -33.09 -75.68
C ASP F 122 -20.65 -33.25 -76.95
N GLY F 123 -21.07 -32.61 -78.04
CA GLY F 123 -20.27 -32.64 -79.25
C GLY F 123 -18.93 -31.97 -79.07
N ALA F 124 -18.89 -30.89 -78.30
CA ALA F 124 -17.63 -30.21 -78.03
C ALA F 124 -16.70 -31.09 -77.20
N MET F 125 -17.24 -31.77 -76.18
CA MET F 125 -16.43 -32.69 -75.40
C MET F 125 -15.92 -33.85 -76.26
N HIS F 126 -16.76 -34.35 -77.17
CA HIS F 126 -16.33 -35.42 -78.06
C HIS F 126 -15.21 -34.94 -78.98
N ALA F 127 -15.32 -33.72 -79.50
CA ALA F 127 -14.27 -33.17 -80.34
C ALA F 127 -12.97 -32.99 -79.55
N LEU F 128 -13.08 -32.54 -78.29
CA LEU F 128 -11.90 -32.39 -77.46
C LEU F 128 -11.22 -33.73 -77.22
N ARG F 129 -12.01 -34.77 -76.92
CA ARG F 129 -11.44 -36.09 -76.73
C ARG F 129 -10.82 -36.63 -78.02
N ARG F 130 -11.44 -36.33 -79.16
CA ARG F 130 -10.87 -36.73 -80.45
C ARG F 130 -9.52 -36.08 -80.67
N GLU F 131 -9.43 -34.77 -80.40
CA GLU F 131 -8.16 -34.06 -80.59
C GLU F 131 -7.10 -34.55 -79.62
N LEU F 132 -7.50 -34.87 -78.39
CA LEU F 132 -6.52 -35.29 -77.38
C LEU F 132 -6.07 -36.72 -77.60
N SER F 133 -6.90 -37.56 -78.23
CA SER F 133 -6.56 -38.97 -78.40
C SER F 133 -5.33 -39.17 -79.29
N GLU F 134 -5.16 -38.32 -80.30
CA GLU F 134 -4.03 -38.45 -81.22
C GLU F 134 -2.73 -37.88 -80.68
N GLY F 135 -2.66 -37.62 -79.38
CA GLY F 135 -1.44 -37.09 -78.79
C GLY F 135 -1.08 -35.69 -79.24
N LEU F 136 -2.07 -34.80 -79.33
CA LEU F 136 -1.85 -33.42 -79.73
C LEU F 136 -2.55 -32.51 -78.74
N ARG F 137 -1.80 -31.59 -78.16
CA ARG F 137 -2.36 -30.67 -77.17
C ARG F 137 -3.19 -29.60 -77.86
N PRO F 138 -4.41 -29.35 -77.40
CA PRO F 138 -5.25 -28.34 -78.06
C PRO F 138 -4.70 -26.93 -77.85
N LEU F 139 -5.24 -26.01 -78.64
CA LEU F 139 -4.82 -24.61 -78.57
C LEU F 139 -5.52 -23.90 -77.42
N HIS F 140 -5.14 -22.64 -77.21
CA HIS F 140 -5.72 -21.85 -76.14
C HIS F 140 -7.13 -21.38 -76.49
N GLU F 141 -7.38 -21.07 -77.76
CA GLU F 141 -8.68 -20.56 -78.16
C GLU F 141 -9.76 -21.63 -78.01
N THR F 142 -9.42 -22.88 -78.31
CA THR F 142 -10.38 -23.97 -78.16
C THR F 142 -10.79 -24.13 -76.69
N PHE F 143 -9.80 -24.15 -75.79
CA PHE F 143 -10.11 -24.26 -74.37
C PHE F 143 -10.89 -23.05 -73.88
N LEU F 144 -10.57 -21.87 -74.39
CA LEU F 144 -11.31 -20.67 -73.99
C LEU F 144 -12.76 -20.76 -74.43
N ALA F 145 -13.01 -21.23 -75.66
CA ALA F 145 -14.38 -21.40 -76.13
C ALA F 145 -15.12 -22.45 -75.32
N LEU F 146 -14.44 -23.54 -74.96
CA LEU F 146 -15.06 -24.56 -74.13
C LEU F 146 -15.45 -24.01 -72.76
N VAL F 147 -14.54 -23.23 -72.15
CA VAL F 147 -14.84 -22.65 -70.85
C VAL F 147 -15.99 -21.67 -70.95
N ARG F 148 -16.03 -20.87 -72.01
CA ARG F 148 -17.13 -19.92 -72.20
C ARG F 148 -18.45 -20.65 -72.38
N LEU F 149 -18.46 -21.74 -73.15
CA LEU F 149 -19.69 -22.50 -73.34
C LEU F 149 -20.16 -23.16 -72.07
N PHE F 150 -19.23 -23.70 -71.27
CA PHE F 150 -19.61 -24.32 -70.01
C PHE F 150 -20.09 -23.28 -69.00
N GLY F 151 -19.55 -22.06 -69.05
CA GLY F 151 -20.01 -21.02 -68.16
C GLY F 151 -21.35 -20.43 -68.57
N ALA F 152 -21.64 -20.36 -69.86
CA ALA F 152 -22.91 -19.83 -70.31
C ALA F 152 -24.06 -20.77 -69.94
N LYS F 153 -23.81 -22.08 -69.98
CA LYS F 153 -24.83 -23.07 -69.64
C LYS F 153 -25.00 -23.26 -68.15
N GLY F 154 -24.22 -22.58 -67.32
CA GLY F 154 -24.29 -22.74 -65.89
C GLY F 154 -23.54 -23.94 -65.34
N LEU F 155 -22.96 -24.77 -66.20
CA LEU F 155 -22.22 -25.95 -65.76
C LEU F 155 -20.87 -25.50 -65.20
N ALA F 156 -20.89 -25.13 -63.92
CA ALA F 156 -19.67 -24.65 -63.28
C ALA F 156 -18.71 -25.79 -62.96
N THR F 157 -19.25 -26.93 -62.54
CA THR F 157 -18.40 -28.06 -62.18
C THR F 157 -17.66 -28.63 -63.38
N ARG F 158 -18.16 -28.42 -64.59
CA ARG F 158 -17.48 -28.90 -65.79
C ARG F 158 -16.46 -27.91 -66.33
N GLY F 159 -16.30 -26.75 -65.70
CA GLY F 159 -15.29 -25.80 -66.10
C GLY F 159 -14.00 -25.95 -65.33
N LEU F 160 -14.11 -26.41 -64.08
CA LEU F 160 -12.91 -26.61 -63.27
C LEU F 160 -12.05 -27.73 -63.83
N GLU F 161 -12.67 -28.78 -64.39
CA GLU F 161 -11.90 -29.85 -65.01
C GLU F 161 -11.17 -29.35 -66.26
N ILE F 162 -11.81 -28.47 -67.03
CA ILE F 162 -11.14 -27.89 -68.19
C ILE F 162 -9.98 -26.99 -67.76
N LEU F 163 -10.18 -26.24 -66.68
CA LEU F 163 -9.09 -25.41 -66.15
C LEU F 163 -7.93 -26.29 -65.68
N ALA F 164 -8.22 -27.42 -65.05
CA ALA F 164 -7.16 -28.32 -64.63
C ALA F 164 -6.45 -28.94 -65.83
N ALA F 165 -7.21 -29.24 -66.89
CA ALA F 165 -6.58 -29.76 -68.11
C ALA F 165 -5.68 -28.72 -68.75
N MET F 166 -6.08 -27.44 -68.71
CA MET F 166 -5.21 -26.38 -69.21
C MET F 166 -3.98 -26.24 -68.32
N GLU F 167 -4.14 -26.41 -67.01
CA GLU F 167 -3.00 -26.28 -66.11
C GLU F 167 -1.99 -27.40 -66.32
N LYS F 168 -2.46 -28.63 -66.54
CA LYS F 168 -1.54 -29.74 -66.75
C LYS F 168 -0.83 -29.65 -68.09
N LEU F 169 -1.34 -28.83 -69.02
CA LEU F 169 -0.68 -28.60 -70.30
C LEU F 169 0.23 -27.39 -70.28
N LYS F 170 0.64 -26.92 -69.10
CA LYS F 170 1.57 -25.81 -68.94
C LYS F 170 1.04 -24.51 -69.54
N TYR F 171 -0.27 -24.35 -69.55
CA TYR F 171 -0.88 -23.10 -69.99
C TYR F 171 -1.01 -22.13 -68.82
N ASP F 172 -1.67 -21.00 -69.07
CA ASP F 172 -2.03 -20.03 -68.04
C ASP F 172 -3.54 -20.02 -67.89
N ILE F 173 -4.01 -20.10 -66.65
CA ILE F 173 -5.44 -20.25 -66.39
C ILE F 173 -6.01 -18.97 -65.79
N ARG F 174 -5.39 -17.83 -66.09
CA ARG F 174 -5.90 -16.57 -65.56
C ARG F 174 -7.06 -16.04 -66.40
N GLN F 175 -6.81 -15.81 -67.69
CA GLN F 175 -7.86 -15.28 -68.57
C GLN F 175 -9.02 -16.25 -68.70
N ALA F 176 -8.73 -17.55 -68.72
CA ALA F 176 -9.81 -18.53 -68.78
C ALA F 176 -10.67 -18.49 -67.52
N TRP F 177 -10.03 -18.33 -66.36
CA TRP F 177 -10.79 -18.22 -65.11
C TRP F 177 -11.64 -16.95 -65.08
N LEU F 178 -11.09 -15.85 -65.60
CA LEU F 178 -11.87 -14.61 -65.65
C LEU F 178 -13.06 -14.75 -66.59
N VAL F 179 -12.86 -15.37 -67.76
CA VAL F 179 -13.97 -15.59 -68.68
C VAL F 179 -15.02 -16.49 -68.04
N LEU F 180 -14.58 -17.51 -67.30
CA LEU F 180 -15.51 -18.41 -66.64
C LEU F 180 -16.37 -17.66 -65.63
N VAL F 181 -15.73 -16.86 -64.76
CA VAL F 181 -16.51 -16.17 -63.73
C VAL F 181 -17.42 -15.13 -64.35
N GLU F 182 -16.96 -14.45 -65.41
CA GLU F 182 -17.81 -13.45 -66.05
C GLU F 182 -19.02 -14.09 -66.72
N GLU F 183 -18.82 -15.22 -67.41
CA GLU F 183 -19.95 -15.89 -68.05
C GLU F 183 -20.89 -16.52 -67.03
N LEU F 184 -20.37 -16.96 -65.89
CA LEU F 184 -21.24 -17.47 -64.83
C LEU F 184 -22.08 -16.34 -64.24
N VAL F 185 -21.49 -15.15 -64.08
CA VAL F 185 -22.25 -14.03 -63.55
C VAL F 185 -23.31 -13.58 -64.55
N ARG F 186 -22.95 -13.50 -65.83
CA ARG F 186 -23.89 -13.02 -66.84
C ARG F 186 -25.01 -14.02 -67.12
N SER F 187 -24.83 -15.28 -66.76
CA SER F 187 -25.83 -16.32 -67.01
C SER F 187 -26.74 -16.56 -65.81
N ASN F 188 -26.83 -15.59 -64.90
CA ASN F 188 -27.68 -15.69 -63.70
C ASN F 188 -27.28 -16.88 -62.85
N HIS F 189 -25.98 -17.04 -62.63
CA HIS F 189 -25.42 -18.08 -61.76
C HIS F 189 -24.43 -17.39 -60.84
N LEU F 190 -24.90 -16.95 -59.67
CA LEU F 190 -24.09 -16.14 -58.77
C LEU F 190 -23.34 -16.97 -57.74
N GLU F 191 -24.00 -17.97 -57.14
CA GLU F 191 -23.35 -18.75 -56.08
C GLU F 191 -22.14 -19.51 -56.63
N ASP F 192 -22.31 -20.20 -57.75
CA ASP F 192 -21.19 -20.92 -58.35
C ASP F 192 -20.12 -19.97 -58.85
N ALA F 193 -20.51 -18.78 -59.32
CA ALA F 193 -19.52 -17.80 -59.75
C ALA F 193 -18.66 -17.35 -58.58
N ASN F 194 -19.29 -17.05 -57.44
CA ASN F 194 -18.53 -16.66 -56.25
C ASN F 194 -17.66 -17.82 -55.77
N LYS F 195 -18.16 -19.05 -55.87
CA LYS F 195 -17.36 -20.20 -55.45
C LYS F 195 -16.12 -20.35 -56.33
N VAL F 196 -16.29 -20.23 -57.64
CA VAL F 196 -15.15 -20.33 -58.55
C VAL F 196 -14.17 -19.19 -58.31
N PHE F 197 -14.68 -17.99 -58.04
CA PHE F 197 -13.80 -16.85 -57.81
C PHE F 197 -12.99 -17.04 -56.53
N LEU F 198 -13.64 -17.52 -55.45
CA LEU F 198 -12.91 -17.75 -54.21
C LEU F 198 -11.93 -18.92 -54.35
N LYS F 199 -12.26 -19.92 -55.17
CA LYS F 199 -11.34 -21.03 -55.36
C LYS F 199 -10.11 -20.59 -56.17
N GLY F 200 -10.32 -19.67 -57.12
CA GLY F 200 -9.19 -19.20 -57.91
C GLY F 200 -8.36 -18.13 -57.23
N ALA F 201 -8.96 -17.36 -56.32
CA ALA F 201 -8.22 -16.31 -55.64
C ALA F 201 -7.25 -16.87 -54.62
N GLU F 202 -7.59 -17.98 -53.97
CA GLU F 202 -6.71 -18.58 -52.98
C GLU F 202 -5.42 -19.12 -53.59
N GLY F 203 -5.43 -19.44 -54.88
CA GLY F 203 -4.26 -19.95 -55.56
C GLY F 203 -3.29 -18.92 -56.05
N GLY F 204 -3.50 -17.64 -55.71
CA GLY F 204 -2.61 -16.58 -56.13
C GLY F 204 -2.97 -15.91 -57.43
N LEU F 205 -4.20 -16.09 -57.93
CA LEU F 205 -4.63 -15.51 -59.19
C LEU F 205 -5.45 -14.25 -58.89
N ARG F 206 -4.92 -13.10 -59.27
CA ARG F 206 -5.63 -11.84 -59.11
C ARG F 206 -6.57 -11.60 -60.28
N ALA F 207 -7.51 -10.70 -60.08
CA ALA F 207 -8.54 -10.43 -61.07
C ALA F 207 -8.54 -8.96 -61.46
N THR F 208 -9.29 -8.64 -62.51
CA THR F 208 -9.41 -7.28 -62.98
C THR F 208 -10.34 -6.48 -62.08
N ASP F 209 -10.22 -5.15 -62.15
CA ASP F 209 -11.07 -4.28 -61.35
C ASP F 209 -12.53 -4.40 -61.75
N GLU F 210 -12.81 -4.63 -63.03
CA GLU F 210 -14.19 -4.71 -63.48
C GLU F 210 -14.91 -5.92 -62.88
N ILE F 211 -14.22 -7.06 -62.77
CA ILE F 211 -14.81 -8.23 -62.14
C ILE F 211 -14.99 -7.99 -60.63
N TYR F 212 -14.00 -7.35 -60.01
CA TYR F 212 -14.12 -7.00 -58.60
C TYR F 212 -15.34 -6.13 -58.34
N ASP F 213 -15.65 -5.21 -59.26
CA ASP F 213 -16.81 -4.35 -59.09
C ASP F 213 -18.10 -5.10 -59.41
N LEU F 214 -18.11 -5.91 -60.47
CA LEU F 214 -19.33 -6.60 -60.87
C LEU F 214 -19.78 -7.61 -59.83
N LEU F 215 -18.84 -8.39 -59.29
CA LEU F 215 -19.21 -9.38 -58.27
C LEU F 215 -19.81 -8.71 -57.05
N ILE F 216 -19.19 -7.62 -56.58
CA ILE F 216 -19.70 -6.93 -55.40
C ILE F 216 -21.07 -6.33 -55.68
N GLU F 217 -21.22 -5.68 -56.84
CA GLU F 217 -22.50 -5.07 -57.19
C GLU F 217 -23.61 -6.11 -57.24
N GLN F 218 -23.34 -7.26 -57.88
CA GLN F 218 -24.37 -8.28 -58.01
C GLN F 218 -24.69 -8.93 -56.66
N ASP F 219 -23.66 -9.22 -55.86
CA ASP F 219 -23.91 -9.85 -54.56
C ASP F 219 -24.63 -8.90 -53.61
N CYS F 220 -24.44 -7.59 -53.76
CA CYS F 220 -25.17 -6.65 -52.92
C CYS F 220 -26.58 -6.38 -53.45
N LYS F 221 -26.78 -6.49 -54.76
CA LYS F 221 -28.12 -6.34 -55.30
C LYS F 221 -28.99 -7.55 -54.96
N VAL F 222 -28.39 -8.74 -54.95
CA VAL F 222 -29.14 -9.93 -54.56
C VAL F 222 -29.40 -9.92 -53.06
N GLY F 223 -28.40 -9.56 -52.26
CA GLY F 223 -28.56 -9.50 -50.82
C GLY F 223 -27.56 -10.35 -50.07
N ASP F 224 -26.50 -10.78 -50.75
CA ASP F 224 -25.48 -11.62 -50.16
C ASP F 224 -24.36 -10.74 -49.63
N HIS F 225 -24.22 -10.70 -48.31
CA HIS F 225 -23.20 -9.87 -47.68
C HIS F 225 -21.90 -10.62 -47.41
N SER F 226 -21.99 -11.93 -47.13
CA SER F 226 -20.79 -12.69 -46.78
C SER F 226 -19.83 -12.77 -47.96
N ASN F 227 -20.32 -13.16 -49.13
CA ASN F 227 -19.46 -13.27 -50.29
C ASN F 227 -18.94 -11.90 -50.73
N ALA F 228 -19.77 -10.85 -50.61
CA ALA F 228 -19.33 -9.52 -50.95
C ALA F 228 -18.19 -9.06 -50.04
N LEU F 229 -18.32 -9.31 -48.73
CA LEU F 229 -17.27 -8.92 -47.80
C LEU F 229 -16.00 -9.73 -48.03
N THR F 230 -16.15 -11.02 -48.36
CA THR F 230 -14.97 -11.84 -48.65
C THR F 230 -14.25 -11.34 -49.90
N ILE F 231 -15.01 -11.00 -50.94
CA ILE F 231 -14.41 -10.48 -52.16
C ILE F 231 -13.74 -9.13 -51.89
N ALA F 232 -14.34 -8.30 -51.04
CA ALA F 232 -13.73 -7.02 -50.71
C ALA F 232 -12.42 -7.22 -49.94
N TYR F 233 -12.39 -8.16 -49.00
CA TYR F 233 -11.16 -8.45 -48.29
C TYR F 233 -10.09 -8.97 -49.25
N GLU F 234 -10.46 -9.86 -50.17
CA GLU F 234 -9.49 -10.36 -51.14
C GLU F 234 -9.00 -9.25 -52.06
N MET F 235 -9.88 -8.31 -52.40
CA MET F 235 -9.47 -7.18 -53.24
C MET F 235 -8.46 -6.30 -52.50
N GLU F 236 -8.74 -5.98 -51.23
CA GLU F 236 -7.81 -5.16 -50.48
C GLU F 236 -6.50 -5.90 -50.19
N ALA F 237 -6.54 -7.22 -50.12
CA ALA F 237 -5.32 -7.98 -49.93
C ALA F 237 -4.50 -8.06 -51.21
N ALA F 238 -5.16 -8.10 -52.37
CA ALA F 238 -4.44 -8.16 -53.63
C ALA F 238 -3.72 -6.84 -53.94
N GLY F 239 -4.22 -5.72 -53.42
CA GLY F 239 -3.56 -4.45 -53.62
C GLY F 239 -4.50 -3.29 -53.86
N ARG F 240 -5.66 -3.55 -54.46
CA ARG F 240 -6.62 -2.49 -54.74
C ARG F 240 -7.44 -2.20 -53.49
N MET F 241 -7.40 -0.96 -53.02
CA MET F 241 -8.17 -0.58 -51.84
C MET F 241 -9.60 -0.23 -52.22
N ALA F 242 -10.50 -0.36 -51.25
CA ALA F 242 -11.91 -0.13 -51.51
C ALA F 242 -12.21 1.35 -51.67
N THR F 243 -13.15 1.66 -52.55
CA THR F 243 -13.60 3.01 -52.82
C THR F 243 -14.99 3.22 -52.23
N THR F 244 -15.53 4.38 -52.50
CA THR F 244 -16.81 4.67 -52.00
C THR F 244 -17.80 3.73 -52.57
N PHE F 245 -17.70 3.34 -53.82
CA PHE F 245 -18.71 2.51 -54.41
C PHE F 245 -18.87 1.21 -53.64
N HIS F 246 -17.75 0.63 -53.25
CA HIS F 246 -17.81 -0.65 -52.60
C HIS F 246 -18.45 -0.59 -51.26
N PHE F 247 -18.06 0.41 -50.52
CA PHE F 247 -18.57 0.55 -49.22
C PHE F 247 -20.03 0.83 -49.34
N ASN F 248 -20.45 1.59 -50.32
CA ASN F 248 -21.84 1.92 -50.51
C ASN F 248 -22.68 0.70 -50.76
N CYS F 249 -22.20 -0.23 -51.58
CA CYS F 249 -22.91 -1.48 -51.76
C CYS F 249 -23.04 -2.31 -50.47
N LEU F 250 -21.94 -2.35 -49.76
CA LEU F 250 -22.00 -3.09 -48.54
C LEU F 250 -22.99 -2.45 -47.57
N LEU F 251 -23.04 -1.14 -47.49
CA LEU F 251 -23.96 -0.47 -46.60
C LEU F 251 -25.33 -0.73 -47.03
N SER F 252 -25.61 -0.81 -48.29
CA SER F 252 -26.95 -1.16 -48.66
C SER F 252 -27.32 -2.46 -48.07
N VAL F 253 -26.51 -3.48 -48.25
CA VAL F 253 -26.97 -4.72 -47.59
C VAL F 253 -27.08 -4.63 -46.08
N GLN F 254 -26.17 -3.94 -45.42
CA GLN F 254 -26.25 -3.73 -43.97
C GLN F 254 -27.44 -2.94 -43.43
N ALA F 255 -27.92 -1.93 -44.12
CA ALA F 255 -28.99 -1.13 -43.60
C ALA F 255 -30.33 -1.82 -43.53
N THR F 256 -30.39 -3.04 -43.96
CA THR F 256 -31.61 -3.84 -43.83
C THR F 256 -31.50 -4.90 -42.75
N CYS F 257 -30.48 -4.83 -41.89
CA CYS F 257 -30.30 -5.85 -40.87
C CYS F 257 -31.16 -5.57 -39.63
N GLY F 258 -31.28 -4.30 -39.24
CA GLY F 258 -32.01 -3.92 -38.05
C GLY F 258 -31.14 -3.38 -36.94
N ILE F 259 -29.82 -3.50 -37.05
CA ILE F 259 -28.87 -2.97 -36.09
C ILE F 259 -28.16 -1.78 -36.73
N PRO F 260 -28.37 -0.56 -36.25
CA PRO F 260 -27.70 0.61 -36.87
C PRO F 260 -26.21 0.67 -36.59
N GLU F 261 -25.70 -0.10 -35.64
CA GLU F 261 -24.28 -0.01 -35.28
C GLU F 261 -23.39 -0.59 -36.38
N ILE F 262 -23.83 -1.66 -37.05
CA ILE F 262 -23.02 -2.24 -38.10
C ILE F 262 -22.90 -1.30 -39.30
N ALA F 263 -23.86 -0.38 -39.48
CA ALA F 263 -23.77 0.63 -40.52
C ALA F 263 -22.99 1.84 -40.06
N PHE F 264 -23.15 2.23 -38.80
CA PHE F 264 -22.38 3.36 -38.27
C PHE F 264 -20.89 3.04 -38.22
N ALA F 265 -20.53 1.78 -38.03
CA ALA F 265 -19.11 1.41 -38.06
C ALA F 265 -18.53 1.62 -39.45
N THR F 266 -19.25 1.20 -40.49
CA THR F 266 -18.80 1.44 -41.85
C THR F 266 -18.75 2.93 -42.15
N PHE F 267 -19.71 3.70 -41.65
CA PHE F 267 -19.69 5.14 -41.86
C PHE F 267 -18.48 5.79 -41.19
N GLU F 268 -18.13 5.32 -39.99
CA GLU F 268 -16.93 5.84 -39.33
C GLU F 268 -15.67 5.45 -40.09
N ASN F 269 -15.65 4.24 -40.65
CA ASN F 269 -14.51 3.82 -41.44
C ASN F 269 -14.36 4.67 -42.70
N MET F 270 -15.47 5.10 -43.29
CA MET F 270 -15.42 5.93 -44.49
C MET F 270 -15.07 7.38 -44.16
N GLU F 271 -15.67 7.94 -43.12
CA GLU F 271 -15.52 9.37 -42.84
C GLU F 271 -14.12 9.71 -42.36
N TYR F 272 -13.57 8.91 -41.45
CA TYR F 272 -12.24 9.16 -40.90
C TYR F 272 -11.14 8.42 -41.67
N GLY F 273 -11.35 8.18 -42.96
CA GLY F 273 -10.38 7.48 -43.77
C GLY F 273 -9.73 8.36 -44.82
N GLU F 274 -9.27 7.74 -45.91
CA GLU F 274 -8.58 8.47 -46.96
C GLU F 274 -9.58 9.28 -47.79
N ASP F 275 -9.06 9.96 -48.80
CA ASP F 275 -9.90 10.85 -49.61
C ASP F 275 -10.75 10.07 -50.61
N HIS F 276 -10.20 9.00 -51.20
CA HIS F 276 -10.94 8.25 -52.19
C HIS F 276 -12.11 7.48 -51.59
N MET F 277 -12.12 7.25 -50.28
CA MET F 277 -13.20 6.53 -49.62
C MET F 277 -14.09 7.44 -48.79
N LYS F 278 -14.08 8.75 -49.07
CA LYS F 278 -14.96 9.67 -48.37
C LYS F 278 -16.41 9.39 -48.75
N PRO F 279 -17.34 9.58 -47.82
CA PRO F 279 -18.75 9.27 -48.09
C PRO F 279 -19.38 10.29 -49.03
N ASP F 280 -20.57 9.92 -49.52
CA ASP F 280 -21.34 10.77 -50.41
C ASP F 280 -22.78 10.84 -49.93
N THR F 281 -23.68 11.41 -50.73
CA THR F 281 -25.07 11.53 -50.32
C THR F 281 -25.70 10.16 -50.09
N GLU F 282 -25.34 9.18 -50.91
CA GLU F 282 -25.93 7.84 -50.77
C GLU F 282 -25.52 7.20 -49.45
N THR F 283 -24.28 7.41 -49.01
CA THR F 283 -23.84 6.84 -47.74
C THR F 283 -24.61 7.43 -46.58
N TYR F 284 -24.75 8.76 -46.54
CA TYR F 284 -25.55 9.40 -45.52
C TYR F 284 -27.00 8.91 -45.55
N ASN F 285 -27.54 8.71 -46.75
CA ASN F 285 -28.90 8.21 -46.87
C ASN F 285 -29.02 6.80 -46.28
N TRP F 286 -28.06 5.93 -46.57
CA TRP F 286 -28.12 4.57 -46.05
C TRP F 286 -27.99 4.56 -44.52
N VAL F 287 -27.11 5.40 -43.96
CA VAL F 287 -26.95 5.40 -42.51
C VAL F 287 -28.18 6.00 -41.84
N ILE F 288 -28.78 7.03 -42.45
CA ILE F 288 -30.02 7.59 -41.93
C ILE F 288 -31.13 6.56 -41.96
N GLN F 289 -31.19 5.76 -43.03
CA GLN F 289 -32.20 4.70 -43.11
C GLN F 289 -31.96 3.63 -42.06
N ALA F 290 -30.69 3.30 -41.80
CA ALA F 290 -30.39 2.31 -40.77
C ALA F 290 -30.76 2.81 -39.38
N TYR F 291 -30.55 4.09 -39.11
CA TYR F 291 -30.89 4.64 -37.81
C TYR F 291 -32.36 5.00 -37.67
N THR F 292 -33.09 5.09 -38.78
CA THR F 292 -34.50 5.48 -38.72
C THR F 292 -35.41 4.27 -38.55
N ARG F 293 -35.19 3.22 -39.34
CA ARG F 293 -36.04 2.04 -39.36
C ARG F 293 -35.59 0.98 -38.36
N ALA F 294 -34.92 1.36 -37.28
CA ALA F 294 -34.52 0.41 -36.26
C ALA F 294 -35.70 0.10 -35.35
N GLU F 295 -35.55 -0.98 -34.57
CA GLU F 295 -36.60 -1.44 -33.67
C GLU F 295 -36.03 -1.80 -32.31
N SER F 296 -35.04 -1.05 -31.83
CA SER F 296 -34.37 -1.37 -30.58
C SER F 296 -34.53 -0.29 -29.52
N TYR F 297 -34.17 0.95 -29.84
CA TYR F 297 -34.17 2.02 -28.84
C TYR F 297 -34.58 3.32 -29.52
N ASP F 298 -34.28 4.44 -28.86
CA ASP F 298 -34.76 5.74 -29.31
C ASP F 298 -34.22 6.09 -30.69
N ARG F 299 -32.90 6.32 -30.78
CA ARG F 299 -32.24 6.64 -32.05
C ARG F 299 -32.84 7.88 -32.70
N VAL F 300 -32.91 8.97 -31.93
CA VAL F 300 -33.42 10.23 -32.45
C VAL F 300 -32.33 11.30 -32.37
N GLN F 301 -31.40 11.12 -31.42
CA GLN F 301 -30.25 12.02 -31.35
C GLN F 301 -29.16 11.61 -32.33
N ASP F 302 -29.09 10.32 -32.66
CA ASP F 302 -28.10 9.87 -33.63
C ASP F 302 -28.38 10.44 -35.02
N VAL F 303 -29.66 10.50 -35.42
CA VAL F 303 -30.00 11.08 -36.71
C VAL F 303 -29.66 12.56 -36.74
N ALA F 304 -29.90 13.27 -35.64
CA ALA F 304 -29.57 14.69 -35.59
C ALA F 304 -28.07 14.91 -35.66
N GLU F 305 -27.29 14.09 -34.95
CA GLU F 305 -25.83 14.19 -35.01
C GLU F 305 -25.33 13.89 -36.42
N LEU F 306 -25.93 12.90 -37.08
CA LEU F 306 -25.50 12.55 -38.43
C LEU F 306 -25.86 13.65 -39.42
N LEU F 307 -27.02 14.28 -39.25
CA LEU F 307 -27.38 15.41 -40.10
C LEU F 307 -26.47 16.60 -39.84
N GLY F 308 -26.01 16.77 -38.60
CA GLY F 308 -25.00 17.77 -38.34
C GLY F 308 -23.69 17.47 -39.03
N MET F 309 -23.31 16.19 -39.07
CA MET F 309 -22.13 15.80 -39.83
C MET F 309 -22.32 16.01 -41.33
N MET F 310 -23.55 15.87 -41.82
CA MET F 310 -23.83 16.02 -43.24
C MET F 310 -23.71 17.46 -43.72
N VAL F 311 -23.43 18.40 -42.84
CA VAL F 311 -23.26 19.81 -43.25
C VAL F 311 -21.81 19.94 -43.68
N GLU F 312 -21.55 19.58 -44.94
CA GLU F 312 -20.23 19.68 -45.57
C GLU F 312 -20.47 20.20 -46.98
N ASP F 313 -20.43 21.53 -47.13
CA ASP F 313 -20.78 22.14 -48.41
C ASP F 313 -19.68 21.93 -49.44
N HIS F 314 -18.42 22.04 -49.03
CA HIS F 314 -17.30 21.99 -49.97
C HIS F 314 -16.95 20.58 -50.41
N LYS F 315 -17.53 19.55 -49.80
CA LYS F 315 -17.29 18.17 -50.20
C LYS F 315 -18.37 17.65 -51.14
N ARG F 316 -19.16 18.55 -51.73
CA ARG F 316 -20.24 18.17 -52.65
C ARG F 316 -21.27 17.27 -51.98
N VAL F 317 -21.41 17.38 -50.66
CA VAL F 317 -22.38 16.58 -49.91
C VAL F 317 -23.67 17.39 -49.90
N GLN F 318 -24.47 17.22 -50.95
CA GLN F 318 -25.76 17.88 -51.07
C GLN F 318 -26.89 16.86 -50.99
N PRO F 319 -28.01 17.22 -50.40
CA PRO F 319 -29.11 16.26 -50.26
C PRO F 319 -29.85 16.03 -51.57
N ASN F 320 -30.46 14.85 -51.66
CA ASN F 320 -31.30 14.48 -52.80
C ASN F 320 -32.72 14.22 -52.29
N VAL F 321 -33.56 13.70 -53.19
CA VAL F 321 -34.96 13.47 -52.83
C VAL F 321 -35.07 12.45 -51.70
N ARG F 322 -34.26 11.39 -51.75
CA ARG F 322 -34.33 10.37 -50.73
C ARG F 322 -33.88 10.90 -49.37
N THR F 323 -32.92 11.83 -49.35
CA THR F 323 -32.49 12.41 -48.09
C THR F 323 -33.63 13.16 -47.42
N TYR F 324 -34.31 14.03 -48.16
CA TYR F 324 -35.45 14.76 -47.62
C TYR F 324 -36.56 13.82 -47.20
N ALA F 325 -36.81 12.78 -48.01
CA ALA F 325 -37.85 11.81 -47.65
C ALA F 325 -37.55 11.13 -46.33
N LEU F 326 -36.31 10.63 -46.18
CA LEU F 326 -35.94 9.94 -44.94
C LEU F 326 -35.97 10.88 -43.75
N LEU F 327 -35.55 12.14 -43.94
CA LEU F 327 -35.58 13.09 -42.84
C LEU F 327 -37.01 13.39 -42.41
N VAL F 328 -37.91 13.60 -43.38
CA VAL F 328 -39.32 13.83 -43.07
C VAL F 328 -39.89 12.64 -42.31
N GLU F 329 -39.60 11.42 -42.79
CA GLU F 329 -40.12 10.23 -42.13
C GLU F 329 -39.61 10.13 -40.70
N CYS F 330 -38.31 10.32 -40.49
CA CYS F 330 -37.73 10.17 -39.16
C CYS F 330 -38.27 11.23 -38.21
N PHE F 331 -38.37 12.49 -38.67
CA PHE F 331 -38.84 13.53 -37.78
C PHE F 331 -40.35 13.48 -37.53
N THR F 332 -41.11 12.85 -38.44
CA THR F 332 -42.54 12.67 -38.18
C THR F 332 -42.79 11.50 -37.24
N LYS F 333 -42.06 10.40 -37.41
CA LYS F 333 -42.25 9.24 -36.54
C LYS F 333 -41.85 9.50 -35.09
N TYR F 334 -41.17 10.61 -34.81
CA TYR F 334 -40.78 10.96 -33.45
C TYR F 334 -41.48 12.21 -32.95
N CYS F 335 -42.62 12.56 -33.54
CA CYS F 335 -43.46 13.68 -33.10
C CYS F 335 -42.72 15.02 -33.14
N VAL F 336 -41.85 15.19 -34.13
CA VAL F 336 -41.16 16.48 -34.32
C VAL F 336 -41.60 17.04 -35.67
N VAL F 337 -42.62 17.89 -35.65
CA VAL F 337 -43.27 18.31 -36.90
C VAL F 337 -42.69 19.61 -37.45
N ARG F 338 -42.19 20.50 -36.59
CA ARG F 338 -41.70 21.78 -37.06
C ARG F 338 -40.46 21.65 -37.94
N GLU F 339 -39.75 20.52 -37.86
CA GLU F 339 -38.70 20.21 -38.82
C GLU F 339 -39.18 19.32 -39.96
N ALA F 340 -40.20 18.49 -39.69
CA ALA F 340 -40.80 17.69 -40.75
C ALA F 340 -41.35 18.57 -41.86
N ILE F 341 -42.00 19.69 -41.51
CA ILE F 341 -42.53 20.58 -42.53
C ILE F 341 -41.40 21.29 -43.27
N ARG F 342 -40.35 21.68 -42.54
CA ARG F 342 -39.20 22.32 -43.18
C ARG F 342 -38.58 21.41 -44.24
N HIS F 343 -38.42 20.13 -43.92
CA HIS F 343 -37.83 19.21 -44.90
C HIS F 343 -38.84 18.80 -45.97
N PHE F 344 -40.13 18.82 -45.65
CA PHE F 344 -41.14 18.51 -46.66
C PHE F 344 -41.23 19.59 -47.71
N ARG F 345 -40.96 20.84 -47.34
CA ARG F 345 -40.91 21.91 -48.35
C ARG F 345 -39.80 21.64 -49.37
N GLY F 346 -38.61 21.27 -48.89
CA GLY F 346 -37.54 20.94 -49.80
C GLY F 346 -37.82 19.69 -50.62
N LEU F 347 -38.49 18.71 -50.02
CA LEU F 347 -38.92 17.54 -50.77
C LEU F 347 -39.92 17.91 -51.86
N LYS F 348 -40.76 18.91 -51.60
CA LYS F 348 -41.73 19.36 -52.58
C LYS F 348 -41.07 20.14 -53.70
N ASN F 349 -39.98 20.85 -53.40
CA ASN F 349 -39.27 21.57 -54.46
C ASN F 349 -38.78 20.64 -55.56
N PHE F 350 -38.51 19.38 -55.22
CA PHE F 350 -38.12 18.39 -56.22
C PHE F 350 -39.34 17.73 -56.82
N GLU F 351 -39.20 17.27 -58.07
CA GLU F 351 -40.29 16.60 -58.76
C GLU F 351 -40.35 15.13 -58.35
N GLY F 352 -41.56 14.68 -58.00
CA GLY F 352 -41.75 13.29 -57.62
C GLY F 352 -41.32 12.95 -56.21
N GLY F 353 -41.20 13.95 -55.33
CA GLY F 353 -40.79 13.66 -53.96
C GLY F 353 -41.84 12.95 -53.15
N THR F 354 -43.13 13.23 -53.42
CA THR F 354 -44.19 12.59 -52.67
C THR F 354 -44.30 11.10 -53.01
N GLN F 355 -43.92 10.71 -54.22
CA GLN F 355 -43.90 9.29 -54.56
C GLN F 355 -42.79 8.57 -53.81
N VAL F 356 -41.64 9.23 -53.62
CA VAL F 356 -40.55 8.60 -52.89
C VAL F 356 -40.85 8.56 -51.40
N LEU F 357 -41.54 9.59 -50.89
CA LEU F 357 -41.92 9.58 -49.48
C LEU F 357 -42.87 8.43 -49.17
N TYR F 358 -43.85 8.21 -50.03
CA TYR F 358 -44.76 7.07 -49.91
C TYR F 358 -44.07 5.86 -50.54
N ASN F 359 -43.23 5.21 -49.74
CA ASN F 359 -42.40 4.10 -50.21
C ASN F 359 -43.26 2.85 -50.38
N ASP F 360 -44.18 2.94 -51.34
CA ASP F 360 -45.11 1.87 -51.69
C ASP F 360 -45.93 1.38 -50.49
N GLY F 361 -46.03 2.19 -49.44
CA GLY F 361 -46.73 1.77 -48.24
C GLY F 361 -46.09 0.59 -47.54
N LYS F 362 -44.77 0.45 -47.64
CA LYS F 362 -44.10 -0.72 -47.08
C LYS F 362 -43.77 -0.53 -45.60
N TYR F 363 -43.35 0.66 -45.21
CA TYR F 363 -42.89 0.93 -43.85
C TYR F 363 -43.75 2.03 -43.24
N GLY F 364 -44.88 1.64 -42.67
CA GLY F 364 -45.73 2.55 -41.93
C GLY F 364 -46.40 3.64 -42.74
N ASP F 365 -46.22 3.67 -44.05
CA ASP F 365 -46.78 4.71 -44.93
C ASP F 365 -46.41 6.10 -44.41
N PRO F 366 -45.16 6.53 -44.58
CA PRO F 366 -44.73 7.81 -44.00
C PRO F 366 -45.58 9.00 -44.43
N LEU F 367 -46.14 8.98 -45.64
CA LEU F 367 -46.99 10.08 -46.07
C LEU F 367 -48.26 10.16 -45.26
N SER F 368 -48.89 9.01 -45.00
CA SER F 368 -50.09 8.99 -44.16
C SER F 368 -49.76 9.45 -42.74
N LEU F 369 -48.63 9.02 -42.20
CA LEU F 369 -48.25 9.44 -40.85
C LEU F 369 -48.01 10.94 -40.80
N TYR F 370 -47.40 11.50 -41.84
CA TYR F 370 -47.16 12.94 -41.88
C TYR F 370 -48.47 13.71 -41.98
N LEU F 371 -49.40 13.25 -42.82
CA LEU F 371 -50.70 13.91 -42.92
C LEU F 371 -51.46 13.84 -41.61
N ARG F 372 -51.42 12.69 -40.92
CA ARG F 372 -52.10 12.57 -39.64
C ARG F 372 -51.43 13.41 -38.57
N ALA F 373 -50.11 13.56 -38.61
CA ALA F 373 -49.43 14.41 -37.66
C ALA F 373 -49.80 15.88 -37.88
N LEU F 374 -49.92 16.29 -39.14
CA LEU F 374 -50.40 17.64 -39.42
C LEU F 374 -51.86 17.83 -38.99
N CYS F 375 -52.66 16.77 -39.11
CA CYS F 375 -54.08 16.88 -38.74
C CYS F 375 -54.28 16.96 -37.24
N ARG F 376 -53.50 16.17 -36.48
CA ARG F 376 -53.69 16.13 -35.04
C ARG F 376 -53.31 17.46 -34.38
N GLU F 377 -52.12 17.97 -34.70
CA GLU F 377 -51.64 19.20 -34.09
C GLU F 377 -52.38 20.44 -34.58
N GLY F 378 -53.24 20.32 -35.59
CA GLY F 378 -54.01 21.44 -36.07
C GLY F 378 -53.28 22.42 -36.94
N ARG F 379 -52.06 22.10 -37.39
CA ARG F 379 -51.32 22.96 -38.29
C ARG F 379 -51.84 22.76 -39.72
N ILE F 380 -53.09 23.17 -39.93
CA ILE F 380 -53.72 22.92 -41.22
C ILE F 380 -53.27 23.76 -42.39
N VAL F 381 -52.68 24.92 -42.13
CA VAL F 381 -52.16 25.70 -43.24
C VAL F 381 -51.06 24.86 -43.89
N GLU F 382 -50.24 24.22 -43.09
CA GLU F 382 -49.20 23.33 -43.62
C GLU F 382 -49.84 22.15 -44.33
N LEU F 383 -50.93 21.63 -43.77
CA LEU F 383 -51.64 20.51 -44.37
C LEU F 383 -52.19 20.87 -45.74
N LEU F 384 -52.68 22.09 -45.90
CA LEU F 384 -53.21 22.51 -47.19
C LEU F 384 -52.14 22.45 -48.25
N GLU F 385 -50.94 22.90 -47.91
CA GLU F 385 -49.84 22.86 -48.86
C GLU F 385 -49.51 21.42 -49.14
N ALA F 386 -49.46 20.61 -48.09
CA ALA F 386 -49.13 19.20 -48.24
C ALA F 386 -50.18 18.45 -49.05
N LEU F 387 -51.43 18.90 -49.00
CA LEU F 387 -52.48 18.27 -49.79
C LEU F 387 -52.41 18.70 -51.26
N GLU F 388 -52.30 20.01 -51.50
CA GLU F 388 -52.26 20.47 -52.89
C GLU F 388 -50.96 20.09 -53.59
N ALA F 389 -49.94 19.67 -52.85
CA ALA F 389 -48.72 19.15 -53.48
C ALA F 389 -48.87 17.70 -53.92
N MET F 390 -49.99 17.04 -53.62
CA MET F 390 -50.14 15.64 -53.95
C MET F 390 -50.71 15.44 -55.35
N ALA F 391 -51.83 16.12 -55.66
CA ALA F 391 -52.44 15.93 -56.97
C ALA F 391 -51.59 16.50 -58.10
N LYS F 392 -50.64 17.39 -57.78
CA LYS F 392 -49.71 17.87 -58.80
C LYS F 392 -48.76 16.75 -59.23
N ASP F 393 -48.39 15.88 -58.29
CA ASP F 393 -47.51 14.75 -58.58
C ASP F 393 -48.28 13.48 -58.90
N ASN F 394 -49.61 13.54 -58.94
CA ASN F 394 -50.46 12.39 -59.27
C ASN F 394 -50.24 11.24 -58.29
N GLN F 395 -50.51 11.53 -57.02
CA GLN F 395 -50.36 10.55 -55.94
C GLN F 395 -51.70 10.38 -55.24
N PRO F 396 -52.32 9.21 -55.30
CA PRO F 396 -53.59 9.00 -54.60
C PRO F 396 -53.40 9.00 -53.09
N ILE F 397 -54.50 9.21 -52.39
CA ILE F 397 -54.48 9.19 -50.92
C ILE F 397 -54.25 7.76 -50.45
N PRO F 398 -53.32 7.52 -49.53
CA PRO F 398 -53.10 6.17 -49.05
C PRO F 398 -54.31 5.67 -48.29
N PRO F 399 -54.51 4.35 -48.21
CA PRO F 399 -55.70 3.81 -47.55
C PRO F 399 -55.77 4.09 -46.06
N ARG F 400 -54.80 4.79 -45.47
CA ARG F 400 -54.79 5.04 -44.03
C ARG F 400 -55.61 6.29 -43.70
N ALA F 401 -56.89 6.24 -44.06
CA ALA F 401 -57.84 7.27 -43.67
C ALA F 401 -58.61 6.80 -42.44
N MET F 402 -57.85 6.66 -41.34
CA MET F 402 -58.39 6.07 -40.12
C MET F 402 -59.50 6.93 -39.54
N ILE F 403 -60.61 6.29 -39.21
CA ILE F 403 -61.75 6.95 -38.57
C ILE F 403 -61.79 6.51 -37.11
N LEU F 404 -62.13 7.43 -36.23
CA LEU F 404 -62.21 7.14 -34.80
C LEU F 404 -63.42 6.26 -34.51
N SER F 405 -63.52 5.82 -33.25
CA SER F 405 -64.70 5.09 -32.82
C SER F 405 -65.97 5.88 -33.10
N ARG F 406 -65.92 7.19 -32.87
CA ARG F 406 -66.95 8.10 -33.36
C ARG F 406 -66.71 8.32 -34.84
N LYS F 407 -67.58 7.78 -35.69
CA LYS F 407 -67.31 7.77 -37.13
C LYS F 407 -67.49 9.15 -37.75
N TYR F 408 -66.62 10.09 -37.34
CA TYR F 408 -66.55 11.38 -37.99
C TYR F 408 -65.12 11.87 -38.14
N ARG F 409 -64.13 11.10 -37.71
CA ARG F 409 -62.74 11.56 -37.70
C ARG F 409 -62.13 11.39 -39.08
N THR F 410 -61.65 12.50 -39.65
CA THR F 410 -60.92 12.48 -40.91
C THR F 410 -59.94 13.67 -40.88
N LEU F 411 -59.29 13.93 -42.01
CA LEU F 411 -58.40 15.07 -42.12
C LEU F 411 -59.16 16.40 -42.12
N VAL F 412 -60.49 16.36 -42.21
CA VAL F 412 -61.31 17.57 -42.26
C VAL F 412 -62.11 17.76 -40.98
N SER F 413 -61.82 17.01 -39.93
CA SER F 413 -62.61 17.04 -38.70
C SER F 413 -61.85 17.50 -37.47
N SER F 414 -60.56 17.17 -37.37
CA SER F 414 -59.83 17.41 -36.13
C SER F 414 -59.66 18.90 -35.85
N TRP F 415 -59.36 19.69 -36.88
CA TRP F 415 -59.07 21.10 -36.69
C TRP F 415 -60.28 21.93 -36.27
N ILE F 416 -61.50 21.36 -36.34
CA ILE F 416 -62.68 22.11 -35.96
C ILE F 416 -62.70 22.33 -34.44
N GLU F 417 -63.52 23.28 -34.01
CA GLU F 417 -63.56 23.63 -32.59
C GLU F 417 -64.09 22.50 -31.71
N PRO F 418 -65.24 21.88 -31.98
CA PRO F 418 -65.65 20.75 -31.13
C PRO F 418 -64.78 19.53 -31.40
N LEU F 419 -64.17 19.02 -30.32
CA LEU F 419 -63.29 17.86 -30.41
C LEU F 419 -63.95 16.67 -29.71
N GLN F 420 -63.79 15.49 -30.30
CA GLN F 420 -64.35 14.25 -29.76
C GLN F 420 -65.86 14.36 -29.58
N GLU F 421 -66.53 15.05 -30.50
CA GLU F 421 -67.95 15.28 -30.43
C GLU F 421 -68.58 14.96 -31.78
N GLU F 422 -69.64 14.14 -31.76
CA GLU F 422 -70.35 13.83 -32.98
C GLU F 422 -71.09 15.06 -33.49
N ALA F 423 -71.24 15.14 -34.82
CA ALA F 423 -71.92 16.26 -35.45
C ALA F 423 -73.38 15.93 -35.69
N GLU F 424 -74.24 16.90 -35.47
CA GLU F 424 -75.68 16.73 -35.67
C GLU F 424 -75.97 16.53 -37.14
N LEU F 425 -76.57 15.37 -37.48
CA LEU F 425 -76.89 15.05 -38.87
C LEU F 425 -78.39 14.85 -39.08
N GLY F 426 -79.21 15.43 -38.21
CA GLY F 426 -80.65 15.32 -38.36
C GLY F 426 -81.20 14.08 -37.67
N TYR F 427 -81.43 13.02 -38.45
CA TYR F 427 -81.90 11.77 -37.89
C TYR F 427 -80.92 11.22 -36.86
N GLU F 428 -81.45 10.43 -35.94
CA GLU F 428 -80.63 9.86 -34.88
C GLU F 428 -79.56 8.94 -35.46
N ILE F 429 -78.49 8.76 -34.69
CA ILE F 429 -77.38 7.92 -35.12
C ILE F 429 -77.83 6.47 -35.16
N ASP F 430 -77.61 5.82 -36.31
CA ASP F 430 -77.96 4.40 -36.47
C ASP F 430 -76.82 3.56 -35.93
N TYR F 431 -76.85 3.32 -34.62
CA TYR F 431 -75.77 2.59 -33.97
C TYR F 431 -75.71 1.15 -34.45
N ILE F 432 -76.87 0.52 -34.65
CA ILE F 432 -76.88 -0.86 -35.12
C ILE F 432 -76.39 -0.94 -36.56
N ALA F 433 -76.77 0.03 -37.39
CA ALA F 433 -76.29 0.04 -38.77
C ALA F 433 -74.79 0.27 -38.84
N ARG F 434 -74.28 1.18 -38.00
CA ARG F 434 -72.83 1.39 -37.94
C ARG F 434 -72.11 0.14 -37.46
N TYR F 435 -72.69 -0.55 -36.47
CA TYR F 435 -72.08 -1.78 -35.97
C TYR F 435 -72.04 -2.85 -37.06
N VAL F 436 -73.11 -2.97 -37.84
CA VAL F 436 -73.15 -3.98 -38.89
C VAL F 436 -72.20 -3.62 -40.02
N ALA F 437 -72.09 -2.32 -40.34
CA ALA F 437 -71.25 -1.91 -41.46
C ALA F 437 -69.77 -2.00 -41.12
N GLU F 438 -69.37 -1.51 -39.94
CA GLU F 438 -67.96 -1.56 -39.57
C GLU F 438 -67.48 -2.98 -39.33
N GLY F 439 -68.34 -3.84 -38.80
CA GLY F 439 -67.98 -5.23 -38.56
C GLY F 439 -69.11 -6.05 -38.00
N GLY F 440 -68.81 -6.94 -37.06
CA GLY F 440 -69.82 -7.72 -36.39
C GLY F 440 -70.46 -8.79 -37.27
N LEU F 441 -71.01 -9.83 -36.63
CA LEU F 441 -71.81 -10.87 -37.26
C LEU F 441 -70.94 -11.78 -38.12
N THR F 442 -69.66 -11.44 -38.27
CA THR F 442 -68.71 -12.20 -39.08
C THR F 442 -67.31 -11.70 -38.78
N GLY F 443 -66.35 -12.62 -38.85
CA GLY F 443 -64.96 -12.25 -38.66
C GLY F 443 -64.69 -11.71 -37.27
N ASP F 444 -63.95 -10.61 -37.21
CA ASP F 444 -63.60 -9.97 -35.96
C ASP F 444 -63.81 -8.47 -36.07
N ARG F 445 -64.19 -7.84 -34.96
CA ARG F 445 -64.44 -6.42 -34.89
C ARG F 445 -63.43 -5.78 -33.94
N LYS F 446 -63.01 -4.55 -34.26
CA LYS F 446 -62.05 -3.82 -33.44
C LYS F 446 -62.75 -3.41 -32.14
N ARG F 447 -62.50 -4.16 -31.07
CA ARG F 447 -63.14 -3.92 -29.79
C ARG F 447 -62.30 -2.95 -28.97
N TRP F 448 -62.89 -1.80 -28.65
CA TRP F 448 -62.22 -0.76 -27.87
C TRP F 448 -62.25 -1.16 -26.40
N VAL F 449 -61.39 -2.10 -26.04
CA VAL F 449 -61.30 -2.63 -24.68
C VAL F 449 -59.85 -2.48 -24.22
N PRO F 450 -59.61 -1.88 -23.06
CA PRO F 450 -58.22 -1.75 -22.58
C PRO F 450 -57.64 -3.10 -22.18
N ARG F 451 -56.35 -3.26 -22.42
CA ARG F 451 -55.62 -4.47 -22.06
C ARG F 451 -54.37 -4.11 -21.28
N ARG F 452 -53.65 -5.14 -20.85
CA ARG F 452 -52.45 -4.94 -20.03
C ARG F 452 -51.18 -4.83 -20.88
N GLY F 453 -51.14 -5.49 -22.04
CA GLY F 453 -49.95 -5.43 -22.86
C GLY F 453 -49.70 -4.04 -23.41
N LYS F 454 -48.41 -3.72 -23.57
CA LYS F 454 -48.00 -2.41 -24.09
C LYS F 454 -48.13 -2.40 -25.61
N THR F 455 -49.38 -2.37 -26.06
CA THR F 455 -49.75 -2.34 -27.46
C THR F 455 -50.54 -1.08 -27.76
N PRO F 456 -50.22 -0.38 -28.87
CA PRO F 456 -50.99 0.83 -29.22
C PRO F 456 -52.48 0.54 -29.38
N LEU F 457 -53.30 1.12 -28.50
CA LEU F 457 -54.73 0.83 -28.50
C LEU F 457 -55.42 1.50 -29.69
N ASP F 458 -55.21 2.80 -29.85
CA ASP F 458 -55.85 3.51 -30.96
C ASP F 458 -55.22 3.09 -32.27
N PRO F 459 -56.01 2.82 -33.31
CA PRO F 459 -55.44 2.38 -34.60
C PRO F 459 -54.65 3.46 -35.33
N ASP F 460 -54.73 4.71 -34.90
CA ASP F 460 -53.97 5.78 -35.54
C ASP F 460 -52.56 5.90 -35.00
N ALA F 461 -52.24 5.22 -33.89
CA ALA F 461 -50.90 5.21 -33.32
C ALA F 461 -50.13 3.95 -33.72
N GLU F 462 -50.40 3.41 -34.90
CA GLU F 462 -49.73 2.18 -35.33
C GLU F 462 -48.31 2.46 -35.81
N GLY F 463 -48.11 3.54 -36.56
CA GLY F 463 -46.81 3.83 -37.12
C GLY F 463 -45.92 4.66 -36.22
N PHE F 464 -46.51 5.53 -35.41
CA PHE F 464 -45.73 6.39 -34.54
C PHE F 464 -45.00 5.57 -33.49
N ILE F 465 -43.82 6.06 -33.10
CA ILE F 465 -42.96 5.32 -32.17
C ILE F 465 -43.58 5.28 -30.78
N TYR F 466 -43.82 6.45 -30.19
CA TYR F 466 -44.34 6.52 -28.83
C TYR F 466 -45.87 6.60 -28.82
N SER F 467 -46.43 7.64 -29.42
CA SER F 467 -47.87 7.84 -29.46
C SER F 467 -48.17 8.97 -30.44
N ASN F 468 -49.45 9.13 -30.74
CA ASN F 468 -49.88 10.22 -31.58
C ASN F 468 -49.67 11.56 -30.87
N PRO F 469 -49.43 12.64 -31.61
CA PRO F 469 -49.25 13.94 -30.98
C PRO F 469 -50.53 14.41 -30.30
N ARG F 470 -50.37 15.41 -29.43
CA ARG F 470 -51.51 15.93 -28.68
C ARG F 470 -52.54 16.54 -29.63
N GLU F 471 -53.80 16.24 -29.36
CA GLU F 471 -54.91 16.71 -30.20
C GLU F 471 -55.28 18.13 -29.79
N THR F 472 -55.07 19.07 -30.71
CA THR F 472 -55.41 20.48 -30.49
C THR F 472 -56.07 21.02 -31.75
N SER F 473 -57.12 21.81 -31.56
CA SER F 473 -57.82 22.42 -32.68
C SER F 473 -56.99 23.56 -33.28
N PHE F 474 -57.54 24.18 -34.33
CA PHE F 474 -56.81 25.25 -35.00
C PHE F 474 -56.79 26.52 -34.17
N LYS F 475 -57.84 26.77 -33.38
CA LYS F 475 -57.88 27.98 -32.56
C LYS F 475 -56.80 27.94 -31.48
N GLN F 476 -56.62 26.79 -30.83
CA GLN F 476 -55.58 26.67 -29.81
C GLN F 476 -54.19 26.86 -30.41
N ARG F 477 -53.94 26.27 -31.58
CA ARG F 477 -52.63 26.41 -32.20
C ARG F 477 -52.39 27.85 -32.65
N CYS F 478 -53.44 28.53 -33.14
CA CYS F 478 -53.29 29.91 -33.56
C CYS F 478 -52.99 30.81 -32.37
N LEU F 479 -53.73 30.64 -31.27
CA LEU F 479 -53.45 31.47 -30.09
C LEU F 479 -52.08 31.14 -29.50
N GLU F 480 -51.65 29.87 -29.59
CA GLU F 480 -50.33 29.51 -29.09
C GLU F 480 -49.23 30.16 -29.91
N GLU F 481 -49.35 30.12 -31.24
CA GLU F 481 -48.34 30.76 -32.07
C GLU F 481 -48.36 32.27 -31.90
N TRP F 482 -49.54 32.85 -31.67
CA TRP F 482 -49.61 34.30 -31.44
C TRP F 482 -48.92 34.68 -30.13
N ARG F 483 -49.20 33.94 -29.06
CA ARG F 483 -48.57 34.26 -27.79
C ARG F 483 -47.07 33.98 -27.81
N LEU F 484 -46.63 32.97 -28.58
CA LEU F 484 -45.20 32.74 -28.71
C LEU F 484 -44.53 33.84 -29.52
N HIS F 485 -45.19 34.35 -30.55
CA HIS F 485 -44.66 35.47 -31.30
C HIS F 485 -44.50 36.69 -30.40
N HIS F 486 -45.54 37.00 -29.62
CA HIS F 486 -45.43 38.14 -28.71
C HIS F 486 -44.39 37.89 -27.61
N ARG F 487 -44.23 36.64 -27.18
CA ARG F 487 -43.23 36.34 -26.16
C ARG F 487 -41.82 36.54 -26.69
N LYS F 488 -41.54 36.09 -27.91
CA LYS F 488 -40.21 36.33 -28.46
C LYS F 488 -40.01 37.81 -28.79
N LEU F 489 -41.07 38.52 -29.15
CA LEU F 489 -40.96 39.98 -29.33
C LEU F 489 -40.56 40.67 -28.04
N LEU F 490 -41.22 40.32 -26.94
CA LEU F 490 -40.87 40.96 -25.67
C LEU F 490 -39.50 40.52 -25.18
N LYS F 491 -39.11 39.27 -25.45
CA LYS F 491 -37.77 38.82 -25.09
C LYS F 491 -36.70 39.60 -25.87
N THR F 492 -36.97 39.90 -27.14
CA THR F 492 -36.02 40.67 -27.92
C THR F 492 -35.98 42.13 -27.45
N LEU F 493 -37.14 42.70 -27.13
CA LEU F 493 -37.15 44.11 -26.70
C LEU F 493 -36.61 44.28 -25.29
N HIS F 494 -36.59 43.22 -24.47
CA HIS F 494 -36.07 43.33 -23.12
C HIS F 494 -34.57 43.58 -23.10
N ASN F 495 -33.80 42.70 -23.74
CA ASN F 495 -32.35 42.78 -23.70
C ASN F 495 -31.78 43.66 -24.82
N GLU F 496 -32.10 43.32 -26.07
CA GLU F 496 -31.56 44.03 -27.23
C GLU F 496 -32.46 45.15 -27.71
N GLY F 497 -33.54 45.45 -27.00
CA GLY F 497 -34.42 46.54 -27.40
C GLY F 497 -34.61 47.66 -26.38
N PRO F 498 -33.52 48.14 -25.73
CA PRO F 498 -33.71 49.22 -24.75
C PRO F 498 -33.98 50.55 -25.42
N SER F 499 -33.40 50.75 -26.60
CA SER F 499 -33.54 51.99 -27.36
C SER F 499 -34.32 51.73 -28.63
N ILE F 500 -35.18 52.68 -28.98
CA ILE F 500 -36.01 52.60 -30.17
C ILE F 500 -36.13 53.99 -30.78
N LEU F 501 -36.68 54.06 -31.99
CA LEU F 501 -36.78 55.34 -32.69
C LEU F 501 -37.68 56.32 -31.95
N GLY F 502 -38.71 55.83 -31.27
CA GLY F 502 -39.59 56.72 -30.54
C GLY F 502 -38.91 57.29 -29.31
N LYS F 503 -39.07 58.60 -29.10
CA LYS F 503 -38.48 59.29 -27.95
C LYS F 503 -39.53 59.61 -26.89
N ILE F 504 -40.56 58.76 -26.79
CA ILE F 504 -41.60 58.91 -25.78
C ILE F 504 -41.54 57.70 -24.86
N SER F 505 -40.31 57.16 -24.68
CA SER F 505 -40.14 55.90 -23.97
C SER F 505 -40.70 55.95 -22.56
N GLU F 506 -40.62 57.11 -21.89
CA GLU F 506 -41.06 57.21 -20.51
C GLU F 506 -42.53 56.79 -20.37
N SER F 507 -43.36 57.14 -21.35
CA SER F 507 -44.76 56.74 -21.33
C SER F 507 -45.08 55.59 -22.27
N ASP F 508 -44.17 55.24 -23.17
CA ASP F 508 -44.41 54.17 -24.13
C ASP F 508 -44.01 52.81 -23.59
N TYR F 509 -42.83 52.70 -22.96
CA TYR F 509 -42.36 51.40 -22.49
C TYR F 509 -43.23 50.87 -21.35
N ILE F 510 -43.68 51.76 -20.46
CA ILE F 510 -44.51 51.34 -19.34
C ILE F 510 -45.83 50.74 -19.84
N ARG F 511 -46.40 51.34 -20.89
CA ARG F 511 -47.62 50.79 -21.46
C ARG F 511 -47.34 49.51 -22.23
N LEU F 512 -46.23 49.47 -22.97
CA LEU F 512 -45.94 48.32 -23.81
C LEU F 512 -45.67 47.06 -22.99
N VAL F 513 -44.93 47.20 -21.89
CA VAL F 513 -44.59 46.02 -21.10
C VAL F 513 -45.85 45.42 -20.49
N GLU F 514 -46.76 46.25 -19.97
CA GLU F 514 -47.97 45.72 -19.36
C GLU F 514 -48.92 45.16 -20.41
N ARG F 515 -49.02 45.82 -21.57
CA ARG F 515 -49.85 45.29 -22.65
C ARG F 515 -49.35 43.92 -23.10
N LEU F 516 -48.03 43.79 -23.27
CA LEU F 516 -47.48 42.53 -23.78
C LEU F 516 -47.53 41.44 -22.72
N ARG F 517 -47.41 41.80 -21.44
CA ARG F 517 -47.52 40.79 -20.39
C ARG F 517 -48.97 40.38 -20.13
N LYS F 518 -49.94 41.23 -20.43
CA LYS F 518 -51.33 40.85 -20.29
C LYS F 518 -51.88 40.14 -21.53
N ILE F 519 -51.28 40.36 -22.70
CA ILE F 519 -51.72 39.65 -23.89
C ILE F 519 -51.29 38.19 -23.84
N ILE F 520 -50.05 37.93 -23.41
CA ILE F 520 -49.54 36.56 -23.35
C ILE F 520 -50.26 35.74 -22.29
N LYS F 521 -50.86 36.39 -21.29
CA LYS F 521 -51.59 35.67 -20.26
C LYS F 521 -52.72 36.52 -19.70
N GLU F 592 -53.01 54.61 -32.23
CA GLU F 592 -53.58 53.85 -31.13
C GLU F 592 -52.48 53.05 -30.42
N LEU F 593 -51.25 53.50 -30.57
CA LEU F 593 -50.06 52.91 -29.97
C LEU F 593 -49.79 51.49 -30.46
N ASP F 594 -50.51 51.03 -31.48
CA ASP F 594 -50.28 49.70 -32.02
C ASP F 594 -49.10 49.66 -32.98
N GLU F 595 -48.86 50.76 -33.70
CA GLU F 595 -47.75 50.83 -34.64
C GLU F 595 -46.40 50.75 -33.93
N LEU F 596 -46.32 51.15 -32.67
CA LEU F 596 -45.06 51.09 -31.94
C LEU F 596 -44.51 49.67 -31.87
N ILE F 597 -45.38 48.68 -31.82
CA ILE F 597 -44.95 47.28 -31.88
C ILE F 597 -44.84 46.79 -33.32
N SER F 598 -45.47 47.47 -34.27
CA SER F 598 -45.46 47.01 -35.65
C SER F 598 -44.07 47.16 -36.27
N ARG F 599 -43.44 48.32 -36.09
CA ARG F 599 -42.14 48.55 -36.70
C ARG F 599 -41.01 47.82 -35.97
N ILE F 600 -41.30 47.16 -34.86
CA ILE F 600 -40.30 46.34 -34.17
C ILE F 600 -39.93 45.18 -35.07
N LYS F 601 -38.69 45.17 -35.55
CA LYS F 601 -38.21 44.16 -36.47
C LYS F 601 -37.32 43.17 -35.71
N LEU F 602 -37.71 41.89 -35.77
CA LEU F 602 -36.95 40.82 -35.12
C LEU F 602 -35.98 40.21 -36.13
N HIS F 603 -34.71 40.15 -35.77
CA HIS F 603 -33.67 39.61 -36.64
C HIS F 603 -33.43 38.16 -36.23
N GLU F 604 -34.11 37.24 -36.91
CA GLU F 604 -33.98 35.82 -36.65
C GLU F 604 -33.86 35.08 -37.98
N GLY F 605 -32.91 34.15 -38.05
CA GLY F 605 -32.69 33.38 -39.25
C GLY F 605 -31.83 34.04 -40.30
N ASN F 606 -31.34 35.25 -40.05
CA ASN F 606 -30.47 35.97 -40.98
C ASN F 606 -29.03 35.86 -40.46
N THR F 607 -28.20 35.09 -41.17
CA THR F 607 -26.83 34.87 -40.71
C THR F 607 -25.96 36.11 -40.86
N GLU F 608 -26.29 36.97 -41.82
CA GLU F 608 -25.46 38.16 -42.04
C GLU F 608 -25.51 39.11 -40.84
N PHE F 609 -26.70 39.24 -40.22
CA PHE F 609 -26.83 40.11 -39.06
C PHE F 609 -25.95 39.63 -37.91
N TRP F 610 -25.97 38.32 -37.64
CA TRP F 610 -25.16 37.78 -36.55
C TRP F 610 -23.67 37.82 -36.89
N LYS F 611 -23.31 37.62 -38.15
CA LYS F 611 -21.91 37.76 -38.54
C LYS F 611 -21.43 39.19 -38.34
N ARG F 612 -22.27 40.18 -38.70
CA ARG F 612 -21.90 41.56 -38.48
C ARG F 612 -21.77 41.89 -37.00
N ARG F 613 -22.67 41.35 -36.18
CA ARG F 613 -22.56 41.56 -34.73
C ARG F 613 -21.32 40.91 -34.15
N PHE F 614 -20.92 39.75 -34.69
CA PHE F 614 -19.73 39.07 -34.20
C PHE F 614 -18.46 39.81 -34.62
N LEU F 615 -18.45 40.36 -35.83
CA LEU F 615 -17.29 41.10 -36.31
C LEU F 615 -17.05 42.39 -35.54
N GLY F 616 -18.06 42.89 -34.82
CA GLY F 616 -17.94 44.11 -34.06
C GLY F 616 -18.64 45.30 -34.67
N GLU F 617 -19.15 45.18 -35.89
CA GLU F 617 -19.84 46.30 -36.52
C GLU F 617 -21.20 46.54 -35.87
N GLY F 618 -22.02 45.50 -35.79
CA GLY F 618 -23.34 45.62 -35.19
C GLY F 618 -23.33 45.55 -33.68
N ASP F 726 -2.04 36.22 -11.42
CA ASP F 726 -2.12 36.49 -12.85
C ASP F 726 -0.92 35.87 -13.57
N ASP F 727 -0.32 36.66 -14.47
CA ASP F 727 0.86 36.23 -15.23
C ASP F 727 0.59 34.96 -16.04
N ASP F 728 -0.66 34.75 -16.43
CA ASP F 728 -1.06 33.59 -17.20
C ASP F 728 -1.92 34.02 -18.38
N ASP F 729 -2.26 33.06 -19.23
CA ASP F 729 -3.09 33.33 -20.40
C ASP F 729 -4.53 33.56 -19.94
N TRP F 730 -5.03 34.78 -20.14
CA TRP F 730 -6.38 35.14 -19.76
C TRP F 730 -7.01 35.97 -20.85
N PHE F 731 -8.23 35.60 -21.26
CA PHE F 731 -8.98 36.39 -22.21
C PHE F 731 -9.41 37.71 -21.57
N PRO F 732 -9.73 38.72 -22.37
CA PRO F 732 -10.23 39.99 -21.82
C PRO F 732 -11.53 39.79 -21.05
N LEU F 733 -11.96 40.88 -20.41
CA LEU F 733 -13.17 40.81 -19.59
C LEU F 733 -14.43 40.91 -20.44
N ASP F 734 -14.52 41.93 -21.29
CA ASP F 734 -15.70 42.11 -22.13
C ASP F 734 -15.65 41.17 -23.33
N ILE F 735 -16.76 41.13 -24.06
CA ILE F 735 -16.90 40.19 -25.16
C ILE F 735 -16.46 40.77 -26.50
N GLN F 736 -16.55 42.09 -26.67
CA GLN F 736 -16.23 42.69 -27.96
C GLN F 736 -14.78 42.46 -28.35
N GLU F 737 -13.86 42.65 -27.41
CA GLU F 737 -12.46 42.34 -27.69
C GLU F 737 -12.11 40.88 -27.46
N ALA F 738 -12.93 40.16 -26.68
CA ALA F 738 -12.75 38.71 -26.59
C ALA F 738 -12.99 38.05 -27.93
N PHE F 739 -13.90 38.59 -28.75
CA PHE F 739 -14.11 38.05 -30.08
C PHE F 739 -12.88 38.25 -30.96
N VAL F 740 -12.26 39.44 -30.89
CA VAL F 740 -11.05 39.64 -31.68
C VAL F 740 -9.90 38.80 -31.13
N GLU F 741 -9.93 38.49 -29.83
CA GLU F 741 -8.90 37.63 -29.26
C GLU F 741 -9.04 36.19 -29.74
N MET F 742 -10.27 35.67 -29.75
CA MET F 742 -10.49 34.32 -30.25
C MET F 742 -10.32 34.24 -31.77
N ARG F 743 -10.51 35.35 -32.48
CA ARG F 743 -10.17 35.37 -33.90
C ARG F 743 -8.66 35.45 -34.12
N LYS F 744 -7.93 36.03 -33.17
CA LYS F 744 -6.47 36.07 -33.29
C LYS F 744 -5.87 34.68 -33.11
N ARG F 745 -6.37 33.92 -32.13
CA ARG F 745 -5.90 32.57 -31.90
C ARG F 745 -6.57 31.54 -32.79
N ASN F 746 -7.44 31.97 -33.70
CA ASN F 746 -8.11 31.09 -34.65
C ASN F 746 -8.93 30.02 -33.93
N ILE F 747 -9.62 30.42 -32.86
CA ILE F 747 -10.54 29.50 -32.19
C ILE F 747 -11.88 29.46 -32.91
N PHE F 748 -12.33 30.60 -33.43
CA PHE F 748 -13.57 30.68 -34.18
C PHE F 748 -13.48 31.83 -35.16
N ASP F 749 -14.23 31.74 -36.25
CA ASP F 749 -14.22 32.77 -37.28
C ASP F 749 -15.60 32.84 -37.91
N VAL F 750 -15.80 33.88 -38.73
CA VAL F 750 -17.10 34.10 -39.36
C VAL F 750 -17.39 33.08 -40.45
N SER F 751 -16.37 32.40 -40.97
CA SER F 751 -16.59 31.37 -41.98
C SER F 751 -17.14 30.09 -41.39
N ASP F 752 -17.23 29.99 -40.06
CA ASP F 752 -17.78 28.82 -39.39
C ASP F 752 -19.23 29.00 -38.97
N MET F 753 -19.84 30.14 -39.28
CA MET F 753 -21.23 30.42 -38.91
C MET F 753 -22.12 30.03 -40.08
N TYR F 754 -22.80 28.90 -39.95
CA TYR F 754 -23.71 28.42 -40.98
C TYR F 754 -24.63 27.36 -40.37
N THR F 755 -25.87 27.35 -40.86
CA THR F 755 -26.86 26.36 -40.47
C THR F 755 -27.27 25.56 -41.71
N ILE F 756 -28.31 24.72 -41.55
CA ILE F 756 -28.80 23.94 -42.67
C ILE F 756 -29.28 24.86 -43.79
N THR F 757 -29.84 26.01 -43.42
CA THR F 757 -30.31 26.96 -44.42
C THR F 757 -29.17 27.42 -45.33
N ASP F 758 -28.13 28.00 -44.75
CA ASP F 758 -27.00 28.49 -45.53
C ASP F 758 -26.23 27.37 -46.21
N ALA F 759 -26.24 26.16 -45.62
CA ALA F 759 -25.50 25.05 -46.21
C ALA F 759 -26.21 24.52 -47.44
N TRP F 760 -27.45 24.05 -47.28
CA TRP F 760 -28.19 23.48 -48.40
C TRP F 760 -28.72 24.52 -49.37
N GLY F 761 -28.65 25.80 -49.01
CA GLY F 761 -28.95 26.86 -49.94
C GLY F 761 -30.39 26.92 -50.41
N TRP F 762 -31.32 27.13 -49.49
CA TRP F 762 -32.72 27.38 -49.84
C TRP F 762 -33.10 28.79 -49.42
N THR F 763 -34.00 29.40 -50.19
CA THR F 763 -34.37 30.80 -49.99
C THR F 763 -35.81 30.99 -49.52
N TRP F 764 -36.63 29.94 -49.54
CA TRP F 764 -38.03 30.04 -49.13
C TRP F 764 -38.20 29.99 -47.62
N GLU F 765 -37.12 30.08 -46.85
CA GLU F 765 -37.20 29.97 -45.40
C GLU F 765 -37.30 31.34 -44.72
N LYS F 766 -36.44 32.28 -45.13
CA LYS F 766 -36.38 33.57 -44.44
C LYS F 766 -37.62 34.41 -44.66
N GLU F 767 -38.37 34.14 -45.74
CA GLU F 767 -39.53 34.98 -46.04
C GLU F 767 -40.71 34.66 -45.14
N ILE F 768 -40.82 33.43 -44.66
CA ILE F 768 -41.99 32.99 -43.92
C ILE F 768 -41.70 32.95 -42.42
N LYS F 769 -40.43 32.76 -42.06
CA LYS F 769 -40.10 32.54 -40.66
C LYS F 769 -40.22 33.81 -39.82
N ASN F 770 -40.02 34.98 -40.43
CA ASN F 770 -40.05 36.25 -39.70
C ASN F 770 -41.35 37.02 -39.89
N LYS F 771 -42.33 36.45 -40.60
CA LYS F 771 -43.58 37.18 -40.77
C LYS F 771 -44.53 36.89 -39.61
N ALA F 772 -45.19 37.91 -39.07
CA ALA F 772 -46.10 37.67 -37.96
C ALA F 772 -47.29 36.83 -38.40
N PRO F 773 -47.86 36.04 -37.50
CA PRO F 773 -48.96 35.14 -37.87
C PRO F 773 -50.27 35.89 -38.03
N GLN F 774 -51.28 35.15 -38.50
CA GLN F 774 -52.62 35.68 -38.69
C GLN F 774 -53.52 35.24 -37.54
N ARG F 775 -54.40 36.13 -37.12
CA ARG F 775 -55.28 35.84 -35.99
C ARG F 775 -56.38 34.86 -36.40
N TRP F 776 -57.04 34.31 -35.40
CA TRP F 776 -58.05 33.28 -35.61
C TRP F 776 -59.42 33.88 -35.86
N SER F 777 -60.19 33.24 -36.73
CA SER F 777 -61.55 33.64 -37.02
C SER F 777 -62.30 32.47 -37.62
N GLN F 778 -63.59 32.37 -37.32
CA GLN F 778 -64.38 31.24 -37.81
C GLN F 778 -64.63 31.33 -39.30
N GLU F 779 -64.70 32.54 -39.86
CA GLU F 779 -64.84 32.68 -41.30
C GLU F 779 -63.62 32.13 -42.02
N TRP F 780 -62.43 32.39 -41.49
CA TRP F 780 -61.22 31.78 -42.05
C TRP F 780 -61.27 30.26 -41.91
N GLU F 781 -61.81 29.77 -40.80
CA GLU F 781 -61.91 28.32 -40.59
C GLU F 781 -62.77 27.68 -41.66
N VAL F 782 -63.95 28.26 -41.93
CA VAL F 782 -64.82 27.65 -42.93
C VAL F 782 -64.25 27.86 -44.34
N GLU F 783 -63.58 28.99 -44.59
CA GLU F 783 -62.99 29.22 -45.91
C GLU F 783 -61.88 28.23 -46.20
N LEU F 784 -61.11 27.84 -45.18
CA LEU F 784 -60.10 26.81 -45.40
C LEU F 784 -60.71 25.42 -45.42
N GLY F 785 -61.78 25.19 -44.66
CA GLY F 785 -62.39 23.88 -44.63
C GLY F 785 -63.04 23.50 -45.94
N ILE F 786 -63.70 24.47 -46.59
CA ILE F 786 -64.35 24.16 -47.87
C ILE F 786 -63.31 23.79 -48.91
N LYS F 787 -62.19 24.51 -48.95
CA LYS F 787 -61.17 24.18 -49.94
C LYS F 787 -60.44 22.89 -49.60
N VAL F 788 -60.25 22.61 -48.31
CA VAL F 788 -59.62 21.33 -47.93
C VAL F 788 -60.52 20.17 -48.33
N MET F 789 -61.83 20.28 -48.08
CA MET F 789 -62.71 19.17 -48.43
C MET F 789 -62.85 19.02 -49.94
N THR F 790 -62.88 20.14 -50.68
CA THR F 790 -62.99 20.00 -52.13
C THR F 790 -61.70 19.44 -52.73
N LYS F 791 -60.54 19.77 -52.16
CA LYS F 791 -59.30 19.22 -52.70
C LYS F 791 -59.11 17.76 -52.28
N VAL F 792 -59.62 17.36 -51.12
CA VAL F 792 -59.51 15.95 -50.75
C VAL F 792 -60.54 15.12 -51.52
N ILE F 793 -61.63 15.74 -51.98
CA ILE F 793 -62.54 15.03 -52.87
C ILE F 793 -61.94 14.91 -54.26
N GLU F 794 -61.29 15.98 -54.74
CA GLU F 794 -60.61 15.93 -56.03
C GLU F 794 -59.45 14.92 -56.01
N LEU F 795 -58.79 14.77 -54.86
CA LEU F 795 -57.65 13.87 -54.76
C LEU F 795 -58.07 12.40 -54.69
N GLY F 796 -59.33 12.12 -54.37
CA GLY F 796 -59.81 10.74 -54.36
C GLY F 796 -60.28 10.27 -53.00
N GLY F 797 -60.54 11.21 -52.08
CA GLY F 797 -61.02 10.89 -50.76
C GLY F 797 -62.48 11.28 -50.61
N THR F 798 -63.20 10.49 -49.82
CA THR F 798 -64.64 10.72 -49.60
C THR F 798 -64.91 10.89 -48.11
N PRO F 799 -65.10 12.11 -47.63
CA PRO F 799 -65.42 12.30 -46.20
C PRO F 799 -66.80 11.74 -45.87
N THR F 800 -66.98 11.40 -44.60
CA THR F 800 -68.24 10.82 -44.15
C THR F 800 -69.29 11.92 -43.99
N ILE F 801 -70.49 11.52 -43.55
CA ILE F 801 -71.57 12.47 -43.37
C ILE F 801 -71.26 13.44 -42.25
N GLY F 802 -70.69 12.94 -41.14
CA GLY F 802 -70.35 13.83 -40.04
C GLY F 802 -69.27 14.83 -40.39
N ASP F 803 -68.36 14.45 -41.31
CA ASP F 803 -67.29 15.36 -41.69
C ASP F 803 -67.83 16.64 -42.30
N CYS F 804 -68.92 16.54 -43.06
CA CYS F 804 -69.57 17.73 -43.60
C CYS F 804 -70.61 18.30 -42.67
N ALA F 805 -71.21 17.48 -41.80
CA ALA F 805 -72.16 18.00 -40.83
C ALA F 805 -71.48 18.96 -39.86
N VAL F 806 -70.24 18.64 -39.45
CA VAL F 806 -69.56 19.50 -38.50
C VAL F 806 -69.16 20.82 -39.14
N ILE F 807 -68.77 20.79 -40.42
CA ILE F 807 -68.41 22.05 -41.08
C ILE F 807 -69.67 22.86 -41.37
N LEU F 808 -70.81 22.20 -41.59
CA LEU F 808 -72.06 22.94 -41.72
C LEU F 808 -72.44 23.60 -40.40
N ARG F 809 -72.24 22.89 -39.28
CA ARG F 809 -72.48 23.49 -37.97
C ARG F 809 -71.57 24.69 -37.75
N ALA F 810 -70.29 24.57 -38.14
CA ALA F 810 -69.37 25.68 -38.00
C ALA F 810 -69.77 26.86 -38.88
N ALA F 811 -70.29 26.57 -40.08
CA ALA F 811 -70.70 27.63 -40.99
C ALA F 811 -71.97 28.32 -40.52
N VAL F 812 -72.85 27.60 -39.81
CA VAL F 812 -74.07 28.22 -39.28
C VAL F 812 -73.84 28.86 -37.92
N ARG F 813 -72.74 28.55 -37.24
CA ARG F 813 -72.40 29.26 -36.00
C ARG F 813 -72.10 30.72 -36.28
N ALA F 814 -71.09 30.99 -37.11
CA ALA F 814 -70.77 32.34 -37.51
C ALA F 814 -71.55 32.68 -38.78
N PRO F 815 -72.35 33.74 -38.80
CA PRO F 815 -73.17 34.04 -39.98
C PRO F 815 -72.31 34.29 -41.22
N MET F 816 -72.46 33.42 -42.20
CA MET F 816 -71.74 33.53 -43.46
C MET F 816 -72.47 32.73 -44.54
N PRO F 817 -73.56 33.26 -45.09
CA PRO F 817 -74.33 32.50 -46.09
C PRO F 817 -73.67 32.50 -47.46
N SER F 818 -72.46 33.02 -47.56
CA SER F 818 -71.79 33.10 -48.86
C SER F 818 -71.44 31.72 -49.40
N ALA F 819 -71.19 30.75 -48.53
CA ALA F 819 -70.82 29.40 -48.94
C ALA F 819 -71.88 28.36 -48.60
N PHE F 820 -73.05 28.80 -48.12
CA PHE F 820 -74.09 27.85 -47.73
C PHE F 820 -74.58 27.04 -48.92
N LEU F 821 -74.56 27.61 -50.12
CA LEU F 821 -75.00 26.87 -51.30
C LEU F 821 -74.01 25.76 -51.65
N ASN F 822 -72.72 26.08 -51.69
CA ASN F 822 -71.73 25.10 -52.13
C ASN F 822 -71.50 24.02 -51.07
N ILE F 823 -71.56 24.38 -49.78
CA ILE F 823 -71.29 23.38 -48.75
C ILE F 823 -72.31 22.25 -48.80
N LEU F 824 -73.52 22.53 -49.28
CA LEU F 824 -74.51 21.48 -49.45
C LEU F 824 -74.57 20.93 -50.86
N GLN F 825 -74.19 21.71 -51.87
CA GLN F 825 -74.13 21.16 -53.22
C GLN F 825 -73.07 20.09 -53.33
N THR F 826 -71.93 20.27 -52.65
CA THR F 826 -70.90 19.25 -52.64
C THR F 826 -71.39 17.97 -51.96
N THR F 827 -72.15 18.12 -50.87
CA THR F 827 -72.65 16.96 -50.15
C THR F 827 -73.67 16.19 -50.99
N HIS F 828 -74.65 16.89 -51.55
CA HIS F 828 -75.67 16.19 -52.33
C HIS F 828 -75.15 15.75 -53.70
N SER F 829 -74.00 16.24 -54.14
CA SER F 829 -73.37 15.68 -55.34
C SER F 829 -72.51 14.47 -55.00
N LEU F 830 -71.95 14.44 -53.78
CA LEU F 830 -71.17 13.27 -53.37
C LEU F 830 -72.03 12.02 -53.26
N GLY F 831 -73.29 12.18 -52.85
CA GLY F 831 -74.19 11.05 -52.74
C GLY F 831 -74.76 10.86 -51.35
N TYR F 832 -74.54 11.84 -50.48
CA TYR F 832 -75.02 11.80 -49.11
C TYR F 832 -76.02 12.92 -48.87
N VAL F 833 -77.02 12.64 -48.05
CA VAL F 833 -78.06 13.61 -47.70
C VAL F 833 -78.18 13.67 -46.18
N PHE F 834 -78.47 14.85 -45.66
CA PHE F 834 -78.59 15.05 -44.23
C PHE F 834 -80.05 14.85 -43.80
N GLY F 835 -80.34 15.14 -42.53
CA GLY F 835 -81.69 15.00 -42.03
C GLY F 835 -82.56 16.20 -42.33
N SER F 836 -83.87 15.95 -42.33
CA SER F 836 -84.83 17.03 -42.60
C SER F 836 -84.84 18.13 -41.54
N PRO F 837 -84.82 17.82 -40.22
CA PRO F 837 -84.95 18.91 -39.23
C PRO F 837 -83.77 19.88 -39.18
N LEU F 838 -82.79 19.73 -40.08
CA LEU F 838 -81.68 20.66 -40.13
C LEU F 838 -81.66 21.51 -41.40
N TYR F 839 -82.39 21.12 -42.45
CA TYR F 839 -82.47 21.94 -43.65
C TYR F 839 -83.40 23.13 -43.48
N ASP F 840 -84.14 23.21 -42.38
CA ASP F 840 -85.04 24.33 -42.13
C ASP F 840 -84.38 25.43 -41.29
N GLU F 841 -83.52 25.06 -40.35
CA GLU F 841 -82.85 26.08 -39.55
C GLU F 841 -81.93 26.94 -40.42
N ILE F 842 -81.27 26.33 -41.40
CA ILE F 842 -80.40 27.10 -42.29
C ILE F 842 -81.24 28.05 -43.14
N ILE F 843 -82.36 27.57 -43.67
CA ILE F 843 -83.17 28.41 -44.55
C ILE F 843 -83.89 29.50 -43.79
N THR F 844 -84.14 29.31 -42.50
CA THR F 844 -84.73 30.38 -41.70
C THR F 844 -83.69 31.35 -41.17
N LEU F 845 -82.44 30.89 -40.95
CA LEU F 845 -81.38 31.82 -40.61
C LEU F 845 -80.97 32.66 -41.80
N CYS F 846 -81.12 32.13 -43.02
CA CYS F 846 -80.87 32.94 -44.21
C CYS F 846 -81.80 34.15 -44.26
N LEU F 847 -83.05 33.97 -43.83
CA LEU F 847 -83.99 35.08 -43.75
C LEU F 847 -83.84 35.88 -42.46
N ASP F 848 -83.24 35.28 -41.42
CA ASP F 848 -83.07 35.98 -40.16
C ASP F 848 -82.16 37.19 -40.31
N LEU F 849 -81.12 37.08 -41.14
CA LEU F 849 -80.18 38.16 -41.37
C LEU F 849 -80.47 38.93 -42.64
N GLY F 850 -81.54 38.60 -43.35
CA GLY F 850 -81.95 39.34 -44.53
C GLY F 850 -81.34 38.90 -45.83
N GLU F 851 -80.77 37.69 -45.89
CA GLU F 851 -80.15 37.19 -47.13
C GLU F 851 -81.19 36.34 -47.86
N LEU F 852 -81.99 37.02 -48.69
CA LEU F 852 -83.06 36.35 -49.42
C LEU F 852 -82.59 35.72 -50.73
N ASP F 853 -81.58 36.30 -51.38
CA ASP F 853 -81.06 35.72 -52.60
C ASP F 853 -80.40 34.37 -52.32
N ALA F 854 -79.69 34.26 -51.19
CA ALA F 854 -79.13 32.98 -50.80
C ALA F 854 -80.23 31.95 -50.54
N ALA F 855 -81.34 32.39 -49.94
CA ALA F 855 -82.45 31.48 -49.72
C ALA F 855 -83.07 31.01 -51.04
N ILE F 856 -83.16 31.93 -52.02
CA ILE F 856 -83.67 31.55 -53.32
C ILE F 856 -82.74 30.53 -53.97
N ALA F 857 -81.43 30.75 -53.89
CA ALA F 857 -80.48 29.79 -54.43
C ALA F 857 -80.58 28.45 -53.72
N ILE F 858 -80.80 28.47 -52.40
CA ILE F 858 -80.89 27.23 -51.64
C ILE F 858 -82.13 26.44 -52.05
N VAL F 859 -83.28 27.09 -52.14
CA VAL F 859 -84.48 26.37 -52.55
C VAL F 859 -84.36 25.93 -54.00
N ALA F 860 -83.64 26.68 -54.84
CA ALA F 860 -83.44 26.27 -56.23
C ALA F 860 -82.63 24.98 -56.30
N ASP F 861 -81.49 24.94 -55.61
CA ASP F 861 -80.69 23.71 -55.64
C ASP F 861 -81.37 22.56 -54.90
N LEU F 862 -82.25 22.87 -53.94
CA LEU F 862 -83.03 21.83 -53.28
C LEU F 862 -84.02 21.20 -54.24
N GLU F 863 -84.73 22.04 -55.02
CA GLU F 863 -85.63 21.52 -56.03
C GLU F 863 -84.86 20.76 -57.11
N THR F 864 -83.64 21.23 -57.44
CA THR F 864 -82.83 20.54 -58.44
C THR F 864 -82.38 19.16 -57.94
N SER F 865 -82.04 19.07 -56.65
CA SER F 865 -81.58 17.81 -56.09
C SER F 865 -82.73 16.81 -55.96
N GLY F 866 -83.84 17.24 -55.36
CA GLY F 866 -84.99 16.38 -55.16
C GLY F 866 -85.32 16.07 -53.72
N ILE F 867 -84.67 16.72 -52.76
CA ILE F 867 -85.00 16.49 -51.35
C ILE F 867 -86.33 17.14 -51.02
N LYS F 868 -87.12 16.46 -50.19
CA LYS F 868 -88.47 16.92 -49.85
C LYS F 868 -88.38 17.86 -48.65
N VAL F 869 -88.57 19.14 -48.89
CA VAL F 869 -88.59 20.13 -47.80
C VAL F 869 -89.92 20.04 -47.07
N PRO F 870 -89.94 20.12 -45.74
CA PRO F 870 -91.22 20.14 -45.03
C PRO F 870 -92.12 21.27 -45.52
N ASP F 871 -93.41 20.98 -45.61
CA ASP F 871 -94.36 21.92 -46.20
C ASP F 871 -94.51 23.19 -45.35
N GLU F 872 -94.37 23.07 -44.03
CA GLU F 872 -94.50 24.24 -43.17
C GLU F 872 -93.42 25.27 -43.47
N THR F 873 -92.16 24.86 -43.39
CA THR F 873 -91.07 25.77 -43.75
C THR F 873 -91.08 26.11 -45.23
N LEU F 874 -91.65 25.25 -46.07
CA LEU F 874 -91.78 25.58 -47.49
C LEU F 874 -92.68 26.79 -47.67
N ASP F 875 -93.88 26.76 -47.08
CA ASP F 875 -94.76 27.92 -47.20
C ASP F 875 -94.21 29.11 -46.45
N ARG F 876 -93.43 28.88 -45.39
CA ARG F 876 -92.78 29.99 -44.69
C ARG F 876 -91.81 30.72 -45.61
N VAL F 877 -90.93 29.98 -46.29
CA VAL F 877 -89.97 30.61 -47.17
C VAL F 877 -90.66 31.17 -48.42
N ILE F 878 -91.79 30.58 -48.83
CA ILE F 878 -92.54 31.15 -49.94
C ILE F 878 -93.15 32.49 -49.56
N SER F 879 -93.68 32.59 -48.33
CA SER F 879 -94.20 33.86 -47.84
C SER F 879 -93.09 34.88 -47.71
N ALA F 880 -91.91 34.46 -47.25
CA ALA F 880 -90.77 35.38 -47.19
C ALA F 880 -90.39 35.87 -48.58
N ARG F 881 -90.40 34.97 -49.57
CA ARG F 881 -90.11 35.36 -50.94
C ARG F 881 -91.12 36.38 -51.45
N GLN F 882 -92.41 36.08 -51.27
CA GLN F 882 -93.44 37.01 -51.73
C GLN F 882 -93.38 38.35 -51.00
N SER F 883 -92.93 38.35 -49.74
CA SER F 883 -92.67 39.61 -49.06
C SER F 883 -91.48 40.33 -49.67
N SER F 884 -90.49 39.59 -50.16
CA SER F 884 -89.35 40.20 -50.82
C SER F 884 -89.67 40.58 -52.27
N ASP F 885 -90.57 39.86 -52.91
CA ASP F 885 -90.95 40.15 -54.28
C ASP F 885 -91.74 41.45 -54.36
N ASP G 102 -67.72 -49.47 -29.13
CA ASP G 102 -66.76 -48.43 -29.51
C ASP G 102 -65.34 -48.88 -29.21
N PHE G 103 -65.15 -49.58 -28.09
CA PHE G 103 -63.82 -50.10 -27.76
C PHE G 103 -63.36 -51.12 -28.79
N SER G 104 -64.25 -52.02 -29.20
CA SER G 104 -63.90 -53.01 -30.21
C SER G 104 -63.60 -52.35 -31.56
N HIS G 105 -64.36 -51.32 -31.92
CA HIS G 105 -64.09 -50.60 -33.16
C HIS G 105 -62.74 -49.90 -33.10
N VAL G 106 -62.41 -49.28 -31.97
CA VAL G 106 -61.11 -48.63 -31.82
C VAL G 106 -59.99 -49.66 -31.89
N PHE G 107 -60.21 -50.84 -31.29
CA PHE G 107 -59.20 -51.89 -31.33
C PHE G 107 -59.00 -52.38 -32.76
N LYS G 108 -60.08 -52.54 -33.52
CA LYS G 108 -59.95 -52.96 -34.91
C LYS G 108 -59.24 -51.90 -35.74
N GLU G 109 -59.55 -50.62 -35.51
CA GLU G 109 -58.89 -49.55 -36.24
C GLU G 109 -57.40 -49.49 -35.91
N PHE G 110 -57.04 -49.75 -34.65
CA PHE G 110 -55.64 -49.77 -34.27
C PHE G 110 -54.92 -50.98 -34.87
N ALA G 111 -55.60 -52.13 -34.92
CA ALA G 111 -55.01 -53.30 -35.56
C ALA G 111 -54.84 -53.10 -37.06
N ALA G 112 -55.70 -52.29 -37.68
CA ALA G 112 -55.54 -51.98 -39.09
C ALA G 112 -54.31 -51.12 -39.34
N ARG G 113 -53.92 -50.29 -38.37
CA ARG G 113 -52.76 -49.43 -38.50
C ARG G 113 -51.51 -50.01 -37.83
N GLY G 114 -51.64 -51.12 -37.10
CA GLY G 114 -50.49 -51.71 -36.44
C GLY G 114 -50.10 -51.07 -35.14
N ASP G 115 -51.01 -50.35 -34.49
CA ASP G 115 -50.72 -49.71 -33.21
C ASP G 115 -50.91 -50.69 -32.06
N TRP G 116 -50.06 -51.72 -31.99
CA TRP G 116 -50.21 -52.73 -30.96
C TRP G 116 -49.91 -52.17 -29.57
N GLN G 117 -49.00 -51.20 -29.47
CA GLN G 117 -48.64 -50.65 -28.16
C GLN G 117 -49.80 -49.87 -27.56
N ARG G 118 -50.41 -48.98 -28.35
CA ARG G 118 -51.55 -48.22 -27.84
C ARG G 118 -52.73 -49.12 -27.53
N SER G 119 -52.96 -50.15 -28.34
CA SER G 119 -54.04 -51.09 -28.08
C SER G 119 -53.80 -51.85 -26.77
N LEU G 120 -52.57 -52.31 -26.55
CA LEU G 120 -52.25 -53.01 -25.32
C LEU G 120 -52.38 -52.10 -24.10
N ARG G 121 -51.96 -50.83 -24.24
CA ARG G 121 -52.10 -49.89 -23.13
C ARG G 121 -53.57 -49.62 -22.82
N LEU G 122 -54.40 -49.45 -23.86
CA LEU G 122 -55.83 -49.24 -23.65
C LEU G 122 -56.47 -50.46 -23.00
N PHE G 123 -56.06 -51.66 -23.42
CA PHE G 123 -56.60 -52.87 -22.82
C PHE G 123 -56.21 -52.98 -21.35
N LYS G 124 -54.94 -52.72 -21.03
CA LYS G 124 -54.49 -52.77 -19.65
C LYS G 124 -55.14 -51.70 -18.78
N TYR G 125 -55.49 -50.56 -19.36
CA TYR G 125 -56.19 -49.52 -18.61
C TYR G 125 -57.65 -49.91 -18.37
N MET G 126 -58.30 -50.46 -19.40
CA MET G 126 -59.70 -50.87 -19.27
C MET G 126 -59.84 -52.04 -18.31
N GLN G 127 -58.80 -52.88 -18.21
CA GLN G 127 -58.85 -54.02 -17.29
C GLN G 127 -59.03 -53.58 -15.85
N ARG G 128 -58.56 -52.39 -15.51
CA ARG G 128 -58.70 -51.85 -14.16
C ARG G 128 -59.93 -50.97 -13.99
N GLN G 129 -60.74 -50.81 -15.04
CA GLN G 129 -61.94 -49.99 -15.00
C GLN G 129 -63.17 -50.87 -14.88
N ILE G 130 -64.07 -50.50 -13.97
CA ILE G 130 -65.30 -51.29 -13.78
C ILE G 130 -66.30 -50.98 -14.87
N TRP G 131 -66.38 -49.72 -15.31
CA TRP G 131 -67.33 -49.32 -16.34
C TRP G 131 -66.88 -49.70 -17.75
N CYS G 132 -65.63 -50.16 -17.90
CA CYS G 132 -65.12 -50.53 -19.21
C CYS G 132 -64.38 -51.86 -19.18
N LYS G 133 -64.94 -52.84 -18.47
CA LYS G 133 -64.31 -54.15 -18.39
C LYS G 133 -64.27 -54.80 -19.77
N PRO G 134 -63.10 -55.24 -20.23
CA PRO G 134 -63.03 -55.86 -21.57
C PRO G 134 -63.71 -57.21 -21.58
N ASN G 135 -64.40 -57.49 -22.68
CA ASN G 135 -65.11 -58.75 -22.85
C ASN G 135 -64.25 -59.74 -23.65
N GLU G 136 -64.85 -60.89 -23.97
CA GLU G 136 -64.15 -61.91 -24.73
C GLU G 136 -63.77 -61.42 -26.12
N HIS G 137 -64.62 -60.58 -26.72
CA HIS G 137 -64.33 -60.05 -28.05
C HIS G 137 -63.10 -59.14 -28.02
N ILE G 138 -63.00 -58.29 -27.01
CA ILE G 138 -61.84 -57.40 -26.90
C ILE G 138 -60.58 -58.21 -26.63
N TYR G 139 -60.69 -59.26 -25.81
CA TYR G 139 -59.54 -60.12 -25.56
C TYR G 139 -59.07 -60.82 -26.83
N THR G 140 -60.02 -61.32 -27.63
CA THR G 140 -59.66 -61.97 -28.89
C THR G 140 -59.03 -60.97 -29.86
N LEU G 141 -59.57 -59.75 -29.91
CA LEU G 141 -59.00 -58.72 -30.77
C LEU G 141 -57.57 -58.37 -30.36
N MET G 142 -57.34 -58.25 -29.05
CA MET G 142 -55.99 -57.97 -28.56
C MET G 142 -55.04 -59.13 -28.86
N ILE G 143 -55.51 -60.37 -28.70
CA ILE G 143 -54.68 -61.53 -29.01
C ILE G 143 -54.31 -61.55 -30.48
N GLY G 144 -55.29 -61.26 -31.35
CA GLY G 144 -55.01 -61.20 -32.78
C GLY G 144 -54.04 -60.08 -33.14
N ILE G 145 -54.19 -58.93 -32.50
CA ILE G 145 -53.28 -57.81 -32.76
C ILE G 145 -51.86 -58.16 -32.32
N LEU G 146 -51.74 -58.84 -31.17
CA LEU G 146 -50.43 -59.26 -30.70
C LEU G 146 -49.82 -60.30 -31.62
N GLY G 147 -50.63 -61.25 -32.10
CA GLY G 147 -50.11 -62.26 -33.01
C GLY G 147 -49.70 -61.70 -34.36
N ARG G 148 -50.40 -60.66 -34.82
CA ARG G 148 -50.05 -60.04 -36.08
C ARG G 148 -48.67 -59.39 -36.03
N GLU G 149 -48.27 -58.90 -34.86
CA GLU G 149 -46.97 -58.27 -34.68
C GLU G 149 -45.90 -59.24 -34.20
N GLY G 150 -46.24 -60.51 -34.00
CA GLY G 150 -45.27 -61.48 -33.53
C GLY G 150 -45.07 -61.51 -32.03
N LEU G 151 -45.96 -60.90 -31.26
CA LEU G 151 -45.87 -60.90 -29.80
C LEU G 151 -46.59 -62.11 -29.22
N LEU G 152 -45.99 -63.28 -29.43
CA LEU G 152 -46.59 -64.52 -28.94
C LEU G 152 -46.64 -64.56 -27.42
N ASP G 153 -45.60 -64.04 -26.75
CA ASP G 153 -45.58 -64.05 -25.30
C ASP G 153 -46.69 -63.18 -24.72
N LYS G 154 -46.88 -61.98 -25.26
CA LYS G 154 -47.92 -61.09 -24.77
C LYS G 154 -49.30 -61.65 -25.04
N ALA G 155 -49.49 -62.27 -26.21
CA ALA G 155 -50.78 -62.88 -26.53
C ALA G 155 -51.07 -64.04 -25.58
N PHE G 156 -50.06 -64.85 -25.28
CA PHE G 156 -50.26 -65.97 -24.35
C PHE G 156 -50.57 -65.46 -22.95
N GLU G 157 -49.88 -64.40 -22.52
CA GLU G 157 -50.16 -63.82 -21.21
C GLU G 157 -51.58 -63.27 -21.15
N ILE G 158 -52.03 -62.62 -22.22
CA ILE G 158 -53.38 -62.06 -22.24
C ILE G 158 -54.42 -63.16 -22.25
N PHE G 159 -54.13 -64.27 -22.94
CA PHE G 159 -55.07 -65.39 -22.97
C PHE G 159 -55.12 -66.10 -21.62
N ASP G 160 -53.99 -66.17 -20.91
CA ASP G 160 -53.97 -66.81 -19.61
C ASP G 160 -54.62 -65.94 -18.54
N GLU G 161 -54.49 -64.62 -18.67
CA GLU G 161 -55.09 -63.71 -17.68
C GLU G 161 -56.61 -63.67 -17.76
N MET G 162 -57.20 -64.31 -18.78
CA MET G 162 -58.65 -64.31 -18.93
C MET G 162 -59.36 -64.96 -17.74
N PRO G 163 -58.93 -66.11 -17.22
CA PRO G 163 -59.64 -66.70 -16.07
C PRO G 163 -59.53 -65.88 -14.80
N SER G 164 -58.44 -65.13 -14.65
CA SER G 164 -58.29 -64.25 -13.49
C SER G 164 -59.22 -63.07 -13.68
N HIS G 165 -59.52 -62.75 -14.93
CA HIS G 165 -60.43 -61.63 -15.22
C HIS G 165 -61.85 -62.12 -15.43
N SER G 166 -62.09 -63.41 -15.21
CA SER G 166 -63.43 -63.98 -15.41
C SER G 166 -63.95 -63.77 -16.82
N VAL G 167 -63.08 -63.97 -17.82
CA VAL G 167 -63.48 -63.78 -19.22
C VAL G 167 -63.67 -65.13 -19.89
N ALA G 168 -64.78 -65.30 -20.59
CA ALA G 168 -65.09 -66.58 -21.24
C ALA G 168 -64.12 -66.98 -22.34
N ARG G 169 -63.86 -68.28 -22.47
CA ARG G 169 -62.94 -68.76 -23.50
C ARG G 169 -63.72 -69.52 -24.57
N THR G 170 -63.46 -69.23 -25.83
CA THR G 170 -64.21 -69.87 -26.91
C THR G 170 -63.28 -70.45 -27.98
N VAL G 171 -63.80 -71.38 -28.78
CA VAL G 171 -62.99 -71.96 -29.86
C VAL G 171 -62.31 -70.87 -30.67
N PHE G 172 -62.89 -69.69 -30.72
CA PHE G 172 -62.26 -68.55 -31.40
C PHE G 172 -60.81 -68.37 -30.95
N SER G 173 -60.59 -68.33 -29.63
CA SER G 173 -59.22 -68.14 -29.13
C SER G 173 -58.34 -69.34 -29.48
N TYR G 174 -58.90 -70.55 -29.41
CA TYR G 174 -58.13 -71.73 -29.77
C TYR G 174 -57.73 -71.71 -31.24
N THR G 175 -58.66 -71.33 -32.12
CA THR G 175 -58.34 -71.25 -33.53
C THR G 175 -57.32 -70.14 -33.81
N ALA G 176 -57.43 -69.03 -33.09
CA ALA G 176 -56.46 -67.95 -33.27
C ALA G 176 -55.07 -68.38 -32.84
N ILE G 177 -54.96 -69.10 -31.71
CA ILE G 177 -53.67 -69.58 -31.25
C ILE G 177 -53.11 -70.62 -32.22
N ILE G 178 -53.98 -71.49 -32.75
CA ILE G 178 -53.52 -72.50 -33.71
C ILE G 178 -53.00 -71.83 -34.97
N ASN G 179 -53.70 -70.80 -35.45
CA ASN G 179 -53.26 -70.08 -36.64
C ASN G 179 -51.94 -69.35 -36.38
N ALA G 180 -51.80 -68.74 -35.21
CA ALA G 180 -50.56 -68.06 -34.87
C ALA G 180 -49.39 -69.03 -34.82
N TYR G 181 -49.63 -70.22 -34.26
CA TYR G 181 -48.58 -71.24 -34.21
C TYR G 181 -48.24 -71.75 -35.61
N GLY G 182 -49.26 -71.94 -36.46
CA GLY G 182 -49.02 -72.45 -37.79
C GLY G 182 -48.31 -71.45 -38.69
N ARG G 183 -48.56 -70.16 -38.48
CA ARG G 183 -47.92 -69.12 -39.28
C ARG G 183 -46.40 -69.11 -39.11
N ASN G 184 -45.89 -69.65 -37.99
CA ASN G 184 -44.46 -69.73 -37.75
C ASN G 184 -43.90 -71.13 -37.97
N GLY G 185 -44.67 -72.01 -38.60
CA GLY G 185 -44.23 -73.36 -38.88
C GLY G 185 -44.33 -74.34 -37.74
N GLN G 186 -45.02 -73.98 -36.65
CA GLN G 186 -45.16 -74.86 -35.49
C GLN G 186 -46.41 -75.73 -35.64
N TYR G 187 -46.26 -76.76 -36.50
CA TYR G 187 -47.35 -77.70 -36.71
C TYR G 187 -47.58 -78.58 -35.49
N GLY G 188 -46.49 -78.99 -34.83
CA GLY G 188 -46.64 -79.78 -33.61
C GLY G 188 -47.34 -79.02 -32.50
N THR G 189 -47.05 -77.73 -32.38
CA THR G 189 -47.73 -76.91 -31.39
C THR G 189 -49.21 -76.76 -31.71
N SER G 190 -49.56 -76.62 -33.00
CA SER G 190 -50.95 -76.56 -33.39
C SER G 190 -51.67 -77.88 -33.09
N LEU G 191 -51.01 -79.01 -33.34
CA LEU G 191 -51.61 -80.30 -33.03
C LEU G 191 -51.81 -80.46 -31.53
N GLN G 192 -50.82 -80.04 -30.74
CA GLN G 192 -50.97 -80.10 -29.28
C GLN G 192 -52.10 -79.20 -28.79
N LEU G 193 -52.25 -78.02 -29.38
CA LEU G 193 -53.33 -77.12 -28.99
C LEU G 193 -54.69 -77.71 -29.37
N LEU G 194 -54.77 -78.36 -30.53
CA LEU G 194 -56.01 -79.01 -30.93
C LEU G 194 -56.36 -80.15 -29.97
N GLU G 195 -55.35 -80.95 -29.60
CA GLU G 195 -55.58 -82.03 -28.65
C GLU G 195 -56.01 -81.50 -27.29
N LYS G 196 -55.43 -80.38 -26.85
CA LYS G 196 -55.82 -79.79 -25.58
C LYS G 196 -57.24 -79.25 -25.63
N MET G 197 -57.62 -78.63 -26.75
CA MET G 197 -58.99 -78.15 -26.91
C MET G 197 -59.97 -79.30 -26.93
N LYS G 198 -59.60 -80.42 -27.57
CA LYS G 198 -60.47 -81.59 -27.56
C LYS G 198 -60.59 -82.17 -26.15
N GLN G 199 -59.51 -82.14 -25.38
CA GLN G 199 -59.57 -82.61 -24.00
C GLN G 199 -60.43 -81.67 -23.14
N GLU G 200 -60.42 -80.38 -23.46
CA GLU G 200 -61.18 -79.38 -22.74
C GLU G 200 -62.66 -79.36 -23.11
N LYS G 201 -63.14 -80.38 -23.81
CA LYS G 201 -64.54 -80.49 -24.23
C LYS G 201 -64.96 -79.33 -25.13
N ILE G 202 -64.01 -78.80 -25.90
CA ILE G 202 -64.29 -77.73 -26.85
C ILE G 202 -64.41 -78.35 -28.24
N ILE G 203 -65.60 -78.27 -28.81
CA ILE G 203 -65.87 -78.84 -30.13
C ILE G 203 -65.14 -78.02 -31.20
N PRO G 204 -64.20 -78.61 -31.93
CA PRO G 204 -63.51 -77.84 -32.97
C PRO G 204 -64.44 -77.54 -34.13
N SER G 205 -64.13 -76.44 -34.83
CA SER G 205 -64.92 -75.99 -35.96
C SER G 205 -64.22 -76.31 -37.28
N ILE G 206 -64.94 -76.06 -38.38
CA ILE G 206 -64.37 -76.29 -39.71
C ILE G 206 -63.16 -75.38 -39.93
N LEU G 207 -63.23 -74.15 -39.43
CA LEU G 207 -62.12 -73.22 -39.59
C LEU G 207 -60.89 -73.70 -38.82
N THR G 208 -61.09 -74.21 -37.61
CA THR G 208 -59.96 -74.71 -36.83
C THR G 208 -59.32 -75.92 -37.51
N TYR G 209 -60.13 -76.82 -38.05
CA TYR G 209 -59.60 -77.99 -38.75
C TYR G 209 -58.85 -77.57 -40.01
N ASN G 210 -59.38 -76.60 -40.75
CA ASN G 210 -58.69 -76.10 -41.93
C ASN G 210 -57.37 -75.45 -41.57
N THR G 211 -57.35 -74.67 -40.48
CA THR G 211 -56.11 -74.04 -40.04
C THR G 211 -55.08 -75.08 -39.61
N VAL G 212 -55.53 -76.14 -38.92
CA VAL G 212 -54.61 -77.19 -38.51
C VAL G 212 -54.06 -77.93 -39.73
N ILE G 213 -54.90 -78.19 -40.72
CA ILE G 213 -54.44 -78.86 -41.93
C ILE G 213 -53.43 -78.00 -42.67
N ASN G 214 -53.70 -76.69 -42.76
CA ASN G 214 -52.77 -75.78 -43.41
C ASN G 214 -51.45 -75.70 -42.67
N SER G 215 -51.49 -75.68 -41.34
CA SER G 215 -50.27 -75.65 -40.54
C SER G 215 -49.46 -76.92 -40.75
N CYS G 216 -50.14 -78.08 -40.78
CA CYS G 216 -49.44 -79.34 -41.01
C CYS G 216 -48.83 -79.39 -42.40
N ALA G 217 -49.54 -78.86 -43.40
CA ALA G 217 -49.01 -78.84 -44.76
C ALA G 217 -47.79 -77.93 -44.86
N ARG G 218 -47.87 -76.73 -44.26
CA ARG G 218 -46.76 -75.79 -44.35
C ARG G 218 -45.55 -76.26 -43.53
N GLY G 219 -45.79 -76.96 -42.42
CA GLY G 219 -44.70 -77.41 -41.58
C GLY G 219 -43.96 -78.62 -42.08
N GLY G 220 -44.42 -79.24 -43.16
CA GLY G 220 -43.76 -80.40 -43.70
C GLY G 220 -44.22 -81.73 -43.14
N HIS G 221 -45.42 -81.80 -42.59
CA HIS G 221 -45.93 -83.05 -42.06
C HIS G 221 -46.23 -84.03 -43.18
N GLU G 222 -46.19 -85.33 -42.85
CA GLU G 222 -46.46 -86.35 -43.84
C GLU G 222 -47.90 -86.26 -44.36
N TRP G 223 -48.10 -86.72 -45.59
CA TRP G 223 -49.43 -86.72 -46.18
C TRP G 223 -50.37 -87.64 -45.41
N GLU G 224 -49.82 -88.69 -44.80
CA GLU G 224 -50.64 -89.59 -43.98
C GLU G 224 -51.25 -88.84 -42.80
N GLY G 225 -50.49 -87.90 -42.21
CA GLY G 225 -51.03 -87.10 -41.12
C GLY G 225 -52.19 -86.23 -41.56
N LEU G 226 -52.07 -85.61 -42.74
CA LEU G 226 -53.17 -84.80 -43.26
C LEU G 226 -54.39 -85.65 -43.59
N LEU G 227 -54.16 -86.85 -44.13
CA LEU G 227 -55.28 -87.75 -44.40
C LEU G 227 -55.97 -88.18 -43.12
N SER G 228 -55.19 -88.47 -42.08
CA SER G 228 -55.77 -88.85 -40.79
C SER G 228 -56.55 -87.68 -40.19
N LEU G 229 -56.02 -86.46 -40.31
CA LEU G 229 -56.73 -85.30 -39.80
C LEU G 229 -58.04 -85.08 -40.54
N PHE G 230 -58.03 -85.26 -41.87
CA PHE G 230 -59.26 -85.12 -42.65
C PHE G 230 -60.27 -86.21 -42.27
N ALA G 231 -59.80 -87.43 -42.06
CA ALA G 231 -60.70 -88.51 -41.67
C ALA G 231 -61.29 -88.25 -40.29
N GLU G 232 -60.49 -87.72 -39.37
CA GLU G 232 -60.99 -87.39 -38.04
C GLU G 232 -62.02 -86.27 -38.11
N MET G 233 -61.75 -85.24 -38.92
CA MET G 233 -62.70 -84.16 -39.10
C MET G 233 -64.01 -84.67 -39.69
N ARG G 234 -63.93 -85.60 -40.64
CA ARG G 234 -65.13 -86.15 -41.25
C ARG G 234 -65.89 -87.04 -40.27
N HIS G 235 -65.17 -87.75 -39.39
CA HIS G 235 -65.84 -88.60 -38.41
C HIS G 235 -66.54 -87.77 -37.33
N GLU G 236 -66.06 -86.56 -37.09
CA GLU G 236 -66.69 -85.67 -36.13
C GLU G 236 -67.63 -84.69 -36.83
N GLY G 237 -68.08 -85.03 -38.04
CA GLY G 237 -69.02 -84.18 -38.76
C GLY G 237 -68.67 -82.74 -39.10
N ILE G 238 -67.45 -82.49 -39.55
CA ILE G 238 -67.07 -81.13 -39.98
C ILE G 238 -67.83 -80.71 -41.23
N GLN G 239 -67.95 -79.41 -41.46
CA GLN G 239 -68.72 -78.92 -42.61
C GLN G 239 -67.83 -78.35 -43.69
N PRO G 240 -68.00 -78.83 -44.93
CA PRO G 240 -67.18 -78.34 -46.05
C PRO G 240 -67.46 -76.89 -46.42
N ASP G 241 -66.43 -76.15 -46.79
CA ASP G 241 -66.61 -74.76 -47.21
C ASP G 241 -65.84 -74.56 -48.51
N LEU G 242 -66.24 -73.59 -49.33
CA LEU G 242 -65.58 -73.37 -50.60
C LEU G 242 -64.12 -72.97 -50.40
N VAL G 243 -63.87 -72.09 -49.44
CA VAL G 243 -62.49 -71.69 -49.15
C VAL G 243 -61.71 -72.89 -48.64
N THR G 244 -62.33 -73.69 -47.80
CA THR G 244 -61.67 -74.88 -47.28
C THR G 244 -61.36 -75.85 -48.41
N TYR G 245 -62.29 -75.98 -49.36
CA TYR G 245 -62.09 -76.89 -50.48
C TYR G 245 -60.90 -76.50 -51.34
N ASN G 246 -60.70 -75.20 -51.56
CA ASN G 246 -59.54 -74.75 -52.31
C ASN G 246 -58.26 -75.15 -51.58
N THR G 247 -58.23 -74.92 -50.28
CA THR G 247 -57.06 -75.27 -49.48
C THR G 247 -56.93 -76.78 -49.36
N LEU G 248 -58.04 -77.49 -49.51
CA LEU G 248 -58.03 -78.95 -49.43
C LEU G 248 -57.48 -79.55 -50.70
N LEU G 249 -57.77 -78.92 -51.83
CA LEU G 249 -57.23 -79.40 -53.08
C LEU G 249 -55.72 -79.26 -52.95
N SER G 250 -55.26 -78.17 -52.34
CA SER G 250 -53.83 -78.01 -52.11
C SER G 250 -53.28 -79.09 -51.18
N ALA G 251 -54.02 -79.48 -50.15
CA ALA G 251 -53.48 -80.45 -49.17
C ALA G 251 -52.67 -81.57 -49.83
N CYS G 252 -53.29 -82.26 -50.79
CA CYS G 252 -52.58 -83.32 -51.51
C CYS G 252 -51.40 -82.78 -52.31
N SER G 253 -51.55 -81.60 -52.90
CA SER G 253 -50.47 -80.97 -53.63
C SER G 253 -49.28 -80.69 -52.73
N SER G 254 -49.54 -80.27 -51.50
CA SER G 254 -48.47 -79.95 -50.56
C SER G 254 -47.65 -81.21 -50.30
N ARG G 255 -48.31 -82.36 -50.21
CA ARG G 255 -47.60 -83.60 -50.01
C ARG G 255 -46.65 -83.86 -51.17
N GLY G 256 -47.10 -83.61 -52.39
CA GLY G 256 -46.24 -83.78 -53.55
C GLY G 256 -46.11 -85.18 -54.08
N LEU G 257 -46.83 -86.13 -53.50
CA LEU G 257 -46.81 -87.50 -54.00
C LEU G 257 -47.52 -87.53 -55.35
N GLY G 258 -47.08 -88.41 -56.24
CA GLY G 258 -47.71 -88.49 -57.55
C GLY G 258 -49.16 -88.91 -57.43
N ASP G 259 -49.44 -89.89 -56.57
CA ASP G 259 -50.81 -90.32 -56.35
C ASP G 259 -51.61 -89.18 -55.73
N GLU G 260 -51.01 -88.47 -54.79
CA GLU G 260 -51.68 -87.34 -54.15
C GLU G 260 -51.97 -86.25 -55.15
N ALA G 261 -51.04 -85.99 -56.05
CA ALA G 261 -51.23 -84.95 -57.06
C ALA G 261 -52.41 -85.29 -57.95
N GLU G 262 -52.54 -86.56 -58.33
CA GLU G 262 -53.68 -86.98 -59.13
C GLU G 262 -54.97 -86.81 -58.33
N MET G 263 -54.93 -87.16 -57.06
CA MET G 263 -56.11 -87.05 -56.21
C MET G 263 -56.48 -85.60 -55.97
N VAL G 264 -55.48 -84.74 -55.82
CA VAL G 264 -55.74 -83.33 -55.62
C VAL G 264 -56.59 -82.75 -56.73
N PHE G 265 -56.25 -83.06 -57.98
CA PHE G 265 -57.05 -82.60 -59.12
C PHE G 265 -58.41 -83.25 -59.21
N ARG G 266 -58.45 -84.56 -59.00
CA ARG G 266 -59.70 -85.30 -59.13
C ARG G 266 -60.60 -85.05 -57.95
N THR G 267 -60.08 -84.45 -56.89
CA THR G 267 -60.93 -84.30 -55.73
C THR G 267 -62.09 -83.46 -56.14
N MET G 268 -61.83 -82.37 -56.84
CA MET G 268 -62.92 -81.57 -57.33
C MET G 268 -63.74 -82.23 -58.45
N ASN G 269 -63.08 -82.82 -59.46
CA ASN G 269 -63.80 -83.41 -60.60
C ASN G 269 -64.61 -84.64 -60.30
N GLU G 270 -64.04 -85.59 -59.57
CA GLU G 270 -64.73 -86.85 -59.30
C GLU G 270 -65.95 -86.75 -58.41
N ALA G 271 -65.87 -85.93 -57.36
CA ALA G 271 -67.01 -85.73 -56.48
C ALA G 271 -68.00 -84.79 -57.15
N GLY G 272 -67.55 -84.11 -58.21
CA GLY G 272 -68.43 -83.23 -58.96
C GLY G 272 -68.60 -81.81 -58.44
N ILE G 273 -67.90 -81.45 -57.37
CA ILE G 273 -67.96 -80.06 -56.90
C ILE G 273 -66.59 -79.41 -57.05
N LEU G 274 -66.52 -78.36 -57.85
CA LEU G 274 -65.23 -77.72 -58.11
C LEU G 274 -65.25 -76.20 -57.97
N PRO G 275 -64.23 -75.65 -57.29
CA PRO G 275 -64.18 -74.19 -57.27
C PRO G 275 -63.80 -73.74 -58.67
N ASP G 276 -64.34 -72.62 -59.14
CA ASP G 276 -64.09 -72.22 -60.52
C ASP G 276 -62.63 -71.91 -60.86
N VAL G 277 -61.93 -71.20 -59.97
CA VAL G 277 -60.55 -70.81 -60.30
C VAL G 277 -59.45 -71.33 -59.37
N THR G 278 -59.62 -71.14 -58.06
CA THR G 278 -58.56 -71.51 -57.13
C THR G 278 -58.22 -73.00 -57.08
N THR G 279 -59.24 -73.86 -57.07
CA THR G 279 -59.00 -75.30 -57.02
C THR G 279 -58.26 -75.75 -58.27
N TYR G 280 -58.66 -75.22 -59.42
CA TYR G 280 -58.03 -75.61 -60.68
C TYR G 280 -56.56 -75.24 -60.72
N SER G 281 -56.22 -74.05 -60.22
CA SER G 281 -54.84 -73.59 -60.29
C SER G 281 -53.90 -74.43 -59.44
N TYR G 282 -54.25 -74.64 -58.17
CA TYR G 282 -53.42 -75.41 -57.27
C TYR G 282 -53.28 -76.86 -57.70
N LEU G 283 -54.38 -77.46 -58.14
CA LEU G 283 -54.35 -78.84 -58.61
C LEU G 283 -53.48 -78.94 -59.85
N VAL G 284 -53.58 -77.95 -60.72
CA VAL G 284 -52.77 -77.94 -61.92
C VAL G 284 -51.30 -77.87 -61.51
N ASP G 285 -51.01 -77.08 -60.48
CA ASP G 285 -49.63 -76.96 -60.02
C ASP G 285 -49.11 -78.30 -59.53
N THR G 286 -49.92 -79.00 -58.74
CA THR G 286 -49.52 -80.32 -58.27
C THR G 286 -49.41 -81.29 -59.42
N PHE G 287 -50.34 -81.19 -60.38
CA PHE G 287 -50.35 -82.11 -61.49
C PHE G 287 -49.04 -81.95 -62.24
N GLY G 288 -48.57 -80.72 -62.36
CA GLY G 288 -47.36 -80.48 -63.11
C GLY G 288 -46.05 -81.12 -62.63
N LYS G 289 -45.76 -81.11 -61.32
CA LYS G 289 -44.49 -81.66 -60.86
C LYS G 289 -44.42 -83.14 -61.14
N LEU G 290 -45.49 -83.86 -60.84
CA LEU G 290 -45.56 -85.27 -61.16
C LEU G 290 -45.60 -85.42 -62.67
N GLY G 291 -46.34 -84.54 -63.35
CA GLY G 291 -46.52 -84.64 -64.78
C GLY G 291 -48.00 -84.77 -65.11
N LYS G 292 -48.65 -83.67 -65.53
CA LYS G 292 -50.07 -83.69 -65.88
C LYS G 292 -50.08 -84.08 -67.32
N LEU G 293 -50.12 -85.37 -67.60
CA LEU G 293 -49.96 -85.79 -68.97
C LEU G 293 -51.02 -85.26 -69.86
N GLU G 294 -52.25 -85.36 -69.42
CA GLU G 294 -53.31 -84.76 -70.19
C GLU G 294 -53.96 -83.90 -69.19
N LYS G 295 -53.38 -83.88 -68.00
CA LYS G 295 -54.04 -83.15 -66.97
C LYS G 295 -53.92 -81.71 -67.32
N VAL G 296 -52.93 -81.38 -68.11
CA VAL G 296 -52.83 -79.98 -68.56
C VAL G 296 -54.02 -79.48 -69.41
N SER G 297 -54.48 -80.26 -70.39
CA SER G 297 -55.65 -79.87 -71.21
C SER G 297 -56.81 -79.83 -70.29
N GLU G 298 -56.87 -80.80 -69.43
CA GLU G 298 -57.98 -80.90 -68.54
C GLU G 298 -58.08 -79.74 -67.63
N LEU G 299 -56.96 -79.27 -67.12
CA LEU G 299 -57.10 -78.23 -66.12
C LEU G 299 -57.77 -76.98 -66.68
N LEU G 300 -57.40 -76.56 -67.88
CA LEU G 300 -58.09 -75.41 -68.50
C LEU G 300 -59.54 -75.71 -68.82
N MET G 301 -59.81 -76.90 -69.34
CA MET G 301 -61.15 -77.27 -69.71
C MET G 301 -62.00 -77.27 -68.49
N GLU G 302 -61.48 -77.81 -67.41
CA GLU G 302 -62.28 -77.92 -66.19
C GLU G 302 -62.67 -76.58 -65.66
N MET G 303 -61.73 -75.65 -65.61
CA MET G 303 -62.11 -74.30 -65.20
C MET G 303 -63.01 -73.57 -66.21
N GLU G 304 -62.69 -73.66 -67.50
CA GLU G 304 -63.45 -72.89 -68.52
C GLU G 304 -64.92 -73.18 -68.81
N ALA G 305 -65.30 -74.44 -68.92
CA ALA G 305 -66.67 -74.75 -69.30
C ALA G 305 -67.48 -74.93 -68.05
N GLY G 306 -66.85 -74.69 -66.91
CA GLY G 306 -67.54 -74.84 -65.64
C GLY G 306 -68.70 -73.89 -65.51
N GLY G 307 -68.64 -72.76 -66.19
CA GLY G 307 -69.68 -71.76 -66.07
C GLY G 307 -68.95 -70.48 -65.79
N THR G 308 -67.65 -70.61 -65.56
CA THR G 308 -66.85 -69.43 -65.39
C THR G 308 -65.78 -69.50 -66.44
N SER G 309 -65.56 -68.43 -67.18
CA SER G 309 -64.49 -68.41 -68.17
C SER G 309 -63.14 -68.55 -67.48
N PRO G 310 -62.23 -69.33 -68.08
CA PRO G 310 -60.94 -69.55 -67.41
C PRO G 310 -60.15 -68.26 -67.31
N GLU G 311 -59.48 -68.05 -66.18
CA GLU G 311 -58.71 -66.82 -65.97
C GLU G 311 -57.48 -66.73 -66.87
N VAL G 312 -57.09 -65.51 -67.22
CA VAL G 312 -55.94 -65.33 -68.06
C VAL G 312 -54.66 -65.69 -67.32
N THR G 313 -54.47 -65.15 -66.13
CA THR G 313 -53.31 -65.46 -65.31
C THR G 313 -53.26 -66.97 -65.13
N SER G 314 -54.42 -67.58 -64.96
CA SER G 314 -54.46 -69.01 -64.79
C SER G 314 -53.98 -69.67 -66.05
N TYR G 315 -54.43 -69.14 -67.18
CA TYR G 315 -54.05 -69.78 -68.43
C TYR G 315 -52.56 -69.68 -68.54
N ASN G 316 -52.00 -68.54 -68.20
CA ASN G 316 -50.55 -68.32 -68.26
C ASN G 316 -49.68 -69.19 -67.34
N VAL G 317 -50.09 -69.40 -66.09
CA VAL G 317 -49.25 -70.15 -65.16
C VAL G 317 -49.08 -71.55 -65.67
N LEU G 318 -50.18 -72.14 -66.10
CA LEU G 318 -50.08 -73.45 -66.67
C LEU G 318 -49.29 -73.34 -67.95
N LEU G 319 -49.54 -72.29 -68.71
CA LEU G 319 -48.89 -72.17 -70.00
C LEU G 319 -47.38 -72.08 -69.88
N GLU G 320 -46.88 -71.35 -68.89
CA GLU G 320 -45.44 -71.19 -68.72
C GLU G 320 -44.75 -72.50 -68.40
N ALA G 321 -45.33 -73.27 -67.50
CA ALA G 321 -44.78 -74.57 -67.21
C ALA G 321 -44.99 -75.37 -68.45
N TYR G 322 -46.06 -75.11 -69.19
CA TYR G 322 -46.32 -75.93 -70.35
C TYR G 322 -45.14 -75.77 -71.26
N ALA G 323 -44.60 -74.56 -71.35
CA ALA G 323 -43.39 -74.37 -72.13
C ALA G 323 -42.21 -75.17 -71.59
N HIS G 324 -42.07 -75.24 -70.27
CA HIS G 324 -40.99 -75.99 -69.67
C HIS G 324 -41.19 -77.38 -70.10
N SER G 325 -42.44 -77.77 -70.19
CA SER G 325 -42.73 -79.13 -70.52
C SER G 325 -42.24 -79.47 -71.92
N GLY G 326 -41.99 -78.46 -72.75
CA GLY G 326 -41.64 -78.77 -74.12
C GLY G 326 -42.96 -78.94 -74.79
N SER G 327 -44.02 -78.48 -74.14
CA SER G 327 -45.31 -78.53 -74.77
C SER G 327 -45.30 -77.34 -75.68
N MET G 328 -45.40 -77.59 -76.98
CA MET G 328 -45.39 -76.52 -77.96
C MET G 328 -46.63 -76.59 -78.75
N LYS G 329 -46.88 -77.71 -79.38
CA LYS G 329 -48.13 -77.85 -80.07
C LYS G 329 -49.19 -77.79 -79.00
N GLU G 330 -48.94 -78.44 -77.85
CA GLU G 330 -49.89 -78.42 -76.73
C GLU G 330 -50.05 -77.05 -76.17
N ALA G 331 -48.96 -76.37 -75.98
CA ALA G 331 -49.04 -75.00 -75.56
C ALA G 331 -49.62 -74.09 -76.65
N MET G 332 -49.33 -74.34 -77.93
CA MET G 332 -49.91 -73.54 -79.02
C MET G 332 -51.35 -73.77 -79.03
N ASP G 333 -51.72 -75.03 -78.88
CA ASP G 333 -53.10 -75.35 -78.79
C ASP G 333 -53.62 -74.68 -77.55
N VAL G 334 -52.84 -74.70 -76.48
CA VAL G 334 -53.23 -74.02 -75.24
C VAL G 334 -53.33 -72.55 -75.49
N PHE G 335 -52.45 -71.98 -76.31
CA PHE G 335 -52.56 -70.56 -76.70
C PHE G 335 -53.79 -70.26 -77.55
N ARG G 336 -54.10 -71.10 -78.52
CA ARG G 336 -55.33 -70.94 -79.27
C ARG G 336 -56.44 -71.18 -78.26
N GLN G 337 -56.25 -72.12 -77.32
CA GLN G 337 -57.22 -72.39 -76.23
C GLN G 337 -57.37 -71.24 -75.27
N MET G 338 -56.27 -70.60 -74.92
CA MET G 338 -56.36 -69.44 -74.10
C MET G 338 -57.10 -68.42 -74.94
N GLN G 339 -56.83 -68.42 -76.23
CA GLN G 339 -57.53 -67.50 -77.13
C GLN G 339 -59.00 -67.83 -77.08
N THR G 340 -59.32 -69.10 -77.03
CA THR G 340 -60.71 -69.49 -76.89
C THR G 340 -61.24 -68.95 -75.58
N ALA G 341 -60.46 -69.04 -74.50
CA ALA G 341 -60.96 -68.63 -73.18
C ALA G 341 -61.63 -67.27 -73.25
N GLY G 342 -61.00 -66.32 -73.94
CA GLY G 342 -61.62 -65.02 -74.11
C GLY G 342 -61.43 -64.07 -72.94
N CYS G 343 -60.71 -64.51 -71.93
CA CYS G 343 -60.41 -63.61 -70.81
C CYS G 343 -59.49 -62.53 -71.31
N VAL G 344 -59.67 -61.31 -70.81
CA VAL G 344 -58.78 -60.23 -71.22
C VAL G 344 -57.39 -60.59 -70.77
N ALA G 345 -56.41 -60.45 -71.65
CA ALA G 345 -55.06 -60.87 -71.30
C ALA G 345 -54.02 -59.80 -71.55
N ASN G 346 -53.13 -59.57 -70.59
CA ASN G 346 -52.05 -58.63 -70.79
C ASN G 346 -51.10 -59.25 -71.80
N ALA G 347 -50.42 -58.42 -72.58
CA ALA G 347 -49.47 -58.93 -73.56
C ALA G 347 -48.45 -59.86 -72.90
N GLU G 348 -48.35 -59.82 -71.58
CA GLU G 348 -47.38 -60.66 -70.88
C GLU G 348 -47.61 -62.14 -71.12
N THR G 349 -48.86 -62.57 -71.20
CA THR G 349 -49.14 -63.97 -71.48
C THR G 349 -48.58 -64.36 -72.85
N TYR G 350 -48.74 -63.50 -73.85
CA TYR G 350 -48.18 -63.78 -75.17
C TYR G 350 -46.68 -63.75 -75.07
N SER G 351 -46.12 -62.73 -74.44
CA SER G 351 -44.71 -62.63 -74.25
C SER G 351 -44.08 -63.92 -73.80
N VAL G 352 -44.67 -64.58 -72.82
CA VAL G 352 -44.01 -65.77 -72.31
C VAL G 352 -43.95 -66.86 -73.34
N LEU G 353 -45.07 -67.07 -74.01
CA LEU G 353 -45.11 -68.11 -75.02
C LEU G 353 -44.18 -67.81 -76.17
N LEU G 354 -44.12 -66.54 -76.57
CA LEU G 354 -43.29 -66.15 -77.70
C LEU G 354 -41.88 -66.45 -77.42
N ASN G 355 -41.49 -66.27 -76.18
CA ASN G 355 -40.10 -66.48 -75.84
C ASN G 355 -39.70 -67.91 -76.14
N LEU G 356 -40.55 -68.87 -75.80
CA LEU G 356 -40.27 -70.27 -76.13
C LEU G 356 -40.27 -70.40 -77.65
N TYR G 357 -41.15 -69.67 -78.31
CA TYR G 357 -41.28 -69.75 -79.76
C TYR G 357 -40.07 -69.19 -80.42
N GLY G 358 -39.24 -68.51 -79.66
CA GLY G 358 -38.00 -68.00 -80.22
C GLY G 358 -37.12 -69.15 -80.69
N LYS G 359 -37.01 -70.21 -79.90
CA LYS G 359 -36.25 -71.37 -80.35
C LYS G 359 -36.97 -71.94 -81.55
N ASN G 360 -38.31 -71.93 -81.52
CA ASN G 360 -39.08 -72.44 -82.64
C ASN G 360 -38.75 -71.60 -83.84
N GLY G 361 -38.68 -70.29 -83.65
CA GLY G 361 -38.23 -69.48 -84.73
C GLY G 361 -38.95 -69.61 -86.02
N ARG G 362 -40.28 -69.66 -85.98
CA ARG G 362 -41.01 -69.67 -87.24
C ARG G 362 -40.66 -68.34 -87.85
N TYR G 363 -40.63 -67.30 -87.02
CA TYR G 363 -40.18 -65.96 -87.43
C TYR G 363 -41.26 -65.17 -88.14
N ASP G 364 -42.35 -65.81 -88.50
CA ASP G 364 -43.46 -65.07 -89.06
C ASP G 364 -44.54 -65.40 -88.09
N GLN G 365 -44.34 -66.47 -87.31
CA GLN G 365 -45.30 -66.77 -86.29
C GLN G 365 -45.11 -65.60 -85.39
N VAL G 366 -43.84 -65.23 -85.24
CA VAL G 366 -43.54 -64.11 -84.39
C VAL G 366 -44.20 -62.91 -84.98
N ARG G 367 -44.14 -62.77 -86.30
CA ARG G 367 -44.70 -61.58 -86.87
C ARG G 367 -46.19 -61.48 -86.64
N ASP G 368 -46.89 -62.59 -86.83
CA ASP G 368 -48.34 -62.53 -86.74
C ASP G 368 -48.82 -62.18 -85.36
N LEU G 369 -48.23 -62.80 -84.35
CA LEU G 369 -48.75 -62.58 -83.00
C LEU G 369 -48.61 -61.15 -82.67
N PHE G 370 -47.52 -60.56 -83.14
CA PHE G 370 -47.25 -59.20 -82.76
C PHE G 370 -48.35 -58.27 -83.17
N LEU G 371 -48.87 -58.39 -84.38
CA LEU G 371 -49.84 -57.41 -84.83
C LEU G 371 -51.05 -57.43 -83.97
N GLU G 372 -51.54 -58.62 -83.68
CA GLU G 372 -52.75 -58.75 -82.89
C GLU G 372 -52.68 -58.26 -81.45
N MET G 373 -51.63 -58.62 -80.71
CA MET G 373 -51.47 -58.09 -79.36
C MET G 373 -51.24 -56.60 -79.44
N LYS G 374 -50.51 -56.16 -80.46
CA LYS G 374 -50.21 -54.74 -80.62
C LYS G 374 -51.44 -53.89 -80.81
N MET G 375 -52.38 -54.37 -81.62
CA MET G 375 -53.57 -53.59 -81.91
C MET G 375 -54.65 -53.85 -80.86
N SER G 376 -54.33 -54.69 -79.87
CA SER G 376 -55.32 -55.07 -78.85
C SER G 376 -55.18 -54.23 -77.60
N ASN G 377 -54.54 -53.08 -77.72
CA ASN G 377 -54.32 -52.20 -76.57
C ASN G 377 -53.50 -52.90 -75.52
N THR G 378 -52.56 -53.73 -75.95
CA THR G 378 -51.66 -54.39 -75.03
C THR G 378 -50.30 -54.10 -75.62
N GLU G 379 -49.81 -52.87 -75.44
CA GLU G 379 -48.53 -52.49 -76.03
C GLU G 379 -47.41 -53.33 -75.48
N PRO G 380 -46.44 -53.67 -76.33
CA PRO G 380 -45.42 -54.59 -75.86
C PRO G 380 -44.68 -54.02 -74.69
N ASP G 381 -44.44 -54.84 -73.70
CA ASP G 381 -43.78 -54.38 -72.50
C ASP G 381 -42.29 -54.22 -72.63
N ALA G 382 -41.68 -53.54 -71.68
CA ALA G 382 -40.26 -53.40 -71.69
C ALA G 382 -39.74 -54.80 -71.82
N ASP G 383 -40.41 -55.75 -71.17
CA ASP G 383 -39.99 -57.15 -71.23
C ASP G 383 -40.22 -57.72 -72.62
N THR G 384 -41.41 -57.49 -73.17
CA THR G 384 -41.73 -58.03 -74.48
C THR G 384 -40.85 -57.45 -75.58
N TYR G 385 -40.54 -56.16 -75.51
CA TYR G 385 -39.68 -55.54 -76.50
C TYR G 385 -38.30 -56.17 -76.46
N ASN G 386 -37.78 -56.40 -75.25
CA ASN G 386 -36.47 -57.02 -75.11
C ASN G 386 -36.50 -58.43 -75.68
N ILE G 387 -37.56 -59.16 -75.38
CA ILE G 387 -37.69 -60.52 -75.87
C ILE G 387 -37.78 -60.51 -77.39
N LEU G 388 -38.54 -59.58 -77.94
CA LEU G 388 -38.71 -59.51 -79.38
C LEU G 388 -37.39 -59.21 -80.05
N ILE G 389 -36.62 -58.29 -79.49
CA ILE G 389 -35.35 -57.93 -80.08
C ILE G 389 -34.41 -59.13 -80.06
N GLN G 390 -34.39 -59.85 -78.94
CA GLN G 390 -33.55 -61.03 -78.85
C GLN G 390 -33.99 -62.09 -79.84
N VAL G 391 -35.30 -62.32 -79.94
CA VAL G 391 -35.81 -63.34 -80.85
C VAL G 391 -35.49 -63.00 -82.29
N PHE G 392 -35.72 -61.75 -82.68
CA PHE G 392 -35.36 -61.34 -84.03
C PHE G 392 -33.87 -61.39 -84.24
N GLY G 393 -33.09 -60.91 -83.28
CA GLY G 393 -31.65 -60.81 -83.46
C GLY G 393 -30.93 -62.11 -83.71
N GLU G 394 -31.34 -63.17 -83.03
CA GLU G 394 -30.69 -64.46 -83.20
C GLU G 394 -30.86 -64.90 -84.64
N GLY G 395 -32.03 -64.66 -85.21
CA GLY G 395 -32.28 -65.05 -86.58
C GLY G 395 -32.10 -63.94 -87.61
N GLY G 396 -31.37 -62.88 -87.28
CA GLY G 396 -31.13 -61.85 -88.24
C GLY G 396 -32.13 -60.75 -88.21
N TYR G 397 -32.45 -60.20 -89.38
CA TYR G 397 -33.34 -59.04 -89.50
C TYR G 397 -32.87 -57.85 -88.72
N PHE G 398 -31.60 -57.52 -88.82
CA PHE G 398 -31.03 -56.44 -88.05
C PHE G 398 -31.58 -55.10 -88.42
N LYS G 399 -31.92 -54.92 -89.68
CA LYS G 399 -32.53 -53.68 -90.08
C LYS G 399 -33.83 -53.55 -89.34
N GLU G 400 -34.53 -54.65 -89.18
CA GLU G 400 -35.76 -54.64 -88.42
C GLU G 400 -35.48 -54.25 -86.99
N VAL G 401 -34.35 -54.66 -86.46
CA VAL G 401 -34.06 -54.32 -85.12
C VAL G 401 -33.97 -52.83 -84.96
N VAL G 402 -33.41 -52.15 -85.93
CA VAL G 402 -33.38 -50.70 -85.91
C VAL G 402 -34.77 -50.16 -85.96
N THR G 403 -35.59 -50.79 -86.76
CA THR G 403 -36.92 -50.30 -86.92
C THR G 403 -37.58 -50.32 -85.58
N LEU G 404 -37.32 -51.33 -84.76
CA LEU G 404 -38.03 -51.40 -83.50
C LEU G 404 -37.71 -50.20 -82.64
N PHE G 405 -36.53 -49.63 -82.82
CA PHE G 405 -36.24 -48.41 -82.09
C PHE G 405 -37.16 -47.26 -82.46
N HIS G 406 -37.42 -47.08 -83.75
CA HIS G 406 -38.29 -46.01 -84.20
C HIS G 406 -39.60 -46.28 -83.58
N ASP G 407 -39.99 -47.54 -83.63
CA ASP G 407 -41.26 -47.92 -83.06
C ASP G 407 -41.38 -47.71 -81.55
N MET G 408 -40.37 -48.08 -80.78
CA MET G 408 -40.52 -47.97 -79.34
C MET G 408 -40.68 -46.53 -78.97
N VAL G 409 -39.95 -45.67 -79.64
CA VAL G 409 -40.01 -44.27 -79.31
C VAL G 409 -41.38 -43.72 -79.55
N GLU G 410 -41.99 -44.10 -80.67
CA GLU G 410 -43.32 -43.60 -81.00
C GLU G 410 -44.32 -44.03 -79.95
N GLU G 411 -44.19 -45.28 -79.51
CA GLU G 411 -45.08 -45.80 -78.48
C GLU G 411 -44.88 -45.03 -77.19
N LYS G 412 -43.66 -44.61 -76.91
CA LYS G 412 -43.33 -43.86 -75.69
C LYS G 412 -43.09 -44.73 -74.48
N VAL G 413 -43.08 -46.04 -74.67
CA VAL G 413 -42.72 -46.89 -73.57
C VAL G 413 -41.22 -46.79 -73.51
N GLU G 414 -40.65 -46.49 -72.35
CA GLU G 414 -39.19 -46.27 -72.25
C GLU G 414 -38.30 -47.50 -72.33
N PRO G 415 -37.06 -47.33 -72.83
CA PRO G 415 -36.10 -48.44 -72.91
C PRO G 415 -35.47 -48.80 -71.58
N ASN G 416 -34.84 -49.95 -71.47
CA ASN G 416 -34.26 -50.39 -70.22
C ASN G 416 -32.86 -50.86 -70.48
N MET G 417 -32.11 -51.18 -69.45
CA MET G 417 -30.71 -51.56 -69.63
C MET G 417 -30.49 -52.62 -70.68
N GLU G 418 -31.06 -53.79 -70.50
CA GLU G 418 -30.96 -54.88 -71.43
C GLU G 418 -31.51 -54.43 -72.76
N THR G 419 -32.52 -53.59 -72.73
CA THR G 419 -33.12 -53.17 -73.95
C THR G 419 -32.23 -52.40 -74.82
N TYR G 420 -31.56 -51.42 -74.25
CA TYR G 420 -30.72 -50.57 -75.04
C TYR G 420 -29.66 -51.49 -75.52
N GLU G 421 -29.24 -52.41 -74.69
CA GLU G 421 -28.11 -53.22 -75.04
C GLU G 421 -28.17 -54.07 -76.25
N GLY G 422 -29.24 -54.76 -76.42
CA GLY G 422 -29.33 -55.65 -77.51
C GLY G 422 -29.44 -54.84 -78.72
N LEU G 423 -30.02 -53.68 -78.60
CA LEU G 423 -30.24 -52.89 -79.74
C LEU G 423 -28.87 -52.55 -80.32
N ILE G 424 -27.91 -52.25 -79.47
CA ILE G 424 -26.54 -52.02 -79.93
C ILE G 424 -25.89 -53.25 -80.49
N TYR G 425 -26.12 -54.43 -79.95
CA TYR G 425 -25.55 -55.61 -80.55
C TYR G 425 -26.09 -55.74 -81.92
N ALA G 426 -27.33 -55.38 -82.11
CA ALA G 426 -27.91 -55.56 -83.41
C ALA G 426 -27.16 -54.72 -84.36
N CYS G 427 -26.88 -53.51 -83.94
CA CYS G 427 -26.19 -52.58 -84.82
C CYS G 427 -24.87 -53.16 -85.15
N GLY G 428 -24.18 -53.69 -84.15
CA GLY G 428 -22.83 -54.19 -84.35
C GLY G 428 -22.75 -55.32 -85.34
N LYS G 429 -23.62 -56.32 -85.19
CA LYS G 429 -23.65 -57.41 -86.15
C LYS G 429 -24.05 -56.83 -87.48
N GLY G 430 -25.00 -55.90 -87.47
CA GLY G 430 -25.41 -55.24 -88.69
C GLY G 430 -24.27 -54.44 -89.29
N GLY G 431 -23.45 -53.83 -88.45
CA GLY G 431 -22.39 -52.96 -88.95
C GLY G 431 -22.90 -51.53 -89.02
N LEU G 432 -24.14 -51.31 -88.58
CA LEU G 432 -24.70 -49.97 -88.57
C LEU G 432 -23.93 -49.11 -87.60
N HIS G 433 -23.66 -47.87 -87.97
CA HIS G 433 -22.87 -47.00 -87.11
C HIS G 433 -23.61 -45.71 -86.75
N ASP G 434 -24.38 -45.16 -87.69
CA ASP G 434 -25.16 -43.97 -87.37
C ASP G 434 -26.26 -44.29 -86.37
N ASP G 435 -26.92 -45.43 -86.55
CA ASP G 435 -27.94 -45.85 -85.58
C ASP G 435 -27.32 -46.08 -84.21
N ALA G 436 -26.08 -46.56 -84.17
CA ALA G 436 -25.40 -46.72 -82.89
C ALA G 436 -25.17 -45.37 -82.22
N LYS G 437 -24.79 -44.36 -83.01
CA LYS G 437 -24.60 -43.02 -82.45
C LYS G 437 -25.92 -42.45 -81.95
N ARG G 438 -27.01 -42.67 -82.70
CA ARG G 438 -28.32 -42.20 -82.25
C ARG G 438 -28.73 -42.89 -80.95
N ILE G 439 -28.47 -44.19 -80.85
CA ILE G 439 -28.81 -44.93 -79.63
C ILE G 439 -27.99 -44.43 -78.46
N LEU G 440 -26.71 -44.16 -78.68
CA LEU G 440 -25.87 -43.63 -77.61
C LEU G 440 -26.35 -42.24 -77.18
N LEU G 441 -26.73 -41.40 -78.13
CA LEU G 441 -27.25 -40.08 -77.78
C LEU G 441 -28.52 -40.18 -76.98
N HIS G 442 -29.44 -41.07 -77.38
CA HIS G 442 -30.69 -41.23 -76.64
C HIS G 442 -30.45 -41.80 -75.25
N MET G 443 -29.48 -42.71 -75.13
CA MET G 443 -29.16 -43.27 -73.81
C MET G 443 -28.55 -42.22 -72.90
N ASN G 444 -27.67 -41.37 -73.45
CA ASN G 444 -27.10 -40.29 -72.65
C ASN G 444 -28.18 -39.29 -72.24
N GLY G 445 -29.11 -39.00 -73.14
CA GLY G 445 -30.22 -38.13 -72.79
C GLY G 445 -31.11 -38.72 -71.72
N GLN G 446 -31.27 -40.04 -71.73
CA GLN G 446 -32.06 -40.71 -70.69
C GLN G 446 -31.44 -40.50 -69.32
N GLY G 447 -30.20 -40.95 -69.14
CA GLY G 447 -29.51 -40.76 -67.88
C GLY G 447 -28.71 -41.98 -67.43
N LEU G 448 -29.07 -43.14 -67.97
CA LEU G 448 -28.40 -44.38 -67.58
C LEU G 448 -27.00 -44.43 -68.20
N VAL G 449 -26.01 -44.77 -67.38
CA VAL G 449 -24.64 -44.91 -67.88
C VAL G 449 -24.54 -46.16 -68.75
N PRO G 450 -23.94 -46.07 -69.94
CA PRO G 450 -23.84 -47.26 -70.80
C PRO G 450 -23.02 -48.35 -70.13
N SER G 451 -23.43 -49.60 -70.37
CA SER G 451 -22.79 -50.74 -69.75
C SER G 451 -21.63 -51.23 -70.61
N SER G 452 -20.96 -52.29 -70.12
CA SER G 452 -19.82 -52.86 -70.83
C SER G 452 -20.17 -53.28 -72.24
N LYS G 453 -21.26 -54.04 -72.39
CA LYS G 453 -21.65 -54.53 -73.71
C LYS G 453 -22.06 -53.40 -74.65
N VAL G 454 -22.54 -52.28 -74.12
CA VAL G 454 -22.89 -51.15 -74.96
C VAL G 454 -21.66 -50.67 -75.72
N TYR G 455 -20.61 -50.29 -74.99
CA TYR G 455 -19.36 -49.88 -75.65
C TYR G 455 -18.70 -51.02 -76.40
N THR G 456 -18.91 -52.27 -75.97
CA THR G 456 -18.39 -53.41 -76.69
C THR G 456 -19.01 -53.58 -78.06
N GLY G 457 -20.28 -53.19 -78.23
CA GLY G 457 -20.92 -53.20 -79.53
C GLY G 457 -20.62 -51.94 -80.30
N VAL G 458 -20.39 -50.85 -79.57
CA VAL G 458 -20.06 -49.59 -80.23
C VAL G 458 -18.69 -49.66 -80.90
N ILE G 459 -17.72 -50.29 -80.23
CA ILE G 459 -16.37 -50.41 -80.81
C ILE G 459 -16.36 -51.37 -81.98
N GLU G 460 -17.37 -52.23 -82.10
CA GLU G 460 -17.50 -53.10 -83.26
C GLU G 460 -18.29 -52.46 -84.39
N ALA G 461 -19.24 -51.59 -84.07
CA ALA G 461 -19.95 -50.82 -85.09
C ALA G 461 -19.08 -49.74 -85.70
N TYR G 462 -18.20 -49.14 -84.90
CA TYR G 462 -17.18 -48.21 -85.39
C TYR G 462 -15.88 -48.92 -85.73
N GLY G 463 -15.92 -50.22 -86.00
CA GLY G 463 -14.73 -50.96 -86.37
C GLY G 463 -14.94 -51.77 -87.62
N GLN G 464 -15.96 -51.40 -88.41
CA GLN G 464 -16.24 -52.03 -89.68
C GLN G 464 -16.45 -51.03 -90.81
N ALA G 465 -16.41 -49.73 -90.51
CA ALA G 465 -16.58 -48.69 -91.52
C ALA G 465 -15.37 -47.78 -91.63
N ALA G 466 -14.17 -48.30 -91.34
CA ALA G 466 -12.92 -47.55 -91.40
C ALA G 466 -12.95 -46.34 -90.47
N LEU G 467 -13.78 -46.39 -89.43
CA LEU G 467 -13.87 -45.32 -88.44
C LEU G 467 -13.00 -45.69 -87.22
N TYR G 468 -11.70 -45.78 -87.48
CA TYR G 468 -10.78 -46.29 -86.47
C TYR G 468 -10.66 -45.37 -85.27
N GLU G 469 -10.72 -44.05 -85.49
CA GLU G 469 -10.53 -43.12 -84.38
C GLU G 469 -11.74 -43.06 -83.45
N GLU G 470 -12.95 -43.23 -84.00
CA GLU G 470 -14.13 -43.26 -83.16
C GLU G 470 -14.17 -44.45 -82.22
N ALA G 471 -13.68 -45.61 -82.65
CA ALA G 471 -13.59 -46.75 -81.75
C ALA G 471 -12.57 -46.52 -80.65
N VAL G 472 -11.45 -45.89 -80.99
CA VAL G 472 -10.44 -45.55 -79.98
C VAL G 472 -11.02 -44.58 -78.95
N VAL G 473 -11.71 -43.54 -79.40
CA VAL G 473 -12.26 -42.59 -78.44
C VAL G 473 -13.41 -43.19 -77.64
N ALA G 474 -14.19 -44.09 -78.23
CA ALA G 474 -15.22 -44.78 -77.46
C ALA G 474 -14.63 -45.70 -76.40
N PHE G 475 -13.53 -46.38 -76.72
CA PHE G 475 -12.85 -47.19 -75.72
C PHE G 475 -12.24 -46.31 -74.63
N ASN G 476 -11.73 -45.14 -74.99
CA ASN G 476 -11.22 -44.21 -73.98
C ASN G 476 -12.33 -43.74 -73.06
N THR G 477 -13.49 -43.40 -73.62
CA THR G 477 -14.62 -43.00 -72.78
C THR G 477 -15.07 -44.16 -71.89
N MET G 478 -15.02 -45.39 -72.41
CA MET G 478 -15.33 -46.54 -71.59
C MET G 478 -14.35 -46.68 -70.43
N ASN G 479 -13.06 -46.40 -70.68
CA ASN G 479 -12.04 -46.45 -69.65
C ASN G 479 -12.08 -45.22 -68.73
N GLU G 480 -12.90 -44.23 -69.07
CA GLU G 480 -12.94 -42.99 -68.31
C GLU G 480 -14.35 -42.67 -67.85
N VAL G 481 -15.17 -43.71 -67.68
CA VAL G 481 -16.54 -43.53 -67.22
C VAL G 481 -16.84 -44.28 -65.93
N GLY G 482 -16.08 -45.31 -65.59
CA GLY G 482 -16.34 -46.07 -64.37
C GLY G 482 -16.64 -47.53 -64.63
N SER G 483 -16.11 -48.07 -65.72
CA SER G 483 -16.32 -49.46 -66.07
C SER G 483 -14.98 -50.09 -66.42
N ARG G 484 -14.87 -51.40 -66.18
CA ARG G 484 -13.65 -52.15 -66.44
C ARG G 484 -13.84 -53.02 -67.67
N PRO G 485 -13.00 -52.87 -68.70
CA PRO G 485 -13.20 -53.67 -69.92
C PRO G 485 -12.94 -55.15 -69.67
N MET G 486 -13.82 -55.98 -70.20
CA MET G 486 -13.69 -57.42 -70.09
C MET G 486 -12.88 -57.95 -71.28
N VAL G 487 -12.78 -59.29 -71.38
CA VAL G 487 -12.04 -59.88 -72.49
C VAL G 487 -12.83 -59.75 -73.79
N GLU G 488 -14.15 -59.64 -73.70
CA GLU G 488 -14.97 -59.47 -74.92
C GLU G 488 -14.63 -58.16 -75.61
N THR G 489 -14.48 -57.08 -74.84
CA THR G 489 -14.07 -55.80 -75.43
C THR G 489 -12.72 -55.92 -76.12
N PHE G 490 -11.79 -56.67 -75.53
CA PHE G 490 -10.46 -56.78 -76.11
C PHE G 490 -10.46 -57.60 -77.39
N ASN G 491 -11.19 -58.73 -77.41
CA ASN G 491 -11.26 -59.51 -78.63
C ASN G 491 -12.14 -58.86 -79.69
N SER G 492 -12.96 -57.88 -79.31
CA SER G 492 -13.63 -57.06 -80.31
C SER G 492 -12.69 -56.00 -80.87
N LEU G 493 -11.87 -55.39 -80.00
CA LEU G 493 -10.95 -54.34 -80.44
C LEU G 493 -9.86 -54.91 -81.35
N ILE G 494 -9.37 -56.11 -81.05
CA ILE G 494 -8.33 -56.69 -81.91
C ILE G 494 -8.88 -56.95 -83.30
N HIS G 495 -10.14 -57.38 -83.39
CA HIS G 495 -10.75 -57.60 -84.70
C HIS G 495 -11.04 -56.28 -85.41
N ALA G 496 -11.45 -55.26 -84.65
CA ALA G 496 -11.73 -53.96 -85.27
C ALA G 496 -10.47 -53.31 -85.80
N PHE G 497 -9.34 -53.50 -85.10
CA PHE G 497 -8.07 -52.95 -85.56
C PHE G 497 -7.40 -53.85 -86.60
N ALA G 498 -7.78 -55.12 -86.66
CA ALA G 498 -7.24 -56.02 -87.67
C ALA G 498 -7.97 -55.92 -89.01
N LYS G 499 -9.14 -55.25 -89.03
CA LYS G 499 -9.87 -55.12 -90.28
C LYS G 499 -9.11 -54.26 -91.29
N GLY G 500 -8.38 -53.25 -90.80
CA GLY G 500 -7.60 -52.39 -91.67
C GLY G 500 -6.23 -52.95 -91.98
N GLY G 501 -5.53 -53.40 -90.95
CA GLY G 501 -4.20 -53.97 -91.13
C GLY G 501 -3.13 -53.23 -90.36
N LEU G 502 -3.51 -52.51 -89.32
CA LEU G 502 -2.56 -51.79 -88.47
C LEU G 502 -1.93 -52.79 -87.51
N TYR G 503 -0.71 -53.24 -87.84
CA TYR G 503 -0.05 -54.22 -86.99
C TYR G 503 0.54 -53.59 -85.73
N LYS G 504 0.95 -52.32 -85.80
CA LYS G 504 1.52 -51.67 -84.63
C LYS G 504 0.45 -51.46 -83.55
N GLU G 505 -0.76 -51.07 -83.95
CA GLU G 505 -1.85 -50.93 -82.99
C GLU G 505 -2.21 -52.27 -82.38
N SER G 506 -2.17 -53.35 -83.18
CA SER G 506 -2.43 -54.68 -82.65
C SER G 506 -1.37 -55.09 -81.64
N GLU G 507 -0.10 -54.82 -81.94
CA GLU G 507 0.96 -55.12 -80.98
C GLU G 507 0.80 -54.32 -79.70
N ALA G 508 0.42 -53.05 -79.83
CA ALA G 508 0.24 -52.20 -78.65
C ALA G 508 -0.89 -52.71 -77.77
N ILE G 509 -2.04 -53.04 -78.38
CA ILE G 509 -3.16 -53.51 -77.58
C ILE G 509 -2.87 -54.89 -77.01
N TRP G 510 -2.11 -55.72 -77.72
CA TRP G 510 -1.74 -57.02 -77.19
C TRP G 510 -0.80 -56.89 -76.00
N PHE G 511 0.12 -55.92 -76.05
CA PHE G 511 1.01 -55.69 -74.92
C PHE G 511 0.24 -55.10 -73.74
N ARG G 512 -0.75 -54.25 -74.00
CA ARG G 512 -1.53 -53.68 -72.92
C ARG G 512 -2.45 -54.71 -72.28
N MET G 513 -2.91 -55.70 -73.06
CA MET G 513 -3.72 -56.76 -72.49
C MET G 513 -2.95 -57.61 -71.50
N GLY G 514 -1.63 -57.72 -71.69
CA GLY G 514 -0.82 -58.49 -70.76
C GLY G 514 -0.70 -57.84 -69.39
N GLU G 515 -0.68 -56.51 -69.35
CA GLU G 515 -0.57 -55.80 -68.09
C GLU G 515 -1.92 -55.43 -67.48
N VAL G 516 -2.99 -55.42 -68.28
CA VAL G 516 -4.30 -55.08 -67.71
C VAL G 516 -4.81 -56.23 -66.84
N GLY G 517 -4.34 -57.46 -67.08
CA GLY G 517 -4.70 -58.58 -66.24
C GLY G 517 -5.76 -59.49 -66.83
N VAL G 518 -5.70 -59.75 -68.12
CA VAL G 518 -6.65 -60.64 -68.79
C VAL G 518 -5.90 -61.71 -69.57
N PRO G 519 -6.47 -62.88 -69.76
CA PRO G 519 -5.83 -63.90 -70.59
C PRO G 519 -6.07 -63.64 -72.08
N ARG G 520 -5.26 -64.31 -72.90
CA ARG G 520 -5.35 -64.20 -74.35
C ARG G 520 -6.01 -65.46 -74.89
N ASN G 521 -7.27 -65.32 -75.30
CA ASN G 521 -8.06 -66.45 -75.76
C ASN G 521 -7.80 -66.72 -77.24
N ARG G 522 -8.62 -67.60 -77.83
CA ARG G 522 -8.37 -68.06 -79.19
C ARG G 522 -8.66 -66.97 -80.22
N ASP G 523 -9.80 -66.29 -80.05
CA ASP G 523 -10.18 -65.27 -81.03
C ASP G 523 -9.20 -64.10 -81.05
N SER G 524 -8.51 -63.87 -79.94
CA SER G 524 -7.49 -62.82 -79.92
C SER G 524 -6.33 -63.15 -80.86
N PHE G 525 -5.79 -64.36 -80.74
CA PHE G 525 -4.75 -64.80 -81.67
C PHE G 525 -5.28 -64.85 -83.10
N ASN G 526 -6.54 -65.25 -83.27
CA ASN G 526 -7.14 -65.29 -84.60
C ASN G 526 -7.15 -63.91 -85.23
N GLY G 527 -7.60 -62.90 -84.48
CA GLY G 527 -7.61 -61.55 -84.99
C GLY G 527 -6.22 -61.00 -85.24
N MET G 528 -5.26 -61.33 -84.37
CA MET G 528 -3.88 -60.90 -84.58
C MET G 528 -3.34 -61.44 -85.90
N ILE G 529 -3.55 -62.73 -86.15
CA ILE G 529 -3.01 -63.34 -87.36
C ILE G 529 -3.78 -62.81 -88.58
N GLU G 530 -5.08 -62.57 -88.45
CA GLU G 530 -5.84 -62.00 -89.55
C GLU G 530 -5.33 -60.61 -89.91
N GLY G 531 -5.00 -59.80 -88.90
CA GLY G 531 -4.42 -58.50 -89.17
C GLY G 531 -3.03 -58.59 -89.80
N TYR G 532 -2.24 -59.55 -89.34
CA TYR G 532 -0.91 -59.76 -89.92
C TYR G 532 -0.97 -60.27 -91.34
N ARG G 533 -2.06 -60.93 -91.72
CA ARG G 533 -2.17 -61.50 -93.07
C ARG G 533 -2.21 -60.41 -94.13
N GLN G 534 -3.20 -59.51 -94.05
CA GLN G 534 -3.29 -58.43 -95.03
C GLN G 534 -2.11 -57.48 -94.95
N GLY G 535 -1.41 -57.44 -93.81
CA GLY G 535 -0.20 -56.66 -93.66
C GLY G 535 1.05 -57.50 -93.90
N GLY G 536 2.18 -56.89 -93.58
CA GLY G 536 3.47 -57.55 -93.72
C GLY G 536 3.77 -58.43 -92.52
N GLN G 537 5.07 -58.67 -92.33
CA GLN G 537 5.58 -59.46 -91.20
C GLN G 537 4.97 -60.87 -91.21
N PHE G 538 5.29 -61.62 -92.27
CA PHE G 538 4.80 -62.99 -92.39
C PHE G 538 5.52 -63.94 -91.43
N GLU G 539 6.65 -63.51 -90.86
CA GLU G 539 7.41 -64.36 -89.95
C GLU G 539 6.75 -64.49 -88.58
N GLU G 540 6.08 -63.44 -88.12
CA GLU G 540 5.49 -63.46 -86.78
C GLU G 540 4.30 -64.40 -86.68
N ALA G 541 3.69 -64.78 -87.81
CA ALA G 541 2.50 -65.62 -87.77
C ALA G 541 2.82 -67.01 -87.23
N ILE G 542 3.88 -67.64 -87.75
CA ILE G 542 4.22 -68.98 -87.29
C ILE G 542 4.69 -68.94 -85.83
N LYS G 543 5.35 -67.86 -85.41
CA LYS G 543 5.76 -67.74 -84.02
C LYS G 543 4.55 -67.59 -83.11
N ALA G 544 3.55 -66.79 -83.52
CA ALA G 544 2.33 -66.69 -82.73
C ALA G 544 1.58 -68.01 -82.69
N TYR G 545 1.61 -68.78 -83.77
CA TYR G 545 0.93 -70.08 -83.76
C TYR G 545 1.65 -71.07 -82.85
N VAL G 546 2.99 -71.05 -82.85
CA VAL G 546 3.71 -71.95 -81.94
C VAL G 546 3.52 -71.48 -80.51
N GLU G 547 3.26 -70.19 -80.29
CA GLU G 547 2.91 -69.72 -78.95
C GLU G 547 1.52 -70.21 -78.54
N MET G 548 0.57 -70.22 -79.49
CA MET G 548 -0.72 -70.84 -79.24
C MET G 548 -0.55 -72.29 -78.83
N GLU G 549 0.31 -73.02 -79.55
CA GLU G 549 0.57 -74.41 -79.23
C GLU G 549 1.21 -74.55 -77.86
N LYS G 550 2.08 -73.61 -77.48
CA LYS G 550 2.69 -73.66 -76.16
C LYS G 550 1.67 -73.38 -75.07
N ALA G 551 0.75 -72.44 -75.31
CA ALA G 551 -0.27 -72.09 -74.33
C ALA G 551 -1.49 -73.01 -74.37
N ARG G 552 -1.45 -74.06 -75.20
CA ARG G 552 -2.57 -74.99 -75.35
C ARG G 552 -3.84 -74.24 -75.75
N CYS G 553 -3.73 -73.42 -76.80
CA CYS G 553 -4.84 -72.58 -77.23
C CYS G 553 -5.99 -73.36 -77.85
N ASP G 554 -5.82 -74.67 -78.08
CA ASP G 554 -6.81 -75.51 -78.75
C ASP G 554 -7.24 -74.87 -80.06
N PRO G 555 -6.37 -74.86 -81.07
CA PRO G 555 -6.69 -74.15 -82.32
C PRO G 555 -7.99 -74.65 -82.95
N ASP G 556 -8.85 -73.71 -83.32
CA ASP G 556 -10.16 -74.02 -83.89
C ASP G 556 -10.08 -74.00 -85.41
N GLU G 557 -11.25 -74.08 -86.06
CA GLU G 557 -11.31 -74.09 -87.51
C GLU G 557 -10.84 -72.77 -88.11
N ARG G 558 -11.23 -71.65 -87.50
CA ARG G 558 -10.77 -70.35 -87.97
C ARG G 558 -9.26 -70.22 -87.83
N THR G 559 -8.70 -70.76 -86.74
CA THR G 559 -7.26 -70.72 -86.55
C THR G 559 -6.52 -71.53 -87.62
N LEU G 560 -7.05 -72.72 -87.96
CA LEU G 560 -6.42 -73.52 -89.00
C LEU G 560 -6.57 -72.86 -90.36
N GLU G 561 -7.71 -72.21 -90.62
CA GLU G 561 -7.86 -71.45 -91.86
C GLU G 561 -6.85 -70.32 -91.93
N ALA G 562 -6.60 -69.64 -90.81
CA ALA G 562 -5.62 -68.57 -90.79
C ALA G 562 -4.21 -69.11 -91.00
N VAL G 563 -3.90 -70.27 -90.41
CA VAL G 563 -2.59 -70.88 -90.60
C VAL G 563 -2.40 -71.27 -92.06
N LEU G 564 -3.45 -71.76 -92.70
CA LEU G 564 -3.37 -72.09 -94.12
C LEU G 564 -3.19 -70.82 -94.96
N SER G 565 -3.87 -69.73 -94.59
CA SER G 565 -3.72 -68.48 -95.30
C SER G 565 -2.36 -67.83 -95.06
N VAL G 566 -1.66 -68.22 -94.00
CA VAL G 566 -0.32 -67.71 -93.76
C VAL G 566 0.57 -67.96 -94.97
N TYR G 567 0.46 -69.15 -95.56
CA TYR G 567 1.24 -69.52 -96.74
C TYR G 567 0.54 -69.18 -98.05
N CYS G 568 -0.48 -68.33 -98.01
CA CYS G 568 -1.26 -68.02 -99.21
C CYS G 568 -0.70 -66.80 -99.95
N PHE G 569 -0.55 -65.67 -99.25
CA PHE G 569 -0.08 -64.44 -99.89
C PHE G 569 1.37 -64.55 -100.35
N ALA G 570 2.15 -65.46 -99.79
CA ALA G 570 3.55 -65.61 -100.16
C ALA G 570 3.70 -66.62 -101.30
N GLY G 571 4.88 -66.62 -101.92
CA GLY G 571 5.17 -67.53 -102.99
C GLY G 571 5.47 -68.93 -102.50
N LEU G 572 4.48 -69.57 -101.87
CA LEU G 572 4.60 -70.90 -101.28
C LEU G 572 3.41 -71.76 -101.69
N VAL G 573 3.14 -71.79 -102.99
CA VAL G 573 1.97 -72.50 -103.52
C VAL G 573 1.97 -73.95 -103.08
N ASP G 574 3.03 -74.69 -103.45
CA ASP G 574 3.09 -76.10 -103.11
C ASP G 574 3.28 -76.35 -101.62
N GLU G 575 3.71 -75.34 -100.86
CA GLU G 575 3.86 -75.52 -99.42
C GLU G 575 2.54 -75.45 -98.68
N SER G 576 1.55 -74.78 -99.27
CA SER G 576 0.24 -74.62 -98.63
C SER G 576 -0.68 -75.80 -98.94
N GLU G 577 -0.22 -77.02 -98.63
CA GLU G 577 -1.00 -78.22 -98.86
C GLU G 577 -1.11 -79.13 -97.64
N GLU G 578 -0.20 -79.05 -96.68
CA GLU G 578 -0.33 -79.88 -95.48
C GLU G 578 -1.50 -79.44 -94.63
N GLN G 579 -1.76 -78.13 -94.54
CA GLN G 579 -2.94 -77.65 -93.82
C GLN G 579 -4.22 -78.06 -94.53
N PHE G 580 -4.21 -78.09 -95.86
CA PHE G 580 -5.36 -78.56 -96.61
C PHE G 580 -5.67 -80.01 -96.26
N GLN G 581 -4.62 -80.85 -96.18
CA GLN G 581 -4.82 -82.25 -95.81
C GLN G 581 -5.30 -82.37 -94.37
N GLU G 582 -4.78 -81.54 -93.47
CA GLU G 582 -5.24 -81.56 -92.08
C GLU G 582 -6.72 -81.19 -91.99
N ILE G 583 -7.14 -80.21 -92.79
CA ILE G 583 -8.56 -79.83 -92.80
C ILE G 583 -9.42 -80.95 -93.37
N LYS G 584 -8.95 -81.59 -94.44
CA LYS G 584 -9.72 -82.68 -95.05
C LYS G 584 -9.79 -83.89 -94.13
N SER G 585 -8.78 -84.10 -93.28
CA SER G 585 -8.74 -85.27 -92.41
C SER G 585 -9.50 -85.05 -91.11
N LEU G 586 -9.14 -84.00 -90.37
CA LEU G 586 -9.77 -83.75 -89.07
C LEU G 586 -11.24 -83.38 -89.21
N GLY G 587 -11.64 -82.84 -90.36
CA GLY G 587 -13.03 -82.46 -90.57
C GLY G 587 -13.45 -82.53 -92.02
N ILE G 588 -14.55 -81.86 -92.36
CA ILE G 588 -15.06 -81.83 -93.72
C ILE G 588 -14.13 -80.99 -94.58
N GLN G 589 -14.31 -81.06 -95.90
CA GLN G 589 -13.52 -80.25 -96.81
C GLN G 589 -13.68 -78.77 -96.46
N PRO G 590 -12.64 -77.96 -96.68
CA PRO G 590 -12.72 -76.54 -96.31
C PRO G 590 -13.77 -75.80 -97.11
N SER G 591 -14.21 -74.67 -96.56
CA SER G 591 -15.25 -73.88 -97.19
C SER G 591 -14.74 -73.24 -98.49
N ILE G 592 -15.66 -72.56 -99.18
CA ILE G 592 -15.33 -71.99 -100.48
C ILE G 592 -14.30 -70.87 -100.35
N ILE G 593 -14.29 -70.16 -99.22
CA ILE G 593 -13.33 -69.09 -99.01
C ILE G 593 -11.90 -69.59 -99.04
N CYS G 594 -11.70 -70.90 -98.83
CA CYS G 594 -10.39 -71.53 -98.96
C CYS G 594 -10.20 -72.17 -100.32
N CYS G 595 -11.25 -72.77 -100.89
CA CYS G 595 -11.12 -73.42 -102.19
C CYS G 595 -10.81 -72.41 -103.28
N CYS G 596 -11.59 -71.31 -103.34
CA CYS G 596 -11.33 -70.29 -104.35
C CYS G 596 -10.01 -69.58 -104.09
N MET G 597 -9.60 -69.46 -102.83
CA MET G 597 -8.30 -68.86 -102.52
C MET G 597 -7.17 -69.73 -103.08
N MET G 598 -7.24 -71.04 -102.83
CA MET G 598 -6.23 -71.96 -103.39
C MET G 598 -6.28 -71.97 -104.91
N LEU G 599 -7.48 -71.83 -105.50
CA LEU G 599 -7.58 -71.76 -106.95
C LEU G 599 -6.88 -70.53 -107.50
N ALA G 600 -7.09 -69.38 -106.86
CA ALA G 600 -6.39 -68.16 -107.28
C ALA G 600 -4.89 -68.29 -107.08
N ILE G 601 -4.46 -68.99 -106.01
CA ILE G 601 -3.05 -69.22 -105.79
C ILE G 601 -2.45 -70.06 -106.90
N TYR G 602 -3.15 -71.14 -107.29
CA TYR G 602 -2.67 -71.97 -108.39
C TYR G 602 -2.65 -71.20 -109.70
N ALA G 603 -3.65 -70.34 -109.92
CA ALA G 603 -3.71 -69.55 -111.14
C ALA G 603 -2.66 -68.45 -111.17
N LYS G 604 -2.15 -68.03 -110.01
CA LYS G 604 -1.11 -67.00 -109.99
C LYS G 604 0.21 -67.55 -110.50
N SER G 605 0.47 -68.84 -110.31
CA SER G 605 1.69 -69.46 -110.79
C SER G 605 1.47 -69.99 -112.21
N GLU G 606 2.42 -70.77 -112.71
CA GLU G 606 2.34 -71.33 -114.06
C GLU G 606 1.61 -72.67 -114.08
N ARG G 607 0.39 -72.68 -113.53
CA ARG G 607 -0.46 -73.88 -113.49
C ARG G 607 -1.89 -73.43 -113.81
N TRP G 608 -2.25 -73.48 -115.10
CA TRP G 608 -3.57 -73.04 -115.55
C TRP G 608 -4.52 -74.22 -115.77
N ASN G 609 -4.10 -75.19 -116.59
CA ASN G 609 -4.97 -76.31 -116.94
C ASN G 609 -4.98 -77.43 -115.91
N MET G 610 -3.89 -77.59 -115.14
CA MET G 610 -3.88 -78.61 -114.09
C MET G 610 -4.77 -78.24 -112.92
N ALA G 611 -5.18 -76.98 -112.81
CA ALA G 611 -6.07 -76.54 -111.74
C ALA G 611 -7.55 -76.70 -112.10
N HIS G 612 -7.87 -77.04 -113.34
CA HIS G 612 -9.27 -77.20 -113.73
C HIS G 612 -9.89 -78.43 -113.07
N GLU G 613 -9.12 -79.49 -112.84
CA GLU G 613 -9.66 -80.65 -112.15
C GLU G 613 -9.97 -80.33 -110.69
N LEU G 614 -9.11 -79.55 -110.04
CA LEU G 614 -9.42 -79.10 -108.69
C LEU G 614 -10.61 -78.15 -108.67
N LEU G 615 -10.83 -77.42 -109.78
CA LEU G 615 -12.03 -76.59 -109.89
C LEU G 615 -13.28 -77.44 -110.01
N ASN G 616 -13.24 -78.50 -110.84
CA ASN G 616 -14.38 -79.38 -110.95
C ASN G 616 -14.62 -80.18 -109.68
N ASP G 617 -13.57 -80.37 -108.88
CA ASP G 617 -13.71 -81.08 -107.61
C ASP G 617 -14.72 -80.39 -106.70
N VAL G 618 -14.58 -79.08 -106.51
CA VAL G 618 -15.49 -78.34 -105.66
C VAL G 618 -16.88 -78.25 -106.27
N MET G 619 -17.02 -78.50 -107.57
CA MET G 619 -18.31 -78.45 -108.24
C MET G 619 -18.94 -79.83 -108.42
N THR G 620 -18.23 -80.90 -108.09
CA THR G 620 -18.75 -82.26 -108.25
C THR G 620 -18.54 -83.09 -106.98
N ASN G 621 -18.59 -82.44 -105.82
CA ASN G 621 -18.42 -83.11 -104.54
C ASN G 621 -19.74 -83.11 -103.77
N LYS G 622 -19.69 -83.60 -102.54
CA LYS G 622 -20.86 -83.75 -101.68
C LYS G 622 -20.90 -82.70 -100.57
N THR G 623 -20.50 -81.47 -100.87
CA THR G 623 -20.51 -80.40 -99.88
C THR G 623 -21.92 -79.82 -99.74
N SER G 624 -22.06 -78.70 -99.04
CA SER G 624 -23.35 -78.11 -98.77
C SER G 624 -24.08 -77.77 -100.07
N ASP G 625 -25.38 -77.49 -99.93
CA ASP G 625 -26.22 -77.24 -101.11
C ASP G 625 -25.80 -75.96 -101.82
N MET G 626 -25.59 -74.88 -101.06
CA MET G 626 -25.18 -73.62 -101.68
C MET G 626 -23.75 -73.67 -102.19
N HIS G 627 -22.94 -74.61 -101.69
CA HIS G 627 -21.57 -74.75 -102.20
C HIS G 627 -21.54 -75.37 -103.58
N GLN G 628 -22.64 -75.96 -104.03
CA GLN G 628 -22.68 -76.56 -105.36
C GLN G 628 -22.99 -75.52 -106.44
N VAL G 629 -23.94 -74.63 -106.18
CA VAL G 629 -24.27 -73.60 -107.15
C VAL G 629 -23.12 -72.60 -107.29
N ILE G 630 -22.31 -72.45 -106.25
CA ILE G 630 -21.14 -71.58 -106.31
C ILE G 630 -20.02 -72.33 -107.01
N GLY G 631 -19.58 -71.80 -108.14
CA GLY G 631 -18.64 -72.50 -109.00
C GLY G 631 -19.13 -72.49 -110.43
N GLN G 632 -20.44 -72.61 -110.61
CA GLN G 632 -21.06 -72.43 -111.91
C GLN G 632 -21.37 -70.98 -112.22
N MET G 633 -21.29 -70.10 -111.22
CA MET G 633 -21.47 -68.67 -111.47
C MET G 633 -20.26 -68.06 -112.14
N ILE G 634 -19.09 -68.67 -112.00
CA ILE G 634 -17.89 -68.21 -112.69
C ILE G 634 -17.69 -68.95 -114.01
N HIS G 635 -17.89 -70.26 -114.01
CA HIS G 635 -17.73 -71.05 -115.23
C HIS G 635 -18.93 -70.86 -116.15
N GLY G 636 -18.67 -70.96 -117.45
CA GLY G 636 -19.73 -70.74 -118.42
C GLY G 636 -20.14 -69.27 -118.47
N ASP G 637 -21.33 -69.04 -119.02
CA ASP G 637 -21.86 -67.68 -119.13
C ASP G 637 -22.69 -67.32 -117.91
N PHE G 638 -23.81 -68.01 -117.71
CA PHE G 638 -24.55 -68.00 -116.45
C PHE G 638 -25.10 -66.62 -116.07
N ASP G 639 -24.92 -65.61 -116.91
CA ASP G 639 -25.31 -64.24 -116.56
C ASP G 639 -26.27 -63.70 -117.61
N ASP G 640 -27.52 -63.48 -117.21
CA ASP G 640 -28.51 -62.78 -118.03
C ASP G 640 -29.60 -62.27 -117.11
N GLU G 641 -30.74 -61.89 -117.70
CA GLU G 641 -31.85 -61.37 -116.90
C GLU G 641 -32.46 -62.42 -115.98
N ASN G 642 -32.21 -63.70 -116.23
CA ASN G 642 -32.78 -64.77 -115.42
C ASN G 642 -31.74 -65.70 -114.83
N ASN G 643 -30.66 -66.01 -115.56
CA ASN G 643 -29.66 -66.93 -115.03
C ASN G 643 -28.87 -66.30 -113.89
N TRP G 644 -28.50 -65.03 -114.03
CA TRP G 644 -27.81 -64.32 -112.95
C TRP G 644 -28.74 -63.94 -111.81
N GLN G 645 -30.05 -64.11 -111.99
CA GLN G 645 -30.99 -63.88 -110.89
C GLN G 645 -30.98 -65.03 -109.89
N MET G 646 -30.48 -66.20 -110.29
CA MET G 646 -30.43 -67.34 -109.38
C MET G 646 -29.44 -67.12 -108.26
N VAL G 647 -28.30 -66.48 -108.55
CA VAL G 647 -27.29 -66.21 -107.53
C VAL G 647 -27.69 -65.07 -106.60
N GLU G 648 -28.76 -64.34 -106.92
CA GLU G 648 -29.23 -63.29 -106.03
C GLU G 648 -29.67 -63.87 -104.69
N TYR G 649 -30.30 -65.05 -104.71
CA TYR G 649 -30.71 -65.69 -103.46
C TYR G 649 -29.50 -66.07 -102.62
N VAL G 650 -28.46 -66.60 -103.26
CA VAL G 650 -27.24 -66.94 -102.53
C VAL G 650 -26.56 -65.67 -102.00
N PHE G 651 -26.68 -64.56 -102.72
CA PHE G 651 -26.07 -63.31 -102.27
C PHE G 651 -26.83 -62.73 -101.08
N ASP G 652 -28.15 -62.89 -101.04
CA ASP G 652 -28.93 -62.31 -99.95
C ASP G 652 -29.04 -63.24 -98.74
N LYS G 653 -28.81 -64.55 -98.90
CA LYS G 653 -28.95 -65.47 -97.79
C LYS G 653 -27.76 -65.44 -96.83
N LEU G 654 -26.62 -64.90 -97.26
CA LEU G 654 -25.41 -64.90 -96.44
C LEU G 654 -25.36 -63.74 -95.45
N ASN G 655 -26.50 -63.12 -95.13
CA ASN G 655 -26.53 -62.05 -94.15
C ASN G 655 -26.53 -62.56 -92.72
N SER G 656 -26.62 -63.88 -92.51
CA SER G 656 -26.64 -64.43 -91.16
C SER G 656 -25.28 -64.38 -90.50
N GLU G 657 -24.20 -64.29 -91.27
CA GLU G 657 -22.87 -64.23 -90.68
C GLU G 657 -22.68 -62.95 -89.87
N GLY G 658 -23.22 -61.83 -90.34
CA GLY G 658 -23.11 -60.58 -89.63
C GLY G 658 -21.85 -59.81 -89.95
N CYS G 659 -21.54 -59.69 -91.24
CA CYS G 659 -20.39 -58.99 -91.79
C CYS G 659 -19.05 -59.61 -91.37
N GLY G 660 -19.06 -60.74 -90.68
CA GLY G 660 -17.84 -61.40 -90.29
C GLY G 660 -17.12 -62.06 -91.44
N LEU G 661 -17.78 -63.04 -92.06
CA LEU G 661 -17.22 -63.75 -93.19
C LEU G 661 -17.86 -63.38 -94.53
N SER G 662 -18.90 -62.54 -94.51
CA SER G 662 -19.53 -62.12 -95.76
C SER G 662 -18.58 -61.27 -96.59
N MET G 663 -17.98 -60.25 -95.98
CA MET G 663 -16.98 -59.46 -96.68
C MET G 663 -15.77 -60.30 -97.06
N ARG G 664 -15.37 -61.23 -96.20
CA ARG G 664 -14.30 -62.15 -96.55
C ARG G 664 -14.68 -62.99 -97.76
N PHE G 665 -15.92 -63.47 -97.81
CA PHE G 665 -16.37 -64.28 -98.93
C PHE G 665 -16.37 -63.48 -100.23
N TYR G 666 -16.88 -62.25 -100.19
CA TYR G 666 -16.87 -61.42 -101.39
C TYR G 666 -15.46 -61.08 -101.83
N ASN G 667 -14.57 -60.79 -100.88
CA ASN G 667 -13.18 -60.49 -101.23
C ASN G 667 -12.51 -61.68 -101.89
N THR G 668 -12.67 -62.87 -101.30
CA THR G 668 -12.07 -64.06 -101.89
C THR G 668 -12.68 -64.39 -103.25
N LEU G 669 -13.99 -64.16 -103.41
CA LEU G 669 -14.62 -64.39 -104.71
C LEU G 669 -14.03 -63.47 -105.77
N ILE G 670 -13.88 -62.18 -105.44
CA ILE G 670 -13.30 -61.24 -106.40
C ILE G 670 -11.85 -61.62 -106.71
N GLU G 671 -11.10 -62.03 -105.68
CA GLU G 671 -9.71 -62.44 -105.89
C GLU G 671 -9.61 -63.61 -106.85
N ALA G 672 -10.43 -64.64 -106.64
CA ALA G 672 -10.39 -65.82 -107.50
C ALA G 672 -11.01 -65.56 -108.87
N LEU G 673 -11.84 -64.53 -109.00
CA LEU G 673 -12.52 -64.26 -110.27
C LEU G 673 -11.72 -63.35 -111.19
N TRP G 674 -11.05 -62.34 -110.65
CA TRP G 674 -10.44 -61.34 -111.52
C TRP G 674 -9.07 -61.77 -112.05
N TRP G 675 -8.30 -62.49 -111.23
CA TRP G 675 -6.93 -62.83 -111.62
C TRP G 675 -6.91 -63.71 -112.86
N LEU G 676 -7.70 -64.78 -112.85
CA LEU G 676 -7.83 -65.68 -113.99
C LEU G 676 -9.32 -65.80 -114.32
N GLY G 677 -9.76 -65.10 -115.35
CA GLY G 677 -11.16 -65.12 -115.74
C GLY G 677 -11.49 -63.88 -116.56
N GLN G 678 -12.76 -63.47 -116.48
CA GLN G 678 -13.26 -62.31 -117.18
C GLN G 678 -13.31 -61.13 -116.22
N LYS G 679 -12.71 -60.01 -116.61
CA LYS G 679 -12.68 -58.84 -115.73
C LYS G 679 -14.05 -58.19 -115.62
N GLU G 680 -14.81 -58.15 -116.72
CA GLU G 680 -16.16 -57.58 -116.65
C GLU G 680 -17.09 -58.47 -115.83
N ARG G 681 -16.79 -59.77 -115.75
CA ARG G 681 -17.60 -60.69 -114.97
C ARG G 681 -17.20 -60.70 -113.50
N ALA G 682 -15.95 -60.33 -113.18
CA ALA G 682 -15.45 -60.43 -111.82
C ALA G 682 -15.84 -59.20 -110.99
N ALA G 683 -15.51 -58.01 -111.48
CA ALA G 683 -15.67 -56.78 -110.73
C ALA G 683 -17.10 -56.24 -110.74
N ARG G 684 -18.08 -57.05 -111.12
CA ARG G 684 -19.47 -56.63 -111.13
C ARG G 684 -20.19 -56.95 -109.82
N VAL G 685 -19.62 -57.83 -108.99
CA VAL G 685 -20.23 -58.14 -107.69
C VAL G 685 -20.15 -56.95 -106.74
N LEU G 686 -19.19 -56.04 -106.97
CA LEU G 686 -19.06 -54.87 -106.10
C LEU G 686 -20.30 -53.97 -106.17
N ASN G 687 -20.98 -53.95 -107.32
CA ASN G 687 -22.19 -53.15 -107.45
C ASN G 687 -23.27 -53.62 -106.49
N GLU G 688 -23.61 -54.92 -106.55
CA GLU G 688 -24.62 -55.46 -105.64
C GLU G 688 -24.13 -55.46 -104.20
N ALA G 689 -22.80 -55.52 -103.99
CA ALA G 689 -22.27 -55.45 -102.63
C ALA G 689 -22.48 -54.06 -102.03
N THR G 690 -22.26 -53.01 -102.83
CA THR G 690 -22.50 -51.65 -102.35
C THR G 690 -24.00 -51.38 -102.20
N LYS G 691 -24.81 -51.95 -103.09
CA LYS G 691 -26.26 -51.84 -102.93
C LYS G 691 -26.73 -52.57 -101.69
N ARG G 692 -25.99 -53.61 -101.26
CA ARG G 692 -26.31 -54.33 -100.04
C ARG G 692 -25.91 -53.54 -98.81
N GLY G 693 -24.78 -52.85 -98.86
CA GLY G 693 -24.28 -52.10 -97.74
C GLY G 693 -23.16 -52.75 -96.97
N LEU G 694 -22.40 -53.67 -97.58
CA LEU G 694 -21.35 -54.39 -96.91
C LEU G 694 -19.95 -53.89 -97.27
N PHE G 695 -19.83 -53.05 -98.30
CA PHE G 695 -18.54 -52.51 -98.75
C PHE G 695 -18.62 -50.99 -98.72
N PRO G 696 -18.45 -50.37 -97.55
CA PRO G 696 -18.50 -48.91 -97.47
C PRO G 696 -17.14 -48.28 -97.71
N GLU G 697 -17.19 -46.99 -98.04
CA GLU G 697 -16.00 -46.14 -98.21
C GLU G 697 -15.09 -46.61 -99.33
N LEU G 698 -15.61 -47.41 -100.28
CA LEU G 698 -14.79 -47.85 -101.40
C LEU G 698 -14.47 -46.72 -102.36
N PHE G 699 -15.16 -45.59 -102.29
CA PHE G 699 -14.89 -44.46 -103.16
C PHE G 699 -15.35 -43.19 -102.48
N ARG G 700 -14.50 -42.16 -102.54
CA ARG G 700 -14.81 -40.85 -101.96
C ARG G 700 -14.96 -39.84 -103.08
N ARG G 701 -16.09 -39.13 -103.09
CA ARG G 701 -16.40 -38.15 -104.12
C ARG G 701 -16.81 -36.84 -103.45
N ASN G 702 -16.10 -35.77 -103.78
CA ASN G 702 -16.39 -34.45 -103.21
C ASN G 702 -15.80 -33.40 -104.15
N LYS G 703 -16.13 -32.13 -103.86
CA LYS G 703 -15.61 -31.04 -104.66
C LYS G 703 -14.10 -30.91 -104.53
N LEU G 704 -13.58 -31.10 -103.33
CA LEU G 704 -12.14 -30.93 -103.11
C LEU G 704 -11.37 -32.21 -103.38
N VAL G 705 -11.91 -33.36 -102.98
CA VAL G 705 -11.19 -34.62 -103.04
C VAL G 705 -12.01 -35.64 -103.81
N TRP G 706 -11.32 -36.57 -104.45
CA TRP G 706 -11.95 -37.67 -105.18
C TRP G 706 -10.98 -38.84 -105.13
N SER G 707 -11.24 -39.79 -104.23
CA SER G 707 -10.28 -40.86 -103.97
C SER G 707 -10.95 -42.22 -103.90
N VAL G 708 -10.16 -43.24 -103.54
CA VAL G 708 -10.65 -44.61 -103.42
C VAL G 708 -9.89 -45.27 -102.27
N ASP G 709 -10.63 -45.86 -101.33
CA ASP G 709 -10.06 -46.50 -100.16
C ASP G 709 -10.09 -48.02 -100.35
N VAL G 710 -8.92 -48.64 -100.39
CA VAL G 710 -8.80 -50.08 -100.53
C VAL G 710 -7.95 -50.62 -99.39
N HIS G 711 -7.97 -49.92 -98.25
CA HIS G 711 -7.15 -50.33 -97.11
C HIS G 711 -7.58 -51.67 -96.55
N ARG G 712 -8.86 -52.04 -96.71
CA ARG G 712 -9.38 -53.30 -96.22
C ARG G 712 -9.63 -54.29 -97.36
N MET G 713 -8.82 -54.25 -98.40
CA MET G 713 -8.99 -55.09 -99.57
C MET G 713 -7.68 -55.76 -99.94
N TRP G 714 -7.80 -56.93 -100.55
CA TRP G 714 -6.63 -57.70 -100.97
C TRP G 714 -6.13 -57.22 -102.32
N PRO G 715 -4.88 -57.57 -102.68
CA PRO G 715 -4.28 -57.00 -103.91
C PRO G 715 -5.16 -57.11 -105.16
N GLY G 716 -5.72 -58.28 -105.43
CA GLY G 716 -6.59 -58.40 -106.60
C GLY G 716 -7.84 -57.54 -106.47
N GLY G 717 -8.47 -57.57 -105.29
CA GLY G 717 -9.61 -56.70 -105.06
C GLY G 717 -9.24 -55.23 -105.12
N ALA G 718 -8.04 -54.90 -104.64
CA ALA G 718 -7.56 -53.52 -104.76
C ALA G 718 -7.43 -53.10 -106.21
N CYS G 719 -6.89 -53.99 -107.05
CA CYS G 719 -6.77 -53.67 -108.47
C CYS G 719 -8.14 -53.54 -109.13
N THR G 720 -9.09 -54.40 -108.75
CA THR G 720 -10.44 -54.29 -109.28
C THR G 720 -11.06 -52.95 -108.91
N ALA G 721 -10.93 -52.55 -107.65
CA ALA G 721 -11.47 -51.27 -107.23
C ALA G 721 -10.77 -50.11 -107.92
N ILE G 722 -9.46 -50.24 -108.16
CA ILE G 722 -8.72 -49.19 -108.86
C ILE G 722 -9.25 -49.05 -110.29
N SER G 723 -9.47 -50.17 -110.98
CA SER G 723 -10.02 -50.11 -112.33
C SER G 723 -11.42 -49.53 -112.33
N VAL G 724 -12.25 -49.92 -111.36
CA VAL G 724 -13.61 -49.40 -111.27
C VAL G 724 -13.59 -47.89 -111.09
N TRP G 725 -12.77 -47.41 -110.15
CA TRP G 725 -12.67 -45.97 -109.92
C TRP G 725 -12.09 -45.24 -111.11
N LEU G 726 -11.15 -45.87 -111.82
CA LEU G 726 -10.55 -45.24 -112.99
C LEU G 726 -11.59 -45.04 -114.09
N ASN G 727 -12.36 -46.07 -114.40
CA ASN G 727 -13.38 -45.92 -115.44
C ASN G 727 -14.52 -45.02 -114.99
N ASP G 728 -14.85 -45.02 -113.70
CA ASP G 728 -15.88 -44.13 -113.20
C ASP G 728 -15.42 -42.68 -113.21
N MET G 729 -14.13 -42.43 -113.10
CA MET G 729 -13.62 -41.07 -113.20
C MET G 729 -13.49 -40.64 -114.66
N GLU G 730 -13.09 -41.55 -115.54
CA GLU G 730 -12.98 -41.20 -116.95
C GLU G 730 -14.34 -41.00 -117.60
N GLU G 731 -15.37 -41.72 -117.15
CA GLU G 731 -16.71 -41.50 -117.68
C GLU G 731 -17.29 -40.16 -117.22
N LEU G 732 -16.80 -39.62 -116.11
CA LEU G 732 -17.18 -38.28 -115.66
C LEU G 732 -16.25 -37.21 -116.22
N PHE G 733 -15.26 -37.59 -117.03
CA PHE G 733 -14.31 -36.62 -117.58
C PHE G 733 -14.87 -35.89 -118.79
N HIS G 734 -15.70 -36.55 -119.59
CA HIS G 734 -16.22 -35.96 -120.82
C HIS G 734 -17.57 -35.27 -120.63
N LYS G 735 -18.15 -35.33 -119.44
CA LYS G 735 -19.44 -34.69 -119.18
C LYS G 735 -19.31 -33.27 -118.66
N GLY G 736 -18.10 -32.72 -118.64
CA GLY G 736 -17.91 -31.35 -118.22
C GLY G 736 -18.07 -31.14 -116.73
N GLU G 737 -17.20 -31.74 -115.93
CA GLU G 737 -17.22 -31.61 -114.48
C GLU G 737 -15.85 -31.19 -113.98
N GLU G 738 -15.83 -30.36 -112.95
CA GLU G 738 -14.58 -29.88 -112.39
C GLU G 738 -13.79 -31.03 -111.79
N LEU G 739 -12.51 -31.12 -112.15
CA LEU G 739 -11.65 -32.17 -111.63
C LEU G 739 -11.20 -31.86 -110.21
N PRO G 740 -10.95 -32.88 -109.40
CA PRO G 740 -10.52 -32.64 -108.02
C PRO G 740 -9.11 -32.07 -107.95
N GLN G 741 -8.82 -31.45 -106.81
CA GLN G 741 -7.49 -30.89 -106.60
C GLN G 741 -6.46 -31.98 -106.36
N LEU G 742 -6.87 -33.11 -105.79
CA LEU G 742 -5.96 -34.21 -105.52
C LEU G 742 -6.74 -35.52 -105.52
N ALA G 743 -6.34 -36.45 -106.38
CA ALA G 743 -6.94 -37.77 -106.46
C ALA G 743 -6.01 -38.78 -105.81
N SER G 744 -6.46 -39.37 -104.70
CA SER G 744 -5.64 -40.28 -103.91
C SER G 744 -6.15 -41.70 -104.02
N VAL G 745 -5.32 -42.64 -103.59
CA VAL G 745 -5.64 -44.06 -103.55
C VAL G 745 -5.24 -44.57 -102.17
N VAL G 746 -6.20 -44.65 -101.25
CA VAL G 746 -5.92 -45.06 -99.88
C VAL G 746 -5.66 -46.56 -99.87
N VAL G 747 -4.39 -46.95 -99.80
CA VAL G 747 -4.00 -48.35 -99.83
C VAL G 747 -3.62 -48.85 -98.44
N VAL G 748 -2.85 -48.06 -97.70
CA VAL G 748 -2.40 -48.45 -96.36
C VAL G 748 -2.55 -47.25 -95.43
N ARG G 749 -3.18 -47.45 -94.28
CA ARG G 749 -3.43 -46.42 -93.25
C ARG G 749 -2.72 -46.76 -91.99
N GLY G 750 -3.02 -46.04 -90.92
CA GLY G 750 -2.39 -46.27 -89.65
C GLY G 750 -1.12 -45.53 -89.29
N GLN G 751 -0.57 -45.78 -88.11
CA GLN G 751 0.62 -45.12 -87.64
C GLN G 751 1.79 -45.43 -88.50
N THR G 752 1.77 -46.57 -89.11
CA THR G 752 2.83 -46.95 -89.98
C THR G 752 2.90 -46.12 -91.25
N GLU G 753 1.92 -45.24 -91.52
CA GLU G 753 1.87 -44.49 -92.78
C GLU G 753 3.07 -43.67 -93.10
N LYS G 754 3.63 -43.04 -92.10
CA LYS G 754 4.84 -42.31 -92.29
C LYS G 754 5.98 -43.25 -92.09
N SER G 755 6.25 -44.07 -93.08
CA SER G 755 7.38 -44.97 -93.01
C SER G 755 7.87 -45.37 -94.37
N SER G 756 9.12 -45.78 -94.46
CA SER G 756 9.66 -46.26 -95.72
C SER G 756 9.45 -47.77 -95.81
N ILE G 757 8.90 -48.37 -94.75
CA ILE G 757 8.67 -49.80 -94.72
C ILE G 757 7.37 -50.10 -95.43
N THR G 758 6.67 -49.08 -95.90
CA THR G 758 5.39 -49.25 -96.53
C THR G 758 5.31 -50.07 -97.75
N ARG G 759 6.29 -50.00 -98.60
CA ARG G 759 6.19 -50.71 -99.86
C ARG G 759 6.14 -52.20 -99.62
N ASP G 760 6.42 -52.63 -98.40
CA ASP G 760 6.46 -54.07 -98.10
C ASP G 760 5.08 -54.68 -97.87
N PHE G 761 4.04 -53.87 -97.90
CA PHE G 761 2.70 -54.43 -97.79
C PHE G 761 2.35 -55.18 -99.06
N PRO G 762 1.66 -56.32 -98.91
CA PRO G 762 1.38 -57.11 -100.10
C PRO G 762 0.52 -56.35 -101.09
N VAL G 763 -0.47 -55.64 -100.60
CA VAL G 763 -1.34 -54.87 -101.47
C VAL G 763 -0.53 -53.78 -102.17
N ALA G 764 0.43 -53.19 -101.46
CA ALA G 764 1.20 -52.09 -102.03
C ALA G 764 1.98 -52.47 -103.29
N LYS G 765 2.62 -53.62 -103.28
CA LYS G 765 3.42 -54.02 -104.43
C LYS G 765 2.52 -54.18 -105.64
N ALA G 766 1.34 -54.75 -105.41
CA ALA G 766 0.39 -54.99 -106.50
C ALA G 766 -0.24 -53.69 -106.98
N ALA G 767 -0.57 -52.78 -106.06
CA ALA G 767 -1.13 -51.50 -106.46
C ALA G 767 -0.13 -50.69 -107.27
N TYR G 768 1.13 -50.68 -106.87
CA TYR G 768 2.16 -49.97 -107.62
C TYR G 768 2.33 -50.57 -109.00
N SER G 769 2.40 -51.90 -109.10
CA SER G 769 2.55 -52.53 -110.40
C SER G 769 1.36 -52.25 -111.30
N PHE G 770 0.15 -52.30 -110.75
CA PHE G 770 -1.04 -52.09 -111.57
C PHE G 770 -1.17 -50.64 -112.03
N LEU G 771 -0.79 -49.70 -111.17
CA LEU G 771 -0.83 -48.29 -111.55
C LEU G 771 0.36 -47.89 -112.42
N LYS G 772 1.40 -48.73 -112.49
CA LYS G 772 2.54 -48.42 -113.35
C LYS G 772 2.42 -49.05 -114.73
N ASP G 773 1.79 -50.23 -114.84
CA ASP G 773 1.71 -50.91 -116.13
C ASP G 773 0.42 -50.61 -116.90
N THR G 774 -0.69 -50.35 -116.22
CA THR G 774 -1.95 -50.11 -116.91
C THR G 774 -2.04 -48.68 -117.43
N VAL G 775 -1.73 -47.71 -116.57
CA VAL G 775 -1.81 -46.30 -116.93
C VAL G 775 -0.41 -45.71 -116.96
N SER G 776 -0.32 -44.45 -117.40
CA SER G 776 0.95 -43.77 -117.53
C SER G 776 1.55 -43.48 -116.14
N SER G 777 2.75 -42.92 -116.14
CA SER G 777 3.47 -42.61 -114.90
C SER G 777 3.06 -41.25 -114.36
N SER G 778 1.76 -41.13 -114.06
CA SER G 778 1.21 -39.92 -113.47
C SER G 778 0.81 -40.09 -112.02
N PHE G 779 0.67 -41.32 -111.54
CA PHE G 779 0.33 -41.60 -110.15
C PHE G 779 1.57 -42.04 -109.41
N CYS G 780 1.91 -41.33 -108.33
CA CYS G 780 3.12 -41.60 -107.57
C CYS G 780 2.83 -41.46 -106.08
N PHE G 781 3.79 -41.89 -105.28
CA PHE G 781 3.66 -41.78 -103.84
C PHE G 781 3.84 -40.33 -103.39
N PRO G 782 3.11 -39.88 -102.37
CA PRO G 782 3.28 -38.52 -101.88
C PRO G 782 4.53 -38.39 -101.02
N GLY G 783 5.04 -37.16 -100.96
CA GLY G 783 6.19 -36.89 -100.11
C GLY G 783 5.83 -36.60 -98.67
N TRP G 784 4.60 -36.13 -98.43
CA TRP G 784 4.17 -35.83 -97.07
C TRP G 784 3.76 -37.10 -96.33
N ASN G 785 3.12 -38.04 -97.03
CA ASN G 785 2.70 -39.31 -96.43
C ASN G 785 2.93 -40.41 -97.43
N LYS G 786 3.82 -41.35 -97.09
CA LYS G 786 4.15 -42.46 -97.98
C LYS G 786 3.26 -43.67 -97.69
N GLY G 787 1.95 -43.45 -97.83
CA GLY G 787 1.00 -44.50 -97.55
C GLY G 787 -0.18 -44.54 -98.51
N ARG G 788 -0.03 -43.92 -99.67
CA ARG G 788 -1.09 -43.88 -100.66
C ARG G 788 -0.49 -43.52 -102.02
N ILE G 789 -1.35 -43.36 -103.01
CA ILE G 789 -0.96 -42.99 -104.37
C ILE G 789 -1.80 -41.78 -104.77
N VAL G 790 -1.14 -40.66 -105.06
CA VAL G 790 -1.86 -39.44 -105.45
C VAL G 790 -1.54 -38.94 -106.85
N CYS G 791 -2.46 -38.19 -107.45
CA CYS G 791 -2.23 -37.58 -108.75
C CYS G 791 -2.64 -36.12 -108.70
N GLN G 792 -1.80 -35.24 -109.24
CA GLN G 792 -2.14 -33.83 -109.27
C GLN G 792 -3.20 -33.52 -110.30
N LYS G 793 -3.88 -32.39 -110.14
CA LYS G 793 -4.96 -32.00 -111.05
C LYS G 793 -4.58 -31.96 -112.53
N THR G 794 -3.54 -31.20 -112.86
CA THR G 794 -3.13 -31.09 -114.26
C THR G 794 -2.68 -32.44 -114.77
N GLN G 795 -1.98 -33.20 -113.94
CA GLN G 795 -1.48 -34.51 -114.35
C GLN G 795 -2.60 -35.48 -114.69
N LEU G 796 -3.69 -35.45 -113.91
CA LEU G 796 -4.82 -36.35 -114.18
C LEU G 796 -5.47 -36.05 -115.53
N LYS G 797 -5.53 -34.79 -115.90
CA LYS G 797 -6.14 -34.40 -117.17
C LYS G 797 -5.41 -35.02 -118.37
N ARG G 798 -4.08 -35.07 -118.31
CA ARG G 798 -3.30 -35.58 -119.44
C ARG G 798 -3.56 -37.04 -119.82
N ILE G 799 -3.68 -37.93 -118.83
CA ILE G 799 -3.95 -39.34 -119.13
C ILE G 799 -5.40 -39.47 -119.56
N PHE G 800 -6.29 -38.69 -118.97
CA PHE G 800 -7.72 -38.72 -119.33
C PHE G 800 -7.97 -38.42 -120.78
N SER G 801 -7.26 -37.45 -121.32
CA SER G 801 -7.41 -37.11 -122.73
C SER G 801 -6.83 -38.20 -123.64
N GLU H 72 -17.07 52.05 30.48
CA GLU H 72 -17.17 53.40 31.04
C GLU H 72 -16.15 54.33 30.40
N SER H 73 -16.15 55.60 30.82
CA SER H 73 -15.27 56.60 30.26
C SER H 73 -13.90 56.55 30.86
N GLU H 74 -12.91 57.02 30.11
CA GLU H 74 -11.53 56.94 30.58
C GLU H 74 -11.35 57.69 31.88
N GLU H 75 -11.94 58.87 31.97
CA GLU H 75 -11.82 59.66 33.18
C GLU H 75 -12.46 58.91 34.34
N GLU H 76 -13.63 58.34 34.12
CA GLU H 76 -14.31 57.63 35.18
C GLU H 76 -13.45 56.46 35.60
N ALA H 77 -12.86 55.77 34.64
CA ALA H 77 -12.04 54.61 34.97
C ALA H 77 -10.82 55.00 35.80
N ARG H 78 -10.17 56.08 35.43
CA ARG H 78 -9.00 56.52 36.19
C ARG H 78 -9.42 56.90 37.59
N ARG H 79 -10.59 57.54 37.72
CA ARG H 79 -11.08 57.92 39.03
C ARG H 79 -11.29 56.69 39.87
N LYS H 80 -11.90 55.67 39.27
CA LYS H 80 -12.19 54.46 40.02
C LYS H 80 -10.87 53.87 40.47
N ASN H 81 -9.88 53.84 39.59
CA ASN H 81 -8.61 53.23 39.95
C ASN H 81 -7.98 53.97 41.11
N TRP H 82 -7.97 55.30 41.04
CA TRP H 82 -7.31 56.07 42.09
C TRP H 82 -8.02 55.79 43.41
N VAL H 83 -9.35 55.75 43.37
CA VAL H 83 -10.11 55.49 44.59
C VAL H 83 -9.90 54.10 45.19
N ASP H 84 -9.82 53.06 44.36
CA ASP H 84 -9.76 51.70 44.94
C ASP H 84 -8.47 50.93 44.79
N ARG H 85 -7.91 50.92 43.58
CA ARG H 85 -6.71 50.13 43.34
C ARG H 85 -5.44 50.85 43.81
N GLY H 86 -5.30 52.14 43.50
CA GLY H 86 -4.16 52.90 43.96
C GLY H 86 -3.18 53.26 42.87
N TRP H 87 -3.68 53.51 41.68
CA TRP H 87 -2.82 53.88 40.56
C TRP H 87 -2.20 55.25 40.80
N ALA H 88 -0.97 55.43 40.32
CA ALA H 88 -0.26 56.69 40.43
C ALA H 88 0.75 56.77 39.29
N PRO H 89 0.75 57.85 38.52
CA PRO H 89 1.68 57.99 37.38
C PRO H 89 3.10 58.37 37.80
N TRP H 90 3.87 57.35 38.17
CA TRP H 90 5.22 57.58 38.67
C TRP H 90 6.15 58.02 37.52
N GLU H 91 7.39 58.35 37.88
CA GLU H 91 8.30 58.96 36.91
C GLU H 91 8.82 57.94 35.90
N GLU H 92 9.25 56.77 36.38
CA GLU H 92 9.76 55.68 35.53
C GLU H 92 10.97 56.17 34.71
N ILE H 93 12.05 56.45 35.45
CA ILE H 93 13.30 56.86 34.81
C ILE H 93 13.81 55.72 33.95
N LEU H 94 14.13 56.03 32.68
CA LEU H 94 14.50 55.03 31.70
C LEU H 94 15.91 55.28 31.18
N SER H 95 16.48 54.24 30.60
CA SER H 95 17.76 54.33 29.91
C SER H 95 17.56 54.91 28.51
N PRO H 96 18.69 55.34 27.87
CA PRO H 96 18.52 55.79 26.49
C PRO H 96 18.06 54.70 25.57
N GLU H 97 18.57 53.51 25.72
CA GLU H 97 18.21 52.44 24.83
C GLU H 97 16.74 52.17 24.93
N ALA H 98 16.17 52.40 26.10
CA ALA H 98 14.77 52.15 26.29
C ALA H 98 13.95 53.31 25.84
N ASN H 99 14.32 54.51 26.20
CA ASN H 99 13.62 55.68 25.68
C ASN H 99 13.45 55.60 24.17
N PHE H 100 14.52 55.20 23.47
CA PHE H 100 14.43 55.04 22.02
C PHE H 100 13.44 53.94 21.66
N ALA H 101 13.40 52.87 22.45
CA ALA H 101 12.45 51.79 22.17
C ALA H 101 11.01 52.25 22.38
N ARG H 102 10.76 53.06 23.41
CA ARG H 102 9.40 53.54 23.66
C ARG H 102 8.97 54.59 22.64
N LYS H 103 9.91 55.39 22.15
CA LYS H 103 9.58 56.45 21.20
C LYS H 103 9.82 56.06 19.75
N SER H 104 10.17 54.79 19.49
CA SER H 104 10.40 54.32 18.13
C SER H 104 9.39 53.30 17.66
N LEU H 105 8.81 52.50 18.56
CA LEU H 105 7.83 51.49 18.18
C LEU H 105 6.46 52.06 17.90
N ASN H 106 6.25 53.36 18.11
CA ASN H 106 4.96 53.97 17.85
C ASN H 106 4.71 54.24 16.38
N GLU H 107 5.76 54.40 15.57
CA GLU H 107 5.59 54.69 14.16
C GLU H 107 5.31 53.43 13.36
N GLY H 108 6.25 52.50 13.38
CA GLY H 108 6.11 51.26 12.63
C GLY H 108 7.40 50.48 12.66
N GLU H 109 7.64 49.65 11.65
CA GLU H 109 8.83 48.83 11.63
C GLU H 109 9.67 49.02 10.38
N GLU H 110 10.99 49.07 10.55
CA GLU H 110 11.88 49.27 9.42
C GLU H 110 11.44 50.45 8.60
N VAL H 111 10.79 51.39 9.25
CA VAL H 111 10.34 52.59 8.56
C VAL H 111 11.18 53.77 9.03
N ALA H 112 11.32 54.77 8.16
CA ALA H 112 12.12 55.94 8.48
C ALA H 112 11.48 56.71 9.63
N LEU H 113 12.31 57.13 10.59
CA LEU H 113 11.84 57.85 11.76
C LEU H 113 11.56 59.30 11.36
N GLN H 114 10.28 59.69 11.42
CA GLN H 114 9.88 61.04 11.04
C GLN H 114 9.64 61.96 12.23
N SER H 115 9.35 61.39 13.40
CA SER H 115 9.06 62.22 14.56
C SER H 115 10.34 62.86 15.08
N PRO H 116 10.27 64.10 15.59
CA PRO H 116 11.50 64.73 16.11
C PRO H 116 12.05 64.05 17.34
N GLU H 117 11.19 63.67 18.29
CA GLU H 117 11.68 63.02 19.50
C GLU H 117 12.29 61.66 19.22
N ALA H 118 11.78 60.95 18.20
CA ALA H 118 12.37 59.67 17.82
C ALA H 118 13.78 59.87 17.26
N ILE H 119 13.97 60.88 16.42
CA ILE H 119 15.29 61.16 15.88
C ILE H 119 16.24 61.59 16.99
N GLU H 120 15.74 62.38 17.95
CA GLU H 120 16.59 62.79 19.07
C GLU H 120 17.00 61.59 19.92
N ALA H 121 16.06 60.68 20.20
CA ALA H 121 16.39 59.49 20.96
C ALA H 121 17.36 58.59 20.20
N PHE H 122 17.24 58.53 18.87
CA PHE H 122 18.19 57.75 18.08
C PHE H 122 19.58 58.35 18.13
N LYS H 123 19.67 59.68 18.07
CA LYS H 123 20.97 60.33 18.12
C LYS H 123 21.59 60.26 19.51
N MET H 124 20.77 60.21 20.56
CA MET H 124 21.27 60.16 21.92
C MET H 124 21.80 58.79 22.32
N LEU H 125 21.89 57.84 21.39
CA LEU H 125 22.47 56.54 21.71
C LEU H 125 23.99 56.56 21.73
N SER H 126 24.61 57.68 21.36
CA SER H 126 26.06 57.79 21.37
C SER H 126 26.53 58.60 22.57
N PRO H 127 27.56 58.15 23.29
CA PRO H 127 28.01 58.92 24.46
C PRO H 127 28.57 60.29 24.11
N ASN H 128 29.29 60.41 23.00
CA ASN H 128 29.85 61.70 22.62
C ASN H 128 28.77 62.69 22.25
N TYR H 129 27.68 62.22 21.63
CA TYR H 129 26.57 63.12 21.31
C TYR H 129 25.96 63.69 22.59
N ARG H 130 25.81 62.85 23.62
CA ARG H 130 25.25 63.33 24.87
C ARG H 130 26.21 64.28 25.58
N LYS H 131 27.51 63.96 25.58
CA LYS H 131 28.49 64.83 26.23
C LYS H 131 28.69 66.13 25.47
N LYS H 132 28.29 66.19 24.20
CA LYS H 132 28.31 67.45 23.47
C LYS H 132 27.01 68.24 23.67
N LYS H 133 25.87 67.55 23.75
CA LYS H 133 24.61 68.23 23.98
C LYS H 133 24.54 68.80 25.40
N ILE H 134 25.18 68.15 26.37
CA ILE H 134 25.18 68.68 27.72
C ILE H 134 26.03 69.95 27.79
N SER H 135 27.06 70.05 26.95
CA SER H 135 27.88 71.26 26.92
C SER H 135 27.26 72.35 26.04
N ASP H 136 26.39 71.98 25.09
CA ASP H 136 25.72 72.99 24.29
C ASP H 136 24.82 73.87 25.14
N MET H 137 24.18 73.28 26.16
CA MET H 137 23.29 74.02 27.05
C MET H 137 24.00 74.53 28.30
N GLY H 138 25.27 74.17 28.49
CA GLY H 138 26.03 74.66 29.63
C GLY H 138 25.57 74.09 30.96
N ILE H 139 25.71 72.78 31.13
CA ILE H 139 25.34 72.11 32.37
C ILE H 139 26.49 71.21 32.79
N THR H 140 26.69 71.09 34.10
CA THR H 140 27.76 70.24 34.62
C THR H 140 27.41 68.77 34.46
N GLU H 141 28.40 67.91 34.71
CA GLU H 141 28.19 66.47 34.56
C GLU H 141 27.14 65.96 35.53
N ASP H 142 27.12 66.50 36.76
CA ASP H 142 26.12 66.10 37.74
C ASP H 142 24.75 66.73 37.48
N GLU H 143 24.71 67.85 36.77
CA GLU H 143 23.44 68.52 36.51
C GLU H 143 22.54 67.66 35.64
N TYR H 144 23.10 66.97 34.64
CA TYR H 144 22.30 66.11 33.78
C TYR H 144 21.75 64.91 34.56
N TYR H 145 22.59 64.31 35.41
CA TYR H 145 22.13 63.20 36.23
C TYR H 145 21.06 63.63 37.22
N ALA H 146 21.16 64.85 37.74
CA ALA H 146 20.11 65.36 38.63
C ALA H 146 18.83 65.64 37.85
N LYS H 147 18.95 66.14 36.62
CA LYS H 147 17.77 66.41 35.81
C LYS H 147 17.10 65.14 35.30
N GLN H 148 17.83 64.03 35.24
CA GLN H 148 17.21 62.76 34.88
C GLN H 148 16.14 62.37 35.90
N PHE H 149 16.44 62.52 37.18
CA PHE H 149 15.50 62.18 38.25
C PHE H 149 14.71 63.43 38.65
N GLU H 150 13.88 63.89 37.71
CA GLU H 150 13.06 65.07 37.90
C GLU H 150 11.60 64.70 37.85
N ILE H 151 10.80 65.32 38.71
CA ILE H 151 9.38 65.02 38.81
C ILE H 151 8.63 65.80 37.74
N LYS H 152 8.00 65.08 36.82
CA LYS H 152 7.21 65.70 35.77
C LYS H 152 5.80 66.01 36.27
N GLY H 153 4.96 66.51 35.37
CA GLY H 153 3.59 66.83 35.73
C GLY H 153 3.49 68.14 36.50
N GLU H 154 2.26 68.44 36.90
CA GLU H 154 1.99 69.67 37.63
C GLU H 154 2.50 69.55 39.07
N ILE H 155 3.27 70.53 39.50
CA ILE H 155 3.82 70.55 40.86
C ILE H 155 2.93 71.42 41.74
N PRO H 156 2.59 70.98 42.94
CA PRO H 156 1.73 71.79 43.81
C PRO H 156 2.43 73.06 44.29
N GLU H 157 1.61 74.01 44.74
CA GLU H 157 2.14 75.24 45.26
C GLU H 157 2.75 75.02 46.64
N PRO H 158 3.77 75.79 47.00
CA PRO H 158 4.38 75.65 48.34
C PRO H 158 3.38 75.97 49.43
N LEU H 159 3.22 75.05 50.36
CA LEU H 159 2.25 75.22 51.43
C LEU H 159 2.71 76.29 52.42
N SER H 160 1.75 76.95 53.04
CA SER H 160 2.00 77.98 54.05
C SER H 160 1.46 77.52 55.39
N THR H 161 2.06 78.04 56.47
CA THR H 161 1.70 77.67 57.83
C THR H 161 0.91 78.81 58.45
N MET H 162 -0.39 78.61 58.64
CA MET H 162 -1.28 79.60 59.23
C MET H 162 -1.62 79.16 60.65
N TRP H 163 -0.98 79.81 61.61
CA TRP H 163 -1.17 79.43 63.00
C TRP H 163 -2.46 79.99 63.52
N ALA H 164 -3.25 79.16 64.17
CA ALA H 164 -4.54 79.59 64.62
C ALA H 164 -4.53 80.67 65.64
N GLY H 165 -3.64 80.58 66.61
CA GLY H 165 -3.66 81.55 67.67
C GLY H 165 -2.50 81.35 68.62
N PRO H 166 -2.56 82.00 69.80
CA PRO H 166 -1.37 81.76 70.60
C PRO H 166 -1.31 80.34 71.04
N LEU H 167 -0.12 79.79 71.16
CA LEU H 167 0.00 78.46 71.68
C LEU H 167 0.37 78.62 73.12
N VAL H 168 -0.48 78.15 74.02
CA VAL H 168 -0.19 78.25 75.42
C VAL H 168 -0.11 76.84 75.91
N VAL H 169 0.99 76.48 76.54
CA VAL H 169 1.13 75.12 76.95
C VAL H 169 1.54 75.04 78.39
N ARG H 170 1.66 73.84 78.91
CA ARG H 170 2.10 73.63 80.29
C ARG H 170 2.67 72.23 80.42
N HIS H 171 3.83 72.12 81.03
CA HIS H 171 4.49 70.83 81.20
C HIS H 171 3.77 70.01 82.27
N VAL H 172 3.14 68.92 81.87
CA VAL H 172 2.39 68.05 82.77
C VAL H 172 3.02 66.67 82.70
N PRO H 173 3.31 66.04 83.84
CA PRO H 173 3.86 64.69 83.79
C PRO H 173 2.86 63.72 83.20
N PRO H 174 3.33 62.63 82.60
CA PRO H 174 2.41 61.65 82.02
C PRO H 174 1.55 61.00 83.10
N ARG H 175 0.32 60.67 82.71
CA ARG H 175 -0.59 60.01 83.64
C ARG H 175 -0.15 58.57 83.92
N ASP H 176 0.46 57.92 82.93
CA ASP H 176 0.95 56.55 83.07
C ASP H 176 2.45 56.48 83.35
N TRP H 177 2.98 57.43 84.12
CA TRP H 177 4.42 57.48 84.33
C TRP H 177 4.99 56.21 84.95
N PRO H 178 4.56 55.77 86.14
CA PRO H 178 5.20 54.61 86.76
C PRO H 178 4.89 53.34 85.99
N PRO H 179 5.90 52.69 85.43
CA PRO H 179 5.65 51.45 84.67
C PRO H 179 5.20 50.33 85.58
N ARG H 180 4.66 49.28 84.96
CA ARG H 180 4.21 48.11 85.70
C ARG H 180 5.42 47.38 86.26
N GLY H 181 5.57 47.39 87.59
CA GLY H 181 6.67 46.74 88.25
C GLY H 181 7.69 47.65 88.88
N TRP H 182 7.43 48.96 88.93
CA TRP H 182 8.34 49.92 89.54
C TRP H 182 7.63 50.60 90.70
N GLU H 183 8.13 50.40 91.91
CA GLU H 183 7.52 50.93 93.12
C GLU H 183 8.27 52.17 93.56
N VAL H 184 7.52 53.25 93.85
CA VAL H 184 8.08 54.49 94.33
C VAL H 184 7.33 54.90 95.60
N ASP H 185 7.83 55.94 96.26
CA ASP H 185 7.18 56.45 97.46
C ASP H 185 5.81 57.02 97.10
N LYS H 186 4.84 56.80 97.99
CA LYS H 186 3.46 57.14 97.67
C LYS H 186 3.22 58.65 97.70
N LYS H 187 3.85 59.35 98.65
CA LYS H 187 3.58 60.78 98.80
C LYS H 187 4.11 61.58 97.61
N GLU H 188 5.27 61.20 97.09
CA GLU H 188 5.81 61.89 95.92
C GLU H 188 4.93 61.67 94.71
N LEU H 189 4.47 60.43 94.50
CA LEU H 189 3.56 60.16 93.39
C LEU H 189 2.24 60.91 93.56
N GLU H 190 1.76 61.07 94.79
CA GLU H 190 0.56 61.85 95.04
C GLU H 190 0.77 63.31 94.67
N PHE H 191 1.88 63.90 95.10
CA PHE H 191 2.15 65.30 94.78
C PHE H 191 2.37 65.48 93.28
N ILE H 192 2.85 64.45 92.59
CA ILE H 192 3.01 64.54 91.14
C ILE H 192 1.64 64.48 90.46
N ARG H 193 0.81 63.51 90.82
CA ARG H 193 -0.52 63.36 90.24
C ARG H 193 -1.45 64.51 90.60
N GLU H 194 -1.10 65.31 91.61
CA GLU H 194 -1.93 66.45 91.96
C GLU H 194 -2.09 67.43 90.79
N THR H 195 -1.12 67.46 89.88
CA THR H 195 -1.17 68.41 88.78
C THR H 195 -2.26 68.10 87.76
N HIS H 196 -2.79 66.87 87.76
CA HIS H 196 -3.82 66.52 86.80
C HIS H 196 -5.13 67.24 87.10
N LYS H 197 -5.35 67.64 88.35
CA LYS H 197 -6.56 68.37 88.70
C LYS H 197 -6.55 69.77 88.11
N LEU H 198 -5.37 70.39 88.04
CA LEU H 198 -5.26 71.77 87.58
C LEU H 198 -5.44 71.90 86.07
N GLN H 199 -5.45 70.80 85.33
CA GLN H 199 -5.60 70.87 83.88
C GLN H 199 -7.02 71.19 83.45
N SER H 200 -8.00 71.04 84.34
CA SER H 200 -9.39 71.28 84.00
C SER H 200 -9.73 72.76 83.93
N VAL H 201 -8.89 73.64 84.50
CA VAL H 201 -9.17 75.06 84.48
C VAL H 201 -9.00 75.60 83.06
N ARG H 202 -9.76 76.64 82.74
CA ARG H 202 -9.65 77.21 81.41
C ARG H 202 -8.83 78.47 81.45
N VAL H 203 -8.24 78.83 80.31
CA VAL H 203 -7.43 80.03 80.23
C VAL H 203 -7.97 80.84 79.09
N ASP H 204 -8.08 82.16 79.24
CA ASP H 204 -8.54 82.94 78.12
C ASP H 204 -7.35 83.30 77.27
N TYR H 205 -7.35 82.82 76.03
CA TYR H 205 -6.21 83.04 75.15
C TYR H 205 -5.96 84.51 74.76
N ASP H 206 -7.02 85.27 74.54
CA ASP H 206 -6.84 86.65 74.11
C ASP H 206 -6.14 87.52 75.13
N LYS H 207 -6.44 87.32 76.40
CA LYS H 207 -5.87 88.18 77.43
C LYS H 207 -4.49 87.72 77.82
N VAL H 208 -4.01 86.68 77.18
CA VAL H 208 -2.72 86.14 77.56
C VAL H 208 -1.63 87.17 77.40
N GLU H 209 -1.69 87.95 76.33
CA GLU H 209 -0.62 88.90 76.10
C GLU H 209 -0.55 89.86 77.25
N GLU H 210 -1.70 90.26 77.74
CA GLU H 210 -1.74 91.20 78.82
C GLU H 210 -0.99 90.69 80.05
N MET H 211 -1.11 89.41 80.37
CA MET H 211 -0.49 88.93 81.60
C MET H 211 0.92 88.38 81.43
N VAL H 212 1.58 88.76 80.35
CA VAL H 212 2.93 88.25 80.09
C VAL H 212 3.89 88.85 81.10
N LYS H 213 4.69 87.99 81.72
CA LYS H 213 5.73 88.41 82.67
C LYS H 213 7.06 87.88 82.19
N MET H 214 7.98 88.79 81.86
CA MET H 214 9.28 88.39 81.33
C MET H 214 10.25 87.95 82.41
N GLU H 215 9.99 88.27 83.67
CA GLU H 215 10.91 87.91 84.74
C GLU H 215 10.80 86.43 85.07
N THR H 216 11.94 85.75 85.07
CA THR H 216 12.00 84.33 85.39
C THR H 216 12.22 84.15 86.89
N ASP H 217 12.57 82.92 87.30
CA ASP H 217 12.86 82.53 88.68
C ASP H 217 11.63 82.64 89.59
N ASP H 218 10.43 82.76 89.02
CA ASP H 218 9.20 82.79 89.79
C ASP H 218 8.23 81.69 89.39
N MET H 219 8.59 80.85 88.43
CA MET H 219 7.69 79.79 87.98
C MET H 219 7.66 78.65 88.98
N GLY H 220 6.46 78.09 89.20
CA GLY H 220 6.30 76.96 90.10
C GLY H 220 6.18 75.65 89.35
N LEU H 221 7.26 74.86 89.36
CA LEU H 221 7.30 73.58 88.67
C LEU H 221 7.87 72.51 89.57
N ASP H 222 7.50 72.53 90.86
CA ASP H 222 8.03 71.55 91.80
C ASP H 222 7.55 70.13 91.45
N ARG H 223 6.30 70.06 91.04
CA ARG H 223 5.72 68.78 90.71
C ARG H 223 6.44 68.23 89.53
N TYR H 224 6.58 69.05 88.50
CA TYR H 224 7.21 68.55 87.30
C TYR H 224 8.62 68.18 87.67
N LYS H 225 9.24 68.98 88.52
CA LYS H 225 10.61 68.71 88.89
C LYS H 225 10.66 67.38 89.57
N MET H 226 9.68 67.12 90.40
CA MET H 226 9.68 65.88 91.13
C MET H 226 9.59 64.73 90.16
N PHE H 227 8.81 64.90 89.12
CA PHE H 227 8.70 63.85 88.14
C PHE H 227 10.04 63.64 87.55
N LEU H 228 10.74 64.72 87.25
CA LEU H 228 12.01 64.58 86.58
C LEU H 228 12.91 63.81 87.48
N LYS H 229 12.85 64.08 88.77
CA LYS H 229 13.75 63.43 89.68
C LYS H 229 13.50 61.95 89.64
N GLN H 230 12.23 61.57 89.64
CA GLN H 230 11.90 60.18 89.60
C GLN H 230 12.37 59.57 88.30
N TYR H 231 12.20 60.31 87.22
CA TYR H 231 12.57 59.79 85.93
C TYR H 231 14.02 59.51 85.87
N ASN H 232 14.82 60.41 86.39
CA ASN H 232 16.25 60.25 86.28
C ASN H 232 16.66 58.99 86.96
N GLU H 233 16.03 58.71 88.07
CA GLU H 233 16.34 57.49 88.75
C GLU H 233 15.96 56.30 87.92
N TRP H 234 14.78 56.31 87.32
CA TRP H 234 14.30 55.11 86.63
C TRP H 234 15.16 54.80 85.40
N VAL H 235 15.63 55.82 84.68
CA VAL H 235 16.45 55.57 83.50
C VAL H 235 17.78 54.96 83.91
N ALA H 236 18.42 55.52 84.95
CA ALA H 236 19.66 54.95 85.44
C ALA H 236 19.47 53.57 86.03
N ALA H 237 18.24 53.25 86.45
CA ALA H 237 17.98 51.91 86.98
C ALA H 237 17.78 50.88 85.86
N ASN H 238 17.08 51.25 84.79
CA ASN H 238 16.61 50.26 83.82
C ASN H 238 17.18 50.40 82.42
N LYS H 239 18.18 51.27 82.21
CA LYS H 239 18.73 51.45 80.87
C LYS H 239 19.35 50.16 80.35
N ASP H 240 20.19 49.51 81.17
CA ASP H 240 20.85 48.30 80.72
C ASP H 240 19.85 47.17 80.45
N ARG H 241 18.82 47.06 81.30
CA ARG H 241 17.81 46.03 81.08
C ARG H 241 17.04 46.28 79.78
N LEU H 242 16.68 47.53 79.52
CA LEU H 242 15.97 47.85 78.28
C LEU H 242 16.83 47.58 77.06
N GLU H 243 18.13 47.91 77.14
CA GLU H 243 19.01 47.65 76.01
C GLU H 243 19.20 46.15 75.78
N LYS H 244 19.31 45.38 76.86
CA LYS H 244 19.44 43.93 76.72
C LYS H 244 18.19 43.33 76.11
N GLU H 245 17.01 43.79 76.53
CA GLU H 245 15.78 43.29 75.94
C GLU H 245 15.67 43.67 74.47
N SER H 246 16.09 44.89 74.12
CA SER H 246 16.06 45.30 72.72
C SER H 246 16.99 44.44 71.87
N TYR H 247 18.17 44.12 72.40
CA TYR H 247 19.08 43.26 71.66
C TYR H 247 18.56 41.82 71.58
N LYS H 248 17.82 41.37 72.58
CA LYS H 248 17.35 39.99 72.60
C LYS H 248 16.16 39.77 71.68
N TYR H 249 15.13 40.61 71.79
CA TYR H 249 13.89 40.39 71.06
C TYR H 249 13.91 40.97 69.65
N ASP H 250 14.62 42.07 69.44
CA ASP H 250 14.71 42.70 68.12
C ASP H 250 16.07 42.38 67.50
N GLN H 251 16.04 41.86 66.27
CA GLN H 251 17.27 41.42 65.61
C GLN H 251 17.90 42.55 64.79
N ASP H 252 17.16 43.07 63.81
CA ASP H 252 17.65 44.13 62.94
C ASP H 252 16.95 45.44 63.25
N TYR H 253 17.71 46.53 63.18
CA TYR H 253 17.15 47.84 63.46
C TYR H 253 16.25 48.29 62.32
N TYR H 254 15.18 49.00 62.67
CA TYR H 254 14.22 49.54 61.72
C TYR H 254 13.65 50.81 62.32
N PRO H 255 13.27 51.80 61.49
CA PRO H 255 12.64 53.01 62.04
C PRO H 255 11.44 52.68 62.91
N GLY H 256 11.55 52.97 64.20
CA GLY H 256 10.54 52.63 65.19
C GLY H 256 11.05 51.75 66.31
N ARG H 257 12.21 51.12 66.15
CA ARG H 257 12.78 50.27 67.19
C ARG H 257 13.71 51.09 68.08
N ARG H 258 14.27 50.43 69.09
CA ARG H 258 15.11 51.12 70.06
C ARG H 258 16.48 51.40 69.46
N LYS H 259 16.92 52.65 69.57
CA LYS H 259 18.24 53.03 69.10
C LYS H 259 19.30 52.38 69.99
N ARG H 260 20.18 51.61 69.37
CA ARG H 260 21.18 50.84 70.11
C ARG H 260 22.52 50.92 69.40
N GLY H 261 23.57 50.56 70.14
CA GLY H 261 24.90 50.56 69.55
C GLY H 261 25.43 51.97 69.38
N LYS H 262 25.93 52.27 68.18
CA LYS H 262 26.50 53.57 67.91
C LYS H 262 25.45 54.67 67.79
N ASP H 263 24.18 54.30 67.57
CA ASP H 263 23.12 55.27 67.41
C ASP H 263 22.55 55.77 68.73
N TYR H 264 23.00 55.23 69.86
CA TYR H 264 22.47 55.61 71.17
C TYR H 264 23.43 56.60 71.83
N GLN H 265 22.96 57.83 72.01
CA GLN H 265 23.70 58.86 72.72
C GLN H 265 23.03 59.14 74.06
N ASP H 266 23.84 59.36 75.09
CA ASP H 266 23.30 59.63 76.42
C ASP H 266 22.54 60.95 76.42
N GLY H 267 21.35 60.93 77.02
CA GLY H 267 20.49 62.09 77.06
C GLY H 267 19.22 61.99 76.24
N MET H 268 18.94 60.84 75.64
CA MET H 268 17.73 60.68 74.85
C MET H 268 16.54 60.38 75.75
N TYR H 269 15.44 61.10 75.53
CA TYR H 269 14.23 60.86 76.29
C TYR H 269 13.69 59.48 75.98
N GLU H 270 13.52 58.65 77.01
CA GLU H 270 13.02 57.30 76.80
C GLU H 270 11.51 57.32 76.58
N LEU H 271 10.94 56.13 76.36
CA LEU H 271 9.54 55.99 75.98
C LEU H 271 8.58 56.44 77.09
N PRO H 272 8.86 56.13 78.37
CA PRO H 272 7.90 56.64 79.35
C PRO H 272 7.72 58.13 79.43
N PHE H 273 8.67 58.90 78.94
CA PHE H 273 8.60 60.34 79.04
C PHE H 273 7.45 60.89 78.27
N TYR H 274 7.17 60.29 77.13
CA TYR H 274 6.12 60.82 76.28
C TYR H 274 4.73 60.39 76.67
N TYR H 275 3.73 61.11 76.21
CA TYR H 275 2.33 60.83 76.51
C TYR H 275 1.47 61.49 75.44
N PRO H 276 0.35 60.89 75.05
CA PRO H 276 -0.51 61.52 74.04
C PRO H 276 -0.99 62.90 74.48
N GLY H 277 -0.96 63.84 73.53
CA GLY H 277 -1.36 65.21 73.79
C GLY H 277 -0.22 66.20 73.84
N GLN H 278 1.02 65.75 73.73
CA GLN H 278 2.18 66.63 73.79
C GLN H 278 2.60 67.03 72.39
N ILE H 279 2.84 68.33 72.20
CA ILE H 279 3.40 68.84 70.95
C ILE H 279 4.92 68.78 71.05
N CYS H 280 5.56 68.28 70.00
CA CYS H 280 7.00 68.09 69.99
C CYS H 280 7.56 68.51 68.64
N ALA H 281 8.77 69.05 68.66
CA ALA H 281 9.47 69.45 67.45
C ALA H 281 10.52 68.41 67.09
N GLY H 282 10.63 68.11 65.80
CA GLY H 282 11.58 67.11 65.35
C GLY H 282 11.87 67.26 63.88
N LYS H 283 12.72 66.37 63.37
CA LYS H 283 13.10 66.36 61.98
C LYS H 283 12.75 65.02 61.36
N VAL H 284 12.45 65.04 60.07
CA VAL H 284 12.09 63.84 59.33
C VAL H 284 13.36 63.10 58.95
N THR H 285 13.46 61.84 59.37
CA THR H 285 14.64 61.03 59.12
C THR H 285 14.41 59.86 58.17
N ALA H 286 13.16 59.53 57.88
CA ALA H 286 12.87 58.42 56.98
C ALA H 286 11.50 58.63 56.35
N ILE H 287 11.34 58.12 55.13
CA ILE H 287 10.09 58.23 54.39
C ILE H 287 9.84 56.88 53.71
N HIS H 288 8.81 56.17 54.15
CA HIS H 288 8.44 54.89 53.57
C HIS H 288 7.18 55.04 52.74
N LEU H 289 7.17 54.40 51.57
CA LEU H 289 6.04 54.55 50.66
C LEU H 289 4.78 53.91 51.23
N TYR H 290 4.91 52.73 51.84
CA TYR H 290 3.74 51.99 52.32
C TYR H 290 3.40 52.30 53.77
N GLN H 291 4.37 52.68 54.58
CA GLN H 291 4.13 52.91 56.00
C GLN H 291 3.86 54.39 56.30
N GLY H 292 4.80 55.26 55.97
CA GLY H 292 4.61 56.68 56.18
C GLY H 292 5.93 57.36 56.51
N ALA H 293 5.82 58.50 57.17
CA ALA H 293 6.98 59.30 57.53
C ALA H 293 7.46 58.94 58.93
N PHE H 294 8.75 59.15 59.18
CA PHE H 294 9.37 58.86 60.46
C PHE H 294 10.10 60.10 60.94
N VAL H 295 9.67 60.64 62.07
CA VAL H 295 10.20 61.89 62.62
C VAL H 295 11.00 61.56 63.87
N ASP H 296 12.20 62.11 63.97
CA ASP H 296 13.04 61.97 65.16
C ASP H 296 12.68 63.08 66.14
N ILE H 297 12.12 62.69 67.28
CA ILE H 297 11.68 63.65 68.30
C ILE H 297 12.70 63.75 69.44
N GLY H 298 13.95 63.41 69.18
CA GLY H 298 14.98 63.48 70.21
C GLY H 298 14.85 62.41 71.28
N GLY H 299 14.35 61.23 70.91
CA GLY H 299 14.15 60.15 71.86
C GLY H 299 14.73 58.84 71.33
N VAL H 300 14.66 57.82 72.18
CA VAL H 300 15.20 56.52 71.82
C VAL H 300 14.34 55.85 70.76
N HIS H 301 13.03 56.12 70.76
CA HIS H 301 12.11 55.59 69.77
C HIS H 301 11.67 56.71 68.84
N ASP H 302 11.67 56.42 67.54
CA ASP H 302 11.24 57.39 66.55
C ASP H 302 9.72 57.52 66.53
N GLY H 303 9.24 58.52 65.81
CA GLY H 303 7.81 58.77 65.66
C GLY H 303 7.36 58.40 64.27
N TRP H 304 6.08 58.06 64.14
CA TRP H 304 5.52 57.60 62.87
C TRP H 304 4.24 58.36 62.56
N VAL H 305 4.15 58.88 61.34
CA VAL H 305 2.97 59.55 60.82
C VAL H 305 2.41 58.68 59.69
N PRO H 306 1.21 58.11 59.85
CA PRO H 306 0.71 57.17 58.83
C PRO H 306 0.37 57.84 57.51
N ILE H 307 1.14 57.53 56.47
CA ILE H 307 0.87 57.99 55.11
C ILE H 307 0.96 56.78 54.19
N LYS H 308 -0.12 56.49 53.48
CA LYS H 308 -0.22 55.27 52.69
C LYS H 308 0.51 55.43 51.35
N ARG H 309 0.27 54.49 50.44
CA ARG H 309 1.09 54.39 49.24
C ARG H 309 0.74 55.46 48.21
N ASN H 310 -0.56 55.70 47.98
CA ASN H 310 -0.98 56.55 46.88
C ASN H 310 -0.87 58.04 47.18
N ASP H 311 -0.93 58.44 48.45
CA ASP H 311 -0.87 59.85 48.79
C ASP H 311 0.52 60.44 48.59
N TRP H 312 1.56 59.60 48.56
CA TRP H 312 2.92 60.10 48.37
C TRP H 312 3.15 60.65 46.96
N TYR H 313 2.15 60.66 46.09
CA TYR H 313 2.30 61.33 44.81
C TYR H 313 2.21 62.84 44.97
N TRP H 314 1.40 63.31 45.92
CA TRP H 314 1.30 64.73 46.21
C TRP H 314 1.99 65.14 47.50
N ILE H 315 2.12 64.22 48.46
CA ILE H 315 2.73 64.60 49.73
C ILE H 315 4.24 64.72 49.61
N ARG H 316 4.85 64.01 48.65
CA ARG H 316 6.31 64.04 48.52
C ARG H 316 6.83 65.42 48.14
N HIS H 317 5.99 66.29 47.59
CA HIS H 317 6.39 67.65 47.29
C HIS H 317 6.43 68.54 48.52
N HIS H 318 5.79 68.12 49.61
CA HIS H 318 5.71 68.93 50.82
C HIS H 318 6.46 68.34 52.00
N ILE H 319 6.84 67.07 51.95
CA ILE H 319 7.56 66.41 53.03
C ILE H 319 8.85 65.83 52.45
N LYS H 320 9.99 66.27 52.97
CA LYS H 320 11.29 65.83 52.49
C LYS H 320 12.15 65.39 53.67
N VAL H 321 13.09 64.49 53.39
CA VAL H 321 13.98 63.98 54.44
C VAL H 321 14.89 65.10 54.91
N GLY H 322 14.93 65.30 56.23
CA GLY H 322 15.73 66.34 56.82
C GLY H 322 14.99 67.62 57.15
N MET H 323 13.67 67.63 57.01
CA MET H 323 12.88 68.83 57.25
C MET H 323 12.48 68.90 58.73
N HIS H 324 12.66 70.06 59.34
CA HIS H 324 12.26 70.27 60.72
C HIS H 324 10.76 70.49 60.78
N VAL H 325 10.05 69.64 61.51
CA VAL H 325 8.59 69.66 61.56
C VAL H 325 8.14 69.69 63.01
N ILE H 326 6.90 70.12 63.21
CA ILE H 326 6.24 70.11 64.51
C ILE H 326 5.13 69.08 64.48
N VAL H 327 5.13 68.17 65.45
CA VAL H 327 4.20 67.05 65.47
C VAL H 327 3.47 67.01 66.82
N GLU H 328 2.37 66.25 66.84
CA GLU H 328 1.56 66.09 68.04
C GLU H 328 1.36 64.60 68.29
N ILE H 329 1.82 64.13 69.44
CA ILE H 329 1.67 62.72 69.79
C ILE H 329 0.21 62.45 70.13
N LEU H 330 -0.38 61.46 69.46
CA LEU H 330 -1.78 61.12 69.68
C LEU H 330 -1.98 59.72 70.26
N ALA H 331 -0.96 58.88 70.30
CA ALA H 331 -1.08 57.55 70.88
C ALA H 331 0.30 57.02 71.22
N LYS H 332 0.40 56.33 72.34
CA LYS H 332 1.62 55.65 72.75
C LYS H 332 1.28 54.21 73.09
N ARG H 333 2.05 53.27 72.54
CA ARG H 333 1.76 51.85 72.64
C ARG H 333 2.97 51.09 73.16
N ASP H 334 2.81 49.79 73.29
CA ASP H 334 3.89 48.93 73.79
C ASP H 334 4.83 48.58 72.65
N PRO H 335 6.14 48.81 72.80
CA PRO H 335 7.07 48.52 71.70
C PRO H 335 7.27 47.03 71.45
N TYR H 336 6.87 46.16 72.37
CA TYR H 336 7.02 44.72 72.15
C TYR H 336 6.02 44.22 71.11
N ARG H 337 4.75 44.56 71.28
CA ARG H 337 3.72 44.07 70.37
C ARG H 337 3.62 44.92 69.12
N PHE H 338 3.54 46.24 69.28
CA PHE H 338 3.36 47.15 68.16
C PHE H 338 4.70 47.53 67.55
N ARG H 339 4.72 47.64 66.22
CA ARG H 339 5.95 47.99 65.51
C ARG H 339 6.35 49.43 65.80
N PHE H 340 5.40 50.36 65.67
CA PHE H 340 5.67 51.78 65.87
C PHE H 340 5.00 52.23 67.15
N PRO H 341 5.74 52.40 68.26
CA PRO H 341 5.08 52.70 69.54
C PRO H 341 4.45 54.09 69.59
N ILE H 342 5.02 55.08 68.92
CA ILE H 342 4.53 56.45 68.96
C ILE H 342 4.05 56.82 67.56
N GLU H 343 2.75 57.10 67.44
CA GLU H 343 2.16 57.58 66.20
C GLU H 343 1.68 59.01 66.41
N MET H 344 2.02 59.89 65.47
CA MET H 344 1.78 61.32 65.61
C MET H 344 1.16 61.87 64.34
N ARG H 345 0.78 63.15 64.39
CA ARG H 345 0.25 63.87 63.25
C ARG H 345 1.07 65.15 63.04
N PHE H 346 1.00 65.68 61.82
CA PHE H 346 1.75 66.88 61.49
C PHE H 346 0.97 68.12 61.90
N ILE H 347 1.67 69.09 62.49
CA ILE H 347 1.09 70.38 62.87
C ILE H 347 1.59 71.50 61.95
N ASP H 348 2.91 71.67 61.84
CA ASP H 348 3.44 72.76 61.03
C ASP H 348 3.24 72.50 59.55
N PRO H 349 3.66 71.35 58.96
CA PRO H 349 3.27 71.07 57.57
C PRO H 349 1.93 70.35 57.51
N ASN H 350 0.86 71.13 57.71
CA ASN H 350 -0.49 70.57 57.76
C ASN H 350 -0.86 70.01 56.39
N ILE H 351 -1.02 68.68 56.33
CA ILE H 351 -1.31 68.00 55.08
C ILE H 351 -2.56 67.14 55.25
N ASP H 352 -3.48 67.57 56.13
CA ASP H 352 -4.68 66.80 56.40
C ASP H 352 -5.64 66.75 55.22
N HIS H 353 -5.39 67.50 54.16
CA HIS H 353 -6.25 67.51 52.98
C HIS H 353 -5.74 66.58 51.88
N LEU H 354 -4.65 65.86 52.12
CA LEU H 354 -4.06 64.98 51.12
C LEU H 354 -4.00 63.52 51.57
N ILE H 355 -4.51 63.20 52.75
CA ILE H 355 -4.49 61.84 53.27
C ILE H 355 -5.90 61.26 53.11
N PHE H 356 -6.04 60.30 52.20
CA PHE H 356 -7.32 59.63 51.97
C PHE H 356 -7.33 58.17 52.39
N ASN H 357 -6.20 57.48 52.28
CA ASN H 357 -6.07 56.11 52.75
C ASN H 357 -5.47 56.12 54.15
N ARG H 358 -6.14 55.44 55.08
CA ARG H 358 -5.74 55.46 56.48
C ARG H 358 -5.70 54.04 57.04
N PHE H 359 -4.92 53.87 58.10
CA PHE H 359 -4.81 52.58 58.78
C PHE H 359 -6.00 52.37 59.70
N ASP H 360 -6.62 51.19 59.61
CA ASP H 360 -7.71 50.86 60.51
C ASP H 360 -7.20 50.39 61.87
N PHE H 361 -6.17 49.54 61.87
CA PHE H 361 -5.57 49.05 63.09
C PHE H 361 -4.06 49.24 63.04
N ALA H 362 -3.47 49.48 64.22
CA ALA H 362 -2.04 49.70 64.29
C ALA H 362 -1.27 48.42 63.97
N PRO H 363 -0.12 48.53 63.33
CA PRO H 363 0.67 47.34 63.00
C PRO H 363 1.18 46.65 64.27
N ILE H 364 1.23 45.31 64.21
CA ILE H 364 1.65 44.49 65.33
C ILE H 364 2.72 43.52 64.86
N PHE H 365 3.28 42.79 65.81
CA PHE H 365 4.28 41.76 65.55
C PHE H 365 3.65 40.39 65.76
N HIS H 366 3.74 39.53 64.75
CA HIS H 366 3.31 38.13 64.85
C HIS H 366 4.56 37.31 65.15
N ARG H 367 4.89 37.19 66.42
CA ARG H 367 6.14 36.58 66.85
C ARG H 367 5.96 35.05 66.93
N ASP H 368 6.96 34.39 67.51
CA ASP H 368 6.92 32.93 67.68
C ASP H 368 6.45 32.50 69.05
N GLU H 369 6.48 33.40 70.04
CA GLU H 369 6.07 33.04 71.39
C GLU H 369 4.55 32.93 71.50
N ASP H 370 3.82 33.82 70.85
CA ASP H 370 2.36 33.83 70.91
C ASP H 370 1.83 32.71 70.02
N THR H 371 1.24 31.69 70.64
CA THR H 371 0.68 30.55 69.91
C THR H 371 -0.84 30.60 69.84
N ASN H 372 -1.50 31.28 70.77
CA ASN H 372 -2.96 31.41 70.77
C ASN H 372 -3.33 32.73 70.12
N LEU H 373 -4.16 32.67 69.08
CA LEU H 373 -4.56 33.87 68.37
C LEU H 373 -5.51 34.73 69.21
N ASP H 374 -6.24 34.11 70.14
CA ASP H 374 -7.17 34.87 70.97
C ASP H 374 -6.43 35.80 71.92
N GLU H 375 -5.33 35.33 72.52
CA GLU H 375 -4.53 36.18 73.39
C GLU H 375 -3.95 37.35 72.61
N LEU H 376 -3.50 37.09 71.38
CA LEU H 376 -2.98 38.16 70.53
C LEU H 376 -4.07 39.18 70.22
N ARG H 377 -5.28 38.70 69.90
CA ARG H 377 -6.38 39.61 69.58
C ARG H 377 -6.77 40.45 70.78
N ARG H 378 -6.73 39.87 71.98
CA ARG H 378 -7.10 40.62 73.17
C ARG H 378 -5.99 41.57 73.62
N ASP H 379 -4.74 41.25 73.29
CA ASP H 379 -3.64 42.16 73.63
C ASP H 379 -3.56 43.34 72.68
N CYS H 380 -3.84 43.11 71.39
CA CYS H 380 -3.75 44.18 70.42
C CYS H 380 -5.01 45.05 70.42
N GLY H 381 -6.17 44.45 70.61
CA GLY H 381 -7.42 45.19 70.59
C GLY H 381 -8.24 45.04 69.34
N ARG H 382 -8.02 44.00 68.55
CA ARG H 382 -8.73 43.80 67.31
C ARG H 382 -9.97 42.93 67.54
N GLN H 383 -10.76 42.77 66.48
CA GLN H 383 -12.01 42.02 66.58
C GLN H 383 -11.74 40.55 66.79
N PRO H 384 -12.73 39.80 67.28
CA PRO H 384 -12.52 38.37 67.51
C PRO H 384 -12.50 37.59 66.21
N LEU H 385 -12.00 36.36 66.31
CA LEU H 385 -11.95 35.48 65.15
C LEU H 385 -13.36 35.02 64.80
N PRO H 386 -13.84 35.27 63.58
CA PRO H 386 -15.23 34.92 63.25
C PRO H 386 -15.42 33.40 63.15
N ARG H 387 -16.59 32.96 63.59
CA ARG H 387 -16.95 31.55 63.57
C ARG H 387 -18.28 31.37 62.85
N LYS H 388 -18.63 30.11 62.60
CA LYS H 388 -19.90 29.81 61.95
C LYS H 388 -21.07 30.22 62.83
N ASP H 389 -22.12 30.73 62.21
CA ASP H 389 -23.29 31.21 62.94
C ASP H 389 -24.19 30.05 63.32
N PRO H 390 -24.34 29.74 64.61
CA PRO H 390 -25.21 28.64 65.02
C PRO H 390 -26.68 29.05 64.95
N GLY H 391 -27.50 28.17 64.39
CA GLY H 391 -28.91 28.42 64.28
C GLY H 391 -29.70 28.24 65.56
N VAL H 392 -29.11 27.62 66.58
CA VAL H 392 -29.80 27.37 67.82
C VAL H 392 -29.71 28.61 68.72
N LYS H 393 -30.69 28.75 69.60
CA LYS H 393 -30.73 29.84 70.55
C LYS H 393 -30.28 29.36 71.93
N VAL H 394 -29.61 30.26 72.66
CA VAL H 394 -29.08 29.89 73.97
C VAL H 394 -30.19 29.64 74.97
N GLU H 395 -31.35 30.27 74.78
CA GLU H 395 -32.46 30.09 75.72
C GLU H 395 -33.35 28.92 75.34
N GLU H 396 -33.51 28.64 74.05
CA GLU H 396 -34.38 27.56 73.59
C GLU H 396 -33.56 26.30 73.35
N GLU H 397 -33.06 25.75 74.46
CA GLU H 397 -32.28 24.53 74.42
C GLU H 397 -32.33 23.88 75.80
N PRO H 398 -32.23 22.56 75.87
CA PRO H 398 -32.33 21.88 77.17
C PRO H 398 -31.13 22.16 78.06
N LEU H 399 -31.30 21.84 79.34
CA LEU H 399 -30.26 22.06 80.33
C LEU H 399 -29.23 20.92 80.30
N LEU H 400 -28.28 20.97 81.22
CA LEU H 400 -27.22 19.98 81.32
C LEU H 400 -27.36 19.24 82.65
N SER H 401 -27.38 17.92 82.60
CA SER H 401 -27.55 17.08 83.79
C SER H 401 -26.55 15.94 83.78
N ASN H 402 -25.29 16.26 83.49
CA ASN H 402 -24.22 15.26 83.47
C ASN H 402 -22.99 15.87 84.14
N HIS H 403 -22.66 15.36 85.32
CA HIS H 403 -21.53 15.86 86.09
C HIS H 403 -20.24 15.16 85.67
N PRO H 404 -19.12 15.88 85.62
CA PRO H 404 -17.86 15.25 85.19
C PRO H 404 -17.38 14.16 86.14
N TYR H 405 -17.69 14.28 87.44
CA TYR H 405 -17.26 13.27 88.41
C TYR H 405 -18.10 12.00 88.34
N VAL H 406 -19.15 11.98 87.52
CA VAL H 406 -20.01 10.80 87.43
C VAL H 406 -19.20 9.59 86.97
N ASP H 407 -18.41 9.75 85.91
CA ASP H 407 -17.63 8.63 85.39
C ASP H 407 -16.54 8.21 86.38
N LYS H 408 -15.87 9.19 86.98
CA LYS H 408 -14.78 8.88 87.90
C LYS H 408 -15.28 8.17 89.16
N LEU H 409 -16.51 8.48 89.59
CA LEU H 409 -17.07 7.80 90.75
C LEU H 409 -17.65 6.45 90.36
N TRP H 410 -18.27 6.36 89.18
CA TRP H 410 -18.83 5.09 88.71
C TRP H 410 -17.74 4.05 88.53
N GLN H 411 -16.59 4.43 87.98
CA GLN H 411 -15.54 3.46 87.73
C GLN H 411 -14.96 2.92 89.04
N ILE H 412 -14.72 3.80 90.02
CA ILE H 412 -14.18 3.33 91.29
C ILE H 412 -15.22 2.55 92.06
N HIS H 413 -16.51 2.89 91.92
CA HIS H 413 -17.55 2.12 92.59
C HIS H 413 -17.65 0.70 92.01
N ASN H 414 -17.62 0.59 90.68
CA ASN H 414 -17.61 -0.73 90.07
C ASN H 414 -16.36 -1.51 90.43
N ALA H 415 -15.21 -0.83 90.51
CA ALA H 415 -13.98 -1.50 90.91
C ALA H 415 -14.07 -2.03 92.33
N GLU H 416 -14.61 -1.22 93.25
CA GLU H 416 -14.76 -1.67 94.64
C GLU H 416 -15.72 -2.85 94.73
N GLN H 417 -16.84 -2.78 94.00
CA GLN H 417 -17.79 -3.90 94.01
C GLN H 417 -17.15 -5.17 93.47
N MET H 418 -16.39 -5.06 92.37
CA MET H 418 -15.76 -6.24 91.79
C MET H 418 -14.69 -6.82 92.70
N ILE H 419 -13.92 -5.95 93.37
CA ILE H 419 -12.90 -6.43 94.28
C ILE H 419 -13.53 -7.13 95.48
N LEU H 420 -14.62 -6.57 96.00
CA LEU H 420 -15.33 -7.21 97.11
C LEU H 420 -15.90 -8.55 96.68
N ASP H 421 -16.45 -8.63 95.48
CA ASP H 421 -16.98 -9.90 94.98
C ASP H 421 -15.88 -10.93 94.81
N ASP H 422 -14.71 -10.51 94.31
CA ASP H 422 -13.61 -11.45 94.12
C ASP H 422 -13.06 -11.92 95.46
N MET H 423 -13.03 -11.04 96.46
CA MET H 423 -12.58 -11.45 97.79
C MET H 423 -13.60 -12.39 98.44
N GLU H 424 -14.89 -12.17 98.20
CA GLU H 424 -15.89 -13.09 98.73
C GLU H 424 -15.85 -14.44 98.04
N ALA H 425 -15.54 -14.46 96.74
CA ALA H 425 -15.49 -15.72 96.01
C ALA H 425 -14.34 -16.60 96.50
N ASN H 426 -13.15 -16.02 96.66
CA ASN H 426 -11.97 -16.73 97.15
C ASN H 426 -11.58 -16.17 98.51
N PRO H 427 -12.15 -16.69 99.60
CA PRO H 427 -11.78 -16.16 100.93
C PRO H 427 -10.36 -16.47 101.34
N VAL H 428 -9.68 -17.41 100.67
CA VAL H 428 -8.31 -17.74 101.03
C VAL H 428 -7.39 -16.56 100.79
N LYS H 429 -7.56 -15.88 99.65
CA LYS H 429 -6.73 -14.71 99.36
C LYS H 429 -7.09 -13.55 100.29
N TYR H 430 -8.36 -13.43 100.67
CA TYR H 430 -8.78 -12.36 101.57
C TYR H 430 -8.35 -12.64 103.00
N LYS H 431 -8.27 -13.91 103.39
CA LYS H 431 -7.86 -14.26 104.74
C LYS H 431 -6.39 -13.93 104.96
N GLY H 432 -6.05 -13.71 106.23
CA GLY H 432 -4.69 -13.37 106.60
C GLY H 432 -4.31 -11.91 106.40
N LYS H 433 -5.15 -11.12 105.77
CA LYS H 433 -4.88 -9.71 105.53
C LYS H 433 -6.01 -8.87 106.13
N ASN H 434 -5.64 -7.73 106.72
CA ASN H 434 -6.62 -6.84 107.31
C ASN H 434 -7.44 -6.16 106.22
N LEU H 435 -8.76 -6.13 106.41
CA LEU H 435 -9.65 -5.49 105.44
C LEU H 435 -9.54 -3.97 105.46
N THR H 436 -8.91 -3.39 106.48
CA THR H 436 -8.77 -1.94 106.54
C THR H 436 -7.75 -1.44 105.51
N GLU H 437 -6.62 -2.13 105.39
CA GLU H 437 -5.57 -1.76 104.44
C GLU H 437 -5.20 -2.99 103.63
N LEU H 438 -5.40 -2.91 102.31
CA LEU H 438 -5.10 -4.01 101.40
C LEU H 438 -4.18 -3.48 100.30
N THR H 439 -2.92 -3.94 100.30
CA THR H 439 -1.94 -3.54 99.30
C THR H 439 -2.10 -4.46 98.10
N ASP H 440 -2.90 -4.04 97.13
CA ASP H 440 -3.16 -4.86 95.95
C ASP H 440 -1.97 -4.85 95.00
N ASP H 441 -1.54 -3.67 94.56
CA ASP H 441 -0.42 -3.53 93.65
C ASP H 441 0.45 -2.35 94.08
N GLU H 442 1.75 -2.59 94.20
CA GLU H 442 2.69 -1.55 94.61
C GLU H 442 3.38 -0.88 93.42
N ASP H 443 3.04 -1.27 92.20
CA ASP H 443 3.64 -0.69 91.00
C ASP H 443 2.68 0.22 90.25
N PHE H 444 1.67 0.75 90.94
CA PHE H 444 0.71 1.65 90.31
C PHE H 444 1.37 3.00 90.02
N ASP H 445 1.18 3.49 88.80
CA ASP H 445 1.76 4.75 88.36
C ASP H 445 0.65 5.66 87.84
N GLU H 446 0.69 6.93 88.25
CA GLU H 446 -0.31 7.89 87.79
C GLU H 446 -0.13 8.25 86.33
N GLU H 447 1.11 8.22 85.83
CA GLU H 447 1.36 8.55 84.44
C GLU H 447 0.85 7.46 83.51
N ASN H 448 1.01 6.19 83.90
CA ASN H 448 0.57 5.06 83.10
C ASN H 448 -0.84 4.60 83.47
N ARG H 449 -1.67 5.48 84.02
CA ARG H 449 -3.02 5.10 84.40
C ARG H 449 -3.92 4.93 83.17
N ILE H 450 -3.63 5.65 82.09
CA ILE H 450 -4.42 5.59 80.88
C ILE H 450 -3.68 4.70 79.89
N GLU H 451 -4.23 3.52 79.61
CA GLU H 451 -3.65 2.58 78.66
C GLU H 451 -4.71 2.19 77.64
N TYR H 452 -4.40 2.37 76.36
CA TYR H 452 -5.31 2.07 75.26
C TYR H 452 -4.68 1.04 74.35
N SER H 453 -5.43 -0.02 74.06
CA SER H 453 -4.97 -1.09 73.17
C SER H 453 -6.09 -1.44 72.22
N LYS H 454 -5.85 -1.27 70.92
CA LYS H 454 -6.83 -1.57 69.89
C LYS H 454 -6.75 -3.00 69.39
N ALA H 455 -5.98 -3.86 70.06
CA ALA H 455 -5.85 -5.25 69.64
C ALA H 455 -7.01 -6.12 70.08
N TYR H 456 -7.94 -5.59 70.88
CA TYR H 456 -9.09 -6.37 71.34
C TYR H 456 -10.02 -6.65 70.17
N TYR H 457 -10.06 -7.90 69.73
CA TYR H 457 -10.91 -8.33 68.62
C TYR H 457 -11.63 -9.62 68.99
N LYS H 458 -12.18 -9.67 70.21
CA LYS H 458 -12.91 -10.85 70.65
C LYS H 458 -14.21 -11.03 69.87
N LYS H 459 -15.02 -9.97 69.81
CA LYS H 459 -16.27 -9.99 69.07
C LYS H 459 -16.18 -9.27 67.73
N ALA H 460 -15.47 -8.15 67.67
CA ALA H 460 -15.33 -7.39 66.44
C ALA H 460 -14.08 -6.54 66.53
N LEU H 461 -13.60 -6.10 65.37
CA LEU H 461 -12.42 -5.24 65.30
C LEU H 461 -12.79 -3.84 65.78
N LEU H 462 -12.37 -3.51 67.01
CA LEU H 462 -12.70 -2.22 67.60
C LEU H 462 -11.64 -1.89 68.64
N PRO H 463 -11.44 -0.61 68.95
CA PRO H 463 -10.43 -0.25 69.96
C PRO H 463 -10.94 -0.54 71.37
N LYS H 464 -9.98 -0.58 72.30
CA LYS H 464 -10.27 -0.83 73.71
C LYS H 464 -9.33 0.01 74.57
N MET H 465 -9.76 0.24 75.80
CA MET H 465 -8.99 1.02 76.77
C MET H 465 -8.92 0.29 78.09
N ILE H 466 -7.87 0.57 78.85
CA ILE H 466 -7.64 -0.04 80.15
C ILE H 466 -7.44 1.06 81.18
N THR H 467 -8.05 0.92 82.34
CA THR H 467 -7.97 1.90 83.42
C THR H 467 -7.34 1.22 84.64
N LYS H 468 -6.21 1.76 85.08
CA LYS H 468 -5.49 1.21 86.24
C LYS H 468 -5.98 1.94 87.49
N VAL H 469 -7.02 1.38 88.11
CA VAL H 469 -7.58 1.98 89.33
C VAL H 469 -6.64 1.73 90.49
N SER H 470 -6.47 2.74 91.34
CA SER H 470 -5.61 2.66 92.50
C SER H 470 -6.44 2.33 93.73
N VAL H 471 -5.94 1.42 94.56
CA VAL H 471 -6.64 1.00 95.77
C VAL H 471 -6.26 1.93 96.93
N LYS H 472 -5.47 2.96 96.63
CA LYS H 472 -5.04 3.88 97.67
C LYS H 472 -6.19 4.73 98.20
N GLU H 473 -7.17 5.03 97.34
CA GLU H 473 -8.29 5.88 97.72
C GLU H 473 -9.62 5.14 97.74
N LEU H 474 -9.63 3.84 97.46
CA LEU H 474 -10.86 3.08 97.47
C LEU H 474 -11.38 2.95 98.90
N ASP H 475 -12.62 3.40 99.13
CA ASP H 475 -13.22 3.37 100.47
C ASP H 475 -13.96 2.04 100.64
N LEU H 476 -13.18 0.98 100.89
CA LEU H 476 -13.75 -0.34 101.12
C LEU H 476 -14.28 -0.52 102.53
N GLU H 477 -14.01 0.43 103.43
CA GLU H 477 -14.44 0.30 104.83
C GLU H 477 -15.96 0.15 104.93
N ALA H 478 -16.70 1.14 104.42
CA ALA H 478 -18.16 1.06 104.47
C ALA H 478 -18.70 0.07 103.45
N ALA H 479 -17.99 -0.15 102.35
CA ALA H 479 -18.47 -1.08 101.33
C ALA H 479 -18.51 -2.50 101.85
N PHE H 480 -17.51 -2.89 102.64
CA PHE H 480 -17.50 -4.23 103.23
C PHE H 480 -18.72 -4.44 104.13
N ALA H 481 -19.01 -3.47 104.99
CA ALA H 481 -20.17 -3.59 105.88
C ALA H 481 -21.46 -3.60 105.09
N GLU H 482 -21.56 -2.76 104.05
CA GLU H 482 -22.77 -2.73 103.24
C GLU H 482 -23.01 -4.07 102.55
N ARG H 483 -21.95 -4.67 102.00
CA ARG H 483 -22.10 -5.95 101.31
C ARG H 483 -22.42 -7.07 102.30
N GLN H 484 -21.75 -7.09 103.45
CA GLN H 484 -22.01 -8.11 104.45
C GLN H 484 -23.38 -7.96 105.10
N HIS H 485 -23.98 -6.78 105.03
CA HIS H 485 -25.35 -6.60 105.49
C HIS H 485 -26.37 -6.93 104.41
N HIS H 486 -26.04 -6.69 103.14
CA HIS H 486 -26.98 -6.94 102.06
C HIS H 486 -27.05 -8.42 101.70
N ASN H 487 -25.91 -9.12 101.69
CA ASN H 487 -25.96 -10.54 101.34
C ASN H 487 -26.67 -11.35 102.41
N LYS H 488 -26.46 -11.01 103.68
CA LYS H 488 -27.10 -11.73 104.77
C LYS H 488 -28.61 -11.59 104.74
N LEU H 489 -29.12 -10.49 104.18
CA LEU H 489 -30.57 -10.35 104.05
C LEU H 489 -31.10 -10.93 102.75
N ARG H 490 -30.33 -10.85 101.65
CA ARG H 490 -30.80 -11.44 100.41
C ARG H 490 -30.85 -12.96 100.49
N MET H 491 -29.92 -13.58 101.24
CA MET H 491 -29.96 -15.03 101.37
C MET H 491 -31.19 -15.49 102.15
N GLU H 492 -31.53 -14.79 103.23
CA GLU H 492 -32.71 -15.16 104.00
C GLU H 492 -34.00 -14.80 103.27
N ALA H 493 -33.96 -13.78 102.40
CA ALA H 493 -35.11 -13.50 101.55
C ALA H 493 -35.31 -14.60 100.52
N GLN H 494 -34.21 -15.11 99.95
CA GLN H 494 -34.30 -16.24 99.04
C GLN H 494 -34.82 -17.47 99.76
N GLU H 495 -34.39 -17.68 101.00
CA GLU H 495 -34.89 -18.81 101.78
C GLU H 495 -36.36 -18.63 102.14
N ARG H 496 -36.85 -17.39 102.19
CA ARG H 496 -38.24 -17.12 102.47
C ARG H 496 -39.15 -17.27 101.26
N GLY H 497 -38.61 -17.72 100.11
CA GLY H 497 -39.41 -17.89 98.93
C GLY H 497 -39.66 -16.61 98.15
N GLU H 498 -38.85 -15.59 98.36
CA GLU H 498 -39.00 -14.31 97.68
C GLU H 498 -37.71 -13.94 96.97
N VAL H 499 -37.83 -13.13 95.93
CA VAL H 499 -36.69 -12.63 95.17
C VAL H 499 -36.42 -11.19 95.59
N TYR H 500 -35.17 -10.90 95.93
CA TYR H 500 -34.77 -9.59 96.41
C TYR H 500 -34.03 -8.84 95.32
N LYS H 501 -34.51 -7.64 94.99
CA LYS H 501 -33.86 -6.75 94.03
C LYS H 501 -33.47 -5.48 94.79
N ILE H 502 -32.17 -5.25 94.92
CA ILE H 502 -31.70 -4.09 95.68
C ILE H 502 -32.07 -2.81 94.94
N PRO H 503 -32.77 -1.87 95.57
CA PRO H 503 -33.22 -0.66 94.86
C PRO H 503 -32.09 0.28 94.48
N LYS H 504 -31.19 0.57 95.43
CA LYS H 504 -30.15 1.55 95.19
C LYS H 504 -29.05 1.37 96.23
N LEU H 505 -27.88 1.92 95.93
CA LEU H 505 -26.72 1.88 96.81
C LEU H 505 -26.29 3.30 97.17
N ARG H 506 -25.30 3.38 98.06
CA ARG H 506 -24.84 4.68 98.53
C ARG H 506 -24.07 5.43 97.45
N ARG H 507 -23.26 4.71 96.66
CA ARG H 507 -22.51 5.36 95.59
C ARG H 507 -23.45 5.91 94.53
N ASN H 508 -24.53 5.17 94.23
CA ASN H 508 -25.53 5.67 93.28
C ASN H 508 -26.22 6.91 93.83
N ILE H 509 -26.48 6.94 95.14
CA ILE H 509 -27.08 8.12 95.75
C ILE H 509 -26.14 9.31 95.66
N GLU H 510 -24.84 9.08 95.84
CA GLU H 510 -23.87 10.17 95.73
C GLU H 510 -23.79 10.69 94.30
N MET H 511 -23.81 9.78 93.32
CA MET H 511 -23.82 10.19 91.92
C MET H 511 -25.09 10.98 91.60
N ASP H 512 -26.23 10.56 92.16
CA ASP H 512 -27.47 11.28 91.93
C ASP H 512 -27.42 12.67 92.57
N GLU H 513 -26.79 12.79 93.74
CA GLU H 513 -26.65 14.09 94.37
C GLU H 513 -25.74 15.01 93.56
N TYR H 514 -24.67 14.46 92.99
CA TYR H 514 -23.81 15.25 92.11
C TYR H 514 -24.58 15.72 90.88
N ASP H 515 -25.34 14.81 90.26
CA ASP H 515 -26.17 15.19 89.12
C ASP H 515 -27.17 16.28 89.52
N PHE H 516 -27.73 16.18 90.73
CA PHE H 516 -28.72 17.15 91.17
C PHE H 516 -28.10 18.52 91.39
N ILE H 517 -26.92 18.59 92.01
CA ILE H 517 -26.30 19.88 92.23
C ILE H 517 -25.84 20.49 90.91
N HIS H 518 -25.38 19.67 89.96
CA HIS H 518 -25.02 20.20 88.66
C HIS H 518 -26.25 20.73 87.91
N TRP H 519 -27.37 20.01 88.02
CA TRP H 519 -28.62 20.47 87.41
C TRP H 519 -29.08 21.78 88.04
N ARG H 520 -28.91 21.91 89.35
CA ARG H 520 -29.28 23.16 90.02
C ARG H 520 -28.38 24.31 89.58
N ARG H 521 -27.09 24.03 89.37
CA ARG H 521 -26.19 25.05 88.84
C ARG H 521 -26.63 25.51 87.46
N SER H 522 -26.95 24.56 86.58
CA SER H 522 -27.41 24.92 85.24
C SER H 522 -28.73 25.69 85.29
N LEU H 523 -29.63 25.30 86.19
CA LEU H 523 -30.90 26.00 86.34
C LEU H 523 -30.68 27.44 86.79
N GLU H 524 -29.78 27.65 87.76
CA GLU H 524 -29.49 29.00 88.19
C GLU H 524 -28.85 29.82 87.08
N GLU H 525 -27.97 29.19 86.30
CA GLU H 525 -27.36 29.88 85.17
C GLU H 525 -28.41 30.35 84.17
N ARG H 526 -29.34 29.47 83.81
CA ARG H 526 -30.35 29.88 82.82
C ARG H 526 -31.36 30.85 83.42
N GLU H 527 -31.62 30.75 84.73
CA GLU H 527 -32.50 31.74 85.37
C GLU H 527 -31.86 33.12 85.36
N ALA H 528 -30.54 33.19 85.50
CA ALA H 528 -29.85 34.47 85.38
C ALA H 528 -29.81 34.94 83.93
N MET H 529 -29.67 34.01 82.99
CA MET H 529 -29.63 34.37 81.58
C MET H 529 -30.97 34.95 81.12
N LEU H 530 -32.09 34.42 81.64
CA LEU H 530 -33.39 34.92 81.24
C LEU H 530 -33.60 36.37 81.66
N ARG H 531 -32.97 36.79 82.76
CA ARG H 531 -33.03 38.19 83.15
C ARG H 531 -31.99 39.03 82.42
N ASP H 532 -30.82 38.44 82.13
CA ASP H 532 -29.76 39.17 81.45
C ASP H 532 -30.19 39.55 80.04
N ILE H 533 -30.82 38.62 79.31
CA ILE H 533 -31.26 38.92 77.96
C ILE H 533 -32.27 40.06 77.97
N SER H 534 -33.15 40.05 78.92
CA SER H 534 -34.15 41.08 78.92
C SER H 534 -33.52 42.43 79.08
N CYS H 535 -32.71 42.59 80.12
CA CYS H 535 -32.17 43.91 80.37
C CYS H 535 -31.28 44.41 79.27
N ARG H 536 -30.44 43.55 78.73
CA ARG H 536 -29.58 43.98 77.67
C ARG H 536 -30.42 44.43 76.49
N ARG H 537 -31.49 43.71 76.17
CA ARG H 537 -32.32 44.09 75.05
C ARG H 537 -32.97 45.42 75.32
N ALA H 538 -33.41 45.62 76.54
CA ALA H 538 -34.05 46.87 76.89
C ALA H 538 -33.13 48.06 76.81
N LEU H 539 -31.91 47.91 77.30
CA LEU H 539 -31.00 49.04 77.36
C LEU H 539 -30.17 49.14 76.11
N GLY H 540 -30.35 48.23 75.17
CA GLY H 540 -29.64 48.31 73.92
C GLY H 540 -28.22 47.80 73.96
N LEU H 541 -28.01 46.64 74.55
CA LEU H 541 -26.68 46.08 74.66
C LEU H 541 -26.59 44.78 73.86
N PRO H 542 -25.41 44.46 73.33
CA PRO H 542 -25.29 43.25 72.50
C PRO H 542 -25.51 41.98 73.31
N LEU H 543 -26.34 41.09 72.77
CA LEU H 543 -26.56 39.80 73.42
C LEU H 543 -25.44 38.81 73.12
N GLU H 544 -24.86 38.89 71.93
CA GLU H 544 -23.75 38.05 71.54
C GLU H 544 -22.53 38.93 71.27
N GLU H 545 -21.35 38.35 71.48
CA GLU H 545 -20.10 39.08 71.32
C GLU H 545 -19.97 39.62 69.90
N PRO H 546 -19.88 40.93 69.71
CA PRO H 546 -19.78 41.47 68.35
C PRO H 546 -18.47 41.08 67.70
N GLY H 547 -18.55 40.65 66.43
CA GLY H 547 -17.37 40.28 65.67
C GLY H 547 -17.11 38.79 65.58
N ARG H 548 -17.96 37.95 66.17
CA ARG H 548 -17.75 36.50 66.16
C ARG H 548 -18.75 35.77 65.27
N TYR H 549 -20.03 36.09 65.38
CA TYR H 549 -21.08 35.46 64.58
C TYR H 549 -21.65 36.42 63.53
N VAL H 550 -20.79 37.25 62.95
CA VAL H 550 -21.26 38.25 62.00
C VAL H 550 -21.52 37.62 60.62
N ASP H 551 -20.74 36.62 60.24
CA ASP H 551 -20.87 36.02 58.91
C ASP H 551 -21.76 34.78 58.99
N PRO H 552 -23.01 34.84 58.49
CA PRO H 552 -23.85 33.64 58.51
C PRO H 552 -23.34 32.56 57.58
N SER H 553 -22.98 32.96 56.35
CA SER H 553 -22.42 32.02 55.40
C SER H 553 -21.52 32.73 54.40
N ALA H 554 -20.92 33.84 54.81
CA ALA H 554 -19.98 34.53 53.93
C ALA H 554 -18.82 33.59 53.70
N PHE H 555 -18.39 32.90 54.75
CA PHE H 555 -17.36 31.90 54.56
C PHE H 555 -18.13 30.96 53.68
N GLY H 556 -17.58 30.55 52.56
CA GLY H 556 -18.38 29.77 51.63
C GLY H 556 -17.75 28.85 50.63
N LYS H 557 -18.58 28.22 49.79
CA LYS H 557 -18.11 27.32 48.72
C LYS H 557 -17.75 25.95 49.24
N ASP H 558 -18.10 25.69 50.50
CA ASP H 558 -17.86 24.37 51.07
C ASP H 558 -18.77 23.40 50.38
N GLN H 559 -18.33 22.17 50.22
CA GLN H 559 -19.22 21.20 49.64
C GLN H 559 -20.38 21.09 50.59
N TYR H 560 -21.58 21.10 50.05
CA TYR H 560 -22.76 20.98 50.89
C TYR H 560 -23.36 19.64 50.61
N ASP H 561 -23.66 18.92 51.66
CA ASP H 561 -24.28 17.62 51.50
C ASP H 561 -25.60 17.82 50.80
N PRO H 562 -26.29 18.93 51.11
CA PRO H 562 -27.61 19.08 50.53
C PRO H 562 -27.60 19.12 49.01
N ASP H 563 -28.54 18.40 48.40
CA ASP H 563 -28.61 18.33 46.94
C ASP H 563 -28.91 19.66 46.28
N SER H 564 -29.78 20.44 46.90
CA SER H 564 -30.20 21.71 46.30
C SER H 564 -29.09 22.71 46.07
N PRO H 565 -28.10 22.75 46.97
CA PRO H 565 -26.98 23.64 46.69
C PRO H 565 -26.24 23.28 45.41
N LEU H 566 -26.44 22.09 44.85
CA LEU H 566 -25.81 21.64 43.59
C LEU H 566 -24.46 21.10 43.93
N TYR H 567 -24.11 21.11 45.20
CA TYR H 567 -22.85 20.53 45.63
C TYR H 567 -23.13 19.07 45.74
N ARG H 568 -24.40 18.69 45.60
CA ARG H 568 -24.75 17.29 45.60
C ARG H 568 -25.70 17.02 44.45
N TYR H 569 -25.80 15.77 44.05
CA TYR H 569 -26.62 15.43 42.89
C TYR H 569 -28.10 15.46 43.09
N ASP H 570 -28.81 15.77 42.02
CA ASP H 570 -30.25 15.80 42.08
C ASP H 570 -30.66 15.00 40.89
N TYR H 571 -31.87 14.47 40.88
CA TYR H 571 -32.25 13.61 39.79
C TYR H 571 -32.20 14.31 38.46
N TRP H 572 -31.56 13.69 37.48
CA TRP H 572 -31.52 14.25 36.14
C TRP H 572 -32.08 13.15 35.29
N GLY H 573 -33.15 13.43 34.54
CA GLY H 573 -33.78 12.35 33.81
C GLY H 573 -34.12 11.31 34.85
N GLU H 574 -34.65 11.72 35.99
CA GLU H 574 -34.94 10.80 37.10
C GLU H 574 -33.73 10.05 37.67
N PRO H 575 -32.58 10.73 37.77
CA PRO H 575 -31.46 10.03 38.40
C PRO H 575 -31.45 10.16 39.92
N LYS H 576 -32.28 9.39 40.59
CA LYS H 576 -32.30 9.42 42.04
C LYS H 576 -31.32 8.42 42.61
N ASN H 577 -30.64 7.68 41.74
CA ASN H 577 -29.71 6.65 42.21
C ASN H 577 -28.59 7.23 43.03
N SER H 578 -28.21 6.52 44.08
CA SER H 578 -27.15 7.02 44.95
C SER H 578 -25.96 6.09 45.00
N GLU H 579 -24.76 6.63 44.81
CA GLU H 579 -23.55 5.82 44.85
C GLU H 579 -23.26 5.35 46.24
N LYS H 580 -22.84 4.10 46.36
CA LYS H 580 -22.47 3.56 47.65
C LYS H 580 -23.64 3.79 48.59
N SER H 581 -23.35 4.31 49.78
CA SER H 581 -24.40 4.58 50.75
C SER H 581 -25.13 3.28 50.85
N LYS H 582 -24.39 2.18 50.88
CA LYS H 582 -25.04 0.91 50.86
C LYS H 582 -25.83 0.76 52.11
N GLN H 583 -27.11 0.45 51.96
CA GLN H 583 -27.91 0.19 53.13
C GLN H 583 -27.78 -1.30 53.25
N GLU H 584 -27.15 -1.90 52.26
CA GLU H 584 -27.01 -3.35 52.25
C GLU H 584 -26.22 -3.89 53.43
N ARG H 585 -25.12 -3.23 53.79
CA ARG H 585 -24.31 -3.72 54.88
C ARG H 585 -25.14 -3.70 56.14
N MET H 586 -25.87 -2.62 56.34
CA MET H 586 -26.74 -2.53 57.50
C MET H 586 -27.83 -3.57 57.41
N THR H 587 -28.37 -3.77 56.21
CA THR H 587 -29.46 -4.70 56.05
C THR H 587 -28.98 -6.07 56.46
N ASP H 588 -27.73 -6.37 56.14
CA ASP H 588 -27.22 -7.69 56.45
C ASP H 588 -27.22 -7.98 57.95
N VAL H 589 -26.81 -7.06 58.79
CA VAL H 589 -26.78 -7.41 60.21
C VAL H 589 -28.21 -7.56 60.72
N HIS H 590 -29.14 -6.83 60.15
CA HIS H 590 -30.54 -6.94 60.54
C HIS H 590 -31.13 -8.21 60.03
N ASN H 591 -30.83 -8.57 58.79
CA ASN H 591 -31.37 -9.78 58.22
C ASN H 591 -30.88 -11.01 58.92
N LYS H 592 -29.61 -11.05 59.27
CA LYS H 592 -29.13 -12.30 59.82
C LYS H 592 -29.86 -12.67 61.10
N SER H 593 -29.97 -11.73 62.01
CA SER H 593 -30.61 -12.04 63.25
C SER H 593 -32.08 -12.26 63.11
N ILE H 594 -32.73 -11.36 62.39
CA ILE H 594 -34.15 -11.43 62.26
C ILE H 594 -34.52 -11.26 60.83
N VAL H 595 -34.36 -12.31 60.05
CA VAL H 595 -34.70 -12.28 58.63
C VAL H 595 -36.17 -12.07 58.39
N GLY H 596 -37.02 -12.66 59.21
CA GLY H 596 -38.45 -12.59 58.92
C GLY H 596 -39.00 -11.21 58.79
N LYS H 597 -39.78 -11.00 57.74
CA LYS H 597 -40.36 -9.69 57.51
C LYS H 597 -41.71 -9.63 58.19
N GLY H 598 -41.75 -9.94 59.48
CA GLY H 598 -42.98 -9.92 60.24
C GLY H 598 -43.31 -8.52 60.70
N THR H 599 -44.59 -8.33 61.01
CA THR H 599 -45.07 -7.04 61.48
C THR H 599 -44.81 -6.92 62.99
N VAL H 600 -44.10 -5.86 63.38
CA VAL H 600 -43.80 -5.64 64.79
C VAL H 600 -45.09 -5.33 65.54
N TRP H 601 -45.29 -6.00 66.67
CA TRP H 601 -46.51 -5.83 67.46
C TRP H 601 -46.31 -4.78 68.56
N TYR H 602 -45.34 -5.01 69.45
CA TYR H 602 -45.04 -4.10 70.54
C TYR H 602 -43.87 -3.20 70.14
N GLU H 603 -44.06 -1.89 70.27
CA GLU H 603 -43.04 -0.91 69.90
C GLU H 603 -43.12 0.24 70.88
N MET H 604 -42.08 0.41 71.70
CA MET H 604 -42.03 1.48 72.68
C MET H 604 -40.58 1.70 73.09
N ALA H 605 -40.31 2.90 73.60
CA ALA H 605 -38.97 3.25 74.03
C ALA H 605 -38.60 2.50 75.32
N TYR H 606 -37.30 2.49 75.61
CA TYR H 606 -36.83 1.83 76.83
C TYR H 606 -37.36 2.52 78.08
N GLU H 607 -37.43 3.86 78.04
CA GLU H 607 -38.01 4.59 79.17
C GLU H 607 -39.48 4.25 79.35
N ASP H 608 -40.22 4.10 78.25
CA ASP H 608 -41.60 3.67 78.34
C ASP H 608 -41.71 2.25 78.90
N ALA H 609 -40.76 1.38 78.54
CA ALA H 609 -40.75 0.03 79.09
C ALA H 609 -40.52 0.05 80.59
N VAL H 610 -39.59 0.89 81.06
CA VAL H 610 -39.35 1.01 82.49
C VAL H 610 -40.57 1.58 83.20
N LYS H 611 -41.23 2.55 82.57
CA LYS H 611 -42.45 3.13 83.15
C LYS H 611 -43.55 2.08 83.28
N GLU H 612 -43.72 1.25 82.25
CA GLU H 612 -44.73 0.20 82.31
C GLU H 612 -44.37 -0.89 83.31
N ARG H 613 -43.07 -1.16 83.47
CA ARG H 613 -42.65 -2.17 84.44
C ARG H 613 -42.86 -1.70 85.87
N MET H 614 -42.49 -0.45 86.16
CA MET H 614 -42.66 0.09 87.51
C MET H 614 -44.12 0.33 87.85
N GLN H 615 -44.98 0.53 86.85
CA GLN H 615 -46.41 0.76 87.09
C GLN H 615 -47.10 -0.55 87.44
N VAL I 49 -3.44 60.84 92.87
CA VAL I 49 -4.47 59.86 93.18
C VAL I 49 -5.62 59.96 92.20
N PHE I 50 -5.99 61.18 91.85
CA PHE I 50 -7.16 61.44 91.03
C PHE I 50 -6.76 62.18 89.77
N ALA I 51 -7.19 61.66 88.62
CA ALA I 51 -7.05 62.33 87.34
C ALA I 51 -8.44 62.72 86.84
N TYR I 52 -8.46 63.69 85.92
CA TYR I 52 -9.71 64.26 85.42
C TYR I 52 -10.55 64.85 86.56
N TYR I 53 -9.90 65.22 87.65
CA TYR I 53 -10.58 65.73 88.84
C TYR I 53 -10.84 67.22 88.65
N GLY I 54 -11.85 67.52 87.85
CA GLY I 54 -12.24 68.89 87.60
C GLY I 54 -13.57 68.98 86.90
N LEU I 55 -14.46 69.83 87.38
CA LEU I 55 -15.78 69.98 86.77
C LEU I 55 -15.71 70.60 85.40
N LYS I 56 -14.62 71.29 85.07
CA LYS I 56 -14.39 71.90 83.76
C LYS I 56 -15.54 72.85 83.40
N THR I 57 -15.64 73.91 84.21
CA THR I 57 -16.67 74.95 84.12
C THR I 57 -16.98 75.30 82.67
N PRO I 58 -18.25 75.48 82.33
CA PRO I 58 -18.63 75.73 80.93
C PRO I 58 -18.04 77.04 80.43
N PRO I 59 -17.97 77.22 79.10
CA PRO I 59 -17.44 78.49 78.58
C PRO I 59 -18.25 79.70 78.99
N TYR I 60 -19.57 79.56 79.03
CA TYR I 60 -20.46 80.66 79.41
C TYR I 60 -20.71 80.63 80.91
N LYS I 61 -21.38 81.69 81.39
CA LYS I 61 -21.76 81.77 82.79
C LYS I 61 -23.02 80.95 83.05
N LEU I 62 -23.26 80.66 84.33
CA LEU I 62 -24.42 79.86 84.70
C LEU I 62 -25.74 80.57 84.43
N ASP I 63 -25.71 81.89 84.24
CA ASP I 63 -26.91 82.65 83.93
C ASP I 63 -26.96 83.13 82.49
N ALA I 64 -26.14 82.53 81.61
CA ALA I 64 -26.11 82.97 80.21
C ALA I 64 -27.33 82.49 79.44
N LEU I 65 -27.91 81.35 79.83
CA LEU I 65 -29.08 80.79 79.16
C LEU I 65 -30.35 80.97 79.99
N GLU I 66 -30.38 82.00 80.85
CA GLU I 66 -31.51 82.20 81.75
C GLU I 66 -32.86 82.31 81.04
N PRO I 67 -33.00 83.04 79.92
CA PRO I 67 -34.34 83.11 79.29
C PRO I 67 -34.90 81.76 78.85
N TYR I 68 -34.06 80.73 78.71
CA TYR I 68 -34.52 79.42 78.28
C TYR I 68 -34.27 78.34 79.31
N MET I 69 -33.08 78.29 79.90
CA MET I 69 -32.76 77.36 80.97
C MET I 69 -32.37 78.16 82.21
N SER I 70 -33.19 78.06 83.25
CA SER I 70 -33.00 78.88 84.44
C SER I 70 -31.61 78.63 85.05
N GLN I 71 -31.10 79.66 85.74
CA GLN I 71 -29.79 79.57 86.36
C GLN I 71 -29.77 78.54 87.48
N LYS I 72 -30.91 78.27 88.08
CA LYS I 72 -30.91 77.23 89.10
C LYS I 72 -30.75 75.88 88.47
N MET I 73 -31.42 75.63 87.36
CA MET I 73 -31.38 74.30 86.79
C MET I 73 -29.97 73.95 86.40
N LEU I 74 -29.29 74.89 85.78
CA LEU I 74 -27.93 74.64 85.36
C LEU I 74 -27.11 74.38 86.57
N GLU I 75 -27.37 75.12 87.63
CA GLU I 75 -26.55 74.96 88.79
C GLU I 75 -26.69 73.54 89.26
N VAL I 76 -27.90 73.01 89.25
CA VAL I 76 -28.06 71.65 89.77
C VAL I 76 -27.38 70.64 88.87
N HIS I 77 -27.60 70.73 87.56
CA HIS I 77 -27.07 69.73 86.67
C HIS I 77 -25.57 69.74 86.75
N TRP I 78 -24.96 70.91 86.75
CA TRP I 78 -23.51 70.96 86.70
C TRP I 78 -22.97 70.78 88.08
N GLY I 79 -23.50 71.55 89.00
CA GLY I 79 -23.00 71.50 90.36
C GLY I 79 -23.16 70.21 91.07
N GLU I 80 -24.32 69.58 90.92
CA GLU I 80 -24.56 68.39 91.69
C GLU I 80 -24.42 67.14 90.88
N HIS I 81 -25.17 67.04 89.81
CA HIS I 81 -25.12 65.81 89.06
C HIS I 81 -23.76 65.56 88.50
N HIS I 82 -23.13 66.58 87.93
CA HIS I 82 -21.85 66.36 87.29
C HIS I 82 -20.77 66.17 88.30
N ARG I 83 -20.73 67.03 89.29
CA ARG I 83 -19.65 66.99 90.24
C ARG I 83 -19.59 65.63 90.82
N SER I 84 -20.74 65.07 91.10
CA SER I 84 -20.76 63.79 91.75
C SER I 84 -20.09 62.79 90.89
N TYR I 85 -20.34 62.86 89.61
CA TYR I 85 -19.81 61.85 88.75
C TYR I 85 -18.31 61.92 88.85
N VAL I 86 -17.74 63.09 88.81
CA VAL I 86 -16.30 63.18 88.81
C VAL I 86 -15.74 62.54 90.05
N GLU I 87 -16.27 62.89 91.20
CA GLU I 87 -15.78 62.36 92.46
C GLU I 87 -15.73 60.84 92.46
N ALA I 88 -16.79 60.20 91.98
CA ALA I 88 -16.81 58.74 91.94
C ALA I 88 -15.81 58.19 90.93
N LEU I 89 -15.61 58.89 89.81
CA LEU I 89 -14.60 58.46 88.86
C LEU I 89 -13.20 58.55 89.46
N ASN I 90 -12.94 59.60 90.23
CA ASN I 90 -11.65 59.70 90.92
C ASN I 90 -11.49 58.58 91.94
N LYS I 91 -12.54 58.30 92.70
CA LYS I 91 -12.47 57.21 93.69
C LYS I 91 -12.24 55.86 93.03
N GLN I 92 -12.79 55.66 91.83
CA GLN I 92 -12.58 54.39 91.14
C GLN I 92 -11.21 54.33 90.46
N LEU I 93 -10.68 55.47 90.02
CA LEU I 93 -9.35 55.49 89.41
C LEU I 93 -8.24 55.36 90.44
N GLU I 94 -8.48 55.78 91.67
CA GLU I 94 -7.48 55.60 92.72
C GLU I 94 -7.21 54.13 92.98
N LYS I 95 -8.23 53.28 92.87
CA LYS I 95 -8.05 51.86 93.16
C LYS I 95 -7.25 51.18 92.05
N ASN I 96 -7.60 51.43 90.79
CA ASN I 96 -6.99 50.77 89.64
C ASN I 96 -6.02 51.74 88.98
N ASP I 97 -4.72 51.41 89.05
CA ASP I 97 -3.70 52.28 88.48
C ASP I 97 -3.48 52.01 86.99
N ILE I 98 -3.85 50.84 86.50
CA ILE I 98 -3.67 50.54 85.07
C ILE I 98 -4.58 51.41 84.23
N LEU I 99 -5.85 51.51 84.61
CA LEU I 99 -6.79 52.38 83.91
C LEU I 99 -6.61 53.85 84.26
N TYR I 100 -5.74 54.17 85.21
CA TYR I 100 -5.49 55.57 85.55
C TYR I 100 -4.70 56.25 84.44
N GLY I 101 -3.66 55.59 83.94
CA GLY I 101 -2.83 56.17 82.90
C GLY I 101 -3.35 55.91 81.49
N CYS I 102 -4.56 56.39 81.22
CA CYS I 102 -5.17 56.25 79.89
C CYS I 102 -5.97 57.51 79.59
N THR I 103 -5.94 57.94 78.33
CA THR I 103 -6.72 59.09 77.93
C THR I 103 -8.21 58.80 78.02
N MET I 104 -9.01 59.87 78.02
CA MET I 104 -10.45 59.72 78.17
C MET I 104 -11.04 58.89 77.04
N GLU I 105 -10.71 59.24 75.79
CA GLU I 105 -11.23 58.51 74.64
C GLU I 105 -10.79 57.05 74.67
N GLU I 106 -9.61 56.77 75.22
CA GLU I 106 -9.17 55.39 75.34
C GLU I 106 -9.75 54.72 76.57
N LEU I 107 -9.93 55.47 77.66
CA LEU I 107 -10.51 54.89 78.88
C LEU I 107 -11.94 54.43 78.62
N ILE I 108 -12.72 55.22 77.87
CA ILE I 108 -14.10 54.84 77.60
C ILE I 108 -14.15 53.54 76.80
N LYS I 109 -13.31 53.43 75.77
CA LYS I 109 -13.31 52.22 74.95
C LYS I 109 -12.79 51.01 75.72
N VAL I 110 -11.81 51.21 76.59
CA VAL I 110 -11.26 50.08 77.34
C VAL I 110 -12.17 49.66 78.49
N THR I 111 -13.03 50.55 78.98
CA THR I 111 -14.00 50.18 79.99
C THR I 111 -15.30 49.68 79.41
N TYR I 112 -15.59 49.97 78.13
CA TYR I 112 -16.76 49.39 77.48
C TYR I 112 -16.60 47.88 77.32
N ASN I 113 -15.39 47.43 76.99
CA ASN I 113 -15.04 46.00 76.93
C ASN I 113 -15.93 45.23 75.96
N ASN I 114 -16.42 45.91 74.93
CA ASN I 114 -17.16 45.30 73.82
C ASN I 114 -18.39 44.56 74.32
N GLY I 115 -19.29 45.31 74.95
CA GLY I 115 -20.59 44.80 75.36
C GLY I 115 -20.72 44.46 76.82
N ASN I 116 -19.61 44.16 77.52
CA ASN I 116 -19.62 43.80 78.93
C ASN I 116 -18.87 44.89 79.70
N PRO I 117 -19.54 46.00 80.02
CA PRO I 117 -18.83 47.15 80.58
C PRO I 117 -18.27 46.88 81.97
N LEU I 118 -17.12 47.49 82.22
CA LEU I 118 -16.52 47.45 83.55
C LEU I 118 -17.30 48.36 84.49
N PRO I 119 -17.14 48.17 85.81
CA PRO I 119 -17.95 48.96 86.76
C PRO I 119 -17.67 50.45 86.76
N GLU I 120 -16.64 50.92 86.04
CA GLU I 120 -16.34 52.34 85.98
C GLU I 120 -16.60 52.94 84.61
N PHE I 121 -17.22 52.19 83.69
CA PHE I 121 -17.51 52.71 82.37
C PHE I 121 -18.57 53.79 82.42
N SER I 122 -19.66 53.52 83.14
CA SER I 122 -20.79 54.46 83.17
C SER I 122 -20.36 55.82 83.68
N ASP I 123 -19.54 55.85 84.73
CA ASP I 123 -19.17 57.12 85.35
C ASP I 123 -18.30 57.96 84.43
N ALA I 124 -17.23 57.37 83.89
CA ALA I 124 -16.36 58.11 82.98
C ALA I 124 -17.11 58.54 81.72
N ALA I 125 -17.99 57.69 81.24
CA ALA I 125 -18.71 58.07 80.09
C ALA I 125 -19.52 59.28 80.45
N GLN I 126 -20.11 59.29 81.63
CA GLN I 126 -20.94 60.42 81.94
C GLN I 126 -20.13 61.68 82.02
N VAL I 127 -18.95 61.61 82.59
CA VAL I 127 -18.19 62.83 82.75
C VAL I 127 -17.87 63.39 81.38
N TRP I 128 -17.44 62.54 80.48
CA TRP I 128 -17.11 63.02 79.17
C TRP I 128 -18.36 63.52 78.55
N ASN I 129 -19.43 62.76 78.69
CA ASN I 129 -20.65 63.14 78.02
C ASN I 129 -21.06 64.51 78.46
N HIS I 130 -21.04 64.75 79.74
CA HIS I 130 -21.52 66.02 80.19
C HIS I 130 -20.68 67.13 79.64
N ASP I 131 -19.38 66.94 79.61
CA ASP I 131 -18.52 68.00 79.16
C ASP I 131 -18.90 68.36 77.75
N PHE I 132 -19.14 67.37 76.92
CA PHE I 132 -19.46 67.61 75.53
C PHE I 132 -20.72 68.42 75.49
N PHE I 133 -21.66 68.09 76.33
CA PHE I 133 -22.94 68.76 76.29
C PHE I 133 -22.83 70.22 76.61
N TRP I 134 -22.08 70.59 77.62
CA TRP I 134 -22.08 71.99 77.99
C TRP I 134 -21.55 72.74 76.83
N GLU I 135 -20.53 72.19 76.20
CA GLU I 135 -19.90 72.89 75.11
C GLU I 135 -20.70 72.77 73.85
N SER I 136 -21.58 71.79 73.80
CA SER I 136 -22.43 71.68 72.62
C SER I 136 -23.54 72.73 72.58
N MET I 137 -23.61 73.58 73.61
CA MET I 137 -24.58 74.66 73.65
C MET I 137 -23.85 75.99 73.82
N GLN I 138 -24.38 77.03 73.20
CA GLN I 138 -23.75 78.34 73.21
C GLN I 138 -24.73 79.40 73.68
N PRO I 139 -24.23 80.49 74.25
CA PRO I 139 -25.12 81.58 74.65
C PRO I 139 -25.74 82.25 73.43
N GLY I 140 -26.99 82.68 73.59
CA GLY I 140 -27.73 83.24 72.48
C GLY I 140 -28.63 82.22 71.83
N GLY I 141 -28.27 81.76 70.64
CA GLY I 141 -29.06 80.75 69.96
C GLY I 141 -28.38 80.27 68.70
N GLY I 142 -28.97 79.23 68.11
CA GLY I 142 -28.49 78.70 66.86
C GLY I 142 -29.56 78.73 65.78
N ASP I 143 -29.35 79.54 64.75
CA ASP I 143 -30.33 79.69 63.68
C ASP I 143 -30.12 78.65 62.58
N MET I 144 -28.93 78.63 61.99
CA MET I 144 -28.62 77.74 60.88
C MET I 144 -27.14 77.44 60.89
N PRO I 145 -26.71 76.33 60.27
CA PRO I 145 -25.27 76.02 60.22
C PRO I 145 -24.50 76.98 59.33
N LYS I 146 -23.21 76.74 59.16
CA LYS I 146 -22.32 77.60 58.41
C LYS I 146 -21.77 76.85 57.19
N LEU I 147 -20.79 77.46 56.52
CA LEU I 147 -20.32 77.06 55.20
C LEU I 147 -20.18 75.55 55.03
N GLY I 148 -19.36 74.92 55.86
CA GLY I 148 -19.07 73.51 55.70
C GLY I 148 -20.14 72.58 56.24
N LEU I 149 -20.59 72.86 57.46
CA LEU I 149 -21.54 71.96 58.11
C LEU I 149 -22.89 71.97 57.41
N LEU I 150 -23.34 73.14 56.94
CA LEU I 150 -24.61 73.20 56.21
C LEU I 150 -24.52 72.43 54.90
N GLN I 151 -23.39 72.57 54.19
CA GLN I 151 -23.21 71.82 52.95
C GLN I 151 -23.19 70.33 53.22
N GLN I 152 -22.53 69.90 54.29
CA GLN I 152 -22.48 68.46 54.60
C GLN I 152 -23.86 67.95 55.00
N ILE I 153 -24.63 68.74 55.72
CA ILE I 153 -25.99 68.34 56.08
C ILE I 153 -26.86 68.23 54.84
N GLU I 154 -26.75 69.19 53.92
CA GLU I 154 -27.51 69.14 52.68
C GLU I 154 -27.11 67.92 51.85
N LYS I 155 -25.83 67.55 51.88
CA LYS I 155 -25.39 66.39 51.13
C LYS I 155 -25.88 65.09 51.75
N ASP I 156 -25.89 65.01 53.09
CA ASP I 156 -26.22 63.76 53.78
C ASP I 156 -27.72 63.63 54.04
N PHE I 157 -28.30 64.58 54.76
CA PHE I 157 -29.71 64.51 55.13
C PHE I 157 -30.63 65.21 54.14
N GLY I 158 -30.12 65.61 52.97
CA GLY I 158 -30.94 66.25 51.97
C GLY I 158 -31.10 67.75 52.21
N SER I 159 -31.72 68.11 53.34
CA SER I 159 -31.94 69.51 53.66
C SER I 159 -31.86 69.68 55.17
N PHE I 160 -31.80 70.94 55.61
CA PHE I 160 -31.71 71.24 57.03
C PHE I 160 -33.04 71.02 57.74
N THR I 161 -34.16 71.29 57.07
CA THR I 161 -35.46 71.05 57.67
C THR I 161 -35.70 69.56 57.90
N ASN I 162 -35.32 68.73 56.92
CA ASN I 162 -35.42 67.28 57.10
C ASN I 162 -34.50 66.82 58.22
N PHE I 163 -33.32 67.43 58.34
CA PHE I 163 -32.41 67.11 59.44
C PHE I 163 -33.05 67.41 60.78
N ARG I 164 -33.68 68.59 60.91
CA ARG I 164 -34.33 68.94 62.17
C ARG I 164 -35.49 68.00 62.47
N GLU I 165 -36.27 67.66 61.44
CA GLU I 165 -37.38 66.73 61.65
C GLU I 165 -36.89 65.37 62.14
N LYS I 166 -35.84 64.84 61.51
CA LYS I 166 -35.32 63.55 61.92
C LYS I 166 -34.70 63.62 63.32
N PHE I 167 -34.04 64.73 63.65
CA PHE I 167 -33.47 64.88 64.97
C PHE I 167 -34.55 64.91 66.04
N THR I 168 -35.63 65.66 65.80
CA THR I 168 -36.72 65.70 66.77
C THR I 168 -37.41 64.35 66.88
N GLU I 169 -37.57 63.65 65.76
CA GLU I 169 -38.19 62.33 65.80
C GLU I 169 -37.34 61.36 66.60
N ALA I 170 -36.02 61.36 66.39
CA ALA I 170 -35.15 60.47 67.16
C ALA I 170 -35.09 60.86 68.62
N ALA I 171 -35.23 62.15 68.93
CA ALA I 171 -35.21 62.58 70.33
C ALA I 171 -36.49 62.14 71.04
N LEU I 172 -37.64 62.28 70.39
CA LEU I 172 -38.90 61.89 71.00
C LEU I 172 -39.12 60.38 71.00
N ALA I 173 -38.46 59.65 70.10
CA ALA I 173 -38.64 58.21 70.03
C ALA I 173 -37.82 57.47 71.08
N LEU I 174 -36.87 58.13 71.71
CA LEU I 174 -36.08 57.49 72.74
C LEU I 174 -36.91 57.21 73.97
N PHE I 175 -36.69 56.06 74.58
CA PHE I 175 -37.41 55.73 75.80
C PHE I 175 -36.48 55.65 76.96
N GLY I 176 -36.84 56.30 78.05
CA GLY I 176 -36.00 56.29 79.22
C GLY I 176 -34.93 57.33 79.10
N SER I 177 -33.89 57.23 79.91
CA SER I 177 -32.82 58.17 79.88
C SER I 177 -31.84 57.80 78.78
N GLY I 178 -31.08 58.77 78.29
CA GLY I 178 -30.14 58.50 77.22
C GLY I 178 -29.66 59.77 76.59
N TRP I 179 -28.93 59.67 75.49
CA TRP I 179 -28.48 60.86 74.80
C TRP I 179 -28.71 60.72 73.32
N ILE I 180 -28.84 61.83 72.60
CA ILE I 180 -28.96 61.79 71.13
C ILE I 180 -27.70 62.43 70.54
N TRP I 181 -27.16 61.89 69.45
CA TRP I 181 -25.87 62.35 68.93
C TRP I 181 -25.95 62.64 67.44
N LEU I 182 -25.17 63.62 67.01
CA LEU I 182 -24.91 63.91 65.60
C LEU I 182 -23.43 63.60 65.37
N VAL I 183 -23.16 62.46 64.73
CA VAL I 183 -21.81 61.92 64.65
C VAL I 183 -21.35 61.90 63.20
N LEU I 184 -20.05 61.65 63.01
CA LEU I 184 -19.42 61.51 61.71
C LEU I 184 -18.80 60.13 61.64
N LYS I 185 -19.31 59.28 60.75
CA LYS I 185 -18.81 57.92 60.63
C LYS I 185 -17.54 57.90 59.80
N ARG I 186 -16.52 57.19 60.29
CA ARG I 186 -15.21 57.19 59.63
C ARG I 186 -15.25 56.42 58.32
N GLU I 187 -15.59 55.13 58.39
CA GLU I 187 -15.50 54.28 57.21
C GLU I 187 -16.54 54.66 56.16
N GLU I 188 -17.65 55.28 56.56
CA GLU I 188 -18.67 55.71 55.62
C GLU I 188 -18.49 57.14 55.15
N LYS I 189 -17.81 57.98 55.93
CA LYS I 189 -17.54 59.38 55.59
C LYS I 189 -18.85 60.14 55.33
N ARG I 190 -19.73 60.11 56.33
CA ARG I 190 -20.99 60.82 56.25
C ARG I 190 -21.50 61.09 57.66
N LEU I 191 -22.42 62.05 57.76
CA LEU I 191 -23.03 62.41 59.03
C LEU I 191 -24.27 61.57 59.27
N ALA I 192 -24.44 61.13 60.52
CA ALA I 192 -25.57 60.30 60.90
C ALA I 192 -26.07 60.74 62.27
N ILE I 193 -27.32 60.38 62.55
CA ILE I 193 -27.97 60.67 63.83
C ILE I 193 -28.19 59.35 64.55
N VAL I 194 -27.48 59.15 65.65
CA VAL I 194 -27.55 57.92 66.42
C VAL I 194 -28.08 58.23 67.81
N LYS I 195 -28.94 57.35 68.31
CA LYS I 195 -29.46 57.44 69.67
C LYS I 195 -28.88 56.30 70.49
N THR I 196 -28.50 56.60 71.73
CA THR I 196 -27.77 55.67 72.57
C THR I 196 -28.53 55.41 73.87
N SER I 197 -27.91 54.62 74.73
CA SER I 197 -28.50 54.22 76.01
C SER I 197 -28.13 55.26 77.08
N ASN I 198 -28.31 54.88 78.35
CA ASN I 198 -28.12 55.79 79.47
C ASN I 198 -26.80 56.55 79.39
N ALA I 199 -25.68 55.82 79.35
CA ALA I 199 -24.37 56.44 79.39
C ALA I 199 -23.49 56.14 78.18
N VAL I 200 -23.91 55.25 77.29
CA VAL I 200 -23.07 54.89 76.15
C VAL I 200 -22.94 56.08 75.21
N ASN I 201 -21.71 56.37 74.79
CA ASN I 201 -21.40 57.43 73.86
C ASN I 201 -20.84 56.85 72.56
N PRO I 202 -20.93 57.58 71.45
CA PRO I 202 -20.49 57.04 70.16
C PRO I 202 -19.00 56.75 70.07
N LEU I 203 -18.21 57.04 71.11
CA LEU I 203 -16.79 56.73 71.08
C LEU I 203 -16.53 55.22 71.10
N VAL I 204 -17.52 54.41 71.47
CA VAL I 204 -17.33 52.97 71.52
C VAL I 204 -17.34 52.35 70.14
N TRP I 205 -17.83 53.06 69.13
CA TRP I 205 -17.86 52.55 67.76
C TRP I 205 -16.92 53.32 66.84
N ASN I 206 -16.01 54.11 67.40
CA ASN I 206 -15.05 54.91 66.63
C ASN I 206 -15.77 55.87 65.67
N ASP I 207 -16.61 56.71 66.26
CA ASP I 207 -17.35 57.74 65.53
C ASP I 207 -17.14 59.08 66.22
N ILE I 208 -16.84 60.11 65.43
CA ILE I 208 -16.58 61.44 65.98
C ILE I 208 -17.91 62.15 66.24
N PRO I 209 -18.19 62.52 67.49
CA PRO I 209 -19.44 63.25 67.78
C PRO I 209 -19.29 64.75 67.58
N LEU I 210 -20.38 65.38 67.17
CA LEU I 210 -20.40 66.81 66.91
C LEU I 210 -21.40 67.57 67.77
N ILE I 211 -22.62 67.05 67.94
CA ILE I 211 -23.62 67.69 68.77
C ILE I 211 -24.31 66.66 69.63
N GLY I 212 -24.55 66.96 70.90
CA GLY I 212 -25.29 66.04 71.74
C GLY I 212 -26.31 66.65 72.69
N LEU I 213 -27.37 65.92 73.00
CA LEU I 213 -28.39 66.42 73.92
C LEU I 213 -28.63 65.43 75.01
N ASP I 214 -28.90 65.91 76.23
CA ASP I 214 -29.11 65.03 77.36
C ASP I 214 -30.57 64.81 77.49
N LEU I 215 -31.00 63.58 77.28
CA LEU I 215 -32.39 63.29 77.37
C LEU I 215 -32.72 62.75 78.72
N TRP I 216 -31.73 62.65 79.58
CA TRP I 216 -32.01 62.23 80.93
C TRP I 216 -32.91 63.27 81.52
N GLU I 217 -33.85 62.85 82.34
CA GLU I 217 -34.81 63.78 82.89
C GLU I 217 -34.21 64.82 83.78
N HIS I 218 -33.06 64.55 84.38
CA HIS I 218 -32.54 65.50 85.33
C HIS I 218 -32.37 66.81 84.64
N ALA I 219 -32.05 66.76 83.38
CA ALA I 219 -31.86 67.99 82.64
C ALA I 219 -33.10 68.85 82.50
N TYR I 220 -34.25 68.27 82.19
CA TYR I 220 -35.40 69.13 81.94
C TYR I 220 -36.48 69.26 82.99
N TYR I 221 -36.45 68.45 84.03
CA TYR I 221 -37.56 68.46 84.98
C TYR I 221 -37.91 69.77 85.64
N LEU I 222 -36.97 70.66 85.88
CA LEU I 222 -37.33 71.86 86.61
C LEU I 222 -38.12 72.96 85.87
N ASP I 223 -37.79 73.26 84.63
CA ASP I 223 -38.46 74.31 83.87
C ASP I 223 -39.52 73.75 82.92
N TYR I 224 -39.28 72.60 82.31
CA TYR I 224 -40.23 71.93 81.44
C TYR I 224 -40.55 70.59 82.07
N LYS I 225 -41.59 70.56 82.91
CA LYS I 225 -41.87 69.41 83.76
C LYS I 225 -41.97 68.12 82.95
N ASN I 226 -42.93 68.06 82.03
CA ASN I 226 -43.15 66.85 81.25
C ASN I 226 -43.28 67.09 79.76
N ASP I 227 -43.12 68.32 79.29
CA ASP I 227 -43.16 68.63 77.86
C ASP I 227 -41.74 68.51 77.31
N LYS I 228 -41.34 67.26 77.03
CA LYS I 228 -40.00 67.01 76.53
C LYS I 228 -39.83 67.51 75.10
N ALA I 229 -40.89 67.44 74.29
CA ALA I 229 -40.81 67.97 72.94
C ALA I 229 -40.55 69.47 72.95
N LYS I 230 -41.02 70.13 74.00
CA LYS I 230 -40.75 71.54 74.11
C LYS I 230 -39.29 71.72 74.38
N TYR I 231 -38.75 70.89 75.26
CA TYR I 231 -37.36 71.04 75.63
C TYR I 231 -36.51 70.81 74.42
N VAL I 232 -36.84 69.82 73.62
CA VAL I 232 -36.10 69.60 72.40
C VAL I 232 -36.18 70.84 71.53
N ASN I 233 -37.39 71.31 71.24
CA ASN I 233 -37.55 72.45 70.34
C ASN I 233 -36.76 73.66 70.82
N VAL I 234 -36.75 73.91 72.12
CA VAL I 234 -35.97 75.02 72.66
C VAL I 234 -34.48 74.80 72.41
N PHE I 235 -34.00 73.58 72.69
CA PHE I 235 -32.59 73.28 72.47
C PHE I 235 -32.19 73.40 71.00
N MET I 236 -33.11 73.07 70.09
CA MET I 236 -32.79 73.15 68.67
C MET I 236 -32.96 74.56 68.10
N ASN I 237 -33.77 75.40 68.75
CA ASN I 237 -34.03 76.72 68.20
C ASN I 237 -33.13 77.79 68.80
N HIS I 238 -32.97 77.80 70.13
CA HIS I 238 -32.24 78.87 70.79
C HIS I 238 -31.12 78.37 71.71
N LEU I 239 -30.74 77.10 71.62
CA LEU I 239 -29.68 76.57 72.47
C LEU I 239 -28.66 75.72 71.74
N VAL I 240 -28.82 75.48 70.44
CA VAL I 240 -27.86 74.67 69.70
C VAL I 240 -26.69 75.55 69.28
N SER I 241 -25.49 74.97 69.30
CA SER I 241 -24.26 75.68 68.96
C SER I 241 -23.72 75.11 67.66
N TRP I 242 -23.82 75.88 66.58
CA TRP I 242 -23.30 75.45 65.29
C TRP I 242 -21.85 75.84 65.08
N ASP I 243 -21.36 76.88 65.75
CA ASP I 243 -19.94 77.21 65.68
C ASP I 243 -19.10 76.12 66.34
N ALA I 244 -19.56 75.61 67.48
CA ALA I 244 -18.83 74.52 68.13
C ALA I 244 -18.86 73.26 67.29
N ALA I 245 -20.00 72.96 66.67
CA ALA I 245 -20.08 71.79 65.79
C ALA I 245 -19.18 71.94 64.58
N LEU I 246 -19.10 73.15 64.03
CA LEU I 246 -18.22 73.39 62.89
C LEU I 246 -16.75 73.25 63.29
N GLY I 247 -16.39 73.76 64.48
CA GLY I 247 -15.03 73.58 64.95
C GLY I 247 -14.68 72.14 65.20
N ARG I 248 -15.62 71.36 65.74
CA ARG I 248 -15.37 69.95 65.96
C ARG I 248 -15.28 69.18 64.65
N MET I 249 -16.05 69.58 63.64
CA MET I 249 -15.91 68.95 62.33
C MET I 249 -14.58 69.31 61.68
N ALA I 250 -14.13 70.54 61.86
CA ALA I 250 -12.80 70.93 61.39
C ALA I 250 -11.71 70.11 62.06
N ARG I 251 -11.87 69.85 63.36
CA ARG I 251 -10.91 69.00 64.07
C ARG I 251 -10.98 67.56 63.58
N ALA I 252 -12.19 67.08 63.27
CA ALA I 252 -12.35 65.71 62.80
C ALA I 252 -11.81 65.52 61.40
N GLN I 253 -11.79 66.58 60.58
CA GLN I 253 -11.27 66.47 59.23
C GLN I 253 -9.80 66.06 59.20
N ALA I 254 -9.11 66.16 60.33
CA ALA I 254 -7.75 65.63 60.42
C ALA I 254 -7.72 64.12 60.61
N PHE I 255 -8.87 63.49 60.85
CA PHE I 255 -8.97 62.05 60.98
C PHE I 255 -9.83 61.39 59.92
N VAL I 256 -10.78 62.11 59.33
CA VAL I 256 -11.61 61.60 58.25
C VAL I 256 -11.68 62.66 57.17
N ASN I 257 -11.28 62.29 55.95
CA ASN I 257 -11.22 63.23 54.84
C ASN I 257 -12.55 63.22 54.09
N LEU I 258 -13.17 64.40 53.99
CA LEU I 258 -14.45 64.58 53.30
C LEU I 258 -14.17 65.38 52.03
N GLY I 259 -13.84 64.68 50.96
CA GLY I 259 -13.53 65.34 49.71
C GLY I 259 -13.13 64.33 48.65
N GLU I 260 -12.73 64.87 47.50
CA GLU I 260 -12.31 64.04 46.37
C GLU I 260 -10.86 64.31 46.03
N PRO I 261 -10.09 63.28 45.68
CA PRO I 261 -8.67 63.47 45.38
C PRO I 261 -8.46 64.19 44.06
N LYS I 262 -7.23 64.67 43.87
CA LYS I 262 -6.82 65.31 42.64
C LYS I 262 -6.12 64.27 41.77
N ILE I 263 -6.81 63.79 40.75
CA ILE I 263 -6.34 62.69 39.93
C ILE I 263 -5.54 63.27 38.76
N PRO I 264 -4.30 62.87 38.55
CA PRO I 264 -3.53 63.41 37.41
C PRO I 264 -4.07 62.88 36.09
N VAL I 265 -3.80 63.66 35.04
CA VAL I 265 -4.21 63.29 33.68
C VAL I 265 -3.05 62.52 33.06
N ALA I 266 -3.03 61.21 33.30
CA ALA I 266 -1.97 60.35 32.79
C ALA I 266 -2.41 58.89 32.79
N LEU J 187 66.83 55.01 -38.85
CA LEU J 187 66.05 54.39 -39.92
C LEU J 187 65.00 53.45 -39.35
N SER J 188 65.30 52.88 -38.18
CA SER J 188 64.38 51.97 -37.51
C SER J 188 63.12 52.72 -37.10
N SER J 189 61.97 52.22 -37.53
CA SER J 189 60.71 52.87 -37.23
C SER J 189 60.32 52.64 -35.78
N GLU J 190 59.22 53.30 -35.37
CA GLU J 190 58.74 53.13 -34.00
C GLU J 190 58.22 51.72 -33.75
N TYR J 191 57.80 51.03 -34.80
CA TYR J 191 57.24 49.69 -34.66
C TYR J 191 58.31 48.64 -34.40
N VAL J 192 59.59 49.00 -34.43
CA VAL J 192 60.68 48.09 -34.13
C VAL J 192 61.50 48.67 -32.99
N ILE J 193 61.79 47.85 -31.98
CA ILE J 193 62.52 48.27 -30.80
C ILE J 193 63.67 47.29 -30.57
N TYR J 194 64.89 47.82 -30.46
CA TYR J 194 66.08 47.01 -30.21
C TYR J 194 66.45 47.11 -28.73
N GLN J 195 66.41 45.97 -28.03
CA GLN J 195 66.79 45.90 -26.63
C GLN J 195 67.65 44.67 -26.41
N PRO J 196 68.91 44.71 -26.82
CA PRO J 196 69.78 43.53 -26.67
C PRO J 196 70.09 43.26 -25.20
N GLU J 197 70.03 41.98 -24.84
CA GLU J 197 70.35 41.52 -23.48
C GLU J 197 69.49 42.22 -22.43
N GLN J 198 68.18 42.20 -22.65
CA GLN J 198 67.25 42.80 -21.69
C GLN J 198 67.19 41.95 -20.43
N GLU J 199 67.42 42.59 -19.28
CA GLU J 199 67.42 41.93 -17.99
C GLU J 199 66.40 42.58 -17.07
N GLU J 200 65.51 41.77 -16.51
CA GLU J 200 64.50 42.24 -15.58
C GLU J 200 64.53 41.35 -14.34
N GLU J 201 64.74 41.97 -13.17
CA GLU J 201 64.82 41.23 -11.92
C GLU J 201 64.26 42.09 -10.80
N GLU J 202 63.91 41.44 -9.70
CA GLU J 202 63.37 42.11 -8.52
C GLU J 202 64.50 42.31 -7.51
N LEU J 203 64.81 43.57 -7.21
CA LEU J 203 65.89 43.87 -6.27
C LEU J 203 65.51 43.50 -4.85
N THR J 204 64.30 43.83 -4.43
CA THR J 204 63.85 43.52 -3.08
C THR J 204 63.62 42.03 -2.91
N GLY J 205 63.81 41.53 -1.69
CA GLY J 205 63.66 40.11 -1.45
C GLY J 205 62.21 39.65 -1.47
N TYR J 206 61.28 40.52 -1.08
CA TYR J 206 59.87 40.13 -1.05
C TYR J 206 59.36 39.80 -2.45
N GLU J 207 59.63 40.67 -3.42
CA GLU J 207 59.17 40.42 -4.78
C GLU J 207 59.84 39.20 -5.39
N LEU J 208 61.12 38.98 -5.07
CA LEU J 208 61.80 37.78 -5.58
C LEU J 208 61.18 36.51 -5.01
N ASP J 209 60.91 36.50 -3.70
CA ASP J 209 60.28 35.34 -3.09
C ASP J 209 58.85 35.15 -3.58
N LYS J 210 58.17 36.24 -3.95
CA LYS J 210 56.82 36.11 -4.49
C LYS J 210 56.83 35.58 -5.91
N ARG J 211 57.82 35.98 -6.71
CA ARG J 211 57.90 35.48 -8.08
C ARG J 211 58.36 34.03 -8.11
N LEU J 212 59.34 33.66 -7.28
CA LEU J 212 59.82 32.29 -7.27
C LEU J 212 58.85 31.35 -6.57
N GLY J 213 58.21 31.82 -5.51
CA GLY J 213 57.30 31.00 -4.73
C GLY J 213 57.81 30.57 -3.37
N ARG J 214 58.89 31.17 -2.89
CA ARG J 214 59.45 30.81 -1.60
C ARG J 214 58.56 31.32 -0.47
N PRO J 215 58.72 30.77 0.74
CA PRO J 215 57.91 31.24 1.88
C PRO J 215 58.06 32.74 2.09
N HIS J 216 56.93 33.44 2.07
CA HIS J 216 56.88 34.89 2.21
C HIS J 216 55.53 35.28 2.78
N PRO J 217 55.46 36.38 3.53
CA PRO J 217 54.15 36.82 4.05
C PRO J 217 53.23 37.27 2.92
N PHE J 218 51.92 37.15 3.18
CA PHE J 218 50.94 37.53 2.17
C PHE J 218 50.92 39.03 1.96
N ILE J 219 51.04 39.81 3.04
CA ILE J 219 51.00 41.27 2.98
C ILE J 219 52.41 41.79 3.24
N ASP J 220 52.88 42.66 2.36
CA ASP J 220 54.22 43.22 2.48
C ASP J 220 54.31 44.10 3.72
N PRO J 221 55.21 43.80 4.67
CA PRO J 221 55.33 44.65 5.86
C PRO J 221 55.76 46.08 5.54
N LYS J 222 56.39 46.27 4.40
CA LYS J 222 56.79 47.61 4.01
C LYS J 222 55.51 48.33 3.73
N THR J 223 54.70 47.78 2.84
CA THR J 223 53.47 48.43 2.45
C THR J 223 52.48 48.57 3.56
N LYS J 224 52.51 47.66 4.53
CA LYS J 224 51.48 47.69 5.54
C LYS J 224 51.43 49.04 6.23
N LYS J 225 50.23 49.60 6.33
CA LYS J 225 50.06 50.89 6.99
C LYS J 225 48.94 50.75 8.00
N LYS J 226 49.15 51.23 9.22
CA LYS J 226 48.13 51.10 10.26
C LYS J 226 46.88 51.90 9.96
N ILE J 227 45.71 51.32 10.20
CA ILE J 227 44.46 52.04 10.03
C ILE J 227 44.30 53.05 11.16
N GLU J 228 43.72 54.20 10.88
CA GLU J 228 43.48 55.19 11.94
C GLU J 228 42.47 54.65 12.92
N LYS J 229 42.51 55.11 14.16
CA LYS J 229 41.63 54.54 15.18
C LYS J 229 40.16 54.53 14.82
N PRO J 230 39.52 53.37 14.94
CA PRO J 230 38.09 53.26 14.67
C PRO J 230 37.26 53.67 15.90
N LEU J 231 35.94 53.70 15.79
CA LEU J 231 35.09 54.10 16.90
C LEU J 231 35.32 53.17 18.05
N THR J 232 35.36 53.72 19.26
CA THR J 232 35.61 52.91 20.44
C THR J 232 34.40 52.10 20.79
N SER J 233 34.58 51.07 21.61
CA SER J 233 33.47 50.18 21.93
C SER J 233 32.36 50.95 22.57
N GLU J 234 32.72 51.92 23.39
CA GLU J 234 31.71 52.71 24.04
C GLU J 234 30.86 53.42 23.02
N GLU J 235 31.48 53.90 21.96
CA GLU J 235 30.75 54.69 20.98
C GLU J 235 29.83 53.93 20.07
N LEU J 236 29.97 52.62 20.02
CA LEU J 236 29.15 51.85 19.12
C LEU J 236 27.76 51.69 19.66
N TRP J 237 26.83 51.29 18.81
CA TRP J 237 25.48 51.04 19.25
C TRP J 237 25.52 49.80 20.09
N TRP J 238 24.49 49.55 20.87
CA TRP J 238 24.53 48.43 21.80
C TRP J 238 24.75 47.09 21.15
N ASN J 239 24.19 46.86 19.98
CA ASN J 239 24.28 45.56 19.37
C ASN J 239 25.71 45.19 19.12
N TRP J 240 26.53 46.13 18.74
CA TRP J 240 27.89 45.80 18.41
C TRP J 240 28.87 45.92 19.53
N ARG J 241 28.44 46.37 20.69
CA ARG J 241 29.37 46.58 21.78
C ARG J 241 29.89 45.27 22.28
N LYS J 242 31.15 45.23 22.69
CA LYS J 242 31.76 43.99 23.17
C LYS J 242 31.59 43.88 24.67
N PRO J 243 31.29 42.68 25.22
CA PRO J 243 31.04 42.65 26.66
C PRO J 243 32.30 42.98 27.45
N GLU J 244 32.10 43.55 28.65
CA GLU J 244 33.23 43.89 29.50
C GLU J 244 33.92 42.64 30.03
N LYS J 245 33.15 41.61 30.37
CA LYS J 245 33.67 40.35 30.87
C LYS J 245 33.72 39.33 29.74
N GLU J 246 34.86 38.65 29.62
CA GLU J 246 35.04 37.64 28.58
C GLU J 246 34.13 36.46 28.84
N GLN J 247 33.19 36.22 27.93
CA GLN J 247 32.19 35.18 28.12
C GLN J 247 32.76 33.81 27.79
N TRP J 248 32.07 32.78 28.27
CA TRP J 248 32.49 31.39 28.05
C TRP J 248 31.86 30.87 26.75
N SER J 249 32.55 29.91 26.13
CA SER J 249 32.08 29.32 24.89
C SER J 249 32.78 27.99 24.67
N ARG J 250 32.12 27.10 23.94
CA ARG J 250 32.69 25.81 23.60
C ARG J 250 33.62 25.88 22.39
N TRP J 251 33.73 27.04 21.75
CA TRP J 251 34.61 27.22 20.60
C TRP J 251 35.80 28.10 20.92
N GLN J 252 36.05 28.36 22.21
CA GLN J 252 37.19 29.19 22.59
C GLN J 252 38.51 28.49 22.30
N ARG J 253 38.51 27.16 22.32
CA ARG J 253 39.72 26.37 22.11
C ARG J 253 39.81 25.92 20.66
N ARG J 254 41.01 25.99 20.09
CA ARG J 254 41.20 25.63 18.70
C ARG J 254 41.04 24.13 18.51
N ARG J 255 40.55 23.74 17.32
CA ARG J 255 40.26 22.36 17.03
C ARG J 255 41.54 21.64 16.59
N PRO J 256 41.94 20.56 17.25
CA PRO J 256 43.17 19.87 16.85
C PRO J 256 42.98 19.14 15.53
N ASP J 257 43.98 19.26 14.66
CA ASP J 257 43.95 18.62 13.35
C ASP J 257 45.33 18.06 13.04
N VAL J 258 45.38 17.16 12.05
CA VAL J 258 46.65 16.61 11.60
C VAL J 258 47.48 17.67 10.90
N GLU J 259 46.80 18.62 10.23
CA GLU J 259 47.51 19.64 9.47
C GLU J 259 48.38 20.50 10.36
N THR J 260 47.89 20.85 11.56
CA THR J 260 48.70 21.65 12.48
C THR J 260 49.94 20.90 12.93
N VAL J 261 49.80 19.61 13.26
CA VAL J 261 50.93 18.82 13.70
C VAL J 261 51.98 18.71 12.58
N PHE J 262 51.52 18.45 11.35
CA PHE J 262 52.46 18.34 10.25
C PHE J 262 53.12 19.68 9.94
N LEU J 263 52.38 20.79 10.05
CA LEU J 263 52.96 22.10 9.81
C LEU J 263 54.02 22.41 10.84
N LYS J 264 53.77 22.09 12.12
CA LYS J 264 54.79 22.30 13.13
C LYS J 264 56.01 21.41 12.88
N ALA J 265 55.78 20.16 12.49
CA ALA J 265 56.89 19.23 12.26
C ALA J 265 57.76 19.69 11.10
N MET J 266 57.16 20.24 10.05
CA MET J 266 57.94 20.71 8.92
C MET J 266 58.47 22.12 9.09
N ALA J 267 57.88 22.91 10.01
CA ALA J 267 58.50 24.17 10.39
C ALA J 267 59.76 23.93 11.21
N GLU J 268 59.73 22.92 12.08
CA GLU J 268 60.98 22.39 12.62
C GLU J 268 61.78 21.75 11.50
N THR J 269 63.10 21.72 11.68
CA THR J 269 64.10 21.25 10.71
C THR J 269 64.22 22.16 9.50
N GLY J 270 63.40 23.19 9.37
CA GLY J 270 63.60 24.20 8.36
C GLY J 270 63.14 23.84 6.96
N GLN J 271 61.97 23.23 6.82
CA GLN J 271 61.43 22.97 5.48
C GLN J 271 60.52 24.09 5.00
N VAL J 272 59.63 24.58 5.87
CA VAL J 272 58.78 25.72 5.57
C VAL J 272 58.95 26.76 6.66
N LYS J 273 58.48 27.97 6.38
CA LYS J 273 58.52 29.08 7.31
C LYS J 273 57.10 29.59 7.55
N LEU J 274 56.73 29.71 8.82
CA LEU J 274 55.39 30.14 9.20
C LEU J 274 55.47 31.46 9.96
N TYR J 275 54.48 32.33 9.74
CA TYR J 275 54.37 33.59 10.45
C TYR J 275 53.95 33.29 11.88
N GLY J 276 54.90 33.27 12.80
CA GLY J 276 54.63 32.94 14.19
C GLY J 276 54.98 31.50 14.51
N ASP J 277 54.87 31.18 15.80
CA ASP J 277 55.22 29.84 16.27
C ASP J 277 54.07 28.85 16.14
N HIS J 278 52.85 29.32 15.91
CA HIS J 278 51.69 28.46 15.80
C HIS J 278 51.05 28.61 14.42
N PRO J 279 50.75 27.52 13.73
CA PRO J 279 50.10 27.63 12.42
C PRO J 279 48.67 28.13 12.56
N THR J 280 48.30 29.04 11.67
CA THR J 280 46.97 29.62 11.66
C THR J 280 46.05 28.83 10.74
N LEU J 281 44.79 29.27 10.62
CA LEU J 281 43.82 28.51 9.86
C LEU J 281 44.06 28.62 8.36
N THR J 282 44.48 29.79 7.88
CA THR J 282 44.78 29.95 6.47
C THR J 282 45.97 29.09 6.06
N GLU J 283 46.97 28.98 6.92
CA GLU J 283 48.12 28.13 6.62
C GLU J 283 47.72 26.67 6.56
N THR J 284 46.83 26.23 7.45
CA THR J 284 46.34 24.85 7.40
C THR J 284 45.52 24.61 6.14
N ALA J 285 44.69 25.59 5.74
CA ALA J 285 43.91 25.44 4.52
C ALA J 285 44.81 25.39 3.29
N LEU J 286 45.91 26.14 3.31
CA LEU J 286 46.84 26.10 2.19
C LEU J 286 47.62 24.78 2.17
N TYR J 287 48.00 24.28 3.34
CA TYR J 287 48.68 22.99 3.42
C TYR J 287 47.78 21.85 2.98
N ARG J 288 46.48 21.97 3.20
CA ARG J 288 45.55 20.94 2.75
C ARG J 288 45.58 20.77 1.24
N ALA J 289 45.89 21.84 0.51
CA ALA J 289 45.99 21.76 -0.94
C ALA J 289 47.37 21.32 -1.40
N ARG J 290 48.42 21.85 -0.78
CA ARG J 290 49.80 21.49 -1.11
C ARG J 290 50.32 20.57 -0.02
N ARG J 291 50.05 19.27 -0.19
CA ARG J 291 50.43 18.26 0.79
C ARG J 291 51.31 17.18 0.21
N HIS J 292 51.08 16.77 -1.04
CA HIS J 292 51.84 15.70 -1.64
C HIS J 292 53.22 16.14 -2.10
N LEU J 293 53.42 17.43 -2.35
CA LEU J 293 54.72 17.92 -2.79
C LEU J 293 55.79 17.66 -1.74
N TYR J 294 55.50 18.02 -0.49
CA TYR J 294 56.46 17.82 0.58
C TYR J 294 56.70 16.35 0.89
N LYS J 295 55.66 15.53 0.77
CA LYS J 295 55.83 14.09 0.93
C LYS J 295 56.75 13.52 -0.14
N LYS J 296 56.57 13.94 -1.39
CA LYS J 296 57.45 13.49 -2.46
C LYS J 296 58.87 13.97 -2.22
N GLU J 297 59.04 15.21 -1.74
CA GLU J 297 60.37 15.72 -1.45
C GLU J 297 61.06 14.90 -0.35
N ARG J 298 60.31 14.54 0.70
CA ARG J 298 60.89 13.76 1.78
C ARG J 298 61.24 12.34 1.31
N LEU J 299 60.39 11.75 0.47
CA LEU J 299 60.69 10.43 -0.07
C LEU J 299 61.93 10.47 -0.97
N GLN J 300 62.06 11.53 -1.77
CA GLN J 300 63.25 11.68 -2.59
C GLN J 300 64.50 11.86 -1.74
N ALA J 301 64.38 12.60 -0.64
CA ALA J 301 65.51 12.75 0.27
C ALA J 301 65.91 11.41 0.89
N GLU J 302 64.92 10.60 1.27
CA GLU J 302 65.23 9.29 1.83
C GLU J 302 65.88 8.39 0.79
N LYS J 303 65.43 8.44 -0.46
CA LYS J 303 66.05 7.64 -1.51
C LYS J 303 67.48 8.09 -1.76
N GLU J 304 67.73 9.40 -1.75
CA GLU J 304 69.09 9.90 -1.93
C GLU J 304 69.99 9.46 -0.79
N LYS J 305 69.48 9.51 0.45
CA LYS J 305 70.27 9.07 1.60
C LYS J 305 70.57 7.57 1.51
N LEU J 306 69.60 6.79 1.04
CA LEU J 306 69.82 5.35 0.88
C LEU J 306 70.90 5.09 -0.18
N GLU J 307 70.85 5.81 -1.30
CA GLU J 307 71.85 5.62 -2.33
C GLU J 307 73.22 6.16 -1.94
N LYS J 308 73.26 7.10 -0.99
CA LYS J 308 74.54 7.69 -0.58
C LYS J 308 75.23 6.88 0.51
N ILE J 309 74.50 6.48 1.56
CA ILE J 309 75.12 5.84 2.71
C ILE J 309 75.22 4.32 2.59
N GLY J 310 74.43 3.71 1.71
CA GLY J 310 74.45 2.27 1.54
C GLY J 310 73.26 1.59 2.18
N PRO J 311 72.99 0.35 1.76
CA PRO J 311 71.80 -0.34 2.31
C PRO J 311 71.97 -0.81 3.74
N ILE J 312 73.16 -1.29 4.11
CA ILE J 312 73.37 -1.77 5.47
C ILE J 312 73.25 -0.63 6.47
N ALA J 313 73.96 0.48 6.22
CA ALA J 313 73.90 1.61 7.13
C ALA J 313 72.51 2.23 7.17
N TYR J 314 71.73 2.08 6.10
CA TYR J 314 70.38 2.63 6.08
C TYR J 314 69.42 1.76 6.88
N TYR J 315 69.40 0.46 6.61
CA TYR J 315 68.51 -0.45 7.32
C TYR J 315 68.99 -0.82 8.71
N SER J 316 70.17 -0.35 9.12
CA SER J 316 70.61 -0.56 10.49
C SER J 316 69.81 0.26 11.50
N GLU J 317 69.01 1.22 11.03
CA GLU J 317 68.17 2.00 11.96
C GLU J 317 67.14 1.12 12.64
N TRP J 318 66.63 0.12 11.94
CA TRP J 318 65.64 -0.80 12.49
C TRP J 318 66.25 -2.11 12.96
N VAL J 319 67.57 -2.18 13.05
CA VAL J 319 68.27 -3.34 13.61
C VAL J 319 69.22 -2.80 14.67
N GLN J 320 68.77 -2.74 15.92
CA GLN J 320 69.58 -2.21 17.00
C GLN J 320 70.43 -3.26 17.69
N ALA J 321 70.19 -4.55 17.42
CA ALA J 321 71.00 -5.61 17.98
C ALA J 321 72.26 -5.89 17.17
N TRP J 322 72.54 -5.08 16.16
CA TRP J 322 73.71 -5.25 15.30
C TRP J 322 74.58 -4.01 15.45
N LYS J 323 75.55 -4.09 16.36
CA LYS J 323 76.46 -2.98 16.65
C LYS J 323 77.79 -3.28 15.96
N LYS J 324 77.96 -2.76 14.75
CA LYS J 324 79.18 -2.96 13.98
C LYS J 324 79.31 -1.82 12.98
N ASP J 325 80.51 -1.65 12.46
CA ASP J 325 80.77 -0.58 11.50
C ASP J 325 80.00 -0.84 10.21
N THR J 326 79.21 0.14 9.78
CA THR J 326 78.35 0.02 8.61
C THR J 326 78.84 0.82 7.42
N SER J 327 80.01 1.44 7.52
CA SER J 327 80.53 2.22 6.41
C SER J 327 80.91 1.31 5.24
N ARG J 328 80.93 1.89 4.04
CA ARG J 328 81.25 1.13 2.85
C ARG J 328 82.70 0.65 2.88
N GLU J 329 83.61 1.44 3.45
CA GLU J 329 85.00 1.00 3.59
C GLU J 329 85.10 -0.21 4.50
N ALA J 330 84.31 -0.25 5.57
CA ALA J 330 84.30 -1.40 6.47
C ALA J 330 83.77 -2.64 5.75
N ILE J 331 82.74 -2.47 4.92
CA ILE J 331 82.19 -3.60 4.17
C ILE J 331 83.22 -4.13 3.18
N GLN J 332 83.94 -3.23 2.50
CA GLN J 332 84.97 -3.65 1.56
C GLN J 332 86.11 -4.36 2.28
N LYS J 333 86.50 -3.86 3.46
CA LYS J 333 87.55 -4.51 4.23
C LYS J 333 87.12 -5.90 4.69
N HIS J 334 85.86 -6.04 5.13
CA HIS J 334 85.36 -7.34 5.54
C HIS J 334 85.31 -8.31 4.38
N PHE J 335 84.93 -7.82 3.19
CA PHE J 335 84.91 -8.67 2.00
C PHE J 335 86.31 -9.09 1.59
N GLU J 336 87.30 -8.20 1.77
CA GLU J 336 88.67 -8.56 1.44
C GLU J 336 89.27 -9.51 2.46
N GLU J 337 88.82 -9.44 3.71
CA GLU J 337 89.37 -10.31 4.76
C GLU J 337 88.73 -11.69 4.73
N THR J 338 87.41 -11.76 4.92
CA THR J 338 86.72 -13.04 5.07
C THR J 338 86.05 -13.53 3.80
N GLY J 339 86.01 -12.72 2.74
CA GLY J 339 85.40 -13.16 1.50
C GLY J 339 83.88 -13.22 1.54
N GLU J 340 83.24 -12.28 2.23
CA GLU J 340 81.79 -12.22 2.33
C GLU J 340 81.30 -10.98 1.60
N ASP J 341 80.41 -11.18 0.63
CA ASP J 341 79.91 -10.08 -0.17
C ASP J 341 78.96 -9.21 0.67
N GLU J 342 78.48 -8.14 0.04
CA GLU J 342 77.59 -7.21 0.76
C GLU J 342 76.25 -7.87 1.08
N ASN J 343 75.74 -8.71 0.16
CA ASN J 343 74.46 -9.36 0.42
C ASN J 343 74.54 -10.32 1.59
N THR J 344 75.67 -11.02 1.74
CA THR J 344 75.84 -11.92 2.88
C THR J 344 75.82 -11.13 4.19
N GLN J 345 76.50 -9.99 4.22
CA GLN J 345 76.51 -9.18 5.43
C GLN J 345 75.13 -8.60 5.73
N LEU J 346 74.39 -8.23 4.68
CA LEU J 346 73.03 -7.73 4.87
C LEU J 346 72.12 -8.80 5.43
N ILE J 347 72.21 -10.03 4.91
CA ILE J 347 71.41 -11.12 5.44
C ILE J 347 71.81 -11.43 6.88
N GLU J 348 73.11 -11.37 7.18
CA GLU J 348 73.57 -11.63 8.54
C GLU J 348 73.05 -10.57 9.51
N MET J 349 73.02 -9.31 9.09
CA MET J 349 72.52 -8.26 9.97
C MET J 349 71.00 -8.34 10.12
N PHE J 350 70.30 -8.81 9.09
CA PHE J 350 68.86 -8.99 9.23
C PHE J 350 68.53 -10.20 10.10
N CYS J 351 69.42 -11.18 10.15
CA CYS J 351 69.21 -12.35 11.01
C CYS J 351 69.17 -11.98 12.49
N HIS J 352 69.59 -10.77 12.86
CA HIS J 352 69.57 -10.31 14.25
C HIS J 352 68.51 -9.24 14.47
N GLN J 353 67.36 -9.37 13.80
CA GLN J 353 66.28 -8.40 13.87
C GLN J 353 65.06 -9.03 14.50
N THR J 354 64.37 -8.26 15.33
CA THR J 354 63.15 -8.70 15.99
C THR J 354 61.94 -8.49 15.09
N ASP J 355 60.84 -9.17 15.45
CA ASP J 355 59.62 -9.05 14.65
C ASP J 355 59.01 -7.66 14.75
N ARG J 356 59.08 -7.04 15.93
CA ARG J 356 58.60 -5.68 16.09
C ARG J 356 59.39 -4.72 15.20
N GLU J 357 60.72 -4.86 15.20
CA GLU J 357 61.55 -4.03 14.34
C GLU J 357 61.25 -4.26 12.87
N TYR J 358 60.93 -5.50 12.49
CA TYR J 358 60.60 -5.79 11.10
C TYR J 358 59.26 -5.14 10.71
N ARG J 359 58.26 -5.23 11.58
CA ARG J 359 56.99 -4.59 11.28
C ARG J 359 57.09 -3.08 11.28
N ILE J 360 58.04 -2.51 12.02
CA ILE J 360 58.29 -1.07 11.93
C ILE J 360 59.02 -0.73 10.63
N MET J 361 59.95 -1.59 10.21
CA MET J 361 60.66 -1.38 8.96
C MET J 361 59.77 -1.54 7.73
N MET J 362 58.68 -2.29 7.86
CA MET J 362 57.79 -2.54 6.72
C MET J 362 57.16 -1.27 6.15
N GLY J 363 57.41 -0.10 6.76
CA GLY J 363 56.92 1.14 6.20
C GLY J 363 57.76 1.72 5.09
N THR J 364 58.90 1.11 4.78
CA THR J 364 59.77 1.53 3.70
C THR J 364 59.57 0.69 2.44
N ASP J 365 58.38 0.12 2.27
CA ASP J 365 58.09 -0.70 1.10
C ASP J 365 58.01 0.16 -0.15
N ILE J 366 58.47 -0.39 -1.27
CA ILE J 366 58.42 0.34 -2.53
C ILE J 366 56.99 0.50 -3.03
N ARG J 367 56.08 -0.38 -2.62
CA ARG J 367 54.70 -0.28 -3.07
C ARG J 367 53.91 0.69 -2.21
N ILE J 368 54.22 0.77 -0.92
CA ILE J 368 53.51 1.64 0.01
C ILE J 368 54.52 2.38 0.88
N PRO J 369 55.19 3.41 0.36
CA PRO J 369 56.18 4.13 1.16
C PRO J 369 55.52 5.16 2.06
N ARG J 370 55.60 4.94 3.37
CA ARG J 370 54.99 5.85 4.32
C ARG J 370 55.81 7.14 4.40
N ASP J 371 55.11 8.22 4.75
CA ASP J 371 55.74 9.53 4.90
C ASP J 371 56.87 9.45 5.93
N PRO J 372 58.12 9.73 5.55
CA PRO J 372 59.23 9.61 6.51
C PRO J 372 59.08 10.51 7.72
N LEU J 373 58.30 11.58 7.63
CA LEU J 373 58.06 12.43 8.78
C LEU J 373 57.20 11.73 9.82
N ALA J 374 56.16 11.03 9.36
CA ALA J 374 55.27 10.33 10.29
C ALA J 374 55.93 9.09 10.88
N MET J 375 56.88 8.49 10.16
CA MET J 375 57.57 7.32 10.68
C MET J 375 58.43 7.65 11.89
N ARG J 376 58.99 8.85 11.93
CA ARG J 376 59.90 9.26 13.00
C ARG J 376 59.26 10.29 13.93
N MET J 377 57.95 10.42 13.91
CA MET J 377 57.26 11.34 14.81
C MET J 377 57.28 10.80 16.24
N ARG J 378 57.47 11.72 17.19
CA ARG J 378 57.46 11.35 18.59
C ARG J 378 56.03 11.24 19.11
N GLU J 379 55.88 10.59 20.26
CA GLU J 379 54.56 10.46 20.88
C GLU J 379 54.03 11.80 21.36
N ASP J 380 54.90 12.77 21.62
CA ASP J 380 54.44 14.10 22.03
C ASP J 380 53.74 14.82 20.89
N GLN J 381 54.14 14.56 19.64
CA GLN J 381 53.51 15.22 18.50
C GLN J 381 52.27 14.49 18.03
N ILE J 382 52.24 13.16 18.14
CA ILE J 382 51.10 12.39 17.67
C ILE J 382 49.88 12.61 18.57
N LYS J 383 50.10 12.78 19.88
CA LYS J 383 48.99 13.00 20.79
C LYS J 383 48.28 14.31 20.55
N GLN J 384 48.94 15.27 19.90
CA GLN J 384 48.31 16.55 19.60
C GLN J 384 47.34 16.47 18.43
N ILE J 385 47.27 15.33 17.73
CA ILE J 385 46.34 15.19 16.62
C ILE J 385 44.90 15.24 17.13
N TRP J 386 44.60 14.48 18.18
CA TRP J 386 43.26 14.46 18.76
C TRP J 386 43.13 15.38 19.96
N GLY J 387 44.21 15.96 20.44
CA GLY J 387 44.17 16.94 21.50
C GLY J 387 44.61 16.49 22.88
N GLY J 388 45.38 15.40 22.97
CA GLY J 388 45.84 14.93 24.26
C GLY J 388 44.91 13.91 24.87
N ASP J 389 45.19 13.61 26.14
CA ASP J 389 44.41 12.61 26.85
C ASP J 389 42.99 13.13 27.10
N PRO J 390 41.99 12.26 27.06
CA PRO J 390 40.62 12.71 27.30
C PRO J 390 40.41 13.12 28.75
N VAL J 391 39.46 14.02 28.96
CA VAL J 391 39.13 14.46 30.31
C VAL J 391 38.47 13.33 31.08
N TYR J 392 37.48 12.68 30.48
CA TYR J 392 36.84 11.53 31.11
C TYR J 392 37.75 10.31 31.00
N PRO J 393 38.06 9.63 32.10
CA PRO J 393 39.00 8.51 32.03
C PRO J 393 38.44 7.37 31.18
N THR J 394 39.31 6.82 30.32
CA THR J 394 38.93 5.68 29.49
C THR J 394 38.76 4.40 30.30
N ILE J 395 39.36 4.34 31.50
CA ILE J 395 39.30 3.13 32.31
C ILE J 395 37.87 2.81 32.73
N ASN J 396 36.97 3.80 32.71
CA ASN J 396 35.58 3.53 33.02
C ASN J 396 34.88 2.78 31.90
N TYR J 397 35.40 2.83 30.69
CA TYR J 397 34.82 2.12 29.56
C TYR J 397 35.43 0.75 29.33
N ILE J 398 36.62 0.49 29.87
CA ILE J 398 37.32 -0.76 29.62
C ILE J 398 36.69 -1.88 30.45
N GLN J 399 36.39 -3.00 29.80
CA GLN J 399 35.85 -4.18 30.46
C GLN J 399 36.64 -5.40 30.01
N ASP J 400 36.96 -6.27 30.96
CA ASP J 400 37.71 -7.47 30.65
C ASP J 400 36.87 -8.37 29.74
N PRO J 401 37.45 -8.90 28.66
CA PRO J 401 36.65 -9.76 27.77
C PRO J 401 36.11 -11.01 28.44
N ASP J 402 36.97 -11.81 29.06
CA ASP J 402 36.54 -13.02 29.76
C ASP J 402 36.13 -12.68 31.19
N GLU J 403 35.00 -11.99 31.30
CA GLU J 403 34.46 -11.54 32.58
C GLU J 403 32.98 -11.86 32.63
N VAL J 404 32.56 -12.48 33.73
CA VAL J 404 31.16 -12.80 33.97
C VAL J 404 30.54 -11.69 34.80
N ILE J 405 29.44 -11.12 34.30
CA ILE J 405 28.82 -9.98 34.95
C ILE J 405 28.22 -10.41 36.29
N ASP J 406 28.58 -9.69 37.35
CA ASP J 406 28.05 -9.95 38.68
C ASP J 406 26.84 -9.04 38.90
N TYR J 407 25.65 -9.63 38.92
CA TYR J 407 24.42 -8.85 39.03
C TYR J 407 24.14 -8.38 40.45
N ARG J 408 24.96 -8.77 41.43
CA ARG J 408 24.86 -8.22 42.77
C ARG J 408 25.81 -7.03 42.93
N GLY J 409 25.62 -6.05 42.07
CA GLY J 409 26.46 -4.88 42.02
C GLY J 409 25.68 -3.61 42.31
N PRO J 410 26.40 -2.50 42.47
CA PRO J 410 25.74 -1.23 42.79
C PRO J 410 24.88 -0.68 41.67
N ASP J 411 24.98 -1.20 40.45
CA ASP J 411 24.25 -0.66 39.31
C ASP J 411 23.21 -1.62 38.77
N PHE J 412 22.74 -2.55 39.60
CA PHE J 412 21.71 -3.51 39.19
C PHE J 412 20.61 -3.55 40.24
N HIS J 413 19.37 -3.69 39.77
CA HIS J 413 18.23 -3.72 40.67
C HIS J 413 18.22 -5.01 41.49
N GLU J 414 17.31 -5.05 42.46
CA GLU J 414 17.17 -6.22 43.31
C GLU J 414 16.66 -7.40 42.51
N PRO J 415 16.98 -8.63 42.93
CA PRO J 415 16.50 -9.81 42.20
C PRO J 415 14.98 -9.89 42.20
N THR J 416 14.41 -10.13 41.02
CA THR J 416 12.96 -10.24 40.88
C THR J 416 12.49 -11.61 41.38
N PRO J 417 11.71 -11.66 42.45
CA PRO J 417 11.27 -12.94 42.97
C PRO J 417 10.18 -13.56 42.10
N ASN J 418 9.99 -14.86 42.28
CA ASN J 418 8.94 -15.56 41.56
C ASN J 418 7.57 -15.04 41.99
N MET J 419 6.69 -14.82 40.99
CA MET J 419 5.38 -14.26 41.29
C MET J 419 4.59 -15.15 42.25
N LEU J 420 4.64 -16.46 42.04
CA LEU J 420 3.91 -17.37 42.91
C LEU J 420 4.42 -17.31 44.34
N ALA J 421 5.74 -17.38 44.52
CA ALA J 421 6.31 -17.34 45.86
C ALA J 421 6.11 -15.96 46.50
N TYR J 422 6.24 -14.89 45.71
CA TYR J 422 6.06 -13.54 46.24
C TYR J 422 4.63 -13.34 46.72
N LEU J 423 3.65 -13.82 45.96
CA LEU J 423 2.25 -13.68 46.37
C LEU J 423 1.87 -14.67 47.46
N LYS J 424 2.59 -15.78 47.58
CA LYS J 424 2.31 -16.75 48.63
C LYS J 424 2.88 -16.32 49.97
N GLU J 425 4.01 -15.61 49.97
CA GLU J 425 4.58 -15.13 51.23
C GLU J 425 3.71 -14.06 51.86
N HIS J 426 3.21 -13.13 51.06
CA HIS J 426 2.40 -12.03 51.56
C HIS J 426 0.97 -12.43 51.88
N GLY J 427 0.58 -13.67 51.59
CA GLY J 427 -0.74 -14.16 51.93
C GLY J 427 -1.80 -13.97 50.88
N LYS J 428 -1.44 -13.59 49.66
CA LYS J 428 -2.43 -13.40 48.61
C LYS J 428 -2.92 -14.73 48.06
N ILE J 429 -2.05 -15.74 48.04
CA ILE J 429 -2.38 -17.07 47.53
C ILE J 429 -2.10 -18.09 48.63
N ILE J 430 -3.06 -18.99 48.85
CA ILE J 430 -2.94 -20.03 49.87
C ILE J 430 -2.56 -21.33 49.19
N SER J 431 -1.77 -22.14 49.88
CA SER J 431 -1.30 -23.39 49.31
C SER J 431 -2.43 -24.40 49.22
N ARG J 432 -2.13 -25.55 48.59
CA ARG J 432 -3.15 -26.57 48.39
C ARG J 432 -3.44 -27.32 49.70
N GLU J 433 -2.41 -27.60 50.49
CA GLU J 433 -2.62 -28.29 51.75
C GLU J 433 -3.34 -27.40 52.75
N GLU J 434 -2.86 -26.17 52.93
CA GLU J 434 -3.49 -25.25 53.87
C GLU J 434 -4.94 -24.94 53.51
N LEU J 435 -5.34 -25.21 52.27
CA LEU J 435 -6.73 -25.05 51.87
C LEU J 435 -7.52 -26.35 52.09
N GLU J 436 -7.03 -27.46 51.54
CA GLU J 436 -7.78 -28.72 51.61
C GLU J 436 -7.91 -29.20 53.05
N LYS J 437 -6.78 -29.32 53.76
CA LYS J 437 -6.82 -29.90 55.10
C LYS J 437 -7.46 -28.98 56.13
N ILE J 438 -7.79 -27.75 55.80
CA ILE J 438 -8.36 -26.79 56.74
C ILE J 438 -9.79 -26.42 56.36
N LEU J 439 -9.98 -25.76 55.21
CA LEU J 439 -11.31 -25.24 54.88
C LEU J 439 -12.26 -26.37 54.50
N ALA J 440 -11.83 -27.29 53.64
CA ALA J 440 -12.67 -28.41 53.27
C ALA J 440 -12.95 -29.31 54.47
N LYS J 441 -11.96 -29.47 55.34
CA LYS J 441 -12.17 -30.29 56.54
C LYS J 441 -13.18 -29.65 57.47
N GLU J 442 -13.10 -28.35 57.68
CA GLU J 442 -14.06 -27.66 58.54
C GLU J 442 -15.45 -27.64 57.91
N LYS J 443 -15.53 -27.60 56.59
CA LYS J 443 -16.83 -27.62 55.93
C LYS J 443 -17.46 -29.00 56.01
N THR J 444 -16.66 -30.06 55.87
CA THR J 444 -17.20 -31.41 55.94
C THR J 444 -17.57 -31.79 57.36
N GLU J 445 -16.74 -31.40 58.33
CA GLU J 445 -17.03 -31.73 59.73
C GLU J 445 -18.14 -30.85 60.29
N GLU J 446 -18.15 -29.57 59.93
CA GLU J 446 -19.16 -28.65 60.42
C GLU J 446 -19.76 -27.83 59.27
N TYR K 113 71.01 15.45 40.41
CA TYR K 113 69.58 15.46 40.72
C TYR K 113 68.74 15.77 39.48
N PRO K 114 67.67 15.01 39.28
CA PRO K 114 66.77 15.28 38.16
C PRO K 114 66.12 16.66 38.26
N ASN K 115 65.51 17.07 37.15
CA ASN K 115 64.91 18.41 37.11
C ASN K 115 63.69 18.53 38.00
N PRO K 116 62.69 17.65 37.93
CA PRO K 116 61.55 17.76 38.85
C PRO K 116 61.98 17.47 40.27
N PRO K 117 61.74 18.42 41.20
CA PRO K 117 62.14 18.19 42.59
C PRO K 117 61.37 17.03 43.21
N LEU K 118 62.10 16.21 43.96
CA LEU K 118 61.49 15.05 44.61
C LEU K 118 60.76 15.48 45.87
N VAL K 119 59.62 14.84 46.13
CA VAL K 119 58.83 15.08 47.32
C VAL K 119 58.67 13.76 48.08
N ILE K 120 58.57 13.86 49.40
CA ILE K 120 58.45 12.70 50.27
C ILE K 120 57.04 12.68 50.86
N CYS K 121 56.38 11.54 50.75
CA CYS K 121 55.04 11.34 51.28
C CYS K 121 55.15 10.37 52.46
N PHE K 122 55.37 10.93 53.64
CA PHE K 122 55.56 10.14 54.85
C PHE K 122 54.21 9.79 55.48
N GLY K 123 54.08 8.55 55.90
CA GLY K 123 52.85 8.12 56.56
C GLY K 123 52.70 6.61 56.46
N ALA K 124 51.44 6.18 56.33
CA ALA K 124 51.08 4.78 56.25
C ALA K 124 50.48 4.46 54.89
N ALA K 125 50.52 3.17 54.54
CA ALA K 125 50.01 2.69 53.26
C ALA K 125 48.75 1.89 53.51
N GLN K 126 47.61 2.39 52.99
CA GLN K 126 46.32 1.74 53.15
C GLN K 126 45.58 1.81 51.83
N LYS K 127 44.85 0.74 51.49
CA LYS K 127 44.20 0.65 50.19
C LYS K 127 43.16 1.73 50.02
N GLU K 128 42.10 1.70 50.83
CA GLU K 128 41.03 2.70 50.79
C GLU K 128 40.69 3.06 52.22
N PHE K 129 41.09 4.25 52.64
CA PHE K 129 40.98 4.65 54.04
C PHE K 129 40.49 6.09 54.11
N VAL K 130 39.29 6.28 54.66
CA VAL K 130 38.73 7.61 54.86
C VAL K 130 38.90 7.99 56.33
N PRO K 131 39.87 8.84 56.67
CA PRO K 131 40.08 9.15 58.10
C PRO K 131 39.00 10.03 58.70
N THR K 132 38.48 10.98 57.94
CA THR K 132 37.47 11.91 58.45
C THR K 132 36.13 11.19 58.52
N VAL K 133 35.74 10.79 59.72
CA VAL K 133 34.48 10.09 59.96
C VAL K 133 33.72 10.86 61.02
N ARG K 134 32.59 11.46 60.65
CA ARG K 134 31.74 12.17 61.59
C ARG K 134 30.31 11.66 61.49
N VAL K 135 29.38 12.35 62.16
CA VAL K 135 27.97 11.95 62.17
C VAL K 135 27.25 12.70 61.07
N SER K 136 26.49 11.97 60.26
CA SER K 136 25.70 12.55 59.18
C SER K 136 24.22 12.52 59.56
N HIS K 137 23.52 13.61 59.24
CA HIS K 137 22.10 13.70 59.58
C HIS K 137 21.27 12.78 58.70
N GLU K 138 21.37 12.92 57.39
CA GLU K 138 20.61 12.09 56.47
C GLU K 138 21.29 10.74 56.30
N GLN K 139 20.48 9.69 56.25
CA GLN K 139 20.98 8.33 56.13
C GLN K 139 20.15 7.58 55.09
N MET K 140 20.70 6.47 54.61
CA MET K 140 20.09 5.66 53.57
C MET K 140 19.77 4.27 54.12
N HIS K 141 19.37 3.37 53.22
CA HIS K 141 18.96 2.03 53.61
C HIS K 141 20.13 1.27 54.22
N GLN K 142 19.80 0.23 55.00
CA GLN K 142 20.82 -0.53 55.71
C GLN K 142 21.55 -1.49 54.78
N ASP K 143 20.80 -2.24 53.98
CA ASP K 143 21.36 -3.33 53.18
C ASP K 143 21.55 -2.98 51.72
N LYS K 144 20.62 -2.24 51.12
CA LYS K 144 20.69 -1.94 49.69
C LYS K 144 21.79 -0.93 49.39
N TYR K 145 22.97 -1.41 49.03
CA TYR K 145 24.07 -0.53 48.64
C TYR K 145 23.89 0.03 47.24
N SER K 146 22.89 -0.43 46.48
CA SER K 146 22.64 0.11 45.16
C SER K 146 22.10 1.53 45.21
N GLU K 147 21.56 1.96 46.35
CA GLU K 147 21.06 3.31 46.51
C GLU K 147 21.95 4.18 47.40
N TRP K 148 23.11 3.66 47.81
CA TRP K 148 24.07 4.46 48.55
C TRP K 148 24.80 5.46 47.66
N LYS K 149 24.73 5.31 46.34
CA LYS K 149 25.33 6.27 45.42
C LYS K 149 24.62 7.61 45.45
N MET K 150 23.40 7.68 46.00
CA MET K 150 22.69 8.94 46.07
C MET K 150 23.32 9.92 47.05
N LEU K 151 24.15 9.41 47.93
CA LEU K 151 24.71 10.28 48.93
C LEU K 151 26.06 10.66 48.47
N GLN K 152 26.39 10.36 47.24
CA GLN K 152 27.63 10.82 46.69
C GLN K 152 27.29 11.82 45.65
N TRP K 153 26.05 12.26 45.59
CA TRP K 153 25.63 13.26 44.65
C TRP K 153 25.45 14.46 45.50
N ASN K 154 24.83 14.33 46.66
CA ASN K 154 24.69 15.38 47.66
C ASN K 154 25.33 14.88 48.94
N PRO K 155 26.65 15.02 49.07
CA PRO K 155 27.35 14.47 50.23
C PRO K 155 27.22 15.38 51.43
N PRO K 156 27.52 14.89 52.64
CA PRO K 156 27.63 15.78 53.78
C PRO K 156 28.77 16.78 53.58
N GLU K 157 28.75 17.83 54.40
CA GLU K 157 29.69 18.93 54.22
C GLU K 157 31.14 18.50 54.42
N PHE K 158 31.38 17.53 55.29
CA PHE K 158 32.73 17.12 55.63
C PHE K 158 33.31 16.06 54.69
N VAL K 159 32.51 15.49 53.81
CA VAL K 159 32.98 14.43 52.92
C VAL K 159 32.80 14.86 51.47
N ARG K 160 32.88 16.17 51.21
CA ARG K 160 32.73 16.66 49.85
C ARG K 160 33.98 16.41 49.02
N ALA K 161 35.16 16.45 49.64
CA ALA K 161 36.43 16.14 48.97
C ALA K 161 37.35 15.45 49.97
N PRO K 162 37.10 14.19 50.27
CA PRO K 162 37.89 13.50 51.29
C PRO K 162 39.32 13.25 50.83
N GLY K 163 40.22 13.18 51.80
CA GLY K 163 41.60 12.84 51.55
C GLY K 163 41.85 11.35 51.68
N GLY K 164 43.11 11.01 51.93
CA GLY K 164 43.50 9.63 52.11
C GLY K 164 44.93 9.48 52.57
N PRO K 165 45.46 8.26 52.48
CA PRO K 165 46.86 8.02 52.85
C PRO K 165 47.80 8.76 51.91
N PRO K 166 49.04 9.00 52.34
CA PRO K 166 49.99 9.70 51.47
C PRO K 166 50.39 8.90 50.23
N SER K 167 50.11 7.60 50.19
CA SER K 167 50.40 6.81 49.00
C SER K 167 49.57 7.31 47.81
N ASN K 168 48.31 7.62 48.05
CA ASN K 168 47.47 8.19 46.99
C ASN K 168 48.01 9.54 46.53
N VAL K 169 48.50 10.34 47.46
CA VAL K 169 49.08 11.64 47.10
C VAL K 169 50.30 11.45 46.22
N ALA K 170 51.16 10.48 46.56
CA ALA K 170 52.34 10.22 45.75
C ALA K 170 51.96 9.72 44.36
N ILE K 171 50.96 8.83 44.29
CA ILE K 171 50.51 8.31 43.00
C ILE K 171 49.97 9.42 42.13
N SER K 172 49.14 10.30 42.70
CA SER K 172 48.59 11.41 41.93
C SER K 172 49.67 12.41 41.54
N HIS K 173 50.70 12.59 42.38
CA HIS K 173 51.78 13.49 42.03
C HIS K 173 52.61 12.94 40.88
N VAL K 174 52.82 11.63 40.85
CA VAL K 174 53.57 11.03 39.76
C VAL K 174 52.77 11.03 38.46
N ARG K 175 51.46 10.77 38.56
CA ARG K 175 50.63 10.76 37.35
C ARG K 175 50.51 12.16 36.75
N LEU K 176 50.42 13.18 37.59
CA LEU K 176 50.34 14.56 37.14
C LEU K 176 51.69 15.11 36.69
N GLY K 177 52.70 14.26 36.57
CA GLY K 177 54.04 14.72 36.26
C GLY K 177 54.80 15.06 37.51
N GLY K 178 55.95 14.42 37.72
CA GLY K 178 56.73 14.68 38.91
C GLY K 178 57.34 13.43 39.49
N ARG K 179 58.09 13.58 40.57
CA ARG K 179 58.78 12.47 41.23
C ARG K 179 58.40 12.47 42.70
N ALA K 180 57.94 11.31 43.19
CA ALA K 180 57.52 11.16 44.57
C ALA K 180 58.15 9.90 45.16
N ALA K 181 58.49 9.97 46.44
CA ALA K 181 59.09 8.85 47.15
C ALA K 181 58.31 8.59 48.42
N PHE K 182 57.86 7.36 48.61
CA PHE K 182 57.08 6.97 49.77
C PHE K 182 57.99 6.45 50.87
N MET K 183 57.86 7.02 52.06
CA MET K 183 58.67 6.64 53.22
C MET K 183 57.75 6.01 54.26
N GLY K 184 57.84 4.68 54.39
CA GLY K 184 57.03 3.97 55.34
C GLY K 184 57.59 2.60 55.60
N LYS K 185 56.78 1.76 56.26
CA LYS K 185 57.16 0.40 56.57
C LYS K 185 55.98 -0.54 56.35
N VAL K 186 56.21 -1.63 55.63
CA VAL K 186 55.20 -2.65 55.39
C VAL K 186 55.81 -4.01 55.72
N GLY K 187 54.93 -5.00 55.90
CA GLY K 187 55.36 -6.34 56.23
C GLY K 187 55.67 -7.16 54.99
N ASN K 188 56.14 -8.39 55.23
CA ASN K 188 56.46 -9.34 54.18
C ASN K 188 55.27 -10.23 53.80
N ASP K 189 54.05 -9.77 54.06
CA ASP K 189 52.87 -10.53 53.70
C ASP K 189 52.50 -10.24 52.25
N GLU K 190 51.38 -10.82 51.81
CA GLU K 190 50.92 -10.61 50.43
C GLU K 190 50.39 -9.20 50.23
N PHE K 191 49.74 -8.61 51.25
CA PHE K 191 49.15 -7.30 51.10
C PHE K 191 50.22 -6.22 50.99
N GLY K 192 51.26 -6.30 51.82
CA GLY K 192 52.33 -5.32 51.75
C GLY K 192 53.09 -5.37 50.43
N GLN K 193 53.43 -6.59 49.99
CA GLN K 193 54.09 -6.73 48.69
C GLN K 193 53.19 -6.29 47.55
N GLU K 194 51.89 -6.52 47.67
CA GLU K 194 50.96 -6.04 46.64
C GLU K 194 50.93 -4.53 46.58
N MET K 195 50.94 -3.89 47.72
CA MET K 195 50.92 -2.45 47.73
C MET K 195 52.21 -1.90 47.21
N VAL K 196 53.33 -2.49 47.58
CA VAL K 196 54.56 -2.02 47.04
C VAL K 196 54.57 -2.19 45.53
N LEU K 197 54.05 -3.30 45.05
CA LEU K 197 54.04 -3.52 43.64
C LEU K 197 53.23 -2.45 42.98
N LEU K 198 52.10 -2.10 43.58
CA LEU K 198 51.23 -1.15 42.94
C LEU K 198 51.96 0.14 42.80
N MET K 199 52.66 0.52 43.84
CA MET K 199 53.35 1.76 43.78
C MET K 199 54.44 1.72 42.76
N ASN K 200 55.16 0.63 42.70
CA ASN K 200 56.25 0.57 41.79
C ASN K 200 55.76 0.67 40.38
N LYS K 201 54.66 0.02 40.07
CA LYS K 201 54.16 0.01 38.71
C LYS K 201 53.76 1.37 38.25
N GLU K 202 53.51 2.26 39.17
CA GLU K 202 53.13 3.63 38.85
C GLU K 202 54.29 4.61 39.04
N LYS K 203 55.49 4.07 39.08
CA LYS K 203 56.69 4.87 39.23
C LYS K 203 56.78 5.74 40.44
N VAL K 204 56.56 5.17 41.62
CA VAL K 204 56.72 5.94 42.83
C VAL K 204 57.95 5.34 43.45
N GLN K 205 58.96 6.14 43.74
CA GLN K 205 60.18 5.57 44.22
C GLN K 205 59.91 4.93 45.53
N THR K 206 60.32 3.70 45.68
CA THR K 206 60.04 2.99 46.89
C THR K 206 61.30 2.53 47.52
N ARG K 207 62.38 3.24 47.32
CA ARG K 207 63.59 2.88 47.98
C ARG K 207 63.42 2.96 49.46
N ALA K 208 62.69 3.96 49.93
CA ALA K 208 62.47 4.13 51.35
C ALA K 208 61.67 3.06 52.09
N VAL K 209 60.65 2.49 51.48
CA VAL K 209 59.82 1.56 52.21
C VAL K 209 60.62 0.42 52.74
N LYS K 210 60.36 0.01 53.97
CA LYS K 210 61.13 -1.07 54.58
C LYS K 210 60.28 -2.28 54.83
N PHE K 211 60.89 -3.44 54.82
CA PHE K 211 60.16 -4.68 55.05
C PHE K 211 60.61 -5.31 56.36
N ASP K 212 59.66 -5.62 57.23
CA ASP K 212 59.94 -6.28 58.50
C ASP K 212 59.09 -7.53 58.61
N ASP K 213 59.73 -8.66 58.87
CA ASP K 213 59.03 -9.94 59.02
C ASP K 213 58.65 -10.21 60.48
N SER K 214 57.97 -9.25 61.08
CA SER K 214 57.53 -9.38 62.47
C SER K 214 56.05 -9.08 62.65
N MET K 215 55.52 -8.10 61.93
CA MET K 215 54.12 -7.71 62.03
C MET K 215 53.47 -7.76 60.66
N ARG K 216 52.15 -7.91 60.66
CA ARG K 216 51.37 -8.02 59.43
C ARG K 216 50.73 -6.68 59.10
N THR K 217 50.79 -6.31 57.82
CA THR K 217 50.28 -5.02 57.38
C THR K 217 48.77 -4.94 57.59
N GLY K 218 48.32 -3.86 58.21
CA GLY K 218 46.91 -3.63 58.46
C GLY K 218 46.36 -4.30 59.69
N CYS K 219 47.03 -5.31 60.23
CA CYS K 219 46.55 -6.04 61.40
C CYS K 219 47.08 -5.40 62.67
N THR K 220 46.18 -5.11 63.60
CA THR K 220 46.53 -4.52 64.90
C THR K 220 45.85 -5.32 66.00
N HIS K 221 46.65 -5.95 66.86
CA HIS K 221 46.11 -6.77 67.94
C HIS K 221 45.60 -5.88 69.07
N MET K 222 44.41 -6.18 69.55
CA MET K 222 43.79 -5.43 70.63
C MET K 222 43.14 -6.39 71.62
N LYS K 223 43.02 -5.94 72.86
CA LYS K 223 42.40 -6.69 73.93
C LYS K 223 41.08 -6.01 74.32
N ILE K 224 40.01 -6.80 74.40
CA ILE K 224 38.69 -6.24 74.64
C ILE K 224 38.59 -5.63 76.03
N LYS K 225 38.79 -6.46 77.07
CA LYS K 225 38.75 -6.03 78.46
C LYS K 225 37.44 -5.32 78.81
N PHE K 226 36.36 -6.09 78.76
CA PHE K 226 35.04 -5.56 79.11
C PHE K 226 34.90 -5.43 80.61
N GLU K 227 35.24 -4.27 81.16
CA GLU K 227 35.18 -4.00 82.60
C GLU K 227 34.40 -2.70 82.80
N ASP K 228 33.09 -2.83 83.02
CA ASP K 228 32.18 -1.70 83.22
C ASP K 228 32.18 -0.74 82.04
N GLY K 229 32.59 -1.22 80.87
CA GLY K 229 32.68 -0.39 79.69
C GLY K 229 33.63 -0.95 78.66
N LYS K 230 33.33 -0.75 77.38
CA LYS K 230 34.16 -1.27 76.30
C LYS K 230 35.39 -0.38 76.18
N MET K 231 36.52 -0.85 76.73
CA MET K 231 37.78 -0.11 76.72
C MET K 231 38.87 -1.03 76.18
N LYS K 232 39.28 -0.81 74.94
CA LYS K 232 40.28 -1.63 74.28
C LYS K 232 41.65 -0.96 74.35
N VAL K 233 42.69 -1.79 74.35
CA VAL K 233 44.08 -1.33 74.42
C VAL K 233 44.87 -2.02 73.32
N GLU K 234 45.86 -1.31 72.78
CA GLU K 234 46.67 -1.83 71.69
C GLU K 234 47.86 -2.59 72.26
N LYS K 235 47.92 -3.90 71.99
CA LYS K 235 49.06 -4.70 72.42
C LYS K 235 50.18 -4.67 71.38
N VAL K 236 49.85 -4.98 70.13
CA VAL K 236 50.80 -4.96 69.03
C VAL K 236 50.29 -4.01 67.97
N LYS K 237 51.21 -3.26 67.36
CA LYS K 237 50.88 -2.28 66.34
C LYS K 237 51.26 -2.80 64.95
N GLU K 238 50.56 -2.27 63.94
CA GLU K 238 50.83 -2.64 62.57
C GLU K 238 52.16 -2.03 62.11
N PRO K 239 52.82 -2.64 61.12
CA PRO K 239 54.08 -2.06 60.62
C PRO K 239 53.90 -0.70 59.99
N ALA K 240 52.71 -0.41 59.45
CA ALA K 240 52.44 0.93 58.92
C ALA K 240 52.44 1.96 60.03
N GLU K 241 52.12 1.55 61.25
CA GLU K 241 52.09 2.45 62.40
C GLU K 241 53.32 2.33 63.29
N ASP K 242 54.29 1.50 62.92
CA ASP K 242 55.49 1.26 63.73
C ASP K 242 56.71 1.36 62.83
N SER K 243 57.29 2.55 62.73
CA SER K 243 58.51 2.79 61.96
C SER K 243 59.52 3.49 62.85
N LEU K 244 60.67 2.85 63.04
CA LEU K 244 61.72 3.38 63.89
C LEU K 244 62.63 4.32 63.10
N SER K 245 63.40 5.12 63.84
CA SER K 245 64.32 6.09 63.24
C SER K 245 65.79 5.72 63.49
N SER K 246 66.05 4.50 63.96
CA SER K 246 67.42 4.10 64.26
C SER K 246 68.19 3.82 62.97
N SER K 247 67.60 3.04 62.07
CA SER K 247 68.23 2.74 60.78
C SER K 247 67.26 2.73 59.62
N GLU K 248 66.00 3.09 59.83
CA GLU K 248 65.01 3.02 58.77
C GLU K 248 64.92 4.31 57.95
N LEU K 249 65.06 5.48 58.55
CA LEU K 249 64.90 6.67 57.75
C LEU K 249 66.03 6.67 56.75
N ASN K 250 65.71 6.85 55.47
CA ASN K 250 66.75 6.81 54.46
C ASN K 250 67.23 8.19 54.33
N LEU K 251 68.47 8.42 54.71
CA LEU K 251 68.99 9.75 54.71
C LEU K 251 69.01 10.31 53.33
N ASP K 252 69.34 9.50 52.36
CA ASP K 252 69.49 10.04 51.03
C ASP K 252 68.25 10.66 50.49
N VAL K 253 67.13 10.00 50.66
CA VAL K 253 65.93 10.52 50.08
C VAL K 253 65.67 11.84 50.74
N LEU K 254 65.90 11.92 52.03
CA LEU K 254 65.63 13.13 52.74
C LEU K 254 66.48 14.24 52.18
N LYS K 255 67.72 13.94 51.85
CA LYS K 255 68.60 14.97 51.37
C LYS K 255 68.09 15.58 50.08
N GLU K 256 67.68 14.73 49.15
CA GLU K 256 67.14 15.24 47.90
C GLU K 256 65.67 15.37 47.95
N ALA K 257 65.15 16.30 48.71
CA ALA K 257 63.74 16.51 48.70
C ALA K 257 63.47 17.91 49.06
N ARG K 258 62.39 18.44 48.54
CA ARG K 258 62.06 19.85 48.77
C ARG K 258 60.73 20.05 49.47
N ILE K 259 59.83 19.07 49.46
CA ILE K 259 58.55 19.17 50.13
C ILE K 259 58.31 17.87 50.90
N PHE K 260 58.08 17.98 52.20
CA PHE K 260 57.85 16.84 53.08
C PHE K 260 56.37 16.81 53.44
N HIS K 261 55.65 15.82 52.92
CA HIS K 261 54.22 15.70 53.13
C HIS K 261 53.92 14.67 54.21
N PHE K 262 53.07 15.04 55.16
CA PHE K 262 52.66 14.13 56.23
C PHE K 262 51.27 14.54 56.71
N ASN K 263 50.49 13.54 57.11
CA ASN K 263 49.13 13.75 57.58
C ASN K 263 49.09 13.73 59.11
N SER K 264 47.91 13.96 59.66
CA SER K 264 47.70 13.93 61.10
C SER K 264 47.48 12.52 61.63
N GLU K 265 47.46 11.50 60.76
CA GLU K 265 47.29 10.13 61.22
C GLU K 265 48.51 9.65 61.99
N VAL K 266 49.71 10.13 61.64
CA VAL K 266 50.91 9.74 62.36
C VAL K 266 50.95 10.30 63.76
N LEU K 267 50.14 11.31 64.06
CA LEU K 267 50.08 11.88 65.40
C LEU K 267 49.19 11.09 66.34
N THR K 268 48.41 10.15 65.83
CA THR K 268 47.54 9.31 66.65
C THR K 268 48.27 8.06 67.17
N SER K 269 49.57 7.97 66.96
CA SER K 269 50.37 6.84 67.42
C SER K 269 51.62 7.36 68.13
N SER K 270 51.91 6.79 69.30
CA SER K 270 53.05 7.23 70.10
C SER K 270 54.37 6.64 69.62
N SER K 271 54.37 5.88 68.53
CA SER K 271 55.60 5.30 68.01
C SER K 271 56.14 6.00 66.78
N MET K 272 55.29 6.71 66.03
CA MET K 272 55.72 7.44 64.84
C MET K 272 55.77 8.94 65.06
N ARG K 273 55.44 9.43 66.25
CA ARG K 273 55.54 10.85 66.53
C ARG K 273 56.99 11.31 66.57
N SER K 274 57.83 10.57 67.31
CA SER K 274 59.25 10.90 67.36
C SER K 274 59.91 10.69 66.00
N THR K 275 59.50 9.66 65.26
CA THR K 275 60.03 9.45 63.93
C THR K 275 59.67 10.61 63.01
N LEU K 276 58.43 11.08 63.08
CA LEU K 276 58.02 12.23 62.26
C LEU K 276 58.80 13.48 62.65
N PHE K 277 59.02 13.68 63.95
CA PHE K 277 59.79 14.85 64.38
C PHE K 277 61.22 14.79 63.89
N LYS K 278 61.85 13.61 63.95
CA LYS K 278 63.21 13.46 63.43
C LYS K 278 63.25 13.70 61.93
N ALA K 279 62.25 13.19 61.20
CA ALA K 279 62.21 13.40 59.76
C ALA K 279 62.05 14.87 59.42
N ILE K 280 61.18 15.59 60.15
CA ILE K 280 61.01 17.02 59.91
C ILE K 280 62.29 17.77 60.22
N SER K 281 62.97 17.39 61.30
CA SER K 281 64.24 18.05 61.66
C SER K 281 65.26 17.86 60.55
N LEU K 282 65.41 16.63 60.05
CA LEU K 282 66.39 16.39 58.99
C LEU K 282 66.01 17.10 57.70
N SER K 283 64.71 17.13 57.37
CA SER K 283 64.28 17.78 56.14
C SER K 283 64.51 19.29 56.21
N LYS K 284 64.29 19.90 57.37
CA LYS K 284 64.56 21.33 57.52
C LYS K 284 66.05 21.62 57.60
N LYS K 285 66.84 20.67 58.10
CA LYS K 285 68.29 20.85 58.10
C LYS K 285 68.85 20.80 56.69
N PHE K 286 68.32 19.92 55.85
CA PHE K 286 68.79 19.81 54.47
C PHE K 286 68.21 20.87 53.56
N GLY K 287 67.24 21.66 54.02
CA GLY K 287 66.70 22.74 53.23
C GLY K 287 65.45 22.36 52.46
N GLY K 288 64.49 21.74 53.14
CA GLY K 288 63.26 21.32 52.50
C GLY K 288 62.04 21.80 53.25
N LEU K 289 61.01 22.17 52.51
CA LEU K 289 59.77 22.64 53.10
C LEU K 289 58.97 21.48 53.67
N VAL K 290 58.03 21.80 54.54
CA VAL K 290 57.21 20.82 55.24
C VAL K 290 55.75 21.08 54.92
N PHE K 291 55.07 20.07 54.38
CA PHE K 291 53.66 20.17 54.03
C PHE K 291 52.84 19.41 55.06
N PHE K 292 51.78 20.05 55.56
CA PHE K 292 50.92 19.47 56.58
C PHE K 292 49.47 19.48 56.08
N ASP K 293 48.96 18.31 55.70
CA ASP K 293 47.57 18.13 55.33
C ASP K 293 46.91 17.35 56.46
N LEU K 294 45.98 17.99 57.18
CA LEU K 294 45.45 17.43 58.41
C LEU K 294 44.74 16.10 58.20
N ASN K 295 43.61 16.11 57.51
CA ASN K 295 42.74 14.93 57.38
C ASN K 295 42.51 14.29 58.75
N LEU K 296 41.87 15.04 59.63
CA LEU K 296 41.70 14.64 61.02
C LEU K 296 40.99 13.30 61.14
N PRO K 297 41.57 12.31 61.82
CA PRO K 297 40.89 11.02 61.98
C PRO K 297 39.69 11.11 62.92
N LEU K 298 39.05 9.96 63.17
CA LEU K 298 37.88 9.93 64.04
C LEU K 298 38.17 10.39 65.47
N PRO K 299 39.25 9.96 66.14
CA PRO K 299 39.48 10.43 67.52
C PRO K 299 39.75 11.92 67.64
N LEU K 300 40.13 12.59 66.55
CA LEU K 300 40.49 14.00 66.61
C LEU K 300 39.30 14.94 66.52
N TRP K 301 38.07 14.40 66.40
CA TRP K 301 36.87 15.22 66.33
C TRP K 301 36.12 15.28 67.65
N ARG K 302 36.75 14.89 68.75
CA ARG K 302 36.06 14.88 70.04
C ARG K 302 35.90 16.30 70.58
N SER K 303 37.00 16.99 70.82
CA SER K 303 36.99 18.35 71.33
C SER K 303 38.13 19.13 70.71
N ARG K 304 37.92 20.44 70.55
CA ARG K 304 38.94 21.25 69.89
C ARG K 304 40.15 21.51 70.79
N ASP K 305 39.96 21.45 72.11
CA ASP K 305 41.08 21.68 73.01
C ASP K 305 42.10 20.54 72.93
N GLU K 306 41.62 19.29 72.98
CA GLU K 306 42.53 18.15 72.90
C GLU K 306 43.18 18.07 71.52
N THR K 307 42.40 18.27 70.46
CA THR K 307 42.95 18.21 69.11
C THR K 307 43.90 19.37 68.83
N ARG K 308 43.74 20.48 69.55
CA ARG K 308 44.63 21.62 69.35
C ARG K 308 45.90 21.49 70.18
N ASN K 309 45.83 20.83 71.34
CA ASN K 309 47.01 20.53 72.13
C ASN K 309 47.75 19.30 71.64
N LEU K 310 47.14 18.50 70.78
CA LEU K 310 47.78 17.30 70.23
C LEU K 310 48.41 17.55 68.87
N ILE K 311 47.95 18.55 68.13
CA ILE K 311 48.48 18.85 66.80
C ILE K 311 49.16 20.21 66.81
N LYS K 312 49.73 20.59 67.96
CA LYS K 312 50.39 21.88 68.09
C LYS K 312 51.88 21.81 67.77
N GLU K 313 52.53 20.70 68.12
CA GLU K 313 53.97 20.58 67.85
C GLU K 313 54.24 20.50 66.35
N ALA K 314 53.42 19.75 65.62
CA ALA K 314 53.60 19.65 64.17
C ALA K 314 53.09 20.88 63.43
N TRP K 315 52.19 21.65 64.04
CA TRP K 315 51.68 22.85 63.38
C TRP K 315 52.76 23.94 63.33
N GLU K 316 53.57 24.05 64.39
CA GLU K 316 54.60 25.06 64.44
C GLU K 316 55.83 24.70 63.60
N GLN K 317 55.90 23.48 63.08
CA GLN K 317 57.00 23.04 62.23
C GLN K 317 56.51 22.72 60.83
N ALA K 318 55.56 23.51 60.33
CA ALA K 318 54.98 23.32 59.00
C ALA K 318 54.99 24.65 58.26
N ASN K 319 55.53 24.64 57.05
CA ASN K 319 55.58 25.85 56.24
C ASN K 319 54.34 26.03 55.38
N ILE K 320 53.78 24.93 54.88
CA ILE K 320 52.58 24.96 54.03
C ILE K 320 51.56 24.01 54.65
N ILE K 321 50.39 24.56 55.01
CA ILE K 321 49.33 23.80 55.65
C ILE K 321 48.08 23.92 54.79
N GLU K 322 47.44 22.78 54.51
CA GLU K 322 46.20 22.74 53.73
C GLU K 322 45.10 22.18 54.63
N VAL K 323 44.44 23.07 55.36
CA VAL K 323 43.35 22.70 56.24
C VAL K 323 42.08 22.53 55.42
N SER K 324 41.04 21.97 56.02
CA SER K 324 39.71 21.93 55.42
C SER K 324 38.83 22.99 56.07
N ARG K 325 37.71 23.28 55.40
CA ARG K 325 36.78 24.27 55.92
C ARG K 325 36.17 23.82 57.25
N GLN K 326 35.66 22.58 57.28
CA GLN K 326 35.11 22.04 58.51
C GLN K 326 36.18 21.94 59.59
N GLU K 327 37.41 21.56 59.20
CA GLU K 327 38.50 21.48 60.16
C GLU K 327 38.87 22.86 60.69
N LEU K 328 38.91 23.87 59.82
CA LEU K 328 39.22 25.22 60.26
C LEU K 328 38.16 25.74 61.22
N GLU K 329 36.89 25.46 60.93
CA GLU K 329 35.82 25.89 61.83
C GLU K 329 35.90 25.14 63.16
N PHE K 330 36.18 23.83 63.12
CA PHE K 330 36.31 23.06 64.34
C PHE K 330 37.48 23.55 65.19
N LEU K 331 38.53 24.06 64.55
CA LEU K 331 39.67 24.58 65.30
C LEU K 331 39.36 25.95 65.89
N LEU K 332 38.76 26.84 65.09
CA LEU K 332 38.49 28.18 65.59
C LEU K 332 37.18 28.24 66.38
N ASP K 333 36.05 27.98 65.73
CA ASP K 333 34.75 28.01 66.38
C ASP K 333 33.70 27.40 65.47
N GLU K 334 32.90 26.48 65.99
CA GLU K 334 31.92 25.80 65.15
C GLU K 334 30.54 26.46 65.24
N GLU K 335 30.04 26.67 66.45
CA GLU K 335 28.72 27.27 66.62
C GLU K 335 28.68 28.71 66.12
N HIS K 336 29.78 29.45 66.25
CA HIS K 336 29.81 30.83 65.78
C HIS K 336 29.58 30.90 64.27
N TYR K 337 30.33 30.11 63.51
CA TYR K 337 30.16 30.11 62.06
C TYR K 337 28.84 29.47 61.64
N GLU K 338 28.38 28.47 62.40
CA GLU K 338 27.08 27.87 62.10
C GLU K 338 25.95 28.88 62.27
N ARG K 339 26.09 29.79 63.23
CA ARG K 339 25.11 30.85 63.40
C ARG K 339 25.29 31.97 62.37
N LYS K 340 26.55 32.25 61.99
CA LYS K 340 26.80 33.28 60.99
C LYS K 340 26.21 32.88 59.63
N ARG K 341 26.33 31.61 59.26
CA ARG K 341 25.79 31.18 57.97
C ARG K 341 24.28 31.09 57.95
N ASN K 342 23.60 31.46 59.04
CA ASN K 342 22.15 31.48 59.13
C ASN K 342 21.68 32.81 59.70
N TYR K 343 22.23 33.91 59.17
CA TYR K 343 21.93 35.23 59.70
C TYR K 343 20.46 35.59 59.52
N ARG K 344 19.90 35.29 58.34
CA ARG K 344 18.49 35.50 58.03
C ARG K 344 18.10 36.96 58.18
N PRO K 345 18.48 37.83 57.24
CA PRO K 345 17.98 39.21 57.27
C PRO K 345 16.47 39.23 57.12
N GLN K 346 15.83 40.12 57.87
CA GLN K 346 14.36 40.15 57.92
C GLN K 346 13.76 41.35 57.20
N TYR K 347 14.39 42.51 57.26
CA TYR K 347 13.81 43.70 56.64
C TYR K 347 14.30 43.91 55.21
N PHE K 348 15.62 44.02 55.02
CA PHE K 348 16.19 44.30 53.71
C PHE K 348 17.41 43.42 53.48
N ALA K 349 17.96 43.52 52.27
CA ALA K 349 19.22 42.88 51.92
C ALA K 349 20.29 43.97 51.86
N GLU K 350 21.24 43.92 52.80
CA GLU K 350 22.22 44.99 52.89
C GLU K 350 23.27 44.88 51.79
N ASN K 351 23.86 43.70 51.61
CA ASN K 351 24.94 43.52 50.65
C ASN K 351 24.48 43.60 49.21
N PHE K 352 23.18 43.70 48.96
CA PHE K 352 22.56 43.79 47.63
C PHE K 352 22.73 42.51 46.82
N GLU K 353 23.42 41.49 47.35
CA GLU K 353 23.54 40.21 46.70
C GLU K 353 23.02 39.06 47.54
N GLN K 354 22.46 39.36 48.72
CA GLN K 354 21.86 38.34 49.58
C GLN K 354 20.40 38.08 49.25
N THR K 355 19.83 38.80 48.27
CA THR K 355 18.45 38.59 47.88
C THR K 355 18.26 37.32 47.05
N LYS K 356 19.32 36.83 46.40
CA LYS K 356 19.22 35.63 45.59
C LYS K 356 19.15 34.36 46.42
N GLN K 357 19.54 34.42 47.69
CA GLN K 357 19.49 33.28 48.60
C GLN K 357 20.29 32.09 48.05
N ARG K 358 21.60 32.32 47.88
CA ARG K 358 22.51 31.30 47.40
C ARG K 358 23.30 30.72 48.57
N ARG K 359 24.26 29.85 48.25
CA ARG K 359 25.10 29.26 49.28
C ARG K 359 26.01 30.31 49.89
N ASP K 360 26.57 29.98 51.06
CA ASP K 360 27.43 30.89 51.81
C ASP K 360 28.88 30.45 51.64
N TYR K 361 29.60 31.13 50.76
CA TYR K 361 31.04 30.92 50.58
C TYR K 361 31.76 32.02 51.33
N TYR K 362 31.88 31.83 52.65
CA TYR K 362 32.42 32.86 53.52
C TYR K 362 33.94 32.87 53.42
N HIS K 363 34.51 34.01 53.05
CA HIS K 363 35.94 34.21 52.99
C HIS K 363 36.42 34.70 54.36
N TYR K 364 37.15 33.86 55.07
CA TYR K 364 37.63 34.21 56.40
C TYR K 364 38.63 35.36 56.32
N THR K 365 38.40 36.39 57.12
CA THR K 365 39.31 37.52 57.14
C THR K 365 40.66 37.11 57.70
N PRO K 366 41.74 37.79 57.31
CA PRO K 366 43.07 37.41 57.82
C PRO K 366 43.23 37.58 59.31
N ALA K 367 42.33 38.33 59.97
CA ALA K 367 42.41 38.48 61.42
C ALA K 367 41.84 37.28 62.15
N GLU K 368 40.92 36.54 61.52
CA GLU K 368 40.36 35.36 62.15
C GLU K 368 41.35 34.21 62.21
N ILE K 369 42.25 34.13 61.22
CA ILE K 369 43.27 33.08 61.19
C ILE K 369 44.51 33.46 61.98
N ALA K 370 44.53 34.64 62.60
CA ALA K 370 45.71 35.08 63.35
C ALA K 370 46.18 34.11 64.43
N PRO K 371 45.30 33.51 65.26
CA PRO K 371 45.81 32.56 66.27
C PRO K 371 46.44 31.30 65.69
N LEU K 372 46.38 31.10 64.37
CA LEU K 372 46.97 29.93 63.74
C LEU K 372 48.23 30.26 62.94
N TRP K 373 48.58 31.53 62.82
CA TRP K 373 49.78 31.91 62.07
C TRP K 373 51.02 31.83 62.96
N HIS K 374 52.16 31.69 62.30
CA HIS K 374 53.45 31.70 62.98
C HIS K 374 54.51 32.24 62.01
N ASP K 375 55.76 32.28 62.47
CA ASP K 375 56.81 32.87 61.66
C ASP K 375 57.16 32.01 60.45
N GLY K 376 57.27 30.70 60.65
CA GLY K 376 57.67 29.81 59.57
C GLY K 376 56.61 29.46 58.56
N LEU K 377 55.39 29.98 58.71
CA LEU K 377 54.32 29.64 57.79
C LEU K 377 54.43 30.47 56.52
N LYS K 378 54.31 29.80 55.36
CA LYS K 378 54.42 30.44 54.06
C LYS K 378 53.08 30.55 53.33
N LEU K 379 52.27 29.50 53.35
CA LEU K 379 50.98 29.50 52.67
C LEU K 379 49.97 28.70 53.48
N LEU K 380 48.70 29.00 53.25
CA LEU K 380 47.59 28.29 53.88
C LEU K 380 46.48 28.12 52.87
N PHE K 381 45.73 27.03 53.01
CA PHE K 381 44.65 26.71 52.07
C PHE K 381 43.46 26.17 52.84
N VAL K 382 42.28 26.76 52.62
CA VAL K 382 41.08 26.33 53.34
C VAL K 382 40.43 25.14 52.66
N THR K 383 40.44 25.10 51.33
CA THR K 383 40.07 23.92 50.56
C THR K 383 38.66 23.43 50.90
N ASP K 384 37.67 24.24 50.55
CA ASP K 384 36.27 23.82 50.67
C ASP K 384 36.01 22.55 49.87
N GLY K 385 36.75 22.33 48.79
CA GLY K 385 36.67 21.10 48.02
C GLY K 385 36.06 21.30 46.65
N THR K 386 36.92 21.44 45.64
CA THR K 386 36.56 21.58 44.23
C THR K 386 35.62 22.74 43.96
N LEU K 387 35.35 23.58 44.96
CA LEU K 387 34.51 24.76 44.81
C LEU K 387 35.25 26.04 45.12
N ARG K 388 35.85 26.15 46.30
CA ARG K 388 36.58 27.33 46.71
C ARG K 388 37.90 26.91 47.34
N LEU K 389 38.96 27.66 47.06
CA LEU K 389 40.30 27.39 47.57
C LEU K 389 40.83 28.70 48.14
N HIS K 390 40.52 28.97 49.41
CA HIS K 390 40.98 30.19 50.06
C HIS K 390 42.46 30.06 50.41
N TYR K 391 43.29 30.90 49.80
CA TYR K 391 44.72 30.91 50.05
C TYR K 391 45.10 32.14 50.87
N TYR K 392 45.93 31.94 51.89
CA TYR K 392 46.35 33.00 52.79
C TYR K 392 47.87 33.02 52.86
N SER K 393 48.46 34.15 52.50
CA SER K 393 49.88 34.40 52.57
C SER K 393 50.15 35.54 53.52
N PRO K 394 51.39 35.67 54.03
CA PRO K 394 51.70 36.79 54.93
C PRO K 394 51.64 38.17 54.29
N SER K 395 51.24 38.27 53.02
CA SER K 395 51.16 39.55 52.35
C SER K 395 49.87 39.77 51.56
N PHE K 396 49.08 38.73 51.31
CA PHE K 396 47.87 38.87 50.51
C PHE K 396 46.95 37.68 50.74
N ASP K 397 45.68 37.85 50.38
CA ASP K 397 44.67 36.80 50.48
C ASP K 397 44.00 36.59 49.13
N GLY K 398 42.94 35.79 49.10
CA GLY K 398 42.21 35.57 47.87
C GLY K 398 41.37 34.31 47.95
N VAL K 399 40.76 33.98 46.82
CA VAL K 399 39.91 32.80 46.70
C VAL K 399 39.77 32.46 45.22
N VAL K 400 39.71 31.17 44.93
CA VAL K 400 39.53 30.66 43.57
C VAL K 400 38.21 29.91 43.53
N VAL K 401 37.56 29.93 42.36
CA VAL K 401 36.23 29.34 42.18
C VAL K 401 36.37 28.01 41.48
N GLY K 402 35.49 27.07 41.84
CA GLY K 402 35.49 25.74 41.23
C GLY K 402 34.18 25.42 40.52
N THR K 403 34.01 24.16 40.11
CA THR K 403 32.84 23.75 39.34
C THR K 403 31.98 22.73 40.06
N GLU K 404 32.55 21.59 40.47
CA GLU K 404 31.81 20.52 41.16
C GLU K 404 30.65 20.01 40.29
N ASP K 405 31.01 19.32 39.21
CA ASP K 405 30.07 18.80 38.24
C ASP K 405 30.00 17.27 38.28
N VAL K 406 29.99 16.70 39.48
CA VAL K 406 30.01 15.24 39.63
C VAL K 406 28.74 14.58 39.11
N LEU K 407 27.67 15.35 38.88
CA LEU K 407 26.42 14.78 38.40
C LEU K 407 26.44 14.46 36.92
N ILE K 408 27.54 14.72 36.22
CA ILE K 408 27.63 14.40 34.80
C ILE K 408 27.79 12.90 34.56
N THR K 409 28.21 12.15 35.58
CA THR K 409 28.35 10.69 35.50
C THR K 409 27.76 10.11 36.77
N PRO K 410 26.44 9.91 36.81
CA PRO K 410 25.82 9.43 38.05
C PRO K 410 26.19 7.99 38.40
N PHE K 411 26.50 7.16 37.40
CA PHE K 411 26.73 5.75 37.68
C PHE K 411 28.11 5.49 38.26
N THR K 412 29.09 6.35 38.00
CA THR K 412 30.40 6.21 38.63
C THR K 412 30.46 7.05 39.90
N CYS K 413 30.36 8.37 39.73
CA CYS K 413 30.08 9.34 40.80
C CYS K 413 30.72 8.94 42.13
N ASP K 414 32.05 8.79 42.10
CA ASP K 414 32.81 8.42 43.29
C ASP K 414 33.85 9.49 43.58
N ARG K 415 33.77 10.07 44.76
CA ARG K 415 34.69 11.10 45.21
C ARG K 415 35.50 10.62 46.41
N THR K 416 35.95 9.36 46.36
CA THR K 416 36.70 8.80 47.49
C THR K 416 38.03 9.53 47.67
N GLY K 417 38.75 9.76 46.58
CA GLY K 417 39.97 10.55 46.65
C GLY K 417 39.86 11.81 45.81
N SER K 418 39.68 12.93 46.46
CA SER K 418 39.59 14.19 45.75
C SER K 418 40.56 15.23 46.29
N GLY K 419 40.80 15.24 47.61
CA GLY K 419 41.79 16.15 48.16
C GLY K 419 43.21 15.74 47.84
N ASP K 420 43.44 14.44 47.62
CA ASP K 420 44.78 13.99 47.27
C ASP K 420 45.23 14.58 45.94
N ALA K 421 44.32 14.63 44.96
CA ALA K 421 44.66 15.22 43.67
C ALA K 421 44.95 16.71 43.80
N VAL K 422 44.19 17.41 44.64
CA VAL K 422 44.41 18.83 44.84
C VAL K 422 45.77 19.07 45.49
N VAL K 423 46.10 18.28 46.52
CA VAL K 423 47.40 18.43 47.18
C VAL K 423 48.53 18.11 46.20
N ALA K 424 48.35 17.08 45.38
CA ALA K 424 49.38 16.73 44.40
C ALA K 424 49.58 17.85 43.38
N GLY K 425 48.50 18.43 42.90
CA GLY K 425 48.62 19.55 41.96
C GLY K 425 49.29 20.76 42.58
N ILE K 426 48.93 21.07 43.84
CA ILE K 426 49.56 22.19 44.53
C ILE K 426 51.05 21.94 44.69
N MET K 427 51.43 20.72 45.09
CA MET K 427 52.85 20.41 45.27
C MET K 427 53.60 20.47 43.94
N ARG K 428 52.98 19.99 42.86
CA ARG K 428 53.62 20.04 41.55
C ARG K 428 53.85 21.48 41.12
N LYS K 429 52.82 22.33 41.25
CA LYS K 429 52.97 23.72 40.82
C LYS K 429 53.94 24.49 41.73
N LEU K 430 54.04 24.10 43.01
CA LEU K 430 55.00 24.76 43.88
C LEU K 430 56.43 24.34 43.55
N THR K 431 56.64 23.06 43.26
CA THR K 431 57.98 22.59 42.92
C THR K 431 58.42 23.09 41.55
N THR K 432 57.48 23.37 40.65
CA THR K 432 57.84 23.85 39.33
C THR K 432 57.87 25.37 39.25
N GLN K 433 56.88 26.06 39.83
CA GLN K 433 56.81 27.50 39.76
C GLN K 433 57.29 28.10 41.07
N PRO K 434 58.43 28.80 41.12
CA PRO K 434 58.88 29.41 42.36
C PRO K 434 58.26 30.77 42.65
N GLU K 435 57.56 31.37 41.68
CA GLU K 435 56.97 32.68 41.85
C GLU K 435 55.62 32.65 42.57
N MET K 436 55.12 31.47 42.93
CA MET K 436 53.84 31.37 43.61
C MET K 436 53.87 31.93 45.03
N TYR K 437 55.04 32.26 45.56
CA TYR K 437 55.15 32.77 46.91
C TYR K 437 55.02 34.29 46.99
N HIS K 438 55.45 35.00 45.95
CA HIS K 438 55.44 36.46 45.94
C HIS K 438 54.59 37.02 44.81
N ASP K 439 53.52 36.33 44.45
CA ASP K 439 52.64 36.79 43.40
C ASP K 439 51.25 36.19 43.63
N GLN K 440 50.22 36.97 43.32
CA GLN K 440 48.83 36.57 43.56
C GLN K 440 48.16 36.00 42.32
N ASP K 441 48.41 36.57 41.14
CA ASP K 441 47.81 36.06 39.92
C ASP K 441 48.37 34.69 39.56
N VAL K 442 49.70 34.54 39.66
CA VAL K 442 50.33 33.24 39.40
C VAL K 442 49.77 32.18 40.33
N LEU K 443 49.53 32.54 41.60
CA LEU K 443 49.00 31.58 42.55
C LEU K 443 47.62 31.08 42.12
N GLU K 444 46.76 31.98 41.66
CA GLU K 444 45.43 31.57 41.21
C GLU K 444 45.52 30.72 39.94
N ARG K 445 46.34 31.14 38.99
CA ARG K 445 46.48 30.39 37.76
C ARG K 445 47.05 29.00 38.00
N GLN K 446 47.80 28.82 39.08
CA GLN K 446 48.34 27.51 39.42
C GLN K 446 47.40 26.69 40.28
N LEU K 447 46.56 27.33 41.11
CA LEU K 447 45.58 26.60 41.89
C LEU K 447 44.40 26.13 41.05
N ARG K 448 44.11 26.80 39.94
CA ARG K 448 43.10 26.29 39.02
C ARG K 448 43.48 24.92 38.49
N PHE K 449 44.79 24.64 38.36
CA PHE K 449 45.24 23.32 37.95
C PHE K 449 44.84 22.25 38.96
N ALA K 450 45.08 22.53 40.25
CA ALA K 450 44.69 21.59 41.29
C ALA K 450 43.17 21.43 41.36
N ILE K 451 42.43 22.52 41.13
CA ILE K 451 40.98 22.42 41.11
C ILE K 451 40.51 21.50 39.99
N ALA K 452 41.10 21.65 38.80
CA ALA K 452 40.74 20.79 37.67
C ALA K 452 41.10 19.34 37.95
N ALA K 453 42.25 19.11 38.59
CA ALA K 453 42.63 17.74 38.94
C ALA K 453 41.64 17.13 39.92
N GLY K 454 41.25 17.88 40.94
CA GLY K 454 40.26 17.38 41.88
C GLY K 454 38.90 17.15 41.25
N ILE K 455 38.55 17.94 40.25
CA ILE K 455 37.29 17.73 39.54
C ILE K 455 37.34 16.44 38.73
N ILE K 456 38.45 16.21 38.03
CA ILE K 456 38.56 14.98 37.24
C ILE K 456 38.61 13.76 38.14
N SER K 457 39.22 13.89 39.32
CA SER K 457 39.36 12.72 40.19
C SER K 457 38.06 12.26 40.84
N GLN K 458 36.90 12.79 40.46
CA GLN K 458 35.62 12.39 41.05
C GLN K 458 34.73 11.63 40.08
N TRP K 459 35.25 11.23 38.93
CA TRP K 459 34.47 10.55 37.90
C TRP K 459 34.86 9.09 37.73
N THR K 460 35.39 8.47 38.78
CA THR K 460 35.84 7.09 38.71
C THR K 460 35.75 6.46 40.09
N ILE K 461 35.24 5.23 40.14
CA ILE K 461 35.15 4.48 41.39
C ILE K 461 36.55 3.99 41.75
N GLY K 462 37.09 4.50 42.85
CA GLY K 462 38.44 4.17 43.27
C GLY K 462 39.35 5.38 43.14
N ALA K 463 40.21 5.57 44.14
CA ALA K 463 41.12 6.71 44.12
C ALA K 463 42.31 6.48 43.20
N VAL K 464 42.99 5.35 43.36
CA VAL K 464 44.14 5.05 42.52
C VAL K 464 43.71 4.75 41.09
N ARG K 465 42.46 4.30 40.91
CA ARG K 465 41.99 3.93 39.58
C ARG K 465 41.71 5.15 38.71
N GLY K 466 41.29 6.26 39.32
CA GLY K 466 40.88 7.41 38.54
C GLY K 466 41.68 8.68 38.76
N PHE K 467 42.97 8.53 39.03
CA PHE K 467 43.83 9.71 39.15
C PHE K 467 44.18 10.23 37.75
N PRO K 468 43.99 11.50 37.49
CA PRO K 468 44.19 12.02 36.13
C PRO K 468 45.67 12.28 35.83
N THR K 469 45.93 12.49 34.54
CA THR K 469 47.25 12.88 34.06
C THR K 469 47.32 14.39 33.89
N GLU K 470 48.52 14.87 33.56
CA GLU K 470 48.71 16.32 33.42
C GLU K 470 47.97 16.86 32.21
N SER K 471 47.98 16.13 31.10
CA SER K 471 47.33 16.60 29.89
C SER K 471 45.82 16.71 30.07
N ALA K 472 45.21 15.73 30.73
CA ALA K 472 43.76 15.78 30.95
C ALA K 472 43.38 16.95 31.85
N THR K 473 44.16 17.18 32.91
CA THR K 473 43.87 18.29 33.81
C THR K 473 44.05 19.64 33.12
N GLN K 474 45.09 19.76 32.28
CA GLN K 474 45.27 21.00 31.54
C GLN K 474 44.14 21.21 30.53
N ASN K 475 43.68 20.13 29.89
CA ASN K 475 42.56 20.23 28.97
C ASN K 475 41.29 20.68 29.70
N LEU K 476 41.05 20.15 30.90
CA LEU K 476 39.88 20.57 31.66
C LEU K 476 40.00 22.02 32.10
N LYS K 477 41.21 22.44 32.50
CA LYS K 477 41.41 23.84 32.87
C LYS K 477 41.16 24.77 31.69
N GLU K 478 41.57 24.35 30.50
CA GLU K 478 41.34 25.17 29.31
C GLU K 478 39.91 25.13 28.81
N GLN K 479 39.17 24.07 29.11
CA GLN K 479 37.78 23.96 28.67
C GLN K 479 36.80 24.60 29.64
N VAL K 480 37.11 24.61 30.93
CA VAL K 480 36.21 25.20 31.93
C VAL K 480 36.39 26.71 32.01
N TYR K 481 37.61 27.17 32.22
CA TYR K 481 37.88 28.58 32.39
C TYR K 481 37.95 29.29 31.05
N VAL K 482 37.96 30.61 31.09
CA VAL K 482 38.08 31.45 29.91
C VAL K 482 39.57 31.68 29.63
N PRO K 483 39.96 32.00 28.40
CA PRO K 483 41.40 32.16 28.11
C PRO K 483 42.10 33.20 28.96
N SER K 484 41.38 34.20 29.48
CA SER K 484 42.01 35.21 30.33
C SER K 484 42.36 34.65 31.70
N MET K 485 41.80 33.51 32.08
CA MET K 485 42.11 32.93 33.39
C MET K 485 43.48 32.26 33.39
N TRP K 486 43.69 31.31 32.49
CA TRP K 486 44.97 30.61 32.43
C TRP K 486 45.96 31.40 31.58
N GLU L 260 93.49 -34.65 -47.26
CA GLU L 260 92.98 -36.00 -47.44
C GLU L 260 91.47 -36.05 -47.21
N GLU L 261 90.73 -35.27 -48.01
CA GLU L 261 89.29 -35.21 -47.88
C GLU L 261 88.70 -34.68 -49.19
N LEU L 262 87.46 -35.07 -49.46
CA LEU L 262 86.76 -34.68 -50.68
C LEU L 262 85.62 -33.73 -50.35
N ASP L 263 85.44 -32.72 -51.19
CA ASP L 263 84.40 -31.72 -51.01
C ASP L 263 83.66 -31.50 -52.31
N PHE L 264 82.34 -31.37 -52.23
CA PHE L 264 81.48 -31.11 -53.38
C PHE L 264 80.83 -29.74 -53.15
N ASP L 265 81.44 -28.69 -53.70
CA ASP L 265 80.90 -27.34 -53.51
C ASP L 265 79.72 -27.07 -54.43
N GLY L 266 79.92 -27.15 -55.74
CA GLY L 266 78.85 -26.90 -56.68
C GLY L 266 78.35 -25.46 -56.57
N GLY L 267 77.03 -25.32 -56.55
CA GLY L 267 76.44 -24.00 -56.40
C GLY L 267 76.50 -23.53 -54.95
N GLU L 268 76.76 -22.23 -54.79
CA GLU L 268 76.90 -21.62 -53.47
C GLU L 268 75.55 -21.04 -53.06
N ASP L 269 74.87 -21.73 -52.14
CA ASP L 269 73.59 -21.29 -51.60
C ASP L 269 73.71 -20.96 -50.12
N ILE L 270 74.81 -20.32 -49.74
CA ILE L 270 75.07 -20.06 -48.32
C ILE L 270 74.20 -18.92 -47.81
N SER L 271 74.23 -17.77 -48.49
CA SER L 271 73.51 -16.59 -48.05
C SER L 271 72.08 -16.53 -48.59
N PHE L 272 71.63 -17.55 -49.31
CA PHE L 272 70.31 -17.50 -49.92
C PHE L 272 69.21 -17.88 -48.93
N SER L 273 69.26 -19.09 -48.39
CA SER L 273 68.21 -19.59 -47.50
C SER L 273 68.79 -20.50 -46.43
N TYR L 274 69.84 -20.03 -45.75
CA TYR L 274 70.38 -20.78 -44.62
C TYR L 274 69.73 -20.44 -43.29
N GLY L 275 69.11 -19.27 -43.17
CA GLY L 275 68.49 -18.86 -41.92
C GLY L 275 69.51 -18.50 -40.85
N TRP L 276 69.05 -17.82 -39.81
CA TRP L 276 69.98 -17.39 -38.76
C TRP L 276 70.42 -18.56 -37.89
N PRO L 277 69.51 -19.30 -37.24
CA PRO L 277 69.95 -20.35 -36.31
C PRO L 277 70.83 -21.37 -37.02
N PRO L 278 72.10 -21.46 -36.63
CA PRO L 278 73.02 -22.37 -37.33
C PRO L 278 72.61 -23.82 -37.14
N LEU L 279 72.59 -24.56 -38.24
CA LEU L 279 72.24 -25.98 -38.19
C LEU L 279 73.28 -26.75 -37.39
N VAL L 280 72.81 -27.68 -36.57
CA VAL L 280 73.67 -28.54 -35.76
C VAL L 280 73.48 -29.97 -36.22
N CYS L 281 74.58 -30.62 -36.59
CA CYS L 281 74.56 -32.00 -37.08
C CYS L 281 74.90 -32.92 -35.92
N CYS L 282 73.90 -33.69 -35.46
CA CYS L 282 74.08 -34.66 -34.39
C CYS L 282 74.30 -36.03 -35.03
N PHE L 283 75.52 -36.54 -34.94
CA PHE L 283 75.90 -37.80 -35.56
C PHE L 283 75.80 -38.94 -34.56
N GLY L 284 75.49 -40.13 -35.06
CA GLY L 284 75.40 -41.30 -34.22
C GLY L 284 74.27 -42.23 -34.60
N ALA L 285 73.78 -43.00 -33.64
CA ALA L 285 72.70 -43.94 -33.84
C ALA L 285 71.40 -43.37 -33.31
N ALA L 286 70.29 -43.98 -33.73
CA ALA L 286 68.95 -43.61 -33.29
C ALA L 286 68.36 -44.78 -32.53
N GLN L 287 68.33 -44.67 -31.21
CA GLN L 287 67.83 -45.73 -30.34
C GLN L 287 66.73 -45.17 -29.44
N HIS L 288 66.17 -46.04 -28.61
CA HIS L 288 65.07 -45.66 -27.72
C HIS L 288 65.35 -46.24 -26.35
N ALA L 289 65.51 -45.36 -25.36
CA ALA L 289 65.75 -45.75 -23.97
C ALA L 289 67.00 -46.65 -23.86
N PHE L 290 68.15 -46.11 -24.26
CA PHE L 290 69.38 -46.87 -24.16
C PHE L 290 70.35 -46.07 -23.35
N VAL L 291 70.88 -46.65 -22.29
CA VAL L 291 71.81 -45.95 -21.44
C VAL L 291 73.15 -46.58 -21.56
N PRO L 292 74.16 -45.78 -21.87
CA PRO L 292 75.47 -46.36 -22.10
C PRO L 292 76.02 -47.09 -20.92
N SER L 293 76.27 -46.39 -19.83
CA SER L 293 76.86 -47.00 -18.65
C SER L 293 76.34 -46.28 -17.41
N GLY L 294 76.87 -46.64 -16.25
CA GLY L 294 76.46 -46.01 -15.01
C GLY L 294 77.52 -46.14 -13.93
N ARG L 295 77.81 -45.04 -13.24
CA ARG L 295 78.82 -45.02 -12.20
C ARG L 295 78.23 -44.45 -10.92
N PRO L 296 78.71 -44.92 -9.76
CA PRO L 296 78.23 -44.35 -8.49
C PRO L 296 78.58 -42.88 -8.37
N SER L 297 77.61 -42.10 -7.93
CA SER L 297 77.77 -40.65 -7.84
C SER L 297 77.01 -40.13 -6.62
N ASN L 298 77.06 -38.82 -6.43
CA ASN L 298 76.41 -38.15 -5.32
C ASN L 298 75.42 -37.12 -5.85
N ARG L 299 74.76 -36.43 -4.93
CA ARG L 299 73.70 -35.50 -5.29
C ARG L 299 73.44 -34.56 -4.13
N LEU L 300 73.15 -33.30 -4.45
CA LEU L 300 72.77 -32.30 -3.44
C LEU L 300 71.27 -32.42 -3.18
N VAL L 301 70.91 -32.88 -1.98
CA VAL L 301 69.53 -33.03 -1.58
C VAL L 301 69.40 -32.62 -0.12
N ASP L 302 68.15 -32.44 0.32
CA ASP L 302 67.83 -32.09 1.70
C ASP L 302 67.42 -33.38 2.41
N HIS L 303 68.32 -33.90 3.25
CA HIS L 303 68.05 -35.16 3.93
C HIS L 303 67.02 -35.01 5.04
N GLU L 304 66.86 -33.79 5.58
CA GLU L 304 65.80 -33.57 6.57
C GLU L 304 64.43 -33.75 5.96
N TRP L 305 64.26 -33.38 4.69
CA TRP L 305 62.99 -33.57 4.00
C TRP L 305 62.82 -34.99 3.48
N HIS L 306 63.92 -35.72 3.29
CA HIS L 306 63.82 -37.11 2.82
C HIS L 306 63.57 -38.08 3.97
N GLU L 307 64.10 -37.80 5.16
CA GLU L 307 63.89 -38.69 6.29
C GLU L 307 62.47 -38.63 6.83
N ARG L 308 61.76 -37.53 6.59
CA ARG L 308 60.38 -37.40 7.05
C ARG L 308 59.38 -37.94 6.06
N MET L 309 59.66 -37.85 4.77
CA MET L 309 58.78 -38.36 3.71
C MET L 309 59.32 -39.65 3.10
N LYS L 310 59.90 -40.52 3.93
CA LYS L 310 60.47 -41.76 3.42
C LYS L 310 59.42 -42.71 2.86
N ASP L 311 58.15 -42.55 3.27
CA ASP L 311 57.09 -43.42 2.79
C ASP L 311 56.45 -42.93 1.51
N ALA L 312 56.74 -41.71 1.07
CA ALA L 312 56.11 -41.14 -0.12
C ALA L 312 57.10 -40.76 -1.20
N ILE L 313 58.39 -40.65 -0.89
CA ILE L 313 59.42 -40.23 -1.84
C ILE L 313 60.23 -41.45 -2.24
N TRP L 314 60.42 -41.62 -3.55
CA TRP L 314 61.25 -42.70 -4.08
C TRP L 314 62.71 -42.22 -4.10
N ASP L 315 63.50 -42.70 -3.15
CA ASP L 315 64.93 -42.42 -3.10
C ASP L 315 65.68 -43.74 -3.23
N PRO L 316 66.49 -43.92 -4.27
CA PRO L 316 67.17 -45.20 -4.44
C PRO L 316 68.23 -45.42 -3.37
N GLU L 317 68.47 -46.70 -3.06
CA GLU L 317 69.47 -47.05 -2.05
C GLU L 317 70.86 -46.59 -2.48
N LYS L 318 71.34 -47.11 -3.61
CA LYS L 318 72.61 -46.69 -4.19
C LYS L 318 72.32 -45.86 -5.44
N PHE L 319 72.78 -44.62 -5.43
CA PHE L 319 72.54 -43.71 -6.55
C PHE L 319 73.57 -43.92 -7.63
N THR L 320 73.11 -44.14 -8.86
CA THR L 320 73.97 -44.34 -10.02
C THR L 320 73.46 -43.48 -11.16
N ARG L 321 74.28 -42.54 -11.63
CA ARG L 321 73.92 -41.64 -12.70
C ARG L 321 74.56 -42.08 -14.01
N ALA L 322 73.77 -42.11 -15.07
CA ALA L 322 74.30 -42.39 -16.39
C ALA L 322 74.89 -41.12 -17.02
N PRO L 323 75.93 -41.26 -17.83
CA PRO L 323 76.53 -40.07 -18.45
C PRO L 323 75.57 -39.30 -19.33
N GLY L 324 74.74 -40.00 -20.09
CA GLY L 324 73.78 -39.33 -20.95
C GLY L 324 72.84 -40.33 -21.59
N GLY L 325 72.13 -39.85 -22.62
CA GLY L 325 71.23 -40.70 -23.36
C GLY L 325 71.80 -41.12 -24.69
N CYS L 326 71.21 -40.61 -25.78
CA CYS L 326 71.65 -40.93 -27.12
C CYS L 326 71.70 -39.65 -27.94
N SER L 327 72.18 -39.77 -29.18
CA SER L 327 72.25 -38.61 -30.07
C SER L 327 70.85 -38.13 -30.45
N SER L 328 69.92 -39.07 -30.62
CA SER L 328 68.54 -38.68 -30.96
C SER L 328 67.90 -37.90 -29.83
N ASN L 329 68.17 -38.28 -28.58
CA ASN L 329 67.62 -37.55 -27.44
C ASN L 329 68.16 -36.13 -27.39
N VAL L 330 69.46 -35.97 -27.61
CA VAL L 330 70.06 -34.63 -27.63
C VAL L 330 69.47 -33.80 -28.75
N ALA L 331 69.26 -34.43 -29.92
CA ALA L 331 68.67 -33.70 -31.04
C ALA L 331 67.25 -33.24 -30.72
N VAL L 332 66.45 -34.11 -30.12
CA VAL L 332 65.08 -33.76 -29.77
C VAL L 332 65.06 -32.65 -28.73
N ALA L 333 65.97 -32.72 -27.75
CA ALA L 333 66.04 -31.67 -26.72
C ALA L 333 66.45 -30.34 -27.32
N LEU L 334 67.45 -30.33 -28.20
CA LEU L 334 67.88 -29.09 -28.81
C LEU L 334 66.81 -28.51 -29.73
N ALA L 335 66.03 -29.37 -30.40
CA ALA L 335 64.93 -28.86 -31.20
C ALA L 335 63.80 -28.33 -30.33
N SER L 336 63.60 -28.92 -29.16
CA SER L 336 62.59 -28.41 -28.24
C SER L 336 63.00 -27.06 -27.66
N LEU L 337 64.30 -26.86 -27.42
CA LEU L 337 64.76 -25.55 -26.94
C LEU L 337 64.60 -24.46 -27.98
N GLY L 338 64.39 -24.82 -29.24
CA GLY L 338 64.21 -23.84 -30.31
C GLY L 338 65.31 -23.83 -31.34
N GLY L 339 66.32 -24.69 -31.22
CA GLY L 339 67.41 -24.70 -32.17
C GLY L 339 67.10 -25.50 -33.42
N LYS L 340 67.97 -25.34 -34.41
CA LYS L 340 67.84 -26.04 -35.69
C LYS L 340 68.80 -27.23 -35.68
N VAL L 341 68.25 -28.44 -35.67
CA VAL L 341 69.03 -29.66 -35.52
C VAL L 341 68.83 -30.53 -36.76
N ALA L 342 69.76 -31.44 -36.98
CA ALA L 342 69.63 -32.40 -38.06
C ALA L 342 70.39 -33.63 -37.66
N PHE L 343 69.80 -34.80 -37.79
CA PHE L 343 70.44 -36.02 -37.33
C PHE L 343 70.96 -36.75 -38.51
N MET L 344 72.24 -37.12 -38.49
CA MET L 344 72.78 -37.89 -39.58
C MET L 344 73.11 -39.28 -39.13
N GLY L 345 72.41 -40.27 -39.66
CA GLY L 345 72.61 -41.64 -39.22
C GLY L 345 71.92 -42.58 -40.17
N LYS L 346 72.17 -43.87 -40.04
CA LYS L 346 71.49 -44.83 -40.89
C LYS L 346 70.56 -45.69 -40.09
N LEU L 347 69.35 -45.90 -40.58
CA LEU L 347 68.37 -46.71 -39.89
C LEU L 347 67.78 -47.72 -40.87
N GLY L 348 67.03 -48.67 -40.31
CA GLY L 348 66.33 -49.64 -41.13
C GLY L 348 65.01 -49.09 -41.65
N ASP L 349 64.40 -49.86 -42.55
CA ASP L 349 63.12 -49.49 -43.16
C ASP L 349 61.96 -50.27 -42.58
N ASP L 350 62.14 -50.91 -41.42
CA ASP L 350 61.08 -51.67 -40.78
C ASP L 350 60.16 -50.72 -40.03
N ASP L 351 59.27 -51.29 -39.21
CA ASP L 351 58.33 -50.45 -38.46
C ASP L 351 59.02 -49.66 -37.37
N PHE L 352 60.07 -50.22 -36.75
CA PHE L 352 60.73 -49.52 -35.65
C PHE L 352 61.53 -48.32 -36.16
N GLY L 353 62.27 -48.50 -37.26
CA GLY L 353 62.99 -47.37 -37.83
C GLY L 353 62.06 -46.28 -38.33
N GLN L 354 60.94 -46.68 -38.93
CA GLN L 354 59.96 -45.69 -39.40
C GLN L 354 59.32 -44.96 -38.22
N SER L 355 59.06 -45.67 -37.12
CA SER L 355 58.52 -45.02 -35.93
C SER L 355 59.53 -44.03 -35.34
N LEU L 356 60.79 -44.38 -35.39
CA LEU L 356 61.81 -43.50 -34.86
C LEU L 356 61.89 -42.27 -35.72
N VAL L 357 61.82 -42.43 -37.03
CA VAL L 357 61.96 -41.31 -37.89
C VAL L 357 60.81 -40.41 -37.57
N TYR L 358 59.65 -40.99 -37.33
CA TYR L 358 58.49 -40.19 -37.07
C TYR L 358 58.71 -39.37 -35.83
N PHE L 359 59.30 -39.97 -34.82
CA PHE L 359 59.46 -39.27 -33.57
C PHE L 359 60.31 -38.07 -33.79
N MET L 360 61.38 -38.24 -34.50
CA MET L 360 62.26 -37.14 -34.69
C MET L 360 61.55 -36.08 -35.46
N ASN L 361 60.82 -36.47 -36.48
CA ASN L 361 60.18 -35.47 -37.31
C ASN L 361 59.14 -34.69 -36.59
N ILE L 362 58.37 -35.36 -35.75
CA ILE L 362 57.26 -34.68 -35.12
C ILE L 362 57.81 -33.67 -34.14
N ASN L 363 59.06 -33.82 -33.75
CA ASN L 363 59.71 -32.91 -32.83
C ASN L 363 60.55 -31.86 -33.55
N LYS L 364 60.37 -31.71 -34.85
CA LYS L 364 61.11 -30.73 -35.63
C LYS L 364 62.58 -30.99 -35.92
N VAL L 365 63.10 -32.16 -35.60
CA VAL L 365 64.47 -32.47 -35.99
C VAL L 365 64.44 -32.72 -37.48
N GLN L 366 65.51 -32.41 -38.18
CA GLN L 366 65.56 -32.58 -39.63
C GLN L 366 66.14 -33.90 -39.96
N THR L 367 65.38 -34.74 -40.64
CA THR L 367 65.83 -36.07 -40.94
C THR L 367 66.23 -36.28 -42.38
N ARG L 368 66.51 -35.20 -43.09
CA ARG L 368 66.92 -35.33 -44.48
C ARG L 368 68.18 -36.14 -44.55
N SER L 369 69.09 -35.92 -43.63
CA SER L 369 70.31 -36.69 -43.61
C SER L 369 70.11 -38.18 -43.37
N VAL L 370 69.14 -38.57 -42.56
CA VAL L 370 68.99 -39.96 -42.21
C VAL L 370 68.79 -40.81 -43.44
N ARG L 371 69.47 -41.94 -43.51
CA ARG L 371 69.36 -42.82 -44.65
C ARG L 371 68.79 -44.17 -44.27
N LEU L 372 67.77 -44.61 -45.01
CA LEU L 372 67.12 -45.88 -44.69
C LEU L 372 67.54 -47.03 -45.58
N ASP L 373 67.78 -48.21 -45.00
CA ASP L 373 68.16 -49.41 -45.74
C ASP L 373 67.06 -50.45 -45.65
N SER L 374 66.89 -51.20 -46.73
CA SER L 374 65.84 -52.22 -46.79
C SER L 374 66.33 -53.62 -46.43
N LYS L 375 67.64 -53.85 -46.46
CA LYS L 375 68.17 -55.18 -46.17
C LYS L 375 68.52 -55.40 -44.71
N LYS L 376 68.88 -54.33 -43.99
CA LYS L 376 69.30 -54.44 -42.60
C LYS L 376 68.22 -53.89 -41.68
N ALA L 377 68.13 -54.48 -40.49
CA ALA L 377 67.12 -54.10 -39.51
C ALA L 377 67.59 -52.87 -38.73
N THR L 378 66.83 -52.50 -37.69
CA THR L 378 67.22 -51.35 -36.87
C THR L 378 68.12 -51.71 -35.68
N ALA L 379 67.60 -52.51 -34.74
CA ALA L 379 68.38 -52.86 -33.55
C ALA L 379 68.90 -54.29 -33.52
N ILE L 380 68.84 -55.00 -34.64
CA ILE L 380 69.23 -56.41 -34.62
C ILE L 380 70.68 -56.66 -35.03
N THR L 381 71.43 -57.34 -34.17
CA THR L 381 72.82 -57.67 -34.49
C THR L 381 72.97 -59.17 -34.39
N HIS L 382 73.58 -59.79 -35.40
CA HIS L 382 73.78 -61.22 -35.37
C HIS L 382 75.13 -61.59 -34.77
N MET L 383 75.15 -62.56 -33.87
CA MET L 383 76.38 -62.92 -33.16
C MET L 383 76.71 -64.40 -33.25
N LYS L 384 77.99 -64.75 -33.06
CA LYS L 384 78.40 -66.16 -33.07
C LYS L 384 78.93 -66.57 -31.71
N ILE L 385 78.70 -67.82 -31.31
CA ILE L 385 79.13 -68.30 -30.00
C ILE L 385 80.64 -68.16 -29.84
N GLY L 386 81.39 -68.58 -30.85
CA GLY L 386 82.84 -68.44 -30.80
C GLY L 386 83.50 -69.56 -30.03
N LYS L 387 84.67 -69.25 -29.48
CA LYS L 387 85.47 -70.22 -28.74
C LYS L 387 84.95 -70.34 -27.30
N ARG L 388 85.71 -71.02 -26.46
CA ARG L 388 85.33 -71.19 -25.06
C ARG L 388 85.41 -69.87 -24.31
N GLY L 389 84.67 -69.79 -23.21
CA GLY L 389 84.62 -68.59 -22.40
C GLY L 389 83.48 -67.65 -22.71
N GLY L 390 82.54 -68.05 -23.56
CA GLY L 390 81.42 -67.19 -23.90
C GLY L 390 81.81 -65.95 -24.67
N LEU L 391 82.91 -66.00 -25.40
CA LEU L 391 83.34 -64.87 -26.19
C LEU L 391 82.52 -64.76 -27.47
N ARG L 392 81.50 -63.92 -27.45
CA ARG L 392 80.66 -63.73 -28.62
C ARG L 392 81.35 -62.97 -29.73
N MET L 393 80.95 -63.23 -30.97
CA MET L 393 81.51 -62.52 -32.11
C MET L 393 80.39 -61.80 -32.80
N THR L 394 80.54 -60.51 -33.06
CA THR L 394 79.45 -59.73 -33.63
C THR L 394 79.54 -59.69 -35.11
N THR L 395 80.48 -60.45 -35.64
CA THR L 395 80.73 -60.38 -37.07
C THR L 395 79.61 -60.79 -37.97
N THR L 396 78.68 -61.59 -37.48
CA THR L 396 77.70 -62.11 -38.41
C THR L 396 76.94 -61.04 -39.16
N LYS L 397 76.49 -60.00 -38.48
CA LYS L 397 75.88 -58.90 -39.23
C LYS L 397 75.96 -57.63 -38.43
N PRO L 398 76.21 -56.51 -39.10
CA PRO L 398 76.17 -55.23 -38.37
C PRO L 398 74.75 -54.72 -38.24
N SER L 399 74.47 -53.83 -37.31
CA SER L 399 73.14 -53.22 -37.21
C SER L 399 73.08 -52.12 -38.23
N ALA L 400 71.91 -51.57 -38.46
CA ALA L 400 71.84 -50.43 -39.37
C ALA L 400 72.64 -49.32 -38.78
N GLU L 401 72.54 -49.16 -37.48
CA GLU L 401 73.19 -48.04 -36.82
C GLU L 401 74.67 -48.02 -36.97
N ASP L 402 75.31 -49.18 -36.89
CA ASP L 402 76.76 -49.21 -36.93
C ASP L 402 77.28 -49.49 -38.31
N SER L 403 76.39 -49.40 -39.30
CA SER L 403 76.84 -49.59 -40.65
C SER L 403 76.43 -48.49 -41.58
N LEU L 404 77.06 -47.33 -41.47
CA LEU L 404 76.78 -46.26 -42.41
C LEU L 404 78.03 -46.13 -43.23
N LEU L 405 77.90 -46.15 -44.55
CA LEU L 405 79.06 -46.11 -45.42
C LEU L 405 79.65 -44.73 -45.48
N LYS L 406 80.93 -44.65 -45.81
CA LYS L 406 81.59 -43.36 -45.90
C LYS L 406 80.94 -42.56 -46.97
N SER L 407 80.52 -43.22 -48.03
CA SER L 407 79.87 -42.55 -49.13
C SER L 407 78.57 -41.89 -48.73
N GLU L 408 77.81 -42.53 -47.87
CA GLU L 408 76.49 -42.02 -47.52
C GLU L 408 76.42 -40.68 -46.79
N ILE L 409 77.52 -40.25 -46.19
CA ILE L 409 77.55 -39.00 -45.46
C ILE L 409 77.00 -37.89 -46.33
N ASN L 410 76.00 -37.17 -45.84
CA ASN L 410 75.40 -36.15 -46.69
C ASN L 410 76.27 -34.94 -46.56
N ILE L 411 77.03 -34.65 -47.59
CA ILE L 411 77.95 -33.55 -47.53
C ILE L 411 77.25 -32.22 -47.37
N ASP L 412 76.11 -32.07 -48.01
CA ASP L 412 75.46 -30.78 -47.97
C ASP L 412 75.11 -30.33 -46.57
N VAL L 413 74.64 -31.25 -45.75
CA VAL L 413 74.35 -30.86 -44.40
C VAL L 413 75.63 -30.40 -43.73
N LEU L 414 76.73 -31.12 -43.92
CA LEU L 414 77.94 -30.76 -43.21
C LEU L 414 78.45 -29.41 -43.65
N LYS L 415 78.05 -28.96 -44.82
CA LYS L 415 78.43 -27.64 -45.33
C LYS L 415 77.60 -26.55 -44.66
N GLU L 416 76.30 -26.80 -44.48
CA GLU L 416 75.44 -25.82 -43.83
C GLU L 416 75.65 -25.77 -42.32
N ALA L 417 75.98 -26.90 -41.70
CA ALA L 417 76.11 -26.96 -40.25
C ALA L 417 77.35 -26.23 -39.78
N LYS L 418 77.24 -25.55 -38.64
CA LYS L 418 78.35 -24.86 -38.02
C LYS L 418 78.86 -25.53 -36.76
N MET L 419 78.16 -26.54 -36.24
CA MET L 419 78.61 -27.28 -35.08
C MET L 419 78.29 -28.75 -35.28
N PHE L 420 79.29 -29.60 -35.03
CA PHE L 420 79.17 -31.03 -35.24
C PHE L 420 79.20 -31.75 -33.90
N TYR L 421 78.28 -32.69 -33.71
CA TYR L 421 78.12 -33.42 -32.46
C TYR L 421 78.25 -34.91 -32.73
N PHE L 422 79.07 -35.59 -31.93
CA PHE L 422 79.22 -37.03 -32.05
C PHE L 422 79.70 -37.58 -30.73
N ASN L 423 79.26 -38.81 -30.41
CA ASN L 423 79.62 -39.49 -29.19
C ASN L 423 80.64 -40.58 -29.48
N THR L 424 81.13 -41.23 -28.42
CA THR L 424 82.05 -42.33 -28.54
C THR L 424 81.36 -43.67 -28.72
N PHE L 425 80.02 -43.69 -28.73
CA PHE L 425 79.30 -44.94 -28.93
C PHE L 425 79.42 -45.43 -30.37
N SER L 426 79.53 -44.51 -31.33
CA SER L 426 79.66 -44.90 -32.72
C SER L 426 81.07 -45.39 -33.04
N MET L 427 82.07 -44.96 -32.28
CA MET L 427 83.46 -45.33 -32.53
C MET L 427 83.81 -46.72 -32.01
N LEU L 428 82.82 -47.53 -31.62
CA LEU L 428 83.10 -48.88 -31.15
C LEU L 428 83.34 -49.84 -32.31
N ASP L 429 82.43 -49.86 -33.28
CA ASP L 429 82.58 -50.73 -34.43
C ASP L 429 83.68 -50.20 -35.34
N PRO L 430 84.57 -51.05 -35.84
CA PRO L 430 85.64 -50.57 -36.73
C PRO L 430 85.13 -49.95 -38.02
N ASN L 431 83.97 -50.39 -38.51
CA ASN L 431 83.42 -49.81 -39.74
C ASN L 431 82.86 -48.42 -39.48
N MET L 432 82.11 -48.26 -38.38
CA MET L 432 81.52 -46.96 -38.07
C MET L 432 82.56 -45.97 -37.57
N ARG L 433 83.68 -46.45 -37.01
CA ARG L 433 84.71 -45.56 -36.50
C ARG L 433 85.34 -44.73 -37.62
N LEU L 434 85.72 -45.39 -38.71
CA LEU L 434 86.29 -44.67 -39.84
C LEU L 434 85.29 -43.69 -40.42
N THR L 435 84.02 -44.08 -40.48
CA THR L 435 82.99 -43.20 -41.04
C THR L 435 82.82 -41.96 -40.18
N THR L 436 82.76 -42.13 -38.86
CA THR L 436 82.55 -40.96 -37.99
C THR L 436 83.80 -40.09 -37.94
N LEU L 437 84.99 -40.67 -38.06
CA LEU L 437 86.19 -39.85 -38.13
C LEU L 437 86.24 -39.05 -39.44
N ARG L 438 85.85 -39.67 -40.55
CA ARG L 438 85.76 -38.96 -41.81
C ARG L 438 84.74 -37.83 -41.74
N ALA L 439 83.58 -38.09 -41.12
CA ALA L 439 82.57 -37.04 -40.98
C ALA L 439 83.09 -35.89 -40.12
N THR L 440 83.80 -36.22 -39.04
CA THR L 440 84.34 -35.19 -38.17
C THR L 440 85.36 -34.32 -38.91
N LYS L 441 86.29 -34.95 -39.63
CA LYS L 441 87.30 -34.17 -40.33
C LYS L 441 86.70 -33.38 -41.50
N ILE L 442 85.66 -33.90 -42.14
CA ILE L 442 84.97 -33.15 -43.19
C ILE L 442 84.29 -31.92 -42.60
N SER L 443 83.56 -32.10 -41.51
CA SER L 443 82.89 -30.96 -40.89
C SER L 443 83.88 -29.96 -40.31
N LYS L 444 85.08 -30.42 -39.95
CA LYS L 444 86.09 -29.51 -39.42
C LYS L 444 86.75 -28.71 -40.53
N LYS L 445 87.08 -29.35 -41.65
CA LYS L 445 87.76 -28.63 -42.73
C LYS L 445 86.82 -27.66 -43.42
N LEU L 446 85.53 -27.99 -43.52
CA LEU L 446 84.57 -27.10 -44.18
C LEU L 446 84.22 -25.89 -43.34
N GLY L 447 84.66 -25.85 -42.08
CA GLY L 447 84.37 -24.71 -41.23
C GLY L 447 83.30 -25.00 -40.18
N GLY L 448 83.74 -25.23 -38.94
CA GLY L 448 82.81 -25.53 -37.87
C GLY L 448 83.50 -26.08 -36.63
N VAL L 449 82.81 -26.04 -35.51
CA VAL L 449 83.34 -26.54 -34.25
C VAL L 449 82.77 -27.93 -33.99
N VAL L 450 83.56 -28.78 -33.34
CA VAL L 450 83.20 -30.16 -33.06
C VAL L 450 82.98 -30.32 -31.57
N PHE L 451 81.85 -30.92 -31.20
CA PHE L 451 81.49 -31.16 -29.80
C PHE L 451 81.63 -32.65 -29.51
N TYR L 452 82.63 -33.00 -28.70
CA TYR L 452 82.90 -34.38 -28.34
C TYR L 452 82.28 -34.66 -26.98
N ASP L 453 81.16 -35.37 -26.96
CA ASP L 453 80.49 -35.78 -25.73
C ASP L 453 80.90 -37.21 -25.44
N VAL L 454 81.97 -37.36 -24.66
CA VAL L 454 82.50 -38.68 -24.34
C VAL L 454 81.57 -39.33 -23.31
N ASN L 455 80.89 -40.39 -23.71
CA ASN L 455 80.05 -41.20 -22.83
C ASN L 455 80.56 -42.63 -22.94
N LEU L 456 81.56 -42.95 -22.13
CA LEU L 456 82.24 -44.23 -22.21
C LEU L 456 81.27 -45.38 -22.01
N PRO L 457 81.05 -46.23 -23.01
CA PRO L 457 80.14 -47.37 -22.83
C PRO L 457 80.71 -48.44 -21.92
N PHE L 458 79.98 -49.54 -21.76
CA PHE L 458 80.36 -50.56 -20.80
C PHE L 458 81.72 -51.20 -21.09
N PRO L 459 82.06 -51.59 -22.33
CA PRO L 459 83.34 -52.27 -22.55
C PRO L 459 84.57 -51.41 -22.30
N LEU L 460 84.43 -50.08 -22.28
CA LEU L 460 85.57 -49.20 -22.14
C LEU L 460 85.88 -48.84 -20.68
N TRP L 461 85.32 -49.58 -19.72
CA TRP L 461 85.59 -49.34 -18.31
C TRP L 461 86.54 -50.39 -17.71
N GLU L 462 87.32 -51.07 -18.55
CA GLU L 462 88.25 -52.07 -18.05
C GLU L 462 89.46 -51.41 -17.38
N SER L 463 90.20 -50.61 -18.13
CA SER L 463 91.37 -49.93 -17.62
C SER L 463 91.42 -48.52 -18.19
N GLY L 464 92.16 -47.64 -17.50
CA GLY L 464 92.26 -46.25 -17.89
C GLY L 464 93.12 -46.01 -19.10
N ASP L 465 94.24 -46.73 -19.20
CA ASP L 465 95.16 -46.54 -20.32
C ASP L 465 94.51 -46.96 -21.63
N LYS L 466 93.81 -48.10 -21.64
CA LYS L 466 93.14 -48.54 -22.86
C LYS L 466 92.04 -47.57 -23.26
N ALA L 467 91.29 -47.06 -22.28
CA ALA L 467 90.23 -46.10 -22.59
C ALA L 467 90.82 -44.80 -23.13
N LYS L 468 91.98 -44.38 -22.63
CA LYS L 468 92.60 -43.15 -23.10
C LYS L 468 93.14 -43.34 -24.51
N THR L 469 93.83 -44.45 -24.78
CA THR L 469 94.37 -44.71 -26.10
C THR L 469 93.28 -45.03 -27.12
N PHE L 470 92.10 -45.44 -26.67
CA PHE L 470 91.00 -45.73 -27.59
C PHE L 470 90.38 -44.46 -28.14
N ILE L 471 90.20 -43.45 -27.30
CA ILE L 471 89.57 -42.20 -27.72
C ILE L 471 90.60 -41.14 -28.10
N GLN L 472 91.86 -41.52 -28.28
CA GLN L 472 92.88 -40.57 -28.67
C GLN L 472 92.79 -40.18 -30.14
N GLN L 473 92.14 -41.01 -30.96
CA GLN L 473 91.82 -40.58 -32.32
C GLN L 473 90.87 -39.40 -32.31
N ALA L 474 89.90 -39.42 -31.40
CA ALA L 474 89.10 -38.24 -31.08
C ALA L 474 89.88 -37.42 -30.04
N TRP L 475 89.21 -36.46 -29.41
CA TRP L 475 89.79 -35.64 -28.35
C TRP L 475 90.85 -34.70 -28.91
N ASP L 476 91.14 -34.82 -30.20
CA ASP L 476 92.10 -33.96 -30.89
C ASP L 476 91.49 -33.19 -32.04
N LEU L 477 90.45 -33.73 -32.69
CA LEU L 477 89.74 -33.03 -33.75
C LEU L 477 88.55 -32.24 -33.25
N ALA L 478 88.36 -32.18 -31.93
CA ALA L 478 87.22 -31.49 -31.32
C ALA L 478 87.71 -30.31 -30.51
N ASP L 479 86.92 -29.24 -30.51
CA ASP L 479 87.24 -28.03 -29.76
C ASP L 479 86.52 -27.95 -28.43
N ILE L 480 85.31 -28.49 -28.33
CA ILE L 480 84.54 -28.49 -27.10
C ILE L 480 84.32 -29.94 -26.68
N ILE L 481 84.71 -30.27 -25.45
CA ILE L 481 84.60 -31.64 -24.93
C ILE L 481 83.84 -31.58 -23.62
N GLU L 482 82.85 -32.46 -23.47
CA GLU L 482 82.04 -32.55 -22.26
C GLU L 482 82.29 -33.91 -21.61
N VAL L 483 82.85 -33.89 -20.40
CA VAL L 483 83.17 -35.10 -19.66
C VAL L 483 82.47 -35.02 -18.32
N THR L 484 82.29 -36.18 -17.70
CA THR L 484 81.76 -36.27 -16.35
C THR L 484 82.90 -36.41 -15.35
N LYS L 485 82.58 -36.23 -14.07
CA LYS L 485 83.59 -36.31 -13.03
C LYS L 485 84.15 -37.73 -12.91
N GLN L 486 83.28 -38.74 -13.00
CA GLN L 486 83.74 -40.12 -12.94
C GLN L 486 84.63 -40.46 -14.12
N GLU L 487 84.24 -40.04 -15.33
CA GLU L 487 85.05 -40.29 -16.50
C GLU L 487 86.37 -39.51 -16.44
N LEU L 488 86.34 -38.31 -15.88
CA LEU L 488 87.58 -37.54 -15.72
C LEU L 488 88.53 -38.23 -14.75
N GLU L 489 88.00 -38.78 -13.65
CA GLU L 489 88.85 -39.52 -12.73
C GLU L 489 89.33 -40.84 -13.32
N PHE L 490 88.54 -41.42 -14.22
CA PHE L 490 88.92 -42.70 -14.81
C PHE L 490 90.01 -42.53 -15.88
N LEU L 491 89.92 -41.45 -16.68
CA LEU L 491 90.93 -41.22 -17.70
C LEU L 491 92.29 -40.90 -17.07
N CYS L 492 92.29 -40.16 -15.97
CA CYS L 492 93.52 -39.87 -15.25
C CYS L 492 93.74 -40.94 -14.17
N GLY L 493 94.72 -40.72 -13.29
CA GLY L 493 95.00 -41.67 -12.24
C GLY L 493 94.32 -41.34 -10.93
N ILE L 494 93.30 -40.49 -11.00
CA ILE L 494 92.58 -40.06 -9.80
C ILE L 494 91.66 -41.17 -9.34
N LYS L 495 91.79 -41.57 -8.07
CA LYS L 495 90.94 -42.58 -7.48
C LYS L 495 89.89 -41.92 -6.60
N PRO L 496 88.62 -42.33 -6.70
CA PRO L 496 87.58 -41.69 -5.88
C PRO L 496 87.81 -41.95 -4.40
N SER L 497 87.69 -40.89 -3.60
CA SER L 497 87.89 -40.95 -2.16
C SER L 497 86.69 -40.34 -1.43
N GLU L 498 85.49 -40.74 -1.85
CA GLU L 498 84.26 -40.25 -1.25
C GLU L 498 83.49 -41.42 -0.65
N ARG L 499 82.43 -41.09 0.09
CA ARG L 499 81.63 -42.11 0.76
C ARG L 499 80.62 -42.76 -0.18
N PHE L 500 79.99 -41.95 -1.03
CA PHE L 500 79.00 -42.36 -2.03
C PHE L 500 77.70 -42.86 -1.42
N ASP L 501 77.61 -42.97 -0.10
CA ASP L 501 76.39 -43.44 0.55
C ASP L 501 76.03 -42.65 1.79
N THR L 502 76.74 -41.57 2.09
CA THR L 502 76.48 -40.78 3.29
C THR L 502 75.20 -39.96 3.11
N LYS L 503 74.71 -39.43 4.23
CA LYS L 503 73.49 -38.64 4.27
C LYS L 503 73.76 -37.19 4.66
N ASP L 504 74.91 -36.66 4.23
CA ASP L 504 75.27 -35.29 4.51
C ASP L 504 76.33 -34.84 3.52
N ASN L 505 76.31 -33.54 3.19
CA ASN L 505 77.27 -32.96 2.27
C ASN L 505 78.48 -32.49 3.05
N ASP L 506 79.66 -33.03 2.73
CA ASP L 506 80.89 -32.73 3.46
C ASP L 506 81.90 -31.97 2.62
N ARG L 507 81.52 -31.54 1.40
CA ARG L 507 82.36 -30.75 0.51
C ARG L 507 83.53 -31.57 -0.03
N SER L 508 83.68 -32.81 0.44
CA SER L 508 84.65 -33.71 -0.17
C SER L 508 84.21 -34.09 -1.57
N LYS L 509 82.93 -34.38 -1.75
CA LYS L 509 82.34 -34.53 -3.07
C LYS L 509 82.21 -33.15 -3.72
N PHE L 510 81.85 -33.15 -5.01
CA PHE L 510 81.76 -31.94 -5.81
C PHE L 510 83.09 -31.17 -5.79
N THR L 511 84.19 -31.92 -5.87
CA THR L 511 85.51 -31.31 -5.79
C THR L 511 85.89 -30.64 -7.10
N HIS L 512 86.43 -29.43 -7.00
CA HIS L 512 86.92 -28.68 -8.15
C HIS L 512 88.42 -28.93 -8.27
N TYR L 513 88.81 -29.72 -9.27
CA TYR L 513 90.21 -30.07 -9.41
C TYR L 513 91.03 -28.87 -9.87
N PRO L 514 92.25 -28.72 -9.38
CA PRO L 514 93.10 -27.60 -9.81
C PRO L 514 93.45 -27.74 -11.29
N PRO L 515 93.84 -26.63 -11.94
CA PRO L 515 94.19 -26.71 -13.36
C PRO L 515 95.39 -27.60 -13.67
N GLU L 516 96.19 -27.96 -12.66
CA GLU L 516 97.34 -28.81 -12.91
C GLU L 516 96.94 -30.24 -13.26
N VAL L 517 95.76 -30.69 -12.84
CA VAL L 517 95.30 -32.02 -13.22
C VAL L 517 94.78 -32.03 -14.65
N ILE L 518 94.30 -30.89 -15.15
CA ILE L 518 93.77 -30.82 -16.51
C ILE L 518 94.86 -30.60 -17.55
N ALA L 519 96.09 -30.31 -17.11
CA ALA L 519 97.17 -30.02 -18.06
C ALA L 519 97.53 -31.19 -18.98
N PRO L 520 97.63 -32.45 -18.51
CA PRO L 520 98.07 -33.52 -19.43
C PRO L 520 97.14 -33.72 -20.62
N LEU L 521 95.83 -33.80 -20.39
CA LEU L 521 94.88 -34.08 -21.46
C LEU L 521 94.63 -32.89 -22.36
N TRP L 522 95.17 -31.71 -22.05
CA TRP L 522 94.95 -30.53 -22.85
C TRP L 522 95.82 -30.56 -24.12
N HIS L 523 95.27 -30.00 -25.20
CA HIS L 523 96.01 -29.94 -26.45
C HIS L 523 95.90 -28.56 -27.09
N GLU L 524 96.37 -28.42 -28.33
CA GLU L 524 96.49 -27.10 -28.95
C GLU L 524 95.11 -26.52 -29.29
N ASN L 525 94.37 -27.21 -30.16
CA ASN L 525 93.11 -26.69 -30.68
C ASN L 525 91.96 -26.79 -29.70
N LEU L 526 92.19 -27.23 -28.47
CA LEU L 526 91.12 -27.29 -27.48
C LEU L 526 90.78 -25.88 -26.99
N LYS L 527 89.49 -25.61 -26.83
CA LYS L 527 89.02 -24.30 -26.39
C LYS L 527 88.42 -24.34 -24.99
N VAL L 528 87.42 -25.18 -24.76
CA VAL L 528 86.77 -25.27 -23.45
C VAL L 528 86.54 -26.74 -23.11
N LEU L 529 86.57 -27.04 -21.82
CA LEU L 529 86.34 -28.39 -21.31
C LEU L 529 85.33 -28.31 -20.17
N PHE L 530 84.19 -28.99 -20.34
CA PHE L 530 83.14 -29.00 -19.33
C PHE L 530 83.16 -30.33 -18.60
N VAL L 531 83.44 -30.28 -17.30
CA VAL L 531 83.35 -31.45 -16.43
C VAL L 531 82.12 -31.27 -15.56
N THR L 532 81.11 -32.12 -15.78
CA THR L 532 79.80 -31.98 -15.16
C THR L 532 79.56 -33.14 -14.21
N ASN L 533 79.24 -32.80 -12.95
CA ASN L 533 78.80 -33.79 -11.97
C ASN L 533 77.27 -33.92 -11.94
N GLY L 534 76.62 -33.64 -13.06
CA GLY L 534 75.18 -33.60 -13.11
C GLY L 534 74.65 -32.19 -13.07
N THR L 535 73.39 -32.07 -12.68
CA THR L 535 72.78 -30.75 -12.46
C THR L 535 73.06 -30.22 -11.07
N SER L 536 74.06 -30.75 -10.37
CA SER L 536 74.47 -30.26 -9.06
C SER L 536 75.57 -29.22 -9.18
N LYS L 537 76.62 -29.52 -9.94
CA LYS L 537 77.75 -28.62 -10.10
C LYS L 537 78.42 -28.90 -11.44
N ILE L 538 78.71 -27.84 -12.19
CA ILE L 538 79.33 -27.94 -13.50
C ILE L 538 80.56 -27.04 -13.51
N HIS L 539 81.72 -27.62 -13.77
CA HIS L 539 82.97 -26.88 -13.85
C HIS L 539 83.41 -26.77 -15.31
N TYR L 540 83.96 -25.61 -15.68
CA TYR L 540 84.48 -25.39 -17.02
C TYR L 540 85.94 -24.96 -16.92
N TYR L 541 86.79 -25.54 -17.74
CA TYR L 541 88.22 -25.24 -17.77
C TYR L 541 88.58 -24.65 -19.12
N THR L 542 89.17 -23.46 -19.09
CA THR L 542 89.60 -22.75 -20.28
C THR L 542 91.11 -22.55 -20.23
N LYS L 543 91.63 -21.78 -21.18
CA LYS L 543 93.08 -21.57 -21.26
C LYS L 543 93.55 -20.61 -20.18
N GLU L 544 92.80 -19.54 -19.93
CA GLU L 544 93.24 -18.49 -19.01
C GLU L 544 92.53 -18.50 -17.67
N HIS L 545 91.29 -18.99 -17.61
CA HIS L 545 90.53 -18.97 -16.37
C HIS L 545 89.69 -20.23 -16.26
N ASN L 546 89.11 -20.44 -15.07
CA ASN L 546 88.25 -21.58 -14.80
C ASN L 546 87.39 -21.26 -13.58
N SER L 547 86.19 -21.82 -13.56
CA SER L 547 85.24 -21.60 -12.48
C SER L 547 84.24 -22.75 -12.47
N ALA L 548 83.19 -22.60 -11.66
CA ALA L 548 82.16 -23.62 -11.54
C ALA L 548 80.84 -22.96 -11.18
N VAL L 549 79.74 -23.65 -11.49
CA VAL L 549 78.40 -23.17 -11.23
C VAL L 549 77.62 -24.29 -10.55
N LEU L 550 76.99 -23.98 -9.42
CA LEU L 550 76.21 -24.98 -8.69
C LEU L 550 74.81 -25.08 -9.29
N GLY L 551 74.11 -26.16 -8.92
CA GLY L 551 72.80 -26.43 -9.44
C GLY L 551 71.93 -27.11 -8.39
N LEU L 552 70.67 -27.37 -8.79
CA LEU L 552 69.70 -27.90 -7.83
C LEU L 552 69.80 -29.42 -7.70
N GLU L 553 69.51 -30.14 -8.79
CA GLU L 553 69.44 -31.61 -8.80
C GLU L 553 68.65 -32.15 -7.62
N ASP L 554 67.51 -31.51 -7.33
CA ASP L 554 66.54 -32.01 -6.34
C ASP L 554 65.18 -31.97 -7.02
N VAL L 555 64.88 -33.05 -7.74
CA VAL L 555 63.68 -33.12 -8.58
C VAL L 555 62.90 -34.37 -8.19
N PRO L 556 61.61 -34.45 -8.55
CA PRO L 556 60.87 -35.70 -8.33
C PRO L 556 61.50 -36.85 -9.09
N LEU L 557 62.05 -37.82 -8.36
CA LEU L 557 62.79 -38.93 -8.94
C LEU L 557 61.97 -40.20 -8.76
N THR L 558 61.47 -40.74 -9.86
CA THR L 558 60.65 -41.93 -9.85
C THR L 558 61.42 -43.07 -10.51
N PRO L 559 61.00 -44.33 -10.33
CA PRO L 559 61.52 -45.38 -11.20
C PRO L 559 61.20 -45.06 -12.65
N TYR L 560 61.99 -45.65 -13.55
CA TYR L 560 62.07 -45.33 -14.99
C TYR L 560 62.79 -44.01 -15.24
N THR L 561 63.16 -43.27 -14.19
CA THR L 561 63.80 -41.98 -14.36
C THR L 561 64.96 -41.76 -13.41
N SER L 562 65.35 -42.75 -12.61
CA SER L 562 66.42 -42.58 -11.64
C SER L 562 67.81 -42.62 -12.26
N ASP L 563 67.93 -42.96 -13.54
CA ASP L 563 69.23 -43.00 -14.19
C ASP L 563 69.79 -41.61 -14.44
N MET L 564 68.94 -40.58 -14.42
CA MET L 564 69.35 -39.19 -14.61
C MET L 564 70.03 -38.98 -15.96
N SER L 565 69.31 -39.32 -17.03
CA SER L 565 69.80 -39.15 -18.39
C SER L 565 69.27 -37.89 -19.06
N ALA L 566 67.98 -37.58 -18.84
CA ALA L 566 67.43 -36.35 -19.39
C ALA L 566 68.16 -35.12 -18.87
N SER L 567 68.70 -35.20 -17.66
CA SER L 567 69.49 -34.09 -17.13
C SER L 567 70.70 -33.81 -18.00
N GLY L 568 71.49 -34.84 -18.31
CA GLY L 568 72.64 -34.65 -19.17
C GLY L 568 72.26 -34.25 -20.59
N ASP L 569 71.17 -34.83 -21.11
CA ASP L 569 70.69 -34.45 -22.43
C ASP L 569 70.35 -32.96 -22.47
N GLY L 570 69.63 -32.48 -21.47
CA GLY L 570 69.27 -31.07 -21.44
C GLY L 570 70.47 -30.16 -21.22
N ILE L 571 71.44 -30.61 -20.42
CA ILE L 571 72.66 -29.84 -20.23
C ILE L 571 73.38 -29.65 -21.56
N ILE L 572 73.57 -30.76 -22.29
CA ILE L 572 74.24 -30.68 -23.59
C ILE L 572 73.45 -29.82 -24.57
N ALA L 573 72.12 -29.96 -24.57
CA ALA L 573 71.29 -29.17 -25.47
C ALA L 573 71.41 -27.69 -25.17
N GLY L 574 71.36 -27.31 -23.90
CA GLY L 574 71.49 -25.90 -23.55
C GLY L 574 72.87 -25.34 -23.85
N ILE L 575 73.92 -26.12 -23.59
CA ILE L 575 75.27 -25.68 -23.90
C ILE L 575 75.42 -25.44 -25.39
N ILE L 576 74.93 -26.38 -26.21
CA ILE L 576 75.04 -26.22 -27.66
C ILE L 576 74.21 -25.04 -28.13
N ARG L 577 73.01 -24.87 -27.57
CA ARG L 577 72.14 -23.77 -27.98
C ARG L 577 72.77 -22.42 -27.66
N MET L 578 73.44 -22.31 -26.51
CA MET L 578 74.05 -21.04 -26.14
C MET L 578 75.37 -20.80 -26.87
N LEU L 579 76.08 -21.86 -27.25
CA LEU L 579 77.38 -21.68 -27.90
C LEU L 579 77.29 -21.58 -29.41
N THR L 580 76.18 -22.03 -30.03
CA THR L 580 76.04 -21.93 -31.47
C THR L 580 75.46 -20.59 -31.91
N VAL L 581 74.92 -19.80 -30.99
CA VAL L 581 74.35 -18.50 -31.32
C VAL L 581 75.41 -17.41 -31.32
N GLN L 582 76.25 -17.37 -30.28
CA GLN L 582 77.34 -16.41 -30.15
C GLN L 582 78.66 -17.18 -30.17
N PRO L 583 79.15 -17.56 -31.36
CA PRO L 583 80.39 -18.35 -31.41
C PRO L 583 81.62 -17.56 -31.02
N HIS L 584 81.57 -16.22 -31.09
CA HIS L 584 82.73 -15.39 -30.76
C HIS L 584 82.92 -15.20 -29.26
N LEU L 585 82.03 -15.73 -28.43
CA LEU L 585 82.12 -15.59 -26.99
C LEU L 585 82.21 -16.93 -26.28
N MET L 586 82.85 -17.92 -26.92
CA MET L 586 83.03 -19.22 -26.28
C MET L 586 84.08 -19.18 -25.18
N THR L 587 84.94 -18.16 -25.18
CA THR L 587 85.98 -18.03 -24.18
C THR L 587 85.65 -17.03 -23.08
N ASP L 588 84.61 -16.22 -23.25
CA ASP L 588 84.25 -15.23 -22.25
C ASP L 588 83.76 -15.92 -20.97
N LYS L 589 84.03 -15.26 -19.83
CA LYS L 589 83.70 -15.86 -18.54
C LYS L 589 82.22 -15.69 -18.21
N GLY L 590 81.69 -14.48 -18.35
CA GLY L 590 80.29 -14.25 -18.00
C GLY L 590 79.34 -14.99 -18.92
N TYR L 591 79.65 -15.04 -20.21
CA TYR L 591 78.80 -15.78 -21.14
C TYR L 591 78.84 -17.28 -20.86
N LEU L 592 80.01 -17.79 -20.47
CA LEU L 592 80.08 -19.21 -20.09
C LEU L 592 79.30 -19.48 -18.81
N GLU L 593 79.32 -18.55 -17.85
CA GLU L 593 78.53 -18.73 -16.64
C GLU L 593 77.04 -18.74 -16.96
N ARG L 594 76.60 -17.82 -17.83
CA ARG L 594 75.20 -17.80 -18.25
C ARG L 594 74.82 -19.09 -18.98
N THR L 595 75.73 -19.57 -19.84
CA THR L 595 75.49 -20.83 -20.54
C THR L 595 75.34 -21.99 -19.56
N LEU L 596 76.20 -22.04 -18.54
CA LEU L 596 76.12 -23.12 -17.55
C LEU L 596 74.82 -23.04 -16.76
N LYS L 597 74.41 -21.84 -16.35
CA LYS L 597 73.16 -21.70 -15.62
C LYS L 597 71.97 -22.12 -16.49
N TYR L 598 71.96 -21.70 -17.75
CA TYR L 598 70.88 -22.07 -18.65
C TYR L 598 70.85 -23.58 -18.89
N ALA L 599 72.03 -24.21 -18.99
CA ALA L 599 72.09 -25.66 -19.18
C ALA L 599 71.58 -26.40 -17.95
N ILE L 600 71.92 -25.91 -16.76
CA ILE L 600 71.41 -26.53 -15.54
C ILE L 600 69.89 -26.41 -15.47
N SER L 601 69.36 -25.23 -15.80
CA SER L 601 67.91 -25.06 -15.81
C SER L 601 67.25 -26.00 -16.82
N CYS L 602 67.83 -26.12 -18.02
CA CYS L 602 67.25 -26.99 -19.03
C CYS L 602 67.29 -28.45 -18.58
N GLY L 603 68.39 -28.88 -17.96
CA GLY L 603 68.46 -30.25 -17.48
C GLY L 603 67.44 -30.54 -16.39
N VAL L 604 67.28 -29.62 -15.45
CA VAL L 604 66.29 -29.80 -14.39
C VAL L 604 64.89 -29.86 -15.00
N VAL L 605 64.59 -28.99 -15.95
CA VAL L 605 63.28 -28.99 -16.58
C VAL L 605 63.02 -30.29 -17.31
N ASP L 606 64.03 -30.80 -18.05
CA ASP L 606 63.84 -32.03 -18.78
C ASP L 606 63.67 -33.22 -17.85
N GLN L 607 64.36 -33.21 -16.70
CA GLN L 607 64.16 -34.29 -15.74
C GLN L 607 62.77 -34.24 -15.13
N TRP L 608 62.28 -33.03 -14.81
CA TRP L 608 60.89 -32.89 -14.36
C TRP L 608 59.92 -33.43 -15.41
N LEU L 609 60.15 -33.10 -16.68
CA LEU L 609 59.24 -33.51 -17.74
C LEU L 609 59.25 -35.03 -17.91
N GLN L 610 60.43 -35.65 -17.82
CA GLN L 610 60.51 -37.10 -17.95
C GLN L 610 59.88 -37.80 -16.75
N ALA L 611 59.99 -37.21 -15.55
CA ALA L 611 59.36 -37.80 -14.38
C ALA L 611 57.85 -37.68 -14.43
N ARG L 612 57.34 -36.59 -15.02
CA ARG L 612 55.89 -36.41 -15.11
C ARG L 612 55.29 -37.18 -16.29
N ARG L 613 56.07 -37.43 -17.34
CA ARG L 613 55.58 -38.20 -18.48
C ARG L 613 55.55 -39.69 -18.17
N LEU L 614 56.70 -40.26 -17.83
CA LEU L 614 56.78 -41.65 -17.40
C LEU L 614 56.43 -41.70 -15.92
N GLY L 615 55.24 -42.18 -15.59
CA GLY L 615 54.79 -42.19 -14.21
C GLY L 615 55.47 -43.23 -13.35
N TYR L 616 54.87 -43.53 -12.20
CA TYR L 616 55.42 -44.50 -11.28
C TYR L 616 54.99 -45.91 -11.69
N PRO L 617 55.81 -46.92 -11.37
CA PRO L 617 55.38 -48.30 -11.60
C PRO L 617 54.29 -48.67 -10.63
N PRO L 618 53.45 -49.65 -10.97
CA PRO L 618 52.37 -50.04 -10.06
C PRO L 618 52.93 -50.63 -8.77
N LYS L 619 52.25 -50.33 -7.67
CA LYS L 619 52.68 -50.79 -6.35
C LYS L 619 52.25 -52.25 -6.16
N GLU L 620 52.34 -52.74 -4.92
CA GLU L 620 52.00 -54.13 -4.64
C GLU L 620 50.58 -54.45 -5.07
N GLY L 621 49.64 -53.56 -4.79
CA GLY L 621 48.28 -53.75 -5.26
C GLY L 621 48.05 -53.09 -6.60
N MET L 622 48.10 -53.89 -7.68
CA MET L 622 48.02 -53.39 -9.04
C MET L 622 46.74 -53.87 -9.69
N GLU L 623 45.88 -52.93 -10.06
CA GLU L 623 44.64 -53.22 -10.79
C GLU L 623 44.43 -52.27 -11.97
N ASP L 624 45.48 -51.55 -12.35
CA ASP L 624 45.36 -50.57 -13.43
C ASP L 624 45.28 -51.28 -14.78
N ASP L 625 44.77 -50.55 -15.78
CA ASP L 625 44.68 -51.08 -17.13
C ASP L 625 46.07 -51.38 -17.67
N VAL L 626 46.23 -52.57 -18.26
CA VAL L 626 47.53 -53.04 -18.71
C VAL L 626 47.82 -52.44 -20.08
N VAL L 627 48.82 -51.57 -20.15
CA VAL L 627 49.30 -51.07 -21.44
C VAL L 627 49.98 -52.22 -22.19
N PRO L 628 49.76 -52.36 -23.51
CA PRO L 628 50.34 -53.50 -24.24
C PRO L 628 51.85 -53.61 -24.14
N ASP L 629 52.56 -52.58 -23.68
CA ASP L 629 54.02 -52.62 -23.62
C ASP L 629 54.60 -52.42 -22.23
N ASP L 630 53.84 -51.85 -21.29
CA ASP L 630 54.34 -51.60 -19.95
C ASP L 630 53.16 -51.42 -19.01
N HIS L 631 53.43 -50.92 -17.81
CA HIS L 631 52.38 -50.66 -16.83
C HIS L 631 52.85 -49.52 -15.93
N GLY L 632 52.08 -48.44 -15.87
CA GLY L 632 52.47 -47.28 -15.09
C GLY L 632 51.30 -46.49 -14.53
N ILE L 633 51.49 -45.94 -13.32
CA ILE L 633 50.48 -45.15 -12.65
C ILE L 633 51.04 -43.74 -12.43
N LYS L 634 50.16 -42.83 -12.02
CA LYS L 634 50.53 -41.44 -11.79
C LYS L 634 51.18 -41.30 -10.42
N SER L 635 51.38 -40.05 -9.99
CA SER L 635 51.99 -39.79 -8.69
C SER L 635 50.99 -39.96 -7.55
N VAL L 636 49.77 -39.44 -7.72
CA VAL L 636 48.76 -39.57 -6.68
C VAL L 636 48.40 -41.03 -6.46
N THR L 637 48.46 -41.86 -7.51
CA THR L 637 48.12 -43.26 -7.36
C THR L 637 49.19 -44.02 -6.57
N GLU L 638 50.45 -43.61 -6.67
CA GLU L 638 51.52 -44.26 -5.92
C GLU L 638 51.55 -43.85 -4.45
N ARG L 639 50.81 -42.80 -4.08
CA ARG L 639 50.75 -42.34 -2.69
C ARG L 639 49.52 -42.92 -2.01
N GLU L 640 49.55 -44.23 -1.80
CA GLU L 640 48.47 -44.95 -1.14
C GLU L 640 49.00 -45.69 0.07
N TYR L 641 48.07 -46.09 0.96
CA TYR L 641 48.45 -46.80 2.17
C TYR L 641 48.96 -48.20 1.85
N ARG L 642 48.17 -48.98 1.12
CA ARG L 642 48.56 -50.34 0.76
C ARG L 642 48.01 -50.72 -0.61
N GLN M 86 41.27 -21.08 -66.00
CA GLN M 86 40.67 -20.23 -67.02
C GLN M 86 39.60 -19.32 -66.43
N PRO M 87 39.51 -18.09 -66.94
CA PRO M 87 38.52 -17.15 -66.43
C PRO M 87 37.11 -17.51 -66.93
N HIS M 88 36.14 -17.31 -66.05
CA HIS M 88 34.75 -17.58 -66.39
C HIS M 88 34.22 -16.52 -67.34
N ASP M 89 33.58 -16.97 -68.43
CA ASP M 89 33.04 -16.05 -69.43
C ASP M 89 31.69 -15.54 -68.95
N THR M 90 31.67 -14.30 -68.48
CA THR M 90 30.46 -13.64 -68.00
C THR M 90 30.33 -12.28 -68.64
N PRO M 91 29.10 -11.75 -68.75
CA PRO M 91 28.92 -10.40 -69.30
C PRO M 91 29.64 -9.33 -68.52
N ALA M 92 29.94 -9.56 -67.25
CA ALA M 92 30.67 -8.59 -66.44
C ALA M 92 32.17 -8.72 -66.55
N SER M 93 32.67 -9.84 -67.09
CA SER M 93 34.11 -10.05 -67.20
C SER M 93 34.75 -9.19 -68.27
N GLN M 94 33.96 -8.69 -69.23
CA GLN M 94 34.54 -7.87 -70.29
C GLN M 94 34.98 -6.50 -69.79
N LEU M 95 34.40 -6.03 -68.69
CA LEU M 95 34.74 -4.73 -68.12
C LEU M 95 35.73 -4.90 -66.98
N GLU M 96 36.38 -3.80 -66.62
CA GLU M 96 37.38 -3.79 -65.56
C GLU M 96 36.80 -3.18 -64.28
N LEU M 97 37.43 -3.51 -63.17
CA LEU M 97 36.98 -3.00 -61.87
C LEU M 97 37.18 -1.50 -61.79
N ALA M 98 36.23 -0.83 -61.14
CA ALA M 98 36.25 0.63 -61.04
C ALA M 98 37.28 1.08 -60.01
N ASP M 99 37.44 2.38 -59.88
CA ASP M 99 38.36 2.95 -58.90
C ASP M 99 37.82 2.68 -57.49
N PRO M 100 38.65 2.18 -56.57
CA PRO M 100 38.15 1.94 -55.20
C PRO M 100 37.73 3.20 -54.47
N ASP M 101 38.18 4.37 -54.92
CA ASP M 101 37.74 5.62 -54.31
C ASP M 101 36.26 5.89 -54.54
N PHE M 102 35.70 5.38 -55.65
CA PHE M 102 34.27 5.55 -55.91
C PHE M 102 33.42 4.98 -54.79
N TYR M 103 33.84 3.83 -54.24
CA TYR M 103 33.15 3.25 -53.10
C TYR M 103 33.69 3.76 -51.76
N LYS M 104 34.95 4.21 -51.73
CA LYS M 104 35.51 4.70 -50.48
C LYS M 104 34.90 6.04 -50.07
N ILE M 105 34.54 6.88 -51.04
CA ILE M 105 33.95 8.18 -50.70
C ILE M 105 32.54 8.01 -50.13
N GLY M 106 31.92 6.86 -50.33
CA GLY M 106 30.60 6.60 -49.79
C GLY M 106 30.63 5.75 -48.54
N TYR M 107 31.62 4.86 -48.44
CA TYR M 107 31.70 3.98 -47.28
C TYR M 107 32.04 4.76 -46.01
N VAL M 108 32.69 5.91 -46.14
CA VAL M 108 32.94 6.74 -44.98
C VAL M 108 31.63 7.31 -44.42
N ARG M 109 30.61 7.42 -45.25
CA ARG M 109 29.27 7.73 -44.79
C ARG M 109 28.53 6.42 -44.51
N SER M 110 27.22 6.51 -44.29
CA SER M 110 26.42 5.31 -43.97
C SER M 110 25.88 4.68 -45.25
N PHE M 111 26.81 4.31 -46.13
CA PHE M 111 26.48 3.66 -47.40
C PHE M 111 27.04 2.24 -47.39
N ARG M 112 26.24 1.28 -47.83
CA ARG M 112 26.63 -0.11 -47.88
C ARG M 112 26.19 -0.72 -49.21
N ALA M 113 26.92 -1.70 -49.70
CA ALA M 113 26.62 -2.36 -50.96
C ALA M 113 26.84 -3.81 -50.80
N TYR M 114 25.76 -4.58 -50.69
CA TYR M 114 25.85 -6.00 -50.43
C TYR M 114 25.76 -6.85 -51.64
N GLY M 115 26.70 -7.74 -51.81
CA GLY M 115 26.74 -8.59 -52.99
C GLY M 115 26.71 -7.93 -54.34
N ILE M 116 27.40 -6.82 -54.53
CA ILE M 116 27.34 -6.07 -55.76
C ILE M 116 28.77 -5.66 -56.10
N GLU M 117 29.12 -5.45 -57.36
CA GLU M 117 30.43 -4.96 -57.71
C GLU M 117 30.32 -3.98 -58.85
N PHE M 118 30.83 -2.77 -58.69
CA PHE M 118 30.65 -1.72 -59.66
C PHE M 118 31.74 -1.81 -60.66
N ARG M 119 31.45 -1.81 -61.95
CA ARG M 119 32.48 -2.00 -62.96
C ARG M 119 32.41 -1.01 -64.10
N GLU M 120 33.52 -0.39 -64.46
CA GLU M 120 33.42 0.68 -65.45
C GLU M 120 33.85 0.17 -66.82
N GLY M 121 33.16 0.64 -67.85
CA GLY M 121 33.48 0.29 -69.21
C GLY M 121 33.47 1.50 -70.12
N PRO M 122 33.48 1.26 -71.43
CA PRO M 122 33.44 2.40 -72.36
C PRO M 122 32.14 3.17 -72.31
N ASP M 123 31.01 2.47 -72.17
CA ASP M 123 29.73 3.16 -72.10
C ASP M 123 29.55 3.91 -70.78
N GLY M 124 30.08 3.36 -69.71
CA GLY M 124 29.98 3.99 -68.40
C GLY M 124 29.97 2.95 -67.31
N TYR M 125 29.69 3.40 -66.10
CA TYR M 125 29.64 2.51 -64.95
C TYR M 125 28.41 1.61 -65.01
N GLY M 126 28.47 0.52 -64.26
CA GLY M 126 27.35 -0.42 -64.19
C GLY M 126 27.48 -1.20 -62.89
N VAL M 127 26.37 -1.81 -62.48
CA VAL M 127 26.30 -2.57 -61.24
C VAL M 127 26.08 -4.04 -61.60
N PHE M 128 27.00 -4.89 -61.16
CA PHE M 128 26.93 -6.32 -61.42
C PHE M 128 26.89 -7.09 -60.10
N ALA M 129 26.63 -8.38 -60.20
CA ALA M 129 26.52 -9.26 -59.04
C ALA M 129 27.79 -10.06 -58.86
N SER M 130 28.15 -10.31 -57.59
CA SER M 130 29.35 -11.07 -57.25
C SER M 130 29.02 -12.30 -56.41
N ARG M 131 27.74 -12.70 -56.36
CA ARG M 131 27.33 -13.84 -55.56
C ARG M 131 26.05 -14.41 -56.14
N ASP M 132 25.98 -15.74 -56.22
CA ASP M 132 24.81 -16.41 -56.76
C ASP M 132 23.64 -16.26 -55.79
N VAL M 133 22.59 -15.59 -56.23
CA VAL M 133 21.39 -15.39 -55.42
C VAL M 133 20.33 -16.38 -55.90
N GLU M 134 20.11 -17.44 -55.12
CA GLU M 134 19.09 -18.41 -55.45
C GLU M 134 17.70 -17.78 -55.29
N PRO M 135 16.67 -18.38 -55.92
CA PRO M 135 15.31 -17.83 -55.80
C PRO M 135 14.87 -17.66 -54.36
N LEU M 136 14.65 -16.42 -53.95
CA LEU M 136 14.32 -16.08 -52.57
C LEU M 136 12.82 -15.89 -52.41
N ARG M 137 12.35 -16.09 -51.17
CA ARG M 137 10.94 -15.87 -50.87
C ARG M 137 10.62 -14.40 -50.71
N ARG M 138 11.59 -13.59 -50.28
CA ARG M 138 11.42 -12.16 -50.11
C ARG M 138 12.55 -11.43 -50.80
N ALA M 139 12.43 -10.10 -50.86
CA ALA M 139 13.44 -9.28 -51.51
C ALA M 139 14.72 -9.22 -50.68
N ARG M 140 15.84 -9.05 -51.37
CA ARG M 140 17.14 -8.90 -50.73
C ARG M 140 17.73 -7.56 -51.14
N VAL M 141 18.24 -6.82 -50.15
CA VAL M 141 18.75 -5.47 -50.35
C VAL M 141 20.19 -5.55 -50.84
N ILE M 142 20.52 -4.76 -51.86
CA ILE M 142 21.89 -4.68 -52.34
C ILE M 142 22.50 -3.29 -52.18
N MET M 143 21.71 -2.25 -51.93
CA MET M 143 22.22 -0.91 -51.71
C MET M 143 21.45 -0.25 -50.58
N GLU M 144 22.17 0.53 -49.76
CA GLU M 144 21.57 1.34 -48.70
C GLU M 144 22.15 2.73 -48.81
N ILE M 145 21.37 3.66 -49.37
CA ILE M 145 21.82 5.01 -49.67
C ILE M 145 21.10 5.96 -48.71
N PRO M 146 21.80 6.62 -47.80
CA PRO M 146 21.13 7.49 -46.83
C PRO M 146 20.57 8.75 -47.49
N LEU M 147 19.80 9.49 -46.69
CA LEU M 147 19.14 10.69 -47.19
C LEU M 147 20.10 11.86 -47.30
N GLU M 148 21.03 11.99 -46.37
CA GLU M 148 21.97 13.10 -46.34
C GLU M 148 22.98 13.07 -47.47
N LEU M 149 22.87 12.13 -48.41
CA LEU M 149 23.78 12.02 -49.53
C LEU M 149 23.14 12.39 -50.86
N MET M 150 21.88 12.81 -50.88
CA MET M 150 21.18 13.07 -52.12
C MET M 150 20.36 14.35 -52.01
N LEU M 151 19.99 14.88 -53.17
CA LEU M 151 19.19 16.09 -53.28
C LEU M 151 17.72 15.72 -53.37
N THR M 152 16.86 16.67 -52.97
CA THR M 152 15.42 16.40 -52.94
C THR M 152 14.65 17.72 -53.05
N ILE M 153 13.73 17.78 -54.00
CA ILE M 153 12.83 18.92 -54.18
C ILE M 153 11.42 18.36 -54.35
N SER M 154 10.47 18.91 -53.60
CA SER M 154 9.11 18.42 -53.62
C SER M 154 8.43 18.76 -54.95
N LYS M 155 7.37 18.01 -55.26
CA LYS M 155 6.62 18.21 -56.49
C LYS M 155 5.45 19.19 -56.34
N LYS M 156 5.05 19.49 -55.10
CA LYS M 156 3.91 20.38 -54.86
C LYS M 156 4.39 21.83 -54.84
N LEU M 157 3.49 22.74 -54.48
CA LEU M 157 3.84 24.17 -54.54
C LEU M 157 4.80 24.58 -53.43
N PRO M 158 4.58 24.25 -52.15
CA PRO M 158 5.60 24.58 -51.13
C PRO M 158 6.86 23.75 -51.33
N TRP M 159 7.92 24.39 -51.80
CA TRP M 159 9.16 23.67 -52.11
C TRP M 159 9.92 23.41 -50.82
N MET M 160 9.90 22.17 -50.37
CA MET M 160 10.61 21.77 -49.16
C MET M 160 11.78 20.87 -49.54
N PHE M 161 12.99 21.32 -49.23
CA PHE M 161 14.20 20.55 -49.45
C PHE M 161 14.52 19.83 -48.14
N PHE M 162 14.21 18.54 -48.08
CA PHE M 162 14.42 17.80 -46.84
C PHE M 162 15.87 17.75 -46.41
N PRO M 163 16.85 17.51 -47.29
CA PRO M 163 18.24 17.81 -46.92
C PRO M 163 18.48 19.31 -47.04
N ASP M 164 18.45 20.00 -45.90
CA ASP M 164 18.48 21.46 -45.88
C ASP M 164 19.89 21.92 -46.22
N ILE M 165 20.10 22.34 -47.45
CA ILE M 165 21.39 22.86 -47.89
C ILE M 165 21.30 24.30 -48.40
N ILE M 166 20.12 24.84 -48.60
CA ILE M 166 19.96 26.23 -49.05
C ILE M 166 19.56 27.08 -47.85
N PRO M 167 20.48 27.90 -47.32
CA PRO M 167 20.12 28.76 -46.19
C PRO M 167 19.09 29.80 -46.59
N VAL M 168 18.33 30.26 -45.60
CA VAL M 168 17.30 31.26 -45.85
C VAL M 168 17.95 32.59 -46.22
N GLY M 169 17.40 33.25 -47.22
CA GLY M 169 17.93 34.51 -47.71
C GLY M 169 18.80 34.40 -48.94
N HIS M 170 19.24 33.20 -49.29
CA HIS M 170 20.08 33.04 -50.47
C HIS M 170 19.26 33.31 -51.73
N PRO M 171 19.78 34.07 -52.68
CA PRO M 171 18.97 34.46 -53.85
C PRO M 171 18.73 33.33 -54.85
N ILE M 172 19.23 32.12 -54.60
CA ILE M 172 18.93 31.02 -55.50
C ILE M 172 17.51 30.52 -55.32
N PHE M 173 16.91 30.73 -54.15
CA PHE M 173 15.54 30.32 -53.95
C PHE M 173 14.57 31.17 -54.76
N ASP M 174 14.95 32.40 -55.10
CA ASP M 174 14.13 33.21 -55.98
C ASP M 174 14.16 32.68 -57.40
N ILE M 175 15.25 32.03 -57.80
CA ILE M 175 15.31 31.40 -59.12
C ILE M 175 14.54 30.09 -59.11
N ILE M 176 14.65 29.33 -58.02
CA ILE M 176 13.92 28.06 -57.93
C ILE M 176 12.42 28.31 -57.85
N ASN M 177 12.01 29.38 -57.16
CA ASN M 177 10.60 29.64 -56.93
C ASN M 177 9.91 30.27 -58.14
N SER M 178 10.65 31.02 -58.96
CA SER M 178 10.07 31.64 -60.14
C SER M 178 10.00 30.67 -61.30
N THR M 179 9.40 29.50 -61.06
CA THR M 179 9.24 28.48 -62.08
C THR M 179 7.82 27.94 -62.03
N ASN M 180 7.35 27.41 -63.15
CA ASN M 180 6.02 26.84 -63.21
C ASN M 180 5.99 25.52 -62.47
N PRO M 181 5.10 25.33 -61.49
CA PRO M 181 5.13 24.11 -60.67
C PRO M 181 4.68 22.85 -61.39
N GLU M 182 4.44 22.88 -62.70
CA GLU M 182 3.89 21.72 -63.38
C GLU M 182 4.70 21.27 -64.58
N THR M 183 5.28 22.19 -65.35
CA THR M 183 5.91 21.80 -66.62
C THR M 183 7.42 21.66 -66.53
N ASP M 184 8.10 22.44 -65.70
CA ASP M 184 9.56 22.42 -65.63
C ASP M 184 9.99 22.06 -64.20
N SER M 185 10.37 20.80 -64.01
CA SER M 185 10.92 20.34 -62.74
C SER M 185 12.42 20.08 -62.79
N ASP M 186 12.99 19.96 -63.98
CA ASP M 186 14.43 19.75 -64.12
C ASP M 186 15.22 21.03 -63.88
N LEU M 187 14.61 22.20 -64.08
CA LEU M 187 15.31 23.45 -63.81
C LEU M 187 15.68 23.58 -62.34
N ARG M 188 14.74 23.25 -61.46
CA ARG M 188 15.00 23.37 -60.02
C ARG M 188 16.06 22.37 -59.57
N LEU M 189 16.02 21.15 -60.10
CA LEU M 189 17.06 20.17 -59.77
C LEU M 189 18.42 20.61 -60.28
N ALA M 190 18.46 21.21 -61.48
CA ALA M 190 19.73 21.71 -62.01
C ALA M 190 20.28 22.85 -61.15
N CYS M 191 19.41 23.76 -60.72
CA CYS M 191 19.86 24.85 -59.85
C CYS M 191 20.36 24.32 -58.51
N LEU M 192 19.65 23.34 -57.94
CA LEU M 192 20.08 22.76 -56.68
C LEU M 192 21.42 22.05 -56.82
N LEU M 193 21.63 21.37 -57.95
CA LEU M 193 22.90 20.70 -58.20
C LEU M 193 24.03 21.72 -58.36
N LEU M 194 23.76 22.81 -59.08
CA LEU M 194 24.77 23.86 -59.23
C LEU M 194 25.13 24.48 -57.89
N TYR M 195 24.15 24.63 -57.00
CA TYR M 195 24.45 25.19 -55.68
C TYR M 195 25.19 24.19 -54.82
N ALA M 196 24.85 22.90 -54.92
CA ALA M 196 25.57 21.88 -54.17
C ALA M 196 27.01 21.75 -54.65
N PHE M 197 27.27 22.06 -55.91
CA PHE M 197 28.64 22.08 -56.40
C PHE M 197 29.46 23.24 -55.84
N ASP M 198 28.83 24.18 -55.14
CA ASP M 198 29.51 25.33 -54.56
C ASP M 198 29.22 25.43 -53.07
N CYS M 199 29.29 24.30 -52.37
CA CYS M 199 29.07 24.26 -50.93
C CYS M 199 30.03 23.25 -50.33
N LYS M 200 30.76 23.67 -49.29
CA LYS M 200 31.77 22.81 -48.70
C LYS M 200 31.13 21.64 -47.95
N ASP M 201 31.99 20.70 -47.55
CA ASP M 201 31.61 19.47 -46.85
C ASP M 201 30.38 18.80 -47.44
N ASN M 202 30.21 18.89 -48.75
CA ASN M 202 29.10 18.28 -49.45
C ASN M 202 29.58 17.07 -50.23
N PHE M 203 28.74 16.04 -50.32
CA PHE M 203 29.14 14.81 -50.98
C PHE M 203 29.27 14.99 -52.48
N TRP M 204 28.53 15.94 -53.07
CA TRP M 204 28.52 16.08 -54.51
C TRP M 204 29.76 16.80 -55.03
N GLN M 205 30.52 17.47 -54.16
CA GLN M 205 31.81 18.00 -54.58
C GLN M 205 32.82 16.88 -54.83
N LEU M 206 32.65 15.74 -54.15
CA LEU M 206 33.50 14.59 -54.37
C LEU M 206 32.91 13.60 -55.36
N TYR M 207 31.58 13.56 -55.47
CA TYR M 207 30.92 12.67 -56.41
C TYR M 207 30.87 13.23 -57.82
N GLY M 208 30.99 14.55 -57.98
CA GLY M 208 30.94 15.16 -59.30
C GLY M 208 32.08 14.73 -60.21
N ASP M 209 33.15 14.18 -59.65
CA ASP M 209 34.25 13.71 -60.47
C ASP M 209 33.91 12.44 -61.23
N PHE M 210 32.86 11.73 -60.83
CA PHE M 210 32.45 10.50 -61.49
C PHE M 210 31.28 10.68 -62.44
N LEU M 211 30.65 11.85 -62.46
CA LEU M 211 29.56 12.10 -63.39
C LEU M 211 30.10 12.27 -64.81
N PRO M 212 29.29 11.95 -65.82
CA PRO M 212 29.77 12.11 -67.21
C PRO M 212 30.03 13.55 -67.56
N SER M 213 31.07 13.78 -68.34
CA SER M 213 31.44 15.12 -68.77
C SER M 213 30.59 15.52 -69.99
N ASP M 214 30.95 16.62 -70.62
CA ASP M 214 30.21 17.11 -71.79
C ASP M 214 30.55 16.35 -73.06
N ASP M 215 31.50 15.41 -73.02
CA ASP M 215 31.88 14.64 -74.19
C ASP M 215 31.48 13.19 -74.12
N GLU M 216 31.21 12.65 -72.93
CA GLU M 216 30.76 11.28 -72.77
C GLU M 216 29.30 11.17 -72.35
N CYS M 217 28.55 12.27 -72.43
CA CYS M 217 27.13 12.25 -72.10
C CYS M 217 26.31 11.96 -73.35
N THR M 218 25.27 11.13 -73.19
CA THR M 218 24.44 10.70 -74.29
C THR M 218 23.17 11.52 -74.44
N SER M 219 23.01 12.58 -73.65
CA SER M 219 21.82 13.41 -73.75
C SER M 219 21.86 14.26 -75.02
N PHE M 220 20.67 14.58 -75.53
CA PHE M 220 20.55 15.34 -76.77
C PHE M 220 20.50 16.85 -76.55
N LEU M 221 20.51 17.31 -75.30
CA LEU M 221 20.66 18.74 -75.06
C LEU M 221 22.04 19.23 -75.46
N LEU M 222 23.06 18.40 -75.28
CA LEU M 222 24.43 18.74 -75.68
C LEU M 222 24.72 18.18 -77.07
N ALA M 223 23.89 18.60 -78.02
CA ALA M 223 24.00 18.14 -79.40
C ALA M 223 24.00 19.35 -80.34
N THR M 224 24.30 19.10 -81.60
CA THR M 224 24.38 20.13 -82.62
C THR M 224 23.21 20.00 -83.58
N GLU M 225 23.07 21.00 -84.45
CA GLU M 225 22.01 20.99 -85.45
C GLU M 225 22.21 19.87 -86.48
N GLU M 226 23.47 19.54 -86.78
CA GLU M 226 23.74 18.48 -87.74
C GLU M 226 23.21 17.13 -87.24
N ASP M 227 23.49 16.80 -85.98
CA ASP M 227 23.01 15.53 -85.44
C ASP M 227 21.49 15.52 -85.30
N LEU M 228 20.88 16.66 -84.98
CA LEU M 228 19.43 16.71 -84.87
C LEU M 228 18.75 16.54 -86.23
N LEU M 229 19.34 17.12 -87.28
CA LEU M 229 18.82 16.91 -88.62
C LEU M 229 19.09 15.49 -89.10
N GLU M 230 20.16 14.86 -88.61
CA GLU M 230 20.49 13.49 -89.01
C GLU M 230 19.53 12.47 -88.40
N LEU M 231 18.78 12.85 -87.36
CA LEU M 231 17.87 11.92 -86.71
C LEU M 231 16.78 11.42 -87.66
N GLN M 232 16.47 12.16 -88.72
CA GLN M 232 15.43 11.82 -89.68
C GLN M 232 14.04 11.78 -89.05
N ASP M 233 13.87 12.42 -87.89
CA ASP M 233 12.59 12.53 -87.22
C ASP M 233 12.33 14.01 -86.96
N GLU M 234 11.28 14.56 -87.58
CA GLU M 234 11.05 16.00 -87.51
C GLU M 234 10.51 16.42 -86.15
N LYS M 235 9.57 15.65 -85.60
CA LYS M 235 8.94 16.05 -84.34
C LYS M 235 9.93 16.00 -83.18
N LEU M 236 10.74 14.94 -83.12
CA LEU M 236 11.73 14.84 -82.05
C LEU M 236 12.78 15.93 -82.15
N ALA M 237 13.23 16.23 -83.37
CA ALA M 237 14.19 17.31 -83.56
C ALA M 237 13.60 18.65 -83.16
N SER M 238 12.33 18.89 -83.50
CA SER M 238 11.69 20.14 -83.12
C SER M 238 11.58 20.25 -81.60
N THR M 239 11.20 19.16 -80.94
CA THR M 239 11.08 19.19 -79.48
C THR M 239 12.44 19.43 -78.82
N MET M 240 13.50 18.79 -79.33
CA MET M 240 14.82 18.99 -78.75
C MET M 240 15.32 20.41 -78.96
N ARG M 241 15.06 20.98 -80.14
CA ARG M 241 15.46 22.36 -80.39
C ARG M 241 14.69 23.32 -79.49
N GLU M 242 13.39 23.08 -79.30
CA GLU M 242 12.61 23.91 -78.40
C GLU M 242 13.13 23.81 -76.97
N GLN M 243 13.51 22.61 -76.55
CA GLN M 243 14.01 22.44 -75.18
C GLN M 243 15.36 23.13 -74.99
N GLN M 244 16.25 23.04 -75.97
CA GLN M 244 17.52 23.75 -75.90
C GLN M 244 17.29 25.26 -75.85
N GLN M 245 16.36 25.74 -76.65
CA GLN M 245 16.06 27.17 -76.65
C GLN M 245 15.53 27.59 -75.30
N ARG M 246 14.65 26.79 -74.71
CA ARG M 246 14.09 27.12 -73.40
C ARG M 246 15.17 27.16 -72.34
N ALA M 247 16.11 26.20 -72.37
CA ALA M 247 17.22 26.21 -71.43
C ALA M 247 18.06 27.47 -71.57
N LEU M 248 18.40 27.82 -72.82
CA LEU M 248 19.22 29.01 -73.04
C LEU M 248 18.48 30.27 -72.60
N GLU M 249 17.17 30.35 -72.85
CA GLU M 249 16.41 31.52 -72.47
C GLU M 249 16.33 31.64 -70.95
N PHE M 250 16.15 30.51 -70.25
CA PHE M 250 16.14 30.55 -68.79
C PHE M 250 17.48 31.02 -68.25
N TRP M 251 18.58 30.51 -68.82
CA TRP M 251 19.90 30.93 -68.35
C TRP M 251 20.14 32.42 -68.62
N GLU M 252 19.65 32.92 -69.77
CA GLU M 252 19.85 34.33 -70.08
C GLU M 252 18.97 35.24 -69.24
N LYS M 253 17.79 34.75 -68.84
CA LYS M 253 16.90 35.59 -68.04
C LYS M 253 17.27 35.59 -66.56
N ASN M 254 17.79 34.48 -66.04
CA ASN M 254 18.13 34.43 -64.63
C ASN M 254 19.59 34.86 -64.37
N TRP M 255 20.51 34.44 -65.22
CA TRP M 255 21.92 34.82 -65.06
C TRP M 255 22.25 36.00 -65.96
N HIS M 256 21.77 37.18 -65.53
CA HIS M 256 22.08 38.41 -66.22
C HIS M 256 23.31 39.05 -65.60
N SER M 257 23.59 40.32 -65.95
CA SER M 257 24.81 40.97 -65.49
C SER M 257 24.67 41.52 -64.07
N ALA M 258 23.51 42.07 -63.73
CA ALA M 258 23.29 42.70 -62.44
C ALA M 258 23.06 41.71 -61.31
N VAL M 259 23.34 40.42 -61.53
CA VAL M 259 23.14 39.39 -60.52
C VAL M 259 24.29 39.45 -59.52
N PRO M 260 24.05 39.19 -58.23
CA PRO M 260 25.15 39.13 -57.27
C PRO M 260 26.08 37.97 -57.58
N LEU M 261 27.26 38.01 -56.95
CA LEU M 261 28.30 37.03 -57.24
C LEU M 261 27.97 35.64 -56.71
N LYS M 262 27.07 35.54 -55.72
CA LYS M 262 26.69 34.23 -55.22
C LYS M 262 26.10 33.35 -56.33
N ILE M 263 25.31 33.95 -57.20
CA ILE M 263 24.70 33.20 -58.29
C ILE M 263 25.61 33.13 -59.52
N LYS M 264 26.40 34.17 -59.77
CA LYS M 264 27.22 34.20 -60.98
C LYS M 264 28.30 33.13 -60.97
N ARG M 265 28.84 32.80 -59.80
CA ARG M 265 29.88 31.78 -59.71
C ARG M 265 29.34 30.37 -59.84
N LEU M 266 28.02 30.19 -59.76
CA LEU M 266 27.44 28.85 -59.90
C LEU M 266 27.60 28.35 -61.33
N ALA M 267 27.08 29.09 -62.31
CA ALA M 267 27.16 28.75 -63.72
C ALA M 267 27.65 29.99 -64.46
N ARG M 268 28.96 30.11 -64.61
CA ARG M 268 29.53 31.27 -65.29
C ARG M 268 29.27 31.20 -66.79
N ASP M 269 29.50 30.05 -67.39
CA ASP M 269 29.26 29.86 -68.81
C ASP M 269 27.88 29.26 -69.05
N PRO M 270 27.24 29.57 -70.18
CA PRO M 270 25.91 29.01 -70.46
C PRO M 270 25.93 27.51 -70.72
N GLU M 271 27.10 26.90 -70.90
CA GLU M 271 27.15 25.46 -71.10
C GLU M 271 27.06 24.71 -69.77
N ARG M 272 27.50 25.34 -68.68
CA ARG M 272 27.41 24.70 -67.37
C ARG M 272 25.95 24.44 -66.98
N PHE M 273 25.07 25.41 -67.24
CA PHE M 273 23.66 25.21 -66.89
C PHE M 273 23.02 24.14 -67.77
N ILE M 274 23.42 24.08 -69.05
CA ILE M 274 22.90 23.03 -69.93
C ILE M 274 23.35 21.66 -69.45
N TRP M 275 24.62 21.54 -69.03
CA TRP M 275 25.10 20.27 -68.51
C TRP M 275 24.39 19.89 -67.21
N ALA M 276 24.13 20.89 -66.36
CA ALA M 276 23.39 20.62 -65.12
C ALA M 276 21.99 20.14 -65.41
N MET M 277 21.31 20.76 -66.37
CA MET M 277 19.97 20.31 -66.76
C MET M 277 20.02 18.90 -67.34
N CYS M 278 21.06 18.60 -68.11
CA CYS M 278 21.18 17.27 -68.69
C CYS M 278 21.37 16.22 -67.61
N ILE M 279 22.19 16.51 -66.59
CA ILE M 279 22.38 15.57 -65.50
C ILE M 279 21.11 15.43 -64.68
N ALA M 280 20.40 16.54 -64.42
CA ALA M 280 19.19 16.49 -63.62
C ALA M 280 18.06 15.79 -64.35
N GLN M 281 18.07 15.80 -65.68
CA GLN M 281 17.02 15.17 -66.47
C GLN M 281 17.30 13.71 -66.76
N SER M 282 18.57 13.32 -66.84
CA SER M 282 18.94 11.95 -67.16
C SER M 282 19.21 11.09 -65.94
N ARG M 283 19.15 11.66 -64.73
CA ARG M 283 19.42 10.88 -63.53
C ARG M 283 18.41 11.12 -62.41
N SER M 284 17.27 11.75 -62.70
CA SER M 284 16.27 11.99 -61.68
C SER M 284 15.41 10.76 -61.43
N ILE M 285 14.95 10.62 -60.20
CA ILE M 285 14.08 9.52 -59.80
C ILE M 285 12.92 10.08 -59.01
N ASN M 286 11.70 9.77 -59.44
CA ASN M 286 10.48 10.20 -58.76
C ASN M 286 10.04 9.11 -57.82
N LEU M 287 9.97 9.41 -56.52
CA LEU M 287 9.62 8.43 -55.52
C LEU M 287 8.91 9.11 -54.37
N GLN M 288 7.87 8.48 -53.86
CA GLN M 288 7.13 8.97 -52.71
C GLN M 288 7.88 8.62 -51.43
N MET M 289 8.45 9.62 -50.79
CA MET M 289 9.25 9.43 -49.58
C MET M 289 8.49 9.93 -48.36
N ARG M 290 8.80 9.33 -47.21
CA ARG M 290 8.17 9.69 -45.94
C ARG M 290 9.26 9.94 -44.90
N ILE M 291 9.24 11.13 -44.31
CA ILE M 291 10.10 11.47 -43.19
C ILE M 291 9.23 11.94 -42.05
N GLY M 292 9.52 11.45 -40.85
CA GLY M 292 8.73 11.80 -39.67
C GLY M 292 7.26 11.44 -39.83
N ALA M 293 6.42 12.47 -39.99
CA ALA M 293 5.00 12.27 -40.22
C ALA M 293 4.53 12.80 -41.57
N LEU M 294 5.44 13.30 -42.39
CA LEU M 294 5.09 13.89 -43.68
C LEU M 294 5.33 12.89 -44.79
N VAL M 295 4.29 12.64 -45.59
CA VAL M 295 4.36 11.72 -46.72
C VAL M 295 4.14 12.54 -47.98
N GLN M 296 5.20 12.72 -48.76
CA GLN M 296 5.12 13.51 -49.98
C GLN M 296 5.90 12.82 -51.09
N ASP M 297 5.62 13.24 -52.32
CA ASP M 297 6.34 12.78 -53.50
C ASP M 297 7.29 13.87 -53.96
N ALA M 298 8.54 13.50 -54.25
CA ALA M 298 9.56 14.47 -54.59
C ALA M 298 10.45 13.92 -55.70
N ASN M 299 11.23 14.81 -56.29
CA ASN M 299 12.20 14.46 -57.32
C ASN M 299 13.59 14.50 -56.70
N LEU M 300 14.26 13.35 -56.68
CA LEU M 300 15.52 13.22 -55.97
C LEU M 300 16.61 12.66 -56.88
N LEU M 301 17.80 13.25 -56.80
CA LEU M 301 18.99 12.75 -57.48
C LEU M 301 19.80 11.96 -56.46
N VAL M 302 19.73 10.64 -56.54
CA VAL M 302 20.33 9.75 -55.55
C VAL M 302 21.65 9.23 -56.11
N PRO M 303 22.74 9.28 -55.37
CA PRO M 303 24.01 8.72 -55.85
C PRO M 303 24.04 7.21 -55.70
N TYR M 304 24.88 6.59 -56.52
CA TYR M 304 25.13 5.14 -56.58
C TYR M 304 23.93 4.35 -57.09
N ALA M 305 22.79 5.00 -57.33
CA ALA M 305 21.63 4.34 -57.91
C ALA M 305 21.37 4.74 -59.34
N ASP M 306 21.95 5.85 -59.80
CA ASP M 306 21.84 6.23 -61.20
C ASP M 306 22.70 5.36 -62.11
N MET M 307 23.66 4.63 -61.53
CA MET M 307 24.48 3.71 -62.31
C MET M 307 23.73 2.48 -62.75
N MET M 308 22.54 2.22 -62.19
CA MET M 308 21.75 1.08 -62.60
C MET M 308 21.26 1.26 -64.03
N ASN M 309 21.54 0.28 -64.88
CA ASN M 309 21.13 0.36 -66.28
C ASN M 309 19.63 0.11 -66.42
N HIS M 310 19.13 0.21 -67.64
CA HIS M 310 17.72 0.06 -67.93
C HIS M 310 17.47 -1.29 -68.60
N SER M 311 16.33 -1.90 -68.26
CA SER M 311 15.92 -3.16 -68.87
C SER M 311 14.43 -3.31 -68.69
N PHE M 312 13.73 -3.67 -69.77
CA PHE M 312 12.29 -3.82 -69.71
C PHE M 312 11.87 -5.08 -68.96
N GLN M 313 12.81 -5.95 -68.61
CA GLN M 313 12.59 -7.08 -67.71
C GLN M 313 13.52 -6.88 -66.52
N PRO M 314 13.16 -5.99 -65.60
CA PRO M 314 14.11 -5.57 -64.56
C PRO M 314 14.37 -6.69 -63.56
N ASN M 315 15.39 -6.47 -62.74
CA ASN M 315 15.74 -7.37 -61.65
C ASN M 315 15.67 -6.72 -60.28
N CYS M 316 15.61 -5.39 -60.20
CA CYS M 316 15.61 -4.69 -58.93
C CYS M 316 14.63 -3.53 -59.00
N PHE M 317 14.33 -2.96 -57.83
CA PHE M 317 13.46 -1.80 -57.73
C PHE M 317 13.85 -0.99 -56.50
N PHE M 318 13.47 0.28 -56.52
CA PHE M 318 13.80 1.20 -55.44
C PHE M 318 12.73 1.13 -54.35
N HIS M 319 13.17 1.13 -53.10
CA HIS M 319 12.28 1.08 -51.95
C HIS M 319 12.77 2.09 -50.92
N TRP M 320 11.82 2.81 -50.32
CA TRP M 320 12.13 3.83 -49.32
C TRP M 320 11.90 3.28 -47.93
N ARG M 321 12.93 3.34 -47.09
CA ARG M 321 12.85 2.93 -45.70
C ARG M 321 12.77 4.19 -44.83
N PHE M 322 11.65 4.38 -44.15
CA PHE M 322 11.42 5.59 -43.39
C PHE M 322 11.96 5.53 -41.97
N LYS M 323 12.26 4.33 -41.46
CA LYS M 323 12.79 4.22 -40.10
C LYS M 323 14.22 4.75 -40.01
N ASP M 324 15.00 4.61 -41.08
CA ASP M 324 16.37 5.09 -41.11
C ASP M 324 16.61 6.16 -42.17
N ARG M 325 15.57 6.52 -42.94
CA ARG M 325 15.69 7.50 -44.02
C ARG M 325 16.79 7.09 -45.01
N MET M 326 16.67 5.87 -45.52
CA MET M 326 17.61 5.32 -46.48
C MET M 326 16.85 4.68 -47.64
N LEU M 327 17.32 4.92 -48.86
CA LEU M 327 16.74 4.30 -50.04
C LEU M 327 17.41 2.96 -50.30
N GLU M 328 16.62 1.98 -50.71
CA GLU M 328 17.10 0.62 -50.93
C GLU M 328 16.88 0.21 -52.37
N VAL M 329 17.79 -0.61 -52.89
CA VAL M 329 17.63 -1.28 -54.17
C VAL M 329 17.55 -2.76 -53.87
N MET M 330 16.38 -3.36 -54.09
CA MET M 330 16.12 -4.73 -53.69
C MET M 330 15.81 -5.60 -54.91
N ILE M 331 16.40 -6.79 -54.94
CA ILE M 331 16.10 -7.74 -56.00
C ILE M 331 14.67 -8.23 -55.87
N ASN M 332 14.04 -8.51 -57.01
CA ASN M 332 12.67 -9.02 -56.99
C ASN M 332 12.61 -10.39 -56.33
N ALA M 333 11.44 -10.72 -55.80
CA ALA M 333 11.25 -11.98 -55.09
C ALA M 333 10.98 -13.09 -56.11
N GLY M 334 11.83 -14.12 -56.10
CA GLY M 334 11.67 -15.26 -56.96
C GLY M 334 12.63 -15.32 -58.14
N GLN M 335 13.16 -14.19 -58.57
CA GLN M 335 14.08 -14.17 -59.70
C GLN M 335 15.45 -14.66 -59.29
N ARG M 336 16.05 -15.51 -60.12
CA ARG M 336 17.34 -16.13 -59.84
C ARG M 336 18.44 -15.30 -60.48
N ILE M 337 19.40 -14.87 -59.66
CA ILE M 337 20.52 -14.05 -60.11
C ILE M 337 21.81 -14.84 -59.93
N ARG M 338 22.57 -14.98 -61.01
CA ARG M 338 23.85 -15.67 -60.97
C ARG M 338 24.99 -14.65 -60.99
N LYS M 339 26.20 -15.15 -60.76
CA LYS M 339 27.37 -14.29 -60.74
C LYS M 339 27.64 -13.70 -62.11
N GLY M 340 27.98 -12.42 -62.15
CA GLY M 340 28.25 -11.73 -63.39
C GLY M 340 27.03 -11.13 -64.07
N ASP M 341 25.84 -11.29 -63.48
CA ASP M 341 24.64 -10.73 -64.09
C ASP M 341 24.63 -9.21 -63.90
N GLU M 342 23.91 -8.54 -64.79
CA GLU M 342 23.83 -7.08 -64.81
C GLU M 342 22.56 -6.66 -64.06
N MET M 343 22.73 -6.05 -62.89
CA MET M 343 21.60 -5.54 -62.12
C MET M 343 20.99 -4.34 -62.83
N THR M 344 19.71 -4.41 -63.13
CA THR M 344 19.02 -3.36 -63.85
C THR M 344 17.67 -3.06 -63.21
N VAL M 345 17.22 -1.82 -63.38
CA VAL M 345 15.92 -1.37 -62.92
C VAL M 345 15.16 -0.79 -64.11
N ASP M 346 13.94 -0.32 -63.85
CA ASP M 346 13.07 0.18 -64.90
C ASP M 346 12.98 1.70 -64.82
N TYR M 347 13.32 2.37 -65.92
CA TYR M 347 13.19 3.82 -66.06
C TYR M 347 11.98 4.09 -66.93
N MET M 348 10.96 4.75 -66.36
CA MET M 348 9.75 5.12 -67.08
C MET M 348 9.06 3.88 -67.66
N ALA M 349 8.58 3.02 -66.77
CA ALA M 349 7.94 1.79 -67.18
C ALA M 349 6.65 2.09 -67.95
N GLY M 350 6.59 1.57 -69.18
CA GLY M 350 5.40 1.73 -69.99
C GLY M 350 5.38 2.99 -70.83
N GLN M 351 6.52 3.33 -71.43
CA GLN M 351 6.64 4.52 -72.25
C GLN M 351 7.17 4.18 -73.62
N LYS M 352 6.95 5.09 -74.57
CA LYS M 352 7.37 4.90 -75.94
C LYS M 352 8.88 5.10 -76.07
N ASN M 353 9.43 4.57 -77.16
CA ASN M 353 10.87 4.67 -77.41
C ASN M 353 11.31 6.07 -77.78
N ASN M 354 10.37 7.01 -77.96
CA ASN M 354 10.73 8.39 -78.27
C ASN M 354 11.07 9.17 -77.01
N PHE M 355 10.30 8.98 -75.94
CA PHE M 355 10.57 9.69 -74.69
C PHE M 355 11.90 9.25 -74.09
N PHE M 356 12.30 7.99 -74.33
CA PHE M 356 13.61 7.54 -73.86
C PHE M 356 14.73 8.33 -74.50
N MET M 357 14.64 8.52 -75.81
CA MET M 357 15.64 9.27 -76.54
C MET M 357 15.57 10.75 -76.18
N GLN M 358 14.39 11.23 -75.81
CA GLN M 358 14.23 12.63 -75.44
C GLN M 358 14.83 12.94 -74.08
N ARG M 359 14.63 12.05 -73.10
CA ARG M 359 15.10 12.30 -71.74
C ARG M 359 16.48 11.70 -71.49
N TYR M 360 16.61 10.38 -71.60
CA TYR M 360 17.85 9.69 -71.28
C TYR M 360 18.80 9.58 -72.47
N GLY M 361 18.35 9.90 -73.67
CA GLY M 361 19.19 9.72 -74.85
C GLY M 361 19.54 8.27 -75.10
N PHE M 362 18.61 7.36 -74.83
CA PHE M 362 18.84 5.92 -74.95
C PHE M 362 17.77 5.32 -75.85
N SER M 363 18.15 4.32 -76.62
CA SER M 363 17.24 3.65 -77.54
C SER M 363 17.50 2.15 -77.48
N SER M 364 16.42 1.37 -77.44
CA SER M 364 16.50 -0.07 -77.38
C SER M 364 15.61 -0.67 -78.46
N PRO M 365 16.10 -1.68 -79.20
CA PRO M 365 15.26 -2.27 -80.26
C PRO M 365 14.23 -3.26 -79.76
N VAL M 366 14.33 -3.70 -78.50
CA VAL M 366 13.42 -4.69 -77.96
C VAL M 366 12.37 -4.04 -77.06
N ASN M 367 12.10 -2.75 -77.24
CA ASN M 367 11.11 -2.05 -76.46
C ASN M 367 9.73 -2.65 -76.71
N PRO M 368 9.04 -3.18 -75.69
CA PRO M 368 7.72 -3.76 -75.89
C PRO M 368 6.58 -2.75 -75.93
N TRP M 369 6.87 -1.45 -76.04
CA TRP M 369 5.84 -0.44 -76.04
C TRP M 369 5.92 0.56 -77.19
N ASP M 370 6.93 0.45 -78.05
CA ASP M 370 7.05 1.40 -79.16
C ASP M 370 5.93 1.18 -80.17
N VAL M 371 5.37 2.28 -80.66
CA VAL M 371 4.15 2.26 -81.47
C VAL M 371 4.52 2.43 -82.93
N ILE M 372 3.90 1.61 -83.78
CA ILE M 372 4.02 1.72 -85.23
C ILE M 372 2.63 2.07 -85.77
N HIS M 373 2.55 3.20 -86.48
CA HIS M 373 1.26 3.73 -86.94
C HIS M 373 0.96 3.20 -88.33
N PHE M 374 -0.20 2.57 -88.48
CA PHE M 374 -0.66 2.03 -89.76
C PHE M 374 -1.91 2.78 -90.19
N THR M 375 -1.92 3.26 -91.43
CA THR M 375 -3.07 3.95 -91.99
C THR M 375 -4.03 3.03 -92.73
N GLY M 376 -3.61 1.80 -93.04
CA GLY M 376 -4.46 0.89 -93.76
C GLY M 376 -5.62 0.38 -92.92
N ASP M 377 -6.64 -0.10 -93.62
CA ASP M 377 -7.85 -0.61 -92.99
C ASP M 377 -7.84 -2.13 -92.83
N ALA M 378 -6.80 -2.82 -93.29
CA ALA M 378 -6.72 -4.26 -93.11
C ALA M 378 -6.54 -4.60 -91.64
N LYS M 379 -7.27 -5.62 -91.18
CA LYS M 379 -7.27 -6.02 -89.78
C LYS M 379 -6.90 -7.49 -89.68
N ILE M 380 -5.84 -7.78 -88.93
CA ILE M 380 -5.42 -9.14 -88.68
C ILE M 380 -6.16 -9.69 -87.47
N HIS M 381 -6.13 -11.01 -87.30
CA HIS M 381 -6.76 -11.63 -86.15
C HIS M 381 -5.81 -11.61 -84.96
N LEU M 382 -6.34 -11.31 -83.79
CA LEU M 382 -5.52 -11.10 -82.60
C LEU M 382 -5.24 -12.40 -81.85
N ASP M 383 -6.28 -13.19 -81.60
CA ASP M 383 -6.11 -14.38 -80.76
C ASP M 383 -5.26 -15.43 -81.46
N THR M 384 -5.46 -15.62 -82.76
CA THR M 384 -4.60 -16.55 -83.50
C THR M 384 -3.16 -16.04 -83.55
N PHE M 385 -2.99 -14.72 -83.67
CA PHE M 385 -1.64 -14.15 -83.70
C PHE M 385 -0.93 -14.32 -82.37
N LEU M 386 -1.67 -14.26 -81.26
CA LEU M 386 -1.06 -14.49 -79.95
C LEU M 386 -0.82 -15.98 -79.70
N SER M 387 -1.67 -16.84 -80.27
CA SER M 387 -1.50 -18.28 -80.06
C SER M 387 -0.33 -18.84 -80.86
N VAL M 388 -0.10 -18.29 -82.06
CA VAL M 388 0.97 -18.81 -82.90
C VAL M 388 2.34 -18.41 -82.35
N PHE M 389 2.43 -17.26 -81.68
CA PHE M 389 3.69 -16.79 -81.11
C PHE M 389 3.81 -17.07 -79.62
N ASN M 390 2.88 -17.84 -79.04
CA ASN M 390 2.93 -18.23 -77.63
C ASN M 390 2.91 -17.01 -76.71
N ILE M 391 2.24 -15.93 -77.13
CA ILE M 391 2.13 -14.72 -76.32
C ILE M 391 0.85 -14.88 -75.51
N SER M 392 0.97 -15.43 -74.31
CA SER M 392 -0.17 -15.66 -73.43
C SER M 392 -0.21 -14.61 -72.34
N GLY M 393 -1.37 -14.06 -72.10
CA GLY M 393 -1.56 -13.08 -71.06
C GLY M 393 -2.64 -12.07 -71.43
N LEU M 394 -3.00 -11.27 -70.44
CA LEU M 394 -3.99 -10.21 -70.66
C LEU M 394 -3.37 -9.10 -71.52
N PRO M 395 -4.21 -8.31 -72.19
CA PRO M 395 -3.68 -7.24 -73.05
C PRO M 395 -2.77 -6.25 -72.33
N GLY M 396 -2.87 -6.16 -71.00
CA GLY M 396 -1.99 -5.28 -70.25
C GLY M 396 -0.63 -5.88 -70.01
N GLU M 397 -0.56 -7.20 -69.84
CA GLU M 397 0.68 -7.90 -69.56
C GLU M 397 0.81 -9.07 -70.53
N TYR M 398 1.65 -8.91 -71.55
CA TYR M 398 1.96 -9.95 -72.52
C TYR M 398 3.33 -10.52 -72.22
N TYR M 399 3.46 -11.81 -72.16
CA TYR M 399 4.71 -12.41 -71.87
C TYR M 399 4.86 -13.56 -72.75
N HIS M 400 6.04 -14.01 -73.03
CA HIS M 400 6.13 -15.22 -73.82
C HIS M 400 6.22 -16.39 -72.95
N ASN M 401 5.41 -17.39 -73.23
CA ASN M 401 5.36 -18.52 -72.35
C ASN M 401 6.36 -19.46 -72.84
N SER M 402 7.43 -19.64 -72.11
CA SER M 402 8.47 -20.47 -72.61
C SER M 402 8.15 -21.89 -72.50
N ARG M 403 7.48 -22.27 -71.43
CA ARG M 403 7.19 -23.67 -71.21
C ARG M 403 6.18 -24.19 -72.24
N LEU M 404 5.66 -23.33 -73.12
CA LEU M 404 4.80 -23.81 -74.17
C LEU M 404 5.77 -24.14 -75.25
N SER M 405 6.59 -23.16 -75.62
CA SER M 405 7.63 -23.39 -76.64
C SER M 405 8.83 -22.46 -76.43
N ASN M 406 9.99 -23.04 -76.16
CA ASN M 406 11.18 -22.23 -75.90
C ASN M 406 12.14 -22.22 -77.07
N ASP M 407 12.69 -23.38 -77.41
CA ASP M 407 13.62 -23.46 -78.52
C ASP M 407 12.93 -23.16 -79.83
N GLY M 408 11.71 -23.67 -79.98
CA GLY M 408 10.94 -23.41 -81.19
C GLY M 408 10.69 -21.94 -81.39
N ASP M 409 10.39 -21.23 -80.31
CA ASP M 409 10.13 -19.81 -80.42
C ASP M 409 11.23 -18.97 -79.76
N SER M 410 12.31 -18.72 -80.49
CA SER M 410 13.37 -17.86 -79.98
C SER M 410 13.14 -16.51 -80.59
N PHE M 411 12.27 -16.45 -81.60
CA PHE M 411 11.93 -15.20 -82.25
C PHE M 411 11.18 -14.32 -81.27
N VAL M 412 10.41 -14.93 -80.36
CA VAL M 412 9.57 -14.14 -79.45
C VAL M 412 10.33 -13.23 -78.46
N ASP M 413 10.46 -11.96 -78.80
CA ASP M 413 11.15 -10.97 -77.99
C ASP M 413 10.17 -9.84 -77.71
N GLY M 414 10.69 -8.69 -77.26
CA GLY M 414 9.83 -7.54 -77.06
C GLY M 414 9.28 -6.96 -78.35
N ALA M 415 9.95 -7.21 -79.48
CA ALA M 415 9.52 -6.64 -80.76
C ALA M 415 8.20 -7.24 -81.21
N ILE M 416 8.07 -8.56 -81.16
CA ILE M 416 6.82 -9.20 -81.56
C ILE M 416 5.70 -8.83 -80.60
N ILE M 417 6.01 -8.63 -79.31
CA ILE M 417 5.00 -8.19 -78.36
C ILE M 417 4.50 -6.80 -78.71
N ALA M 418 5.43 -5.88 -78.99
CA ALA M 418 5.04 -4.53 -79.40
C ALA M 418 4.24 -4.55 -80.69
N ALA M 419 4.60 -5.45 -81.61
CA ALA M 419 3.84 -5.60 -82.85
C ALA M 419 2.41 -6.03 -82.55
N ALA M 420 2.24 -7.11 -81.78
CA ALA M 420 0.91 -7.58 -81.41
C ALA M 420 0.12 -6.52 -80.66
N ARG M 421 0.80 -5.60 -79.97
CA ARG M 421 0.09 -4.52 -79.29
C ARG M 421 -0.28 -3.39 -80.26
N THR M 422 0.50 -3.19 -81.32
CA THR M 422 0.25 -2.08 -82.23
C THR M 422 -0.44 -2.47 -83.53
N LEU M 423 -0.46 -3.76 -83.88
CA LEU M 423 -1.09 -4.17 -85.12
C LEU M 423 -2.60 -3.96 -85.04
N PRO M 424 -3.22 -3.43 -86.10
CA PRO M 424 -4.68 -3.32 -86.11
C PRO M 424 -5.35 -4.69 -86.10
N THR M 425 -6.03 -5.02 -85.01
CA THR M 425 -6.59 -6.35 -84.82
C THR M 425 -8.10 -6.28 -84.67
N TRP M 426 -8.77 -7.37 -85.03
CA TRP M 426 -10.20 -7.50 -84.89
C TRP M 426 -10.53 -8.82 -84.20
N SER M 427 -11.59 -8.82 -83.40
CA SER M 427 -12.02 -10.03 -82.69
C SER M 427 -13.51 -9.91 -82.43
N ASP M 428 -14.29 -10.85 -82.96
CA ASP M 428 -15.74 -10.88 -82.81
C ASP M 428 -16.12 -12.22 -82.18
N GLY M 429 -16.08 -12.28 -80.86
CA GLY M 429 -16.45 -13.50 -80.16
C GLY M 429 -15.49 -14.63 -80.45
N ASP M 430 -16.05 -15.81 -80.70
CA ASP M 430 -15.26 -17.01 -80.99
C ASP M 430 -15.30 -17.40 -82.46
N LEU M 431 -15.62 -16.46 -83.35
CA LEU M 431 -15.70 -16.77 -84.77
C LEU M 431 -14.33 -17.16 -85.30
N PRO M 432 -14.19 -18.30 -85.96
CA PRO M 432 -12.88 -18.72 -86.44
C PRO M 432 -12.47 -17.89 -87.64
N PRO M 433 -11.17 -17.60 -87.79
CA PRO M 433 -10.72 -16.77 -88.90
C PRO M 433 -10.69 -17.55 -90.21
N ILE M 434 -10.85 -16.81 -91.30
CA ILE M 434 -10.81 -17.37 -92.65
C ILE M 434 -9.42 -17.17 -93.21
N PRO M 435 -8.76 -18.22 -93.73
CA PRO M 435 -7.39 -18.05 -94.24
C PRO M 435 -7.28 -17.05 -95.38
N SER M 436 -8.32 -16.90 -96.20
CA SER M 436 -8.23 -15.98 -97.33
C SER M 436 -8.18 -14.53 -96.87
N LEU M 437 -9.01 -14.18 -95.88
CA LEU M 437 -9.04 -12.81 -95.40
C LEU M 437 -7.72 -12.41 -94.76
N GLU M 438 -7.16 -13.28 -93.90
CA GLU M 438 -5.88 -12.97 -93.29
C GLU M 438 -4.74 -13.00 -94.31
N ARG M 439 -4.82 -13.87 -95.32
CA ARG M 439 -3.80 -13.89 -96.36
C ARG M 439 -3.86 -12.65 -97.24
N LYS M 440 -5.04 -12.04 -97.38
CA LYS M 440 -5.16 -10.79 -98.11
C LYS M 440 -4.80 -9.59 -97.25
N ALA M 441 -4.95 -9.69 -95.93
CA ALA M 441 -4.58 -8.60 -95.06
C ALA M 441 -3.08 -8.55 -94.77
N VAL M 442 -2.42 -9.71 -94.73
CA VAL M 442 -0.99 -9.72 -94.41
C VAL M 442 -0.19 -9.07 -95.54
N LYS M 443 -0.59 -9.27 -96.79
CA LYS M 443 0.13 -8.64 -97.89
C LYS M 443 -0.08 -7.14 -97.90
N GLU M 444 -1.27 -6.67 -97.51
CA GLU M 444 -1.50 -5.24 -97.40
C GLU M 444 -0.65 -4.64 -96.29
N LEU M 445 -0.57 -5.33 -95.14
CA LEU M 445 0.29 -4.85 -94.06
C LEU M 445 1.75 -4.82 -94.50
N GLN M 446 2.20 -5.83 -95.25
CA GLN M 446 3.59 -5.87 -95.69
C GLN M 446 3.89 -4.77 -96.68
N GLU M 447 2.98 -4.49 -97.62
CA GLU M 447 3.22 -3.41 -98.57
C GLU M 447 3.17 -2.05 -97.88
N GLU M 448 2.33 -1.91 -96.86
CA GLU M 448 2.34 -0.67 -96.08
C GLU M 448 3.66 -0.49 -95.33
N CYS M 449 4.17 -1.58 -94.74
CA CYS M 449 5.47 -1.51 -94.07
C CYS M 449 6.58 -1.17 -95.06
N HIS M 450 6.50 -1.72 -96.28
CA HIS M 450 7.52 -1.43 -97.27
C HIS M 450 7.45 0.02 -97.74
N GLN M 451 6.23 0.56 -97.91
CA GLN M 451 6.11 1.95 -98.36
C GLN M 451 6.46 2.93 -97.25
N MET M 452 6.31 2.53 -95.98
CA MET M 452 6.71 3.40 -94.89
C MET M 452 8.20 3.27 -94.58
N LEU M 453 8.82 2.15 -94.95
CA LEU M 453 10.25 1.98 -94.75
C LEU M 453 11.07 2.70 -95.81
N ALA M 454 10.54 2.79 -97.03
CA ALA M 454 11.26 3.49 -98.10
C ALA M 454 11.23 4.99 -97.93
N GLU M 455 10.43 5.51 -96.99
CA GLU M 455 10.40 6.96 -96.76
C GLU M 455 11.73 7.46 -96.21
N PHE M 456 12.44 6.63 -95.46
CA PHE M 456 13.75 7.03 -94.96
C PHE M 456 14.75 7.10 -96.11
N PRO M 457 15.63 8.10 -96.11
CA PRO M 457 16.60 8.20 -97.20
C PRO M 457 17.60 7.07 -97.24
N THR M 458 17.94 6.48 -96.10
CA THR M 458 18.94 5.43 -96.00
C THR M 458 18.27 4.07 -95.87
N THR M 459 19.10 3.03 -95.76
CA THR M 459 18.64 1.66 -95.56
C THR M 459 19.22 1.11 -94.26
N SER M 460 19.00 -0.18 -94.02
CA SER M 460 19.45 -0.81 -92.78
C SER M 460 20.95 -1.12 -92.82
N ASP M 461 21.40 -1.74 -93.91
CA ASP M 461 22.81 -2.13 -94.01
C ASP M 461 23.73 -0.92 -94.05
N GLU M 462 23.28 0.16 -94.69
CA GLU M 462 24.11 1.37 -94.76
C GLU M 462 24.33 1.96 -93.38
N ASP M 463 23.26 2.05 -92.58
CA ASP M 463 23.42 2.54 -91.20
C ASP M 463 24.22 1.57 -90.36
N GLN M 464 24.07 0.27 -90.61
CA GLN M 464 24.84 -0.72 -89.86
C GLN M 464 26.33 -0.59 -90.15
N LYS M 465 26.69 -0.24 -91.39
CA LYS M 465 28.09 -0.01 -91.72
C LYS M 465 28.58 1.35 -91.23
N ILE M 466 27.68 2.34 -91.18
CA ILE M 466 28.08 3.67 -90.70
C ILE M 466 28.36 3.64 -89.20
N LEU M 467 27.58 2.86 -88.44
CA LEU M 467 27.73 2.87 -86.99
C LEU M 467 29.10 2.36 -86.55
N ASP M 468 29.61 1.33 -87.22
CA ASP M 468 30.93 0.81 -86.91
C ASP M 468 32.03 1.34 -87.84
N SER M 469 31.67 2.18 -88.81
CA SER M 469 32.70 2.84 -89.62
C SER M 469 33.40 3.93 -88.82
N MET M 470 32.72 4.53 -87.85
CA MET M 470 33.31 5.55 -87.00
C MET M 470 33.68 4.92 -85.67
N PRO M 471 34.96 4.70 -85.38
CA PRO M 471 35.34 4.03 -84.13
C PRO M 471 35.07 4.88 -82.90
N ASP M 472 35.45 6.16 -82.95
CA ASP M 472 35.28 7.09 -81.82
C ASP M 472 34.66 8.37 -82.35
N CYS M 473 33.34 8.43 -82.33
CA CYS M 473 32.59 9.60 -82.78
C CYS M 473 31.83 10.22 -81.61
N ARG M 474 31.06 11.26 -81.91
CA ARG M 474 30.25 11.90 -80.89
C ARG M 474 29.18 10.95 -80.37
N ARG M 475 28.82 11.12 -79.10
CA ARG M 475 27.82 10.24 -78.50
C ARG M 475 26.43 10.52 -79.05
N THR M 476 26.15 11.78 -79.39
CA THR M 476 24.83 12.12 -79.94
C THR M 476 24.63 11.49 -81.30
N LEU M 477 25.65 11.52 -82.16
CA LEU M 477 25.53 10.89 -83.48
C LEU M 477 25.38 9.38 -83.35
N GLU M 478 26.10 8.77 -82.41
CA GLU M 478 25.94 7.35 -82.15
C GLU M 478 24.52 7.02 -81.70
N ALA M 479 23.97 7.83 -80.78
CA ALA M 479 22.61 7.60 -80.32
C ALA M 479 21.61 7.75 -81.47
N ALA M 480 21.82 8.73 -82.34
CA ALA M 480 20.89 8.95 -83.44
C ALA M 480 20.93 7.80 -84.45
N ILE M 481 22.14 7.36 -84.82
CA ILE M 481 22.23 6.26 -85.77
C ILE M 481 21.69 4.97 -85.15
N LYS M 482 21.88 4.77 -83.85
CA LYS M 482 21.29 3.61 -83.20
C LYS M 482 19.77 3.70 -83.16
N TYR M 483 19.22 4.91 -82.98
CA TYR M 483 17.78 5.09 -83.01
C TYR M 483 17.21 4.71 -84.37
N ARG M 484 17.85 5.20 -85.44
CA ARG M 484 17.41 4.86 -86.79
C ARG M 484 17.53 3.37 -87.04
N LEU M 485 18.65 2.77 -86.65
CA LEU M 485 18.84 1.33 -86.83
C LEU M 485 17.78 0.53 -86.09
N HIS M 486 17.44 0.95 -84.87
CA HIS M 486 16.45 0.22 -84.09
C HIS M 486 15.05 0.36 -84.70
N ARG M 487 14.72 1.54 -85.22
CA ARG M 487 13.45 1.70 -85.91
C ARG M 487 13.36 0.77 -87.12
N LYS M 488 14.42 0.75 -87.94
CA LYS M 488 14.42 -0.11 -89.13
C LYS M 488 14.37 -1.58 -88.74
N LEU M 489 15.09 -1.97 -87.67
CA LEU M 489 15.08 -3.35 -87.24
C LEU M 489 13.70 -3.75 -86.69
N LEU M 490 13.01 -2.82 -86.04
CA LEU M 490 11.65 -3.10 -85.58
C LEU M 490 10.71 -3.31 -86.77
N ILE M 491 10.84 -2.48 -87.81
CA ILE M 491 10.02 -2.67 -89.00
C ILE M 491 10.31 -4.03 -89.64
N GLU M 492 11.59 -4.38 -89.76
CA GLU M 492 11.96 -5.66 -90.36
C GLU M 492 11.44 -6.83 -89.51
N LYS M 493 11.49 -6.70 -88.19
CA LYS M 493 10.99 -7.75 -87.31
C LYS M 493 9.49 -7.91 -87.45
N VAL M 494 8.77 -6.81 -87.60
CA VAL M 494 7.32 -6.89 -87.82
C VAL M 494 7.03 -7.59 -89.14
N ILE M 495 7.79 -7.27 -90.18
CA ILE M 495 7.58 -7.91 -91.49
C ILE M 495 7.84 -9.41 -91.39
N GLN M 496 8.94 -9.79 -90.74
CA GLN M 496 9.27 -11.21 -90.60
C GLN M 496 8.23 -11.94 -89.76
N ALA M 497 7.70 -11.28 -88.72
CA ALA M 497 6.68 -11.91 -87.90
C ALA M 497 5.39 -12.09 -88.69
N LEU M 498 5.03 -11.12 -89.53
CA LEU M 498 3.87 -11.29 -90.39
C LEU M 498 4.08 -12.45 -91.36
N ASP M 499 5.29 -12.60 -91.89
CA ASP M 499 5.58 -13.73 -92.76
C ASP M 499 5.43 -15.06 -92.02
N ILE M 500 5.95 -15.13 -90.80
CA ILE M 500 5.85 -16.35 -90.01
C ILE M 500 4.39 -16.66 -89.71
N TYR M 501 3.59 -15.63 -89.44
CA TYR M 501 2.17 -15.85 -89.15
C TYR M 501 1.43 -16.33 -90.40
N GLN M 502 1.76 -15.76 -91.57
CA GLN M 502 1.04 -16.16 -92.78
C GLN M 502 1.47 -17.53 -93.25
N ASP M 503 2.68 -17.98 -92.91
CA ASP M 503 3.13 -19.29 -93.35
C ASP M 503 2.96 -20.38 -92.30
N ARG M 504 2.58 -20.03 -91.07
CA ARG M 504 2.38 -21.01 -90.01
C ARG M 504 0.93 -21.11 -89.55
N ILE M 505 0.04 -20.29 -90.10
CA ILE M 505 -1.38 -20.39 -89.73
C ILE M 505 -2.01 -21.66 -90.31
N LEU M 506 -1.41 -22.22 -91.36
CA LEU M 506 -1.91 -23.44 -92.00
C LEU M 506 -0.95 -24.57 -91.65
N PHE M 507 -1.20 -25.22 -90.52
CA PHE M 507 -0.34 -26.32 -90.07
C PHE M 507 -0.50 -27.55 -90.95
N VAL N 118 43.22 47.69 -63.37
CA VAL N 118 43.29 49.14 -63.21
C VAL N 118 43.60 49.50 -61.75
N PHE N 119 44.60 50.37 -61.57
CA PHE N 119 45.00 50.80 -60.25
C PHE N 119 44.18 52.01 -59.85
N THR N 120 43.42 51.89 -58.76
CA THR N 120 42.53 52.95 -58.31
C THR N 120 42.63 53.09 -56.80
N GLN N 121 42.73 54.33 -56.33
CA GLN N 121 42.77 54.65 -54.91
C GLN N 121 41.83 55.81 -54.64
N GLY N 122 41.09 55.71 -53.54
CA GLY N 122 40.11 56.73 -53.20
C GLY N 122 40.24 57.27 -51.79
N TRP N 123 39.20 57.98 -51.34
CA TRP N 123 39.21 58.57 -50.01
C TRP N 123 39.18 57.49 -48.92
N ASP N 124 39.52 57.90 -47.70
CA ASP N 124 39.61 56.98 -46.57
C ASP N 124 38.28 56.74 -45.88
N SER N 125 37.20 57.39 -46.33
CA SER N 125 35.90 57.19 -45.70
C SER N 125 35.42 55.76 -45.92
N GLU N 126 34.84 55.18 -44.88
CA GLU N 126 34.38 53.78 -44.91
C GLU N 126 32.98 53.74 -45.48
N LYS N 127 32.89 53.51 -46.79
CA LYS N 127 31.60 53.36 -47.47
C LYS N 127 31.85 52.59 -48.76
N ILE N 128 30.77 52.38 -49.52
CA ILE N 128 30.86 51.62 -50.76
C ILE N 128 31.67 52.40 -51.79
N VAL N 129 32.25 51.66 -52.74
CA VAL N 129 33.00 52.28 -53.83
C VAL N 129 32.14 52.52 -55.07
N ASP N 130 30.86 52.16 -55.03
CA ASP N 130 29.90 52.35 -56.10
C ASP N 130 30.19 51.49 -57.32
N TYR N 131 31.00 50.45 -57.17
CA TYR N 131 31.22 49.48 -58.25
C TYR N 131 31.71 48.18 -57.62
N ARG N 132 31.92 47.18 -58.47
CA ARG N 132 32.44 45.88 -58.05
C ARG N 132 33.78 45.63 -58.71
N ILE N 133 34.62 44.85 -58.01
CA ILE N 133 35.97 44.56 -58.48
C ILE N 133 36.05 43.11 -58.90
N ASN N 134 36.97 42.83 -59.81
CA ASN N 134 37.24 41.46 -60.25
C ASN N 134 38.09 40.76 -59.19
N GLU N 135 37.52 39.75 -58.54
CA GLU N 135 38.21 39.06 -57.47
C GLU N 135 39.35 38.17 -57.96
N GLU N 136 39.48 37.97 -59.27
CA GLU N 136 40.58 37.15 -59.79
C GLU N 136 41.93 37.82 -59.57
N GLU N 137 41.95 39.15 -59.47
CA GLU N 137 43.17 39.91 -59.27
C GLU N 137 43.38 40.31 -57.81
N PHE N 138 42.77 39.59 -56.87
CA PHE N 138 42.87 39.90 -55.46
C PHE N 138 43.12 38.63 -54.65
N HIS N 139 43.55 38.81 -53.41
CA HIS N 139 43.70 37.73 -52.45
C HIS N 139 42.49 37.74 -51.51
N LYS N 140 41.80 36.62 -51.43
CA LYS N 140 40.64 36.48 -50.56
C LYS N 140 41.07 35.83 -49.25
N ILE N 141 41.19 36.63 -48.20
CA ILE N 141 41.58 36.16 -46.87
C ILE N 141 40.33 36.21 -46.02
N SER N 142 39.71 35.04 -45.78
CA SER N 142 38.47 34.97 -45.04
C SER N 142 38.72 35.03 -43.54
N LEU N 143 37.91 35.82 -42.85
CA LEU N 143 37.97 35.94 -41.39
C LEU N 143 36.64 35.50 -40.80
N LEU N 144 36.48 35.70 -39.50
CA LEU N 144 35.25 35.29 -38.82
C LEU N 144 34.07 36.13 -39.28
N ASP N 145 34.18 37.45 -39.19
CA ASP N 145 33.08 38.35 -39.55
C ASP N 145 33.43 39.26 -40.72
N CYS N 146 34.57 39.06 -41.37
CA CYS N 146 34.97 39.91 -42.47
C CYS N 146 35.75 39.08 -43.49
N ASP N 147 36.09 39.73 -44.60
CA ASP N 147 36.98 39.15 -45.60
C ASP N 147 37.67 40.29 -46.34
N PHE N 148 38.96 40.11 -46.60
CA PHE N 148 39.80 41.16 -47.17
C PHE N 148 40.22 40.81 -48.60
N PHE N 149 40.53 41.84 -49.37
CA PHE N 149 40.97 41.69 -50.76
C PHE N 149 42.16 42.62 -50.99
N ILE N 150 43.33 42.04 -51.23
CA ILE N 150 44.53 42.78 -51.59
C ILE N 150 44.97 42.34 -52.98
N ARG N 151 45.34 43.31 -53.81
CA ARG N 151 45.63 43.02 -55.21
C ARG N 151 46.87 42.15 -55.35
N LYS N 152 46.82 41.21 -56.28
CA LYS N 152 47.93 40.30 -56.54
C LYS N 152 48.51 40.54 -57.92
N PRO N 153 49.74 41.05 -58.04
CA PRO N 153 50.40 41.09 -59.34
C PRO N 153 50.73 39.68 -59.80
N PRO N 154 50.87 39.48 -61.12
CA PRO N 154 51.20 38.14 -61.62
C PRO N 154 52.56 37.67 -61.10
N ASP N 155 52.64 36.37 -60.81
CA ASP N 155 53.84 35.76 -60.25
C ASP N 155 53.75 34.24 -60.35
N PRO N 156 54.89 33.53 -60.39
CA PRO N 156 54.84 32.06 -60.40
C PRO N 156 54.12 31.50 -59.19
N ASP N 157 54.59 31.88 -58.00
CA ASP N 157 53.93 31.52 -56.75
C ASP N 157 53.14 32.73 -56.26
N ASN N 158 51.84 32.56 -56.05
CA ASN N 158 50.94 33.67 -55.72
C ASN N 158 51.17 34.09 -54.27
N ASP N 159 52.20 34.92 -54.09
CA ASP N 159 52.48 35.48 -52.77
C ASP N 159 52.83 36.97 -52.81
N VAL N 160 52.89 37.59 -53.98
CA VAL N 160 53.22 39.00 -54.09
C VAL N 160 51.96 39.82 -53.83
N TYR N 161 52.02 40.71 -52.84
CA TYR N 161 50.89 41.54 -52.46
C TYR N 161 51.12 42.97 -52.91
N ASP N 162 50.07 43.78 -52.78
CA ASP N 162 50.15 45.20 -53.09
C ASP N 162 49.14 45.91 -52.20
N PHE N 163 49.62 46.51 -51.11
CA PHE N 163 48.76 47.12 -50.11
C PHE N 163 48.23 48.49 -50.54
N ARG N 164 48.34 48.85 -51.81
CA ARG N 164 47.77 50.11 -52.28
C ARG N 164 46.26 50.04 -52.43
N GLU N 165 45.72 48.85 -52.71
CA GLU N 165 44.29 48.66 -52.90
C GLU N 165 43.84 47.55 -51.96
N MET N 166 42.90 47.87 -51.06
CA MET N 166 42.36 46.89 -50.12
C MET N 166 40.88 47.17 -49.89
N TYR N 167 40.11 46.09 -49.76
CA TYR N 167 38.67 46.20 -49.62
C TYR N 167 38.17 45.23 -48.57
N VAL N 168 37.19 45.67 -47.78
CA VAL N 168 36.58 44.85 -46.75
C VAL N 168 35.13 44.60 -47.13
N THR N 169 34.61 43.43 -46.73
CA THR N 169 33.28 43.02 -47.08
C THR N 169 32.77 42.06 -46.02
N PRO N 170 31.51 42.17 -45.61
CA PRO N 170 30.90 41.16 -44.74
C PRO N 170 31.02 39.77 -45.36
N PRO N 171 30.95 38.72 -44.55
CA PRO N 171 31.19 37.36 -45.09
C PRO N 171 30.17 36.99 -46.15
N ASP N 172 30.68 36.60 -47.32
CA ASP N 172 29.86 36.19 -48.46
C ASP N 172 28.88 37.30 -48.85
N THR N 173 29.45 38.42 -49.30
CA THR N 173 28.67 39.56 -49.74
C THR N 173 29.43 40.25 -50.87
N ASP N 174 28.73 41.14 -51.56
CA ASP N 174 29.31 41.92 -52.66
C ASP N 174 29.33 43.42 -52.35
N ILE N 175 29.16 43.79 -51.08
CA ILE N 175 29.16 45.19 -50.68
C ILE N 175 30.60 45.52 -50.27
N TYR N 176 31.38 46.01 -51.21
CA TYR N 176 32.77 46.34 -50.96
C TYR N 176 32.88 47.68 -50.25
N ALA N 177 33.96 47.85 -49.49
CA ALA N 177 34.19 49.08 -48.73
C ALA N 177 35.67 49.20 -48.43
N ILE N 178 36.07 50.42 -48.05
CA ILE N 178 37.46 50.72 -47.69
C ILE N 178 37.67 50.42 -46.22
N PRO N 179 38.69 49.66 -45.84
CA PRO N 179 38.89 49.30 -44.44
C PRO N 179 39.52 50.46 -43.66
N ARG N 180 39.82 50.19 -42.39
CA ARG N 180 40.45 51.16 -41.51
C ARG N 180 41.96 50.88 -41.47
N VAL N 181 42.74 51.83 -41.94
CA VAL N 181 44.20 51.72 -41.96
C VAL N 181 44.75 52.57 -40.82
N LEU N 182 45.49 51.93 -39.91
CA LEU N 182 46.05 52.60 -38.74
C LEU N 182 47.57 52.49 -38.68
N ALA N 183 48.23 52.31 -39.83
CA ALA N 183 49.68 52.20 -39.88
C ALA N 183 50.13 52.50 -41.30
N PRO N 184 51.35 53.01 -41.49
CA PRO N 184 51.85 53.24 -42.85
C PRO N 184 52.01 51.93 -43.61
N MET N 185 51.39 51.86 -44.79
CA MET N 185 51.38 50.64 -45.57
C MET N 185 52.44 50.69 -46.66
N PRO N 186 52.94 49.53 -47.09
CA PRO N 186 53.95 49.51 -48.15
C PRO N 186 53.37 49.96 -49.48
N GLN N 187 54.14 50.79 -50.19
CA GLN N 187 53.77 51.26 -51.53
C GLN N 187 54.59 50.57 -52.61
N LYS N 188 54.92 49.30 -52.42
CA LYS N 188 55.72 48.55 -53.38
C LYS N 188 55.34 47.08 -53.28
N TYR N 189 55.63 46.34 -54.34
CA TYR N 189 55.33 44.91 -54.37
C TYR N 189 56.25 44.18 -53.40
N ILE N 190 55.65 43.57 -52.38
CA ILE N 190 56.38 42.84 -51.35
C ILE N 190 55.92 41.40 -51.34
N ARG N 191 56.85 40.49 -51.09
CA ARG N 191 56.57 39.06 -51.03
C ARG N 191 56.41 38.67 -49.56
N CYS N 192 55.24 38.14 -49.21
CA CYS N 192 54.91 37.82 -47.83
C CYS N 192 54.32 36.41 -47.74
N ALA N 193 54.12 35.97 -46.50
CA ALA N 193 53.51 34.68 -46.21
C ALA N 193 52.42 34.87 -45.17
N MET N 194 51.33 34.13 -45.31
CA MET N 194 50.16 34.30 -44.44
C MET N 194 50.13 33.21 -43.37
N SER N 195 49.65 33.60 -42.19
CA SER N 195 49.50 32.67 -41.07
C SER N 195 48.32 33.13 -40.23
N ASP N 196 47.36 32.23 -40.02
CA ASP N 196 46.15 32.56 -39.28
C ASP N 196 46.35 32.39 -37.78
N TYR N 197 45.55 33.11 -37.01
CA TYR N 197 45.62 33.10 -35.55
C TYR N 197 44.20 33.07 -35.01
N GLY N 198 43.76 31.91 -34.55
CA GLY N 198 42.42 31.77 -34.01
C GLY N 198 42.29 30.64 -33.01
N CYS N 199 41.06 30.16 -32.82
CA CYS N 199 40.80 29.08 -31.87
C CYS N 199 39.60 28.29 -32.33
N TYR N 200 39.72 26.97 -32.35
CA TYR N 200 38.63 26.11 -32.77
C TYR N 200 37.45 26.22 -31.81
N ASN N 201 36.25 26.08 -32.35
CA ASN N 201 35.02 26.15 -31.57
C ASN N 201 34.19 24.89 -31.87
N VAL N 202 34.24 23.92 -30.97
CA VAL N 202 33.50 22.68 -31.11
C VAL N 202 32.22 22.80 -30.30
N THR N 203 31.08 22.65 -30.98
CA THR N 203 29.78 22.75 -30.36
C THR N 203 29.03 21.43 -30.48
N GLU N 204 27.99 21.27 -29.66
CA GLU N 204 27.18 20.07 -29.66
C GLU N 204 25.85 20.38 -30.33
N PRO N 205 25.67 20.07 -31.61
CA PRO N 205 24.44 20.43 -32.30
C PRO N 205 23.30 19.50 -31.94
N PRO N 206 22.05 19.94 -32.09
CA PRO N 206 20.92 19.06 -31.83
C PRO N 206 20.86 17.92 -32.82
N ILE N 207 20.37 16.78 -32.35
CA ILE N 207 20.27 15.56 -33.16
C ILE N 207 18.80 15.31 -33.44
N ASP N 208 18.39 15.56 -34.68
CA ASP N 208 17.04 15.31 -35.15
C ASP N 208 17.05 14.44 -36.39
N ALA N 209 17.91 13.43 -36.40
CA ALA N 209 18.08 12.55 -37.56
C ALA N 209 18.67 11.24 -37.06
N PRO N 210 18.48 10.14 -37.81
CA PRO N 210 19.03 8.86 -37.37
C PRO N 210 20.55 8.82 -37.37
N ARG N 211 21.22 9.65 -38.17
CA ARG N 211 22.67 9.68 -38.21
C ARG N 211 23.18 11.12 -38.23
N ASP N 212 22.57 11.98 -37.41
CA ASP N 212 23.00 13.37 -37.36
C ASP N 212 24.40 13.47 -36.73
N PRO N 213 25.25 14.34 -37.23
CA PRO N 213 26.59 14.50 -36.65
C PRO N 213 26.51 14.94 -35.19
N MET N 214 27.32 14.30 -34.35
CA MET N 214 27.29 14.58 -32.92
C MET N 214 28.05 15.85 -32.55
N TYR N 215 28.99 16.30 -33.39
CA TYR N 215 29.76 17.49 -33.09
C TYR N 215 29.93 18.32 -34.36
N LYS N 216 30.29 19.58 -34.16
CA LYS N 216 30.55 20.50 -35.25
C LYS N 216 31.82 21.28 -34.96
N SER N 217 32.71 21.38 -35.94
CA SER N 217 34.00 22.02 -35.77
C SER N 217 34.12 23.22 -36.70
N GLU N 218 34.63 24.33 -36.15
CA GLU N 218 34.87 25.55 -36.91
C GLU N 218 36.22 26.12 -36.52
N ARG N 219 36.91 26.70 -37.50
CA ARG N 219 38.24 27.25 -37.23
C ARG N 219 38.14 28.59 -36.51
N GLU N 220 37.29 29.49 -36.99
CA GLU N 220 37.03 30.78 -36.35
C GLU N 220 38.33 31.59 -36.22
N VAL N 221 38.88 31.96 -37.39
CA VAL N 221 40.09 32.78 -37.41
C VAL N 221 39.75 34.20 -36.96
N SER N 222 40.68 34.82 -36.24
CA SER N 222 40.50 36.17 -35.74
C SER N 222 41.56 37.16 -36.22
N LYS N 223 42.80 36.71 -36.42
CA LYS N 223 43.87 37.57 -36.90
C LYS N 223 44.66 36.82 -37.96
N VAL N 224 45.17 37.56 -38.93
CA VAL N 224 45.98 37.00 -40.01
C VAL N 224 47.30 37.77 -40.07
N PHE N 225 48.41 37.06 -39.97
CA PHE N 225 49.73 37.65 -39.97
C PHE N 225 50.36 37.51 -41.35
N LEU N 226 50.94 38.60 -41.85
CA LEU N 226 51.63 38.61 -43.13
C LEU N 226 53.09 38.94 -42.87
N THR N 227 53.95 37.92 -42.95
CA THR N 227 55.38 38.06 -42.67
C THR N 227 56.12 38.24 -43.98
N LYS N 228 56.75 39.40 -44.14
CA LYS N 228 57.50 39.69 -45.35
C LYS N 228 58.77 38.86 -45.41
N HIS N 229 59.06 38.31 -46.59
CA HIS N 229 60.26 37.52 -46.77
C HIS N 229 61.50 38.40 -46.73
N TYR N 230 62.64 37.78 -46.46
CA TYR N 230 63.90 38.50 -46.40
C TYR N 230 64.38 38.84 -47.80
N ARG N 231 64.51 40.13 -48.09
CA ARG N 231 64.99 40.62 -49.38
C ARG N 231 64.10 40.17 -50.54
N ASN N 232 62.82 39.91 -50.24
CA ASN N 232 61.85 39.48 -51.24
C ASN N 232 62.31 38.24 -52.00
N ARG N 233 62.97 37.33 -51.29
CA ARG N 233 63.47 36.12 -51.92
C ARG N 233 62.36 35.08 -52.02
N ARG N 234 62.50 34.19 -53.01
CA ARG N 234 61.53 33.13 -53.21
C ARG N 234 61.77 31.99 -52.21
N ALA N 235 60.74 31.19 -51.99
CA ALA N 235 60.84 30.08 -51.07
C ALA N 235 61.84 29.03 -51.56
N GLY N 236 61.95 28.86 -52.88
CA GLY N 236 62.90 27.92 -53.44
C GLY N 236 64.35 28.35 -53.41
N ASP N 237 64.63 29.56 -52.93
CA ASP N 237 66.00 30.03 -52.84
C ASP N 237 66.77 29.18 -51.83
N PRO N 238 68.03 28.81 -52.15
CA PRO N 238 68.80 28.00 -51.20
C PRO N 238 69.05 28.68 -49.86
N GLU N 239 69.05 30.01 -49.81
CA GLU N 239 69.20 30.76 -48.56
C GLU N 239 67.93 31.59 -48.38
N PHE N 240 66.92 30.98 -47.77
CA PHE N 240 65.64 31.61 -47.52
C PHE N 240 65.52 32.02 -46.06
N ALA N 241 64.84 33.14 -45.82
CA ALA N 241 64.64 33.64 -44.47
C ALA N 241 63.38 34.48 -44.44
N LEU N 242 62.96 34.85 -43.23
CA LEU N 242 61.79 35.66 -43.01
C LEU N 242 62.14 36.90 -42.21
N ASP N 243 61.46 38.01 -42.53
CA ASP N 243 61.70 39.29 -41.87
C ASP N 243 60.57 39.51 -40.86
N PHE N 244 60.88 39.34 -39.57
CA PHE N 244 59.89 39.50 -38.53
C PHE N 244 59.67 40.96 -38.13
N GLU N 245 60.56 41.87 -38.54
CA GLU N 245 60.39 43.28 -38.23
C GLU N 245 59.27 43.93 -39.03
N GLU N 246 58.74 43.25 -40.04
CA GLU N 246 57.67 43.78 -40.88
C GLU N 246 56.54 42.75 -40.92
N ILE N 247 55.62 42.86 -39.96
CA ILE N 247 54.48 41.96 -39.85
C ILE N 247 53.21 42.80 -39.79
N TYR N 248 52.24 42.45 -40.64
CA TYR N 248 50.99 43.18 -40.73
C TYR N 248 49.84 42.29 -40.26
N VAL N 249 49.18 42.69 -39.19
CA VAL N 249 48.05 41.95 -38.65
C VAL N 249 46.77 42.45 -39.30
N ILE N 250 45.75 41.59 -39.34
CA ILE N 250 44.45 41.91 -39.94
C ILE N 250 43.41 41.54 -38.90
N ASP N 251 42.85 42.54 -38.22
CA ASP N 251 41.83 42.29 -37.22
C ASP N 251 40.48 42.06 -37.87
N SER N 252 39.66 41.22 -37.24
CA SER N 252 38.33 40.91 -37.76
C SER N 252 37.21 41.60 -37.00
N LYS N 253 37.46 42.04 -35.76
CA LYS N 253 36.44 42.72 -34.98
C LYS N 253 36.39 44.22 -35.25
N THR N 254 37.51 44.82 -35.64
CA THR N 254 37.59 46.24 -35.90
C THR N 254 37.82 46.58 -37.37
N LYS N 255 37.91 45.56 -38.24
CA LYS N 255 38.10 45.76 -39.68
C LYS N 255 39.35 46.60 -39.97
N SER N 256 40.38 46.41 -39.14
CA SER N 256 41.58 47.22 -39.22
C SER N 256 42.77 46.37 -39.64
N ILE N 257 43.73 47.01 -40.29
CA ILE N 257 44.98 46.37 -40.70
C ILE N 257 46.12 47.29 -40.26
N THR N 258 46.90 46.83 -39.28
CA THR N 258 47.96 47.64 -38.67
C THR N 258 49.28 46.90 -38.77
N ARG N 259 50.31 47.47 -38.15
CA ARG N 259 51.63 46.88 -38.08
C ARG N 259 51.87 46.28 -36.70
N ALA N 260 52.87 45.41 -36.63
CA ALA N 260 53.20 44.70 -35.39
C ALA N 260 54.39 45.38 -34.73
N LYS N 261 54.18 45.85 -33.49
CA LYS N 261 55.24 46.50 -32.72
C LYS N 261 56.17 45.43 -32.16
N VAL N 262 57.06 44.94 -33.04
CA VAL N 262 57.96 43.88 -32.65
C VAL N 262 59.05 44.42 -31.74
N VAL N 263 59.52 43.58 -30.83
CA VAL N 263 60.58 43.93 -29.88
C VAL N 263 61.74 42.97 -30.14
N VAL N 264 62.75 43.44 -30.86
CA VAL N 264 63.90 42.60 -31.22
C VAL N 264 64.88 42.63 -30.06
N THR N 265 64.96 41.51 -29.34
CA THR N 265 65.88 41.35 -28.22
C THR N 265 66.78 40.16 -28.51
N VAL N 266 67.88 40.42 -29.21
CA VAL N 266 68.86 39.39 -29.54
C VAL N 266 70.20 40.05 -29.83
N PRO N 267 71.29 39.58 -29.22
CA PRO N 267 72.59 40.19 -29.49
C PRO N 267 73.06 39.92 -30.92
N GLY N 268 73.61 40.96 -31.54
CA GLY N 268 74.11 40.83 -32.90
C GLY N 268 73.73 42.00 -33.80
N GLY N 269 72.56 42.58 -33.54
CA GLY N 269 72.11 43.69 -34.36
C GLY N 269 71.76 43.25 -35.78
N ARG N 270 72.01 44.14 -36.73
CA ARG N 270 71.74 43.84 -38.13
C ARG N 270 72.78 42.92 -38.74
N ASN N 271 74.00 42.92 -38.19
CA ASN N 271 75.05 42.04 -38.71
C ASN N 271 74.77 40.58 -38.43
N ARG N 272 73.94 40.27 -37.43
CA ARG N 272 73.57 38.90 -37.13
C ARG N 272 72.73 38.32 -38.25
N ASP N 273 73.08 37.11 -38.70
CA ASP N 273 72.32 36.44 -39.74
C ASP N 273 70.93 36.09 -39.23
N ARG N 274 69.92 36.35 -40.06
CA ARG N 274 68.53 36.08 -39.67
C ARG N 274 68.13 34.64 -39.98
N LYS N 275 68.93 33.69 -39.48
CA LYS N 275 68.61 32.27 -39.58
C LYS N 275 68.41 31.63 -38.22
N ASN N 276 68.75 32.31 -37.13
CA ASN N 276 68.56 31.81 -35.77
C ASN N 276 67.67 32.83 -35.06
N ASP N 277 66.36 32.69 -35.24
CA ASP N 277 65.39 33.60 -34.64
C ASP N 277 64.12 32.83 -34.32
N LEU N 278 63.30 33.42 -33.46
CA LEU N 278 62.03 32.80 -33.07
C LEU N 278 61.09 33.89 -32.57
N LEU N 279 60.03 34.15 -33.34
CA LEU N 279 59.02 35.13 -32.95
C LEU N 279 58.05 34.49 -31.97
N VAL N 280 57.98 35.02 -30.77
CA VAL N 280 57.05 34.55 -29.75
C VAL N 280 55.88 35.52 -29.68
N ILE N 281 54.67 35.00 -29.87
CA ILE N 281 53.45 35.81 -29.88
C ILE N 281 52.64 35.46 -28.64
N ARG N 282 52.28 36.49 -27.87
CA ARG N 282 51.50 36.30 -26.66
C ARG N 282 50.47 37.41 -26.54
N ASP N 283 49.63 37.33 -25.50
CA ASP N 283 48.65 38.36 -25.18
C ASP N 283 47.68 38.58 -26.33
N ASN N 284 47.09 37.49 -26.80
CA ASN N 284 46.05 37.52 -27.85
C ASN N 284 46.56 38.21 -29.12
N GLY N 285 47.77 37.85 -29.53
CA GLY N 285 48.33 38.40 -30.76
C GLY N 285 48.69 39.86 -30.71
N THR N 286 49.09 40.36 -29.53
CA THR N 286 49.46 41.76 -29.37
C THR N 286 50.89 41.97 -28.93
N SER N 287 51.59 40.93 -28.48
CA SER N 287 52.98 41.03 -28.03
C SER N 287 53.87 40.21 -28.96
N PHE N 288 54.91 40.85 -29.49
CA PHE N 288 55.85 40.20 -30.39
C PHE N 288 57.26 40.37 -29.85
N LYS N 289 58.01 39.26 -29.78
CA LYS N 289 59.39 39.28 -29.32
C LYS N 289 60.21 38.34 -30.17
N ILE N 290 61.37 38.80 -30.62
CA ILE N 290 62.28 38.00 -31.43
C ILE N 290 63.42 37.54 -30.54
N ILE N 291 63.52 36.23 -30.33
CA ILE N 291 64.56 35.65 -29.48
C ILE N 291 65.24 34.53 -30.24
N PRO N 292 66.49 34.21 -29.89
CA PRO N 292 67.17 33.10 -30.57
C PRO N 292 66.50 31.77 -30.28
N SER N 293 66.73 30.82 -31.19
CA SER N 293 66.11 29.50 -31.10
C SER N 293 66.75 28.60 -30.05
N GLU N 294 67.79 29.05 -29.37
CA GLU N 294 68.43 28.24 -28.33
C GLU N 294 67.76 28.39 -26.99
N GLU N 295 67.22 29.56 -26.68
CA GLU N 295 66.57 29.83 -25.40
C GLU N 295 65.05 29.68 -25.48
N ARG N 296 64.56 28.86 -26.40
CA ARG N 296 63.12 28.64 -26.51
C ARG N 296 62.61 27.87 -25.30
N ASP N 297 61.29 27.84 -25.15
CA ASP N 297 60.62 27.15 -24.06
C ASP N 297 59.74 26.04 -24.63
N ASP N 298 59.87 24.85 -24.08
CA ASP N 298 59.03 23.73 -24.49
C ASP N 298 57.57 24.02 -24.13
N PRO N 299 56.62 23.43 -24.86
CA PRO N 299 55.21 23.74 -24.60
C PRO N 299 54.76 23.45 -23.17
N THR N 300 55.23 22.33 -22.61
CA THR N 300 54.85 22.00 -21.24
C THR N 300 55.32 23.06 -20.26
N THR N 301 56.47 23.69 -20.51
CA THR N 301 56.99 24.71 -19.60
C THR N 301 56.05 25.91 -19.54
N VAL N 302 55.67 26.46 -20.69
CA VAL N 302 54.79 27.63 -20.68
C VAL N 302 53.40 27.26 -20.21
N ILE N 303 52.91 26.06 -20.54
CA ILE N 303 51.63 25.61 -20.02
C ILE N 303 51.64 25.59 -18.51
N GLU N 304 52.67 24.99 -17.92
CA GLU N 304 52.78 24.92 -16.46
C GLU N 304 52.95 26.31 -15.86
N LYS N 305 53.68 27.20 -16.53
CA LYS N 305 53.85 28.55 -16.02
C LYS N 305 52.51 29.28 -15.92
N GLU N 306 51.74 29.26 -17.01
CA GLU N 306 50.44 29.95 -16.99
C GLU N 306 49.49 29.30 -15.99
N GLU N 307 49.48 27.97 -15.94
CA GLU N 307 48.60 27.28 -14.98
C GLU N 307 48.98 27.63 -13.55
N TRP N 308 50.28 27.68 -13.25
CA TRP N 308 50.74 28.01 -11.91
C TRP N 308 50.35 29.43 -11.53
N LYS N 309 50.53 30.38 -12.46
CA LYS N 309 50.16 31.76 -12.17
C LYS N 309 48.67 31.90 -11.90
N LYS N 310 47.84 31.31 -12.76
CA LYS N 310 46.39 31.40 -12.56
C LYS N 310 45.96 30.71 -11.27
N SER N 311 46.55 29.55 -10.96
CA SER N 311 46.18 28.84 -9.75
C SER N 311 46.58 29.61 -8.51
N ARG N 312 47.75 30.26 -8.52
CA ARG N 312 48.15 31.06 -7.37
C ARG N 312 47.25 32.26 -7.19
N GLN N 313 46.88 32.92 -8.29
CA GLN N 313 45.95 34.04 -8.18
C GLN N 313 44.61 33.59 -7.60
N ASP N 314 44.09 32.46 -8.08
CA ASP N 314 42.81 31.96 -7.55
C ASP N 314 42.93 31.57 -6.08
N MET N 315 44.06 30.97 -5.69
CA MET N 315 44.23 30.56 -4.29
C MET N 315 44.30 31.77 -3.38
N GLU N 316 45.04 32.81 -3.79
CA GLU N 316 45.09 34.02 -2.97
C GLU N 316 43.72 34.70 -2.90
N ARG N 317 42.91 34.57 -3.91
CA ARG N 317 41.57 35.14 -3.83
C ARG N 317 40.74 34.41 -2.81
N HIS N 318 40.78 33.09 -2.83
CA HIS N 318 39.96 32.31 -1.92
C HIS N 318 40.33 32.56 -0.51
N LEU N 319 41.61 32.65 -0.23
CA LEU N 319 42.03 32.80 1.14
C LEU N 319 41.89 34.23 1.61
N ARG N 320 41.90 35.21 0.72
CA ARG N 320 41.82 36.58 1.22
C ARG N 320 40.59 36.82 2.08
N LYS N 321 39.53 36.02 1.92
CA LYS N 321 38.27 36.25 2.62
C LYS N 321 38.23 35.60 4.01
N LEU N 322 39.38 35.31 4.60
CA LEU N 322 39.45 34.76 5.95
C LEU N 322 40.05 35.79 6.90
N ARG N 323 39.60 35.73 8.16
CA ARG N 323 40.04 36.72 9.15
C ARG N 323 41.50 36.53 9.55
N ASP N 324 42.06 35.34 9.36
CA ASP N 324 43.45 35.06 9.72
C ASP N 324 44.43 35.48 8.63
N PHE N 325 44.00 36.28 7.67
CA PHE N 325 44.89 36.79 6.63
C PHE N 325 45.76 37.91 7.19
N SER N 326 46.74 38.33 6.40
CA SER N 326 47.65 39.42 6.74
C SER N 326 48.50 39.10 7.96
N VAL N 327 48.39 37.88 8.48
CA VAL N 327 49.20 37.42 9.60
C VAL N 327 49.69 36.01 9.25
N SER N 328 49.53 35.63 7.99
CA SER N 328 49.83 34.30 7.50
C SER N 328 51.09 34.32 6.62
N ASN N 329 51.47 33.14 6.16
CA ASN N 329 52.63 32.97 5.29
C ASN N 329 52.28 31.98 4.19
N TRP N 330 52.82 32.20 3.01
CA TRP N 330 52.57 31.36 1.84
C TRP N 330 53.77 30.44 1.65
N PHE N 331 53.65 29.22 2.13
CA PHE N 331 54.74 28.25 2.05
C PHE N 331 54.53 27.29 0.88
N LYS O 48 -59.82 52.05 76.40
CA LYS O 48 -59.81 50.75 77.03
C LYS O 48 -59.37 50.87 78.49
N PHE O 49 -58.14 50.50 78.77
CA PHE O 49 -57.68 50.55 80.15
C PHE O 49 -57.73 52.00 80.56
N GLU O 50 -58.17 52.27 81.78
CA GLU O 50 -58.34 53.65 82.19
C GLU O 50 -57.66 53.92 83.51
N LEU O 51 -57.33 55.17 83.76
CA LEU O 51 -56.62 55.49 84.98
C LEU O 51 -57.44 55.14 86.18
N MET O 52 -56.82 54.54 87.16
CA MET O 52 -57.52 54.17 88.36
C MET O 52 -56.95 55.04 89.45
N PRO O 53 -57.81 55.68 90.22
CA PRO O 53 -57.31 56.61 91.22
C PRO O 53 -56.51 55.95 92.31
N PRO O 54 -55.56 56.68 92.86
CA PRO O 54 -54.74 56.13 93.94
C PRO O 54 -55.60 55.81 95.14
N PRO O 55 -55.25 54.73 95.85
CA PRO O 55 -56.02 54.32 97.01
C PRO O 55 -56.03 55.38 98.08
N TYR O 56 -54.87 55.98 98.33
CA TYR O 56 -54.80 57.07 99.29
C TYR O 56 -55.39 58.32 98.65
N PRO O 57 -55.71 59.33 99.47
CA PRO O 57 -56.30 60.56 98.94
C PRO O 57 -55.40 61.22 97.93
N MET O 58 -54.08 61.08 98.08
CA MET O 58 -53.13 61.70 97.16
C MET O 58 -53.23 63.18 97.19
N ASN O 59 -53.51 63.72 98.35
CA ASN O 59 -53.52 65.15 98.48
C ASN O 59 -52.62 65.34 99.64
N ALA O 60 -53.17 65.16 100.83
CA ALA O 60 -52.39 65.28 102.03
C ALA O 60 -52.14 63.90 102.57
N LEU O 61 -52.39 62.88 101.75
CA LEU O 61 -52.26 61.53 102.22
C LEU O 61 -50.84 61.39 102.66
N GLU O 62 -49.92 61.95 101.89
CA GLU O 62 -48.56 61.95 102.33
C GLU O 62 -48.05 63.37 102.43
N PRO O 63 -47.61 63.81 103.65
CA PRO O 63 -47.03 65.16 103.63
C PRO O 63 -45.70 65.03 102.95
N HIS O 64 -45.10 63.85 103.05
CA HIS O 64 -43.80 63.61 102.46
C HIS O 64 -43.79 63.73 100.95
N MET O 65 -44.83 63.23 100.29
CA MET O 65 -44.90 63.36 98.85
C MET O 65 -45.87 64.45 98.49
N SER O 66 -45.41 65.47 97.77
CA SER O 66 -46.27 66.60 97.46
C SER O 66 -47.42 66.24 96.56
N HIS O 67 -48.48 67.04 96.62
CA HIS O 67 -49.61 66.83 95.75
C HIS O 67 -49.12 67.03 94.35
N THR O 68 -48.22 67.98 94.20
CA THR O 68 -47.70 68.28 92.88
C THR O 68 -47.00 67.05 92.34
N THR O 69 -46.25 66.38 93.20
CA THR O 69 -45.52 65.23 92.74
C THR O 69 -46.52 64.22 92.26
N PHE O 70 -47.57 64.04 93.03
CA PHE O 70 -48.60 63.09 92.65
C PHE O 70 -49.26 63.52 91.37
N GLU O 71 -49.51 64.81 91.24
CA GLU O 71 -50.22 65.28 90.07
C GLU O 71 -49.45 65.01 88.82
N TYR O 72 -48.18 65.32 88.80
CA TYR O 72 -47.39 65.03 87.64
C TYR O 72 -47.11 63.55 87.41
N HIS O 73 -46.72 62.83 88.45
CA HIS O 73 -46.34 61.43 88.30
C HIS O 73 -47.49 60.59 87.87
N TRP O 74 -48.64 60.80 88.50
CA TRP O 74 -49.80 59.98 88.19
C TRP O 74 -50.70 60.69 87.24
N GLY O 75 -50.98 61.95 87.53
CA GLY O 75 -51.92 62.65 86.70
C GLY O 75 -51.43 62.81 85.29
N LYS O 76 -50.16 63.12 85.11
CA LYS O 76 -49.70 63.34 83.77
C LYS O 76 -49.00 62.14 83.19
N HIS O 77 -48.00 61.64 83.90
CA HIS O 77 -47.25 60.53 83.35
C HIS O 77 -48.01 59.21 83.24
N HIS O 78 -48.73 58.84 84.29
CA HIS O 78 -49.48 57.59 84.26
C HIS O 78 -50.55 57.71 83.22
N ARG O 79 -51.16 58.89 83.15
CA ARG O 79 -52.25 59.08 82.22
C ARG O 79 -51.72 58.89 80.85
N ALA O 80 -50.55 59.43 80.60
CA ALA O 80 -50.02 59.35 79.27
C ALA O 80 -49.80 57.92 78.90
N TYR O 81 -49.26 57.12 79.81
CA TYR O 81 -48.95 55.76 79.42
C TYR O 81 -50.21 55.03 79.05
N VAL O 82 -51.23 55.17 79.87
CA VAL O 82 -52.47 54.44 79.60
C VAL O 82 -53.14 54.95 78.35
N ASP O 83 -53.13 56.25 78.16
CA ASP O 83 -53.77 56.83 77.00
C ASP O 83 -53.08 56.32 75.79
N ASN O 84 -51.76 56.29 75.84
CA ASN O 84 -51.00 55.87 74.69
C ASN O 84 -51.34 54.44 74.39
N LEU O 85 -51.45 53.63 75.44
CA LEU O 85 -51.73 52.23 75.22
C LEU O 85 -53.06 52.15 74.55
N ASN O 86 -54.01 52.93 75.01
CA ASN O 86 -55.34 52.83 74.46
C ASN O 86 -55.29 53.21 73.01
N LYS O 87 -54.54 54.25 72.69
CA LYS O 87 -54.52 54.72 71.33
C LYS O 87 -54.02 53.63 70.41
N GLN O 88 -53.03 52.88 70.86
CA GLN O 88 -52.45 51.90 69.98
C GLN O 88 -53.10 50.52 70.01
N ILE O 89 -53.57 50.07 71.18
CA ILE O 89 -54.12 48.73 71.27
C ILE O 89 -55.40 48.64 70.45
N ASP O 90 -55.97 49.77 70.05
CA ASP O 90 -57.31 49.74 69.40
C ASP O 90 -57.46 49.00 68.09
N GLY O 91 -58.30 47.98 68.08
CA GLY O 91 -58.56 47.24 66.86
C GLY O 91 -57.60 46.13 66.66
N THR O 92 -56.70 45.96 67.60
CA THR O 92 -55.76 44.89 67.52
C THR O 92 -56.37 43.67 68.11
N GLU O 93 -55.67 42.55 67.97
CA GLU O 93 -56.14 41.34 68.55
C GLU O 93 -56.28 41.59 70.01
N LEU O 94 -55.38 42.36 70.57
CA LEU O 94 -55.42 42.67 71.97
C LEU O 94 -56.30 43.86 72.25
N ASP O 95 -57.53 43.85 71.76
CA ASP O 95 -58.41 44.94 72.10
C ASP O 95 -58.81 44.97 73.55
N GLY O 96 -59.15 43.82 74.08
CA GLY O 96 -59.63 43.79 75.44
C GLY O 96 -58.87 42.91 76.40
N MET O 97 -57.80 42.29 75.94
CA MET O 97 -57.11 41.36 76.78
C MET O 97 -56.58 42.09 77.97
N THR O 98 -56.70 41.52 79.16
CA THR O 98 -56.10 42.09 80.34
C THR O 98 -54.68 42.64 80.10
N LEU O 99 -54.36 43.85 80.56
CA LEU O 99 -53.05 44.46 80.33
C LEU O 99 -51.92 43.56 80.81
N GLU O 100 -52.13 42.86 81.92
CA GLU O 100 -51.11 41.97 82.44
C GLU O 100 -50.79 40.86 81.43
N ASP O 101 -51.81 40.32 80.77
CA ASP O 101 -51.59 39.31 79.75
C ASP O 101 -51.00 39.95 78.51
N ILE O 102 -51.47 41.14 78.16
CA ILE O 102 -50.96 41.84 77.00
C ILE O 102 -49.45 42.07 77.11
N ILE O 103 -48.96 42.35 78.31
CA ILE O 103 -47.55 42.56 78.51
C ILE O 103 -46.83 41.33 78.06
N LEU O 104 -47.18 40.18 78.62
CA LEU O 104 -46.45 38.97 78.28
C LEU O 104 -46.42 38.68 76.80
N ILE O 105 -47.54 38.91 76.14
CA ILE O 105 -47.61 38.66 74.72
C ILE O 105 -46.67 39.59 73.94
N THR O 106 -46.55 40.83 74.36
CA THR O 106 -45.73 41.78 73.61
C THR O 106 -44.24 41.72 73.95
N TYR O 107 -43.84 40.97 74.95
CA TYR O 107 -42.42 40.82 75.23
C TYR O 107 -41.82 40.03 74.13
N ASN O 108 -42.62 39.17 73.51
CA ASN O 108 -42.15 38.35 72.41
C ASN O 108 -40.77 37.84 72.68
N GLY O 110 -37.32 37.71 73.30
CA GLY O 110 -36.32 38.75 73.29
C GLY O 110 -36.74 40.08 72.70
N ASP O 111 -37.43 40.06 71.57
CA ASP O 111 -37.79 41.30 70.87
C ASP O 111 -38.99 41.99 71.45
N LEU O 112 -38.75 43.08 72.14
CA LEU O 112 -39.85 43.81 72.69
C LEU O 112 -40.67 44.34 71.53
N LEU O 113 -41.97 44.08 71.55
CA LEU O 113 -42.85 44.56 70.49
C LEU O 113 -43.32 45.93 70.85
N PRO O 114 -43.74 46.71 69.84
CA PRO O 114 -44.12 48.11 70.09
C PRO O 114 -44.86 48.54 71.36
N PRO O 115 -45.95 47.88 71.77
CA PRO O 115 -46.60 48.45 72.94
C PRO O 115 -46.08 48.01 74.30
N PHE O 116 -45.18 47.02 74.37
CA PHE O 116 -44.73 46.51 75.66
C PHE O 116 -44.42 47.62 76.63
N ASN O 117 -43.64 48.59 76.20
CA ASN O 117 -43.24 49.66 77.09
C ASN O 117 -44.39 50.38 77.75
N ASN O 118 -45.32 50.89 76.96
CA ASN O 118 -46.42 51.66 77.51
C ASN O 118 -47.14 50.83 78.51
N ALA O 119 -47.45 49.60 78.12
CA ALA O 119 -48.18 48.71 78.99
C ALA O 119 -47.51 48.52 80.29
N ALA O 120 -46.27 48.07 80.23
CA ALA O 120 -45.59 47.75 81.46
C ALA O 120 -45.52 48.93 82.38
N GLN O 121 -45.21 50.11 81.84
CA GLN O 121 -45.06 51.26 82.71
C GLN O 121 -46.36 51.54 83.41
N ALA O 122 -47.48 51.46 82.69
CA ALA O 122 -48.79 51.67 83.30
C ALA O 122 -49.05 50.70 84.43
N TRP O 123 -48.93 49.41 84.13
CA TRP O 123 -49.13 48.40 85.15
C TRP O 123 -48.27 48.69 86.35
N ASN O 124 -47.00 48.94 86.11
CA ASN O 124 -46.10 49.13 87.22
C ASN O 124 -46.50 50.36 87.99
N HIS O 125 -46.95 51.37 87.29
CA HIS O 125 -47.26 52.61 87.96
C HIS O 125 -48.36 52.37 88.95
N GLN O 126 -49.29 51.47 88.62
CA GLN O 126 -50.39 51.17 89.52
C GLN O 126 -50.02 50.30 90.64
N PHE O 127 -48.98 49.51 90.51
CA PHE O 127 -48.53 48.71 91.62
C PHE O 127 -47.99 49.63 92.64
N PHE O 128 -47.40 50.74 92.24
CA PHE O 128 -46.75 51.61 93.19
C PHE O 128 -47.74 52.22 94.08
N TRP O 129 -48.84 52.67 93.53
CA TRP O 129 -49.78 53.36 94.35
C TRP O 129 -50.31 52.44 95.36
N GLU O 130 -50.53 51.20 94.99
CA GLU O 130 -51.01 50.24 95.90
C GLU O 130 -50.03 50.04 97.00
N SER O 131 -48.76 50.10 96.71
CA SER O 131 -47.76 49.82 97.70
C SER O 131 -47.71 50.72 98.86
N MET O 132 -48.16 51.94 98.69
CA MET O 132 -48.03 52.90 99.75
C MET O 132 -49.37 53.17 100.30
N LYS O 133 -49.48 53.13 101.62
CA LYS O 133 -50.73 53.45 102.21
C LYS O 133 -50.56 54.76 102.81
N PRO O 134 -51.60 55.46 103.24
CA PRO O 134 -51.34 56.76 103.89
C PRO O 134 -50.35 56.83 105.00
N SER O 135 -50.76 56.68 106.24
CA SER O 135 -49.78 56.62 107.33
C SER O 135 -49.18 55.28 107.18
N GLY O 136 -47.91 55.16 107.39
CA GLY O 136 -47.31 53.90 107.08
C GLY O 136 -45.98 53.58 107.64
N GLY O 137 -45.55 52.38 107.42
CA GLY O 137 -44.24 52.01 107.83
C GLY O 137 -44.23 51.28 109.11
N GLY O 138 -43.21 50.50 109.30
CA GLY O 138 -43.20 49.71 110.48
C GLY O 138 -42.64 48.40 110.06
N LYS O 139 -42.94 47.37 110.81
CA LYS O 139 -42.36 46.15 110.48
C LYS O 139 -43.43 45.27 110.01
N PRO O 140 -43.08 44.37 109.11
CA PRO O 140 -44.05 43.40 108.67
C PRO O 140 -44.49 42.57 109.81
N SER O 141 -45.78 42.28 109.88
CA SER O 141 -46.26 41.39 110.91
C SER O 141 -47.03 40.32 110.18
N GLY O 142 -47.03 39.12 110.70
CA GLY O 142 -47.70 38.05 110.01
C GLY O 142 -46.74 37.10 109.38
N GLU O 143 -47.22 36.33 108.44
CA GLU O 143 -46.38 35.36 107.79
C GLU O 143 -45.25 35.95 107.00
N LEU O 144 -45.30 37.25 106.68
CA LEU O 144 -44.23 37.70 105.81
C LEU O 144 -42.99 37.66 106.58
N LEU O 145 -43.11 37.97 107.84
CA LEU O 145 -41.92 38.05 108.60
C LEU O 145 -41.24 36.72 108.56
N GLN O 146 -41.97 35.62 108.61
CA GLN O 146 -41.27 34.34 108.65
C GLN O 146 -40.50 34.08 107.40
N LEU O 147 -41.12 34.37 106.27
CA LEU O 147 -40.47 34.13 105.02
C LEU O 147 -39.28 35.03 104.96
N ILE O 148 -39.44 36.27 105.37
CA ILE O 148 -38.37 37.23 105.24
C ILE O 148 -37.25 36.75 106.07
N ASN O 149 -37.54 36.26 107.26
CA ASN O 149 -36.51 35.81 108.17
C ASN O 149 -35.75 34.60 107.65
N ARG O 150 -36.41 33.68 107.00
CA ARG O 150 -35.70 32.57 106.38
C ARG O 150 -34.87 32.97 105.20
N ASP O 151 -35.47 33.74 104.31
CA ASP O 151 -34.76 34.09 103.08
C ASP O 151 -33.56 34.99 103.24
N PHE O 152 -33.68 36.02 104.06
CA PHE O 152 -32.62 36.97 104.24
C PHE O 152 -32.72 36.89 105.74
N GLY O 153 -31.78 37.31 106.51
CA GLY O 153 -31.87 37.11 107.94
C GLY O 153 -32.88 37.80 108.80
N SER O 154 -32.95 39.11 108.75
CA SER O 154 -33.80 39.86 109.62
C SER O 154 -34.48 40.89 108.78
N PHE O 155 -35.43 41.63 109.33
CA PHE O 155 -36.02 42.69 108.58
C PHE O 155 -34.96 43.64 108.31
N GLU O 156 -34.15 43.88 109.30
CA GLU O 156 -33.03 44.71 109.04
C GLU O 156 -32.08 44.17 107.97
N ALA O 157 -32.28 42.94 107.47
CA ALA O 157 -31.44 42.53 106.38
C ALA O 157 -32.10 42.88 105.06
N PHE O 158 -33.39 42.60 104.97
CA PHE O 158 -34.09 42.96 103.76
C PHE O 158 -34.08 44.45 103.58
N VAL O 159 -34.23 45.21 104.66
CA VAL O 159 -34.28 46.64 104.48
C VAL O 159 -32.99 47.12 103.87
N LYS O 160 -31.86 46.64 104.38
CA LYS O 160 -30.60 47.12 103.87
C LYS O 160 -30.47 46.74 102.41
N GLU O 161 -30.84 45.52 102.08
CA GLU O 161 -30.72 45.07 100.70
C GLU O 161 -31.61 45.86 99.79
N PHE O 162 -32.85 46.09 100.17
CA PHE O 162 -33.75 46.76 99.26
C PHE O 162 -33.24 48.16 99.06
N LYS O 163 -32.81 48.80 100.13
CA LYS O 163 -32.36 50.17 100.02
C LYS O 163 -31.16 50.22 99.10
N ALA O 164 -30.24 49.29 99.29
CA ALA O 164 -29.03 49.29 98.48
C ALA O 164 -29.33 49.06 97.04
N ALA O 165 -30.22 48.12 96.76
CA ALA O 165 -30.48 47.79 95.38
C ALA O 165 -31.07 48.97 94.67
N ALA O 166 -31.96 49.66 95.34
CA ALA O 166 -32.59 50.79 94.72
C ALA O 166 -31.57 51.84 94.39
N ALA O 167 -30.65 52.08 95.30
CA ALA O 167 -29.66 53.13 95.08
C ALA O 167 -28.80 52.84 93.87
N THR O 168 -28.41 51.59 93.71
CA THR O 168 -27.51 51.24 92.63
C THR O 168 -28.14 51.15 91.26
N GLN O 169 -29.45 51.27 91.16
CA GLN O 169 -30.01 51.25 89.82
C GLN O 169 -29.50 52.47 89.11
N PHE O 170 -29.09 52.29 87.86
CA PHE O 170 -28.56 53.40 87.10
C PHE O 170 -29.57 53.70 86.03
N GLY O 171 -29.98 54.95 85.94
CA GLY O 171 -30.95 55.34 84.94
C GLY O 171 -32.34 55.05 85.41
N SER O 172 -33.30 55.14 84.51
CA SER O 172 -34.67 54.87 84.87
C SER O 172 -34.84 53.40 85.19
N GLY O 173 -35.61 53.11 86.24
CA GLY O 173 -35.82 51.74 86.64
C GLY O 173 -36.85 51.57 87.73
N TRP O 174 -37.09 50.32 88.13
CA TRP O 174 -38.00 50.06 89.22
C TRP O 174 -37.29 49.08 90.13
N ALA O 175 -37.73 48.97 91.38
CA ALA O 175 -37.14 47.99 92.27
C ALA O 175 -38.21 47.02 92.69
N TRP O 176 -37.95 45.73 92.65
CA TRP O 176 -39.01 44.77 92.92
C TRP O 176 -38.74 43.76 94.01
N LEU O 177 -39.79 43.36 94.74
CA LEU O 177 -39.67 42.31 95.75
C LEU O 177 -40.52 41.19 95.18
N ALA O 178 -40.00 39.98 95.12
CA ALA O 178 -40.77 38.92 94.44
C ALA O 178 -40.68 37.51 94.99
N TYR O 179 -41.64 36.66 94.62
CA TYR O 179 -41.57 35.27 95.03
C TYR O 179 -41.08 34.41 93.90
N LYS O 180 -40.09 33.59 94.15
CA LYS O 180 -39.51 32.77 93.12
C LYS O 180 -40.33 31.56 92.87
N ALA O 181 -41.39 31.71 92.10
CA ALA O 181 -42.27 30.59 91.81
C ALA O 181 -42.32 30.35 90.30
N ASN O 182 -41.17 30.40 89.65
CA ASN O 182 -41.08 30.29 88.20
C ASN O 182 -40.93 28.82 87.78
N ARG O 183 -41.11 28.59 86.49
CA ARG O 183 -40.96 27.26 85.91
C ARG O 183 -40.54 27.42 84.46
N LEU O 184 -39.41 26.80 84.09
CA LEU O 184 -38.90 26.94 82.74
C LEU O 184 -39.82 26.22 81.75
N ASN O 185 -39.51 26.39 80.46
CA ASN O 185 -40.28 25.79 79.38
C ASN O 185 -39.37 25.15 78.34
N VAL O 186 -38.19 24.70 78.75
CA VAL O 186 -37.25 24.08 77.84
C VAL O 186 -36.42 23.04 78.58
N GLY O 187 -36.48 21.79 78.17
CA GLY O 187 -35.61 20.80 78.76
C GLY O 187 -35.92 20.27 80.11
N ASN O 188 -34.89 20.01 80.89
CA ASN O 188 -35.06 19.43 82.17
C ASN O 188 -35.43 20.49 83.17
N THR O 189 -36.53 21.17 82.98
CA THR O 189 -36.97 22.16 83.95
C THR O 189 -37.42 21.59 85.28
N SER O 190 -38.12 20.46 85.29
CA SER O 190 -38.66 19.93 86.55
C SER O 190 -37.64 19.55 87.60
N ASN O 191 -37.94 19.77 88.87
CA ASN O 191 -36.96 19.53 89.91
C ASN O 191 -37.11 18.22 90.51
N PRO O 192 -36.01 17.49 90.60
CA PRO O 192 -36.14 16.27 91.34
C PRO O 192 -36.08 16.75 92.75
N HIS O 193 -36.50 15.96 93.71
CA HIS O 193 -36.39 16.35 95.10
C HIS O 193 -37.09 17.63 95.32
N PRO O 194 -38.27 17.74 94.73
CA PRO O 194 -38.86 19.05 94.98
C PRO O 194 -39.06 19.31 96.43
N THR O 195 -38.69 20.49 96.89
CA THR O 195 -38.76 20.79 98.31
C THR O 195 -39.37 22.12 98.60
N ASP O 196 -39.89 22.28 99.81
CA ASP O 196 -40.38 23.59 100.21
C ASP O 196 -39.11 24.29 100.49
N GLU O 197 -39.12 25.61 100.50
CA GLU O 197 -37.87 26.37 100.63
C GLU O 197 -37.11 26.43 99.32
N ASP O 198 -37.76 26.07 98.22
CA ASP O 198 -37.14 26.20 96.92
C ASP O 198 -37.76 27.45 96.41
N LYS O 199 -38.91 27.81 96.93
CA LYS O 199 -39.47 29.12 96.57
C LYS O 199 -38.94 30.14 97.55
N LYS O 200 -38.43 31.26 97.04
CA LYS O 200 -37.84 32.25 97.92
C LYS O 200 -38.24 33.67 97.58
N LEU O 201 -38.04 34.57 98.51
CA LEU O 201 -38.33 35.96 98.24
C LEU O 201 -37.04 36.59 97.73
N VAL O 202 -37.10 37.29 96.59
CA VAL O 202 -35.89 37.86 96.01
C VAL O 202 -36.01 39.35 95.71
N VAL O 203 -34.91 40.07 95.75
CA VAL O 203 -34.91 41.48 95.38
C VAL O 203 -34.40 41.63 93.97
N VAL O 204 -35.19 42.23 93.10
CA VAL O 204 -34.78 42.35 91.72
C VAL O 204 -34.80 43.77 91.23
N LYS O 205 -33.69 44.22 90.63
CA LYS O 205 -33.65 45.56 90.07
C LYS O 205 -34.03 45.43 88.63
N THR O 206 -34.77 46.40 88.12
CA THR O 206 -35.15 46.35 86.74
C THR O 206 -34.83 47.59 85.94
N PRO O 207 -34.51 47.42 84.65
CA PRO O 207 -34.24 48.55 83.78
C PRO O 207 -35.52 49.23 83.46
N ASN O 208 -35.49 50.35 82.78
CA ASN O 208 -36.72 51.07 82.56
C ASN O 208 -37.77 50.21 81.90
N ALA O 209 -38.98 50.23 82.44
CA ALA O 209 -40.11 49.47 81.87
C ALA O 209 -40.03 47.98 81.70
N VAL O 210 -39.39 47.25 82.60
CA VAL O 210 -39.46 45.81 82.51
C VAL O 210 -39.91 45.30 83.87
N ASN O 211 -40.93 44.45 83.91
CA ASN O 211 -41.47 43.99 85.19
C ASN O 211 -41.21 42.51 85.35
N PRO O 212 -41.12 42.02 86.61
CA PRO O 212 -40.76 40.61 86.72
C PRO O 212 -41.76 39.67 86.13
N LEU O 213 -42.86 40.20 85.64
CA LEU O 213 -43.90 39.36 85.06
C LEU O 213 -43.32 38.64 83.87
N VAL O 214 -42.45 39.31 83.14
CA VAL O 214 -41.92 38.71 81.93
C VAL O 214 -41.17 37.44 82.27
N TRP O 215 -40.46 37.44 83.39
CA TRP O 215 -39.80 36.21 83.79
C TRP O 215 -40.61 35.40 84.79
N ASP O 216 -41.89 35.73 84.93
CA ASP O 216 -42.79 34.95 85.78
C ASP O 216 -42.50 34.88 87.26
N TYR O 217 -41.93 35.94 87.80
CA TYR O 217 -41.74 35.99 89.23
C TYR O 217 -43.00 36.64 89.79
N SER O 218 -43.13 36.70 91.11
CA SER O 218 -44.32 37.27 91.71
C SER O 218 -44.16 38.73 92.23
N PRO O 219 -44.63 39.75 91.46
CA PRO O 219 -44.49 41.12 91.95
C PRO O 219 -45.13 41.32 93.30
N LEU O 220 -44.42 41.95 94.23
CA LEU O 220 -44.99 42.25 95.53
C LEU O 220 -44.85 43.74 95.88
N LEU O 221 -43.63 44.27 95.84
CA LEU O 221 -43.43 45.66 96.24
C LEU O 221 -42.55 46.39 95.23
N THR O 222 -42.84 47.66 94.95
CA THR O 222 -42.09 48.40 93.95
C THR O 222 -41.77 49.84 94.30
N ILE O 223 -40.65 50.35 93.81
CA ILE O 223 -40.35 51.77 93.99
C ILE O 223 -40.15 52.29 92.57
N ASP O 224 -40.60 53.50 92.28
CA ASP O 224 -40.34 54.06 90.97
C ASP O 224 -39.08 54.85 91.13
N VAL O 225 -37.97 54.31 90.64
CA VAL O 225 -36.70 55.01 90.78
C VAL O 225 -36.50 55.86 89.56
N TRP O 226 -37.45 55.83 88.63
CA TRP O 226 -37.34 56.72 87.51
C TRP O 226 -37.41 58.10 88.12
N GLU O 227 -36.70 59.05 87.54
CA GLU O 227 -36.60 60.38 88.13
C GLU O 227 -37.84 61.19 88.29
N HIS O 228 -38.86 60.92 87.48
CA HIS O 228 -40.03 61.75 87.55
C HIS O 228 -40.52 61.69 88.96
N ALA O 229 -40.38 60.54 89.58
CA ALA O 229 -40.89 60.38 90.91
C ALA O 229 -40.34 61.23 92.02
N TYR O 230 -39.03 61.39 92.13
CA TYR O 230 -38.51 62.09 93.30
C TYR O 230 -37.82 63.40 93.11
N TYR O 231 -37.61 63.79 91.88
CA TYR O 231 -36.82 64.97 91.63
C TYR O 231 -37.45 66.18 92.24
N LEU O 232 -38.67 66.47 91.83
CA LEU O 232 -39.32 67.66 92.28
C LEU O 232 -39.19 67.75 93.79
N ASP O 233 -39.45 66.65 94.46
CA ASP O 233 -39.37 66.64 95.91
C ASP O 233 -38.01 66.73 96.55
N PHE O 234 -37.06 65.95 96.06
CA PHE O 234 -35.76 65.89 96.71
C PHE O 234 -34.59 66.37 95.87
N ARG O 235 -34.85 66.84 94.66
CA ARG O 235 -33.78 67.42 93.84
C ARG O 235 -32.59 66.51 93.71
N ASN O 236 -32.81 65.26 93.35
CA ASN O 236 -31.72 64.31 93.11
C ASN O 236 -31.07 63.68 94.32
N ARG O 237 -31.62 63.89 95.50
CA ARG O 237 -31.10 63.18 96.66
C ARG O 237 -31.82 61.85 96.68
N ARG O 238 -31.48 60.96 95.77
CA ARG O 238 -32.20 59.70 95.67
C ARG O 238 -32.16 58.81 96.89
N PRO O 239 -31.02 58.75 97.58
CA PRO O 239 -31.10 57.86 98.73
C PRO O 239 -32.17 58.29 99.73
N ASP O 240 -32.32 59.58 99.98
CA ASP O 240 -33.37 60.03 100.88
C ASP O 240 -34.74 59.50 100.49
N TYR O 241 -35.13 59.73 99.25
CA TYR O 241 -36.42 59.28 98.79
C TYR O 241 -36.59 57.82 99.10
N ILE O 242 -35.58 57.02 98.80
CA ILE O 242 -35.65 55.61 99.08
C ILE O 242 -35.92 55.41 100.54
N SER O 243 -35.19 56.10 101.40
CA SER O 243 -35.35 55.90 102.82
C SER O 243 -36.75 56.25 103.33
N ILE O 244 -37.28 57.38 102.90
CA ILE O 244 -38.59 57.81 103.38
C ILE O 244 -39.59 56.76 102.99
N PHE O 245 -39.49 56.28 101.77
CA PHE O 245 -40.43 55.29 101.31
C PHE O 245 -40.34 54.11 102.23
N MET O 246 -39.13 53.68 102.57
CA MET O 246 -39.09 52.45 103.36
C MET O 246 -39.37 52.67 104.83
N GLU O 247 -39.54 53.91 105.24
CA GLU O 247 -39.92 54.15 106.62
C GLU O 247 -41.37 54.58 106.65
N LYS O 248 -41.66 55.82 106.29
CA LYS O 248 -43.01 56.34 106.43
C LYS O 248 -44.08 55.90 105.46
N LEU O 249 -43.72 55.26 104.36
CA LEU O 249 -44.77 54.96 103.39
C LEU O 249 -45.10 53.52 103.07
N VAL O 250 -44.35 52.56 103.59
CA VAL O 250 -44.61 51.19 103.18
C VAL O 250 -45.65 50.46 104.01
N SER O 251 -46.78 50.16 103.38
CA SER O 251 -47.82 49.41 104.05
C SER O 251 -47.49 47.96 103.83
N TRP O 252 -46.81 47.33 104.77
CA TRP O 252 -46.39 45.96 104.57
C TRP O 252 -47.55 45.03 104.41
N GLU O 253 -48.69 45.39 104.98
CA GLU O 253 -49.88 44.56 104.88
C GLU O 253 -50.36 44.44 103.46
N ALA O 254 -50.18 45.48 102.66
CA ALA O 254 -50.66 45.44 101.30
C ALA O 254 -49.86 44.39 100.56
N VAL O 255 -48.57 44.35 100.84
CA VAL O 255 -47.75 43.35 100.20
C VAL O 255 -48.05 41.96 100.74
N SER O 256 -48.47 41.87 102.00
CA SER O 256 -48.75 40.58 102.59
C SER O 256 -50.00 40.01 101.95
N SER O 257 -50.89 40.89 101.54
CA SER O 257 -52.09 40.46 100.89
C SER O 257 -51.70 39.75 99.62
N ARG O 258 -50.87 40.41 98.83
CA ARG O 258 -50.46 39.82 97.58
C ARG O 258 -49.62 38.59 97.82
N LEU O 259 -48.94 38.53 98.96
CA LEU O 259 -48.09 37.40 99.24
C LEU O 259 -48.89 36.13 99.22
N GLU O 260 -50.04 36.15 99.89
CA GLU O 260 -50.80 34.91 99.98
C GLU O 260 -51.48 34.56 98.69
N VAL O 261 -51.80 35.56 97.88
CA VAL O 261 -52.40 35.28 96.58
C VAL O 261 -51.39 34.45 95.84
N ALA O 262 -50.14 34.88 95.88
CA ALA O 262 -49.09 34.17 95.16
C ALA O 262 -48.89 32.75 95.67
N LYS O 263 -48.98 32.54 96.98
CA LYS O 263 -48.72 31.22 97.51
C LYS O 263 -49.73 30.27 96.91
N ALA O 264 -50.96 30.75 96.78
CA ALA O 264 -52.01 29.92 96.21
C ALA O 264 -51.82 29.68 94.74
N LYS O 265 -51.28 30.66 94.03
CA LYS O 265 -51.01 30.46 92.62
C LYS O 265 -50.09 29.29 92.46
N ALA O 266 -49.00 29.27 93.23
CA ALA O 266 -48.04 28.18 93.14
C ALA O 266 -48.69 26.86 93.41
N ALA O 267 -49.50 26.82 94.46
CA ALA O 267 -50.16 25.58 94.83
C ALA O 267 -51.06 25.08 93.71
N GLU O 268 -51.80 25.98 93.08
CA GLU O 268 -52.72 25.56 92.04
C GLU O 268 -51.95 25.00 90.86
N ARG O 269 -50.75 25.49 90.65
CA ARG O 269 -49.95 25.01 89.54
C ARG O 269 -49.51 23.58 89.76
N GLU O 270 -49.05 23.28 90.96
CA GLU O 270 -48.57 21.93 91.21
C GLU O 270 -49.71 20.96 91.38
N GLU O 271 -50.90 21.47 91.68
CA GLU O 271 -52.06 20.61 91.79
C GLU O 271 -52.47 20.23 90.39
N GLU O 272 -52.32 21.17 89.46
CA GLU O 272 -52.64 20.88 88.08
C GLU O 272 -51.61 19.92 87.53
N GLU O 273 -50.39 20.01 88.03
CA GLU O 273 -49.34 19.11 87.58
C GLU O 273 -49.66 17.72 88.07
N GLU O 274 -50.18 17.62 89.28
CA GLU O 274 -50.57 16.34 89.82
C GLU O 274 -51.67 15.76 88.94
N ARG O 275 -52.60 16.60 88.52
CA ARG O 275 -53.69 16.16 87.67
C ARG O 275 -53.13 15.58 86.39
N LYS O 276 -52.14 16.26 85.81
CA LYS O 276 -51.52 15.77 84.60
C LYS O 276 -50.84 14.43 84.81
N LYS O 277 -50.20 14.24 85.96
CA LYS O 277 -49.55 12.97 86.26
C LYS O 277 -50.58 11.86 86.26
N ARG O 278 -51.73 12.12 86.86
CA ARG O 278 -52.79 11.13 86.87
C ARG O 278 -53.21 10.77 85.47
N GLU O 279 -53.39 11.79 84.63
CA GLU O 279 -53.80 11.54 83.26
C GLU O 279 -52.90 10.55 82.56
N LYS O 280 -51.59 10.78 82.61
CA LYS O 280 -50.66 9.91 81.88
C LYS O 280 -50.51 8.53 82.53
N GLU O 281 -50.78 8.43 83.83
CA GLU O 281 -50.70 7.14 84.50
C GLU O 281 -51.95 6.35 84.23
N GLU O 282 -53.10 6.92 84.59
CA GLU O 282 -54.38 6.25 84.36
C GLU O 282 -55.22 7.06 83.39
N GLY P 63 10.52 -14.64 56.27
CA GLY P 63 10.01 -15.27 55.06
C GLY P 63 10.56 -16.66 54.84
N LYS P 64 9.67 -17.63 54.64
CA LYS P 64 10.07 -19.02 54.42
C LYS P 64 9.93 -19.46 52.97
N TYR P 65 9.03 -18.86 52.20
CA TYR P 65 8.92 -19.21 50.79
C TYR P 65 9.99 -18.53 49.97
N VAL P 66 10.25 -17.25 50.22
CA VAL P 66 11.32 -16.52 49.55
C VAL P 66 12.51 -16.43 50.50
N ARG P 67 13.70 -16.33 49.92
CA ARG P 67 14.93 -16.25 50.68
C ARG P 67 15.37 -14.79 50.80
N GLU P 68 15.94 -14.43 51.94
CA GLU P 68 16.44 -13.08 52.15
C GLU P 68 17.60 -12.79 51.20
N ASP P 69 17.56 -11.61 50.58
CA ASP P 69 18.61 -11.23 49.64
C ASP P 69 19.93 -10.97 50.37
N TYR P 70 19.86 -10.28 51.52
CA TYR P 70 21.03 -9.92 52.29
C TYR P 70 21.13 -10.78 53.54
N LEU P 71 22.36 -11.14 53.91
CA LEU P 71 22.59 -12.05 55.02
C LEU P 71 23.30 -11.45 56.21
N VAL P 72 23.95 -10.30 56.05
CA VAL P 72 24.65 -9.65 57.16
C VAL P 72 23.67 -8.73 57.88
N LYS P 73 23.38 -9.06 59.14
CA LYS P 73 22.40 -8.31 59.92
C LYS P 73 23.05 -7.14 60.64
N LYS P 74 22.25 -6.12 60.90
CA LYS P 74 22.71 -4.92 61.59
C LYS P 74 22.36 -5.02 63.07
N VAL P 75 23.36 -4.84 63.93
CA VAL P 75 23.20 -4.92 65.37
C VAL P 75 23.53 -3.58 65.99
N SER P 76 23.11 -3.40 67.23
CA SER P 76 23.32 -2.17 67.98
C SER P 76 24.57 -2.29 68.85
N ALA P 77 24.85 -1.24 69.60
CA ALA P 77 26.03 -1.23 70.48
C ALA P 77 25.84 -2.12 71.69
N LYS P 78 24.60 -2.41 72.09
CA LYS P 78 24.36 -3.29 73.21
C LYS P 78 24.43 -4.76 72.81
N ASP P 79 24.01 -5.08 71.58
CA ASP P 79 24.09 -6.46 71.12
C ASP P 79 25.53 -6.93 71.01
N ILE P 80 26.43 -6.05 70.57
CA ILE P 80 27.84 -6.42 70.50
C ILE P 80 28.40 -6.71 71.89
N GLN P 81 28.07 -5.85 72.86
CA GLN P 81 28.55 -6.07 74.22
C GLN P 81 27.96 -7.33 74.83
N GLU P 82 26.72 -7.66 74.48
CA GLU P 82 26.13 -8.89 74.98
C GLU P 82 26.74 -10.12 74.32
N LEU P 83 27.17 -10.00 73.05
CA LEU P 83 27.81 -11.11 72.38
C LEU P 83 29.27 -11.29 72.80
N ILE P 84 29.91 -10.23 73.29
CA ILE P 84 31.30 -10.35 73.73
C ILE P 84 31.40 -10.87 75.17
N LYS P 85 30.52 -10.40 76.05
CA LYS P 85 30.58 -10.83 77.45
C LYS P 85 30.14 -12.27 77.64
N GLY P 86 29.55 -12.90 76.62
CA GLY P 86 29.10 -14.26 76.71
C GLY P 86 30.11 -15.25 76.16
N GLU P 87 29.64 -16.48 75.95
CA GLU P 87 30.46 -17.55 75.40
C GLU P 87 30.02 -17.87 73.97
N ARG P 88 30.97 -18.35 73.18
CA ARG P 88 30.72 -18.62 71.78
C ARG P 88 31.71 -19.68 71.29
N ASN P 89 31.32 -20.37 70.21
CA ASN P 89 32.15 -21.40 69.62
C ASN P 89 32.51 -21.10 68.16
N VAL P 90 32.15 -19.93 67.66
CA VAL P 90 32.42 -19.54 66.28
C VAL P 90 33.03 -18.14 66.27
N PRO P 91 33.88 -17.82 65.30
CA PRO P 91 34.46 -16.48 65.25
C PRO P 91 33.40 -15.42 64.98
N LEU P 92 33.71 -14.19 65.41
CA LEU P 92 32.83 -13.05 65.24
C LEU P 92 33.54 -11.98 64.43
N ILE P 93 32.83 -11.41 63.45
CA ILE P 93 33.38 -10.38 62.58
C ILE P 93 32.49 -9.15 62.67
N ILE P 94 33.05 -8.05 63.15
CA ILE P 94 32.34 -6.78 63.26
C ILE P 94 32.83 -5.87 62.15
N ASP P 95 31.89 -5.21 61.47
CA ASP P 95 32.21 -4.36 60.34
C ASP P 95 31.56 -2.99 60.53
N PHE P 96 32.39 -1.97 60.69
CA PHE P 96 31.91 -0.60 60.78
C PHE P 96 31.76 -0.01 59.38
N TYR P 97 30.66 0.67 59.16
CA TYR P 97 30.38 1.19 57.86
C TYR P 97 29.50 2.36 57.99
N ALA P 98 29.41 3.14 56.95
CA ALA P 98 28.48 4.21 56.96
C ALA P 98 27.96 4.31 55.58
N THR P 99 26.73 4.70 55.42
CA THR P 99 26.16 4.74 54.13
C THR P 99 26.87 5.72 53.23
N TRP P 100 27.34 6.82 53.76
CA TRP P 100 28.08 7.79 52.98
C TRP P 100 29.39 7.39 52.34
N CYS P 101 30.21 6.56 52.94
CA CYS P 101 31.52 6.26 52.37
C CYS P 101 31.52 5.44 51.13
N GLY P 102 32.27 5.85 50.14
CA GLY P 102 32.41 5.07 48.93
C GLY P 102 33.12 3.77 49.05
N PRO P 103 34.22 3.72 49.80
CA PRO P 103 34.92 2.45 49.80
C PRO P 103 34.08 1.37 50.38
N CYS P 104 33.11 1.72 51.17
CA CYS P 104 32.26 0.76 51.82
C CYS P 104 31.42 -0.07 50.90
N ILE P 105 30.99 0.46 49.78
CA ILE P 105 30.11 -0.28 48.91
C ILE P 105 30.84 -1.52 48.50
N LEU P 106 32.14 -1.41 48.33
CA LEU P 106 32.92 -2.55 47.88
C LEU P 106 33.20 -3.56 48.96
N MET P 107 33.14 -3.17 50.21
CA MET P 107 33.34 -4.05 51.35
C MET P 107 32.11 -4.88 51.67
N ALA P 108 30.92 -4.35 51.39
CA ALA P 108 29.70 -5.10 51.68
C ALA P 108 29.60 -6.37 50.85
N GLN P 109 30.00 -6.29 49.57
CA GLN P 109 29.95 -7.47 48.70
C GLN P 109 30.93 -8.53 49.19
N GLU P 110 32.13 -8.12 49.61
CA GLU P 110 33.10 -9.07 50.12
C GLU P 110 32.62 -9.71 51.41
N LEU P 111 31.99 -8.92 52.29
CA LEU P 111 31.46 -9.47 53.53
C LEU P 111 30.32 -10.45 53.26
N GLU P 112 29.48 -10.15 52.27
CA GLU P 112 28.40 -11.08 51.93
C GLU P 112 28.95 -12.38 51.36
N MET P 113 29.97 -12.29 50.49
CA MET P 113 30.59 -13.50 49.99
C MET P 113 31.23 -14.32 51.11
N LEU P 114 31.88 -13.65 52.07
CA LEU P 114 32.48 -14.36 53.19
C LEU P 114 31.42 -14.99 54.08
N ALA P 115 30.26 -14.36 54.20
CA ALA P 115 29.17 -14.95 54.98
C ALA P 115 28.54 -16.13 54.25
N VAL P 116 28.54 -16.10 52.92
CA VAL P 116 28.04 -17.24 52.16
C VAL P 116 29.02 -18.40 52.25
N GLU P 117 30.33 -18.11 52.27
CA GLU P 117 31.32 -19.18 52.40
C GLU P 117 31.25 -19.86 53.76
N TYR P 118 30.99 -19.11 54.82
CA TYR P 118 30.86 -19.65 56.17
C TYR P 118 29.40 -19.48 56.59
N GLU P 119 28.57 -20.49 56.31
CA GLU P 119 27.15 -20.37 56.56
C GLU P 119 26.84 -20.43 58.06
N SER P 120 27.57 -21.27 58.81
CA SER P 120 27.36 -21.37 60.24
C SER P 120 28.65 -21.45 61.04
N ASN P 121 29.81 -21.43 60.38
CA ASN P 121 31.10 -21.49 61.07
C ASN P 121 31.63 -20.11 61.46
N ALA P 122 30.83 -19.06 61.27
CA ALA P 122 31.25 -17.71 61.62
C ALA P 122 30.01 -16.84 61.76
N LEU P 123 30.16 -15.76 62.52
CA LEU P 123 29.09 -14.80 62.76
C LEU P 123 29.53 -13.44 62.25
N ILE P 124 28.95 -13.00 61.14
CA ILE P 124 29.29 -11.73 60.51
C ILE P 124 28.16 -10.75 60.80
N VAL P 125 28.46 -9.69 61.54
CA VAL P 125 27.51 -8.64 61.86
C VAL P 125 28.15 -7.29 61.51
N LYS P 126 27.29 -6.29 61.30
CA LYS P 126 27.75 -4.96 60.94
C LYS P 126 27.07 -3.92 61.83
N VAL P 127 27.83 -2.88 62.16
CA VAL P 127 27.32 -1.76 62.95
C VAL P 127 27.55 -0.48 62.16
N ASP P 128 26.73 0.53 62.45
CA ASP P 128 26.76 1.80 61.75
C ASP P 128 27.38 2.88 62.63
N THR P 129 28.09 3.80 61.99
CA THR P 129 28.77 4.88 62.70
C THR P 129 27.94 6.16 62.78
N ASP P 130 26.76 6.18 62.18
CA ASP P 130 25.84 7.31 62.33
C ASP P 130 24.86 7.12 63.48
N ASP P 131 24.72 5.89 64.00
CA ASP P 131 23.90 5.62 65.17
C ASP P 131 24.68 5.12 66.37
N GLU P 132 25.91 4.65 66.18
CA GLU P 132 26.78 4.17 67.25
C GLU P 132 28.14 4.85 67.17
N TYR P 133 28.13 6.17 67.02
CA TYR P 133 29.38 6.92 66.87
C TYR P 133 30.24 6.84 68.13
N GLU P 134 29.61 6.95 69.30
CA GLU P 134 30.37 6.89 70.55
C GLU P 134 30.98 5.50 70.75
N PHE P 135 30.22 4.44 70.44
CA PHE P 135 30.76 3.09 70.55
C PHE P 135 31.88 2.86 69.55
N ALA P 136 31.78 3.45 68.36
CA ALA P 136 32.86 3.33 67.39
C ALA P 136 34.12 4.05 67.87
N ARG P 137 33.95 5.21 68.51
CA ARG P 137 35.10 5.93 69.04
C ARG P 137 35.71 5.21 70.22
N ASP P 138 34.90 4.51 71.02
CA ASP P 138 35.44 3.76 72.15
C ASP P 138 36.27 2.56 71.71
N MET P 139 35.95 1.99 70.55
CA MET P 139 36.69 0.87 69.99
C MET P 139 37.99 1.28 69.31
N GLN P 140 38.41 2.54 69.48
CA GLN P 140 39.63 3.07 68.85
C GLN P 140 39.59 2.91 67.34
N VAL P 141 38.41 3.13 66.76
CA VAL P 141 38.23 3.06 65.32
C VAL P 141 38.63 4.40 64.71
N ARG P 142 39.59 4.38 63.79
CA ARG P 142 40.09 5.60 63.14
C ARG P 142 39.49 5.81 61.76
N GLY P 143 39.35 4.80 60.94
CA GLY P 143 38.87 5.03 59.59
C GLY P 143 37.61 4.31 59.27
N LEU P 144 36.92 4.68 58.23
CA LEU P 144 35.65 4.05 58.01
C LEU P 144 35.59 2.60 57.68
N PRO P 145 36.44 2.11 56.78
CA PRO P 145 36.30 0.66 56.60
C PRO P 145 37.12 -0.14 57.62
N THR P 146 36.59 -0.51 58.78
CA THR P 146 37.36 -1.17 59.83
C THR P 146 36.66 -2.46 60.23
N LEU P 147 37.42 -3.56 60.25
CA LEU P 147 36.90 -4.88 60.58
C LEU P 147 37.56 -5.38 61.86
N TYR P 148 36.77 -6.05 62.69
CA TYR P 148 37.25 -6.64 63.95
C TYR P 148 37.05 -8.15 63.89
N PHE P 149 38.15 -8.90 64.01
CA PHE P 149 38.12 -10.35 64.04
C PHE P 149 38.38 -10.80 65.47
N ILE P 150 37.35 -11.33 66.13
CA ILE P 150 37.42 -11.71 67.54
C ILE P 150 37.39 -13.22 67.64
N SER P 151 38.36 -13.78 68.37
CA SER P 151 38.52 -15.22 68.48
C SER P 151 37.48 -15.81 69.44
N PRO P 152 37.15 -17.13 69.27
CA PRO P 152 36.22 -17.69 70.26
C PRO P 152 36.79 -17.93 71.64
N ASP P 153 38.09 -18.14 71.76
CA ASP P 153 38.75 -18.33 73.03
C ASP P 153 38.96 -16.98 73.64
N PRO P 154 38.50 -16.78 74.88
CA PRO P 154 38.61 -15.48 75.52
C PRO P 154 39.96 -15.27 76.16
N ASN P 155 41.02 -15.47 75.41
CA ASN P 155 42.35 -15.24 75.90
C ASN P 155 43.17 -14.77 74.73
N LYS P 156 42.69 -15.01 73.52
CA LYS P 156 43.38 -14.54 72.34
C LYS P 156 42.88 -13.14 71.97
N ASP P 157 43.79 -12.28 71.55
CA ASP P 157 43.47 -10.90 71.25
C ASP P 157 42.73 -10.78 69.92
N ALA P 158 42.02 -9.66 69.75
CA ALA P 158 41.31 -9.39 68.52
C ALA P 158 42.26 -8.84 67.46
N ILE P 159 41.74 -8.69 66.24
CA ILE P 159 42.52 -8.16 65.12
C ILE P 159 41.72 -7.04 64.48
N ARG P 160 42.29 -5.83 64.48
CA ARG P 160 41.70 -4.68 63.81
C ARG P 160 42.36 -4.53 62.45
N THR P 161 41.56 -4.51 61.39
CA THR P 161 42.06 -4.41 60.03
C THR P 161 41.37 -3.25 59.34
N GLU P 162 42.14 -2.22 59.00
CA GLU P 162 41.62 -1.01 58.36
C GLU P 162 42.03 -1.00 56.89
N GLY P 163 41.08 -0.73 56.01
CA GLY P 163 41.31 -0.69 54.59
C GLY P 163 40.58 -1.79 53.86
N LEU P 164 40.58 -1.67 52.53
CA LEU P 164 39.95 -2.65 51.65
C LEU P 164 40.92 -3.81 51.43
N ILE P 165 40.85 -4.80 52.31
CA ILE P 165 41.69 -5.99 52.20
C ILE P 165 40.99 -7.00 51.31
N PRO P 166 41.73 -7.86 50.61
CA PRO P 166 41.08 -8.87 49.76
C PRO P 166 40.38 -9.93 50.60
N ILE P 167 39.55 -10.72 49.92
CA ILE P 167 38.81 -11.77 50.60
C ILE P 167 39.75 -12.89 51.04
N GLN P 168 40.86 -13.09 50.31
CA GLN P 168 41.80 -14.14 50.69
C GLN P 168 42.49 -13.82 52.00
N MET P 169 42.78 -12.54 52.25
CA MET P 169 43.35 -12.15 53.53
C MET P 169 42.37 -12.40 54.67
N MET P 170 41.09 -12.14 54.43
CA MET P 170 40.08 -12.44 55.44
C MET P 170 40.02 -13.94 55.72
N ARG P 171 40.04 -14.76 54.67
CA ARG P 171 40.04 -16.21 54.86
C ARG P 171 41.26 -16.66 55.65
N ASP P 172 42.43 -16.13 55.31
CA ASP P 172 43.66 -16.52 56.02
C ASP P 172 43.59 -16.12 57.48
N ILE P 173 43.10 -14.92 57.76
CA ILE P 173 42.97 -14.47 59.15
C ILE P 173 42.02 -15.37 59.92
N ILE P 174 40.86 -15.67 59.34
CA ILE P 174 39.88 -16.50 60.03
C ILE P 174 40.42 -17.90 60.26
N ASN P 175 41.20 -18.42 59.31
CA ASN P 175 41.67 -19.81 59.42
C ASN P 175 42.92 -19.94 60.29
N ASN P 176 43.71 -18.88 60.45
CA ASN P 176 44.95 -18.98 61.20
C ASN P 176 44.96 -18.17 62.49
N ASP P 177 44.66 -16.86 62.41
CA ASP P 177 44.77 -16.01 63.59
C ASP P 177 43.65 -16.30 64.58
N LEU P 178 42.42 -16.37 64.10
CA LEU P 178 41.28 -16.67 64.97
C LEU P 178 41.24 -18.14 65.35
N ASP Q 69 58.35 -65.11 -6.43
CA ASP Q 69 57.80 -66.18 -7.25
C ASP Q 69 57.26 -65.64 -8.57
N TYR Q 70 58.17 -65.31 -9.48
CA TYR Q 70 57.83 -64.78 -10.79
C TYR Q 70 58.19 -65.78 -11.87
N LEU Q 71 58.00 -65.38 -13.13
CA LEU Q 71 58.31 -66.24 -14.26
C LEU Q 71 59.81 -66.24 -14.57
N VAL Q 72 60.36 -65.06 -14.82
CA VAL Q 72 61.79 -64.93 -15.10
C VAL Q 72 62.57 -65.04 -13.80
N LYS Q 73 63.51 -65.97 -13.74
CA LYS Q 73 64.27 -66.24 -12.53
C LYS Q 73 65.70 -65.73 -12.68
N LYS Q 74 66.31 -65.41 -11.54
CA LYS Q 74 67.66 -64.90 -11.51
C LYS Q 74 68.67 -66.03 -11.74
N VAL Q 75 69.81 -65.67 -12.31
CA VAL Q 75 70.90 -66.59 -12.59
C VAL Q 75 72.17 -66.03 -11.98
N SER Q 76 73.28 -66.73 -12.21
CA SER Q 76 74.56 -66.39 -11.60
C SER Q 76 75.65 -66.53 -12.65
N ALA Q 77 76.90 -66.53 -12.19
CA ALA Q 77 78.05 -66.56 -13.10
C ALA Q 77 78.13 -67.88 -13.86
N LYS Q 78 78.24 -68.98 -13.13
CA LYS Q 78 78.52 -70.27 -13.76
C LYS Q 78 77.29 -70.96 -14.32
N ASP Q 79 76.12 -70.77 -13.70
CA ASP Q 79 74.92 -71.47 -14.16
C ASP Q 79 74.39 -70.93 -15.48
N ILE Q 80 74.75 -69.70 -15.85
CA ILE Q 80 74.25 -69.16 -17.10
C ILE Q 80 75.04 -69.68 -18.30
N GLN Q 81 76.31 -69.99 -18.11
CA GLN Q 81 77.13 -70.55 -19.19
C GLN Q 81 77.06 -72.07 -19.20
N GLU Q 82 75.84 -72.59 -19.01
CA GLU Q 82 75.59 -74.03 -19.07
C GLU Q 82 74.46 -74.41 -20.01
N LEU Q 83 73.47 -73.55 -20.23
CA LEU Q 83 72.42 -73.85 -21.20
C LEU Q 83 72.90 -73.70 -22.64
N ILE Q 84 74.01 -73.01 -22.85
CA ILE Q 84 74.59 -72.90 -24.18
C ILE Q 84 75.58 -74.03 -24.46
N LYS Q 85 76.21 -74.56 -23.42
CA LYS Q 85 77.13 -75.68 -23.54
C LYS Q 85 76.42 -77.03 -23.57
N GLY Q 86 75.13 -77.06 -23.25
CA GLY Q 86 74.37 -78.29 -23.29
C GLY Q 86 73.45 -78.38 -24.48
N GLU Q 87 72.19 -78.71 -24.26
CA GLU Q 87 71.21 -78.80 -25.34
C GLU Q 87 69.84 -78.44 -24.79
N ARG Q 88 68.98 -77.98 -25.70
CA ARG Q 88 67.62 -77.59 -25.33
C ARG Q 88 66.73 -77.71 -26.55
N ASN Q 89 65.42 -77.61 -26.32
CA ASN Q 89 64.43 -77.66 -27.38
C ASN Q 89 63.62 -76.37 -27.49
N VAL Q 90 63.92 -75.36 -26.69
CA VAL Q 90 63.20 -74.09 -26.71
C VAL Q 90 64.21 -72.94 -26.74
N PRO Q 91 63.88 -71.81 -27.35
CA PRO Q 91 64.82 -70.67 -27.36
C PRO Q 91 65.06 -70.15 -25.96
N LEU Q 92 66.21 -69.49 -25.80
CA LEU Q 92 66.64 -68.93 -24.52
C LEU Q 92 66.84 -67.44 -24.68
N ILE Q 93 66.16 -66.66 -23.84
CA ILE Q 93 66.25 -65.20 -23.87
C ILE Q 93 67.04 -64.76 -22.65
N ILE Q 94 68.30 -64.37 -22.85
CA ILE Q 94 69.15 -63.88 -21.78
C ILE Q 94 68.98 -62.38 -21.68
N ASP Q 95 68.61 -61.90 -20.50
CA ASP Q 95 68.35 -60.48 -20.27
C ASP Q 95 69.41 -59.91 -19.33
N PHE Q 96 70.01 -58.80 -19.74
CA PHE Q 96 70.93 -58.05 -18.90
C PHE Q 96 70.21 -56.82 -18.35
N TYR Q 97 70.37 -56.60 -17.05
CA TYR Q 97 69.67 -55.51 -16.40
C TYR Q 97 70.51 -55.03 -15.26
N ALA Q 98 70.22 -53.85 -14.76
CA ALA Q 98 70.90 -53.37 -13.58
C ALA Q 98 69.83 -52.74 -12.75
N THR Q 99 69.98 -52.80 -11.45
CA THR Q 99 68.94 -52.30 -10.61
C THR Q 99 68.76 -50.82 -10.84
N TRP Q 100 69.87 -50.11 -10.98
CA TRP Q 100 69.82 -48.66 -11.12
C TRP Q 100 69.11 -48.16 -12.36
N CYS Q 101 69.26 -48.82 -13.49
CA CYS Q 101 68.70 -48.28 -14.72
C CYS Q 101 67.22 -48.24 -14.76
N GLY Q 102 66.69 -47.10 -15.16
CA GLY Q 102 65.26 -46.98 -15.33
C GLY Q 102 64.66 -47.73 -16.48
N PRO Q 103 65.28 -47.65 -17.66
CA PRO Q 103 64.63 -48.29 -18.80
C PRO Q 103 64.46 -49.77 -18.61
N CYS Q 104 65.42 -50.44 -18.00
CA CYS Q 104 65.35 -51.86 -17.85
C CYS Q 104 64.13 -52.26 -17.06
N ILE Q 105 63.74 -51.48 -16.08
CA ILE Q 105 62.62 -51.86 -15.24
C ILE Q 105 61.41 -52.01 -16.12
N LEU Q 106 61.25 -51.14 -17.10
CA LEU Q 106 60.16 -51.31 -18.03
C LEU Q 106 60.33 -52.60 -18.83
N MET Q 107 61.48 -52.82 -19.43
CA MET Q 107 61.73 -54.00 -20.25
C MET Q 107 61.31 -55.28 -19.53
N ALA Q 108 61.50 -55.33 -18.21
CA ALA Q 108 61.17 -56.54 -17.46
C ALA Q 108 59.67 -56.82 -17.50
N GLN Q 109 58.84 -55.77 -17.46
CA GLN Q 109 57.40 -55.96 -17.49
C GLN Q 109 56.96 -56.59 -18.81
N GLU Q 110 57.45 -56.06 -19.93
CA GLU Q 110 57.06 -56.62 -21.22
C GLU Q 110 57.69 -57.99 -21.43
N LEU Q 111 58.87 -58.25 -20.85
CA LEU Q 111 59.42 -59.59 -20.92
C LEU Q 111 58.55 -60.59 -20.16
N GLU Q 112 58.04 -60.19 -18.99
CA GLU Q 112 57.13 -61.06 -18.25
C GLU Q 112 55.82 -61.27 -19.02
N MET Q 113 55.32 -60.22 -19.67
CA MET Q 113 54.12 -60.36 -20.47
C MET Q 113 54.33 -61.29 -21.65
N LEU Q 114 55.53 -61.27 -22.24
CA LEU Q 114 55.84 -62.18 -23.33
C LEU Q 114 56.00 -63.61 -22.82
N ALA Q 115 56.58 -63.77 -21.63
CA ALA Q 115 56.80 -65.11 -21.08
C ALA Q 115 55.49 -65.74 -20.61
N VAL Q 116 54.52 -64.93 -20.18
CA VAL Q 116 53.25 -65.50 -19.76
C VAL Q 116 52.45 -66.03 -20.94
N GLU Q 117 52.79 -65.63 -22.17
CA GLU Q 117 52.17 -66.17 -23.36
C GLU Q 117 52.88 -67.40 -23.89
N TYR Q 118 54.17 -67.56 -23.59
CA TYR Q 118 54.94 -68.74 -23.96
C TYR Q 118 55.43 -69.37 -22.66
N GLU Q 119 54.60 -70.23 -22.07
CA GLU Q 119 54.93 -70.83 -20.79
C GLU Q 119 55.89 -72.01 -20.93
N SER Q 120 55.84 -72.71 -22.06
CA SER Q 120 56.70 -73.86 -22.29
C SER Q 120 57.54 -73.78 -23.55
N ASN Q 121 57.21 -72.88 -24.47
CA ASN Q 121 57.95 -72.77 -25.73
C ASN Q 121 59.12 -71.81 -25.65
N ALA Q 122 59.29 -71.08 -24.55
CA ALA Q 122 60.37 -70.12 -24.42
C ALA Q 122 60.80 -70.03 -22.96
N LEU Q 123 62.10 -69.82 -22.77
CA LEU Q 123 62.69 -69.64 -21.44
C LEU Q 123 63.34 -68.27 -21.37
N ILE Q 124 62.97 -67.49 -20.36
CA ILE Q 124 63.47 -66.13 -20.19
C ILE Q 124 64.12 -66.02 -18.82
N VAL Q 125 65.42 -65.71 -18.81
CA VAL Q 125 66.17 -65.49 -17.59
C VAL Q 125 66.75 -64.08 -17.63
N LYS Q 126 67.29 -63.65 -16.49
CA LYS Q 126 67.89 -62.33 -16.39
C LYS Q 126 69.14 -62.40 -15.53
N VAL Q 127 70.13 -61.58 -15.88
CA VAL Q 127 71.40 -61.52 -15.17
C VAL Q 127 71.77 -60.06 -14.97
N ASP Q 128 72.20 -59.72 -13.75
CA ASP Q 128 72.59 -58.35 -13.46
C ASP Q 128 73.96 -58.04 -14.06
N THR Q 129 74.26 -56.74 -14.15
CA THR Q 129 75.50 -56.28 -14.74
C THR Q 129 76.44 -55.66 -13.71
N ASP Q 130 76.08 -55.66 -12.43
CA ASP Q 130 76.95 -55.14 -11.38
C ASP Q 130 77.71 -56.23 -10.64
N ASP Q 131 77.11 -57.40 -10.46
CA ASP Q 131 77.79 -58.54 -9.85
C ASP Q 131 78.50 -59.40 -10.88
N GLU Q 132 78.17 -59.25 -12.16
CA GLU Q 132 78.78 -60.07 -13.22
C GLU Q 132 79.41 -59.18 -14.28
N TYR Q 133 80.19 -58.18 -13.86
CA TYR Q 133 80.82 -57.26 -14.79
C TYR Q 133 81.84 -57.95 -15.70
N GLU Q 134 82.29 -59.15 -15.35
CA GLU Q 134 83.23 -59.89 -16.20
C GLU Q 134 82.51 -60.67 -17.29
N PHE Q 135 81.33 -61.21 -16.99
CA PHE Q 135 80.55 -61.96 -17.96
C PHE Q 135 79.84 -61.06 -18.96
N ALA Q 136 79.90 -59.74 -18.79
CA ALA Q 136 79.22 -58.82 -19.69
C ALA Q 136 80.13 -58.34 -20.81
N ARG Q 137 81.41 -58.06 -20.49
CA ARG Q 137 82.31 -57.52 -21.52
C ARG Q 137 82.63 -58.55 -22.58
N ASP Q 138 82.78 -59.82 -22.19
CA ASP Q 138 83.01 -60.88 -23.17
C ASP Q 138 81.74 -61.27 -23.92
N MET Q 139 80.57 -60.96 -23.36
CA MET Q 139 79.31 -61.14 -24.08
C MET Q 139 79.10 -60.08 -25.15
N GLN Q 140 79.99 -59.09 -25.22
CA GLN Q 140 79.90 -58.00 -26.19
C GLN Q 140 78.61 -57.21 -26.00
N VAL Q 141 78.46 -56.66 -24.80
CA VAL Q 141 77.32 -55.81 -24.46
C VAL Q 141 77.78 -54.36 -24.48
N ARG Q 142 76.88 -53.47 -24.89
CA ARG Q 142 77.18 -52.05 -24.98
C ARG Q 142 76.22 -51.17 -24.20
N GLY Q 143 75.17 -51.71 -23.60
CA GLY Q 143 74.25 -50.83 -22.92
C GLY Q 143 73.37 -51.62 -22.00
N LEU Q 144 72.71 -50.95 -21.08
CA LEU Q 144 71.95 -51.71 -20.15
C LEU Q 144 70.73 -52.44 -20.66
N PRO Q 145 69.93 -51.80 -21.49
CA PRO Q 145 68.79 -52.62 -21.92
C PRO Q 145 69.12 -53.56 -23.08
N THR Q 146 69.66 -54.76 -22.84
CA THR Q 146 70.06 -55.62 -23.95
C THR Q 146 69.48 -57.01 -23.78
N LEU Q 147 69.18 -57.64 -24.91
CA LEU Q 147 68.65 -59.01 -24.93
C LEU Q 147 69.48 -59.86 -25.89
N TYR Q 148 69.44 -61.17 -25.67
CA TYR Q 148 70.12 -62.13 -26.53
C TYR Q 148 69.14 -63.25 -26.87
N PHE Q 149 68.72 -63.31 -28.14
CA PHE Q 149 67.79 -64.33 -28.60
C PHE Q 149 68.60 -65.46 -29.24
N ILE Q 150 69.17 -66.30 -28.40
CA ILE Q 150 69.90 -67.46 -28.89
C ILE Q 150 68.93 -68.60 -29.21
N SER Q 151 69.37 -69.51 -30.07
CA SER Q 151 68.53 -70.59 -30.53
C SER Q 151 69.03 -71.93 -29.99
N PRO Q 152 68.06 -72.97 -29.84
CA PRO Q 152 68.46 -74.32 -29.42
C PRO Q 152 69.47 -74.99 -30.25
N ASP Q 153 69.18 -75.17 -31.52
CA ASP Q 153 70.12 -75.75 -32.43
C ASP Q 153 71.46 -75.16 -32.43
N PRO Q 154 72.44 -75.93 -32.84
CA PRO Q 154 73.73 -75.31 -33.02
C PRO Q 154 73.71 -74.68 -34.39
N ASN Q 155 74.82 -74.12 -34.84
CA ASN Q 155 74.90 -73.44 -36.12
C ASN Q 155 74.10 -72.15 -36.30
N LYS Q 156 72.79 -72.13 -36.06
CA LYS Q 156 72.04 -70.90 -36.18
C LYS Q 156 72.55 -69.94 -35.15
N ASP Q 157 72.55 -68.66 -35.46
CA ASP Q 157 73.18 -67.70 -34.59
C ASP Q 157 72.45 -67.06 -33.45
N ALA Q 158 73.01 -65.97 -32.97
CA ALA Q 158 72.46 -65.28 -31.81
C ALA Q 158 72.03 -63.89 -32.22
N ILE Q 159 70.92 -63.42 -31.68
CA ILE Q 159 70.46 -62.08 -32.00
C ILE Q 159 70.61 -61.18 -30.79
N ARG Q 160 71.32 -60.06 -30.95
CA ARG Q 160 71.51 -59.12 -29.85
C ARG Q 160 70.71 -57.87 -30.13
N THR Q 161 69.85 -57.50 -29.19
CA THR Q 161 69.07 -56.29 -29.35
C THR Q 161 69.54 -55.25 -28.36
N GLU Q 162 69.59 -54.00 -28.77
CA GLU Q 162 70.08 -52.93 -27.89
C GLU Q 162 69.03 -51.83 -27.85
N GLY Q 163 68.33 -51.72 -26.72
CA GLY Q 163 67.37 -50.67 -26.50
C GLY Q 163 66.04 -51.21 -26.04
N LEU Q 164 65.07 -50.31 -25.90
CA LEU Q 164 63.71 -50.67 -25.51
C LEU Q 164 62.92 -50.94 -26.77
N ILE Q 165 62.78 -52.21 -27.15
CA ILE Q 165 62.09 -52.60 -28.38
C ILE Q 165 60.67 -53.03 -28.04
N PRO Q 166 59.72 -52.88 -28.96
CA PRO Q 166 58.34 -53.29 -28.67
C PRO Q 166 58.24 -54.81 -28.57
N ILE Q 167 57.09 -55.25 -28.05
CA ILE Q 167 56.84 -56.67 -27.90
C ILE Q 167 56.56 -57.33 -29.25
N GLN Q 168 56.10 -56.56 -30.23
CA GLN Q 168 55.84 -57.11 -31.56
C GLN Q 168 57.14 -57.58 -32.21
N MET Q 169 58.21 -56.81 -32.06
CA MET Q 169 59.51 -57.23 -32.60
C MET Q 169 60.02 -58.48 -31.89
N MET Q 170 59.82 -58.56 -30.56
CA MET Q 170 60.23 -59.75 -29.84
C MET Q 170 59.47 -60.97 -30.32
N ARG Q 171 58.16 -60.84 -30.53
CA ARG Q 171 57.39 -61.97 -31.06
C ARG Q 171 57.84 -62.35 -32.47
N ASP Q 172 58.06 -61.37 -33.33
CA ASP Q 172 58.50 -61.64 -34.69
C ASP Q 172 59.90 -62.23 -34.75
N ILE Q 173 60.72 -62.00 -33.73
CA ILE Q 173 62.04 -62.60 -33.66
C ILE Q 173 61.99 -64.02 -33.10
N ILE Q 174 61.18 -64.24 -32.06
CA ILE Q 174 61.11 -65.58 -31.47
C ILE Q 174 60.27 -66.54 -32.30
N ASN Q 175 59.43 -66.04 -33.21
CA ASN Q 175 58.61 -66.90 -34.05
C ASN Q 175 59.23 -67.15 -35.42
N ASN Q 176 59.58 -66.09 -36.14
CA ASN Q 176 60.11 -66.21 -37.49
C ASN Q 176 61.62 -66.31 -37.53
N ASP Q 177 62.27 -66.50 -36.38
CA ASP Q 177 63.72 -66.65 -36.35
C ASP Q 177 64.16 -67.28 -35.02
N GLU R 232 -90.73 -52.45 -14.31
CA GLU R 232 -91.98 -52.07 -14.95
C GLU R 232 -91.82 -50.82 -15.80
N PRO R 233 -90.74 -50.78 -16.60
CA PRO R 233 -90.53 -49.60 -17.46
C PRO R 233 -91.55 -49.50 -18.58
N LYS R 234 -92.02 -50.63 -19.10
CA LYS R 234 -93.02 -50.66 -20.17
C LYS R 234 -93.54 -52.10 -20.26
N PHE R 235 -94.36 -52.36 -21.27
CA PHE R 235 -94.93 -53.68 -21.47
C PHE R 235 -95.25 -53.87 -22.95
N ARG R 236 -95.48 -55.14 -23.32
CA ARG R 236 -95.86 -55.51 -24.68
C ARG R 236 -94.79 -55.13 -25.70
N MET R 237 -93.52 -55.22 -25.30
CA MET R 237 -92.41 -54.90 -26.20
C MET R 237 -91.28 -55.92 -26.12
N SER R 238 -91.47 -57.04 -25.43
CA SER R 238 -90.44 -58.06 -25.29
C SER R 238 -90.79 -59.35 -26.03
N LEU R 239 -91.66 -59.27 -27.04
CA LEU R 239 -92.07 -60.43 -27.80
C LEU R 239 -92.21 -60.05 -29.26
N ALA R 240 -91.89 -61.00 -30.16
CA ALA R 240 -92.03 -60.75 -31.58
C ALA R 240 -93.49 -60.61 -31.99
N GLU R 241 -94.39 -61.35 -31.34
CA GLU R 241 -95.81 -61.24 -31.65
C GLU R 241 -96.36 -59.86 -31.30
N LEU R 242 -95.81 -59.22 -30.26
CA LEU R 242 -96.25 -57.88 -29.90
C LEU R 242 -95.89 -56.88 -30.99
N LEU R 243 -94.68 -57.00 -31.56
CA LEU R 243 -94.30 -56.12 -32.66
C LEU R 243 -95.05 -56.46 -33.93
N ASP R 244 -95.38 -57.73 -34.15
CA ASP R 244 -96.16 -58.12 -35.32
C ASP R 244 -97.58 -57.57 -35.24
N GLU R 245 -98.18 -57.57 -34.05
CA GLU R 245 -99.51 -57.01 -33.89
C GLU R 245 -99.52 -55.49 -34.05
N SER R 246 -98.37 -54.86 -33.80
CA SER R 246 -98.23 -53.41 -33.94
C SER R 246 -98.03 -52.96 -35.38
N ARG R 247 -98.25 -53.85 -36.35
CA ARG R 247 -98.08 -53.54 -37.77
C ARG R 247 -96.66 -53.08 -38.09
N VAL R 248 -95.68 -53.71 -37.44
CA VAL R 248 -94.27 -53.41 -37.69
C VAL R 248 -93.82 -54.36 -38.79
N VAL R 249 -94.03 -53.94 -40.03
CA VAL R 249 -93.67 -54.74 -41.19
C VAL R 249 -92.36 -54.22 -41.78
N PRO R 250 -91.23 -54.86 -41.52
CA PRO R 250 -89.96 -54.39 -42.08
C PRO R 250 -89.55 -55.05 -43.38
N LEU R 251 -90.29 -56.06 -43.84
CA LEU R 251 -90.07 -56.81 -45.08
C LEU R 251 -88.77 -57.63 -45.05
N SER R 252 -88.01 -57.59 -43.96
CA SER R 252 -86.77 -58.36 -43.86
C SER R 252 -86.42 -58.49 -42.40
N VAL R 253 -86.44 -59.72 -41.87
CA VAL R 253 -86.13 -59.98 -40.48
C VAL R 253 -85.38 -61.30 -40.36
N TYR R 254 -84.62 -61.44 -39.28
CA TYR R 254 -83.86 -62.65 -38.99
C TYR R 254 -84.37 -63.24 -37.68
N GLY R 255 -84.96 -64.43 -37.76
CA GLY R 255 -85.49 -65.08 -36.57
C GLY R 255 -86.71 -64.40 -36.00
N ASP R 256 -86.59 -63.90 -34.77
CA ASP R 256 -87.70 -63.23 -34.10
C ASP R 256 -87.13 -62.35 -33.00
N LEU R 257 -87.97 -61.44 -32.50
CA LEU R 257 -87.59 -60.51 -31.44
C LEU R 257 -87.70 -61.18 -30.07
N GLU R 258 -86.85 -62.20 -29.88
CA GLU R 258 -86.82 -62.95 -28.63
C GLU R 258 -86.06 -62.23 -27.51
N VAL R 259 -85.32 -61.17 -27.83
CA VAL R 259 -84.57 -60.44 -26.82
C VAL R 259 -85.53 -59.74 -25.87
N GLY R 260 -85.20 -59.77 -24.58
CA GLY R 260 -86.04 -59.13 -23.58
C GLY R 260 -85.85 -57.62 -23.53
N ILE R 261 -86.90 -56.88 -23.88
CA ILE R 261 -86.86 -55.42 -23.89
C ILE R 261 -88.16 -54.91 -23.26
N SER R 262 -88.04 -54.09 -22.23
CA SER R 262 -89.22 -53.52 -21.59
C SER R 262 -90.00 -52.64 -22.55
N GLY R 263 -89.33 -51.63 -23.11
CA GLY R 263 -89.96 -50.75 -24.09
C GLY R 263 -89.04 -50.40 -25.24
N VAL R 264 -89.50 -50.62 -26.47
CA VAL R 264 -88.70 -50.31 -27.64
C VAL R 264 -88.64 -48.80 -27.82
N GLN R 265 -87.45 -48.29 -28.12
CA GLN R 265 -87.22 -46.87 -28.30
C GLN R 265 -86.63 -46.61 -29.67
N HIS R 266 -87.25 -45.69 -30.41
CA HIS R 266 -86.75 -45.35 -31.74
C HIS R 266 -85.38 -44.67 -31.65
N ASP R 267 -85.20 -43.79 -30.66
CA ASP R 267 -83.91 -43.12 -30.49
C ASP R 267 -82.89 -44.09 -29.92
N SER R 268 -81.65 -44.00 -30.42
CA SER R 268 -80.60 -44.88 -29.95
C SER R 268 -80.23 -44.58 -28.50
N ARG R 269 -80.22 -43.29 -28.12
CA ARG R 269 -79.89 -42.93 -26.76
C ARG R 269 -80.96 -43.39 -25.78
N LEU R 270 -82.23 -43.34 -26.19
CA LEU R 270 -83.32 -43.78 -25.32
C LEU R 270 -83.33 -45.30 -25.17
N VAL R 271 -82.90 -46.03 -26.19
CA VAL R 271 -82.87 -47.48 -26.12
C VAL R 271 -81.68 -47.94 -25.29
N GLU R 272 -81.78 -49.16 -24.78
CA GLU R 272 -80.74 -49.77 -23.97
C GLU R 272 -80.11 -50.95 -24.69
N SER R 273 -79.10 -51.52 -24.07
CA SER R 273 -78.41 -52.68 -24.63
C SER R 273 -79.34 -53.89 -24.64
N GLY R 274 -79.26 -54.68 -25.71
CA GLY R 274 -80.12 -55.83 -25.83
C GLY R 274 -81.58 -55.53 -26.06
N ASP R 275 -81.90 -54.32 -26.51
CA ASP R 275 -83.27 -53.90 -26.75
C ASP R 275 -83.42 -53.47 -28.21
N LEU R 276 -84.53 -53.87 -28.82
CA LEU R 276 -84.78 -53.52 -30.22
C LEU R 276 -85.03 -52.03 -30.34
N PHE R 277 -84.37 -51.40 -31.32
CA PHE R 277 -84.49 -49.97 -31.58
C PHE R 277 -84.96 -49.76 -33.01
N VAL R 278 -86.14 -49.20 -33.17
CA VAL R 278 -86.71 -48.95 -34.50
C VAL R 278 -86.08 -47.70 -35.09
N CYS R 279 -86.27 -47.49 -36.39
CA CYS R 279 -85.72 -46.32 -37.05
C CYS R 279 -86.42 -45.06 -36.60
N CYS R 280 -85.64 -44.00 -36.40
CA CYS R 280 -86.16 -42.71 -35.98
C CYS R 280 -86.19 -41.76 -37.18
N VAL R 281 -87.35 -41.20 -37.46
CA VAL R 281 -87.54 -40.28 -38.58
C VAL R 281 -87.34 -38.86 -38.07
N GLY R 282 -86.43 -38.14 -38.71
CA GLY R 282 -86.14 -36.76 -38.32
C GLY R 282 -85.27 -36.08 -39.34
N ARG R 283 -85.31 -34.75 -39.32
CA ARG R 283 -84.51 -33.97 -40.25
C ARG R 283 -83.03 -34.03 -39.89
N LYS R 284 -82.71 -34.05 -38.60
CA LYS R 284 -81.32 -34.10 -38.17
C LYS R 284 -80.75 -35.51 -38.32
N THR R 285 -81.43 -36.50 -37.76
CA THR R 285 -80.99 -37.90 -37.82
C THR R 285 -81.97 -38.68 -38.68
N ASP R 286 -81.45 -39.30 -39.74
CA ASP R 286 -82.27 -40.09 -40.65
C ASP R 286 -82.38 -41.52 -40.14
N GLY R 287 -82.93 -42.41 -40.96
CA GLY R 287 -83.09 -43.79 -40.55
C GLY R 287 -81.76 -44.54 -40.50
N HIS R 288 -80.90 -44.31 -41.48
CA HIS R 288 -79.61 -44.99 -41.51
C HIS R 288 -78.72 -44.55 -40.35
N LEU R 289 -78.68 -43.25 -40.06
CA LEU R 289 -77.89 -42.77 -38.94
C LEU R 289 -78.43 -43.30 -37.62
N TYR R 290 -79.76 -43.35 -37.49
CA TYR R 290 -80.36 -43.89 -36.27
C TYR R 290 -80.02 -45.36 -36.10
N LEU R 291 -80.08 -46.14 -37.19
CA LEU R 291 -79.73 -47.55 -37.11
C LEU R 291 -78.26 -47.74 -36.77
N SER R 292 -77.39 -46.91 -37.33
CA SER R 292 -75.97 -47.00 -37.01
C SER R 292 -75.71 -46.68 -35.55
N GLU R 293 -76.34 -45.62 -35.04
CA GLU R 293 -76.18 -45.26 -33.63
C GLU R 293 -76.74 -46.34 -32.71
N ALA R 294 -77.84 -46.98 -33.11
CA ALA R 294 -78.40 -48.06 -32.29
C ALA R 294 -77.49 -49.28 -32.29
N ASP R 295 -76.93 -49.64 -33.44
CA ASP R 295 -75.99 -50.75 -33.50
C ASP R 295 -74.72 -50.45 -32.73
N LYS R 296 -74.29 -49.19 -32.70
CA LYS R 296 -73.11 -48.83 -31.92
C LYS R 296 -73.41 -48.86 -30.42
N ARG R 297 -74.60 -48.43 -30.02
CA ARG R 297 -74.98 -48.42 -28.61
C ARG R 297 -75.31 -49.81 -28.09
N GLY R 298 -75.46 -50.80 -28.95
CA GLY R 298 -75.75 -52.16 -28.53
C GLY R 298 -77.19 -52.59 -28.65
N ALA R 299 -77.98 -51.92 -29.48
CA ALA R 299 -79.38 -52.32 -29.67
C ALA R 299 -79.45 -53.65 -30.42
N VAL R 300 -80.41 -54.48 -30.03
CA VAL R 300 -80.53 -55.82 -30.63
C VAL R 300 -80.95 -55.70 -32.10
N ALA R 301 -81.94 -54.85 -32.37
CA ALA R 301 -82.46 -54.67 -33.73
C ALA R 301 -82.30 -53.22 -34.15
N VAL R 302 -81.91 -53.02 -35.41
CA VAL R 302 -81.76 -51.70 -36.00
C VAL R 302 -82.51 -51.68 -37.32
N VAL R 303 -83.34 -50.66 -37.53
CA VAL R 303 -84.17 -50.54 -38.71
C VAL R 303 -83.58 -49.46 -39.61
N ALA R 304 -83.45 -49.76 -40.90
CA ALA R 304 -82.91 -48.81 -41.86
C ALA R 304 -83.41 -49.20 -43.25
N SER R 305 -83.22 -48.27 -44.19
CA SER R 305 -83.64 -48.52 -45.56
C SER R 305 -82.79 -49.62 -46.21
N LYS R 306 -81.48 -49.60 -45.96
CA LYS R 306 -80.57 -50.59 -46.49
C LYS R 306 -80.23 -51.63 -45.42
N GLU R 307 -79.42 -52.61 -45.80
CA GLU R 307 -79.00 -53.66 -44.88
C GLU R 307 -78.09 -53.08 -43.81
N ILE R 308 -78.45 -53.27 -42.54
CA ILE R 308 -77.68 -52.78 -41.41
C ILE R 308 -77.12 -53.97 -40.65
N ASP R 309 -75.83 -53.92 -40.33
CA ASP R 309 -75.16 -54.99 -39.59
C ASP R 309 -75.25 -54.72 -38.09
N ILE R 310 -76.48 -54.88 -37.57
CA ILE R 310 -76.72 -54.62 -36.17
C ILE R 310 -76.18 -55.76 -35.30
N GLU R 311 -76.21 -56.99 -35.81
CA GLU R 311 -75.77 -58.15 -35.03
C GLU R 311 -74.26 -58.19 -34.83
N GLU R 312 -73.50 -57.25 -35.40
CA GLU R 312 -72.05 -57.26 -35.24
C GLU R 312 -71.65 -56.74 -33.86
N THR R 313 -72.39 -55.77 -33.32
CA THR R 313 -72.08 -55.14 -32.04
C THR R 313 -73.32 -55.06 -31.17
N LEU R 314 -74.07 -56.16 -31.09
CA LEU R 314 -75.29 -56.23 -30.29
C LEU R 314 -75.24 -57.45 -29.38
N GLY R 315 -76.18 -57.49 -28.44
CA GLY R 315 -76.31 -58.63 -27.55
C GLY R 315 -77.14 -59.76 -28.12
N CYS R 316 -77.98 -59.48 -29.11
CA CYS R 316 -78.81 -60.48 -29.77
C CYS R 316 -78.58 -60.41 -31.27
N LYS R 317 -78.36 -61.57 -31.89
CA LYS R 317 -78.09 -61.61 -33.32
C LYS R 317 -79.33 -61.28 -34.17
N ALA R 318 -80.53 -61.45 -33.61
CA ALA R 318 -81.75 -61.18 -34.36
C ALA R 318 -81.94 -59.69 -34.55
N LEU R 319 -82.25 -59.28 -35.77
CA LEU R 319 -82.49 -57.88 -36.09
C LEU R 319 -83.49 -57.79 -37.24
N VAL R 320 -84.02 -56.59 -37.44
CA VAL R 320 -84.98 -56.34 -38.51
C VAL R 320 -84.81 -54.93 -39.03
N ILE R 321 -84.59 -54.79 -40.34
CA ILE R 321 -84.39 -53.49 -40.98
C ILE R 321 -85.69 -53.09 -41.67
N VAL R 322 -86.27 -51.99 -41.22
CA VAL R 322 -87.50 -51.46 -41.78
C VAL R 322 -87.16 -50.33 -42.75
N GLU R 323 -87.65 -50.44 -43.99
CA GLU R 323 -87.36 -49.44 -45.01
C GLU R 323 -88.15 -48.16 -44.81
N ASP R 324 -89.16 -48.15 -43.94
CA ASP R 324 -89.99 -46.98 -43.69
C ASP R 324 -89.60 -46.40 -42.33
N THR R 325 -89.03 -45.20 -42.33
CA THR R 325 -88.60 -44.58 -41.08
C THR R 325 -89.80 -44.14 -40.25
N ASN R 326 -90.81 -43.53 -40.89
CA ASN R 326 -91.98 -43.07 -40.16
C ASN R 326 -92.76 -44.24 -39.56
N ALA R 327 -92.94 -45.31 -40.33
CA ALA R 327 -93.66 -46.48 -39.83
C ALA R 327 -92.89 -47.12 -38.68
N VAL R 328 -91.56 -47.17 -38.77
CA VAL R 328 -90.76 -47.73 -37.70
C VAL R 328 -90.86 -46.88 -36.44
N LEU R 329 -90.81 -45.55 -36.59
CA LEU R 329 -90.93 -44.67 -35.44
C LEU R 329 -92.32 -44.76 -34.81
N ALA R 330 -93.35 -45.01 -35.62
CA ALA R 330 -94.69 -45.17 -35.07
C ALA R 330 -94.84 -46.50 -34.35
N VAL R 331 -94.29 -47.58 -34.92
CA VAL R 331 -94.38 -48.90 -34.30
C VAL R 331 -93.40 -49.09 -33.15
N LEU R 332 -92.47 -48.14 -32.94
CA LEU R 332 -91.53 -48.25 -31.84
C LEU R 332 -92.27 -48.30 -30.50
N ALA R 333 -93.29 -47.46 -30.33
CA ALA R 333 -94.10 -47.52 -29.13
C ALA R 333 -94.98 -48.77 -29.16
N ALA R 334 -95.03 -49.48 -28.04
CA ALA R 334 -95.81 -50.70 -27.96
C ALA R 334 -97.30 -50.40 -28.11
N SER R 335 -98.05 -51.43 -28.52
CA SER R 335 -99.49 -51.26 -28.70
C SER R 335 -100.17 -50.97 -27.37
N PHE R 336 -99.91 -51.79 -26.35
CA PHE R 336 -100.49 -51.56 -25.04
C PHE R 336 -99.95 -50.29 -24.40
N TYR R 337 -98.71 -49.92 -24.73
CA TYR R 337 -98.14 -48.69 -24.18
C TYR R 337 -98.83 -47.46 -24.76
N ARG R 338 -99.08 -47.45 -26.06
CA ARG R 338 -99.75 -46.31 -26.69
C ARG R 338 -101.24 -46.32 -26.40
N HIS R 339 -101.82 -47.48 -26.11
CA HIS R 339 -103.25 -47.60 -25.85
C HIS R 339 -103.60 -46.99 -24.49
N PRO R 340 -102.76 -47.21 -23.47
CA PRO R 340 -103.10 -46.70 -22.14
C PRO R 340 -103.08 -45.18 -22.06
N SER R 341 -102.05 -44.57 -22.63
CA SER R 341 -101.96 -43.11 -22.61
C SER R 341 -103.05 -42.47 -23.46
N LYS R 342 -103.42 -43.12 -24.57
CA LYS R 342 -104.47 -42.59 -25.42
C LYS R 342 -105.86 -42.79 -24.79
N SER R 343 -106.02 -43.81 -23.95
CA SER R 343 -107.31 -44.09 -23.36
C SER R 343 -107.54 -43.28 -22.08
N MET R 344 -106.50 -43.11 -21.27
CA MET R 344 -106.64 -42.41 -20.00
C MET R 344 -107.07 -40.96 -20.21
N THR R 345 -106.20 -40.16 -20.81
CA THR R 345 -106.45 -38.75 -21.08
C THR R 345 -105.26 -38.21 -21.86
N LEU R 346 -105.42 -36.99 -22.38
CA LEU R 346 -104.36 -36.33 -23.12
C LEU R 346 -104.72 -34.86 -23.28
N ILE R 347 -103.73 -33.99 -23.07
CA ILE R 347 -103.92 -32.54 -23.18
C ILE R 347 -102.65 -31.95 -23.79
N GLY R 348 -102.76 -31.41 -24.99
CA GLY R 348 -101.63 -30.79 -25.68
C GLY R 348 -101.82 -29.28 -25.74
N ILE R 349 -100.74 -28.56 -25.42
CA ILE R 349 -100.74 -27.10 -25.43
C ILE R 349 -99.52 -26.64 -26.20
N THR R 350 -99.72 -26.16 -27.43
CA THR R 350 -98.65 -25.68 -28.30
C THR R 350 -98.95 -24.22 -28.62
N GLY R 351 -98.28 -23.31 -27.93
CA GLY R 351 -98.48 -21.89 -28.14
C GLY R 351 -97.17 -21.17 -28.35
N THR R 352 -97.27 -20.00 -28.99
CA THR R 352 -96.08 -19.20 -29.24
C THR R 352 -95.53 -18.59 -27.95
N ASN R 353 -96.40 -17.93 -27.19
CA ASN R 353 -96.02 -17.28 -25.93
C ASN R 353 -96.99 -17.69 -24.84
N GLY R 354 -96.45 -18.04 -23.67
CA GLY R 354 -97.27 -18.40 -22.53
C GLY R 354 -97.93 -19.76 -22.63
N LYS R 355 -97.23 -20.74 -23.23
CA LYS R 355 -97.78 -22.10 -23.31
C LYS R 355 -97.55 -22.86 -22.02
N THR R 356 -96.34 -22.76 -21.45
CA THR R 356 -96.05 -23.46 -20.21
C THR R 356 -96.77 -22.86 -19.01
N THR R 357 -97.19 -21.59 -19.10
CA THR R 357 -97.96 -20.99 -18.02
C THR R 357 -99.37 -21.57 -17.96
N THR R 358 -99.93 -21.95 -19.11
CA THR R 358 -101.25 -22.55 -19.16
C THR R 358 -101.21 -24.06 -19.02
N SER R 359 -100.11 -24.71 -19.42
CA SER R 359 -100.01 -26.16 -19.31
C SER R 359 -100.07 -26.60 -17.85
N TYR R 360 -99.28 -25.96 -16.99
CA TYR R 360 -99.30 -26.32 -15.57
C TYR R 360 -100.63 -25.96 -14.92
N LEU R 361 -101.28 -24.88 -15.37
CA LEU R 361 -102.59 -24.54 -14.83
C LEU R 361 -103.62 -25.59 -15.20
N ILE R 362 -103.60 -26.07 -16.45
CA ILE R 362 -104.52 -27.13 -16.85
C ILE R 362 -104.22 -28.42 -16.11
N LYS R 363 -102.94 -28.71 -15.87
CA LYS R 363 -102.58 -29.89 -15.11
C LYS R 363 -103.09 -29.81 -13.67
N ALA R 364 -102.97 -28.63 -13.06
CA ALA R 364 -103.47 -28.45 -11.70
C ALA R 364 -105.00 -28.54 -11.66
N MET R 365 -105.67 -28.03 -12.69
CA MET R 365 -107.13 -28.15 -12.75
C MET R 365 -107.54 -29.61 -12.88
N TYR R 366 -106.84 -30.39 -13.73
CA TYR R 366 -107.16 -31.81 -13.85
C TYR R 366 -106.84 -32.57 -12.57
N GLU R 367 -105.80 -32.17 -11.84
CA GLU R 367 -105.50 -32.81 -10.57
C GLU R 367 -106.57 -32.49 -9.53
N ALA R 368 -107.06 -31.25 -9.52
CA ALA R 368 -108.14 -30.89 -8.60
C ALA R 368 -109.44 -31.56 -8.98
N MET R 369 -109.63 -31.88 -10.27
CA MET R 369 -110.83 -32.59 -10.68
C MET R 369 -110.91 -33.98 -10.08
N GLY R 370 -109.77 -34.59 -9.80
CA GLY R 370 -109.75 -35.92 -9.19
C GLY R 370 -109.01 -36.95 -10.01
N LEU R 371 -108.36 -36.52 -11.09
CA LEU R 371 -107.61 -37.40 -11.98
C LEU R 371 -106.15 -36.98 -11.97
N ARG R 372 -105.28 -37.88 -11.53
CA ARG R 372 -103.85 -37.59 -11.52
C ARG R 372 -103.30 -37.59 -12.94
N THR R 373 -102.52 -36.55 -13.27
CA THR R 373 -101.98 -36.42 -14.60
C THR R 373 -100.73 -35.55 -14.55
N GLY R 374 -99.93 -35.62 -15.60
CA GLY R 374 -98.73 -34.82 -15.70
C GLY R 374 -98.67 -34.09 -17.02
N MET R 375 -98.01 -32.93 -17.02
CA MET R 375 -97.87 -32.08 -18.18
C MET R 375 -96.39 -31.90 -18.49
N LEU R 376 -95.98 -32.30 -19.68
CA LEU R 376 -94.59 -32.15 -20.09
C LEU R 376 -94.30 -30.73 -20.55
N SER R 377 -93.09 -30.27 -20.26
CA SER R 377 -92.65 -28.92 -20.60
C SER R 377 -91.32 -29.00 -21.34
N THR R 378 -90.84 -27.85 -21.80
CA THR R 378 -89.56 -27.80 -22.50
C THR R 378 -88.40 -28.03 -21.55
N VAL R 379 -88.52 -27.55 -20.31
CA VAL R 379 -87.45 -27.74 -19.34
C VAL R 379 -87.36 -29.19 -18.92
N GLY R 380 -88.49 -29.80 -18.60
CA GLY R 380 -88.52 -31.19 -18.19
C GLY R 380 -89.62 -31.99 -18.85
N TYR R 381 -89.31 -33.23 -19.25
CA TYR R 381 -90.28 -34.10 -19.91
C TYR R 381 -91.03 -34.89 -18.84
N TYR R 382 -92.34 -34.61 -18.72
CA TYR R 382 -93.18 -35.27 -17.73
C TYR R 382 -94.42 -35.82 -18.46
N ILE R 383 -94.37 -37.09 -18.83
CA ILE R 383 -95.50 -37.71 -19.51
C ILE R 383 -96.70 -37.81 -18.57
N TYR R 384 -96.49 -38.38 -17.38
CA TYR R 384 -97.55 -38.51 -16.39
C TYR R 384 -96.95 -38.47 -15.00
N GLY R 385 -97.72 -37.98 -14.04
CA GLY R 385 -97.27 -37.87 -12.67
C GLY R 385 -96.78 -36.48 -12.34
N ASP R 386 -96.63 -36.23 -11.04
CA ASP R 386 -96.16 -34.91 -10.58
C ASP R 386 -94.69 -34.73 -10.89
N ASN R 387 -93.87 -35.75 -10.66
CA ASN R 387 -92.45 -35.65 -10.92
C ASN R 387 -92.16 -35.59 -12.42
N LYS R 388 -91.02 -35.00 -12.76
CA LYS R 388 -90.60 -34.83 -14.14
C LYS R 388 -89.18 -35.37 -14.30
N LEU R 389 -88.99 -36.23 -15.29
CA LEU R 389 -87.67 -36.82 -15.55
C LEU R 389 -86.78 -35.83 -16.30
N GLU R 390 -85.48 -35.91 -16.05
CA GLU R 390 -84.54 -35.03 -16.70
C GLU R 390 -84.36 -35.43 -18.16
N SER R 391 -84.48 -34.45 -19.05
CA SER R 391 -84.34 -34.67 -20.49
C SER R 391 -83.47 -33.57 -21.07
N PRO R 392 -82.47 -33.91 -21.90
CA PRO R 392 -81.61 -32.87 -22.47
C PRO R 392 -82.36 -31.96 -23.45
N HIS R 393 -83.07 -32.57 -24.39
CA HIS R 393 -83.81 -31.81 -25.39
C HIS R 393 -85.13 -31.31 -24.80
N THR R 394 -85.72 -30.33 -25.49
CA THR R 394 -87.01 -29.79 -25.05
C THR R 394 -88.12 -30.83 -25.19
N THR R 395 -88.07 -31.63 -26.24
CA THR R 395 -89.05 -32.69 -26.49
C THR R 395 -88.34 -34.03 -26.54
N PRO R 396 -88.61 -34.96 -25.63
CA PRO R 396 -87.92 -36.25 -25.65
C PRO R 396 -88.41 -37.14 -26.79
N ASP R 397 -87.83 -38.34 -26.89
CA ASP R 397 -88.23 -39.28 -27.93
C ASP R 397 -89.68 -39.70 -27.73
N ALA R 398 -90.39 -39.89 -28.84
CA ALA R 398 -91.80 -40.27 -28.77
C ALA R 398 -91.96 -41.65 -28.16
N VAL R 399 -91.10 -42.59 -28.52
CA VAL R 399 -91.19 -43.95 -27.99
C VAL R 399 -90.87 -43.96 -26.50
N LEU R 400 -89.82 -43.23 -26.10
CA LEU R 400 -89.48 -43.15 -24.68
C LEU R 400 -90.58 -42.46 -23.88
N VAL R 401 -91.19 -41.42 -24.45
CA VAL R 401 -92.28 -40.73 -23.76
C VAL R 401 -93.48 -41.66 -23.61
N GLN R 402 -93.78 -42.43 -24.64
CA GLN R 402 -94.89 -43.38 -24.56
C GLN R 402 -94.60 -44.47 -23.53
N LYS R 403 -93.35 -44.95 -23.47
CA LYS R 403 -93.00 -45.96 -22.48
C LYS R 403 -93.12 -45.42 -21.07
N LEU R 404 -92.66 -44.18 -20.85
CA LEU R 404 -92.79 -43.57 -19.52
C LEU R 404 -94.25 -43.35 -19.16
N MET R 405 -95.07 -42.93 -20.12
CA MET R 405 -96.49 -42.74 -19.85
C MET R 405 -97.17 -44.06 -19.51
N ALA R 406 -96.80 -45.13 -20.21
CA ALA R 406 -97.37 -46.44 -19.89
C ALA R 406 -96.94 -46.92 -18.53
N LYS R 407 -95.66 -46.71 -18.18
CA LYS R 407 -95.17 -47.11 -16.86
C LYS R 407 -95.88 -46.33 -15.76
N MET R 408 -96.17 -45.05 -16.00
CA MET R 408 -96.86 -44.25 -15.00
C MET R 408 -98.33 -44.66 -14.88
N VAL R 409 -98.99 -44.89 -16.02
CA VAL R 409 -100.39 -45.29 -16.00
C VAL R 409 -100.57 -46.69 -15.43
N HIS R 410 -99.55 -47.54 -15.50
CA HIS R 410 -99.65 -48.87 -14.90
C HIS R 410 -99.77 -48.78 -13.40
N ASN R 411 -98.98 -47.90 -12.76
CA ASN R 411 -99.05 -47.72 -11.32
C ASN R 411 -98.47 -46.36 -10.98
N GLY R 412 -99.26 -45.51 -10.33
CA GLY R 412 -98.81 -44.20 -9.89
C GLY R 412 -99.36 -43.03 -10.67
N THR R 413 -100.21 -43.27 -11.67
CA THR R 413 -100.78 -42.17 -12.44
C THR R 413 -102.08 -42.66 -13.09
N GLU R 414 -103.11 -41.82 -13.04
CA GLU R 414 -104.39 -42.16 -13.64
C GLU R 414 -104.53 -41.65 -15.07
N ALA R 415 -103.78 -40.63 -15.46
CA ALA R 415 -103.86 -40.07 -16.79
C ALA R 415 -102.46 -39.71 -17.27
N LEU R 416 -102.23 -39.86 -18.58
CA LEU R 416 -100.94 -39.61 -19.21
C LEU R 416 -101.16 -38.62 -20.34
N VAL R 417 -101.03 -37.32 -20.03
CA VAL R 417 -101.20 -36.25 -21.00
C VAL R 417 -99.84 -35.85 -21.53
N MET R 418 -99.69 -35.89 -22.86
CA MET R 418 -98.45 -35.52 -23.52
C MET R 418 -98.60 -34.12 -24.12
N GLU R 419 -97.90 -33.15 -23.52
CA GLU R 419 -97.97 -31.76 -23.95
C GLU R 419 -96.61 -31.33 -24.50
N ALA R 420 -96.63 -30.78 -25.71
CA ALA R 420 -95.41 -30.31 -26.36
C ALA R 420 -95.67 -28.95 -26.98
N SER R 421 -94.59 -28.20 -27.20
CA SER R 421 -94.67 -26.87 -27.76
C SER R 421 -94.88 -26.97 -29.27
N SER R 422 -94.79 -25.82 -29.97
CA SER R 422 -94.96 -25.82 -31.42
C SER R 422 -93.86 -26.60 -32.10
N HIS R 423 -92.61 -26.42 -31.66
CA HIS R 423 -91.49 -27.15 -32.26
C HIS R 423 -91.60 -28.65 -31.97
N GLY R 424 -91.98 -29.01 -30.75
CA GLY R 424 -92.16 -30.41 -30.43
C GLY R 424 -93.29 -31.06 -31.19
N LEU R 425 -94.37 -30.30 -31.42
CA LEU R 425 -95.49 -30.83 -32.21
C LEU R 425 -95.12 -30.96 -33.68
N ALA R 426 -94.32 -30.03 -34.20
CA ALA R 426 -93.92 -30.11 -35.60
C ALA R 426 -92.87 -31.19 -35.82
N LEU R 427 -92.08 -31.51 -34.80
CA LEU R 427 -91.05 -32.54 -34.94
C LEU R 427 -91.68 -33.92 -35.00
N GLY R 428 -92.73 -34.16 -34.22
CA GLY R 428 -93.39 -35.45 -34.21
C GLY R 428 -93.44 -36.09 -32.83
N ARG R 429 -93.14 -35.31 -31.80
CA ARG R 429 -93.19 -35.84 -30.43
C ARG R 429 -94.62 -36.05 -29.97
N CYS R 430 -95.41 -34.98 -29.93
CA CYS R 430 -96.80 -35.07 -29.54
C CYS R 430 -97.73 -35.47 -30.69
N ASP R 431 -97.22 -35.48 -31.93
CA ASP R 431 -98.06 -35.85 -33.06
C ASP R 431 -98.42 -37.33 -33.04
N LYS R 432 -97.51 -38.17 -32.59
CA LYS R 432 -97.75 -39.62 -32.53
C LYS R 432 -98.41 -40.02 -31.21
N VAL R 433 -99.52 -39.36 -30.88
CA VAL R 433 -100.26 -39.65 -29.67
C VAL R 433 -101.68 -39.12 -29.82
N ASP R 434 -102.67 -39.93 -29.42
CA ASP R 434 -104.06 -39.51 -29.49
C ASP R 434 -104.32 -38.44 -28.43
N PHE R 435 -104.59 -37.21 -28.88
CA PHE R 435 -104.80 -36.08 -27.99
C PHE R 435 -106.29 -35.86 -27.80
N ASP R 436 -106.73 -35.90 -26.54
CA ASP R 436 -108.15 -35.69 -26.26
C ASP R 436 -108.53 -34.21 -26.43
N ILE R 437 -107.67 -33.31 -25.99
CA ILE R 437 -107.90 -31.88 -26.11
C ILE R 437 -106.62 -31.24 -26.63
N ALA R 438 -106.71 -30.55 -27.77
CA ALA R 438 -105.57 -29.91 -28.41
C ALA R 438 -105.92 -28.44 -28.63
N VAL R 439 -105.55 -27.60 -27.67
CA VAL R 439 -105.80 -26.16 -27.74
C VAL R 439 -104.47 -25.43 -27.76
N PHE R 440 -104.47 -24.25 -28.37
CA PHE R 440 -103.28 -23.42 -28.49
C PHE R 440 -103.44 -22.19 -27.60
N THR R 441 -102.43 -21.92 -26.77
CA THR R 441 -102.48 -20.75 -25.89
C THR R 441 -102.25 -19.46 -26.67
N ASN R 442 -101.33 -19.48 -27.64
CA ASN R 442 -101.04 -18.31 -28.46
C ASN R 442 -100.57 -18.79 -29.82
N LEU R 443 -101.37 -18.52 -30.84
CA LEU R 443 -101.07 -18.95 -32.21
C LEU R 443 -100.44 -17.79 -32.97
N THR R 444 -99.23 -18.01 -33.46
CA THR R 444 -98.49 -17.00 -34.22
C THR R 444 -97.47 -17.71 -35.10
N ARG R 445 -96.58 -16.94 -35.71
CA ARG R 445 -95.55 -17.50 -36.58
C ARG R 445 -94.52 -18.22 -35.71
N ASP R 446 -94.58 -19.55 -35.71
CA ASP R 446 -93.69 -20.39 -34.92
C ASP R 446 -92.89 -21.29 -35.85
N HIS R 447 -91.59 -21.41 -35.56
CA HIS R 447 -90.67 -22.23 -36.36
C HIS R 447 -90.67 -21.80 -37.82
N LEU R 448 -90.69 -20.49 -38.05
CA LEU R 448 -90.68 -19.98 -39.41
C LEU R 448 -89.34 -20.24 -40.10
N ASP R 449 -88.25 -20.15 -39.36
CA ASP R 449 -86.93 -20.39 -39.93
C ASP R 449 -86.63 -21.89 -40.05
N PHE R 450 -87.20 -22.71 -39.18
CA PHE R 450 -86.96 -24.14 -39.22
C PHE R 450 -87.84 -24.83 -40.25
N HIS R 451 -89.16 -24.67 -40.13
CA HIS R 451 -90.08 -25.31 -41.06
C HIS R 451 -90.03 -24.66 -42.44
N GLY R 452 -89.68 -23.38 -42.50
CA GLY R 452 -89.60 -22.67 -43.77
C GLY R 452 -90.89 -22.09 -44.26
N THR R 453 -91.98 -22.19 -43.49
CA THR R 453 -93.27 -21.66 -43.91
C THR R 453 -94.07 -21.30 -42.67
N GLU R 454 -94.79 -20.19 -42.75
CA GLU R 454 -95.62 -19.75 -41.63
C GLU R 454 -96.80 -20.69 -41.44
N GLU R 455 -97.33 -20.70 -40.21
CA GLU R 455 -98.47 -21.52 -39.81
C GLU R 455 -98.22 -23.01 -40.03
N GLU R 456 -96.96 -23.44 -40.06
CA GLU R 456 -96.66 -24.84 -40.23
C GLU R 456 -96.92 -25.63 -38.95
N TYR R 457 -96.52 -25.08 -37.80
CA TYR R 457 -96.76 -25.75 -36.53
C TYR R 457 -98.25 -25.82 -36.22
N ARG R 458 -98.99 -24.75 -36.54
CA ARG R 458 -100.44 -24.77 -36.32
C ARG R 458 -101.11 -25.81 -37.20
N ASP R 459 -100.67 -25.92 -38.46
CA ASP R 459 -101.23 -26.93 -39.36
C ASP R 459 -100.90 -28.34 -38.87
N ALA R 460 -99.68 -28.55 -38.38
CA ALA R 460 -99.31 -29.85 -37.86
C ALA R 460 -100.13 -30.21 -36.63
N LYS R 461 -100.36 -29.23 -35.74
CA LYS R 461 -101.18 -29.49 -34.56
C LYS R 461 -102.63 -29.79 -34.96
N ALA R 462 -103.16 -29.06 -35.94
CA ALA R 462 -104.52 -29.33 -36.41
C ALA R 462 -104.63 -30.71 -37.02
N LYS R 463 -103.62 -31.13 -37.79
CA LYS R 463 -103.63 -32.46 -38.38
C LYS R 463 -103.54 -33.54 -37.31
N LEU R 464 -102.70 -33.33 -36.30
CA LEU R 464 -102.58 -34.30 -35.21
C LEU R 464 -103.88 -34.39 -34.41
N PHE R 465 -104.58 -33.27 -34.25
CA PHE R 465 -105.86 -33.29 -33.55
C PHE R 465 -106.93 -33.97 -34.39
N ALA R 466 -106.91 -33.76 -35.70
CA ALA R 466 -107.89 -34.39 -36.59
C ALA R 466 -107.64 -35.87 -36.77
N ARG R 467 -106.40 -36.32 -36.58
CA ARG R 467 -106.11 -37.76 -36.69
C ARG R 467 -106.89 -38.54 -35.64
N MET R 468 -106.82 -38.12 -34.38
CA MET R 468 -107.58 -38.72 -33.29
C MET R 468 -108.47 -37.64 -32.68
N VAL R 469 -109.72 -37.58 -33.11
CA VAL R 469 -110.67 -36.58 -32.65
C VAL R 469 -111.97 -37.27 -32.26
N ASP R 470 -112.61 -36.76 -31.21
CA ASP R 470 -113.88 -37.28 -30.75
C ASP R 470 -114.93 -36.17 -30.71
N PRO R 471 -116.20 -36.51 -30.86
CA PRO R 471 -117.25 -35.47 -30.85
C PRO R 471 -117.41 -34.87 -29.46
N ALA R 472 -117.43 -33.54 -29.39
CA ALA R 472 -117.63 -32.78 -28.17
C ALA R 472 -116.57 -33.09 -27.10
N ARG R 473 -115.41 -33.60 -27.52
CA ARG R 473 -114.32 -33.91 -26.59
C ARG R 473 -113.10 -33.04 -26.78
N HIS R 474 -112.83 -32.58 -28.01
CA HIS R 474 -111.68 -31.73 -28.27
C HIS R 474 -112.05 -30.26 -28.07
N ARG R 475 -111.14 -29.53 -27.43
CA ARG R 475 -111.35 -28.11 -27.14
C ARG R 475 -110.47 -27.26 -28.05
N LYS R 476 -111.05 -26.20 -28.59
CA LYS R 476 -110.36 -25.26 -29.46
C LYS R 476 -110.23 -23.89 -28.81
N ILE R 477 -109.98 -23.88 -27.50
CA ILE R 477 -109.87 -22.61 -26.77
C ILE R 477 -108.59 -21.90 -27.19
N VAL R 478 -108.74 -20.72 -27.79
CA VAL R 478 -107.61 -19.94 -28.25
C VAL R 478 -108.07 -18.50 -28.43
N ASN R 479 -107.12 -17.57 -28.42
CA ASN R 479 -107.45 -16.17 -28.60
C ASN R 479 -107.99 -15.92 -30.00
N ILE R 480 -109.15 -15.24 -30.07
CA ILE R 480 -109.77 -14.96 -31.35
C ILE R 480 -109.01 -13.90 -32.15
N ASP R 481 -108.16 -13.11 -31.48
CA ASP R 481 -107.42 -12.08 -32.18
C ASP R 481 -106.37 -12.66 -33.11
N ASP R 482 -105.88 -13.86 -32.81
CA ASP R 482 -104.86 -14.49 -33.64
C ASP R 482 -105.49 -15.16 -34.85
N PRO R 483 -105.08 -14.84 -36.07
CA PRO R 483 -105.67 -15.51 -37.24
C PRO R 483 -105.23 -16.95 -37.38
N ASN R 484 -104.02 -17.29 -36.92
CA ASN R 484 -103.57 -18.69 -36.98
C ASN R 484 -104.45 -19.58 -36.11
N ALA R 485 -104.95 -19.06 -35.00
CA ALA R 485 -105.84 -19.85 -34.15
C ALA R 485 -107.13 -20.20 -34.88
N ALA R 486 -107.72 -19.21 -35.57
CA ALA R 486 -108.93 -19.48 -36.34
C ALA R 486 -108.64 -20.41 -37.50
N PHE R 487 -107.48 -20.27 -38.14
CA PHE R 487 -107.12 -21.16 -39.24
C PHE R 487 -106.95 -22.60 -38.76
N PHE R 488 -106.39 -22.78 -37.56
CA PHE R 488 -106.24 -24.13 -37.02
C PHE R 488 -107.59 -24.69 -36.57
N LEU R 489 -108.47 -23.83 -36.03
CA LEU R 489 -109.78 -24.30 -35.61
C LEU R 489 -110.66 -24.65 -36.80
N ALA R 490 -110.44 -24.00 -37.95
CA ALA R 490 -111.22 -24.32 -39.14
C ALA R 490 -110.93 -25.73 -39.64
N GLN R 491 -109.68 -26.19 -39.52
CA GLN R 491 -109.33 -27.52 -39.93
C GLN R 491 -109.71 -28.55 -38.87
N GLY R 492 -109.84 -29.79 -39.30
CA GLY R 492 -110.22 -30.86 -38.40
C GLY R 492 -111.70 -31.16 -38.42
N ASN R 493 -112.11 -31.99 -37.46
CA ASN R 493 -113.51 -32.37 -37.37
C ASN R 493 -114.33 -31.20 -36.83
N PRO R 494 -115.43 -30.83 -37.49
CA PRO R 494 -116.23 -29.70 -37.00
C PRO R 494 -117.08 -30.05 -35.78
N ASP R 495 -117.29 -31.34 -35.50
CA ASP R 495 -118.09 -31.75 -34.35
C ASP R 495 -117.39 -31.48 -33.02
N VAL R 496 -116.10 -31.18 -33.03
CA VAL R 496 -115.35 -30.90 -31.81
C VAL R 496 -115.82 -29.58 -31.23
N PRO R 497 -115.83 -29.41 -29.90
CA PRO R 497 -116.29 -28.14 -29.32
C PRO R 497 -115.28 -27.03 -29.56
N ILE R 498 -115.78 -25.87 -29.96
CA ILE R 498 -114.96 -24.70 -30.24
C ILE R 498 -115.37 -23.58 -29.29
N VAL R 499 -114.39 -22.80 -28.84
CA VAL R 499 -114.65 -21.70 -27.92
C VAL R 499 -113.48 -20.73 -28.03
N THR R 500 -113.72 -19.47 -27.65
CA THR R 500 -112.71 -18.43 -27.70
C THR R 500 -112.46 -17.89 -26.29
N PHE R 501 -111.21 -17.56 -26.00
CA PHE R 501 -110.81 -17.05 -24.69
C PHE R 501 -110.40 -15.57 -24.75
N ALA R 502 -110.78 -14.87 -25.81
CA ALA R 502 -110.42 -13.46 -25.94
C ALA R 502 -111.21 -12.62 -24.95
N MET R 503 -110.56 -11.60 -24.41
CA MET R 503 -111.19 -10.71 -23.44
C MET R 503 -111.94 -9.56 -24.10
N GLU R 504 -111.34 -8.94 -25.12
CA GLU R 504 -112.00 -7.82 -25.78
C GLU R 504 -113.13 -8.27 -26.69
N ASN R 505 -113.06 -9.48 -27.23
CA ASN R 505 -114.10 -9.98 -28.12
C ASN R 505 -115.38 -10.25 -27.34
N LYS R 506 -116.51 -9.82 -27.90
CA LYS R 506 -117.80 -10.04 -27.26
C LYS R 506 -118.34 -11.44 -27.51
N SER R 507 -117.94 -12.07 -28.62
CA SER R 507 -118.40 -13.43 -28.90
C SER R 507 -117.82 -14.43 -27.91
N ALA R 508 -116.62 -14.18 -27.41
CA ALA R 508 -116.02 -15.09 -26.43
C ALA R 508 -116.72 -15.01 -25.08
N ASP R 509 -117.39 -13.90 -24.80
CA ASP R 509 -118.14 -13.63 -23.57
C ASP R 509 -117.26 -13.57 -22.34
N VAL R 510 -115.94 -13.65 -22.48
CA VAL R 510 -115.01 -13.58 -21.36
C VAL R 510 -114.49 -12.15 -21.25
N HIS R 511 -114.36 -11.65 -20.03
CA HIS R 511 -113.87 -10.30 -19.79
C HIS R 511 -113.33 -10.22 -18.37
N PRO R 512 -112.27 -9.44 -18.13
CA PRO R 512 -111.76 -9.31 -16.75
C PRO R 512 -112.78 -8.66 -15.82
N LEU R 513 -113.29 -7.49 -16.21
CA LEU R 513 -114.30 -6.78 -15.45
C LEU R 513 -113.87 -6.54 -14.00
N LYS R 514 -112.58 -6.25 -13.83
CA LYS R 514 -112.03 -6.01 -12.50
C LYS R 514 -110.74 -5.23 -12.64
N PHE R 515 -110.40 -4.47 -11.59
CA PHE R 515 -109.17 -3.67 -11.53
C PHE R 515 -108.45 -4.02 -10.23
N GLN R 516 -107.62 -5.06 -10.28
CA GLN R 516 -106.85 -5.50 -9.12
C GLN R 516 -105.44 -5.94 -9.51
N LEU R 517 -104.88 -5.34 -10.56
CA LEU R 517 -103.56 -5.72 -11.03
C LEU R 517 -102.50 -5.29 -10.02
N SER R 518 -101.59 -6.21 -9.70
CA SER R 518 -100.53 -5.93 -8.75
C SER R 518 -99.38 -6.92 -8.99
N LEU R 519 -98.21 -6.57 -8.45
CA LEU R 519 -97.05 -7.44 -8.60
C LEU R 519 -97.20 -8.74 -7.81
N PHE R 520 -97.95 -8.71 -6.72
CA PHE R 520 -98.14 -9.89 -5.88
C PHE R 520 -99.27 -10.78 -6.41
N GLU R 521 -100.43 -10.19 -6.67
CA GLU R 521 -101.58 -10.95 -7.14
C GLU R 521 -102.49 -10.03 -7.96
N THR R 522 -102.98 -10.56 -9.08
CA THR R 522 -103.88 -9.83 -9.98
C THR R 522 -105.14 -10.67 -10.17
N GLN R 523 -106.11 -10.47 -9.29
CA GLN R 523 -107.37 -11.22 -9.34
C GLN R 523 -108.38 -10.50 -10.23
N VAL R 524 -109.09 -11.26 -11.04
CA VAL R 524 -110.10 -10.73 -11.94
C VAL R 524 -111.40 -11.48 -11.72
N LEU R 525 -112.52 -10.80 -11.94
CA LEU R 525 -113.84 -11.38 -11.78
C LEU R 525 -114.40 -11.67 -13.18
N VAL R 526 -114.06 -12.85 -13.69
CA VAL R 526 -114.50 -13.24 -15.03
C VAL R 526 -116.01 -13.46 -15.02
N ASN R 527 -116.69 -12.87 -16.00
CA ASN R 527 -118.14 -12.97 -16.13
C ASN R 527 -118.44 -13.58 -17.50
N THR R 528 -118.51 -14.91 -17.55
CA THR R 528 -118.77 -15.64 -18.78
C THR R 528 -119.76 -16.75 -18.49
N PRO R 529 -120.54 -17.18 -19.49
CA PRO R 529 -121.49 -18.27 -19.24
C PRO R 529 -120.83 -19.62 -19.04
N GLN R 530 -119.78 -19.91 -19.80
CA GLN R 530 -119.07 -21.18 -19.66
C GLN R 530 -117.88 -21.07 -18.72
N GLY R 531 -117.18 -19.95 -18.74
CA GLY R 531 -116.02 -19.79 -17.89
C GLY R 531 -116.39 -19.62 -16.42
N ILE R 532 -115.40 -19.87 -15.56
CA ILE R 532 -115.63 -19.74 -14.13
C ILE R 532 -115.72 -18.27 -13.73
N LEU R 533 -116.26 -18.04 -12.53
CA LEU R 533 -116.40 -16.67 -12.03
C LEU R 533 -115.06 -16.10 -11.62
N GLU R 534 -114.39 -16.74 -10.67
CA GLU R 534 -113.09 -16.28 -10.20
C GLU R 534 -111.99 -16.64 -11.19
N ILE R 535 -110.95 -15.81 -11.22
CA ILE R 535 -109.81 -16.01 -12.10
C ILE R 535 -108.56 -16.20 -11.25
N SER R 536 -107.47 -16.58 -11.92
CA SER R 536 -106.21 -16.82 -11.25
C SER R 536 -105.38 -15.54 -11.16
N SER R 537 -104.58 -15.44 -10.10
CA SER R 537 -103.72 -14.28 -9.89
C SER R 537 -102.46 -14.45 -10.74
N GLY R 538 -102.29 -13.59 -11.74
CA GLY R 538 -101.17 -13.66 -12.64
C GLY R 538 -100.17 -12.54 -12.38
N LEU R 539 -98.90 -12.83 -12.61
CA LEU R 539 -97.86 -11.83 -12.39
C LEU R 539 -97.84 -10.79 -13.50
N LEU R 540 -98.11 -11.21 -14.74
CA LEU R 540 -98.09 -10.31 -15.88
C LEU R 540 -99.45 -9.64 -16.05
N GLY R 541 -99.44 -8.53 -16.79
CA GLY R 541 -100.67 -7.79 -16.99
C GLY R 541 -101.60 -8.44 -17.99
N ARG R 542 -101.08 -8.76 -19.18
CA ARG R 542 -101.88 -9.34 -20.24
C ARG R 542 -101.51 -10.78 -20.56
N HIS R 543 -100.23 -11.14 -20.49
CA HIS R 543 -99.82 -12.51 -20.80
C HIS R 543 -100.35 -13.48 -19.77
N ASN R 544 -100.15 -13.19 -18.48
CA ASN R 544 -100.65 -14.06 -17.43
C ASN R 544 -102.18 -14.06 -17.40
N ILE R 545 -102.80 -12.91 -17.69
CA ILE R 545 -104.25 -12.86 -17.75
C ILE R 545 -104.77 -13.71 -18.89
N TYR R 546 -104.09 -13.67 -20.05
CA TYR R 546 -104.49 -14.50 -21.17
C TYR R 546 -104.32 -15.99 -20.85
N ASN R 547 -103.22 -16.34 -20.16
CA ASN R 547 -103.01 -17.73 -19.77
C ASN R 547 -104.09 -18.20 -18.81
N ILE R 548 -104.47 -17.35 -17.85
CA ILE R 548 -105.51 -17.71 -16.90
C ILE R 548 -106.86 -17.86 -17.62
N LEU R 549 -107.13 -16.98 -18.58
CA LEU R 549 -108.38 -17.08 -19.34
C LEU R 549 -108.42 -18.34 -20.19
N ALA R 550 -107.27 -18.73 -20.75
CA ALA R 550 -107.21 -19.96 -21.54
C ALA R 550 -107.34 -21.20 -20.67
N ALA R 551 -106.80 -21.16 -19.45
CA ALA R 551 -106.90 -22.28 -18.54
C ALA R 551 -108.27 -22.39 -17.88
N VAL R 552 -109.00 -21.27 -17.77
CA VAL R 552 -110.33 -21.31 -17.19
C VAL R 552 -111.27 -22.17 -18.02
N ALA R 553 -111.11 -22.14 -19.35
CA ALA R 553 -111.94 -22.97 -20.21
C ALA R 553 -111.69 -24.45 -19.96
N VAL R 554 -110.42 -24.85 -19.88
CA VAL R 554 -110.10 -26.25 -19.63
C VAL R 554 -110.54 -26.66 -18.23
N GLY R 555 -110.49 -25.75 -17.27
CA GLY R 555 -110.95 -26.07 -15.93
C GLY R 555 -112.46 -26.21 -15.84
N ILE R 556 -113.20 -25.40 -16.61
CA ILE R 556 -114.66 -25.48 -16.59
C ILE R 556 -115.18 -26.61 -17.46
N ALA R 557 -114.40 -27.07 -18.45
CA ALA R 557 -114.83 -28.20 -19.27
C ALA R 557 -115.04 -29.46 -18.42
N VAL R 558 -114.14 -29.70 -17.47
CA VAL R 558 -114.27 -30.87 -16.61
C VAL R 558 -115.38 -30.64 -15.57
N GLY R 559 -115.32 -29.50 -14.88
CA GLY R 559 -116.33 -29.20 -13.87
C GLY R 559 -116.90 -27.81 -14.02
N ALA R 560 -118.24 -27.73 -14.13
CA ALA R 560 -118.93 -26.46 -14.31
C ALA R 560 -118.80 -25.60 -13.05
N PRO R 561 -118.67 -26.21 -11.88
CA PRO R 561 -118.54 -25.41 -10.65
C PRO R 561 -117.20 -24.69 -10.60
N LEU R 562 -117.24 -23.43 -10.18
CA LEU R 562 -116.03 -22.62 -10.08
C LEU R 562 -115.21 -22.91 -8.83
N GLU R 563 -115.76 -23.68 -7.87
CA GLU R 563 -115.00 -24.00 -6.67
C GLU R 563 -113.84 -24.93 -6.96
N ASP R 564 -113.94 -25.75 -8.01
CA ASP R 564 -112.87 -26.67 -8.35
C ASP R 564 -111.65 -25.95 -8.92
N ILE R 565 -111.83 -24.75 -9.48
CA ILE R 565 -110.71 -24.00 -10.04
C ILE R 565 -109.88 -23.28 -8.99
N VAL R 566 -110.22 -23.43 -7.70
CA VAL R 566 -109.46 -22.76 -6.65
C VAL R 566 -108.04 -23.30 -6.60
N LYS R 567 -107.88 -24.63 -6.73
CA LYS R 567 -106.53 -25.21 -6.73
C LYS R 567 -105.73 -24.76 -7.94
N GLY R 568 -106.37 -24.65 -9.10
CA GLY R 568 -105.68 -24.16 -10.28
C GLY R 568 -105.25 -22.72 -10.14
N ILE R 569 -106.12 -21.88 -9.54
CA ILE R 569 -105.78 -20.48 -9.32
C ILE R 569 -104.64 -20.36 -8.32
N GLU R 570 -104.62 -21.23 -7.30
CA GLU R 570 -103.54 -21.21 -6.33
C GLU R 570 -102.23 -21.66 -6.96
N GLU R 571 -102.28 -22.66 -7.84
CA GLU R 571 -101.07 -23.12 -8.51
C GLU R 571 -100.56 -22.11 -9.52
N VAL R 572 -101.46 -21.34 -10.14
CA VAL R 572 -101.03 -20.30 -11.06
C VAL R 572 -100.40 -19.13 -10.30
N ASP R 573 -100.89 -18.84 -9.09
CA ASP R 573 -100.31 -17.79 -8.26
C ASP R 573 -99.07 -18.24 -7.49
N ALA R 574 -98.66 -19.50 -7.66
CA ALA R 574 -97.50 -20.01 -6.95
C ALA R 574 -96.18 -19.43 -7.45
N VAL R 575 -96.22 -18.54 -8.45
CA VAL R 575 -95.04 -17.90 -9.00
C VAL R 575 -94.08 -18.96 -9.55
N PRO R 576 -94.39 -19.57 -10.70
CA PRO R 576 -93.48 -20.58 -11.26
C PRO R 576 -92.19 -19.99 -11.79
N GLY R 577 -91.35 -20.83 -12.38
CA GLY R 577 -90.07 -20.35 -12.89
C GLY R 577 -90.24 -19.29 -13.96
N ARG R 578 -91.09 -19.56 -14.96
CA ARG R 578 -91.33 -18.59 -16.03
C ARG R 578 -92.19 -17.45 -15.52
N CYS R 579 -91.83 -16.23 -15.91
CA CYS R 579 -92.49 -14.99 -15.52
C CYS R 579 -92.89 -15.00 -14.04
N GLU R 580 -91.88 -15.21 -13.19
CA GLU R 580 -92.12 -15.30 -11.76
C GLU R 580 -92.56 -13.96 -11.19
N LEU R 581 -93.34 -14.03 -10.12
CA LEU R 581 -93.85 -12.85 -9.44
C LEU R 581 -92.86 -12.40 -8.37
N ILE R 582 -93.27 -11.42 -7.57
CA ILE R 582 -92.40 -10.91 -6.51
C ILE R 582 -92.37 -11.89 -5.35
N ASP R 583 -91.36 -11.74 -4.49
CA ASP R 583 -91.24 -12.60 -3.32
C ASP R 583 -92.28 -12.25 -2.27
N GLU R 584 -92.64 -13.25 -1.46
CA GLU R 584 -93.63 -13.05 -0.42
C GLU R 584 -93.13 -12.15 0.71
N GLU R 585 -91.81 -12.03 0.87
CA GLU R 585 -91.27 -11.17 1.91
C GLU R 585 -91.51 -9.71 1.59
N GLN R 586 -91.71 -8.91 2.63
CA GLN R 586 -91.97 -7.48 2.48
C GLN R 586 -90.68 -6.79 2.05
N ALA R 587 -90.54 -6.55 0.75
CA ALA R 587 -89.34 -5.94 0.18
C ALA R 587 -89.67 -5.47 -1.23
N PHE R 588 -88.65 -5.05 -1.96
CA PHE R 588 -88.85 -4.58 -3.33
C PHE R 588 -89.23 -5.74 -4.24
N GLY R 589 -90.03 -5.45 -5.25
CA GLY R 589 -90.49 -6.50 -6.14
C GLY R 589 -89.34 -7.06 -6.97
N VAL R 590 -89.32 -8.37 -7.12
CA VAL R 590 -88.30 -9.07 -7.89
C VAL R 590 -89.01 -9.99 -8.87
N ILE R 591 -88.75 -9.80 -10.17
CA ILE R 591 -89.39 -10.56 -11.23
C ILE R 591 -88.29 -11.27 -12.01
N VAL R 592 -88.27 -12.60 -11.93
CA VAL R 592 -87.32 -13.43 -12.67
C VAL R 592 -88.01 -13.93 -13.93
N ASP R 593 -87.51 -13.50 -15.08
CA ASP R 593 -88.09 -13.85 -16.37
C ASP R 593 -87.06 -14.56 -17.25
N TYR R 594 -87.56 -15.20 -18.30
CA TYR R 594 -86.74 -15.89 -19.28
C TYR R 594 -86.88 -15.16 -20.61
N ALA R 595 -85.93 -14.28 -20.90
CA ALA R 595 -85.96 -13.44 -22.10
C ALA R 595 -84.58 -13.45 -22.75
N HIS R 596 -84.47 -14.12 -23.88
CA HIS R 596 -83.23 -14.18 -24.66
C HIS R 596 -83.40 -13.58 -26.05
N THR R 597 -84.48 -13.91 -26.75
CA THR R 597 -84.72 -13.35 -28.07
C THR R 597 -85.11 -11.87 -27.96
N PRO R 598 -84.82 -11.07 -29.00
CA PRO R 598 -85.15 -9.64 -28.91
C PRO R 598 -86.64 -9.36 -28.80
N ASP R 599 -87.48 -10.08 -29.54
CA ASP R 599 -88.91 -9.80 -29.52
C ASP R 599 -89.53 -10.14 -28.18
N ALA R 600 -89.16 -11.29 -27.61
CA ALA R 600 -89.68 -11.67 -26.29
C ALA R 600 -89.19 -10.70 -25.22
N LEU R 601 -87.92 -10.31 -25.28
CA LEU R 601 -87.40 -9.34 -24.34
C LEU R 601 -88.16 -8.02 -24.45
N SER R 602 -88.45 -7.59 -25.68
CA SER R 602 -89.16 -6.32 -25.87
C SER R 602 -90.58 -6.39 -25.33
N ARG R 603 -91.29 -7.49 -25.60
CA ARG R 603 -92.66 -7.59 -25.11
C ARG R 603 -92.71 -7.73 -23.59
N LEU R 604 -91.74 -8.43 -23.00
CA LEU R 604 -91.69 -8.51 -21.54
C LEU R 604 -91.35 -7.15 -20.93
N LEU R 605 -90.46 -6.39 -21.58
CA LEU R 605 -90.15 -5.05 -21.10
C LEU R 605 -91.36 -4.14 -21.19
N ASP R 606 -92.15 -4.27 -22.26
CA ASP R 606 -93.36 -3.48 -22.40
C ASP R 606 -94.38 -3.84 -21.32
N TYR R 607 -94.55 -5.14 -21.06
CA TYR R 607 -95.48 -5.56 -20.01
C TYR R 607 -95.02 -5.09 -18.64
N VAL R 608 -93.71 -5.10 -18.39
CA VAL R 608 -93.20 -4.60 -17.11
C VAL R 608 -93.39 -3.10 -16.99
N ARG R 609 -93.15 -2.35 -18.07
CA ARG R 609 -93.41 -0.92 -18.07
C ARG R 609 -94.88 -0.63 -17.78
N GLU R 610 -95.78 -1.42 -18.37
CA GLU R 610 -97.19 -1.27 -18.08
C GLU R 610 -97.51 -1.65 -16.63
N LEU R 611 -96.71 -2.56 -16.04
CA LEU R 611 -96.95 -2.97 -14.67
C LEU R 611 -96.12 -2.15 -13.68
N GLY R 612 -94.88 -1.81 -14.05
CA GLY R 612 -93.98 -1.09 -13.17
C GLY R 612 -94.48 0.30 -12.85
N PRO R 613 -94.77 0.55 -11.58
CA PRO R 613 -95.34 1.85 -11.19
C PRO R 613 -94.34 3.00 -11.27
N ARG R 614 -93.13 2.79 -10.76
CA ARG R 614 -92.14 3.86 -10.64
C ARG R 614 -90.92 3.65 -11.52
N ARG R 615 -90.23 2.53 -11.36
CA ARG R 615 -88.96 2.30 -12.06
C ARG R 615 -88.99 0.94 -12.72
N VAL R 616 -88.10 0.78 -13.71
CA VAL R 616 -87.92 -0.49 -14.42
C VAL R 616 -86.43 -0.81 -14.39
N ILE R 617 -86.02 -1.60 -13.40
CA ILE R 617 -84.61 -1.96 -13.22
C ILE R 617 -84.42 -3.36 -13.80
N THR R 618 -83.50 -3.49 -14.75
CA THR R 618 -83.24 -4.75 -15.42
C THR R 618 -81.75 -5.03 -15.45
N VAL R 619 -81.41 -6.32 -15.43
CA VAL R 619 -80.03 -6.79 -15.52
C VAL R 619 -80.01 -8.06 -16.36
N PHE R 620 -79.16 -8.10 -17.38
CA PHE R 620 -79.09 -9.24 -18.26
C PHE R 620 -77.72 -9.26 -18.94
N GLY R 621 -77.51 -10.31 -19.75
CA GLY R 621 -76.26 -10.45 -20.48
C GLY R 621 -76.47 -11.31 -21.71
N CYS R 622 -75.41 -11.40 -22.51
CA CYS R 622 -75.43 -12.18 -23.74
C CYS R 622 -74.55 -13.41 -23.61
N ALA R 623 -74.87 -14.42 -24.42
CA ALA R 623 -74.10 -15.66 -24.43
C ALA R 623 -73.00 -15.61 -25.47
N GLY R 624 -71.92 -16.34 -25.20
CA GLY R 624 -70.78 -16.35 -26.11
C GLY R 624 -71.06 -17.18 -27.35
N GLU R 625 -70.36 -16.82 -28.44
CA GLU R 625 -70.49 -17.49 -29.73
C GLU R 625 -71.93 -17.51 -30.22
N SER R 626 -72.70 -16.50 -29.83
CA SER R 626 -74.10 -16.38 -30.21
C SER R 626 -74.24 -15.36 -31.34
N ASP R 627 -75.49 -14.99 -31.66
CA ASP R 627 -75.76 -14.00 -32.68
C ASP R 627 -75.14 -12.66 -32.30
N ARG R 628 -74.14 -12.21 -33.05
CA ARG R 628 -73.47 -10.97 -32.71
C ARG R 628 -74.37 -9.75 -32.91
N GLY R 629 -75.25 -9.81 -33.91
CA GLY R 629 -76.19 -8.72 -34.13
C GLY R 629 -77.31 -8.65 -33.12
N LYS R 630 -77.46 -9.67 -32.27
CA LYS R 630 -78.52 -9.68 -31.26
C LYS R 630 -78.18 -8.78 -30.07
N ARG R 631 -76.90 -8.66 -29.73
CA ARG R 631 -76.51 -7.85 -28.58
C ARG R 631 -76.85 -6.38 -28.74
N PRO R 632 -76.51 -5.70 -29.85
CA PRO R 632 -76.81 -4.26 -29.91
C PRO R 632 -78.30 -3.95 -29.93
N ILE R 633 -79.10 -4.72 -30.66
CA ILE R 633 -80.53 -4.47 -30.70
C ILE R 633 -81.15 -4.75 -29.33
N MET R 634 -80.67 -5.78 -28.63
CA MET R 634 -81.16 -6.05 -27.28
C MET R 634 -80.82 -4.90 -26.35
N ALA R 635 -79.58 -4.41 -26.40
CA ALA R 635 -79.19 -3.29 -25.54
C ALA R 635 -80.01 -2.05 -25.85
N LYS R 636 -80.28 -1.79 -27.14
CA LYS R 636 -81.07 -0.63 -27.52
C LYS R 636 -82.50 -0.74 -27.01
N ILE R 637 -83.12 -1.91 -27.21
CA ILE R 637 -84.49 -2.11 -26.77
C ILE R 637 -84.58 -2.05 -25.25
N ALA R 638 -83.52 -2.43 -24.55
CA ALA R 638 -83.52 -2.35 -23.10
C ALA R 638 -83.36 -0.92 -22.61
N THR R 639 -82.42 -0.17 -23.20
CA THR R 639 -82.18 1.19 -22.76
C THR R 639 -83.25 2.17 -23.23
N ASP R 640 -84.06 1.78 -24.22
CA ASP R 640 -85.07 2.71 -24.74
C ASP R 640 -86.20 2.95 -23.74
N LYS R 641 -86.53 1.94 -22.93
CA LYS R 641 -87.68 2.04 -22.04
C LYS R 641 -87.35 1.82 -20.57
N SER R 642 -86.09 1.58 -20.23
CA SER R 642 -85.69 1.37 -18.84
C SER R 642 -84.87 2.55 -18.35
N ASP R 643 -85.15 2.98 -17.12
CA ASP R 643 -84.43 4.12 -16.56
C ASP R 643 -83.00 3.76 -16.19
N VAL R 644 -82.80 2.60 -15.56
CA VAL R 644 -81.47 2.15 -15.16
C VAL R 644 -81.36 0.67 -15.49
N THR R 645 -80.32 0.30 -16.23
CA THR R 645 -80.08 -1.07 -16.64
C THR R 645 -78.65 -1.46 -16.31
N ILE R 646 -78.46 -2.72 -15.95
CA ILE R 646 -77.15 -3.28 -15.65
C ILE R 646 -76.83 -4.34 -16.71
N LEU R 647 -75.62 -4.28 -17.26
CA LEU R 647 -75.18 -5.20 -18.29
C LEU R 647 -74.08 -6.09 -17.72
N THR R 648 -74.28 -7.40 -17.81
CA THR R 648 -73.31 -8.37 -17.29
C THR R 648 -73.01 -9.43 -18.32
N SER R 649 -72.29 -10.47 -17.92
CA SER R 649 -71.98 -11.62 -18.77
C SER R 649 -72.84 -12.79 -18.32
N ASP R 650 -73.95 -13.01 -19.02
CA ASP R 650 -74.87 -14.07 -18.62
C ASP R 650 -74.27 -15.45 -18.86
N ASN R 651 -73.58 -15.63 -19.99
CA ASN R 651 -72.97 -16.92 -20.34
C ASN R 651 -71.67 -16.66 -21.08
N PRO R 652 -70.54 -16.65 -20.35
CA PRO R 652 -69.25 -16.48 -21.03
C PRO R 652 -68.95 -17.59 -22.02
N LYS R 653 -69.06 -18.85 -21.59
CA LYS R 653 -68.83 -20.05 -22.42
C LYS R 653 -67.64 -19.88 -23.36
N THR R 654 -66.45 -19.75 -22.73
CA THR R 654 -65.14 -19.75 -23.37
C THR R 654 -64.87 -18.45 -24.12
N GLU R 655 -65.89 -17.61 -24.28
CA GLU R 655 -65.71 -16.31 -24.91
C GLU R 655 -65.10 -15.33 -23.90
N ASP R 656 -64.22 -14.47 -24.39
CA ASP R 656 -63.51 -13.55 -23.51
C ASP R 656 -64.48 -12.56 -22.90
N PRO R 657 -64.43 -12.33 -21.59
CA PRO R 657 -65.29 -11.31 -20.97
C PRO R 657 -64.83 -9.91 -21.36
N LEU R 658 -65.69 -8.94 -21.05
CA LEU R 658 -65.45 -7.53 -21.34
C LEU R 658 -65.37 -7.28 -22.85
N ASP R 659 -65.65 -8.31 -23.65
CA ASP R 659 -65.69 -8.19 -25.10
C ASP R 659 -67.12 -8.09 -25.62
N ILE R 660 -67.96 -9.06 -25.28
CA ILE R 660 -69.38 -8.95 -25.61
C ILE R 660 -70.02 -7.83 -24.80
N LEU R 661 -69.50 -7.55 -23.61
CA LEU R 661 -69.98 -6.41 -22.84
C LEU R 661 -69.72 -5.11 -23.59
N ASP R 662 -68.55 -4.98 -24.21
CA ASP R 662 -68.29 -3.82 -25.05
C ASP R 662 -69.21 -3.80 -26.26
N ASP R 663 -69.58 -4.98 -26.78
CA ASP R 663 -70.53 -5.03 -27.89
C ASP R 663 -71.89 -4.47 -27.46
N MET R 664 -72.35 -4.84 -26.27
CA MET R 664 -73.61 -4.29 -25.77
C MET R 664 -73.49 -2.79 -25.50
N LEU R 665 -72.33 -2.35 -25.00
CA LEU R 665 -72.14 -0.93 -24.73
C LEU R 665 -72.11 -0.11 -26.02
N ALA R 666 -71.63 -0.70 -27.11
CA ALA R 666 -71.60 0.01 -28.38
C ALA R 666 -72.99 0.31 -28.93
N GLY R 667 -74.02 -0.35 -28.40
CA GLY R 667 -75.38 -0.09 -28.87
C GLY R 667 -75.86 1.31 -28.54
N VAL R 668 -75.47 1.82 -27.37
CA VAL R 668 -75.88 3.15 -26.94
C VAL R 668 -74.81 4.14 -27.38
N GLY R 669 -73.84 3.68 -28.16
CA GLY R 669 -72.77 4.52 -28.66
C GLY R 669 -71.59 4.67 -27.73
N TRP R 670 -71.65 4.13 -26.52
CA TRP R 670 -70.56 4.23 -25.58
C TRP R 670 -69.54 3.12 -25.81
N SER R 671 -68.32 3.36 -25.35
CA SER R 671 -67.25 2.38 -25.37
C SER R 671 -66.79 2.12 -23.94
N MET R 672 -66.27 0.92 -23.70
CA MET R 672 -65.83 0.57 -22.36
C MET R 672 -64.71 1.48 -21.88
N GLN R 673 -63.88 1.99 -22.80
CA GLN R 673 -62.83 2.92 -22.41
C GLN R 673 -63.41 4.20 -21.83
N ASP R 674 -64.47 4.72 -22.44
CA ASP R 674 -65.09 5.95 -21.94
C ASP R 674 -65.70 5.73 -20.56
N TYR R 675 -66.41 4.62 -20.36
CA TYR R 675 -67.00 4.36 -19.06
C TYR R 675 -65.93 4.12 -18.00
N LEU R 676 -64.82 3.49 -18.37
CA LEU R 676 -63.75 3.25 -17.41
C LEU R 676 -63.06 4.56 -17.03
N LYS R 677 -62.78 5.42 -18.00
CA LYS R 677 -62.17 6.71 -17.68
C LYS R 677 -63.12 7.64 -16.95
N HIS R 678 -64.44 7.43 -17.10
CA HIS R 678 -65.39 8.17 -16.28
C HIS R 678 -65.49 7.59 -14.88
N GLY R 679 -65.25 6.29 -14.74
CA GLY R 679 -65.28 5.65 -13.43
C GLY R 679 -64.20 6.11 -12.49
N GLU R 680 -63.07 6.58 -13.03
CA GLU R 680 -62.05 7.18 -12.18
C GLU R 680 -62.58 8.42 -11.47
N ASN R 681 -63.53 9.12 -12.08
CA ASN R 681 -64.21 10.24 -11.46
C ASN R 681 -65.44 9.75 -10.71
N ASP R 682 -66.24 10.69 -10.19
CA ASP R 682 -67.44 10.37 -9.45
C ASP R 682 -68.68 11.01 -10.07
N TYR R 683 -68.70 11.16 -11.39
CA TYR R 683 -69.83 11.79 -12.08
C TYR R 683 -70.75 10.79 -12.75
N TYR R 684 -70.21 9.94 -13.63
CA TYR R 684 -70.99 8.96 -14.39
C TYR R 684 -72.13 9.65 -15.14
N PRO R 685 -71.83 10.35 -16.22
CA PRO R 685 -72.89 11.09 -16.92
C PRO R 685 -73.95 10.15 -17.45
N PRO R 686 -75.21 10.57 -17.45
CA PRO R 686 -76.29 9.70 -17.92
C PRO R 686 -76.43 9.67 -19.43
N LEU R 687 -77.43 8.96 -19.92
CA LEU R 687 -77.70 8.87 -21.35
C LEU R 687 -78.35 10.15 -21.85
N PRO R 688 -78.27 10.42 -23.15
CA PRO R 688 -78.92 11.64 -23.69
C PRO R 688 -80.41 11.69 -23.46
N ASN R 689 -81.08 10.53 -23.43
CA ASN R 689 -82.52 10.51 -23.19
C ASN R 689 -82.90 10.68 -21.73
N GLY R 690 -81.93 10.74 -20.83
CA GLY R 690 -82.18 10.90 -19.41
C GLY R 690 -82.05 9.62 -18.60
N HIS R 691 -81.97 8.47 -19.25
CA HIS R 691 -81.86 7.20 -18.55
C HIS R 691 -80.43 7.00 -18.05
N ARG R 692 -80.22 5.88 -17.35
CA ARG R 692 -78.92 5.54 -16.79
C ARG R 692 -78.56 4.11 -17.20
N LEU R 693 -77.26 3.85 -17.30
CA LEU R 693 -76.77 2.53 -17.69
C LEU R 693 -75.57 2.17 -16.84
N PHE R 694 -75.60 0.98 -16.24
CA PHE R 694 -74.51 0.45 -15.45
C PHE R 694 -74.05 -0.87 -16.04
N LEU R 695 -72.90 -1.35 -15.55
CA LEU R 695 -72.36 -2.63 -16.01
C LEU R 695 -71.39 -3.16 -14.97
N HIS R 696 -71.24 -4.48 -14.95
CA HIS R 696 -70.26 -5.13 -14.10
C HIS R 696 -69.91 -6.49 -14.70
N ASP R 697 -68.70 -6.96 -14.41
CA ASP R 697 -68.24 -8.22 -14.97
C ASP R 697 -68.93 -9.41 -14.30
N ILE R 698 -68.78 -9.53 -12.98
CA ILE R 698 -69.34 -10.67 -12.27
C ILE R 698 -70.85 -10.55 -12.19
N ARG R 699 -71.53 -11.69 -12.19
CA ARG R 699 -72.99 -11.70 -12.21
C ARG R 699 -73.58 -11.59 -10.80
N ARG R 700 -72.94 -12.24 -9.82
CA ARG R 700 -73.52 -12.31 -8.48
C ARG R 700 -73.59 -10.93 -7.83
N VAL R 701 -72.46 -10.21 -7.83
CA VAL R 701 -72.43 -8.91 -7.15
C VAL R 701 -73.36 -7.92 -7.85
N ALA R 702 -73.38 -7.95 -9.19
CA ALA R 702 -74.24 -7.02 -9.93
C ALA R 702 -75.72 -7.34 -9.69
N VAL R 703 -76.07 -8.63 -9.63
CA VAL R 703 -77.45 -9.01 -9.37
C VAL R 703 -77.87 -8.61 -7.96
N ARG R 704 -76.97 -8.80 -6.99
CA ARG R 704 -77.28 -8.41 -5.62
C ARG R 704 -77.43 -6.89 -5.52
N CYS R 705 -76.61 -6.14 -6.26
CA CYS R 705 -76.74 -4.69 -6.26
C CYS R 705 -78.05 -4.25 -6.89
N ALA R 706 -78.43 -4.87 -8.01
CA ALA R 706 -79.69 -4.53 -8.66
C ALA R 706 -80.87 -4.86 -7.76
N VAL R 707 -80.79 -5.98 -7.03
CA VAL R 707 -81.85 -6.30 -6.07
C VAL R 707 -81.85 -5.31 -4.92
N ALA R 708 -80.68 -4.76 -4.57
CA ALA R 708 -80.61 -3.79 -3.49
C ALA R 708 -80.88 -2.37 -3.97
N MET R 709 -80.58 -2.07 -5.23
CA MET R 709 -80.82 -0.73 -5.80
C MET R 709 -82.23 -0.72 -6.40
N GLY R 710 -83.22 -0.61 -5.51
CA GLY R 710 -84.61 -0.57 -5.93
C GLY R 710 -85.50 0.19 -4.98
N GLU R 711 -86.50 0.87 -5.51
CA GLU R 711 -87.45 1.63 -4.70
C GLU R 711 -88.58 0.72 -4.22
N GLU R 712 -89.37 1.26 -3.28
CA GLU R 712 -90.48 0.50 -2.71
C GLU R 712 -91.48 0.11 -3.78
N GLY R 713 -92.07 1.11 -4.44
CA GLY R 713 -93.02 0.83 -5.51
C GLY R 713 -92.38 0.27 -6.76
N ASP R 714 -91.06 0.41 -6.90
CA ASP R 714 -90.36 -0.12 -8.07
C ASP R 714 -90.12 -1.61 -7.92
N ILE R 715 -89.99 -2.29 -9.06
CA ILE R 715 -89.74 -3.72 -9.10
C ILE R 715 -88.49 -3.96 -9.94
N VAL R 716 -87.69 -4.95 -9.53
CA VAL R 716 -86.47 -5.33 -10.22
C VAL R 716 -86.76 -6.55 -11.08
N VAL R 717 -86.37 -6.46 -12.36
CA VAL R 717 -86.62 -7.53 -13.33
C VAL R 717 -85.28 -8.16 -13.70
N VAL R 718 -85.21 -9.48 -13.61
CA VAL R 718 -84.02 -10.22 -14.01
C VAL R 718 -84.36 -11.08 -15.22
N ALA R 719 -84.11 -10.56 -16.42
CA ALA R 719 -84.46 -11.24 -17.66
C ALA R 719 -83.29 -12.04 -18.22
N GLY R 720 -82.19 -12.16 -17.49
CA GLY R 720 -81.06 -12.93 -17.98
C GLY R 720 -81.37 -14.42 -18.07
N LYS R 721 -81.91 -14.98 -17.01
CA LYS R 721 -82.26 -16.40 -16.98
C LYS R 721 -83.48 -16.59 -16.09
N GLY R 722 -84.30 -17.56 -16.45
CA GLY R 722 -85.50 -17.87 -15.69
C GLY R 722 -85.38 -19.18 -14.93
N HIS R 723 -85.99 -20.24 -15.47
CA HIS R 723 -85.91 -21.55 -14.84
C HIS R 723 -84.53 -22.18 -14.95
N GLU R 724 -83.65 -21.63 -15.79
CA GLU R 724 -82.31 -22.18 -15.94
C GLU R 724 -81.50 -21.97 -14.66
N THR R 725 -80.68 -22.96 -14.32
CA THR R 725 -79.85 -22.95 -13.12
C THR R 725 -78.43 -23.38 -13.48
N TYR R 726 -77.88 -22.82 -14.55
CA TYR R 726 -76.54 -23.16 -15.00
C TYR R 726 -75.87 -21.91 -15.57
N GLN R 727 -74.67 -21.61 -15.07
CA GLN R 727 -73.87 -20.51 -15.56
C GLN R 727 -72.52 -21.06 -16.00
N ILE R 728 -72.29 -21.09 -17.31
CA ILE R 728 -71.08 -21.67 -17.88
C ILE R 728 -70.09 -20.54 -18.11
N GLU R 729 -69.22 -20.32 -17.13
CA GLU R 729 -68.17 -19.30 -17.21
C GLU R 729 -66.90 -19.97 -17.72
N GLY R 730 -66.69 -19.92 -19.03
CA GLY R 730 -65.55 -20.57 -19.64
C GLY R 730 -65.81 -22.04 -19.92
N ASP R 731 -64.81 -22.88 -19.62
CA ASP R 731 -64.97 -24.32 -19.83
C ASP R 731 -65.83 -24.97 -18.76
N LYS R 732 -65.76 -24.49 -17.52
CA LYS R 732 -66.54 -25.03 -16.43
C LYS R 732 -67.84 -24.27 -16.25
N LYS R 733 -68.83 -24.95 -15.70
CA LYS R 733 -70.15 -24.37 -15.45
C LYS R 733 -70.44 -24.39 -13.96
N GLU R 734 -71.08 -23.32 -13.48
CA GLU R 734 -71.43 -23.19 -12.07
C GLU R 734 -72.93 -22.97 -11.94
N PHE R 735 -73.56 -23.72 -11.03
CA PHE R 735 -75.00 -23.61 -10.79
C PHE R 735 -75.24 -22.67 -9.60
N PHE R 736 -74.97 -21.39 -9.83
CA PHE R 736 -75.09 -20.36 -8.82
C PHE R 736 -76.06 -19.26 -9.24
N ASP R 737 -77.09 -19.62 -10.01
CA ASP R 737 -78.11 -18.68 -10.47
C ASP R 737 -79.47 -19.21 -10.03
N ASP R 738 -80.05 -18.57 -9.03
CA ASP R 738 -81.35 -18.99 -8.49
C ASP R 738 -81.98 -17.82 -7.76
N ARG R 739 -83.21 -18.02 -7.29
CA ARG R 739 -83.93 -16.99 -6.55
C ARG R 739 -83.54 -16.92 -5.09
N GLU R 740 -82.88 -17.97 -4.56
CA GLU R 740 -82.44 -17.94 -3.18
C GLU R 740 -81.41 -16.83 -2.95
N GLU R 741 -80.57 -16.56 -3.95
CA GLU R 741 -79.64 -15.45 -3.84
C GLU R 741 -80.37 -14.12 -3.75
N CYS R 742 -81.42 -13.95 -4.54
CA CYS R 742 -82.22 -12.72 -4.48
C CYS R 742 -82.92 -12.60 -3.13
N ARG R 743 -83.40 -13.72 -2.58
CA ARG R 743 -84.02 -13.69 -1.27
C ARG R 743 -83.01 -13.30 -0.19
N GLU R 744 -81.80 -13.86 -0.26
CA GLU R 744 -80.76 -13.50 0.71
C GLU R 744 -80.39 -12.03 0.58
N ALA R 745 -80.33 -11.50 -0.65
CA ALA R 745 -80.02 -10.09 -0.84
C ALA R 745 -81.12 -9.19 -0.29
N LEU R 746 -82.38 -9.55 -0.54
CA LEU R 746 -83.49 -8.79 0.00
C LEU R 746 -83.58 -8.89 1.53
N GLN R 747 -83.04 -9.96 2.11
CA GLN R 747 -83.02 -10.07 3.56
C GLN R 747 -81.88 -9.26 4.17
N TYR R 748 -80.73 -9.22 3.50
CA TYR R 748 -79.57 -8.52 4.02
C TYR R 748 -79.53 -7.04 3.64
N VAL R 749 -80.43 -6.59 2.74
CA VAL R 749 -80.46 -5.17 2.42
C VAL R 749 -80.87 -4.35 3.64
N ASP R 750 -81.64 -4.96 4.56
CA ASP R 750 -81.97 -4.27 5.81
C ASP R 750 -80.72 -3.99 6.63
N GLU R 751 -79.85 -5.00 6.78
CA GLU R 751 -78.59 -4.79 7.48
C GLU R 751 -77.69 -3.81 6.74
N LEU R 752 -77.71 -3.85 5.40
CA LEU R 752 -76.92 -2.90 4.63
C LEU R 752 -77.37 -1.46 4.90
N HIS R 753 -78.68 -1.23 4.89
CA HIS R 753 -79.20 0.10 5.17
C HIS R 753 -78.94 0.51 6.61
N GLN R 754 -78.99 -0.44 7.55
CA GLN R 754 -78.68 -0.14 8.94
C GLN R 754 -77.21 0.22 9.12
N ALA R 755 -76.33 -0.37 8.30
CA ALA R 755 -74.91 -0.04 8.38
C ALA R 755 -74.60 1.34 7.83
N GLY R 756 -75.48 1.90 7.01
CA GLY R 756 -75.26 3.21 6.44
C GLY R 756 -74.79 3.23 4.99
N ILE R 757 -74.74 2.08 4.33
CA ILE R 757 -74.29 2.04 2.94
C ILE R 757 -75.39 2.61 2.04
N ASP R 758 -74.97 3.33 1.00
CA ASP R 758 -75.89 3.92 0.04
C ASP R 758 -75.92 3.05 -1.22
N THR R 759 -77.12 2.57 -1.56
CA THR R 759 -77.33 1.74 -2.74
C THR R 759 -78.25 2.42 -3.75
N SER R 760 -78.15 3.75 -3.86
CA SER R 760 -79.00 4.47 -4.80
C SER R 760 -78.52 4.29 -6.23
N GLU R 761 -77.22 4.34 -6.46
CA GLU R 761 -76.63 4.20 -7.79
C GLU R 761 -75.52 3.15 -7.74
N PHE R 762 -74.84 3.00 -8.87
CA PHE R 762 -73.73 2.05 -8.93
C PHE R 762 -72.56 2.44 -8.04
N PRO R 763 -72.09 3.70 -8.02
CA PRO R 763 -71.01 4.05 -7.08
C PRO R 763 -71.49 4.19 -5.65
N TRP R 764 -71.56 3.06 -4.93
CA TRP R 764 -72.00 3.08 -3.53
C TRP R 764 -71.14 4.02 -2.71
N ARG R 765 -71.78 4.93 -1.99
CA ARG R 765 -71.08 5.88 -1.12
C ARG R 765 -70.72 5.16 0.17
N LEU R 766 -69.46 4.75 0.29
CA LEU R 766 -69.02 4.05 1.49
C LEU R 766 -68.56 5.06 2.54
N PRO R 767 -69.06 4.98 3.78
CA PRO R 767 -68.62 5.91 4.82
C PRO R 767 -67.15 5.75 5.16
N GLU R 768 -66.34 6.77 4.88
CA GLU R 768 -64.91 6.77 5.15
C GLU R 768 -64.21 5.58 4.50
N ARG S 70 40.88 -0.56 -37.38
CA ARG S 70 41.16 -1.98 -37.13
C ARG S 70 41.86 -2.16 -35.79
N ILE S 71 41.07 -2.27 -34.72
CA ILE S 71 41.64 -2.47 -33.38
C ILE S 71 42.12 -3.91 -33.28
N PRO S 72 43.37 -4.15 -32.84
CA PRO S 72 43.86 -5.52 -32.78
C PRO S 72 43.18 -6.36 -31.70
N PHE S 73 42.96 -5.78 -30.52
CA PHE S 73 42.42 -6.54 -29.38
C PHE S 73 40.91 -6.31 -29.32
N LEU S 74 40.21 -6.99 -30.22
CA LEU S 74 38.75 -6.87 -30.29
C LEU S 74 38.04 -8.19 -30.56
N GLU S 75 38.76 -9.31 -30.62
CA GLU S 75 38.12 -10.58 -30.92
C GLU S 75 37.37 -11.16 -29.72
N GLU S 76 37.79 -10.80 -28.51
CA GLU S 76 37.18 -11.37 -27.32
C GLU S 76 35.71 -10.95 -27.20
N GLN S 77 35.43 -9.66 -27.35
CA GLN S 77 34.06 -9.20 -27.23
C GLN S 77 33.23 -9.63 -28.43
N VAL S 78 33.84 -9.84 -29.59
CA VAL S 78 33.10 -10.38 -30.74
C VAL S 78 32.66 -11.81 -30.45
N ARG S 79 33.57 -12.62 -29.91
CA ARG S 79 33.20 -13.98 -29.52
C ARG S 79 32.15 -13.96 -28.42
N LYS S 80 32.24 -13.01 -27.50
CA LYS S 80 31.24 -12.90 -26.44
C LYS S 80 29.88 -12.56 -27.01
N ILE S 81 29.82 -11.66 -27.99
CA ILE S 81 28.56 -11.32 -28.64
C ILE S 81 27.99 -12.54 -29.36
N ARG S 82 28.84 -13.27 -30.07
CA ARG S 82 28.35 -14.42 -30.83
C ARG S 82 27.92 -15.56 -29.92
N ASP S 83 28.49 -15.67 -28.73
CA ASP S 83 28.20 -16.79 -27.86
C ASP S 83 27.04 -16.51 -26.90
N GLY S 84 27.06 -15.35 -26.24
CA GLY S 84 26.04 -15.04 -25.26
C GLY S 84 24.64 -14.94 -25.85
N GLY S 85 24.54 -14.55 -27.11
CA GLY S 85 23.25 -14.47 -27.76
C GLY S 85 22.79 -13.04 -28.01
N LYS S 86 23.74 -12.13 -28.21
CA LYS S 86 23.41 -10.75 -28.54
C LYS S 86 23.12 -10.54 -30.01
N LEU S 87 23.32 -11.57 -30.84
CA LEU S 87 23.00 -11.43 -32.26
C LEU S 87 21.50 -11.30 -32.48
N LEU S 88 20.70 -11.97 -31.66
CA LEU S 88 19.25 -11.90 -31.83
C LEU S 88 18.72 -10.52 -31.49
N THR S 89 19.32 -9.86 -30.50
CA THR S 89 18.89 -8.51 -30.14
C THR S 89 19.16 -7.53 -31.28
N MET S 90 20.21 -7.78 -32.07
CA MET S 90 20.47 -6.95 -33.24
C MET S 90 19.56 -7.33 -34.41
N ASP S 91 19.30 -8.62 -34.58
CA ASP S 91 18.47 -9.06 -35.71
C ASP S 91 17.03 -8.58 -35.56
N ILE S 92 16.50 -8.60 -34.33
CA ILE S 92 15.13 -8.12 -34.11
C ILE S 92 15.04 -6.64 -34.43
N HIS S 93 16.01 -5.86 -33.97
CA HIS S 93 16.00 -4.42 -34.24
C HIS S 93 16.19 -4.13 -35.72
N ARG S 94 16.96 -4.96 -36.43
CA ARG S 94 17.13 -4.76 -37.86
C ARG S 94 15.85 -5.10 -38.62
N LEU S 95 15.16 -6.17 -38.21
CA LEU S 95 13.92 -6.54 -38.85
C LEU S 95 12.79 -5.57 -38.55
N LEU S 96 12.84 -4.89 -37.40
CA LEU S 96 11.84 -3.87 -37.09
C LEU S 96 12.08 -2.54 -37.79
N LEU S 97 13.03 -2.49 -38.74
CA LEU S 97 13.32 -1.28 -39.48
C LEU S 97 12.56 -1.17 -40.79
N ASN S 98 11.90 -2.25 -41.23
CA ASN S 98 11.14 -2.23 -42.47
C ASN S 98 9.64 -2.25 -42.26
N GLU S 99 9.18 -2.53 -41.04
CA GLU S 99 7.76 -2.63 -40.74
C GLU S 99 7.28 -1.35 -40.04
N ASP S 100 6.07 -0.93 -40.39
CA ASP S 100 5.49 0.25 -39.75
C ASP S 100 5.06 -0.06 -38.32
N ASN S 101 4.12 -0.99 -38.17
CA ASN S 101 3.63 -1.38 -36.86
C ASN S 101 4.46 -2.55 -36.33
N ARG S 102 4.83 -2.48 -35.06
CA ARG S 102 5.57 -3.55 -34.41
C ARG S 102 4.67 -4.65 -33.87
N PHE S 103 3.35 -4.53 -34.08
CA PHE S 103 2.39 -5.55 -33.68
C PHE S 103 2.03 -6.49 -34.83
N ASP S 104 1.85 -5.95 -36.04
CA ASP S 104 1.63 -6.79 -37.19
C ASP S 104 2.83 -7.69 -37.47
N PHE S 105 4.04 -7.20 -37.18
CA PHE S 105 5.24 -8.04 -37.33
C PHE S 105 5.21 -9.21 -36.36
N VAL S 106 4.83 -8.94 -35.10
CA VAL S 106 4.71 -10.02 -34.12
C VAL S 106 3.66 -11.03 -34.55
N ASN S 107 2.51 -10.54 -35.03
CA ASN S 107 1.46 -11.43 -35.48
C ASN S 107 1.91 -12.28 -36.66
N GLU S 108 2.64 -11.68 -37.60
CA GLU S 108 3.12 -12.43 -38.76
C GLU S 108 4.14 -13.49 -38.36
N ILE S 109 5.04 -13.15 -37.43
CA ILE S 109 6.01 -14.13 -36.97
C ILE S 109 5.32 -15.27 -36.23
N ALA S 110 4.31 -14.95 -35.42
CA ALA S 110 3.59 -16.00 -34.71
C ALA S 110 2.83 -16.91 -35.68
N ALA S 111 2.22 -16.32 -36.71
CA ALA S 111 1.52 -17.14 -37.70
C ALA S 111 2.49 -18.03 -38.47
N GLU S 112 3.64 -17.50 -38.85
CA GLU S 112 4.61 -18.30 -39.58
C GLU S 112 5.16 -19.43 -38.70
N ALA S 113 5.40 -19.14 -37.41
CA ALA S 113 5.88 -20.18 -36.51
C ALA S 113 4.82 -21.26 -36.30
N LYS S 114 3.56 -20.86 -36.20
CA LYS S 114 2.49 -21.85 -36.07
C LYS S 114 2.39 -22.72 -37.33
N GLN S 115 2.49 -22.10 -38.50
CA GLN S 115 2.43 -22.88 -39.74
C GLN S 115 3.63 -23.81 -39.88
N TYR S 116 4.80 -23.40 -39.38
CA TYR S 116 5.97 -24.25 -39.46
C TYR S 116 5.97 -25.36 -38.42
N VAL S 117 5.33 -25.15 -37.27
CA VAL S 117 5.24 -26.20 -36.26
C VAL S 117 4.07 -27.14 -36.50
N GLU S 118 3.08 -26.73 -37.29
CA GLU S 118 1.97 -27.62 -37.63
C GLU S 118 2.38 -28.70 -38.63
N ASN S 119 3.33 -28.37 -39.53
CA ASN S 119 3.76 -29.34 -40.53
C ASN S 119 4.53 -30.48 -39.89
N ASN S 120 5.65 -30.16 -39.23
CA ASN S 120 6.48 -31.14 -38.55
C ASN S 120 6.58 -30.75 -37.08
N ARG S 121 6.05 -31.61 -36.21
CA ARG S 121 6.06 -31.32 -34.78
C ARG S 121 7.47 -31.38 -34.21
N ASP S 122 8.13 -32.53 -34.35
CA ASP S 122 9.47 -32.68 -33.80
C ASP S 122 10.51 -31.90 -34.59
N GLU S 123 10.33 -31.77 -35.90
CA GLU S 123 11.28 -31.06 -36.76
C GLU S 123 10.92 -29.58 -36.90
N TYR S 124 10.74 -28.90 -35.77
CA TYR S 124 10.46 -27.48 -35.77
C TYR S 124 11.70 -26.62 -36.02
N GLY S 125 12.86 -27.23 -36.12
CA GLY S 125 14.11 -26.53 -36.31
C GLY S 125 15.21 -27.21 -35.50
N ALA S 126 16.16 -26.40 -35.04
CA ALA S 126 17.21 -26.91 -34.17
C ALA S 126 16.67 -27.21 -32.78
N LYS S 127 16.18 -26.16 -32.10
CA LYS S 127 15.53 -26.32 -30.80
C LYS S 127 14.10 -25.83 -30.80
N LYS S 128 13.85 -24.63 -31.33
CA LYS S 128 12.52 -24.02 -31.35
C LYS S 128 12.19 -23.60 -32.77
N ALA S 129 11.00 -23.02 -32.94
CA ALA S 129 10.51 -22.58 -34.23
C ALA S 129 10.66 -21.08 -34.45
N ILE S 130 10.46 -20.28 -33.40
CA ILE S 130 10.56 -18.83 -33.53
C ILE S 130 11.98 -18.44 -33.92
N LEU S 131 12.98 -19.02 -33.23
CA LEU S 131 14.36 -18.77 -33.60
C LEU S 131 14.65 -19.28 -35.01
N HIS S 132 14.03 -20.40 -35.39
CA HIS S 132 14.20 -20.90 -36.75
C HIS S 132 13.61 -19.95 -37.78
N VAL S 133 12.43 -19.40 -37.50
CA VAL S 133 11.81 -18.44 -38.42
C VAL S 133 12.67 -17.19 -38.54
N LEU S 134 13.21 -16.71 -37.42
CA LEU S 134 14.05 -15.52 -37.47
C LEU S 134 15.36 -15.79 -38.22
N SER S 135 15.94 -16.97 -38.04
CA SER S 135 17.14 -17.32 -38.79
C SER S 135 16.86 -17.43 -40.28
N ASN S 136 15.71 -17.99 -40.65
CA ASN S 136 15.34 -18.06 -42.06
C ASN S 136 15.11 -16.68 -42.64
N ARG S 137 14.53 -15.77 -41.85
CA ARG S 137 14.29 -14.42 -42.35
C ARG S 137 15.59 -13.62 -42.45
N MET S 138 16.57 -13.94 -41.60
CA MET S 138 17.86 -13.24 -41.68
C MET S 138 18.77 -13.82 -42.76
N ASN S 139 18.59 -15.10 -43.09
CA ASN S 139 19.42 -15.73 -44.12
C ASN S 139 18.93 -15.40 -45.53
N ASP S 140 17.68 -14.96 -45.68
CA ASP S 140 17.16 -14.54 -46.97
C ASP S 140 17.47 -13.10 -47.30
N ALA S 141 18.16 -12.38 -46.40
CA ALA S 141 18.53 -11.00 -46.63
C ALA S 141 20.04 -10.82 -46.83
N GLY S 142 20.80 -11.90 -46.84
CA GLY S 142 22.23 -11.82 -47.05
C GLY S 142 23.07 -11.81 -45.79
N VAL S 143 22.54 -12.27 -44.67
CA VAL S 143 23.25 -12.29 -43.39
C VAL S 143 23.26 -13.73 -42.90
N TYR S 144 24.45 -14.34 -42.89
CA TYR S 144 24.57 -15.73 -42.47
C TYR S 144 24.35 -15.83 -40.96
N ARG S 145 23.38 -16.66 -40.56
CA ARG S 145 23.08 -16.89 -39.16
C ARG S 145 22.97 -18.39 -38.91
N ALA S 146 23.22 -18.78 -37.67
CA ALA S 146 23.16 -20.19 -37.30
C ALA S 146 21.73 -20.71 -37.32
N GLU S 147 21.59 -22.02 -37.37
CA GLU S 147 20.28 -22.67 -37.37
C GLU S 147 19.62 -22.46 -36.02
N ALA S 148 18.59 -21.62 -35.99
CA ALA S 148 17.84 -21.31 -34.77
C ALA S 148 18.74 -20.74 -33.67
N TYR S 149 19.84 -20.11 -34.07
CA TYR S 149 20.77 -19.45 -33.14
C TYR S 149 21.28 -20.42 -32.08
N MET S 150 21.70 -21.60 -32.52
CA MET S 150 22.25 -22.62 -31.64
C MET S 150 23.68 -22.91 -32.04
N GLU S 151 24.62 -22.62 -31.14
CA GLU S 151 26.04 -22.91 -31.36
C GLU S 151 26.60 -23.41 -30.03
N SER S 152 26.77 -24.73 -29.93
CA SER S 152 27.29 -25.33 -28.70
C SER S 152 28.76 -24.97 -28.50
N ASP S 153 29.23 -25.15 -27.27
CA ASP S 153 30.61 -24.85 -26.93
C ASP S 153 31.47 -26.08 -27.19
N PRO S 154 32.41 -26.03 -28.14
CA PRO S 154 33.26 -27.21 -28.38
C PRO S 154 34.27 -27.47 -27.28
N PHE S 155 34.40 -26.59 -26.29
CA PHE S 155 35.36 -26.72 -25.22
C PHE S 155 34.72 -27.19 -23.91
N LYS S 156 33.70 -28.04 -23.99
CA LYS S 156 33.01 -28.53 -22.82
C LYS S 156 33.43 -29.97 -22.55
N PRO S 157 34.21 -30.25 -21.51
CA PRO S 157 34.66 -31.61 -21.20
C PRO S 157 33.58 -32.44 -20.51
N MET T 38 9.16 36.58 76.64
CA MET T 38 8.94 37.93 77.15
C MET T 38 8.83 37.92 78.67
N ARG T 39 9.37 38.96 79.31
CA ARG T 39 9.16 39.19 80.74
C ARG T 39 7.75 39.73 80.90
N THR T 40 6.79 38.80 80.99
CA THR T 40 5.37 39.14 80.92
C THR T 40 4.92 39.97 82.12
N GLU T 41 4.58 41.24 81.88
CA GLU T 41 3.88 42.08 82.84
C GLU T 41 2.40 42.16 82.54
N LYS T 42 1.88 41.23 81.72
CA LYS T 42 0.48 41.21 81.29
C LYS T 42 -0.11 39.87 81.70
N PRO T 43 -0.50 39.72 82.97
CA PRO T 43 -1.06 38.45 83.42
C PRO T 43 -2.43 38.19 82.81
N LEU T 44 -2.85 36.92 82.88
CA LEU T 44 -4.13 36.51 82.32
C LEU T 44 -5.31 36.91 83.19
N GLU T 45 -5.07 37.44 84.38
CA GLU T 45 -6.18 37.87 85.22
C GLU T 45 -6.82 39.15 84.70
N GLU T 46 -6.06 39.96 83.96
CA GLU T 46 -6.58 41.19 83.37
C GLU T 46 -6.63 41.17 81.86
N LEU T 47 -5.85 40.31 81.20
CA LEU T 47 -6.01 40.11 79.76
C LEU T 47 -7.40 39.57 79.46
N TYR T 48 -7.74 38.41 80.03
CA TYR T 48 -9.11 37.98 80.14
C TYR T 48 -9.71 38.61 81.40
N ASN T 49 -10.86 39.26 81.26
CA ASN T 49 -11.40 40.07 82.34
C ASN T 49 -11.94 39.16 83.44
N VAL T 50 -11.01 38.62 84.22
CA VAL T 50 -11.32 37.73 85.35
C VAL T 50 -10.82 38.43 86.60
N ARG T 51 -11.69 39.20 87.24
CA ARG T 51 -11.32 39.96 88.43
C ARG T 51 -11.26 39.02 89.62
N VAL T 52 -10.10 38.95 90.28
CA VAL T 52 -9.88 38.07 91.41
C VAL T 52 -9.47 38.91 92.61
N GLU T 53 -10.20 38.75 93.72
CA GLU T 53 -9.88 39.40 94.98
C GLU T 53 -9.32 38.32 95.91
N ARG T 54 -8.05 38.48 96.30
CA ARG T 54 -7.39 37.51 97.16
C ARG T 54 -7.47 37.94 98.63
N ASN T 55 -7.70 36.96 99.50
CA ASN T 55 -7.80 37.18 100.95
C ASN T 55 -8.91 38.18 101.27
N VAL T 56 -10.13 37.81 100.91
CA VAL T 56 -11.29 38.67 101.12
C VAL T 56 -11.71 38.63 102.58
N THR T 57 -12.18 39.77 103.08
CA THR T 57 -12.68 39.89 104.43
C THR T 57 -14.15 39.45 104.50
N LYS T 58 -14.51 38.86 105.65
CA LYS T 58 -15.83 38.24 105.78
C LYS T 58 -16.97 39.26 105.83
N ASP T 59 -16.69 40.50 106.25
CA ASP T 59 -17.76 41.51 106.30
C ASP T 59 -18.27 41.82 104.89
N ARG T 60 -17.36 41.98 103.93
CA ARG T 60 -17.79 42.18 102.54
C ARG T 60 -18.48 40.94 102.00
N LEU T 61 -18.06 39.76 102.46
CA LEU T 61 -18.71 38.52 102.04
C LEU T 61 -20.17 38.50 102.46
N MET T 62 -20.43 38.77 103.74
CA MET T 62 -21.82 38.80 104.21
C MET T 62 -22.57 40.01 103.68
N GLU T 63 -21.86 41.06 103.26
CA GLU T 63 -22.52 42.17 102.59
C GLU T 63 -23.02 41.75 101.21
N LEU T 64 -22.24 40.94 100.49
CA LEU T 64 -22.67 40.46 99.18
C LEU T 64 -23.71 39.36 99.31
N GLY T 65 -23.53 38.44 100.26
CA GLY T 65 -24.45 37.33 100.43
C GLY T 65 -23.83 35.99 100.13
N VAL T 66 -22.52 35.87 100.42
CA VAL T 66 -21.82 34.63 100.09
C VAL T 66 -22.40 33.40 100.78
N PRO T 67 -22.66 33.40 102.10
CA PRO T 67 -23.19 32.18 102.72
C PRO T 67 -24.56 31.79 102.21
N ARG T 68 -25.37 32.73 101.75
CA ARG T 68 -26.69 32.44 101.21
C ARG T 68 -26.65 32.23 99.70
N TRP T 69 -25.78 31.34 99.25
CA TRP T 69 -25.63 31.01 97.84
C TRP T 69 -25.77 29.50 97.65
N SER T 70 -25.57 29.06 96.41
CA SER T 70 -25.66 27.64 96.08
C SER T 70 -24.32 26.95 96.37
N MET T 71 -24.27 25.66 96.06
CA MET T 71 -23.09 24.84 96.37
C MET T 71 -22.69 24.07 95.12
N TRP T 72 -21.43 23.64 95.09
CA TRP T 72 -20.90 22.83 94.00
C TRP T 72 -19.66 22.10 94.49
N LYS T 73 -19.63 20.79 94.30
CA LYS T 73 -18.56 19.95 94.81
C LYS T 73 -18.07 19.03 93.71
N THR T 74 -16.74 18.83 93.65
CA THR T 74 -16.13 18.04 92.60
C THR T 74 -14.70 17.69 93.03
N GLY T 75 -14.26 16.50 92.61
CA GLY T 75 -12.91 16.06 92.90
C GLY T 75 -11.92 16.42 91.80
N LYS T 76 -11.38 15.42 91.12
CA LYS T 76 -10.42 15.63 90.04
C LYS T 76 -11.14 15.38 88.71
N CYS T 77 -11.46 16.46 87.99
CA CYS T 77 -12.25 16.36 86.77
C CYS T 77 -11.79 17.43 85.79
N LYS T 78 -12.51 17.52 84.67
CA LYS T 78 -12.27 18.53 83.64
C LYS T 78 -13.61 18.99 83.12
N LEU T 79 -13.95 20.26 83.34
CA LEU T 79 -15.27 20.81 83.00
C LEU T 79 -15.14 21.87 81.92
N PRO T 80 -15.30 21.51 80.65
CA PRO T 80 -15.41 22.53 79.60
C PRO T 80 -16.74 23.25 79.72
N TRP T 81 -16.68 24.57 79.87
CA TRP T 81 -17.88 25.35 80.11
C TRP T 81 -17.80 26.67 79.36
N ASP T 82 -18.89 27.05 78.70
CA ASP T 82 -19.04 28.33 78.04
C ASP T 82 -20.01 29.18 78.85
N TRP T 83 -19.57 30.37 79.26
CA TRP T 83 -20.38 31.22 80.12
C TRP T 83 -21.39 32.01 79.32
N HIS T 84 -22.59 32.18 79.90
CA HIS T 84 -23.62 33.02 79.34
C HIS T 84 -23.93 34.24 80.18
N VAL T 85 -23.57 34.23 81.46
CA VAL T 85 -23.76 35.35 82.37
C VAL T 85 -22.56 35.43 83.29
N ASP T 86 -22.53 36.47 84.12
CA ASP T 86 -21.46 36.61 85.10
C ASP T 86 -21.60 35.54 86.18
N GLN T 87 -20.52 35.35 86.93
CA GLN T 87 -20.49 34.34 87.98
C GLN T 87 -19.45 34.75 89.02
N LEU T 88 -19.91 35.03 90.24
CA LEU T 88 -19.03 35.31 91.36
C LEU T 88 -18.78 34.01 92.11
N VAL T 89 -17.58 33.45 91.94
CA VAL T 89 -17.20 32.19 92.55
C VAL T 89 -16.39 32.48 93.80
N TYR T 90 -16.85 31.99 94.94
CA TYR T 90 -16.12 32.06 96.20
C TYR T 90 -15.66 30.64 96.54
N ILE T 91 -14.43 30.32 96.14
CA ILE T 91 -13.88 28.99 96.39
C ILE T 91 -13.73 28.78 97.90
N GLU T 92 -13.99 27.56 98.35
CA GLU T 92 -14.05 27.24 99.77
C GLU T 92 -12.98 26.27 100.22
N GLU T 93 -12.73 25.20 99.47
CA GLU T 93 -11.94 24.08 99.96
C GLU T 93 -10.61 23.92 99.23
N GLY T 94 -10.62 23.79 97.90
CA GLY T 94 -9.44 23.34 97.21
C GLY T 94 -8.78 24.34 96.27
N GLU T 95 -8.55 23.90 95.02
CA GLU T 95 -7.82 24.69 94.05
C GLU T 95 -8.38 24.41 92.67
N VAL T 96 -8.44 25.44 91.83
CA VAL T 96 -8.95 25.32 90.47
C VAL T 96 -8.01 26.06 89.53
N ARG T 97 -7.54 25.36 88.50
CA ARG T 97 -6.67 25.95 87.48
C ARG T 97 -7.49 26.11 86.19
N VAL T 98 -7.70 27.34 85.77
CA VAL T 98 -8.54 27.67 84.62
C VAL T 98 -7.64 27.85 83.40
N VAL T 99 -7.99 27.17 82.31
CA VAL T 99 -7.23 27.26 81.07
C VAL T 99 -8.16 27.75 79.97
N PRO T 100 -7.97 28.97 79.46
CA PRO T 100 -8.80 29.45 78.36
C PRO T 100 -8.63 28.61 77.10
N GLU T 101 -9.55 28.81 76.16
CA GLU T 101 -9.57 28.02 74.94
C GLU T 101 -8.34 28.29 74.10
N GLY T 102 -7.67 27.21 73.67
CA GLY T 102 -6.52 27.32 72.81
C GLY T 102 -5.27 27.89 73.46
N SER T 103 -5.28 28.11 74.76
CA SER T 103 -4.15 28.69 75.46
C SER T 103 -3.30 27.61 76.11
N GLN T 104 -2.03 27.95 76.34
CA GLN T 104 -1.11 27.08 77.05
C GLN T 104 -0.72 27.58 78.42
N ARG T 105 -1.13 28.80 78.79
CA ARG T 105 -0.88 29.35 80.11
C ARG T 105 -2.19 29.38 80.89
N PHE T 106 -2.10 29.05 82.18
CA PHE T 106 -3.27 28.93 83.04
C PHE T 106 -3.19 29.94 84.17
N MET T 107 -4.33 30.13 84.84
CA MET T 107 -4.43 30.98 86.01
C MET T 107 -4.92 30.16 87.19
N GLN T 108 -4.24 30.30 88.34
CA GLN T 108 -4.51 29.50 89.52
C GLN T 108 -5.27 30.33 90.55
N PHE T 109 -6.23 29.70 91.23
CA PHE T 109 -7.03 30.34 92.25
C PHE T 109 -6.88 29.56 93.55
N VAL T 110 -6.32 30.19 94.58
CA VAL T 110 -6.18 29.58 95.89
C VAL T 110 -7.55 29.56 96.56
N ALA T 111 -7.69 28.78 97.64
CA ALA T 111 -8.97 28.56 98.29
C ALA T 111 -9.54 29.81 98.96
N GLY T 112 -8.82 30.93 98.96
CA GLY T 112 -9.32 32.13 99.60
C GLY T 112 -9.52 33.29 98.66
N ASP T 113 -10.05 33.02 97.47
CA ASP T 113 -10.22 34.05 96.44
C ASP T 113 -11.68 34.13 96.02
N LEU T 114 -12.10 35.33 95.63
CA LEU T 114 -13.41 35.58 95.05
C LEU T 114 -13.21 35.92 93.58
N VAL T 115 -13.59 34.99 92.70
CA VAL T 115 -13.34 35.10 91.27
C VAL T 115 -14.64 35.46 90.56
N ARG T 116 -14.55 36.39 89.61
CA ARG T 116 -15.67 36.83 88.80
C ARG T 116 -15.40 36.45 87.35
N TYR T 117 -16.02 35.37 86.89
CA TYR T 117 -15.84 34.95 85.51
C TYR T 117 -16.66 35.83 84.57
N PRO T 118 -16.09 36.31 83.48
CA PRO T 118 -16.78 37.25 82.60
C PRO T 118 -17.76 36.52 81.69
N LYS T 119 -18.48 37.32 80.91
CA LYS T 119 -19.42 36.79 79.92
C LYS T 119 -18.66 36.36 78.67
N TRP T 120 -19.24 35.41 77.95
CA TRP T 120 -18.67 34.90 76.69
C TRP T 120 -17.28 34.32 76.89
N PHE T 121 -17.03 33.74 78.07
CA PHE T 121 -15.75 33.14 78.39
C PHE T 121 -15.80 31.65 78.07
N GLU T 122 -14.78 31.17 77.34
CA GLU T 122 -14.64 29.76 77.02
C GLU T 122 -13.32 29.27 77.62
N ALA T 123 -13.41 28.33 78.55
CA ALA T 123 -12.23 27.84 79.27
C ALA T 123 -12.41 26.37 79.60
N ASP T 124 -11.39 25.80 80.23
CA ASP T 124 -11.39 24.40 80.65
C ASP T 124 -10.86 24.35 82.09
N LEU T 125 -11.77 24.20 83.05
CA LEU T 125 -11.39 24.19 84.46
C LEU T 125 -10.81 22.82 84.80
N TYR T 126 -9.51 22.79 85.11
CA TYR T 126 -8.84 21.56 85.51
C TYR T 126 -8.82 21.47 87.03
N PHE T 127 -9.48 20.45 87.57
CA PHE T 127 -9.50 20.20 89.00
C PHE T 127 -8.52 19.09 89.35
N ASN T 128 -7.95 19.17 90.55
CA ASN T 128 -6.95 18.22 91.00
C ASN T 128 -7.32 17.50 92.28
N ASP T 129 -8.01 18.18 93.20
CA ASP T 129 -8.34 17.60 94.50
C ASP T 129 -9.76 18.03 94.86
N PHE T 130 -10.12 17.83 96.13
CA PHE T 130 -11.44 18.22 96.61
C PHE T 130 -11.68 19.70 96.40
N TYR T 131 -12.88 20.04 95.92
CA TYR T 131 -13.19 21.42 95.55
C TYR T 131 -14.62 21.76 95.98
N GLN T 132 -14.78 22.91 96.63
CA GLN T 132 -16.08 23.44 97.00
C GLN T 132 -16.09 24.94 96.73
N GLU T 133 -17.28 25.46 96.39
CA GLU T 133 -17.40 26.86 96.03
C GLU T 133 -18.78 27.37 96.42
N ARG T 134 -18.94 28.69 96.32
CA ARG T 134 -20.22 29.36 96.54
C ARG T 134 -20.40 30.35 95.40
N TYR T 135 -21.35 30.08 94.51
CA TYR T 135 -21.51 30.86 93.29
C TYR T 135 -22.88 31.53 93.27
N SER T 136 -22.97 32.60 92.49
CA SER T 136 -24.23 33.31 92.29
C SER T 136 -24.14 34.03 90.94
N PHE T 137 -24.85 33.51 89.95
CA PHE T 137 -24.84 34.12 88.63
C PHE T 137 -25.59 35.44 88.65
N ARG T 138 -24.93 36.51 88.23
CA ARG T 138 -25.50 37.85 88.23
C ARG T 138 -25.64 38.35 86.80
N ALA T 139 -26.77 39.00 86.52
CA ALA T 139 -27.02 39.58 85.21
C ALA T 139 -26.36 40.95 85.12
N TYR T 140 -26.70 41.71 84.08
CA TYR T 140 -26.16 43.06 83.93
C TYR T 140 -26.65 43.94 85.06
N GLY T 141 -25.73 44.34 85.95
CA GLY T 141 -26.06 45.11 87.12
C GLY T 141 -25.92 44.30 88.39
N ASP T 142 -25.83 45.03 89.50
CA ASP T 142 -25.66 44.41 90.81
C ASP T 142 -26.94 44.46 91.62
ZN ZN U . 30.19 10.77 20.24
MG MG V . 12.35 -3.06 -0.66
FE FE W . -26.91 65.12 82.54
FE FE X . -43.42 56.69 87.54
#